data_3KZW
#
_entry.id   3KZW
#
_cell.length_a   143.383
_cell.length_b   154.733
_cell.length_c   340.101
_cell.angle_alpha   90.00
_cell.angle_beta   90.00
_cell.angle_gamma   90.00
#
_symmetry.space_group_name_H-M   'P 21 21 21'
#
loop_
_entity.id
_entity.type
_entity.pdbx_description
1 polymer 'Cytosol aminopeptidase'
2 non-polymer 'CHLORIDE ION'
3 non-polymer 'SODIUM ION'
4 non-polymer 'PHOSPHATE ION'
5 water water
#
_entity_poly.entity_id   1
_entity_poly.type   'polypeptide(L)'
_entity_poly.pdbx_seq_one_letter_code
;MHHHHHHSSGVDLGTENLYFQSNAMNFKLNNTLSNEINTLIIGIPEHLNQLERISFNHIDITESLERLKHQHIIGSKVGK
IYTTAFDVQDQTYRLITVGLGNLKTRSYQDMLKIWGHLFQYIKSEHIEDTYLLMDSFISKYDQLSDVLMACGIQSERATY
EFDHYKSSKKAPFKTNLNLISESLIELDFIHEGISIGQSINLARDFSNMPPNVLTPQTFAEDIVNHFKNTKVKVDVKDYD
TLVSEGFGLLQAVGKGSKHKPRLVTITYNGKDKDEAPIALVGKGITYDSGGYSIKTKNGMATMKFDMCGAANVVGIIEAA
SRLQLPVNIVGVLACAENMINEASMKPDDVFTALSGETVEVMNTDAEGRLVLADAVFYANQYQPSVIMDFATLTGAAIVA
LGDDKAAAFESNSKVILNDILQISSEVDEMVFELPITATERASIKHSDIADLVNHTNGQGKALFAASFVTHFSGQTPHIH
FDIAGPATTNKASYNGPKGPTGFMIPTIVQWLKQQ
;
_entity_poly.pdbx_strand_id   A,B,C,D,E,F,G,H,I,J,K,L
#
# COMPACT_ATOMS: atom_id res chain seq x y z
N SER A 22 -39.67 22.98 3.46
CA SER A 22 -40.00 22.17 2.25
C SER A 22 -38.76 21.88 1.42
N ASN A 23 -38.84 20.80 0.65
CA ASN A 23 -37.69 20.24 -0.08
C ASN A 23 -37.50 20.83 -1.48
N ALA A 24 -36.24 20.85 -1.93
CA ALA A 24 -35.91 21.33 -3.28
C ALA A 24 -36.28 20.28 -4.33
N MET A 25 -36.11 19.01 -3.97
CA MET A 25 -36.41 17.90 -4.87
C MET A 25 -37.50 17.00 -4.28
N ASN A 26 -38.32 16.43 -5.15
CA ASN A 26 -39.35 15.48 -4.74
C ASN A 26 -39.01 14.09 -5.26
N PHE A 27 -38.54 13.22 -4.36
CA PHE A 27 -38.10 11.88 -4.72
C PHE A 27 -39.24 10.87 -4.70
N LYS A 28 -39.48 10.25 -5.85
CA LYS A 28 -40.51 9.20 -6.00
C LYS A 28 -39.88 7.94 -6.58
N LEU A 29 -40.31 6.79 -6.08
CA LEU A 29 -39.74 5.51 -6.52
C LEU A 29 -40.75 4.66 -7.28
N ASN A 30 -40.53 4.51 -8.58
CA ASN A 30 -41.30 3.59 -9.45
C ASN A 30 -42.82 3.59 -9.29
N ASN A 31 -43.41 4.77 -9.15
CA ASN A 31 -44.86 4.89 -8.92
C ASN A 31 -45.70 4.71 -10.18
N THR A 32 -45.33 5.41 -11.25
CA THR A 32 -46.01 5.32 -12.55
C THR A 32 -45.11 5.79 -13.68
N LEU A 33 -45.39 5.33 -14.90
CA LEU A 33 -44.61 5.71 -16.08
C LEU A 33 -45.56 6.29 -17.13
N SER A 34 -45.59 7.63 -17.22
CA SER A 34 -46.59 8.34 -18.02
C SER A 34 -46.01 9.10 -19.22
N ASN A 35 -46.90 9.42 -20.17
CA ASN A 35 -46.53 10.16 -21.39
C ASN A 35 -46.23 11.64 -21.16
N GLU A 36 -46.65 12.15 -20.00
CA GLU A 36 -46.36 13.52 -19.59
C GLU A 36 -44.86 13.81 -19.58
N ILE A 37 -44.10 12.89 -18.98
CA ILE A 37 -42.69 13.06 -18.71
C ILE A 37 -41.83 12.63 -19.91
N ASN A 38 -41.02 13.55 -20.40
CA ASN A 38 -40.16 13.29 -21.55
C ASN A 38 -38.68 13.66 -21.33
N THR A 39 -38.24 13.58 -20.08
CA THR A 39 -36.87 13.89 -19.70
C THR A 39 -36.26 12.70 -18.96
N LEU A 40 -35.00 12.39 -19.28
CA LEU A 40 -34.34 11.19 -18.80
C LEU A 40 -32.91 11.47 -18.33
N ILE A 41 -32.57 10.98 -17.14
CA ILE A 41 -31.22 11.17 -16.57
C ILE A 41 -30.47 9.85 -16.40
N ILE A 42 -29.29 9.77 -17.02
CA ILE A 42 -28.43 8.58 -16.91
C ILE A 42 -27.00 8.98 -16.58
N GLY A 43 -26.36 8.24 -15.68
CA GLY A 43 -24.95 8.42 -15.38
C GLY A 43 -24.09 7.60 -16.32
N ILE A 44 -23.02 8.20 -16.82
CA ILE A 44 -22.16 7.55 -17.81
C ILE A 44 -20.73 7.34 -17.29
N PRO A 45 -20.31 6.08 -17.15
CA PRO A 45 -18.96 5.73 -16.73
C PRO A 45 -17.99 5.60 -17.91
N GLU A 46 -16.70 5.45 -17.60
CA GLU A 46 -15.66 5.32 -18.62
C GLU A 46 -15.84 4.05 -19.46
N HIS A 47 -16.26 2.97 -18.82
CA HIS A 47 -16.56 1.72 -19.51
C HIS A 47 -17.98 1.29 -19.16
N LEU A 48 -18.85 1.29 -20.16
CA LEU A 48 -20.27 0.97 -19.98
C LEU A 48 -20.53 -0.50 -19.60
N ASN A 49 -19.60 -1.39 -19.98
CA ASN A 49 -19.70 -2.81 -19.65
C ASN A 49 -19.46 -3.12 -18.16
N GLN A 50 -18.94 -2.13 -17.43
CA GLN A 50 -18.71 -2.25 -15.98
C GLN A 50 -20.01 -2.15 -15.18
N LEU A 51 -21.05 -1.59 -15.80
CA LEU A 51 -22.39 -1.56 -15.21
C LEU A 51 -23.23 -2.73 -15.75
N GLU A 52 -24.24 -3.12 -14.98
CA GLU A 52 -25.25 -4.07 -15.44
C GLU A 52 -26.05 -3.38 -16.53
N ARG A 53 -26.19 -4.06 -17.68
CA ARG A 53 -26.80 -3.48 -18.88
C ARG A 53 -27.96 -2.52 -18.57
N ILE A 54 -27.81 -1.28 -19.00
CA ILE A 54 -28.79 -0.23 -18.74
C ILE A 54 -30.04 -0.41 -19.60
N SER A 55 -31.20 -0.40 -18.96
CA SER A 55 -32.48 -0.53 -19.65
C SER A 55 -33.52 0.47 -19.16
N PHE A 56 -34.22 1.07 -20.12
CA PHE A 56 -35.33 1.98 -19.84
C PHE A 56 -36.60 1.38 -20.45
N ASN A 57 -37.73 1.52 -19.76
CA ASN A 57 -38.96 0.81 -20.14
C ASN A 57 -38.74 -0.70 -20.10
N HIS A 58 -38.78 -1.33 -21.27
CA HIS A 58 -38.48 -2.75 -21.42
C HIS A 58 -37.46 -2.96 -22.54
N ILE A 59 -36.66 -1.92 -22.80
CA ILE A 59 -35.70 -1.92 -23.90
C ILE A 59 -34.28 -1.69 -23.37
N ASP A 60 -33.35 -2.50 -23.85
CA ASP A 60 -31.92 -2.37 -23.56
C ASP A 60 -31.33 -1.23 -24.40
N ILE A 61 -30.84 -0.20 -23.72
CA ILE A 61 -30.33 1.01 -24.41
C ILE A 61 -28.81 1.16 -24.33
N THR A 62 -28.13 0.11 -23.87
CA THR A 62 -26.69 0.14 -23.64
C THR A 62 -25.88 0.46 -24.90
N GLU A 63 -26.16 -0.24 -26.00
CA GLU A 63 -25.39 -0.04 -27.24
C GLU A 63 -25.66 1.29 -27.94
N SER A 64 -26.86 1.85 -27.76
CA SER A 64 -27.17 3.17 -28.32
C SER A 64 -26.42 4.27 -27.56
N LEU A 65 -26.24 4.08 -26.25
CA LEU A 65 -25.44 4.97 -25.43
C LEU A 65 -23.95 4.85 -25.75
N GLU A 66 -23.55 3.64 -26.14
CA GLU A 66 -22.17 3.37 -26.55
C GLU A 66 -21.80 4.11 -27.84
N ARG A 67 -22.75 4.22 -28.77
CA ARG A 67 -22.55 4.92 -30.03
C ARG A 67 -22.48 6.43 -29.84
N LEU A 68 -23.30 6.96 -28.94
CA LEU A 68 -23.30 8.39 -28.61
C LEU A 68 -22.00 8.79 -27.91
N LYS A 69 -21.47 7.88 -27.09
CA LYS A 69 -20.21 8.07 -26.41
C LYS A 69 -19.04 8.05 -27.41
N HIS A 70 -19.13 7.17 -28.40
CA HIS A 70 -18.13 7.03 -29.45
C HIS A 70 -18.13 8.25 -30.39
N GLN A 71 -19.30 8.87 -30.56
CA GLN A 71 -19.45 10.07 -31.39
C GLN A 71 -19.16 11.35 -30.60
N HIS A 72 -18.81 11.19 -29.33
CA HIS A 72 -18.53 12.32 -28.42
C HIS A 72 -19.74 13.22 -28.15
N ILE A 73 -20.93 12.67 -28.38
CA ILE A 73 -22.19 13.37 -28.08
C ILE A 73 -22.44 13.31 -26.57
N ILE A 74 -22.09 12.18 -25.95
CA ILE A 74 -22.03 12.06 -24.50
C ILE A 74 -20.65 11.57 -24.08
N GLY A 75 -20.32 11.72 -22.80
CA GLY A 75 -19.01 11.34 -22.27
C GLY A 75 -19.02 10.94 -20.82
N SER A 76 -17.84 10.63 -20.29
CA SER A 76 -17.71 10.08 -18.95
C SER A 76 -16.95 10.95 -17.95
N LYS A 77 -16.40 12.07 -18.43
CA LYS A 77 -15.63 12.97 -17.56
C LYS A 77 -16.41 13.31 -16.29
N VAL A 78 -15.77 13.08 -15.13
CA VAL A 78 -16.42 13.22 -13.83
C VAL A 78 -17.16 14.55 -13.66
N GLY A 79 -18.48 14.46 -13.50
CA GLY A 79 -19.31 15.62 -13.21
C GLY A 79 -19.66 16.51 -14.39
N LYS A 80 -19.30 16.08 -15.60
CA LYS A 80 -19.61 16.86 -16.81
C LYS A 80 -20.99 16.51 -17.34
N ILE A 81 -21.75 17.55 -17.68
CA ILE A 81 -23.11 17.39 -18.16
C ILE A 81 -23.16 17.37 -19.69
N TYR A 82 -23.80 16.32 -20.23
CA TYR A 82 -24.06 16.22 -21.66
C TYR A 82 -25.57 16.08 -21.86
N THR A 83 -26.11 16.77 -22.86
CA THR A 83 -27.51 16.59 -23.22
C THR A 83 -27.65 16.25 -24.71
N THR A 84 -28.68 15.47 -25.02
CA THR A 84 -28.97 15.08 -26.41
C THR A 84 -30.42 14.64 -26.58
N ALA A 85 -30.91 14.73 -27.81
CA ALA A 85 -32.18 14.11 -28.18
C ALA A 85 -31.97 12.61 -28.20
N PHE A 86 -32.90 11.88 -27.59
CA PHE A 86 -32.75 10.43 -27.43
C PHE A 86 -34.05 9.71 -27.76
N ASP A 87 -33.99 8.89 -28.81
CA ASP A 87 -35.15 8.11 -29.22
C ASP A 87 -35.20 6.75 -28.55
N VAL A 88 -36.26 6.50 -27.80
CA VAL A 88 -36.57 5.16 -27.31
C VAL A 88 -38.02 4.86 -27.67
N GLN A 89 -38.21 3.85 -28.51
CA GLN A 89 -39.48 3.54 -29.16
C GLN A 89 -39.92 4.68 -30.09
N ASP A 90 -41.16 5.13 -29.96
CA ASP A 90 -41.67 6.21 -30.81
C ASP A 90 -41.35 7.61 -30.27
N GLN A 91 -41.27 7.73 -28.94
CA GLN A 91 -41.12 9.03 -28.28
C GLN A 91 -39.68 9.55 -28.30
N THR A 92 -39.54 10.86 -28.50
CA THR A 92 -38.24 11.53 -28.39
C THR A 92 -38.09 12.10 -26.98
N TYR A 93 -37.00 11.73 -26.32
CA TYR A 93 -36.73 12.16 -24.95
C TYR A 93 -35.57 13.14 -24.89
N ARG A 94 -35.60 14.00 -23.88
CA ARG A 94 -34.45 14.83 -23.55
C ARG A 94 -33.56 14.02 -22.61
N LEU A 95 -32.41 13.61 -23.11
CA LEU A 95 -31.47 12.84 -22.31
C LEU A 95 -30.45 13.75 -21.62
N ILE A 96 -30.32 13.58 -20.31
CA ILE A 96 -29.34 14.31 -19.53
C ILE A 96 -28.30 13.34 -18.97
N THR A 97 -27.05 13.57 -19.34
CA THR A 97 -25.94 12.70 -18.99
C THR A 97 -24.98 13.41 -18.05
N VAL A 98 -24.59 12.72 -16.98
CA VAL A 98 -23.53 13.18 -16.10
C VAL A 98 -22.42 12.12 -16.03
N GLY A 99 -21.18 12.54 -16.27
CA GLY A 99 -20.04 11.64 -16.26
C GLY A 99 -19.70 11.11 -14.88
N LEU A 100 -19.27 9.85 -14.83
CA LEU A 100 -18.92 9.19 -13.57
C LEU A 100 -17.44 8.86 -13.49
N GLY A 101 -16.75 8.94 -14.62
CA GLY A 101 -15.34 8.58 -14.71
C GLY A 101 -15.14 7.08 -14.57
N ASN A 102 -13.96 6.68 -14.13
CA ASN A 102 -13.67 5.27 -13.87
C ASN A 102 -14.34 4.86 -12.57
N LEU A 103 -15.18 3.83 -12.64
CA LEU A 103 -15.94 3.36 -11.48
C LEU A 103 -15.07 2.69 -10.41
N LYS A 104 -13.91 2.17 -10.82
CA LYS A 104 -12.95 1.58 -9.89
C LYS A 104 -12.37 2.65 -8.95
N THR A 105 -12.06 3.81 -9.53
CA THR A 105 -11.39 4.89 -8.79
C THR A 105 -12.32 6.08 -8.54
N ARG A 106 -13.53 5.79 -8.10
CA ARG A 106 -14.52 6.83 -7.83
C ARG A 106 -14.63 7.15 -6.34
N SER A 107 -14.11 8.31 -5.95
CA SER A 107 -14.09 8.74 -4.56
C SER A 107 -15.43 9.34 -4.13
N TYR A 108 -15.55 9.63 -2.83
CA TYR A 108 -16.73 10.30 -2.29
C TYR A 108 -16.84 11.74 -2.81
N GLN A 109 -15.69 12.39 -3.00
CA GLN A 109 -15.62 13.71 -3.60
C GLN A 109 -16.21 13.70 -5.01
N ASP A 110 -15.85 12.67 -5.79
CA ASP A 110 -16.40 12.47 -7.13
C ASP A 110 -17.92 12.39 -7.10
N MET A 111 -18.47 11.64 -6.14
CA MET A 111 -19.92 11.50 -5.97
C MET A 111 -20.59 12.84 -5.68
N LEU A 112 -19.94 13.67 -4.86
CA LEU A 112 -20.44 15.02 -4.56
C LEU A 112 -20.41 15.92 -5.80
N LYS A 113 -19.36 15.75 -6.61
CA LYS A 113 -19.21 16.49 -7.85
C LYS A 113 -20.25 16.05 -8.89
N ILE A 114 -20.53 14.74 -8.93
CA ILE A 114 -21.50 14.16 -9.85
C ILE A 114 -22.91 14.64 -9.56
N TRP A 115 -23.38 14.41 -8.33
CA TRP A 115 -24.73 14.83 -7.92
C TRP A 115 -24.85 16.36 -7.89
N GLY A 116 -23.78 17.02 -7.46
CA GLY A 116 -23.74 18.48 -7.38
C GLY A 116 -24.01 19.16 -8.70
N HIS A 117 -23.19 18.84 -9.70
CA HIS A 117 -23.34 19.44 -11.03
C HIS A 117 -24.67 19.06 -11.70
N LEU A 118 -25.14 17.85 -11.44
CA LEU A 118 -26.41 17.37 -11.99
C LEU A 118 -27.59 18.19 -11.48
N PHE A 119 -27.76 18.25 -10.16
CA PHE A 119 -28.88 18.97 -9.55
C PHE A 119 -28.85 20.47 -9.83
N GLN A 120 -27.64 21.03 -9.98
CA GLN A 120 -27.46 22.43 -10.36
C GLN A 120 -27.96 22.67 -11.79
N TYR A 121 -27.67 21.72 -12.68
CA TYR A 121 -28.16 21.80 -14.06
C TYR A 121 -29.68 21.68 -14.12
N ILE A 122 -30.22 20.71 -13.37
CA ILE A 122 -31.66 20.48 -13.29
C ILE A 122 -32.42 21.74 -12.86
N LYS A 123 -31.90 22.42 -11.84
CA LYS A 123 -32.53 23.63 -11.30
C LYS A 123 -32.43 24.84 -12.22
N SER A 124 -31.25 25.05 -12.81
CA SER A 124 -31.03 26.18 -13.71
C SER A 124 -31.79 26.04 -15.02
N GLU A 125 -32.12 24.81 -15.39
CA GLU A 125 -32.89 24.53 -16.60
C GLU A 125 -34.40 24.47 -16.33
N HIS A 126 -34.80 24.72 -15.07
CA HIS A 126 -36.21 24.77 -14.66
C HIS A 126 -36.97 23.48 -15.02
N ILE A 127 -36.32 22.34 -14.80
CA ILE A 127 -36.93 21.05 -15.07
C ILE A 127 -37.80 20.63 -13.89
N GLU A 128 -39.06 20.30 -14.18
CA GLU A 128 -40.04 19.98 -13.15
C GLU A 128 -40.36 18.49 -13.04
N ASP A 129 -40.22 17.77 -14.15
CA ASP A 129 -40.52 16.34 -14.20
C ASP A 129 -39.49 15.60 -15.03
N THR A 130 -38.84 14.60 -14.41
CA THR A 130 -37.82 13.81 -15.10
C THR A 130 -37.68 12.40 -14.52
N TYR A 131 -37.25 11.46 -15.36
CA TYR A 131 -36.87 10.13 -14.91
C TYR A 131 -35.40 10.11 -14.51
N LEU A 132 -35.08 9.30 -13.52
CA LEU A 132 -33.70 9.11 -13.07
C LEU A 132 -33.39 7.61 -12.97
N LEU A 133 -32.50 7.14 -13.85
CA LEU A 133 -32.09 5.74 -13.86
C LEU A 133 -31.00 5.49 -12.82
N MET A 134 -31.44 5.19 -11.60
CA MET A 134 -30.55 5.07 -10.45
C MET A 134 -29.51 3.94 -10.57
N ASP A 135 -29.87 2.88 -11.29
CA ASP A 135 -28.98 1.73 -11.50
C ASP A 135 -27.69 2.09 -12.23
N SER A 136 -27.72 3.15 -13.01
CA SER A 136 -26.54 3.61 -13.75
C SER A 136 -25.55 4.36 -12.87
N PHE A 137 -25.99 4.71 -11.66
CA PHE A 137 -25.15 5.43 -10.69
C PHE A 137 -24.51 4.50 -9.67
N ILE A 138 -25.10 3.32 -9.50
CA ILE A 138 -24.65 2.34 -8.51
C ILE A 138 -23.78 1.28 -9.19
N SER A 139 -22.59 1.09 -8.64
CA SER A 139 -21.66 0.11 -9.18
C SER A 139 -21.42 -1.02 -8.20
N LYS A 140 -20.76 -2.06 -8.69
CA LYS A 140 -20.29 -3.19 -7.89
C LYS A 140 -19.26 -2.73 -6.84
N TYR A 141 -18.65 -1.58 -7.08
CA TYR A 141 -17.51 -1.10 -6.26
C TYR A 141 -17.90 -0.33 -5.01
N ASP A 142 -19.00 0.40 -5.07
CA ASP A 142 -19.41 1.23 -3.94
C ASP A 142 -20.63 0.67 -3.22
N GLN A 143 -20.70 0.98 -1.92
CA GLN A 143 -21.85 0.63 -1.10
C GLN A 143 -23.00 1.56 -1.45
N LEU A 144 -24.22 1.03 -1.35
CA LEU A 144 -25.43 1.74 -1.71
C LEU A 144 -25.63 3.03 -0.90
N SER A 145 -25.24 2.99 0.37
CA SER A 145 -25.45 4.12 1.27
C SER A 145 -24.66 5.37 0.90
N ASP A 146 -23.44 5.20 0.41
CA ASP A 146 -22.60 6.35 0.07
C ASP A 146 -23.10 7.13 -1.14
N VAL A 147 -23.63 6.40 -2.13
CA VAL A 147 -24.17 7.03 -3.34
C VAL A 147 -25.47 7.77 -3.04
N LEU A 148 -26.36 7.13 -2.28
CA LEU A 148 -27.65 7.71 -1.94
C LEU A 148 -27.54 8.84 -0.90
N MET A 149 -26.54 8.75 -0.03
CA MET A 149 -26.24 9.80 0.94
C MET A 149 -25.84 11.08 0.21
N ALA A 150 -24.86 10.94 -0.69
CA ALA A 150 -24.37 12.05 -1.50
C ALA A 150 -25.49 12.65 -2.34
N CYS A 151 -26.33 11.79 -2.91
CA CYS A 151 -27.50 12.20 -3.68
C CYS A 151 -28.43 13.09 -2.84
N GLY A 152 -28.71 12.65 -1.62
CA GLY A 152 -29.57 13.39 -0.69
C GLY A 152 -29.03 14.74 -0.27
N ILE A 153 -27.75 14.77 0.11
CA ILE A 153 -27.09 16.00 0.57
C ILE A 153 -27.04 17.04 -0.54
N GLN A 154 -26.55 16.64 -1.71
CA GLN A 154 -26.34 17.55 -2.83
C GLN A 154 -27.64 18.09 -3.42
N SER A 155 -28.74 17.36 -3.23
CA SER A 155 -30.05 17.82 -3.70
C SER A 155 -30.49 19.10 -3.00
N GLU A 156 -29.92 19.35 -1.83
CA GLU A 156 -30.20 20.56 -1.07
C GLU A 156 -29.01 21.50 -1.02
N ARG A 157 -27.82 20.96 -0.78
CA ARG A 157 -26.61 21.76 -0.60
C ARG A 157 -26.13 22.45 -1.88
N ALA A 158 -26.12 21.71 -2.99
CA ALA A 158 -25.62 22.23 -4.26
C ALA A 158 -26.57 23.25 -4.89
N THR A 159 -27.85 23.14 -4.57
CA THR A 159 -28.88 23.98 -5.18
C THR A 159 -29.27 25.18 -4.30
N TYR A 160 -28.50 25.40 -3.24
CA TYR A 160 -28.78 26.46 -2.29
C TYR A 160 -28.63 27.85 -2.92
N GLU A 161 -29.54 28.74 -2.57
CA GLU A 161 -29.43 30.15 -2.93
C GLU A 161 -30.03 31.06 -1.87
N PHE A 162 -29.39 32.21 -1.66
CA PHE A 162 -29.86 33.22 -0.71
C PHE A 162 -30.29 34.48 -1.46
N ASP A 163 -31.53 34.47 -1.95
CA ASP A 163 -32.06 35.56 -2.78
C ASP A 163 -33.20 36.31 -2.08
N HIS A 164 -33.21 36.26 -0.75
CA HIS A 164 -34.28 36.83 0.06
C HIS A 164 -34.33 38.36 0.04
N TYR A 165 -33.19 38.98 -0.27
CA TYR A 165 -33.09 40.44 -0.33
C TYR A 165 -33.02 40.98 -1.76
N LYS A 166 -33.21 40.08 -2.72
CA LYS A 166 -33.27 40.45 -4.14
C LYS A 166 -34.72 40.79 -4.51
N SER A 167 -34.89 41.88 -5.25
CA SER A 167 -36.21 42.26 -5.76
C SER A 167 -36.63 41.34 -6.91
N SER A 168 -35.65 40.87 -7.68
CA SER A 168 -35.89 40.00 -8.82
C SER A 168 -35.66 38.53 -8.46
N LYS A 169 -36.23 38.09 -7.34
CA LYS A 169 -36.14 36.69 -6.93
C LYS A 169 -37.20 35.85 -7.63
N LYS A 170 -36.76 34.75 -8.25
CA LYS A 170 -37.67 33.84 -8.95
C LYS A 170 -38.45 32.96 -7.98
N ALA A 171 -39.66 32.59 -8.37
CA ALA A 171 -40.54 31.76 -7.55
C ALA A 171 -39.98 30.34 -7.38
N PRO A 172 -40.01 29.82 -6.13
CA PRO A 172 -39.51 28.47 -5.87
C PRO A 172 -40.40 27.40 -6.50
N PHE A 173 -39.77 26.39 -7.10
CA PHE A 173 -40.49 25.30 -7.75
C PHE A 173 -39.99 23.93 -7.29
N LYS A 174 -40.86 22.94 -7.40
CA LYS A 174 -40.54 21.56 -7.02
C LYS A 174 -40.18 20.74 -8.25
N THR A 175 -39.06 20.03 -8.16
CA THR A 175 -38.65 19.10 -9.22
C THR A 175 -39.00 17.67 -8.82
N ASN A 176 -39.88 17.05 -9.60
CA ASN A 176 -40.28 15.67 -9.37
C ASN A 176 -39.30 14.69 -10.01
N LEU A 177 -38.57 13.97 -9.17
CA LEU A 177 -37.61 12.97 -9.63
C LEU A 177 -38.20 11.57 -9.53
N ASN A 178 -38.52 11.01 -10.70
CA ASN A 178 -39.06 9.65 -10.77
C ASN A 178 -37.93 8.64 -10.92
N LEU A 179 -37.53 8.05 -9.80
CA LEU A 179 -36.42 7.10 -9.78
C LEU A 179 -36.82 5.76 -10.35
N ILE A 180 -36.00 5.24 -11.26
CA ILE A 180 -36.22 3.92 -11.85
C ILE A 180 -35.06 3.00 -11.48
N SER A 181 -35.39 1.94 -10.73
CA SER A 181 -34.41 0.94 -10.34
C SER A 181 -35.00 -0.45 -10.43
N GLU A 182 -34.19 -1.39 -10.91
CA GLU A 182 -34.63 -2.76 -11.13
C GLU A 182 -34.65 -3.56 -9.83
N SER A 183 -33.79 -3.15 -8.89
CA SER A 183 -33.69 -3.83 -7.60
C SER A 183 -33.32 -2.85 -6.48
N LEU A 184 -34.26 -1.99 -6.14
CA LEU A 184 -34.09 -1.03 -5.05
C LEU A 184 -35.44 -0.68 -4.45
N ILE A 185 -35.50 -0.65 -3.12
CA ILE A 185 -36.75 -0.45 -2.38
C ILE A 185 -36.59 0.64 -1.32
N GLU A 186 -35.43 0.64 -0.65
CA GLU A 186 -35.12 1.63 0.38
C GLU A 186 -34.90 3.01 -0.21
N LEU A 187 -35.54 4.01 0.39
CA LEU A 187 -35.36 5.40 0.00
C LEU A 187 -34.92 6.22 1.21
N ASP A 188 -34.61 5.54 2.30
CA ASP A 188 -34.28 6.20 3.56
C ASP A 188 -32.91 6.88 3.59
N PHE A 189 -31.97 6.35 2.82
CA PHE A 189 -30.62 6.91 2.74
C PHE A 189 -30.58 8.27 2.05
N ILE A 190 -31.53 8.51 1.15
CA ILE A 190 -31.66 9.80 0.48
C ILE A 190 -32.30 10.82 1.42
N HIS A 191 -33.38 10.42 2.09
CA HIS A 191 -34.06 11.28 3.06
C HIS A 191 -33.15 11.67 4.24
N GLU A 192 -32.21 10.79 4.55
CA GLU A 192 -31.18 11.07 5.56
C GLU A 192 -30.22 12.15 5.07
N GLY A 193 -29.86 12.08 3.79
CA GLY A 193 -28.98 13.08 3.17
C GLY A 193 -29.64 14.44 3.05
N ILE A 194 -30.94 14.44 2.72
CA ILE A 194 -31.72 15.67 2.57
C ILE A 194 -31.75 16.47 3.88
N SER A 195 -32.00 15.78 4.99
CA SER A 195 -32.08 16.42 6.30
C SER A 195 -30.74 16.99 6.75
N ILE A 196 -29.65 16.33 6.36
CA ILE A 196 -28.30 16.83 6.61
C ILE A 196 -28.04 18.09 5.75
N GLY A 197 -28.39 18.00 4.48
CA GLY A 197 -28.24 19.11 3.54
C GLY A 197 -29.04 20.34 3.95
N GLN A 198 -30.26 20.12 4.44
CA GLN A 198 -31.11 21.20 4.94
C GLN A 198 -30.58 21.81 6.23
N SER A 199 -29.86 21.01 7.02
CA SER A 199 -29.21 21.50 8.24
C SER A 199 -28.02 22.40 7.89
N ILE A 200 -27.31 22.06 6.82
CA ILE A 200 -26.20 22.87 6.31
C ILE A 200 -26.73 24.20 5.79
N ASN A 201 -27.84 24.15 5.07
CA ASN A 201 -28.48 25.35 4.53
C ASN A 201 -29.06 26.25 5.61
N LEU A 202 -29.50 25.66 6.71
CA LEU A 202 -29.99 26.43 7.86
C LEU A 202 -28.86 27.26 8.45
N ALA A 203 -27.68 26.65 8.58
CA ALA A 203 -26.48 27.32 9.05
C ALA A 203 -26.08 28.44 8.08
N ARG A 204 -26.14 28.14 6.78
CA ARG A 204 -25.84 29.09 5.73
C ARG A 204 -26.76 30.32 5.77
N ASP A 205 -28.04 30.08 6.05
CA ASP A 205 -29.03 31.16 6.14
C ASP A 205 -28.70 32.16 7.23
N PHE A 206 -28.31 31.65 8.40
CA PHE A 206 -27.89 32.49 9.51
C PHE A 206 -26.63 33.28 9.17
N SER A 207 -25.70 32.62 8.48
CA SER A 207 -24.43 33.23 8.12
C SER A 207 -24.58 34.32 7.06
N ASN A 208 -25.43 34.07 6.06
CA ASN A 208 -25.67 35.02 4.99
C ASN A 208 -26.48 36.24 5.40
N MET A 209 -27.18 36.13 6.52
CA MET A 209 -28.02 37.20 7.04
C MET A 209 -27.21 38.47 7.30
N PRO A 210 -27.72 39.63 6.85
CA PRO A 210 -27.04 40.92 7.08
C PRO A 210 -26.94 41.24 8.56
N PRO A 211 -25.79 41.81 8.99
CA PRO A 211 -25.53 42.09 10.41
C PRO A 211 -26.47 43.13 11.03
N ASN A 212 -27.06 43.99 10.22
CA ASN A 212 -28.05 44.94 10.72
C ASN A 212 -29.42 44.30 10.92
N VAL A 213 -29.58 43.08 10.40
CA VAL A 213 -30.80 42.29 10.59
C VAL A 213 -30.59 41.23 11.67
N LEU A 214 -29.53 40.45 11.53
CA LEU A 214 -29.19 39.42 12.52
C LEU A 214 -28.26 39.95 13.60
N THR A 215 -28.85 40.43 14.68
CA THR A 215 -28.14 40.87 15.87
C THR A 215 -28.15 39.70 16.87
N PRO A 216 -27.33 39.79 17.95
CA PRO A 216 -27.34 38.73 18.96
C PRO A 216 -28.74 38.40 19.48
N GLN A 217 -29.57 39.43 19.70
CA GLN A 217 -30.94 39.24 20.18
C GLN A 217 -31.80 38.48 19.18
N THR A 218 -31.83 38.94 17.94
CA THR A 218 -32.66 38.33 16.90
C THR A 218 -32.16 36.94 16.52
N PHE A 219 -30.85 36.73 16.64
CA PHE A 219 -30.25 35.42 16.42
C PHE A 219 -30.74 34.42 17.46
N ALA A 220 -30.76 34.84 18.73
CA ALA A 220 -31.30 34.04 19.83
C ALA A 220 -32.79 33.75 19.62
N GLU A 221 -33.55 34.79 19.27
CA GLU A 221 -34.99 34.68 19.02
C GLU A 221 -35.31 33.72 17.89
N ASP A 222 -34.50 33.74 16.84
CA ASP A 222 -34.68 32.86 15.68
C ASP A 222 -34.45 31.40 16.04
N ILE A 223 -33.47 31.15 16.91
CA ILE A 223 -33.16 29.80 17.37
C ILE A 223 -34.30 29.24 18.23
N VAL A 224 -34.84 30.08 19.13
CA VAL A 224 -35.99 29.72 19.94
C VAL A 224 -37.18 29.32 19.06
N ASN A 225 -37.52 30.18 18.11
CA ASN A 225 -38.66 29.94 17.22
C ASN A 225 -38.50 28.72 16.33
N HIS A 226 -37.26 28.44 15.91
CA HIS A 226 -36.96 27.29 15.05
C HIS A 226 -37.18 25.97 15.78
N PHE A 227 -36.72 25.87 17.02
CA PHE A 227 -36.81 24.64 17.80
C PHE A 227 -38.06 24.59 18.68
N LYS A 228 -38.98 25.52 18.48
CA LYS A 228 -40.14 25.70 19.36
C LYS A 228 -41.01 24.45 19.51
N ASN A 229 -41.31 23.79 18.40
CA ASN A 229 -42.15 22.58 18.43
C ASN A 229 -41.39 21.27 18.30
N THR A 230 -40.11 21.28 18.68
CA THR A 230 -39.25 20.10 18.54
C THR A 230 -38.85 19.53 19.90
N LYS A 231 -38.07 18.46 19.86
CA LYS A 231 -37.52 17.81 21.06
C LYS A 231 -36.40 18.65 21.67
N VAL A 232 -35.91 19.63 20.91
CA VAL A 232 -34.77 20.47 21.32
C VAL A 232 -35.21 21.66 22.19
N LYS A 233 -34.60 21.74 23.39
CA LYS A 233 -34.88 22.83 24.32
C LYS A 233 -33.88 23.97 24.13
N VAL A 234 -34.37 25.20 24.22
CA VAL A 234 -33.53 26.38 24.05
C VAL A 234 -33.71 27.35 25.23
N ASP A 235 -32.60 27.72 25.86
CA ASP A 235 -32.59 28.73 26.91
C ASP A 235 -31.77 29.93 26.49
N VAL A 236 -32.35 31.12 26.64
CA VAL A 236 -31.67 32.37 26.29
C VAL A 236 -31.37 33.20 27.52
N LYS A 237 -30.11 33.57 27.66
CA LYS A 237 -29.64 34.37 28.77
C LYS A 237 -29.44 35.82 28.29
N ASP A 238 -30.31 36.72 28.73
CA ASP A 238 -30.26 38.11 28.29
C ASP A 238 -29.14 38.91 28.98
N TYR A 239 -28.94 40.15 28.54
CA TYR A 239 -27.80 40.97 28.97
C TYR A 239 -27.64 41.14 30.48
N ASP A 240 -28.72 41.51 31.18
CA ASP A 240 -28.63 41.75 32.63
C ASP A 240 -28.51 40.47 33.47
N THR A 241 -28.93 39.34 32.90
CA THR A 241 -28.75 38.04 33.55
C THR A 241 -27.29 37.59 33.43
N LEU A 242 -26.74 37.67 32.22
CA LEU A 242 -25.38 37.18 31.97
C LEU A 242 -24.30 38.01 32.66
N VAL A 243 -24.58 39.28 32.91
CA VAL A 243 -23.63 40.11 33.67
C VAL A 243 -23.67 39.76 35.17
N SER A 244 -24.87 39.67 35.74
CA SER A 244 -25.04 39.33 37.16
C SER A 244 -24.58 37.92 37.50
N GLU A 245 -24.58 37.04 36.49
CA GLU A 245 -24.06 35.69 36.63
C GLU A 245 -22.55 35.62 36.40
N GLY A 246 -21.95 36.76 36.03
CA GLY A 246 -20.50 36.89 35.97
C GLY A 246 -19.83 36.52 34.66
N PHE A 247 -20.57 36.64 33.55
CA PHE A 247 -20.02 36.41 32.21
C PHE A 247 -19.22 37.64 31.77
N GLY A 248 -18.14 37.92 32.49
CA GLY A 248 -17.35 39.15 32.32
C GLY A 248 -16.75 39.39 30.95
N LEU A 249 -16.22 38.34 30.34
CA LEU A 249 -15.57 38.44 29.04
C LEU A 249 -16.58 38.67 27.91
N LEU A 250 -17.69 37.95 27.95
CA LEU A 250 -18.77 38.13 26.98
C LEU A 250 -19.39 39.53 27.10
N GLN A 251 -19.50 40.02 28.33
CA GLN A 251 -19.96 41.38 28.61
C GLN A 251 -19.02 42.41 27.99
N ALA A 252 -17.72 42.21 28.25
CA ALA A 252 -16.67 43.11 27.76
C ALA A 252 -16.66 43.27 26.24
N VAL A 253 -16.83 42.16 25.53
CA VAL A 253 -16.81 42.15 24.07
C VAL A 253 -18.03 42.84 23.47
N GLY A 254 -19.20 42.59 24.06
CA GLY A 254 -20.46 43.03 23.46
C GLY A 254 -21.05 44.35 23.94
N LYS A 255 -20.44 44.95 24.96
CA LYS A 255 -20.98 46.17 25.60
C LYS A 255 -20.93 47.41 24.71
N GLY A 256 -20.07 47.40 23.71
CA GLY A 256 -19.89 48.54 22.81
C GLY A 256 -20.95 48.70 21.74
N SER A 257 -21.83 47.70 21.63
CA SER A 257 -22.89 47.72 20.64
C SER A 257 -24.22 48.13 21.26
N LYS A 258 -25.12 48.66 20.44
CA LYS A 258 -26.49 48.94 20.85
C LYS A 258 -27.21 47.63 21.14
N HIS A 259 -26.89 46.61 20.32
CA HIS A 259 -27.46 45.28 20.46
C HIS A 259 -26.57 44.44 21.38
N LYS A 260 -26.97 44.35 22.65
CA LYS A 260 -26.19 43.69 23.69
C LYS A 260 -26.08 42.17 23.50
N PRO A 261 -25.02 41.56 24.07
CA PRO A 261 -24.73 40.13 23.90
C PRO A 261 -25.80 39.19 24.47
N ARG A 262 -25.77 37.94 24.01
CA ARG A 262 -26.68 36.90 24.49
C ARG A 262 -25.90 35.60 24.65
N LEU A 263 -26.35 34.76 25.58
CA LEU A 263 -25.86 33.38 25.67
C LEU A 263 -27.00 32.41 25.42
N VAL A 264 -26.83 31.56 24.42
CA VAL A 264 -27.86 30.61 24.02
C VAL A 264 -27.44 29.19 24.39
N THR A 265 -28.27 28.53 25.20
CA THR A 265 -28.05 27.13 25.59
C THR A 265 -29.05 26.25 24.86
N ILE A 266 -28.54 25.25 24.15
CA ILE A 266 -29.35 24.32 23.38
C ILE A 266 -29.13 22.90 23.87
N THR A 267 -30.18 22.26 24.38
CA THR A 267 -30.06 20.89 24.86
C THR A 267 -30.87 19.91 24.02
N TYR A 268 -30.25 18.78 23.69
CA TYR A 268 -30.92 17.69 22.99
C TYR A 268 -30.59 16.38 23.68
N ASN A 269 -31.60 15.72 24.25
CA ASN A 269 -31.42 14.44 24.93
C ASN A 269 -31.92 13.28 24.07
N GLY A 270 -31.03 12.77 23.22
CA GLY A 270 -31.38 11.75 22.24
C GLY A 270 -31.40 10.31 22.75
N LYS A 271 -30.79 10.07 23.89
CA LYS A 271 -30.81 8.72 24.48
C LYS A 271 -31.52 8.72 25.83
N ASP A 272 -31.67 9.92 26.39
CA ASP A 272 -32.57 10.19 27.52
C ASP A 272 -31.95 9.77 28.84
N LYS A 273 -30.92 8.93 28.76
CA LYS A 273 -30.15 8.51 29.93
C LYS A 273 -29.54 9.73 30.63
N ASP A 274 -29.30 9.59 31.93
CA ASP A 274 -28.57 10.60 32.70
C ASP A 274 -27.10 10.64 32.31
N GLU A 275 -26.83 10.37 31.04
CA GLU A 275 -25.47 10.25 30.53
C GLU A 275 -24.87 11.59 30.15
N ALA A 276 -23.62 11.78 30.58
CA ALA A 276 -22.77 12.91 30.21
C ALA A 276 -22.95 13.32 28.74
N PRO A 277 -23.34 14.59 28.52
CA PRO A 277 -23.59 15.09 27.16
C PRO A 277 -22.31 15.43 26.41
N ILE A 278 -22.45 15.66 25.10
CA ILE A 278 -21.37 16.18 24.29
C ILE A 278 -21.56 17.69 24.17
N ALA A 279 -20.55 18.45 24.57
CA ALA A 279 -20.61 19.90 24.54
C ALA A 279 -20.13 20.43 23.20
N LEU A 280 -20.99 21.21 22.55
CA LEU A 280 -20.64 21.89 21.31
C LEU A 280 -20.72 23.40 21.50
N VAL A 281 -19.57 24.05 21.47
CA VAL A 281 -19.47 25.49 21.72
C VAL A 281 -19.23 26.25 20.42
N GLY A 282 -19.99 27.33 20.22
CA GLY A 282 -19.90 28.11 18.99
C GLY A 282 -19.67 29.60 19.20
N LYS A 283 -18.76 30.16 18.43
CA LYS A 283 -18.51 31.60 18.43
C LYS A 283 -19.58 32.31 17.63
N GLY A 284 -20.38 33.13 18.31
CA GLY A 284 -21.49 33.82 17.67
C GLY A 284 -21.33 35.32 17.57
N ILE A 285 -20.18 35.77 17.09
CA ILE A 285 -19.96 37.20 16.86
C ILE A 285 -20.69 37.61 15.57
N THR A 286 -21.83 38.25 15.75
CA THR A 286 -22.71 38.62 14.63
C THR A 286 -22.05 39.64 13.70
N TYR A 287 -21.23 40.51 14.27
CA TYR A 287 -20.36 41.39 13.49
C TYR A 287 -19.10 41.77 14.25
N ASP A 288 -17.97 41.72 13.54
CA ASP A 288 -16.68 42.05 14.13
C ASP A 288 -16.03 43.22 13.38
N SER A 289 -16.03 44.38 14.02
CA SER A 289 -15.33 45.56 13.49
C SER A 289 -13.88 45.58 13.96
N GLY A 290 -13.59 44.78 14.98
CA GLY A 290 -12.27 44.72 15.58
C GLY A 290 -12.20 45.51 16.87
N GLY A 291 -13.23 46.30 17.13
CA GLY A 291 -13.24 47.21 18.28
C GLY A 291 -12.26 48.34 18.06
N TYR A 292 -11.68 48.86 19.15
CA TYR A 292 -10.69 49.92 19.04
C TYR A 292 -9.42 49.48 18.30
N SER A 293 -9.15 48.18 18.30
CA SER A 293 -8.15 47.61 17.39
C SER A 293 -8.81 47.37 16.04
N ILE A 294 -9.18 48.48 15.40
CA ILE A 294 -10.03 48.50 14.21
C ILE A 294 -9.41 47.79 13.00
N LYS A 295 -10.26 47.10 12.23
CA LYS A 295 -9.85 46.43 11.00
C LYS A 295 -9.67 47.43 9.86
N THR A 296 -8.92 47.02 8.83
CA THR A 296 -8.77 47.82 7.62
C THR A 296 -10.04 47.75 6.76
N LYS A 297 -10.09 48.54 5.69
CA LYS A 297 -11.25 48.57 4.79
C LYS A 297 -11.60 47.16 4.28
N ASN A 298 -10.62 46.50 3.65
CA ASN A 298 -10.80 45.13 3.15
C ASN A 298 -10.97 44.10 4.26
N GLY A 299 -10.49 44.45 5.46
CA GLY A 299 -10.59 43.58 6.63
C GLY A 299 -12.00 43.39 7.17
N MET A 300 -12.82 44.44 7.07
CA MET A 300 -14.20 44.40 7.57
C MET A 300 -15.18 43.73 6.61
N ALA A 301 -14.82 43.66 5.33
CA ALA A 301 -15.62 42.95 4.32
C ALA A 301 -15.89 41.51 4.78
N THR A 302 -17.12 41.06 4.58
CA THR A 302 -17.55 39.69 4.91
C THR A 302 -17.41 39.31 6.39
N MET A 303 -17.48 40.31 7.28
CA MET A 303 -17.36 40.05 8.73
C MET A 303 -18.68 39.67 9.41
N LYS A 304 -19.75 39.58 8.62
CA LYS A 304 -21.01 39.01 9.08
C LYS A 304 -20.86 37.50 9.25
N PHE A 305 -19.81 36.95 8.64
CA PHE A 305 -19.51 35.51 8.72
C PHE A 305 -18.70 35.14 9.96
N ASP A 306 -18.57 36.07 10.89
CA ASP A 306 -17.81 35.82 12.11
C ASP A 306 -18.61 35.04 13.14
N MET A 307 -19.84 34.67 12.78
CA MET A 307 -20.70 33.84 13.64
C MET A 307 -21.00 32.48 13.02
N CYS A 308 -20.25 32.12 11.96
CA CYS A 308 -20.38 30.82 11.30
C CYS A 308 -20.25 29.65 12.27
N GLY A 309 -19.35 29.79 13.25
CA GLY A 309 -19.16 28.76 14.27
C GLY A 309 -20.43 28.44 15.02
N ALA A 310 -21.13 29.49 15.46
CA ALA A 310 -22.41 29.33 16.15
C ALA A 310 -23.48 28.75 15.23
N ALA A 311 -23.52 29.25 14.00
CA ALA A 311 -24.47 28.79 12.98
C ALA A 311 -24.30 27.30 12.70
N ASN A 312 -23.05 26.86 12.58
CA ASN A 312 -22.75 25.46 12.29
C ASN A 312 -23.07 24.51 13.45
N VAL A 313 -22.96 25.01 14.68
CA VAL A 313 -23.37 24.24 15.86
C VAL A 313 -24.89 24.01 15.82
N VAL A 314 -25.64 25.06 15.50
CA VAL A 314 -27.10 24.96 15.33
C VAL A 314 -27.44 23.94 14.26
N GLY A 315 -26.68 23.95 13.16
CA GLY A 315 -26.86 22.99 12.07
C GLY A 315 -26.62 21.56 12.49
N ILE A 316 -25.55 21.33 13.25
CA ILE A 316 -25.20 20.00 13.77
C ILE A 316 -26.31 19.44 14.66
N ILE A 317 -26.80 20.28 15.58
CA ILE A 317 -27.88 19.88 16.49
C ILE A 317 -29.18 19.65 15.72
N GLU A 318 -29.45 20.47 14.71
CA GLU A 318 -30.61 20.32 13.83
C GLU A 318 -30.58 18.97 13.12
N ALA A 319 -29.41 18.59 12.63
CA ALA A 319 -29.23 17.31 11.94
C ALA A 319 -29.38 16.13 12.90
N ALA A 320 -28.76 16.24 14.08
CA ALA A 320 -28.81 15.18 15.08
C ALA A 320 -30.23 14.89 15.57
N SER A 321 -31.03 15.94 15.73
CA SER A 321 -32.40 15.82 16.22
C SER A 321 -33.34 15.25 15.16
N ARG A 322 -33.17 15.68 13.92
CA ARG A 322 -33.99 15.19 12.80
C ARG A 322 -33.66 13.75 12.42
N LEU A 323 -32.42 13.35 12.67
CA LEU A 323 -32.00 11.97 12.46
C LEU A 323 -32.31 11.11 13.70
N GLN A 324 -32.74 11.77 14.77
CA GLN A 324 -33.08 11.11 16.04
C GLN A 324 -31.94 10.23 16.56
N LEU A 325 -30.74 10.80 16.57
CA LEU A 325 -29.54 10.08 17.01
C LEU A 325 -29.54 9.86 18.52
N PRO A 326 -29.15 8.65 18.97
CA PRO A 326 -29.10 8.34 20.40
C PRO A 326 -27.89 8.98 21.09
N VAL A 327 -27.85 10.32 21.10
CA VAL A 327 -26.78 11.07 21.75
C VAL A 327 -27.33 12.24 22.55
N ASN A 328 -26.64 12.58 23.64
CA ASN A 328 -26.97 13.77 24.42
C ASN A 328 -26.03 14.90 24.02
N ILE A 329 -26.61 16.04 23.65
CA ILE A 329 -25.83 17.20 23.23
C ILE A 329 -26.26 18.45 24.00
N VAL A 330 -25.27 19.20 24.48
CA VAL A 330 -25.49 20.53 24.99
C VAL A 330 -24.72 21.54 24.13
N GLY A 331 -25.44 22.49 23.56
CA GLY A 331 -24.84 23.51 22.71
C GLY A 331 -24.82 24.85 23.41
N VAL A 332 -23.65 25.49 23.42
CA VAL A 332 -23.49 26.80 24.04
C VAL A 332 -23.01 27.81 22.99
N LEU A 333 -23.78 28.87 22.82
CA LEU A 333 -23.45 29.92 21.85
C LEU A 333 -23.21 31.25 22.55
N ALA A 334 -22.02 31.80 22.35
CA ALA A 334 -21.67 33.11 22.88
C ALA A 334 -21.86 34.14 21.77
N CYS A 335 -22.95 34.92 21.88
CA CYS A 335 -23.32 35.88 20.83
C CYS A 335 -23.08 37.31 21.28
N ALA A 336 -22.40 38.07 20.43
CA ALA A 336 -22.07 39.48 20.70
C ALA A 336 -21.75 40.21 19.40
N GLU A 337 -21.73 41.54 19.48
CA GLU A 337 -21.35 42.38 18.34
C GLU A 337 -20.19 43.27 18.75
N ASN A 338 -19.04 43.09 18.11
CA ASN A 338 -17.81 43.82 18.47
C ASN A 338 -17.75 45.20 17.83
N MET A 339 -18.14 46.22 18.60
CA MET A 339 -18.32 47.59 18.07
C MET A 339 -17.53 48.63 18.86
N ILE A 340 -17.41 49.83 18.28
CA ILE A 340 -16.73 50.96 18.93
C ILE A 340 -17.76 51.97 19.44
N ASN A 341 -17.63 52.35 20.71
CA ASN A 341 -18.40 53.47 21.26
C ASN A 341 -17.71 54.10 22.47
N GLU A 342 -18.41 54.99 23.16
CA GLU A 342 -17.87 55.73 24.32
C GLU A 342 -17.37 54.86 25.47
N ALA A 343 -17.83 53.61 25.53
CA ALA A 343 -17.53 52.75 26.67
C ALA A 343 -17.15 51.30 26.28
N SER A 344 -16.77 51.10 25.01
CA SER A 344 -16.37 49.76 24.55
C SER A 344 -14.99 49.37 25.07
N MET A 345 -14.66 48.08 24.97
CA MET A 345 -13.39 47.56 25.48
C MET A 345 -12.17 48.15 24.74
N LYS A 346 -11.07 48.31 25.48
CA LYS A 346 -9.86 48.94 24.97
C LYS A 346 -8.66 48.08 25.35
N PRO A 347 -7.57 48.16 24.57
CA PRO A 347 -6.30 47.56 25.00
C PRO A 347 -5.88 48.12 26.36
N ASP A 348 -5.41 47.23 27.25
CA ASP A 348 -5.05 47.54 28.65
C ASP A 348 -6.16 47.26 29.66
N ASP A 349 -7.40 47.11 29.18
CA ASP A 349 -8.53 46.76 30.03
C ASP A 349 -8.33 45.40 30.70
N VAL A 350 -8.70 45.31 31.97
CA VAL A 350 -8.66 44.06 32.71
C VAL A 350 -10.07 43.66 33.15
N PHE A 351 -10.48 42.45 32.81
CA PHE A 351 -11.81 41.93 33.15
C PHE A 351 -11.74 40.63 33.93
N THR A 352 -12.82 40.32 34.64
CA THR A 352 -12.92 39.06 35.37
C THR A 352 -13.77 38.08 34.57
N ALA A 353 -13.16 36.95 34.19
CA ALA A 353 -13.85 35.91 33.44
C ALA A 353 -14.87 35.18 34.31
N LEU A 354 -15.69 34.33 33.68
CA LEU A 354 -16.65 33.49 34.40
C LEU A 354 -15.91 32.53 35.34
N SER A 355 -14.70 32.15 34.95
CA SER A 355 -13.84 31.26 35.75
C SER A 355 -13.37 31.93 37.04
N GLY A 356 -13.42 33.27 37.07
CA GLY A 356 -12.94 34.04 38.22
C GLY A 356 -11.54 34.59 37.99
N GLU A 357 -10.91 34.14 36.91
CA GLU A 357 -9.57 34.61 36.53
C GLU A 357 -9.63 35.98 35.87
N THR A 358 -8.58 36.77 36.07
CA THR A 358 -8.48 38.09 35.45
C THR A 358 -7.77 38.02 34.11
N VAL A 359 -8.32 38.74 33.12
CA VAL A 359 -7.79 38.74 31.76
C VAL A 359 -7.47 40.17 31.32
N GLU A 360 -6.23 40.40 30.93
CA GLU A 360 -5.83 41.67 30.32
C GLU A 360 -6.04 41.60 28.82
N VAL A 361 -6.81 42.55 28.29
CA VAL A 361 -7.07 42.62 26.86
C VAL A 361 -6.07 43.56 26.20
N MET A 362 -5.23 43.01 25.34
CA MET A 362 -4.22 43.81 24.64
C MET A 362 -4.58 44.05 23.16
N ASN A 363 -5.55 43.28 22.67
CA ASN A 363 -6.02 43.38 21.29
C ASN A 363 -7.52 43.07 21.25
N THR A 364 -8.32 44.07 20.94
CA THR A 364 -9.77 43.92 20.92
C THR A 364 -10.28 43.14 19.71
N ASP A 365 -9.40 42.93 18.72
CA ASP A 365 -9.73 42.12 17.55
C ASP A 365 -9.55 40.63 17.85
N ALA A 366 -8.95 40.33 18.99
CA ALA A 366 -8.90 38.97 19.51
C ALA A 366 -10.10 38.72 20.44
N GLU A 367 -11.29 39.01 19.91
CA GLU A 367 -12.53 38.96 20.68
C GLU A 367 -13.11 37.54 20.79
N GLY A 368 -12.81 36.72 19.79
CA GLY A 368 -13.36 35.37 19.70
C GLY A 368 -12.98 34.49 20.86
N ARG A 369 -11.69 34.45 21.17
CA ARG A 369 -11.16 33.65 22.27
C ARG A 369 -11.74 34.07 23.63
N LEU A 370 -12.13 35.34 23.73
CA LEU A 370 -12.71 35.87 24.96
C LEU A 370 -14.11 35.33 25.20
N VAL A 371 -14.97 35.39 24.19
CA VAL A 371 -16.34 34.90 24.32
C VAL A 371 -16.39 33.38 24.42
N LEU A 372 -15.46 32.70 23.76
CA LEU A 372 -15.35 31.24 23.83
C LEU A 372 -14.93 30.80 25.23
N ALA A 373 -14.03 31.56 25.84
CA ALA A 373 -13.55 31.28 27.19
C ALA A 373 -14.69 31.18 28.20
N ASP A 374 -15.60 32.16 28.18
CA ASP A 374 -16.76 32.17 29.06
C ASP A 374 -17.73 31.04 28.73
N ALA A 375 -17.89 30.77 27.43
CA ALA A 375 -18.79 29.73 26.96
C ALA A 375 -18.27 28.33 27.28
N VAL A 376 -16.96 28.12 27.13
CA VAL A 376 -16.33 26.83 27.41
C VAL A 376 -16.42 26.50 28.90
N PHE A 377 -16.14 27.49 29.75
CA PHE A 377 -16.23 27.32 31.20
C PHE A 377 -17.66 26.99 31.62
N TYR A 378 -18.63 27.67 31.01
CA TYR A 378 -20.04 27.39 31.25
C TYR A 378 -20.46 26.00 30.78
N ALA A 379 -19.94 25.59 29.62
CA ALA A 379 -20.23 24.27 29.07
C ALA A 379 -19.72 23.14 29.97
N ASN A 380 -18.59 23.38 30.62
CA ASN A 380 -17.94 22.39 31.48
C ASN A 380 -18.70 22.13 32.78
N GLN A 381 -19.58 23.06 33.15
CA GLN A 381 -20.46 22.90 34.32
C GLN A 381 -21.42 21.71 34.13
N TYR A 382 -21.77 21.44 32.88
CA TYR A 382 -22.64 20.32 32.52
C TYR A 382 -21.92 18.98 32.61
N GLN A 383 -20.62 19.03 32.93
CA GLN A 383 -19.75 17.84 33.01
C GLN A 383 -19.83 16.97 31.76
N PRO A 384 -19.38 17.49 30.61
CA PRO A 384 -19.46 16.75 29.37
C PRO A 384 -18.33 15.74 29.23
N SER A 385 -18.52 14.75 28.36
CA SER A 385 -17.48 13.76 28.08
C SER A 385 -16.41 14.37 27.19
N VAL A 386 -16.81 15.33 26.34
CA VAL A 386 -15.91 16.04 25.45
C VAL A 386 -16.48 17.42 25.12
N ILE A 387 -15.59 18.40 24.97
CA ILE A 387 -15.97 19.75 24.53
C ILE A 387 -15.39 20.01 23.16
N MET A 388 -16.23 20.42 22.23
CA MET A 388 -15.80 20.80 20.88
C MET A 388 -16.26 22.22 20.58
N ASP A 389 -15.32 23.11 20.30
CA ASP A 389 -15.66 24.47 19.93
C ASP A 389 -15.38 24.75 18.46
N PHE A 390 -16.22 25.59 17.85
CA PHE A 390 -16.13 25.92 16.43
C PHE A 390 -16.12 27.43 16.29
N ALA A 391 -15.06 27.96 15.66
CA ALA A 391 -14.87 29.40 15.58
C ALA A 391 -14.02 29.82 14.38
N THR A 392 -14.39 30.97 13.81
CA THR A 392 -13.56 31.65 12.84
C THR A 392 -12.64 32.60 13.60
N LEU A 393 -11.55 32.07 14.14
CA LEU A 393 -10.69 32.81 15.06
C LEU A 393 -9.58 33.62 14.42
N THR A 394 -8.60 32.92 13.85
CA THR A 394 -7.29 33.51 13.57
C THR A 394 -6.98 33.63 12.09
N GLY A 395 -6.37 34.74 11.70
CA GLY A 395 -5.80 34.90 10.37
C GLY A 395 -4.59 34.00 10.18
N ALA A 396 -3.86 33.77 11.27
CA ALA A 396 -2.64 32.93 11.24
C ALA A 396 -2.92 31.48 10.85
N ALA A 397 -4.10 30.99 11.20
CA ALA A 397 -4.53 29.63 10.79
C ALA A 397 -4.67 29.53 9.28
N ILE A 398 -5.17 30.61 8.66
CA ILE A 398 -5.28 30.68 7.19
C ILE A 398 -3.89 30.73 6.56
N VAL A 399 -3.00 31.51 7.16
CA VAL A 399 -1.61 31.60 6.68
C VAL A 399 -0.92 30.25 6.79
N ALA A 400 -1.24 29.50 7.84
CA ALA A 400 -0.66 28.19 8.11
C ALA A 400 -1.08 27.12 7.10
N LEU A 401 -2.39 26.92 6.95
CA LEU A 401 -2.91 25.78 6.19
C LEU A 401 -3.58 26.14 4.87
N GLY A 402 -3.73 27.43 4.60
CA GLY A 402 -4.45 27.88 3.41
C GLY A 402 -5.90 28.14 3.73
N ASP A 403 -6.61 28.71 2.76
CA ASP A 403 -8.01 29.11 2.94
C ASP A 403 -9.00 27.94 2.95
N ASP A 404 -8.59 26.79 2.44
CA ASP A 404 -9.51 25.67 2.22
C ASP A 404 -9.42 24.53 3.25
N LYS A 405 -8.57 24.70 4.25
CA LYS A 405 -8.36 23.68 5.28
C LYS A 405 -8.63 24.24 6.67
N ALA A 406 -9.14 23.39 7.56
CA ALA A 406 -9.41 23.79 8.95
C ALA A 406 -8.28 23.36 9.88
N ALA A 407 -8.05 24.16 10.92
CA ALA A 407 -7.04 23.85 11.92
C ALA A 407 -7.68 23.24 13.16
N ALA A 408 -7.20 22.08 13.56
CA ALA A 408 -7.71 21.38 14.75
C ALA A 408 -6.66 21.30 15.85
N PHE A 409 -7.08 21.53 17.09
CA PHE A 409 -6.20 21.48 18.24
C PHE A 409 -6.81 20.59 19.31
N GLU A 410 -6.01 19.69 19.88
CA GLU A 410 -6.50 18.82 20.94
C GLU A 410 -5.89 19.18 22.29
N SER A 411 -6.69 19.00 23.33
CA SER A 411 -6.26 19.17 24.70
C SER A 411 -6.93 18.07 25.53
N ASN A 412 -6.13 17.07 25.91
CA ASN A 412 -6.62 15.89 26.63
C ASN A 412 -7.63 15.06 25.82
N SER A 413 -7.52 15.12 24.49
CA SER A 413 -8.39 14.34 23.60
C SER A 413 -7.70 13.96 22.29
N LYS A 414 -6.52 13.34 22.42
CA LYS A 414 -5.74 12.86 21.29
C LYS A 414 -6.48 11.79 20.48
N VAL A 415 -7.19 10.91 21.18
CA VAL A 415 -7.89 9.78 20.55
C VAL A 415 -9.11 10.24 19.74
N ILE A 416 -9.97 11.05 20.37
CA ILE A 416 -11.18 11.56 19.70
C ILE A 416 -10.83 12.42 18.48
N LEU A 417 -9.73 13.17 18.57
CA LEU A 417 -9.26 13.96 17.44
C LEU A 417 -8.85 13.08 16.25
N ASN A 418 -8.07 12.05 16.52
CA ASN A 418 -7.62 11.11 15.49
C ASN A 418 -8.78 10.49 14.71
N ASP A 419 -9.87 10.20 15.40
CA ASP A 419 -11.07 9.68 14.76
C ASP A 419 -11.70 10.72 13.86
N ILE A 420 -11.74 11.96 14.33
CA ILE A 420 -12.34 13.07 13.59
C ILE A 420 -11.49 13.42 12.36
N LEU A 421 -10.17 13.40 12.51
CA LEU A 421 -9.26 13.63 11.39
C LEU A 421 -9.43 12.57 10.30
N GLN A 422 -9.75 11.33 10.72
CA GLN A 422 -10.04 10.25 9.79
C GLN A 422 -11.39 10.44 9.10
N ILE A 423 -12.42 10.72 9.88
CA ILE A 423 -13.77 10.90 9.38
C ILE A 423 -13.83 12.05 8.37
N SER A 424 -13.19 13.16 8.70
CA SER A 424 -13.19 14.35 7.84
C SER A 424 -12.58 14.08 6.46
N SER A 425 -11.49 13.32 6.44
CA SER A 425 -10.82 12.98 5.17
C SER A 425 -11.68 12.07 4.31
N GLU A 426 -12.65 11.40 4.93
CA GLU A 426 -13.56 10.50 4.23
C GLU A 426 -14.82 11.20 3.71
N VAL A 427 -15.12 12.39 4.25
CA VAL A 427 -16.31 13.15 3.86
C VAL A 427 -15.97 14.47 3.13
N ASP A 428 -14.80 14.48 2.51
CA ASP A 428 -14.33 15.62 1.70
C ASP A 428 -14.23 16.95 2.47
N GLU A 429 -13.72 16.88 3.70
CA GLU A 429 -13.47 18.07 4.51
C GLU A 429 -12.05 18.06 5.06
N MET A 430 -11.23 18.99 4.57
CA MET A 430 -9.82 19.05 4.98
C MET A 430 -9.65 19.67 6.36
N VAL A 431 -9.25 18.83 7.32
CA VAL A 431 -8.98 19.26 8.69
C VAL A 431 -7.61 18.70 9.09
N PHE A 432 -6.75 19.55 9.63
CA PHE A 432 -5.41 19.12 10.05
C PHE A 432 -5.01 19.66 11.41
N GLU A 433 -4.18 18.89 12.12
CA GLU A 433 -3.80 19.23 13.48
C GLU A 433 -2.66 20.25 13.55
N LEU A 434 -2.80 21.20 14.46
CA LEU A 434 -1.71 22.06 14.89
C LEU A 434 -1.51 21.88 16.39
N PRO A 435 -0.27 22.06 16.89
CA PRO A 435 0.02 21.71 18.27
C PRO A 435 -0.26 22.80 19.32
N ILE A 436 -0.47 22.38 20.56
CA ILE A 436 -0.43 23.28 21.72
C ILE A 436 0.69 22.76 22.63
N THR A 437 1.77 23.51 22.71
CA THR A 437 2.94 23.09 23.49
C THR A 437 3.08 23.86 24.81
N ALA A 438 4.12 23.54 25.57
CA ALA A 438 4.44 24.22 26.82
C ALA A 438 4.63 25.72 26.61
N THR A 439 5.17 26.09 25.45
CA THR A 439 5.36 27.49 25.06
C THR A 439 4.05 28.28 25.14
N GLU A 440 3.01 27.74 24.51
CA GLU A 440 1.71 28.41 24.43
C GLU A 440 0.99 28.40 25.77
N ARG A 441 1.11 27.29 26.50
CA ARG A 441 0.52 27.17 27.84
C ARG A 441 1.11 28.19 28.82
N ALA A 442 2.38 28.55 28.61
CA ALA A 442 3.06 29.54 29.43
C ALA A 442 2.77 30.97 28.99
N SER A 443 2.73 31.19 27.68
CA SER A 443 2.65 32.56 27.13
C SER A 443 1.28 33.22 27.30
N ILE A 444 0.24 32.43 27.52
CA ILE A 444 -1.10 32.99 27.80
C ILE A 444 -1.14 33.63 29.18
N LYS A 445 -0.11 33.37 29.99
CA LYS A 445 0.01 33.91 31.34
C LYS A 445 0.97 35.09 31.41
N HIS A 446 1.53 35.49 30.27
CA HIS A 446 2.49 36.59 30.21
C HIS A 446 1.81 37.97 30.27
N SER A 447 1.24 38.27 31.42
CA SER A 447 0.68 39.59 31.70
C SER A 447 1.33 40.15 32.95
N ASP A 448 1.64 41.45 32.92
CA ASP A 448 2.27 42.11 34.05
C ASP A 448 1.25 42.47 35.14
N ILE A 449 -0.03 42.33 34.83
CA ILE A 449 -1.10 42.79 35.71
C ILE A 449 -2.15 41.71 36.03
N ALA A 450 -2.58 40.97 35.02
CA ALA A 450 -3.65 39.99 35.19
C ALA A 450 -3.15 38.54 35.22
N ASP A 451 -4.06 37.61 35.48
CA ASP A 451 -3.75 36.18 35.43
C ASP A 451 -3.45 35.73 34.01
N LEU A 452 -4.21 36.27 33.06
CA LEU A 452 -4.07 35.90 31.65
C LEU A 452 -4.03 37.11 30.72
N VAL A 453 -3.45 36.91 29.54
CA VAL A 453 -3.44 37.92 28.48
C VAL A 453 -4.03 37.31 27.20
N ASN A 454 -4.74 38.11 26.41
CA ASN A 454 -5.47 37.57 25.26
C ASN A 454 -4.72 37.66 23.93
N HIS A 455 -3.50 38.20 23.96
CA HIS A 455 -2.75 38.42 22.73
C HIS A 455 -1.25 38.41 22.94
N THR A 456 -0.53 37.82 21.98
CA THR A 456 0.92 37.84 21.95
C THR A 456 1.41 38.61 20.72
N ASN A 457 2.52 39.32 20.87
CA ASN A 457 3.15 39.99 19.73
C ASN A 457 4.08 39.04 18.97
N GLY A 458 4.36 37.89 19.57
CA GLY A 458 5.15 36.86 18.93
C GLY A 458 4.37 36.12 17.86
N GLN A 459 5.02 35.16 17.21
CA GLN A 459 4.38 34.37 16.16
C GLN A 459 3.70 33.13 16.75
N GLY A 460 3.10 32.32 15.88
CA GLY A 460 2.34 31.16 16.32
C GLY A 460 1.05 31.56 17.00
N LYS A 461 0.39 32.57 16.44
CA LYS A 461 -0.80 33.18 17.03
C LYS A 461 -2.01 32.25 17.08
N ALA A 462 -2.14 31.37 16.09
CA ALA A 462 -3.21 30.39 16.06
C ALA A 462 -3.07 29.39 17.22
N LEU A 463 -1.82 29.04 17.53
CA LEU A 463 -1.53 28.11 18.63
C LEU A 463 -1.82 28.79 19.98
N PHE A 464 -1.48 30.07 20.07
CA PHE A 464 -1.77 30.88 21.26
C PHE A 464 -3.27 30.95 21.53
N ALA A 465 -4.05 31.29 20.51
CA ALA A 465 -5.50 31.37 20.63
C ALA A 465 -6.12 30.07 21.12
N ALA A 466 -5.63 28.95 20.57
CA ALA A 466 -6.10 27.62 20.95
C ALA A 466 -5.78 27.32 22.41
N SER A 467 -4.56 27.68 22.83
CA SER A 467 -4.14 27.52 24.21
C SER A 467 -5.01 28.33 25.16
N PHE A 468 -5.38 29.53 24.74
CA PHE A 468 -6.23 30.42 25.53
C PHE A 468 -7.63 29.82 25.73
N VAL A 469 -8.23 29.34 24.65
CA VAL A 469 -9.57 28.75 24.69
C VAL A 469 -9.60 27.44 25.48
N THR A 470 -8.65 26.54 25.21
CA THR A 470 -8.62 25.21 25.84
C THR A 470 -8.22 25.24 27.31
N HIS A 471 -7.74 26.38 27.77
CA HIS A 471 -7.39 26.58 29.18
C HIS A 471 -8.61 26.48 30.08
N PHE A 472 -9.76 26.93 29.57
CA PHE A 472 -10.97 27.07 30.37
C PHE A 472 -11.79 25.79 30.53
N SER A 473 -11.34 24.72 29.90
CA SER A 473 -11.99 23.42 30.01
C SER A 473 -11.40 22.57 31.13
N GLY A 474 -10.28 23.02 31.70
CA GLY A 474 -9.57 22.26 32.72
C GLY A 474 -8.94 21.03 32.12
N GLN A 475 -9.25 19.86 32.68
CA GLN A 475 -8.72 18.59 32.20
C GLN A 475 -9.72 17.84 31.31
N THR A 476 -10.89 18.43 31.11
CA THR A 476 -11.93 17.86 30.24
C THR A 476 -11.43 17.80 28.80
N PRO A 477 -11.57 16.62 28.14
CA PRO A 477 -11.22 16.48 26.73
C PRO A 477 -11.81 17.60 25.88
N HIS A 478 -10.94 18.32 25.18
CA HIS A 478 -11.32 19.53 24.45
C HIS A 478 -10.67 19.54 23.07
N ILE A 479 -11.50 19.71 22.03
CA ILE A 479 -11.00 19.95 20.68
C ILE A 479 -11.45 21.32 20.17
N HIS A 480 -10.47 22.11 19.73
CA HIS A 480 -10.73 23.45 19.19
C HIS A 480 -10.58 23.45 17.68
N PHE A 481 -11.63 23.92 16.98
CA PHE A 481 -11.63 23.98 15.53
C PHE A 481 -11.58 25.41 15.02
N ASP A 482 -10.44 25.81 14.47
CA ASP A 482 -10.29 27.13 13.85
C ASP A 482 -10.68 27.02 12.38
N ILE A 483 -11.89 27.50 12.06
CA ILE A 483 -12.44 27.41 10.72
C ILE A 483 -12.50 28.77 10.02
N ALA A 484 -11.55 29.64 10.36
CA ALA A 484 -11.49 30.98 9.77
C ALA A 484 -11.42 30.93 8.24
N GLY A 485 -10.72 29.93 7.72
CA GLY A 485 -10.56 29.76 6.28
C GLY A 485 -11.74 29.08 5.60
N PRO A 486 -11.96 27.78 5.91
CA PRO A 486 -12.91 26.96 5.15
C PRO A 486 -14.39 27.21 5.44
N ALA A 487 -14.70 28.05 6.44
CA ALA A 487 -16.09 28.37 6.78
C ALA A 487 -16.79 29.14 5.66
N THR A 488 -15.99 29.82 4.85
CA THR A 488 -16.50 30.56 3.70
C THR A 488 -15.64 30.29 2.47
N THR A 489 -16.27 30.40 1.30
CA THR A 489 -15.57 30.25 0.04
C THR A 489 -15.90 31.43 -0.88
N ASN A 490 -14.92 31.86 -1.68
CA ASN A 490 -15.11 32.98 -2.60
C ASN A 490 -15.35 32.51 -4.03
N LYS A 491 -15.59 31.21 -4.18
CA LYS A 491 -15.72 30.57 -5.48
C LYS A 491 -16.89 29.58 -5.44
N ALA A 492 -17.75 29.64 -6.45
CA ALA A 492 -18.84 28.69 -6.60
C ALA A 492 -18.30 27.33 -7.04
N SER A 493 -18.97 26.25 -6.60
CA SER A 493 -18.55 24.90 -6.92
C SER A 493 -19.73 23.92 -6.87
N TYR A 494 -19.40 22.63 -6.96
CA TYR A 494 -20.39 21.56 -6.85
C TYR A 494 -21.07 21.52 -5.47
N ASN A 495 -20.49 22.22 -4.50
CA ASN A 495 -21.03 22.28 -3.14
C ASN A 495 -21.95 23.47 -2.89
N GLY A 496 -22.11 24.32 -3.90
CA GLY A 496 -22.99 25.49 -3.80
C GLY A 496 -22.31 26.79 -4.18
N PRO A 497 -23.01 27.92 -4.00
CA PRO A 497 -22.50 29.24 -4.39
C PRO A 497 -21.47 29.81 -3.40
N LYS A 498 -20.95 30.99 -3.71
CA LYS A 498 -20.07 31.74 -2.81
C LYS A 498 -20.73 31.95 -1.45
N GLY A 499 -19.90 32.04 -0.41
CA GLY A 499 -20.38 32.33 0.92
C GLY A 499 -20.13 31.19 1.89
N PRO A 500 -20.97 31.08 2.93
CA PRO A 500 -20.81 30.07 3.97
C PRO A 500 -20.89 28.65 3.41
N THR A 501 -20.02 27.78 3.91
CA THR A 501 -19.91 26.42 3.41
C THR A 501 -20.63 25.42 4.31
N GLY A 502 -20.86 25.80 5.55
CA GLY A 502 -21.39 24.88 6.57
C GLY A 502 -20.34 23.88 7.00
N PHE A 503 -19.08 24.32 6.94
CA PHE A 503 -17.92 23.46 7.21
C PHE A 503 -17.99 22.80 8.58
N MET A 504 -17.54 21.54 8.64
CA MET A 504 -17.52 20.73 9.86
C MET A 504 -18.82 19.95 10.13
N ILE A 505 -19.95 20.48 9.68
CA ILE A 505 -21.25 19.83 9.88
C ILE A 505 -21.25 18.38 9.39
N PRO A 506 -20.82 18.12 8.13
CA PRO A 506 -20.74 16.73 7.67
C PRO A 506 -19.84 15.84 8.55
N THR A 507 -18.70 16.37 8.97
CA THR A 507 -17.74 15.63 9.79
C THR A 507 -18.30 15.26 11.17
N ILE A 508 -18.84 16.26 11.87
CA ILE A 508 -19.33 16.05 13.24
C ILE A 508 -20.57 15.17 13.27
N VAL A 509 -21.48 15.36 12.32
CA VAL A 509 -22.67 14.52 12.20
C VAL A 509 -22.28 13.05 12.01
N GLN A 510 -21.32 12.80 11.13
CA GLN A 510 -20.81 11.46 10.88
C GLN A 510 -20.19 10.86 12.16
N TRP A 511 -19.47 11.69 12.91
CA TRP A 511 -18.87 11.29 14.18
C TRP A 511 -19.95 10.98 15.23
N LEU A 512 -20.99 11.80 15.26
CA LEU A 512 -22.11 11.61 16.19
C LEU A 512 -22.88 10.33 15.89
N LYS A 513 -22.94 9.95 14.61
CA LYS A 513 -23.59 8.72 14.18
C LYS A 513 -22.89 7.47 14.71
N GLN A 514 -21.64 7.63 15.11
CA GLN A 514 -20.81 6.50 15.55
C GLN A 514 -20.67 6.37 17.07
N GLN A 515 -21.51 7.11 17.81
CA GLN A 515 -21.46 7.10 19.27
C GLN A 515 -22.46 6.11 19.90
N SER B 22 2.06 51.57 55.04
CA SER B 22 2.88 50.47 55.64
C SER B 22 4.17 50.26 54.87
N ASN B 23 5.27 50.10 55.61
CA ASN B 23 6.61 50.02 55.03
C ASN B 23 7.00 48.60 54.61
N ALA B 24 7.84 48.51 53.57
CA ALA B 24 8.36 47.23 53.09
C ALA B 24 9.45 46.71 54.01
N MET B 25 10.25 47.63 54.54
CA MET B 25 11.34 47.29 55.45
C MET B 25 11.13 47.93 56.82
N ASN B 26 11.58 47.23 57.86
CA ASN B 26 11.53 47.75 59.21
C ASN B 26 12.95 48.00 59.73
N PHE B 27 13.32 49.28 59.78
CA PHE B 27 14.67 49.69 60.17
C PHE B 27 14.82 49.87 61.67
N LYS B 28 15.73 49.10 62.26
CA LYS B 28 16.04 49.19 63.69
C LYS B 28 17.53 49.45 63.87
N LEU B 29 17.86 50.38 64.77
CA LEU B 29 19.25 50.75 65.03
C LEU B 29 19.78 50.22 66.35
N ASN B 30 20.85 49.43 66.27
CA ASN B 30 21.59 48.89 67.42
C ASN B 30 20.72 48.29 68.53
N ASN B 31 19.87 47.34 68.15
CA ASN B 31 19.05 46.60 69.11
C ASN B 31 19.81 45.43 69.73
N THR B 32 19.30 44.93 70.85
CA THR B 32 19.90 43.79 71.54
C THR B 32 20.17 42.66 70.55
N LEU B 33 21.44 42.25 70.47
CA LEU B 33 21.89 41.24 69.52
C LEU B 33 21.19 39.91 69.78
N SER B 34 20.17 39.63 68.97
CA SER B 34 19.25 38.51 69.20
C SER B 34 19.80 37.16 68.74
N ASN B 35 19.67 36.17 69.61
CA ASN B 35 20.05 34.79 69.29
C ASN B 35 18.91 34.05 68.58
N GLU B 36 18.23 34.80 67.70
CA GLU B 36 17.11 34.29 66.91
C GLU B 36 17.34 34.68 65.45
N ILE B 37 18.38 35.50 65.24
CA ILE B 37 18.76 36.01 63.93
C ILE B 37 20.10 35.39 63.50
N ASN B 38 20.11 34.75 62.33
CA ASN B 38 21.31 34.10 61.82
C ASN B 38 21.65 34.49 60.38
N THR B 39 21.28 35.71 60.00
CA THR B 39 21.55 36.24 58.66
C THR B 39 22.31 37.57 58.78
N LEU B 40 23.30 37.75 57.91
CA LEU B 40 24.23 38.88 57.99
C LEU B 40 24.47 39.52 56.63
N ILE B 41 24.39 40.84 56.57
CA ILE B 41 24.63 41.58 55.32
C ILE B 41 25.84 42.51 55.42
N ILE B 42 26.80 42.33 54.50
CA ILE B 42 28.01 43.16 54.42
C ILE B 42 28.25 43.63 52.99
N GLY B 43 28.63 44.89 52.85
CA GLY B 43 29.04 45.44 51.55
C GLY B 43 30.52 45.20 51.33
N ILE B 44 30.88 44.76 50.12
CA ILE B 44 32.26 44.42 49.80
C ILE B 44 32.84 45.32 48.69
N PRO B 45 33.87 46.11 49.04
CA PRO B 45 34.57 46.98 48.08
C PRO B 45 35.73 46.27 47.39
N GLU B 46 36.31 46.92 46.38
CA GLU B 46 37.44 46.37 45.63
C GLU B 46 38.66 46.16 46.50
N HIS B 47 38.90 47.11 47.42
CA HIS B 47 39.98 47.00 48.40
C HIS B 47 39.42 47.13 49.81
N LEU B 48 39.52 46.05 50.58
CA LEU B 48 38.94 45.99 51.93
C LEU B 48 39.65 46.90 52.94
N ASN B 49 40.93 47.21 52.67
CA ASN B 49 41.71 48.12 53.51
C ASN B 49 41.28 49.59 53.42
N GLN B 50 40.46 49.91 52.41
CA GLN B 50 39.92 51.25 52.23
C GLN B 50 38.81 51.57 53.23
N LEU B 51 38.22 50.53 53.81
CA LEU B 51 37.25 50.67 54.89
C LEU B 51 37.93 50.51 56.24
N GLU B 52 37.31 51.07 57.28
CA GLU B 52 37.75 50.81 58.65
C GLU B 52 37.45 49.34 58.96
N ARG B 53 38.38 48.69 59.65
CA ARG B 53 38.33 47.24 59.86
C ARG B 53 36.95 46.74 60.30
N ILE B 54 36.31 45.96 59.42
CA ILE B 54 34.97 45.45 59.64
C ILE B 54 34.93 44.48 60.83
N SER B 55 34.02 44.73 61.75
CA SER B 55 33.85 43.87 62.92
C SER B 55 32.38 43.57 63.21
N PHE B 56 32.10 42.30 63.50
CA PHE B 56 30.78 41.86 63.92
C PHE B 56 30.86 41.27 65.31
N ASN B 57 29.80 41.46 66.10
CA ASN B 57 29.73 41.00 67.48
C ASN B 57 30.81 41.71 68.32
N HIS B 58 31.98 41.07 68.45
CA HIS B 58 33.14 41.70 69.06
C HIS B 58 34.43 41.21 68.39
N ILE B 59 34.28 40.63 67.21
CA ILE B 59 35.38 39.98 66.49
C ILE B 59 35.67 40.66 65.15
N ASP B 60 36.94 40.94 64.89
CA ASP B 60 37.41 41.49 63.62
C ASP B 60 37.34 40.40 62.54
N ILE B 61 36.49 40.64 61.54
CA ILE B 61 36.24 39.64 60.49
C ILE B 61 36.85 40.02 59.13
N THR B 62 37.67 41.06 59.11
CA THR B 62 38.25 41.61 57.89
C THR B 62 39.07 40.58 57.12
N GLU B 63 39.93 39.85 57.84
CA GLU B 63 40.85 38.87 57.25
C GLU B 63 40.11 37.68 56.64
N SER B 64 39.05 37.24 57.30
CA SER B 64 38.26 36.11 56.82
C SER B 64 37.47 36.46 55.56
N LEU B 65 37.04 37.72 55.46
CA LEU B 65 36.37 38.22 54.27
C LEU B 65 37.36 38.37 53.11
N GLU B 66 38.61 38.67 53.45
CA GLU B 66 39.69 38.79 52.48
C GLU B 66 40.01 37.45 51.81
N ARG B 67 39.93 36.37 52.59
CA ARG B 67 40.18 35.02 52.09
C ARG B 67 39.06 34.53 51.18
N LEU B 68 37.82 34.86 51.54
CA LEU B 68 36.65 34.51 50.75
C LEU B 68 36.65 35.24 49.41
N LYS B 69 37.13 36.49 49.44
CA LYS B 69 37.26 37.31 48.24
C LYS B 69 38.36 36.76 47.32
N HIS B 70 39.44 36.28 47.93
CA HIS B 70 40.57 35.70 47.21
C HIS B 70 40.19 34.35 46.57
N GLN B 71 39.28 33.62 47.23
CA GLN B 71 38.78 32.34 46.73
C GLN B 71 37.62 32.50 45.74
N HIS B 72 37.24 33.76 45.47
CA HIS B 72 36.11 34.11 44.59
C HIS B 72 34.75 33.62 45.10
N ILE B 73 34.67 33.35 46.40
CA ILE B 73 33.42 32.99 47.05
C ILE B 73 32.56 34.24 47.23
N ILE B 74 33.21 35.37 47.53
CA ILE B 74 32.57 36.69 47.49
C ILE B 74 33.38 37.62 46.58
N GLY B 75 32.78 38.75 46.19
CA GLY B 75 33.43 39.69 45.28
C GLY B 75 32.96 41.12 45.44
N SER B 76 33.48 42.01 44.60
CA SER B 76 33.25 43.44 44.75
C SER B 76 32.50 44.09 43.58
N LYS B 77 32.22 43.33 42.52
CA LYS B 77 31.52 43.86 41.35
C LYS B 77 30.24 44.60 41.76
N VAL B 78 30.12 45.85 41.31
CA VAL B 78 29.03 46.75 41.72
C VAL B 78 27.65 46.11 41.59
N GLY B 79 26.98 45.95 42.73
CA GLY B 79 25.60 45.47 42.78
C GLY B 79 25.41 43.97 42.64
N LYS B 80 26.50 43.22 42.61
CA LYS B 80 26.43 41.76 42.49
C LYS B 80 26.26 41.11 43.86
N ILE B 81 25.33 40.16 43.95
CA ILE B 81 25.03 39.47 45.19
C ILE B 81 25.80 38.16 45.32
N TYR B 82 26.51 38.00 46.43
CA TYR B 82 27.18 36.76 46.78
C TYR B 82 26.65 36.26 48.13
N THR B 83 26.40 34.97 48.23
CA THR B 83 26.04 34.38 49.52
C THR B 83 26.96 33.21 49.88
N THR B 84 27.18 33.03 51.18
CA THR B 84 28.02 31.95 51.70
C THR B 84 27.71 31.64 53.16
N ALA B 85 28.03 30.41 53.57
CA ALA B 85 28.04 30.06 54.98
C ALA B 85 29.21 30.76 55.64
N PHE B 86 28.96 31.39 56.78
CA PHE B 86 29.97 32.20 57.45
C PHE B 86 30.01 31.91 58.94
N ASP B 87 31.15 31.41 59.40
CA ASP B 87 31.35 31.10 60.81
C ASP B 87 31.95 32.29 61.56
N VAL B 88 31.21 32.78 62.54
CA VAL B 88 31.76 33.71 63.52
C VAL B 88 31.43 33.18 64.92
N GLN B 89 32.49 32.87 65.67
CA GLN B 89 32.40 32.13 66.94
C GLN B 89 31.85 30.72 66.70
N ASP B 90 30.82 30.32 67.47
CA ASP B 90 30.23 28.99 67.35
C ASP B 90 29.08 28.91 66.36
N GLN B 91 28.49 30.07 66.05
CA GLN B 91 27.28 30.14 65.24
C GLN B 91 27.58 30.24 63.74
N THR B 92 26.90 29.40 62.93
CA THR B 92 27.00 29.51 61.48
C THR B 92 25.95 30.50 60.97
N TYR B 93 26.41 31.51 60.25
CA TYR B 93 25.55 32.57 59.72
C TYR B 93 25.38 32.46 58.21
N ARG B 94 24.25 32.93 57.72
CA ARG B 94 24.05 33.14 56.29
C ARG B 94 24.56 34.54 55.95
N LEU B 95 25.68 34.59 55.23
CA LEU B 95 26.28 35.85 54.83
C LEU B 95 25.78 36.29 53.47
N ILE B 96 25.28 37.52 53.40
CA ILE B 96 24.85 38.12 52.13
C ILE B 96 25.75 39.30 51.77
N THR B 97 26.40 39.18 50.62
CA THR B 97 27.39 40.14 50.16
C THR B 97 26.87 40.89 48.93
N VAL B 98 27.01 42.21 48.94
CA VAL B 98 26.75 43.02 47.75
C VAL B 98 28.00 43.84 47.42
N GLY B 99 28.42 43.76 46.16
CA GLY B 99 29.62 44.46 45.69
C GLY B 99 29.45 45.97 45.65
N LEU B 100 30.53 46.67 45.98
CA LEU B 100 30.51 48.14 46.01
C LEU B 100 31.43 48.75 44.95
N GLY B 101 32.29 47.90 44.38
CA GLY B 101 33.29 48.35 43.40
C GLY B 101 34.38 49.17 44.06
N ASN B 102 35.02 50.03 43.27
CA ASN B 102 36.01 50.96 43.79
C ASN B 102 35.30 52.10 44.53
N LEU B 103 35.65 52.28 45.80
CA LEU B 103 35.02 53.29 46.64
C LEU B 103 35.36 54.74 46.25
N LYS B 104 36.50 54.91 45.58
CA LYS B 104 36.92 56.21 45.05
C LYS B 104 35.97 56.67 43.95
N THR B 105 35.60 55.74 43.06
CA THR B 105 34.79 56.05 41.89
C THR B 105 33.37 55.49 41.99
N ARG B 106 32.74 55.70 43.16
CA ARG B 106 31.39 55.21 43.39
C ARG B 106 30.36 56.34 43.24
N SER B 107 29.59 56.27 42.16
CA SER B 107 28.57 57.29 41.84
C SER B 107 27.27 57.05 42.61
N TYR B 108 26.34 58.00 42.50
CA TYR B 108 25.02 57.87 43.08
C TYR B 108 24.22 56.75 42.41
N GLN B 109 24.43 56.59 41.11
CA GLN B 109 23.83 55.49 40.34
C GLN B 109 24.27 54.15 40.91
N ASP B 110 25.57 54.03 41.21
CA ASP B 110 26.13 52.84 41.84
C ASP B 110 25.43 52.52 43.16
N MET B 111 25.20 53.54 43.97
CA MET B 111 24.50 53.39 45.25
C MET B 111 23.08 52.84 45.06
N LEU B 112 22.38 53.34 44.04
CA LEU B 112 21.04 52.86 43.70
C LEU B 112 21.07 51.41 43.23
N LYS B 113 22.11 51.06 42.48
CA LYS B 113 22.31 49.69 42.00
C LYS B 113 22.63 48.75 43.16
N ILE B 114 23.44 49.22 44.10
CA ILE B 114 23.84 48.45 45.28
C ILE B 114 22.65 48.13 46.19
N TRP B 115 21.96 49.17 46.65
CA TRP B 115 20.80 49.00 47.52
C TRP B 115 19.65 48.31 46.78
N GLY B 116 19.48 48.65 45.50
CA GLY B 116 18.43 48.08 44.67
C GLY B 116 18.50 46.57 44.57
N HIS B 117 19.64 46.06 44.12
CA HIS B 117 19.83 44.62 43.96
C HIS B 117 19.78 43.87 45.30
N LEU B 118 20.28 44.52 46.36
CA LEU B 118 20.26 43.95 47.70
C LEU B 118 18.85 43.71 48.22
N PHE B 119 18.05 44.77 48.28
CA PHE B 119 16.68 44.69 48.79
C PHE B 119 15.79 43.79 47.94
N GLN B 120 16.07 43.73 46.63
CA GLN B 120 15.36 42.81 45.73
C GLN B 120 15.68 41.35 46.07
N TYR B 121 16.93 41.07 46.39
CA TYR B 121 17.35 39.74 46.81
C TYR B 121 16.72 39.36 48.15
N ILE B 122 16.75 40.30 49.10
CA ILE B 122 16.17 40.11 50.42
C ILE B 122 14.68 39.71 50.34
N LYS B 123 13.94 40.42 49.48
CA LYS B 123 12.50 40.17 49.33
C LYS B 123 12.18 38.87 48.62
N SER B 124 12.92 38.57 47.54
CA SER B 124 12.68 37.35 46.77
C SER B 124 13.07 36.10 47.55
N GLU B 125 13.97 36.25 48.53
CA GLU B 125 14.40 35.14 49.37
C GLU B 125 13.58 35.02 50.65
N HIS B 126 12.56 35.88 50.79
CA HIS B 126 11.62 35.87 51.92
C HIS B 126 12.33 35.94 53.28
N ILE B 127 13.34 36.80 53.36
CA ILE B 127 14.11 36.99 54.59
C ILE B 127 13.37 37.98 55.49
N GLU B 128 13.13 37.56 56.73
CA GLU B 128 12.34 38.34 57.69
C GLU B 128 13.18 39.02 58.77
N ASP B 129 14.32 38.41 59.10
CA ASP B 129 15.20 38.94 60.13
C ASP B 129 16.67 38.82 59.71
N THR B 130 17.36 39.96 59.69
CA THR B 130 18.78 39.99 59.31
C THR B 130 19.55 41.16 59.94
N TYR B 131 20.84 40.96 60.13
CA TYR B 131 21.74 42.04 60.52
C TYR B 131 22.26 42.76 59.29
N LEU B 132 22.49 44.07 59.43
CA LEU B 132 23.07 44.87 58.37
C LEU B 132 24.23 45.71 58.93
N LEU B 133 25.44 45.40 58.47
CA LEU B 133 26.64 46.12 58.91
C LEU B 133 26.82 47.40 58.09
N MET B 134 26.20 48.47 58.58
CA MET B 134 26.12 49.74 57.85
C MET B 134 27.48 50.39 57.61
N ASP B 135 28.43 50.14 58.52
CA ASP B 135 29.78 50.72 58.42
C ASP B 135 30.55 50.26 57.18
N SER B 136 30.17 49.10 56.64
CA SER B 136 30.81 48.56 55.44
C SER B 136 30.31 49.24 54.16
N PHE B 137 29.23 50.01 54.29
CA PHE B 137 28.63 50.72 53.16
C PHE B 137 29.08 52.18 53.08
N ILE B 138 29.55 52.70 54.22
CA ILE B 138 29.96 54.11 54.34
C ILE B 138 31.48 54.24 54.24
N SER B 139 31.94 55.14 53.37
CA SER B 139 33.38 55.37 53.22
C SER B 139 33.74 56.84 53.38
N LYS B 140 35.04 57.10 53.55
CA LYS B 140 35.57 58.45 53.67
C LYS B 140 35.56 59.22 52.34
N TYR B 141 35.18 58.54 51.26
CA TYR B 141 35.25 59.10 49.91
C TYR B 141 33.95 59.71 49.41
N ASP B 142 32.84 59.37 50.07
CA ASP B 142 31.52 59.90 49.70
C ASP B 142 30.72 60.41 50.91
N GLN B 143 29.59 61.04 50.64
CA GLN B 143 28.77 61.67 51.69
C GLN B 143 27.82 60.68 52.34
N LEU B 144 27.71 60.78 53.67
CA LEU B 144 26.86 59.90 54.47
C LEU B 144 25.38 59.98 54.08
N SER B 145 24.89 61.22 53.92
CA SER B 145 23.47 61.47 53.62
C SER B 145 23.05 60.84 52.29
N ASP B 146 23.98 60.76 51.35
CA ASP B 146 23.72 60.17 50.04
C ASP B 146 23.54 58.66 50.10
N VAL B 147 24.29 58.01 50.98
CA VAL B 147 24.22 56.55 51.15
C VAL B 147 22.89 56.16 51.80
N LEU B 148 22.53 56.87 52.86
CA LEU B 148 21.31 56.58 53.62
C LEU B 148 20.04 56.99 52.86
N MET B 149 20.15 58.03 52.04
CA MET B 149 19.06 58.47 51.17
C MET B 149 18.73 57.37 50.15
N ALA B 150 19.76 56.91 49.46
CA ALA B 150 19.64 55.83 48.47
C ALA B 150 19.10 54.56 49.11
N CYS B 151 19.58 54.26 50.31
CA CYS B 151 19.11 53.12 51.10
C CYS B 151 17.60 53.20 51.35
N GLY B 152 17.15 54.38 51.76
CA GLY B 152 15.73 54.62 52.05
C GLY B 152 14.83 54.52 50.83
N ILE B 153 15.24 55.16 49.74
CA ILE B 153 14.46 55.16 48.49
C ILE B 153 14.32 53.74 47.92
N GLN B 154 15.44 53.05 47.78
CA GLN B 154 15.47 51.72 47.16
C GLN B 154 14.75 50.65 47.98
N SER B 155 14.63 50.87 49.29
CA SER B 155 13.92 49.94 50.14
C SER B 155 12.44 49.84 49.78
N GLU B 156 11.94 50.88 49.10
CA GLU B 156 10.56 50.93 48.65
C GLU B 156 10.46 50.84 47.13
N ARG B 157 11.31 51.57 46.43
CA ARG B 157 11.23 51.68 44.97
C ARG B 157 11.65 50.40 44.24
N ALA B 158 12.74 49.78 44.68
CA ALA B 158 13.27 48.58 44.04
C ALA B 158 12.41 47.35 44.30
N THR B 159 11.68 47.36 45.41
CA THR B 159 10.90 46.19 45.84
C THR B 159 9.42 46.32 45.47
N TYR B 160 9.10 47.32 44.67
CA TYR B 160 7.72 47.58 44.26
C TYR B 160 7.15 46.46 43.41
N GLU B 161 5.89 46.13 43.66
CA GLU B 161 5.13 45.20 42.80
C GLU B 161 3.65 45.55 42.77
N PHE B 162 3.04 45.36 41.60
CA PHE B 162 1.63 45.62 41.39
C PHE B 162 0.91 44.30 41.09
N ASP B 163 0.57 43.57 42.14
CA ASP B 163 -0.04 42.25 42.02
C ASP B 163 -1.49 42.21 42.53
N HIS B 164 -2.14 43.37 42.51
CA HIS B 164 -3.48 43.55 43.07
C HIS B 164 -4.56 42.82 42.26
N TYR B 165 -4.28 42.57 40.99
CA TYR B 165 -5.23 41.90 40.10
C TYR B 165 -4.84 40.44 39.80
N LYS B 166 -3.80 39.97 40.48
CA LYS B 166 -3.38 38.57 40.41
C LYS B 166 -4.13 37.74 41.43
N SER B 167 -4.60 36.57 41.02
CA SER B 167 -5.26 35.63 41.93
C SER B 167 -4.23 34.95 42.84
N SER B 168 -3.03 34.74 42.31
CA SER B 168 -1.95 34.11 43.05
C SER B 168 -0.99 35.13 43.63
N LYS B 169 -1.53 36.15 44.31
CA LYS B 169 -0.71 37.14 44.98
C LYS B 169 -0.28 36.67 46.36
N LYS B 170 1.02 36.74 46.63
CA LYS B 170 1.59 36.31 47.91
C LYS B 170 1.32 37.33 49.01
N ALA B 171 1.20 36.86 50.24
CA ALA B 171 0.92 37.71 51.40
C ALA B 171 2.11 38.64 51.70
N PRO B 172 1.82 39.94 51.95
CA PRO B 172 2.88 40.90 52.28
C PRO B 172 3.53 40.61 53.63
N PHE B 173 4.85 40.73 53.68
CA PHE B 173 5.60 40.47 54.91
C PHE B 173 6.58 41.59 55.23
N LYS B 174 6.91 41.73 56.51
CA LYS B 174 7.84 42.75 56.98
C LYS B 174 9.23 42.16 57.18
N THR B 175 10.24 42.84 56.64
CA THR B 175 11.63 42.46 56.84
C THR B 175 12.26 43.35 57.90
N ASN B 176 12.66 42.74 59.02
CA ASN B 176 13.32 43.46 60.10
C ASN B 176 14.82 43.59 59.85
N LEU B 177 15.25 44.82 59.60
CA LEU B 177 16.66 45.11 59.37
C LEU B 177 17.31 45.67 60.63
N ASN B 178 18.15 44.85 61.26
CA ASN B 178 18.89 45.26 62.45
C ASN B 178 20.22 45.86 62.06
N LEU B 179 20.27 47.20 62.00
CA LEU B 179 21.47 47.92 61.60
C LEU B 179 22.51 47.93 62.71
N ILE B 180 23.74 47.58 62.34
CA ILE B 180 24.87 47.62 63.27
C ILE B 180 25.90 48.63 62.80
N SER B 181 26.10 49.67 63.61
CA SER B 181 27.08 50.70 63.33
C SER B 181 27.82 51.10 64.60
N GLU B 182 29.13 51.31 64.45
CA GLU B 182 29.99 51.63 65.59
C GLU B 182 29.87 53.10 65.97
N SER B 183 29.53 53.94 65.00
CA SER B 183 29.39 55.39 65.23
C SER B 183 28.31 55.98 64.34
N LEU B 184 27.06 55.66 64.64
CA LEU B 184 25.91 56.21 63.92
C LEU B 184 24.69 56.24 64.83
N ILE B 185 23.96 57.34 64.81
CA ILE B 185 22.84 57.57 65.71
C ILE B 185 21.59 58.03 64.93
N GLU B 186 21.80 58.89 63.93
CA GLU B 186 20.69 59.43 63.14
C GLU B 186 20.15 58.43 62.12
N LEU B 187 18.84 58.19 62.19
CA LEU B 187 18.13 57.32 61.24
C LEU B 187 17.27 58.13 60.28
N ASP B 188 17.26 59.45 60.44
CA ASP B 188 16.31 60.31 59.75
C ASP B 188 16.49 60.38 58.23
N PHE B 189 17.72 60.17 57.76
CA PHE B 189 18.03 60.21 56.32
C PHE B 189 17.45 59.00 55.57
N ILE B 190 17.27 57.90 56.28
CA ILE B 190 16.63 56.71 55.71
C ILE B 190 15.12 56.91 55.64
N HIS B 191 14.52 57.39 56.74
CA HIS B 191 13.09 57.65 56.79
C HIS B 191 12.66 58.71 55.77
N GLU B 192 13.58 59.61 55.44
CA GLU B 192 13.38 60.60 54.40
C GLU B 192 13.33 59.95 53.01
N GLY B 193 14.21 58.97 52.82
CA GLY B 193 14.26 58.21 51.56
C GLY B 193 13.04 57.33 51.37
N ILE B 194 12.58 56.72 52.46
CA ILE B 194 11.39 55.86 52.45
C ILE B 194 10.14 56.61 51.98
N SER B 195 9.94 57.81 52.52
CA SER B 195 8.77 58.61 52.18
C SER B 195 8.80 59.10 50.73
N ILE B 196 10.00 59.33 50.20
CA ILE B 196 10.18 59.65 48.77
C ILE B 196 9.87 58.43 47.91
N GLY B 197 10.41 57.28 48.31
CA GLY B 197 10.17 56.01 47.61
C GLY B 197 8.70 55.63 47.58
N GLN B 198 8.01 55.83 48.70
CA GLN B 198 6.59 55.54 48.80
C GLN B 198 5.75 56.51 47.97
N SER B 199 6.25 57.73 47.77
CA SER B 199 5.62 58.72 46.91
C SER B 199 5.73 58.31 45.44
N ILE B 200 6.88 57.74 45.07
CA ILE B 200 7.10 57.22 43.73
C ILE B 200 6.18 56.03 43.46
N ASN B 201 6.04 55.15 44.44
CA ASN B 201 5.16 53.99 44.35
C ASN B 201 3.67 54.35 44.30
N LEU B 202 3.31 55.46 44.94
CA LEU B 202 1.94 55.99 44.87
C LEU B 202 1.61 56.41 43.45
N ALA B 203 2.55 57.09 42.80
CA ALA B 203 2.42 57.49 41.40
C ALA B 203 2.34 56.27 40.50
N ARG B 204 3.18 55.26 40.78
CA ARG B 204 3.19 54.00 40.04
C ARG B 204 1.86 53.26 40.14
N ASP B 205 1.26 53.27 41.33
CA ASP B 205 -0.02 52.62 41.55
C ASP B 205 -1.14 53.21 40.68
N PHE B 206 -1.19 54.53 40.58
CA PHE B 206 -2.16 55.21 39.72
C PHE B 206 -1.90 54.89 38.25
N SER B 207 -0.63 54.81 37.87
CA SER B 207 -0.25 54.56 36.48
C SER B 207 -0.56 53.12 36.06
N ASN B 208 -0.29 52.17 36.94
CA ASN B 208 -0.51 50.74 36.67
C ASN B 208 -1.98 50.35 36.65
N MET B 209 -2.82 51.19 37.25
CA MET B 209 -4.26 50.95 37.34
C MET B 209 -4.89 50.79 35.95
N PRO B 210 -5.73 49.75 35.76
CA PRO B 210 -6.41 49.55 34.48
C PRO B 210 -7.35 50.71 34.15
N PRO B 211 -7.42 51.11 32.87
CA PRO B 211 -8.21 52.27 32.44
C PRO B 211 -9.71 52.12 32.64
N ASN B 212 -10.20 50.87 32.67
CA ASN B 212 -11.61 50.61 32.96
C ASN B 212 -11.94 50.73 34.45
N VAL B 213 -10.89 50.78 35.27
CA VAL B 213 -11.02 50.99 36.72
C VAL B 213 -10.73 52.45 37.09
N LEU B 214 -9.58 52.95 36.63
CA LEU B 214 -9.20 54.34 36.87
C LEU B 214 -9.66 55.28 35.75
N THR B 215 -10.86 55.83 35.94
CA THR B 215 -11.42 56.84 35.06
C THR B 215 -11.13 58.22 35.65
N PRO B 216 -11.34 59.31 34.89
CA PRO B 216 -11.13 60.65 35.43
C PRO B 216 -11.85 60.88 36.76
N GLN B 217 -13.08 60.40 36.88
CA GLN B 217 -13.88 60.56 38.10
C GLN B 217 -13.24 59.82 39.29
N THR B 218 -12.95 58.53 39.11
CA THR B 218 -12.39 57.70 40.18
C THR B 218 -10.97 58.14 40.54
N PHE B 219 -10.23 58.66 39.56
CA PHE B 219 -8.91 59.22 39.78
C PHE B 219 -8.99 60.43 40.70
N ALA B 220 -9.95 61.31 40.44
CA ALA B 220 -10.21 62.49 41.28
C ALA B 220 -10.62 62.07 42.69
N GLU B 221 -11.55 61.11 42.76
CA GLU B 221 -12.05 60.59 44.04
C GLU B 221 -10.95 59.96 44.89
N ASP B 222 -10.03 59.25 44.24
CA ASP B 222 -8.90 58.61 44.92
C ASP B 222 -7.94 59.63 45.52
N ILE B 223 -7.72 60.74 44.80
CA ILE B 223 -6.86 61.83 45.26
C ILE B 223 -7.47 62.53 46.48
N VAL B 224 -8.78 62.76 46.44
CA VAL B 224 -9.52 63.34 47.56
C VAL B 224 -9.36 62.48 48.81
N ASN B 225 -9.64 61.18 48.66
CA ASN B 225 -9.58 60.24 49.78
C ASN B 225 -8.18 60.06 50.35
N HIS B 226 -7.17 60.14 49.48
CA HIS B 226 -5.78 60.01 49.91
C HIS B 226 -5.31 61.16 50.80
N PHE B 227 -5.65 62.38 50.40
CA PHE B 227 -5.24 63.58 51.14
C PHE B 227 -6.26 64.06 52.17
N LYS B 228 -7.28 63.23 52.42
CA LYS B 228 -8.41 63.60 53.26
C LYS B 228 -8.04 64.08 54.67
N ASN B 229 -7.14 63.35 55.32
CA ASN B 229 -6.74 63.70 56.69
C ASN B 229 -5.36 64.38 56.79
N THR B 230 -4.94 65.01 55.69
CA THR B 230 -3.63 65.65 55.63
C THR B 230 -3.71 67.16 55.55
N LYS B 231 -2.55 67.81 55.49
CA LYS B 231 -2.44 69.26 55.33
C LYS B 231 -2.79 69.70 53.90
N VAL B 232 -2.86 68.73 52.99
CA VAL B 232 -3.10 68.99 51.57
C VAL B 232 -4.60 69.09 51.24
N LYS B 233 -4.98 70.23 50.64
CA LYS B 233 -6.36 70.47 50.24
C LYS B 233 -6.58 70.05 48.78
N VAL B 234 -7.74 69.44 48.52
CA VAL B 234 -8.08 68.99 47.17
C VAL B 234 -9.46 69.51 46.75
N ASP B 235 -9.49 70.17 45.59
CA ASP B 235 -10.74 70.63 44.99
C ASP B 235 -10.96 69.93 43.65
N VAL B 236 -12.17 69.38 43.48
CA VAL B 236 -12.52 68.69 42.24
C VAL B 236 -13.60 69.45 41.48
N LYS B 237 -13.31 69.72 40.22
CA LYS B 237 -14.22 70.43 39.32
C LYS B 237 -14.89 69.42 38.40
N ASP B 238 -16.18 69.16 38.61
CA ASP B 238 -16.91 68.16 37.81
C ASP B 238 -17.26 68.68 36.41
N TYR B 239 -17.79 67.80 35.58
CA TYR B 239 -18.02 68.09 34.15
C TYR B 239 -18.86 69.35 33.90
N ASP B 240 -19.93 69.51 34.66
CA ASP B 240 -20.83 70.66 34.50
C ASP B 240 -20.19 71.97 34.94
N THR B 241 -19.34 71.90 35.97
CA THR B 241 -18.60 73.06 36.45
C THR B 241 -17.51 73.46 35.46
N LEU B 242 -16.93 72.47 34.79
CA LEU B 242 -15.91 72.69 33.76
C LEU B 242 -16.43 73.49 32.57
N VAL B 243 -17.56 73.03 32.02
CA VAL B 243 -18.12 73.64 30.81
C VAL B 243 -18.59 75.07 31.04
N SER B 244 -19.27 75.30 32.16
CA SER B 244 -19.82 76.62 32.48
C SER B 244 -18.74 77.63 32.87
N GLU B 245 -17.58 77.13 33.32
CA GLU B 245 -16.44 77.98 33.62
C GLU B 245 -15.55 78.21 32.39
N GLY B 246 -15.87 77.53 31.30
CA GLY B 246 -15.22 77.76 30.01
C GLY B 246 -13.96 76.98 29.71
N PHE B 247 -13.84 75.79 30.32
CA PHE B 247 -12.72 74.88 30.04
C PHE B 247 -12.94 74.15 28.71
N GLY B 248 -12.98 74.92 27.62
CA GLY B 248 -13.39 74.42 26.31
C GLY B 248 -12.55 73.30 25.73
N LEU B 249 -11.23 73.38 25.91
CA LEU B 249 -10.31 72.38 25.35
C LEU B 249 -10.40 71.06 26.10
N LEU B 250 -10.46 71.14 27.43
CA LEU B 250 -10.63 69.95 28.28
C LEU B 250 -11.97 69.27 28.01
N GLN B 251 -13.01 70.08 27.80
CA GLN B 251 -14.32 69.58 27.42
C GLN B 251 -14.26 68.84 26.08
N ALA B 252 -13.61 69.45 25.10
CA ALA B 252 -13.49 68.90 23.75
C ALA B 252 -12.84 67.52 23.73
N VAL B 253 -11.76 67.39 24.50
CA VAL B 253 -10.99 66.14 24.55
C VAL B 253 -11.78 65.00 25.22
N GLY B 254 -12.48 65.33 26.30
CA GLY B 254 -13.11 64.30 27.13
C GLY B 254 -14.57 63.99 26.89
N LYS B 255 -15.22 64.75 26.01
CA LYS B 255 -16.67 64.60 25.76
C LYS B 255 -17.06 63.29 25.07
N GLY B 256 -16.11 62.66 24.39
CA GLY B 256 -16.36 61.42 23.65
C GLY B 256 -16.44 60.17 24.50
N SER B 257 -16.10 60.28 25.78
CA SER B 257 -16.13 59.16 26.72
C SER B 257 -17.39 59.17 27.57
N LYS B 258 -17.78 58.00 28.06
CA LYS B 258 -18.87 57.89 29.04
C LYS B 258 -18.43 58.54 30.35
N HIS B 259 -17.15 58.39 30.67
CA HIS B 259 -16.57 58.97 31.88
C HIS B 259 -16.01 60.35 31.55
N LYS B 260 -16.78 61.37 31.89
CA LYS B 260 -16.49 62.76 31.55
C LYS B 260 -15.25 63.31 32.29
N PRO B 261 -14.60 64.34 31.72
CA PRO B 261 -13.36 64.90 32.28
C PRO B 261 -13.52 65.53 33.66
N ARG B 262 -12.39 65.73 34.34
CA ARG B 262 -12.34 66.37 35.65
C ARG B 262 -11.12 67.29 35.72
N LEU B 263 -11.23 68.35 36.52
CA LEU B 263 -10.06 69.16 36.85
C LEU B 263 -9.82 69.08 38.35
N VAL B 264 -8.62 68.66 38.72
CA VAL B 264 -8.24 68.49 40.12
C VAL B 264 -7.23 69.56 40.54
N THR B 265 -7.59 70.34 41.55
CA THR B 265 -6.70 71.35 42.12
C THR B 265 -6.20 70.88 43.47
N ILE B 266 -4.87 70.85 43.62
CA ILE B 266 -4.22 70.39 44.84
C ILE B 266 -3.36 71.52 45.41
N THR B 267 -3.69 71.98 46.62
CA THR B 267 -2.91 73.03 47.26
C THR B 267 -2.20 72.55 48.52
N TYR B 268 -0.92 72.93 48.64
CA TYR B 268 -0.12 72.66 49.82
C TYR B 268 0.62 73.92 50.23
N ASN B 269 0.29 74.43 51.41
CA ASN B 269 0.94 75.63 51.94
C ASN B 269 1.94 75.30 53.03
N GLY B 270 3.17 75.03 52.61
CA GLY B 270 4.23 74.56 53.50
C GLY B 270 4.96 75.63 54.27
N LYS B 271 4.80 76.90 53.88
CA LYS B 271 5.47 78.00 54.56
C LYS B 271 4.53 79.13 55.04
N ASP B 272 3.65 79.64 54.18
CA ASP B 272 2.65 80.62 54.64
C ASP B 272 1.37 80.72 53.81
N LYS B 273 0.48 81.61 54.25
CA LYS B 273 -0.84 81.80 53.66
C LYS B 273 -0.80 82.46 52.28
N ASP B 274 -0.06 83.56 52.15
CA ASP B 274 0.02 84.32 50.91
C ASP B 274 1.46 84.64 50.49
N GLU B 275 2.05 83.70 49.73
CA GLU B 275 3.32 83.90 49.03
C GLU B 275 3.27 83.04 47.78
N ALA B 276 3.70 83.63 46.66
CA ALA B 276 3.56 83.02 45.34
C ALA B 276 3.92 81.54 45.30
N PRO B 277 2.94 80.68 44.95
CA PRO B 277 3.17 79.24 44.95
C PRO B 277 3.95 78.76 43.73
N ILE B 278 4.38 77.50 43.76
CA ILE B 278 4.96 76.84 42.62
C ILE B 278 3.87 76.02 41.96
N ALA B 279 3.62 76.29 40.68
CA ALA B 279 2.59 75.58 39.92
C ALA B 279 3.13 74.31 39.29
N LEU B 280 2.49 73.19 39.60
CA LEU B 280 2.82 71.91 38.99
C LEU B 280 1.62 71.38 38.22
N VAL B 281 1.74 71.36 36.90
CA VAL B 281 0.65 70.95 36.01
C VAL B 281 0.89 69.55 35.47
N GLY B 282 -0.14 68.71 35.51
CA GLY B 282 -0.01 67.32 35.06
C GLY B 282 -1.06 66.90 34.04
N LYS B 283 -0.61 66.19 33.01
CA LYS B 283 -1.51 65.63 32.00
C LYS B 283 -2.11 64.34 32.55
N GLY B 284 -3.43 64.35 32.72
CA GLY B 284 -4.14 63.22 33.31
C GLY B 284 -5.06 62.49 32.35
N ILE B 285 -4.57 62.18 31.16
CA ILE B 285 -5.35 61.39 30.20
C ILE B 285 -5.32 59.92 30.64
N THR B 286 -6.43 59.50 31.25
CA THR B 286 -6.55 58.14 31.82
C THR B 286 -6.47 57.06 30.75
N TYR B 287 -6.97 57.37 29.55
CA TYR B 287 -6.76 56.53 28.38
C TYR B 287 -6.81 57.33 27.08
N ASP B 288 -5.86 57.03 26.20
CA ASP B 288 -5.75 57.72 24.91
C ASP B 288 -5.88 56.71 23.76
N SER B 289 -7.03 56.72 23.09
CA SER B 289 -7.24 55.93 21.88
C SER B 289 -6.78 56.69 20.64
N GLY B 290 -6.59 58.00 20.81
CA GLY B 290 -6.21 58.88 19.72
C GLY B 290 -7.40 59.64 19.16
N GLY B 291 -8.60 59.25 19.57
CA GLY B 291 -9.83 59.82 19.04
C GLY B 291 -10.03 59.38 17.60
N TYR B 292 -10.67 60.22 16.80
CA TYR B 292 -10.89 59.90 15.38
C TYR B 292 -9.58 59.78 14.59
N SER B 293 -8.52 60.43 15.08
CA SER B 293 -7.16 60.17 14.61
C SER B 293 -6.63 58.94 15.35
N ILE B 294 -7.27 57.79 15.07
CA ILE B 294 -7.08 56.55 15.82
C ILE B 294 -5.65 55.99 15.75
N LYS B 295 -5.19 55.42 16.86
CA LYS B 295 -3.89 54.78 16.94
C LYS B 295 -3.92 53.40 16.29
N THR B 296 -2.75 52.89 15.93
CA THR B 296 -2.60 51.52 15.41
C THR B 296 -2.74 50.51 16.55
N LYS B 297 -2.77 49.21 16.21
CA LYS B 297 -2.90 48.14 17.20
C LYS B 297 -1.81 48.24 18.28
N ASN B 298 -0.55 48.25 17.85
CA ASN B 298 0.58 48.38 18.77
C ASN B 298 0.66 49.77 19.44
N GLY B 299 0.04 50.75 18.81
CA GLY B 299 -0.01 52.12 19.31
C GLY B 299 -0.84 52.32 20.56
N MET B 300 -1.94 51.56 20.68
CA MET B 300 -2.83 51.66 21.84
C MET B 300 -2.34 50.89 23.07
N ALA B 301 -1.47 49.90 22.85
CA ALA B 301 -0.85 49.17 23.95
C ALA B 301 -0.19 50.12 24.94
N THR B 302 -0.38 49.85 26.23
CA THR B 302 0.21 50.63 27.33
C THR B 302 -0.21 52.12 27.36
N MET B 303 -1.40 52.41 26.82
CA MET B 303 -1.91 53.80 26.81
C MET B 303 -2.62 54.22 28.09
N LYS B 304 -2.68 53.31 29.07
CA LYS B 304 -3.14 53.65 30.41
C LYS B 304 -2.09 54.52 31.11
N PHE B 305 -0.87 54.50 30.58
CA PHE B 305 0.25 55.27 31.11
C PHE B 305 0.28 56.73 30.58
N ASP B 306 -0.81 57.14 29.93
CA ASP B 306 -0.88 58.49 29.36
C ASP B 306 -1.25 59.53 30.43
N MET B 307 -1.40 59.07 31.67
CA MET B 307 -1.68 59.94 32.81
C MET B 307 -0.55 59.94 33.84
N CYS B 308 0.60 59.39 33.46
CA CYS B 308 1.80 59.38 34.30
C CYS B 308 2.18 60.77 34.79
N GLY B 309 2.02 61.77 33.94
CA GLY B 309 2.32 63.16 34.28
C GLY B 309 1.53 63.63 35.49
N ALA B 310 0.23 63.36 35.48
CA ALA B 310 -0.65 63.70 36.60
C ALA B 310 -0.27 62.90 37.85
N ALA B 311 -0.01 61.62 37.68
CA ALA B 311 0.36 60.72 38.77
C ALA B 311 1.65 61.17 39.45
N ASN B 312 2.63 61.57 38.65
CA ASN B 312 3.90 62.03 39.18
C ASN B 312 3.83 63.38 39.91
N VAL B 313 2.90 64.24 39.50
CA VAL B 313 2.62 65.49 40.20
C VAL B 313 2.06 65.19 41.61
N VAL B 314 1.12 64.24 41.67
CA VAL B 314 0.56 63.78 42.94
C VAL B 314 1.67 63.23 43.84
N GLY B 315 2.59 62.47 43.25
CA GLY B 315 3.74 61.92 43.96
C GLY B 315 4.65 63.00 44.54
N ILE B 316 4.94 64.01 43.73
CA ILE B 316 5.79 65.14 44.15
C ILE B 316 5.19 65.89 45.35
N ILE B 317 3.89 66.18 45.27
CA ILE B 317 3.17 66.86 46.34
C ILE B 317 3.09 65.97 47.60
N GLU B 318 2.88 64.67 47.40
CA GLU B 318 2.88 63.69 48.48
C GLU B 318 4.22 63.69 49.24
N ALA B 319 5.31 63.74 48.49
CA ALA B 319 6.65 63.76 49.07
C ALA B 319 6.91 65.08 49.82
N ALA B 320 6.54 66.20 49.19
CA ALA B 320 6.75 67.53 49.76
C ALA B 320 6.01 67.72 51.08
N SER B 321 4.78 67.19 51.17
CA SER B 321 3.96 67.32 52.36
C SER B 321 4.43 66.43 53.50
N ARG B 322 4.84 65.21 53.17
CA ARG B 322 5.36 64.26 54.17
C ARG B 322 6.73 64.66 54.70
N LEU B 323 7.51 65.36 53.87
CA LEU B 323 8.79 65.92 54.29
C LEU B 323 8.61 67.28 54.97
N GLN B 324 7.38 67.79 54.94
CA GLN B 324 7.03 69.10 55.53
C GLN B 324 7.94 70.22 55.04
N LEU B 325 8.13 70.28 53.72
CA LEU B 325 8.99 71.28 53.09
C LEU B 325 8.37 72.67 53.15
N PRO B 326 9.18 73.70 53.47
CA PRO B 326 8.70 75.07 53.54
C PRO B 326 8.48 75.69 52.15
N VAL B 327 7.56 75.11 51.38
CA VAL B 327 7.21 75.61 50.04
C VAL B 327 5.71 75.63 49.84
N ASN B 328 5.24 76.58 49.03
CA ASN B 328 3.85 76.62 48.61
C ASN B 328 3.70 76.02 47.22
N ILE B 329 2.82 75.04 47.09
CA ILE B 329 2.59 74.35 45.83
C ILE B 329 1.11 74.34 45.46
N VAL B 330 0.82 74.68 44.20
CA VAL B 330 -0.49 74.45 43.62
C VAL B 330 -0.36 73.46 42.47
N GLY B 331 -1.11 72.37 42.57
CA GLY B 331 -1.11 71.32 41.55
C GLY B 331 -2.40 71.33 40.76
N VAL B 332 -2.27 71.35 39.43
CA VAL B 332 -3.44 71.32 38.55
C VAL B 332 -3.37 70.09 37.66
N LEU B 333 -4.41 69.27 37.71
CA LEU B 333 -4.48 68.06 36.91
C LEU B 333 -5.66 68.10 35.94
N ALA B 334 -5.36 67.99 34.66
CA ALA B 334 -6.38 67.93 33.62
C ALA B 334 -6.65 66.49 33.24
N CYS B 335 -7.78 65.96 33.73
CA CYS B 335 -8.10 64.55 33.57
C CYS B 335 -9.22 64.35 32.56
N ALA B 336 -8.98 63.46 31.59
CA ALA B 336 -9.95 63.14 30.54
C ALA B 336 -9.65 61.76 29.93
N GLU B 337 -10.61 61.24 29.18
CA GLU B 337 -10.45 59.99 28.46
C GLU B 337 -10.72 60.22 26.97
N ASN B 338 -9.69 60.05 26.15
CA ASN B 338 -9.78 60.34 24.71
C ASN B 338 -10.40 59.18 23.92
N MET B 339 -11.70 59.28 23.66
CA MET B 339 -12.48 58.18 23.07
C MET B 339 -13.23 58.58 21.81
N ILE B 340 -13.73 57.59 21.08
CA ILE B 340 -14.52 57.81 19.86
C ILE B 340 -16.00 57.53 20.14
N ASN B 341 -16.86 58.46 19.76
CA ASN B 341 -18.31 58.25 19.77
C ASN B 341 -19.03 59.18 18.80
N GLU B 342 -20.37 59.21 18.87
CA GLU B 342 -21.21 59.99 17.96
C GLU B 342 -20.95 61.50 17.98
N ALA B 343 -20.32 62.00 19.04
CA ALA B 343 -20.14 63.44 19.22
C ALA B 343 -18.74 63.85 19.72
N SER B 344 -17.77 62.95 19.56
CA SER B 344 -16.39 63.25 19.99
C SER B 344 -15.70 64.22 19.03
N MET B 345 -14.57 64.80 19.46
CA MET B 345 -13.85 65.78 18.65
C MET B 345 -13.29 65.19 17.36
N LYS B 346 -13.25 66.02 16.32
CA LYS B 346 -12.83 65.62 14.98
C LYS B 346 -11.83 66.64 14.43
N PRO B 347 -10.94 66.21 13.51
CA PRO B 347 -10.12 67.17 12.77
C PRO B 347 -11.01 68.19 12.05
N ASP B 348 -10.62 69.47 12.11
CA ASP B 348 -11.38 70.61 11.57
C ASP B 348 -12.23 71.34 12.62
N ASP B 349 -12.49 70.68 13.74
CA ASP B 349 -13.24 71.28 14.85
C ASP B 349 -12.53 72.51 15.40
N VAL B 350 -13.29 73.54 15.72
CA VAL B 350 -12.77 74.75 16.34
C VAL B 350 -13.42 74.96 17.71
N PHE B 351 -12.58 75.10 18.74
CA PHE B 351 -13.05 75.29 20.11
C PHE B 351 -12.49 76.56 20.75
N THR B 352 -13.16 77.04 21.78
CA THR B 352 -12.70 78.21 22.53
C THR B 352 -12.03 77.74 23.81
N ALA B 353 -10.74 78.07 23.93
CA ALA B 353 -9.95 77.74 25.12
C ALA B 353 -10.39 78.56 26.33
N LEU B 354 -9.88 78.18 27.51
CA LEU B 354 -10.12 78.95 28.74
C LEU B 354 -9.55 80.35 28.62
N SER B 355 -8.48 80.50 27.84
CA SER B 355 -7.86 81.80 27.57
C SER B 355 -8.77 82.73 26.75
N GLY B 356 -9.74 82.14 26.05
CA GLY B 356 -10.63 82.90 25.18
C GLY B 356 -10.23 82.80 23.72
N GLU B 357 -9.04 82.24 23.48
CA GLU B 357 -8.52 82.03 22.14
C GLU B 357 -9.18 80.83 21.46
N THR B 358 -9.33 80.92 20.14
CA THR B 358 -9.89 79.82 19.35
C THR B 358 -8.80 78.87 18.87
N VAL B 359 -9.07 77.57 18.96
CA VAL B 359 -8.12 76.54 18.58
C VAL B 359 -8.74 75.60 17.53
N GLU B 360 -8.09 75.49 16.39
CA GLU B 360 -8.48 74.50 15.39
C GLU B 360 -7.76 73.19 15.69
N VAL B 361 -8.54 72.11 15.81
CA VAL B 361 -7.98 70.78 16.06
C VAL B 361 -7.81 70.06 14.74
N MET B 362 -6.56 69.78 14.36
CA MET B 362 -6.28 69.06 13.11
C MET B 362 -5.85 67.61 13.33
N ASN B 363 -5.57 67.27 14.60
CA ASN B 363 -5.16 65.93 14.99
C ASN B 363 -5.64 65.66 16.40
N THR B 364 -6.58 64.73 16.53
CA THR B 364 -7.18 64.42 17.83
C THR B 364 -6.24 63.61 18.75
N ASP B 365 -5.17 63.09 18.17
CA ASP B 365 -4.15 62.36 18.94
C ASP B 365 -3.17 63.33 19.60
N ALA B 366 -3.26 64.60 19.22
CA ALA B 366 -2.54 65.68 19.90
C ALA B 366 -3.43 66.27 21.00
N GLU B 367 -3.94 65.39 21.85
CA GLU B 367 -4.92 65.75 22.88
C GLU B 367 -4.26 66.33 24.13
N GLY B 368 -3.02 65.92 24.38
CA GLY B 368 -2.30 66.31 25.59
C GLY B 368 -2.06 67.79 25.70
N ARG B 369 -1.57 68.41 24.62
CA ARG B 369 -1.31 69.84 24.59
C ARG B 369 -2.58 70.67 24.78
N LEU B 370 -3.72 70.09 24.40
CA LEU B 370 -5.01 70.76 24.54
C LEU B 370 -5.44 70.86 26.00
N VAL B 371 -5.39 69.74 26.72
CA VAL B 371 -5.78 69.73 28.14
C VAL B 371 -4.78 70.49 29.01
N LEU B 372 -3.51 70.47 28.61
CA LEU B 372 -2.46 71.21 29.33
C LEU B 372 -2.66 72.71 29.17
N ALA B 373 -3.09 73.13 27.97
CA ALA B 373 -3.34 74.53 27.67
C ALA B 373 -4.35 75.16 28.63
N ASP B 374 -5.46 74.47 28.85
CA ASP B 374 -6.50 74.92 29.78
C ASP B 374 -6.00 74.89 31.22
N ALA B 375 -5.22 73.86 31.55
CA ALA B 375 -4.69 73.69 32.90
C ALA B 375 -3.61 74.72 33.24
N VAL B 376 -2.74 74.99 32.27
CA VAL B 376 -1.67 76.00 32.44
C VAL B 376 -2.25 77.41 32.63
N PHE B 377 -3.24 77.76 31.80
CA PHE B 377 -3.91 79.06 31.92
C PHE B 377 -4.60 79.21 33.28
N TYR B 378 -5.24 78.14 33.73
CA TYR B 378 -5.87 78.12 35.05
C TYR B 378 -4.85 78.23 36.17
N ALA B 379 -3.71 77.55 36.02
CA ALA B 379 -2.65 77.60 37.02
C ALA B 379 -2.06 79.00 37.17
N ASN B 380 -2.01 79.74 36.07
CA ASN B 380 -1.43 81.08 36.04
C ASN B 380 -2.27 82.12 36.77
N GLN B 381 -3.55 81.80 36.98
CA GLN B 381 -4.47 82.64 37.74
C GLN B 381 -4.02 82.78 39.19
N TYR B 382 -3.35 81.74 39.70
CA TYR B 382 -2.81 81.72 41.05
C TYR B 382 -1.55 82.59 41.18
N GLN B 383 -1.11 83.16 40.06
CA GLN B 383 0.10 83.98 39.97
C GLN B 383 1.33 83.29 40.58
N PRO B 384 1.76 82.18 39.97
CA PRO B 384 2.89 81.42 40.51
C PRO B 384 4.23 82.04 40.11
N SER B 385 5.28 81.71 40.86
CA SER B 385 6.62 82.16 40.53
C SER B 385 7.17 81.40 39.33
N VAL B 386 6.74 80.14 39.20
CA VAL B 386 7.14 79.28 38.08
C VAL B 386 6.04 78.24 37.81
N ILE B 387 5.87 77.89 36.54
CA ILE B 387 4.96 76.82 36.15
C ILE B 387 5.78 75.66 35.57
N MET B 388 5.55 74.47 36.10
CA MET B 388 6.17 73.26 35.56
C MET B 388 5.09 72.25 35.19
N ASP B 389 5.09 71.84 33.93
CA ASP B 389 4.15 70.82 33.48
C ASP B 389 4.85 69.51 33.14
N PHE B 390 4.16 68.40 33.41
CA PHE B 390 4.70 67.06 33.22
C PHE B 390 3.71 66.26 32.39
N ALA B 391 4.18 65.75 31.25
CA ALA B 391 3.30 65.08 30.30
C ALA B 391 4.03 64.07 29.40
N THR B 392 3.34 62.98 29.10
CA THR B 392 3.77 62.04 28.07
C THR B 392 3.16 62.50 26.75
N LEU B 393 3.78 63.50 26.13
CA LEU B 393 3.20 64.16 24.96
C LEU B 393 3.52 63.52 23.61
N THR B 394 4.79 63.60 23.22
CA THR B 394 5.15 63.43 21.81
C THR B 394 5.98 62.17 21.55
N GLY B 395 5.69 61.51 20.44
CA GLY B 395 6.54 60.44 19.93
C GLY B 395 7.86 60.98 19.42
N ALA B 396 7.84 62.21 18.90
CA ALA B 396 9.02 62.86 18.34
C ALA B 396 10.12 63.10 19.38
N ALA B 397 9.71 63.32 20.63
CA ALA B 397 10.65 63.48 21.74
C ALA B 397 11.43 62.19 21.99
N ILE B 398 10.76 61.05 21.84
CA ILE B 398 11.40 59.74 21.95
C ILE B 398 12.37 59.53 20.78
N VAL B 399 11.96 59.92 19.58
CA VAL B 399 12.81 59.82 18.39
C VAL B 399 14.05 60.69 18.55
N ALA B 400 13.88 61.84 19.20
CA ALA B 400 14.94 62.80 19.43
C ALA B 400 16.01 62.31 20.40
N LEU B 401 15.59 61.94 21.61
CA LEU B 401 16.52 61.67 22.71
C LEU B 401 16.62 60.20 23.12
N GLY B 402 15.77 59.36 22.54
CA GLY B 402 15.71 57.96 22.94
C GLY B 402 14.65 57.74 24.00
N ASP B 403 14.41 56.49 24.34
CA ASP B 403 13.36 56.12 25.27
C ASP B 403 13.68 56.39 26.73
N ASP B 404 14.95 56.59 27.05
CA ASP B 404 15.41 56.66 28.45
C ASP B 404 15.73 58.07 28.94
N LYS B 405 15.52 59.08 28.09
CA LYS B 405 15.81 60.48 28.43
C LYS B 405 14.57 61.35 28.29
N ALA B 406 14.47 62.36 29.15
CA ALA B 406 13.35 63.30 29.11
C ALA B 406 13.72 64.58 28.36
N ALA B 407 12.74 65.16 27.66
CA ALA B 407 12.94 66.42 26.95
C ALA B 407 12.40 67.58 27.78
N ALA B 408 13.26 68.59 27.99
CA ALA B 408 12.89 69.77 28.76
C ALA B 408 12.90 71.03 27.89
N PHE B 409 11.88 71.87 28.07
CA PHE B 409 11.76 73.11 27.30
C PHE B 409 11.55 74.27 28.27
N GLU B 410 12.28 75.35 28.06
CA GLU B 410 12.11 76.55 28.90
C GLU B 410 11.46 77.70 28.14
N SER B 411 10.66 78.47 28.87
CA SER B 411 10.04 79.67 28.35
C SER B 411 10.06 80.70 29.46
N ASN B 412 10.95 81.69 29.34
CA ASN B 412 11.19 82.70 30.37
C ASN B 412 11.70 82.13 31.70
N SER B 413 12.38 80.99 31.63
CA SER B 413 12.97 80.36 32.82
C SER B 413 14.25 79.58 32.51
N LYS B 414 15.20 80.27 31.88
CA LYS B 414 16.50 79.70 31.52
C LYS B 414 17.31 79.31 32.75
N VAL B 415 17.22 80.12 33.81
CA VAL B 415 17.98 79.92 35.05
C VAL B 415 17.48 78.71 35.84
N ILE B 416 16.18 78.66 36.11
CA ILE B 416 15.57 77.56 36.85
C ILE B 416 15.76 76.22 36.13
N LEU B 417 15.72 76.23 34.81
CA LEU B 417 15.97 75.02 34.02
C LEU B 417 17.39 74.50 34.21
N ASN B 418 18.37 75.40 34.11
CA ASN B 418 19.78 75.05 34.30
C ASN B 418 20.06 74.38 35.65
N ASP B 419 19.38 74.87 36.69
CA ASP B 419 19.43 74.26 38.02
C ASP B 419 18.88 72.85 38.00
N ILE B 420 17.75 72.65 37.31
CA ILE B 420 17.07 71.35 37.23
C ILE B 420 17.87 70.35 36.39
N LEU B 421 18.46 70.82 35.29
CA LEU B 421 19.32 69.98 34.46
C LEU B 421 20.55 69.49 35.23
N GLN B 422 21.04 70.32 36.15
CA GLN B 422 22.13 69.94 37.04
C GLN B 422 21.70 68.92 38.09
N ILE B 423 20.59 69.20 38.76
CA ILE B 423 20.05 68.34 39.81
C ILE B 423 19.74 66.95 39.27
N SER B 424 19.11 66.88 38.11
CA SER B 424 18.70 65.63 37.49
C SER B 424 19.89 64.72 37.19
N SER B 425 20.97 65.30 36.69
CA SER B 425 22.19 64.56 36.38
C SER B 425 22.87 64.02 37.63
N GLU B 426 22.54 64.59 38.78
CA GLU B 426 23.08 64.16 40.07
C GLU B 426 22.23 63.10 40.77
N VAL B 427 20.98 62.96 40.33
CA VAL B 427 20.06 61.97 40.92
C VAL B 427 19.67 60.85 39.94
N ASP B 428 20.56 60.59 38.98
CA ASP B 428 20.41 59.51 37.99
C ASP B 428 19.12 59.60 37.16
N GLU B 429 18.79 60.82 36.72
CA GLU B 429 17.65 61.02 35.82
C GLU B 429 18.07 61.87 34.62
N MET B 430 18.05 61.25 33.44
CA MET B 430 18.50 61.91 32.22
C MET B 430 17.44 62.85 31.67
N VAL B 431 17.73 64.16 31.76
CA VAL B 431 16.87 65.21 31.24
C VAL B 431 17.73 66.15 30.39
N PHE B 432 17.27 66.45 29.18
CA PHE B 432 18.01 67.33 28.28
C PHE B 432 17.13 68.37 27.59
N GLU B 433 17.72 69.52 27.28
CA GLU B 433 16.97 70.64 26.72
C GLU B 433 16.78 70.54 25.22
N LEU B 434 15.57 70.87 24.78
CA LEU B 434 15.28 71.11 23.38
C LEU B 434 14.72 72.54 23.25
N PRO B 435 14.95 73.19 22.09
CA PRO B 435 14.63 74.62 21.99
C PRO B 435 13.20 74.94 21.57
N ILE B 436 12.75 76.14 21.92
CA ILE B 436 11.55 76.75 21.36
C ILE B 436 12.00 78.05 20.67
N THR B 437 11.95 78.05 19.35
CA THR B 437 12.43 79.20 18.58
C THR B 437 11.28 80.01 17.97
N ALA B 438 11.62 81.07 17.24
CA ALA B 438 10.64 81.92 16.55
C ALA B 438 9.79 81.12 15.57
N THR B 439 10.38 80.08 14.97
CA THR B 439 9.69 79.17 14.05
C THR B 439 8.45 78.55 14.71
N GLU B 440 8.64 77.97 15.90
CA GLU B 440 7.57 77.28 16.63
C GLU B 440 6.55 78.26 17.18
N ARG B 441 7.00 79.41 17.66
CA ARG B 441 6.11 80.46 18.16
C ARG B 441 5.18 80.99 17.07
N ALA B 442 5.66 80.97 15.83
CA ALA B 442 4.87 81.42 14.68
C ALA B 442 3.96 80.32 14.14
N SER B 443 4.46 79.08 14.11
CA SER B 443 3.74 77.98 13.45
C SER B 443 2.51 77.48 14.22
N ILE B 444 2.44 77.75 15.53
CA ILE B 444 1.25 77.42 16.31
C ILE B 444 0.07 78.31 15.94
N LYS B 445 0.35 79.37 15.19
CA LYS B 445 -0.66 80.31 14.74
C LYS B 445 -1.06 80.09 13.28
N HIS B 446 -0.48 79.07 12.64
CA HIS B 446 -0.76 78.77 11.24
C HIS B 446 -2.09 78.04 11.04
N SER B 447 -3.19 78.74 11.31
CA SER B 447 -4.53 78.24 11.04
C SER B 447 -5.26 79.23 10.13
N ASP B 448 -6.00 78.70 9.16
CA ASP B 448 -6.74 79.54 8.23
C ASP B 448 -8.04 80.06 8.83
N ILE B 449 -8.41 79.53 10.01
CA ILE B 449 -9.71 79.81 10.60
C ILE B 449 -9.64 80.30 12.05
N ALA B 450 -8.81 79.66 12.87
CA ALA B 450 -8.73 79.97 14.31
C ALA B 450 -7.48 80.77 14.68
N ASP B 451 -7.41 81.19 15.93
CA ASP B 451 -6.22 81.86 16.46
C ASP B 451 -5.03 80.92 16.50
N LEU B 452 -5.28 79.67 16.88
CA LEU B 452 -4.23 78.67 17.03
C LEU B 452 -4.59 77.34 16.36
N VAL B 453 -3.56 76.55 16.04
CA VAL B 453 -3.72 75.20 15.52
C VAL B 453 -2.92 74.24 16.41
N ASN B 454 -3.43 73.02 16.60
CA ASN B 454 -2.82 72.09 17.55
C ASN B 454 -1.82 71.10 16.94
N HIS B 455 -1.62 71.18 15.63
CA HIS B 455 -0.77 70.21 14.94
C HIS B 455 -0.14 70.79 13.68
N THR B 456 1.11 70.41 13.44
CA THR B 456 1.81 70.74 12.20
C THR B 456 2.15 69.46 11.44
N ASN B 457 2.12 69.54 10.11
CA ASN B 457 2.55 68.41 9.27
C ASN B 457 4.05 68.43 9.04
N GLY B 458 4.68 69.54 9.41
CA GLY B 458 6.14 69.65 9.36
C GLY B 458 6.82 68.86 10.47
N GLN B 459 8.15 68.89 10.46
CA GLN B 459 8.94 68.20 11.48
C GLN B 459 9.19 69.11 12.69
N GLY B 460 9.90 68.58 13.68
CA GLY B 460 10.12 69.29 14.94
C GLY B 460 8.85 69.36 15.77
N LYS B 461 8.10 68.25 15.77
CA LYS B 461 6.79 68.18 16.41
C LYS B 461 6.82 68.33 17.93
N ALA B 462 7.89 67.85 18.55
CA ALA B 462 8.07 68.00 20.00
C ALA B 462 8.26 69.47 20.38
N LEU B 463 8.96 70.22 19.53
CA LEU B 463 9.18 71.64 19.74
C LEU B 463 7.88 72.42 19.55
N PHE B 464 7.08 72.01 18.57
CA PHE B 464 5.77 72.59 18.31
C PHE B 464 4.85 72.42 19.51
N ALA B 465 4.76 71.20 20.03
CA ALA B 465 3.93 70.88 21.19
C ALA B 465 4.30 71.74 22.39
N ALA B 466 5.60 71.89 22.62
CA ALA B 466 6.11 72.69 23.72
C ALA B 466 5.72 74.15 23.57
N SER B 467 5.86 74.67 22.34
CA SER B 467 5.47 76.03 22.01
C SER B 467 3.98 76.27 22.25
N PHE B 468 3.17 75.26 21.92
CA PHE B 468 1.72 75.34 22.11
C PHE B 468 1.35 75.43 23.59
N VAL B 469 1.95 74.56 24.41
CA VAL B 469 1.68 74.53 25.84
C VAL B 469 2.19 75.79 26.56
N THR B 470 3.43 76.19 26.27
CA THR B 470 4.06 77.33 26.95
C THR B 470 3.47 78.69 26.54
N HIS B 471 2.67 78.68 25.48
CA HIS B 471 1.97 79.90 25.03
C HIS B 471 0.99 80.40 26.07
N PHE B 472 0.37 79.47 26.80
CA PHE B 472 -0.75 79.79 27.69
C PHE B 472 -0.33 80.30 29.07
N SER B 473 0.97 80.35 29.32
CA SER B 473 1.51 80.86 30.58
C SER B 473 1.83 82.36 30.50
N GLY B 474 1.78 82.91 29.29
CA GLY B 474 2.14 84.30 29.07
C GLY B 474 3.63 84.51 29.24
N GLN B 475 4.00 85.44 30.12
CA GLN B 475 5.41 85.73 30.41
C GLN B 475 5.90 85.07 31.69
N THR B 476 5.01 84.34 32.36
CA THR B 476 5.35 83.58 33.57
C THR B 476 6.37 82.50 33.24
N PRO B 477 7.46 82.42 34.03
CA PRO B 477 8.46 81.36 33.88
C PRO B 477 7.82 79.97 33.79
N HIS B 478 8.09 79.27 32.68
CA HIS B 478 7.44 78.01 32.37
C HIS B 478 8.45 76.99 31.89
N ILE B 479 8.46 75.82 32.53
CA ILE B 479 9.24 74.67 32.04
C ILE B 479 8.30 73.52 31.68
N HIS B 480 8.45 73.03 30.46
CA HIS B 480 7.67 71.89 29.96
C HIS B 480 8.53 70.63 29.91
N PHE B 481 8.03 69.57 30.54
CA PHE B 481 8.74 68.29 30.57
C PHE B 481 8.00 67.22 29.76
N ASP B 482 8.57 66.85 28.62
CA ASP B 482 8.03 65.77 27.80
C ASP B 482 8.66 64.47 28.24
N ILE B 483 7.90 63.68 29.00
CA ILE B 483 8.39 62.42 29.57
C ILE B 483 7.76 61.20 28.90
N ALA B 484 7.44 61.32 27.61
CA ALA B 484 6.82 60.24 26.85
C ALA B 484 7.68 58.97 26.88
N GLY B 485 8.99 59.16 26.87
CA GLY B 485 9.94 58.05 26.90
C GLY B 485 10.19 57.47 28.28
N PRO B 486 10.83 58.25 29.17
CA PRO B 486 11.33 57.73 30.45
C PRO B 486 10.28 57.50 31.54
N ALA B 487 9.03 57.90 31.29
CA ALA B 487 7.96 57.70 32.26
C ALA B 487 7.64 56.23 32.47
N THR B 488 7.97 55.41 31.47
CA THR B 488 7.77 53.97 31.51
C THR B 488 9.01 53.25 31.01
N THR B 489 9.23 52.04 31.51
CA THR B 489 10.33 51.19 31.07
C THR B 489 9.82 49.80 30.72
N ASN B 490 10.41 49.17 29.72
CA ASN B 490 10.00 47.84 29.29
C ASN B 490 10.95 46.75 29.81
N LYS B 491 11.81 47.15 30.74
CA LYS B 491 12.86 46.29 31.26
C LYS B 491 12.97 46.47 32.77
N ALA B 492 13.02 45.36 33.50
CA ALA B 492 13.24 45.38 34.94
C ALA B 492 14.69 45.75 35.26
N SER B 493 14.89 46.45 36.38
CA SER B 493 16.22 46.89 36.78
C SER B 493 16.31 47.08 38.30
N TYR B 494 17.42 47.66 38.74
CA TYR B 494 17.63 47.99 40.15
C TYR B 494 16.63 49.02 40.68
N ASN B 495 15.92 49.68 39.78
CA ASN B 495 14.91 50.67 40.13
C ASN B 495 13.49 50.12 40.24
N GLY B 496 13.33 48.83 39.95
CA GLY B 496 12.04 48.18 40.03
C GLY B 496 11.63 47.44 38.76
N PRO B 497 10.40 46.92 38.72
CA PRO B 497 9.93 46.11 37.60
C PRO B 497 9.52 46.96 36.39
N LYS B 498 9.09 46.29 35.32
CA LYS B 498 8.53 46.95 34.13
C LYS B 498 7.37 47.85 34.50
N GLY B 499 7.19 48.92 33.73
CA GLY B 499 6.05 49.81 33.91
C GLY B 499 6.49 51.22 34.28
N PRO B 500 5.62 51.95 35.00
CA PRO B 500 5.88 53.34 35.38
C PRO B 500 7.12 53.48 36.25
N THR B 501 7.91 54.50 35.98
CA THR B 501 9.18 54.72 36.66
C THR B 501 9.08 55.75 37.78
N GLY B 502 8.05 56.60 37.70
CA GLY B 502 7.91 57.73 38.60
C GLY B 502 8.91 58.82 38.25
N PHE B 503 9.26 58.89 36.97
CA PHE B 503 10.29 59.79 36.46
C PHE B 503 10.01 61.25 36.82
N MET B 504 11.09 61.98 37.14
CA MET B 504 11.05 63.40 37.52
C MET B 504 10.82 63.67 39.01
N ILE B 505 10.12 62.75 39.68
CA ILE B 505 9.84 62.89 41.11
C ILE B 505 11.13 63.11 41.94
N PRO B 506 12.16 62.27 41.76
CA PRO B 506 13.41 62.51 42.48
C PRO B 506 14.01 63.90 42.19
N THR B 507 13.99 64.31 40.93
CA THR B 507 14.57 65.58 40.50
C THR B 507 13.85 66.80 41.10
N ILE B 508 12.52 66.81 40.98
CA ILE B 508 11.71 67.95 41.44
C ILE B 508 11.72 68.06 42.98
N VAL B 509 11.62 66.93 43.66
CA VAL B 509 11.70 66.90 45.13
C VAL B 509 13.02 67.50 45.61
N GLN B 510 14.11 67.10 44.98
CA GLN B 510 15.44 67.62 45.30
C GLN B 510 15.52 69.13 45.06
N TRP B 511 14.90 69.58 43.98
CA TRP B 511 14.83 71.01 43.65
C TRP B 511 13.98 71.77 44.66
N LEU B 512 12.86 71.17 45.07
CA LEU B 512 11.98 71.77 46.08
C LEU B 512 12.66 71.90 47.44
N LYS B 513 13.56 70.96 47.75
CA LYS B 513 14.32 70.97 48.99
C LYS B 513 15.28 72.16 49.07
N GLN B 514 15.58 72.76 47.92
CA GLN B 514 16.55 73.84 47.85
C GLN B 514 15.92 75.24 47.72
N GLN B 515 14.62 75.34 48.00
CA GLN B 515 13.90 76.61 47.89
C GLN B 515 13.77 77.33 49.24
N SER C 22 -23.56 93.23 3.07
CA SER C 22 -23.06 94.51 2.48
C SER C 22 -21.96 94.25 1.47
N ASN C 23 -21.89 95.12 0.45
CA ASN C 23 -20.90 95.00 -0.62
C ASN C 23 -19.49 95.37 -0.17
N ALA C 24 -18.49 94.74 -0.78
CA ALA C 24 -17.08 95.03 -0.50
C ALA C 24 -16.66 96.33 -1.16
N MET C 25 -17.20 96.58 -2.35
CA MET C 25 -16.89 97.78 -3.12
C MET C 25 -18.15 98.62 -3.34
N ASN C 26 -17.96 99.94 -3.37
CA ASN C 26 -19.04 100.86 -3.67
C ASN C 26 -18.80 101.54 -5.02
N PHE C 27 -19.56 101.10 -6.02
CA PHE C 27 -19.38 101.58 -7.39
C PHE C 27 -20.21 102.83 -7.68
N LYS C 28 -19.53 103.91 -8.05
CA LYS C 28 -20.16 105.18 -8.41
C LYS C 28 -19.73 105.59 -9.81
N LEU C 29 -20.68 106.01 -10.64
CA LEU C 29 -20.40 106.36 -12.03
C LEU C 29 -20.34 107.88 -12.23
N ASN C 30 -19.22 108.33 -12.81
CA ASN C 30 -18.97 109.75 -13.13
C ASN C 30 -19.39 110.74 -12.05
N ASN C 31 -19.18 110.36 -10.79
CA ASN C 31 -19.48 111.22 -9.65
C ASN C 31 -18.51 112.40 -9.61
N THR C 32 -18.95 113.51 -9.00
CA THR C 32 -18.21 114.78 -8.99
C THR C 32 -16.72 114.58 -8.68
N LEU C 33 -15.88 115.24 -9.47
CA LEU C 33 -14.42 115.18 -9.30
C LEU C 33 -14.02 115.91 -8.02
N SER C 34 -13.84 115.14 -6.94
CA SER C 34 -13.63 115.70 -5.61
C SER C 34 -12.16 115.84 -5.23
N ASN C 35 -11.87 116.87 -4.45
CA ASN C 35 -10.51 117.17 -3.98
C ASN C 35 -10.07 116.30 -2.80
N GLU C 36 -11.03 115.60 -2.20
CA GLU C 36 -10.74 114.65 -1.11
C GLU C 36 -10.06 113.38 -1.63
N ILE C 37 -10.10 113.17 -2.95
CA ILE C 37 -9.60 111.95 -3.55
C ILE C 37 -8.31 112.21 -4.32
N ASN C 38 -7.25 111.48 -3.94
CA ASN C 38 -5.95 111.63 -4.57
C ASN C 38 -5.32 110.29 -5.01
N THR C 39 -6.18 109.34 -5.35
CA THR C 39 -5.74 108.03 -5.81
C THR C 39 -6.38 107.71 -7.16
N LEU C 40 -5.58 107.14 -8.06
CA LEU C 40 -5.98 106.94 -9.46
C LEU C 40 -5.62 105.54 -9.96
N ILE C 41 -6.57 104.87 -10.60
CA ILE C 41 -6.34 103.53 -11.15
C ILE C 41 -6.46 103.51 -12.68
N ILE C 42 -5.40 103.04 -13.34
CA ILE C 42 -5.36 102.91 -14.81
C ILE C 42 -4.86 101.52 -15.20
N GLY C 43 -5.50 100.92 -16.20
CA GLY C 43 -5.03 99.67 -16.80
C GLY C 43 -4.03 99.94 -17.90
N ILE C 44 -2.93 99.19 -17.92
CA ILE C 44 -1.85 99.41 -18.89
C ILE C 44 -1.64 98.21 -19.82
N PRO C 45 -1.88 98.41 -21.12
CA PRO C 45 -1.68 97.38 -22.14
C PRO C 45 -0.25 97.41 -22.70
N GLU C 46 0.09 96.39 -23.49
CA GLU C 46 1.40 96.27 -24.12
C GLU C 46 1.69 97.42 -25.08
N HIS C 47 0.67 97.84 -25.82
CA HIS C 47 0.77 99.00 -26.71
C HIS C 47 -0.33 100.01 -26.36
N LEU C 48 0.10 101.17 -25.87
CA LEU C 48 -0.83 102.22 -25.43
C LEU C 48 -1.66 102.84 -26.56
N ASN C 49 -1.11 102.80 -27.78
CA ASN C 49 -1.80 103.33 -28.96
C ASN C 49 -3.00 102.48 -29.39
N GLN C 50 -3.10 101.26 -28.85
CA GLN C 50 -4.24 100.37 -29.11
C GLN C 50 -5.51 100.81 -28.40
N LEU C 51 -5.35 101.63 -27.36
CA LEU C 51 -6.47 102.25 -26.66
C LEU C 51 -6.74 103.64 -27.18
N GLU C 52 -7.97 104.11 -26.94
CA GLU C 52 -8.33 105.53 -27.11
C GLU C 52 -7.43 106.33 -26.18
N ARG C 53 -6.93 107.47 -26.68
CA ARG C 53 -6.06 108.31 -25.88
C ARG C 53 -6.62 108.49 -24.47
N ILE C 54 -5.87 108.01 -23.48
CA ILE C 54 -6.29 108.09 -22.09
C ILE C 54 -6.22 109.52 -21.57
N SER C 55 -7.33 109.98 -21.00
CA SER C 55 -7.40 111.33 -20.42
C SER C 55 -8.05 111.35 -19.05
N PHE C 56 -7.43 112.09 -18.13
CA PHE C 56 -7.97 112.33 -16.81
C PHE C 56 -8.27 113.82 -16.65
N ASN C 57 -9.43 114.11 -16.03
CA ASN C 57 -10.07 115.43 -16.07
C ASN C 57 -10.48 115.84 -17.49
N HIS C 58 -9.58 116.49 -18.20
CA HIS C 58 -9.70 116.72 -19.63
C HIS C 58 -8.30 116.67 -20.24
N ILE C 59 -7.32 116.43 -19.38
CA ILE C 59 -5.90 116.40 -19.73
C ILE C 59 -5.54 115.06 -20.36
N ASP C 60 -4.84 115.11 -21.50
CA ASP C 60 -4.33 113.90 -22.15
C ASP C 60 -3.05 113.44 -21.45
N ILE C 61 -3.11 112.26 -20.83
CA ILE C 61 -1.98 111.73 -20.05
C ILE C 61 -1.27 110.55 -20.70
N THR C 62 -1.61 110.27 -21.96
CA THR C 62 -1.07 109.11 -22.69
C THR C 62 0.46 109.13 -22.80
N GLU C 63 1.00 110.29 -23.18
CA GLU C 63 2.44 110.45 -23.38
C GLU C 63 3.27 110.30 -22.10
N SER C 64 2.71 110.76 -20.97
CA SER C 64 3.38 110.67 -19.68
C SER C 64 3.40 109.24 -19.15
N LEU C 65 2.34 108.49 -19.47
CA LEU C 65 2.27 107.06 -19.14
C LEU C 65 3.24 106.25 -20.00
N GLU C 66 3.45 106.70 -21.23
CA GLU C 66 4.38 106.08 -22.16
C GLU C 66 5.83 106.20 -21.68
N ARG C 67 6.16 107.34 -21.06
CA ARG C 67 7.50 107.57 -20.51
C ARG C 67 7.77 106.73 -19.26
N LEU C 68 6.75 106.59 -18.42
CA LEU C 68 6.84 105.77 -17.22
C LEU C 68 7.00 104.29 -17.56
N LYS C 69 6.33 103.87 -18.64
CA LYS C 69 6.43 102.51 -19.16
C LYS C 69 7.82 102.25 -19.74
N HIS C 70 8.37 103.26 -20.42
CA HIS C 70 9.71 103.17 -21.01
C HIS C 70 10.80 103.14 -19.93
N GLN C 71 10.54 103.79 -18.80
CA GLN C 71 11.46 103.82 -17.67
C GLN C 71 11.29 102.60 -16.75
N HIS C 72 10.35 101.73 -17.10
CA HIS C 72 10.01 100.53 -16.31
C HIS C 72 9.44 100.84 -14.93
N ILE C 73 8.91 102.06 -14.77
CA ILE C 73 8.23 102.47 -13.54
C ILE C 73 6.83 101.84 -13.50
N ILE C 74 6.20 101.76 -14.68
CA ILE C 74 4.98 100.97 -14.86
C ILE C 74 5.17 99.97 -16.01
N GLY C 75 4.28 99.00 -16.10
CA GLY C 75 4.39 97.95 -17.11
C GLY C 75 3.06 97.33 -17.50
N SER C 76 3.12 96.34 -18.39
CA SER C 76 1.91 95.77 -18.98
C SER C 76 1.67 94.30 -18.66
N LYS C 77 2.63 93.66 -17.96
CA LYS C 77 2.51 92.24 -17.62
C LYS C 77 1.16 91.94 -16.97
N VAL C 78 0.44 90.96 -17.53
CA VAL C 78 -0.94 90.65 -17.12
C VAL C 78 -1.09 90.48 -15.61
N GLY C 79 -1.88 91.36 -15.01
CA GLY C 79 -2.23 91.27 -13.60
C GLY C 79 -1.18 91.76 -12.62
N LYS C 80 -0.10 92.35 -13.13
CA LYS C 80 0.95 92.88 -12.27
C LYS C 80 0.64 94.31 -11.82
N ILE C 81 0.82 94.57 -10.54
CA ILE C 81 0.53 95.88 -9.95
C ILE C 81 1.78 96.76 -9.89
N TYR C 82 1.65 97.97 -10.44
CA TYR C 82 2.69 98.99 -10.33
C TYR C 82 2.09 100.23 -9.68
N THR C 83 2.84 100.85 -8.77
CA THR C 83 2.43 102.13 -8.20
C THR C 83 3.51 103.19 -8.35
N THR C 84 3.07 104.45 -8.49
CA THR C 84 3.99 105.57 -8.62
C THR C 84 3.32 106.89 -8.26
N ALA C 85 4.14 107.87 -7.89
CA ALA C 85 3.67 109.25 -7.74
C ALA C 85 3.40 109.78 -9.15
N PHE C 86 2.25 110.43 -9.32
CA PHE C 86 1.81 110.88 -10.63
C PHE C 86 1.28 112.30 -10.56
N ASP C 87 1.96 113.21 -11.27
CA ASP C 87 1.54 114.60 -11.31
C ASP C 87 0.61 114.87 -12.49
N VAL C 88 -0.60 115.30 -12.18
CA VAL C 88 -1.50 115.87 -13.18
C VAL C 88 -1.99 117.23 -12.68
N GLN C 89 -1.63 118.28 -13.41
CA GLN C 89 -1.79 119.68 -13.00
C GLN C 89 -0.94 119.98 -11.75
N ASP C 90 -1.54 120.58 -10.73
CA ASP C 90 -0.79 120.97 -9.53
C ASP C 90 -0.71 119.88 -8.45
N GLN C 91 -1.69 118.97 -8.45
CA GLN C 91 -1.81 117.97 -7.39
C GLN C 91 -1.11 116.66 -7.72
N THR C 92 -0.46 116.08 -6.71
CA THR C 92 0.24 114.80 -6.82
C THR C 92 -0.71 113.66 -6.47
N TYR C 93 -0.83 112.70 -7.38
CA TYR C 93 -1.74 111.57 -7.20
C TYR C 93 -0.98 110.27 -6.96
N ARG C 94 -1.61 109.36 -6.24
CA ARG C 94 -1.12 107.99 -6.12
C ARG C 94 -1.69 107.21 -7.30
N LEU C 95 -0.82 106.86 -8.24
CA LEU C 95 -1.22 106.09 -9.41
C LEU C 95 -1.08 104.59 -9.18
N ILE C 96 -2.16 103.86 -9.43
CA ILE C 96 -2.15 102.40 -9.33
C ILE C 96 -2.36 101.80 -10.72
N THR C 97 -1.39 101.01 -11.16
CA THR C 97 -1.36 100.43 -12.49
C THR C 97 -1.48 98.92 -12.42
N VAL C 98 -2.37 98.37 -13.24
CA VAL C 98 -2.48 96.92 -13.42
C VAL C 98 -2.28 96.57 -14.90
N GLY C 99 -1.37 95.64 -15.16
CA GLY C 99 -1.06 95.23 -16.53
C GLY C 99 -2.18 94.47 -17.21
N LEU C 100 -2.35 94.71 -18.50
CA LEU C 100 -3.40 94.07 -19.29
C LEU C 100 -2.84 93.13 -20.35
N GLY C 101 -1.54 93.23 -20.60
CA GLY C 101 -0.88 92.44 -21.64
C GLY C 101 -1.27 92.90 -23.02
N ASN C 102 -1.17 91.99 -23.99
CA ASN C 102 -1.61 92.29 -25.34
C ASN C 102 -3.14 92.22 -25.40
N LEU C 103 -3.75 93.32 -25.84
CA LEU C 103 -5.22 93.44 -25.90
C LEU C 103 -5.86 92.53 -26.95
N LYS C 104 -5.09 92.18 -27.97
CA LYS C 104 -5.54 91.24 -29.01
C LYS C 104 -5.77 89.84 -28.43
N THR C 105 -4.85 89.41 -27.57
CA THR C 105 -4.86 88.05 -27.02
C THR C 105 -5.20 88.04 -25.53
N ARG C 106 -6.24 88.79 -25.15
CA ARG C 106 -6.67 88.88 -23.76
C ARG C 106 -7.88 87.99 -23.50
N SER C 107 -7.65 86.89 -22.78
CA SER C 107 -8.71 85.92 -22.47
C SER C 107 -9.56 86.36 -21.28
N TYR C 108 -10.62 85.61 -21.02
CA TYR C 108 -11.48 85.85 -19.85
C TYR C 108 -10.73 85.56 -18.55
N GLN C 109 -9.85 84.57 -18.58
CA GLN C 109 -8.97 84.25 -17.46
C GLN C 109 -8.09 85.45 -17.12
N ASP C 110 -7.53 86.08 -18.16
CA ASP C 110 -6.72 87.29 -18.00
C ASP C 110 -7.50 88.39 -17.29
N MET C 111 -8.76 88.59 -17.69
CA MET C 111 -9.64 89.57 -17.06
C MET C 111 -9.85 89.30 -15.57
N LEU C 112 -10.02 88.02 -15.22
CA LEU C 112 -10.16 87.61 -13.81
C LEU C 112 -8.87 87.85 -13.03
N LYS C 113 -7.74 87.63 -13.69
CA LYS C 113 -6.43 87.88 -13.10
C LYS C 113 -6.19 89.39 -12.90
N ILE C 114 -6.62 90.18 -13.88
CA ILE C 114 -6.47 91.64 -13.84
C ILE C 114 -7.27 92.26 -12.70
N TRP C 115 -8.59 92.03 -12.70
CA TRP C 115 -9.48 92.56 -11.67
C TRP C 115 -9.18 91.95 -10.30
N GLY C 116 -8.82 90.65 -10.30
CA GLY C 116 -8.51 89.93 -9.07
C GLY C 116 -7.36 90.54 -8.30
N HIS C 117 -6.20 90.65 -8.95
CA HIS C 117 -5.02 91.22 -8.32
C HIS C 117 -5.20 92.69 -7.94
N LEU C 118 -5.97 93.42 -8.74
CA LEU C 118 -6.25 94.83 -8.48
C LEU C 118 -7.02 95.04 -7.18
N PHE C 119 -8.19 94.41 -7.09
CA PHE C 119 -9.05 94.54 -5.92
C PHE C 119 -8.42 93.98 -4.64
N GLN C 120 -7.57 92.96 -4.80
CA GLN C 120 -6.81 92.44 -3.68
C GLN C 120 -5.79 93.46 -3.16
N TYR C 121 -5.16 94.18 -4.08
CA TYR C 121 -4.21 95.23 -3.72
C TYR C 121 -4.93 96.39 -3.02
N ILE C 122 -6.06 96.79 -3.60
CA ILE C 122 -6.89 97.87 -3.06
C ILE C 122 -7.28 97.61 -1.60
N LYS C 123 -7.72 96.38 -1.33
CA LYS C 123 -8.16 96.00 0.02
C LYS C 123 -7.01 95.89 1.03
N SER C 124 -5.90 95.27 0.61
CA SER C 124 -4.75 95.10 1.50
C SER C 124 -4.07 96.43 1.82
N GLU C 125 -4.24 97.41 0.93
CA GLU C 125 -3.68 98.75 1.14
C GLU C 125 -4.64 99.70 1.85
N HIS C 126 -5.81 99.18 2.23
CA HIS C 126 -6.83 99.92 2.98
C HIS C 126 -7.23 101.24 2.30
N ILE C 127 -7.39 101.17 0.98
CA ILE C 127 -7.79 102.32 0.18
C ILE C 127 -9.32 102.47 0.24
N GLU C 128 -9.77 103.67 0.61
CA GLU C 128 -11.20 103.93 0.81
C GLU C 128 -11.82 104.77 -0.30
N ASP C 129 -11.01 105.61 -0.93
CA ASP C 129 -11.49 106.50 -2.01
C ASP C 129 -10.48 106.56 -3.15
N THR C 130 -10.93 106.20 -4.35
CA THR C 130 -10.07 106.21 -5.54
C THR C 130 -10.85 106.42 -6.84
N TYR C 131 -10.18 106.99 -7.83
CA TYR C 131 -10.72 107.08 -9.19
C TYR C 131 -10.35 105.82 -9.96
N LEU C 132 -11.24 105.41 -10.87
CA LEU C 132 -10.98 104.28 -11.76
C LEU C 132 -11.31 104.68 -13.20
N LEU C 133 -10.27 104.73 -14.04
CA LEU C 133 -10.42 105.09 -15.44
C LEU C 133 -10.82 103.86 -16.26
N MET C 134 -12.14 103.65 -16.33
CA MET C 134 -12.71 102.44 -16.94
C MET C 134 -12.40 102.27 -18.42
N ASP C 135 -12.21 103.40 -19.12
CA ASP C 135 -11.93 103.39 -20.55
C ASP C 135 -10.61 102.72 -20.90
N SER C 136 -9.68 102.68 -19.94
CA SER C 136 -8.38 102.06 -20.13
C SER C 136 -8.44 100.54 -20.04
N PHE C 137 -9.57 100.02 -19.56
CA PHE C 137 -9.78 98.58 -19.40
C PHE C 137 -10.57 97.98 -20.56
N ILE C 138 -11.30 98.84 -21.28
CA ILE C 138 -12.15 98.42 -22.38
C ILE C 138 -11.45 98.64 -23.73
N SER C 139 -11.39 97.58 -24.53
CA SER C 139 -10.79 97.65 -25.87
C SER C 139 -11.83 97.42 -26.97
N LYS C 140 -11.39 97.54 -28.22
CA LYS C 140 -12.23 97.29 -29.39
C LYS C 140 -12.35 95.79 -29.71
N TYR C 141 -11.55 94.98 -29.02
CA TYR C 141 -11.51 93.53 -29.27
C TYR C 141 -12.42 92.75 -28.34
N ASP C 142 -12.59 93.24 -27.11
CA ASP C 142 -13.41 92.54 -26.11
C ASP C 142 -14.82 93.11 -26.03
N GLN C 143 -15.74 92.29 -25.54
CA GLN C 143 -17.11 92.69 -25.33
C GLN C 143 -17.21 93.41 -23.98
N LEU C 144 -17.87 94.57 -24.00
CA LEU C 144 -18.04 95.41 -22.81
C LEU C 144 -18.59 94.64 -21.61
N SER C 145 -19.56 93.75 -21.88
CA SER C 145 -20.20 92.92 -20.85
C SER C 145 -19.26 91.96 -20.13
N ASP C 146 -18.29 91.40 -20.86
CA ASP C 146 -17.32 90.47 -20.28
C ASP C 146 -16.35 91.14 -19.30
N VAL C 147 -15.95 92.37 -19.63
CA VAL C 147 -15.05 93.15 -18.78
C VAL C 147 -15.73 93.56 -17.48
N LEU C 148 -16.96 94.07 -17.60
CA LEU C 148 -17.73 94.54 -16.44
C LEU C 148 -18.25 93.39 -15.58
N MET C 149 -18.51 92.25 -16.20
CA MET C 149 -18.91 91.03 -15.49
C MET C 149 -17.77 90.56 -14.58
N ALA C 150 -16.59 90.42 -15.17
CA ALA C 150 -15.38 90.03 -14.44
C ALA C 150 -15.07 91.01 -13.31
N CYS C 151 -15.24 92.30 -13.60
CA CYS C 151 -15.06 93.37 -12.63
C CYS C 151 -15.97 93.18 -11.41
N GLY C 152 -17.24 92.88 -11.68
CA GLY C 152 -18.24 92.67 -10.63
C GLY C 152 -17.97 91.45 -9.78
N ILE C 153 -17.67 90.32 -10.43
CA ILE C 153 -17.42 89.06 -9.73
C ILE C 153 -16.19 89.17 -8.82
N GLN C 154 -15.08 89.65 -9.39
CA GLN C 154 -13.81 89.71 -8.67
C GLN C 154 -13.80 90.71 -7.52
N SER C 155 -14.69 91.70 -7.58
CA SER C 155 -14.81 92.68 -6.50
C SER C 155 -15.27 92.03 -5.20
N GLU C 156 -15.92 90.87 -5.32
CA GLU C 156 -16.38 90.11 -4.16
C GLU C 156 -15.59 88.82 -3.97
N ARG C 157 -15.35 88.10 -5.06
CA ARG C 157 -14.71 86.79 -5.00
C ARG C 157 -13.24 86.84 -4.61
N ALA C 158 -12.49 87.77 -5.22
CA ALA C 158 -11.05 87.87 -4.99
C ALA C 158 -10.72 88.44 -3.60
N THR C 159 -11.64 89.19 -3.04
CA THR C 159 -11.42 89.91 -1.77
C THR C 159 -12.03 89.17 -0.58
N TYR C 160 -12.49 87.94 -0.82
CA TYR C 160 -13.14 87.14 0.20
C TYR C 160 -12.19 86.77 1.32
N GLU C 161 -12.69 86.81 2.57
CA GLU C 161 -11.96 86.29 3.72
C GLU C 161 -12.90 85.74 4.77
N PHE C 162 -12.47 84.65 5.41
CA PHE C 162 -13.23 84.01 6.48
C PHE C 162 -12.48 84.17 7.80
N ASP C 163 -12.67 85.32 8.46
CA ASP C 163 -11.96 85.65 9.69
C ASP C 163 -12.89 85.74 10.90
N HIS C 164 -14.03 85.05 10.82
CA HIS C 164 -15.07 85.11 11.84
C HIS C 164 -14.67 84.47 13.17
N TYR C 165 -13.72 83.56 13.12
CA TYR C 165 -13.25 82.87 14.32
C TYR C 165 -11.88 83.35 14.79
N LYS C 166 -11.39 84.42 14.15
CA LYS C 166 -10.15 85.07 14.56
C LYS C 166 -10.45 86.13 15.60
N SER C 167 -9.62 86.19 16.64
CA SER C 167 -9.74 87.23 17.67
C SER C 167 -9.23 88.56 17.14
N SER C 168 -8.23 88.51 16.26
CA SER C 168 -7.63 89.69 15.67
C SER C 168 -8.19 89.98 14.28
N LYS C 169 -9.51 89.98 14.17
CA LYS C 169 -10.17 90.30 12.91
C LYS C 169 -10.32 91.82 12.76
N LYS C 170 -9.88 92.35 11.63
CA LYS C 170 -9.96 93.78 11.34
C LYS C 170 -11.37 94.19 10.95
N ALA C 171 -11.73 95.43 11.26
CA ALA C 171 -13.05 95.97 10.97
C ALA C 171 -13.30 96.12 9.47
N PRO C 172 -14.48 95.68 8.99
CA PRO C 172 -14.82 95.79 7.58
C PRO C 172 -15.00 97.24 7.13
N PHE C 173 -14.46 97.57 5.96
CA PHE C 173 -14.53 98.93 5.43
C PHE C 173 -15.03 98.94 3.98
N LYS C 174 -15.63 100.06 3.58
CA LYS C 174 -16.14 100.23 2.23
C LYS C 174 -15.15 101.01 1.38
N THR C 175 -14.87 100.50 0.18
CA THR C 175 -14.03 101.20 -0.79
C THR C 175 -14.90 101.87 -1.85
N ASN C 176 -14.85 103.19 -1.89
CA ASN C 176 -15.59 103.98 -2.87
C ASN C 176 -14.82 104.08 -4.20
N LEU C 177 -15.36 103.42 -5.21
CA LEU C 177 -14.77 103.44 -6.55
C LEU C 177 -15.50 104.44 -7.45
N ASN C 178 -14.83 105.55 -7.72
CA ASN C 178 -15.38 106.58 -8.61
C ASN C 178 -14.96 106.31 -10.05
N LEU C 179 -15.86 105.67 -10.81
CA LEU C 179 -15.57 105.29 -12.19
C LEU C 179 -15.65 106.51 -13.12
N ILE C 180 -14.61 106.65 -13.95
CA ILE C 180 -14.58 107.72 -14.95
C ILE C 180 -14.56 107.11 -16.34
N SER C 181 -15.61 107.40 -17.10
CA SER C 181 -15.72 106.95 -18.47
C SER C 181 -16.29 108.04 -19.36
N GLU C 182 -15.75 108.16 -20.56
CA GLU C 182 -16.13 109.20 -21.50
C GLU C 182 -17.43 108.84 -22.23
N SER C 183 -17.70 107.54 -22.36
CA SER C 183 -18.90 107.07 -23.03
C SER C 183 -19.40 105.75 -22.42
N LEU C 184 -19.94 105.84 -21.21
CA LEU C 184 -20.52 104.70 -20.51
C LEU C 184 -21.58 105.17 -19.54
N ILE C 185 -22.70 104.45 -19.52
CA ILE C 185 -23.88 104.85 -18.74
C ILE C 185 -24.45 103.68 -17.92
N GLU C 186 -24.62 102.51 -18.53
CA GLU C 186 -25.16 101.37 -17.81
C GLU C 186 -24.13 100.75 -16.87
N LEU C 187 -24.54 100.52 -15.62
CA LEU C 187 -23.69 99.96 -14.60
C LEU C 187 -24.24 98.62 -14.14
N ASP C 188 -25.22 98.10 -14.89
CA ASP C 188 -25.93 96.88 -14.52
C ASP C 188 -25.11 95.60 -14.65
N PHE C 189 -24.13 95.60 -15.56
CA PHE C 189 -23.29 94.42 -15.77
C PHE C 189 -22.33 94.17 -14.60
N ILE C 190 -21.99 95.23 -13.88
CA ILE C 190 -21.16 95.11 -12.67
C ILE C 190 -21.99 94.59 -11.50
N HIS C 191 -23.18 95.16 -11.31
CA HIS C 191 -24.10 94.73 -10.26
C HIS C 191 -24.52 93.28 -10.43
N GLU C 192 -24.55 92.83 -11.69
CA GLU C 192 -24.84 91.43 -12.02
C GLU C 192 -23.69 90.53 -11.56
N GLY C 193 -22.45 91.01 -11.76
CA GLY C 193 -21.26 90.29 -11.35
C GLY C 193 -21.12 90.20 -9.84
N ILE C 194 -21.48 91.30 -9.16
CA ILE C 194 -21.42 91.38 -7.70
C ILE C 194 -22.32 90.33 -7.04
N SER C 195 -23.55 90.20 -7.54
CA SER C 195 -24.51 89.26 -6.99
C SER C 195 -24.10 87.81 -7.21
N ILE C 196 -23.41 87.55 -8.32
CA ILE C 196 -22.83 86.24 -8.60
C ILE C 196 -21.67 85.96 -7.62
N GLY C 197 -20.78 86.96 -7.48
CA GLY C 197 -19.65 86.87 -6.57
C GLY C 197 -20.06 86.63 -5.12
N GLN C 198 -21.12 87.33 -4.70
CA GLN C 198 -21.66 87.18 -3.35
C GLN C 198 -22.34 85.83 -3.14
N SER C 199 -22.84 85.23 -4.23
CA SER C 199 -23.41 83.90 -4.18
C SER C 199 -22.31 82.85 -4.00
N ILE C 200 -21.17 83.08 -4.64
CA ILE C 200 -20.01 82.21 -4.50
C ILE C 200 -19.47 82.27 -3.06
N ASN C 201 -19.43 83.48 -2.51
CA ASN C 201 -18.97 83.70 -1.14
C ASN C 201 -19.91 83.11 -0.09
N LEU C 202 -21.21 83.07 -0.41
CA LEU C 202 -22.21 82.45 0.45
C LEU C 202 -21.95 80.95 0.56
N ALA C 203 -21.65 80.33 -0.58
CA ALA C 203 -21.27 78.92 -0.62
C ALA C 203 -19.97 78.67 0.15
N ARG C 204 -19.00 79.56 -0.03
CA ARG C 204 -17.72 79.49 0.68
C ARG C 204 -17.89 79.57 2.18
N ASP C 205 -18.79 80.44 2.64
CA ASP C 205 -19.07 80.60 4.07
C ASP C 205 -19.58 79.33 4.71
N PHE C 206 -20.51 78.64 4.04
CA PHE C 206 -21.00 77.36 4.51
C PHE C 206 -19.90 76.31 4.55
N SER C 207 -19.05 76.31 3.53
CA SER C 207 -17.97 75.34 3.40
C SER C 207 -16.89 75.54 4.45
N ASN C 208 -16.53 76.80 4.71
CA ASN C 208 -15.48 77.13 5.68
C ASN C 208 -15.91 76.93 7.13
N MET C 209 -17.21 76.87 7.35
CA MET C 209 -17.78 76.69 8.69
C MET C 209 -17.28 75.41 9.35
N PRO C 210 -16.84 75.49 10.62
CA PRO C 210 -16.37 74.32 11.36
C PRO C 210 -17.48 73.28 11.53
N PRO C 211 -17.14 71.98 11.42
CA PRO C 211 -18.14 70.90 11.47
C PRO C 211 -18.86 70.78 12.82
N ASN C 212 -18.22 71.23 13.90
CA ASN C 212 -18.87 71.24 15.21
C ASN C 212 -19.87 72.40 15.36
N VAL C 213 -19.83 73.34 14.42
CA VAL C 213 -20.78 74.44 14.37
C VAL C 213 -21.85 74.17 13.31
N LEU C 214 -21.42 73.85 12.09
CA LEU C 214 -22.36 73.54 11.01
C LEU C 214 -22.68 72.04 10.93
N THR C 215 -23.75 71.66 11.61
CA THR C 215 -24.28 70.30 11.59
C THR C 215 -25.43 70.28 10.57
N PRO C 216 -25.90 69.07 10.19
CA PRO C 216 -27.03 68.99 9.25
C PRO C 216 -28.22 69.85 9.67
N GLN C 217 -28.53 69.87 10.97
CA GLN C 217 -29.65 70.65 11.50
C GLN C 217 -29.45 72.14 11.33
N THR C 218 -28.30 72.64 11.79
CA THR C 218 -27.98 74.07 11.72
C THR C 218 -27.78 74.54 10.28
N PHE C 219 -27.30 73.64 9.42
CA PHE C 219 -27.17 73.92 8.00
C PHE C 219 -28.54 74.16 7.38
N ALA C 220 -29.49 73.28 7.69
CA ALA C 220 -30.88 73.42 7.24
C ALA C 220 -31.50 74.72 7.78
N GLU C 221 -31.30 74.98 9.07
CA GLU C 221 -31.83 76.18 9.73
C GLU C 221 -31.28 77.47 9.11
N ASP C 222 -30.01 77.46 8.75
CA ASP C 222 -29.35 78.61 8.12
C ASP C 222 -29.91 78.90 6.73
N ILE C 223 -30.22 77.84 5.99
CA ILE C 223 -30.81 77.98 4.65
C ILE C 223 -32.23 78.56 4.74
N VAL C 224 -33.02 78.08 5.71
CA VAL C 224 -34.36 78.60 5.97
C VAL C 224 -34.31 80.10 6.26
N ASN C 225 -33.45 80.48 7.21
CA ASN C 225 -33.31 81.88 7.62
C ASN C 225 -32.80 82.81 6.52
N HIS C 226 -31.92 82.28 5.67
CA HIS C 226 -31.37 83.06 4.57
C HIS C 226 -32.42 83.41 3.50
N PHE C 227 -33.26 82.44 3.14
CA PHE C 227 -34.28 82.65 2.10
C PHE C 227 -35.63 83.07 2.67
N LYS C 228 -35.67 83.40 3.96
CA LYS C 228 -36.91 83.67 4.68
C LYS C 228 -37.79 84.75 4.04
N ASN C 229 -37.18 85.87 3.67
CA ASN C 229 -37.92 86.98 3.08
C ASN C 229 -37.77 87.11 1.56
N THR C 230 -37.47 85.99 0.90
CA THR C 230 -37.25 85.98 -0.54
C THR C 230 -38.34 85.21 -1.29
N LYS C 231 -38.20 85.16 -2.61
CA LYS C 231 -39.09 84.40 -3.49
C LYS C 231 -38.85 82.88 -3.38
N VAL C 232 -37.72 82.53 -2.76
CA VAL C 232 -37.30 81.12 -2.63
C VAL C 232 -37.94 80.42 -1.44
N LYS C 233 -38.62 79.31 -1.71
CA LYS C 233 -39.26 78.50 -0.66
C LYS C 233 -38.32 77.39 -0.19
N VAL C 234 -38.31 77.14 1.12
CA VAL C 234 -37.46 76.11 1.70
C VAL C 234 -38.29 75.17 2.59
N ASP C 235 -38.18 73.87 2.31
CA ASP C 235 -38.80 72.84 3.14
C ASP C 235 -37.73 71.95 3.76
N VAL C 236 -37.84 71.73 5.07
CA VAL C 236 -36.89 70.89 5.79
C VAL C 236 -37.56 69.62 6.31
N LYS C 237 -36.98 68.49 5.96
CA LYS C 237 -37.46 67.19 6.37
C LYS C 237 -36.58 66.68 7.52
N ASP C 238 -37.13 66.66 8.74
CA ASP C 238 -36.37 66.24 9.92
C ASP C 238 -36.19 64.72 9.98
N TYR C 239 -35.40 64.25 10.94
CA TYR C 239 -35.00 62.84 11.03
C TYR C 239 -36.16 61.86 11.08
N ASP C 240 -37.15 62.18 11.89
CA ASP C 240 -38.37 61.38 12.03
C ASP C 240 -39.16 61.30 10.74
N THR C 241 -39.13 62.38 9.94
CA THR C 241 -39.85 62.43 8.67
C THR C 241 -39.11 61.63 7.61
N LEU C 242 -37.78 61.74 7.61
CA LEU C 242 -36.92 60.95 6.72
C LEU C 242 -37.19 59.46 6.86
N VAL C 243 -37.26 58.99 8.11
CA VAL C 243 -37.40 57.57 8.37
C VAL C 243 -38.79 57.03 8.03
N SER C 244 -39.82 57.84 8.28
CA SER C 244 -41.20 57.40 8.04
C SER C 244 -41.60 57.52 6.57
N GLU C 245 -40.77 58.21 5.80
CA GLU C 245 -40.98 58.37 4.36
C GLU C 245 -40.08 57.44 3.53
N GLY C 246 -39.18 56.72 4.22
CA GLY C 246 -38.40 55.66 3.60
C GLY C 246 -37.08 56.08 2.97
N PHE C 247 -36.48 57.15 3.49
CA PHE C 247 -35.15 57.60 3.06
C PHE C 247 -34.07 56.73 3.70
N GLY C 248 -34.08 55.45 3.34
CA GLY C 248 -33.25 54.44 4.00
C GLY C 248 -31.76 54.65 3.95
N LEU C 249 -31.26 55.08 2.79
CA LEU C 249 -29.83 55.29 2.59
C LEU C 249 -29.31 56.52 3.34
N LEU C 250 -30.08 57.60 3.31
CA LEU C 250 -29.75 58.81 4.04
C LEU C 250 -29.78 58.56 5.55
N GLN C 251 -30.75 57.75 5.99
CA GLN C 251 -30.84 57.32 7.38
C GLN C 251 -29.60 56.52 7.80
N ALA C 252 -29.21 55.56 6.95
CA ALA C 252 -28.08 54.68 7.19
C ALA C 252 -26.77 55.43 7.39
N VAL C 253 -26.54 56.44 6.55
CA VAL C 253 -25.31 57.22 6.58
C VAL C 253 -25.23 58.10 7.82
N GLY C 254 -26.35 58.71 8.20
CA GLY C 254 -26.35 59.74 9.24
C GLY C 254 -26.70 59.30 10.65
N LYS C 255 -27.10 58.04 10.81
CA LYS C 255 -27.57 57.54 12.12
C LYS C 255 -26.49 57.45 13.19
N GLY C 256 -25.23 57.39 12.75
CA GLY C 256 -24.10 57.23 13.66
C GLY C 256 -23.68 58.50 14.39
N SER C 257 -24.26 59.63 13.99
CA SER C 257 -23.95 60.92 14.59
C SER C 257 -25.01 61.33 15.61
N LYS C 258 -24.61 62.17 16.57
CA LYS C 258 -25.55 62.79 17.49
C LYS C 258 -26.47 63.75 16.72
N HIS C 259 -25.91 64.41 15.71
CA HIS C 259 -26.64 65.33 14.86
C HIS C 259 -27.20 64.58 13.65
N LYS C 260 -28.48 64.21 13.74
CA LYS C 260 -29.14 63.37 12.73
C LYS C 260 -29.30 64.07 11.38
N PRO C 261 -29.43 63.28 10.30
CA PRO C 261 -29.53 63.82 8.93
C PRO C 261 -30.75 64.69 8.67
N ARG C 262 -30.68 65.48 7.59
CA ARG C 262 -31.79 66.33 7.14
C ARG C 262 -31.90 66.28 5.63
N LEU C 263 -33.10 66.46 5.11
CA LEU C 263 -33.29 66.67 3.68
C LEU C 263 -33.89 68.05 3.46
N VAL C 264 -33.19 68.86 2.67
CA VAL C 264 -33.60 70.24 2.39
C VAL C 264 -34.08 70.37 0.95
N THR C 265 -35.33 70.81 0.78
CA THR C 265 -35.90 71.06 -0.53
C THR C 265 -36.01 72.57 -0.76
N ILE C 266 -35.43 73.03 -1.86
CA ILE C 266 -35.42 74.45 -2.20
C ILE C 266 -36.08 74.66 -3.55
N THR C 267 -37.18 75.41 -3.58
CA THR C 267 -37.89 75.68 -4.83
C THR C 267 -37.84 77.15 -5.22
N TYR C 268 -37.55 77.39 -6.49
CA TYR C 268 -37.58 78.73 -7.06
C TYR C 268 -38.33 78.71 -8.38
N ASN C 269 -39.46 79.42 -8.43
CA ASN C 269 -40.27 79.49 -9.64
C ASN C 269 -40.11 80.83 -10.35
N GLY C 270 -39.10 80.89 -11.22
CA GLY C 270 -38.72 82.13 -11.88
C GLY C 270 -39.52 82.49 -13.12
N LYS C 271 -40.30 81.55 -13.64
CA LYS C 271 -41.09 81.83 -14.84
C LYS C 271 -42.56 81.44 -14.73
N ASP C 272 -42.81 80.19 -14.34
CA ASP C 272 -44.15 79.62 -14.46
C ASP C 272 -44.48 78.64 -13.34
N LYS C 273 -45.77 78.45 -13.12
CA LYS C 273 -46.27 77.50 -12.13
C LYS C 273 -46.03 76.04 -12.57
N ASP C 274 -46.22 75.76 -13.86
CA ASP C 274 -46.40 74.39 -14.35
C ASP C 274 -45.24 73.79 -15.16
N GLU C 275 -44.31 74.62 -15.61
CA GLU C 275 -43.21 74.15 -16.45
C GLU C 275 -42.17 73.34 -15.67
N ALA C 276 -41.91 72.12 -16.15
CA ALA C 276 -40.90 71.20 -15.60
C ALA C 276 -39.64 71.91 -15.09
N PRO C 277 -39.31 71.74 -13.80
CA PRO C 277 -38.18 72.43 -13.20
C PRO C 277 -36.84 71.79 -13.55
N ILE C 278 -35.76 72.49 -13.22
CA ILE C 278 -34.42 71.94 -13.31
C ILE C 278 -34.02 71.47 -11.92
N ALA C 279 -33.69 70.19 -11.81
CA ALA C 279 -33.30 69.60 -10.54
C ALA C 279 -31.81 69.77 -10.27
N LEU C 280 -31.48 70.37 -9.14
CA LEU C 280 -30.10 70.51 -8.70
C LEU C 280 -29.91 69.78 -7.37
N VAL C 281 -29.16 68.69 -7.41
CA VAL C 281 -28.94 67.83 -6.24
C VAL C 281 -27.54 68.04 -5.67
N GLY C 282 -27.46 68.21 -4.35
CA GLY C 282 -26.18 68.48 -3.69
C GLY C 282 -25.88 67.55 -2.53
N LYS C 283 -24.63 67.07 -2.49
CA LYS C 283 -24.15 66.24 -1.40
C LYS C 283 -23.82 67.11 -0.19
N GLY C 284 -24.57 66.93 0.90
CA GLY C 284 -24.39 67.76 2.09
C GLY C 284 -23.83 67.04 3.28
N ILE C 285 -22.75 66.28 3.09
CA ILE C 285 -22.09 65.62 4.20
C ILE C 285 -21.27 66.66 4.97
N THR C 286 -21.80 67.10 6.10
CA THR C 286 -21.18 68.16 6.90
C THR C 286 -19.83 67.73 7.49
N TYR C 287 -19.70 66.44 7.77
CA TYR C 287 -18.38 65.86 8.11
C TYR C 287 -18.31 64.39 7.76
N ASP C 288 -17.19 63.99 7.17
CA ASP C 288 -16.97 62.61 6.75
C ASP C 288 -15.73 62.04 7.43
N SER C 289 -15.95 61.17 8.42
CA SER C 289 -14.86 60.45 9.08
C SER C 289 -14.56 59.16 8.33
N GLY C 290 -15.48 58.76 7.46
CA GLY C 290 -15.37 57.52 6.71
C GLY C 290 -16.20 56.40 7.31
N GLY C 291 -16.71 56.62 8.52
CA GLY C 291 -17.45 55.61 9.25
C GLY C 291 -16.50 54.53 9.72
N TYR C 292 -16.99 53.29 9.83
CA TYR C 292 -16.15 52.17 10.23
C TYR C 292 -15.02 51.88 9.24
N SER C 293 -15.22 52.27 7.98
CA SER C 293 -14.13 52.32 7.01
C SER C 293 -13.39 53.64 7.19
N ILE C 294 -12.75 53.75 8.35
CA ILE C 294 -12.15 54.99 8.84
C ILE C 294 -11.02 55.53 7.96
N LYS C 295 -10.96 56.86 7.84
CA LYS C 295 -9.91 57.55 7.09
C LYS C 295 -8.62 57.60 7.89
N THR C 296 -7.50 57.81 7.19
CA THR C 296 -6.20 58.00 7.83
C THR C 296 -6.12 59.41 8.46
N LYS C 297 -5.06 59.68 9.21
CA LYS C 297 -4.85 60.98 9.85
C LYS C 297 -4.95 62.14 8.85
N ASN C 298 -4.13 62.08 7.80
CA ASN C 298 -4.14 63.10 6.74
C ASN C 298 -5.43 63.07 5.91
N GLY C 299 -6.11 61.92 5.93
CA GLY C 299 -7.36 61.74 5.19
C GLY C 299 -8.52 62.53 5.73
N MET C 300 -8.56 62.71 7.05
CA MET C 300 -9.66 63.42 7.72
C MET C 300 -9.52 64.94 7.68
N ALA C 301 -8.30 65.42 7.47
CA ALA C 301 -8.03 66.84 7.32
C ALA C 301 -8.90 67.42 6.20
N THR C 302 -9.46 68.60 6.46
CA THR C 302 -10.30 69.35 5.50
C THR C 302 -11.57 68.59 5.05
N MET C 303 -12.08 67.72 5.89
CA MET C 303 -13.30 66.96 5.57
C MET C 303 -14.60 67.69 5.90
N LYS C 304 -14.48 68.92 6.40
CA LYS C 304 -15.64 69.80 6.54
C LYS C 304 -16.10 70.28 5.17
N PHE C 305 -15.22 70.12 4.17
CA PHE C 305 -15.49 70.52 2.80
C PHE C 305 -16.25 69.44 2.02
N ASP C 306 -16.72 68.41 2.72
CA ASP C 306 -17.45 67.31 2.07
C ASP C 306 -18.90 67.67 1.79
N MET C 307 -19.28 68.90 2.10
CA MET C 307 -20.62 69.41 1.81
C MET C 307 -20.60 70.59 0.83
N CYS C 308 -19.45 70.78 0.18
CA CYS C 308 -19.28 71.81 -0.86
C CYS C 308 -20.33 71.72 -1.96
N GLY C 309 -20.69 70.49 -2.33
CA GLY C 309 -21.72 70.25 -3.35
C GLY C 309 -23.05 70.88 -2.99
N ALA C 310 -23.49 70.68 -1.75
CA ALA C 310 -24.73 71.26 -1.25
C ALA C 310 -24.62 72.78 -1.17
N ALA C 311 -23.48 73.27 -0.67
CA ALA C 311 -23.22 74.69 -0.55
C ALA C 311 -23.27 75.40 -1.89
N ASN C 312 -22.69 74.78 -2.91
CA ASN C 312 -22.65 75.35 -4.26
C ASN C 312 -24.02 75.35 -4.95
N VAL C 313 -24.87 74.38 -4.61
CA VAL C 313 -26.25 74.37 -5.10
C VAL C 313 -27.01 75.56 -4.51
N VAL C 314 -26.84 75.80 -3.22
CA VAL C 314 -27.42 76.96 -2.55
C VAL C 314 -26.96 78.25 -3.23
N GLY C 315 -25.68 78.32 -3.55
CA GLY C 315 -25.11 79.48 -4.24
C GLY C 315 -25.71 79.72 -5.62
N ILE C 316 -25.89 78.65 -6.38
CA ILE C 316 -26.48 78.72 -7.72
C ILE C 316 -27.91 79.25 -7.66
N ILE C 317 -28.71 78.72 -6.73
CA ILE C 317 -30.09 79.17 -6.53
C ILE C 317 -30.14 80.62 -6.03
N GLU C 318 -29.22 80.97 -5.14
CA GLU C 318 -29.08 82.35 -4.65
C GLU C 318 -28.83 83.33 -5.80
N ALA C 319 -27.93 82.95 -6.72
CA ALA C 319 -27.61 83.76 -7.88
C ALA C 319 -28.79 83.88 -8.84
N ALA C 320 -29.44 82.74 -9.12
CA ALA C 320 -30.58 82.69 -10.03
C ALA C 320 -31.74 83.56 -9.56
N SER C 321 -32.00 83.56 -8.26
CA SER C 321 -33.11 84.32 -7.67
C SER C 321 -32.82 85.81 -7.64
N ARG C 322 -31.59 86.19 -7.31
CA ARG C 322 -31.17 87.60 -7.27
C ARG C 322 -31.08 88.20 -8.66
N LEU C 323 -30.78 87.37 -9.66
CA LEU C 323 -30.77 87.81 -11.05
C LEU C 323 -32.16 87.74 -11.67
N GLN C 324 -33.10 87.17 -10.92
CA GLN C 324 -34.51 87.01 -11.34
C GLN C 324 -34.61 86.31 -12.71
N LEU C 325 -33.89 85.21 -12.84
CA LEU C 325 -33.87 84.45 -14.08
C LEU C 325 -35.19 83.71 -14.31
N PRO C 326 -35.68 83.73 -15.57
CA PRO C 326 -36.93 83.05 -15.90
C PRO C 326 -36.76 81.52 -16.01
N VAL C 327 -36.40 80.90 -14.90
CA VAL C 327 -36.24 79.45 -14.82
C VAL C 327 -36.88 78.88 -13.57
N ASN C 328 -37.37 77.65 -13.66
CA ASN C 328 -37.86 76.92 -12.50
C ASN C 328 -36.80 75.96 -12.00
N ILE C 329 -36.46 76.07 -10.71
CA ILE C 329 -35.43 75.23 -10.11
C ILE C 329 -35.96 74.54 -8.85
N VAL C 330 -35.69 73.25 -8.74
CA VAL C 330 -35.87 72.51 -7.49
C VAL C 330 -34.52 72.00 -7.00
N GLY C 331 -34.15 72.40 -5.79
CA GLY C 331 -32.88 72.00 -5.18
C GLY C 331 -33.11 70.99 -4.08
N VAL C 332 -32.38 69.88 -4.14
CA VAL C 332 -32.49 68.84 -3.12
C VAL C 332 -31.12 68.62 -2.48
N LEU C 333 -31.06 68.79 -1.16
CA LEU C 333 -29.82 68.62 -0.41
C LEU C 333 -29.94 67.47 0.60
N ALA C 334 -29.06 66.49 0.46
CA ALA C 334 -28.99 65.37 1.38
C ALA C 334 -27.89 65.64 2.40
N CYS C 335 -28.30 65.99 3.61
CA CYS C 335 -27.38 66.41 4.67
C CYS C 335 -27.26 65.34 5.75
N ALA C 336 -26.02 64.97 6.07
CA ALA C 336 -25.73 63.98 7.11
C ALA C 336 -24.30 64.13 7.61
N GLU C 337 -24.01 63.49 8.75
CA GLU C 337 -22.66 63.47 9.31
C GLU C 337 -22.21 62.02 9.47
N ASN C 338 -21.17 61.64 8.74
CA ASN C 338 -20.69 60.25 8.71
C ASN C 338 -19.77 59.95 9.88
N MET C 339 -20.32 59.35 10.94
CA MET C 339 -19.62 59.15 12.21
C MET C 339 -19.63 57.68 12.66
N ILE C 340 -18.79 57.38 13.65
CA ILE C 340 -18.70 56.05 14.25
C ILE C 340 -19.36 56.05 15.63
N ASN C 341 -20.26 55.09 15.85
CA ASN C 341 -20.81 54.83 17.18
C ASN C 341 -21.33 53.39 17.33
N GLU C 342 -22.02 53.12 18.42
CA GLU C 342 -22.53 51.77 18.74
C GLU C 342 -23.47 51.17 17.70
N ALA C 343 -24.07 52.02 16.87
CA ALA C 343 -25.09 51.57 15.92
C ALA C 343 -24.96 52.15 14.52
N SER C 344 -23.77 52.66 14.18
CA SER C 344 -23.53 53.24 12.85
C SER C 344 -23.38 52.16 11.78
N MET C 345 -23.48 52.56 10.51
CA MET C 345 -23.42 51.61 9.39
C MET C 345 -22.08 50.90 9.29
N LYS C 346 -22.12 49.65 8.84
CA LYS C 346 -20.94 48.77 8.77
C LYS C 346 -20.91 48.10 7.40
N PRO C 347 -19.70 47.74 6.92
CA PRO C 347 -19.62 46.87 5.75
C PRO C 347 -20.39 45.57 5.96
N ASP C 348 -21.15 45.15 4.93
CA ASP C 348 -22.05 43.99 4.97
C ASP C 348 -23.50 44.35 5.25
N ASP C 349 -23.73 45.55 5.79
CA ASP C 349 -25.10 46.04 6.05
C ASP C 349 -25.91 46.14 4.77
N VAL C 350 -27.18 45.75 4.84
CA VAL C 350 -28.10 45.89 3.71
C VAL C 350 -29.25 46.81 4.09
N PHE C 351 -29.47 47.83 3.26
CA PHE C 351 -30.53 48.81 3.50
C PHE C 351 -31.49 48.92 2.32
N THR C 352 -32.69 49.44 2.58
CA THR C 352 -33.67 49.66 1.53
C THR C 352 -33.68 51.14 1.16
N ALA C 353 -33.36 51.42 -0.10
CA ALA C 353 -33.34 52.78 -0.63
C ALA C 353 -34.75 53.35 -0.76
N LEU C 354 -34.84 54.67 -1.02
CA LEU C 354 -36.12 55.32 -1.28
C LEU C 354 -36.79 54.73 -2.52
N SER C 355 -35.98 54.26 -3.46
CA SER C 355 -36.47 53.60 -4.67
C SER C 355 -37.14 52.26 -4.39
N GLY C 356 -36.83 51.67 -3.24
CA GLY C 356 -37.36 50.36 -2.87
C GLY C 356 -36.35 49.27 -3.10
N GLU C 357 -35.25 49.61 -3.77
CA GLU C 357 -34.16 48.67 -4.04
C GLU C 357 -33.29 48.46 -2.80
N THR C 358 -32.74 47.25 -2.69
CA THR C 358 -31.84 46.92 -1.58
C THR C 358 -30.40 47.22 -1.96
N VAL C 359 -29.65 47.79 -1.04
CA VAL C 359 -28.25 48.16 -1.26
C VAL C 359 -27.36 47.55 -0.19
N GLU C 360 -26.37 46.76 -0.62
CA GLU C 360 -25.35 46.25 0.28
C GLU C 360 -24.23 47.27 0.39
N VAL C 361 -23.90 47.67 1.62
CA VAL C 361 -22.81 48.60 1.87
C VAL C 361 -21.53 47.84 2.17
N MET C 362 -20.54 47.95 1.29
CA MET C 362 -19.26 47.27 1.48
C MET C 362 -18.14 48.23 1.91
N ASN C 363 -18.40 49.52 1.79
CA ASN C 363 -17.46 50.56 2.15
C ASN C 363 -18.22 51.78 2.66
N THR C 364 -18.08 52.07 3.95
CA THR C 364 -18.81 53.18 4.58
C THR C 364 -18.24 54.54 4.20
N ASP C 365 -17.05 54.55 3.61
CA ASP C 365 -16.45 55.79 3.11
C ASP C 365 -17.00 56.18 1.73
N ALA C 366 -17.76 55.27 1.13
CA ALA C 366 -18.51 55.56 -0.09
C ALA C 366 -19.92 56.02 0.30
N GLU C 367 -19.98 57.01 1.18
CA GLU C 367 -21.25 57.47 1.76
C GLU C 367 -21.97 58.46 0.84
N GLY C 368 -21.19 59.17 0.01
CA GLY C 368 -21.74 60.21 -0.85
C GLY C 368 -22.74 59.70 -1.85
N ARG C 369 -22.39 58.62 -2.56
CA ARG C 369 -23.27 58.03 -3.56
C ARG C 369 -24.58 57.49 -2.95
N LEU C 370 -24.52 57.15 -1.66
CA LEU C 370 -25.69 56.65 -0.95
C LEU C 370 -26.72 57.75 -0.70
N VAL C 371 -26.28 58.88 -0.17
CA VAL C 371 -27.18 59.99 0.12
C VAL C 371 -27.68 60.67 -1.17
N LEU C 372 -26.84 60.66 -2.21
CA LEU C 372 -27.23 61.20 -3.51
C LEU C 372 -28.31 60.34 -4.15
N ALA C 373 -28.20 59.02 -3.97
CA ALA C 373 -29.15 58.08 -4.53
C ALA C 373 -30.59 58.37 -4.06
N ASP C 374 -30.75 58.57 -2.75
CA ASP C 374 -32.05 58.91 -2.17
C ASP C 374 -32.52 60.30 -2.62
N ALA C 375 -31.58 61.23 -2.73
CA ALA C 375 -31.89 62.60 -3.14
C ALA C 375 -32.27 62.68 -4.62
N VAL C 376 -31.57 61.93 -5.47
CA VAL C 376 -31.84 61.92 -6.90
C VAL C 376 -33.22 61.31 -7.18
N PHE C 377 -33.52 60.20 -6.51
CA PHE C 377 -34.83 59.55 -6.67
C PHE C 377 -35.95 60.47 -6.23
N TYR C 378 -35.73 61.20 -5.15
CA TYR C 378 -36.69 62.17 -4.65
C TYR C 378 -36.86 63.35 -5.61
N ALA C 379 -35.75 63.81 -6.18
CA ALA C 379 -35.78 64.91 -7.14
C ALA C 379 -36.57 64.56 -8.39
N ASN C 380 -36.49 63.29 -8.80
CA ASN C 380 -37.16 62.80 -10.01
C ASN C 380 -38.68 62.75 -9.88
N GLN C 381 -39.18 62.75 -8.65
CA GLN C 381 -40.63 62.80 -8.36
C GLN C 381 -41.23 64.11 -8.88
N TYR C 382 -40.43 65.17 -8.89
CA TYR C 382 -40.84 66.48 -9.39
C TYR C 382 -40.91 66.52 -10.92
N GLN C 383 -40.53 65.40 -11.55
CA GLN C 383 -40.50 65.27 -13.01
C GLN C 383 -39.72 66.41 -13.68
N PRO C 384 -38.41 66.48 -13.42
CA PRO C 384 -37.60 67.56 -13.97
C PRO C 384 -37.22 67.29 -15.43
N SER C 385 -36.83 68.33 -16.15
CA SER C 385 -36.34 68.19 -17.52
C SER C 385 -34.90 67.66 -17.53
N VAL C 386 -34.16 67.99 -16.48
CA VAL C 386 -32.78 67.51 -16.29
C VAL C 386 -32.44 67.46 -14.80
N ILE C 387 -31.62 66.49 -14.42
CA ILE C 387 -31.10 66.40 -13.05
C ILE C 387 -29.59 66.61 -13.08
N MET C 388 -29.11 67.55 -12.26
CA MET C 388 -27.68 67.80 -12.12
C MET C 388 -27.29 67.66 -10.66
N ASP C 389 -26.37 66.75 -10.37
CA ASP C 389 -25.88 66.58 -9.01
C ASP C 389 -24.43 67.06 -8.87
N PHE C 390 -24.12 67.61 -7.70
CA PHE C 390 -22.81 68.18 -7.41
C PHE C 390 -22.29 67.58 -6.12
N ALA C 391 -21.11 66.95 -6.19
CA ALA C 391 -20.57 66.22 -5.05
C ALA C 391 -19.06 66.09 -5.09
N THR C 392 -18.46 66.13 -3.91
CA THR C 392 -17.06 65.77 -3.71
C THR C 392 -17.01 64.28 -3.41
N LEU C 393 -17.09 63.46 -4.44
CA LEU C 393 -17.24 62.01 -4.28
C LEU C 393 -15.95 61.22 -4.15
N THR C 394 -15.19 61.14 -5.23
CA THR C 394 -14.16 60.11 -5.39
C THR C 394 -12.74 60.65 -5.40
N GLY C 395 -11.84 59.93 -4.74
CA GLY C 395 -10.41 60.19 -4.85
C GLY C 395 -9.89 59.83 -6.23
N ALA C 396 -10.50 58.83 -6.86
CA ALA C 396 -10.11 58.36 -8.19
C ALA C 396 -10.30 59.42 -9.28
N ALA C 397 -11.28 60.29 -9.10
CA ALA C 397 -11.51 61.41 -10.01
C ALA C 397 -10.34 62.40 -9.97
N ILE C 398 -9.78 62.62 -8.79
CA ILE C 398 -8.60 63.46 -8.63
C ILE C 398 -7.38 62.80 -9.28
N VAL C 399 -7.24 61.49 -9.09
CA VAL C 399 -6.14 60.72 -9.71
C VAL C 399 -6.25 60.78 -11.23
N ALA C 400 -7.49 60.77 -11.73
CA ALA C 400 -7.77 60.80 -13.17
C ALA C 400 -7.40 62.13 -13.83
N LEU C 401 -7.97 63.22 -13.33
CA LEU C 401 -7.88 64.51 -14.01
C LEU C 401 -7.01 65.56 -13.29
N GLY C 402 -6.50 65.22 -12.11
CA GLY C 402 -5.74 66.18 -11.31
C GLY C 402 -6.65 66.93 -10.36
N ASP C 403 -6.04 67.71 -9.47
CA ASP C 403 -6.77 68.41 -8.41
C ASP C 403 -7.56 69.63 -8.90
N ASP C 404 -7.24 70.13 -10.09
CA ASP C 404 -7.79 71.40 -10.56
C ASP C 404 -8.89 71.29 -11.62
N LYS C 405 -9.28 70.05 -11.94
CA LYS C 405 -10.29 69.79 -12.96
C LYS C 405 -11.45 68.97 -12.39
N ALA C 406 -12.66 69.22 -12.88
CA ALA C 406 -13.84 68.48 -12.45
C ALA C 406 -14.17 67.36 -13.43
N ALA C 407 -14.73 66.27 -12.91
CA ALA C 407 -15.16 65.15 -13.72
C ALA C 407 -16.66 65.20 -13.95
N ALA C 408 -17.07 65.16 -15.21
CA ALA C 408 -18.48 65.18 -15.57
C ALA C 408 -18.92 63.89 -16.24
N PHE C 409 -20.10 63.41 -15.86
CA PHE C 409 -20.66 62.17 -16.40
C PHE C 409 -22.08 62.41 -16.89
N GLU C 410 -22.39 61.94 -18.09
CA GLU C 410 -23.74 62.08 -18.62
C GLU C 410 -24.48 60.75 -18.68
N SER C 411 -25.79 60.83 -18.45
CA SER C 411 -26.68 59.69 -18.56
C SER C 411 -27.98 60.20 -19.19
N ASN C 412 -28.18 59.87 -20.46
CA ASN C 412 -29.32 60.37 -21.24
C ASN C 412 -29.34 61.89 -21.41
N SER C 413 -28.16 62.52 -21.37
CA SER C 413 -28.05 63.97 -21.57
C SER C 413 -26.72 64.36 -22.21
N LYS C 414 -26.43 63.75 -23.36
CA LYS C 414 -25.22 64.02 -24.13
C LYS C 414 -25.17 65.46 -24.64
N VAL C 415 -26.33 65.98 -25.04
CA VAL C 415 -26.44 67.33 -25.62
C VAL C 415 -26.24 68.42 -24.57
N ILE C 416 -26.97 68.34 -23.46
CA ILE C 416 -26.86 69.32 -22.38
C ILE C 416 -25.44 69.35 -21.78
N LEU C 417 -24.79 68.19 -21.70
CA LEU C 417 -23.41 68.13 -21.22
C LEU C 417 -22.45 68.88 -22.15
N ASN C 418 -22.57 68.64 -23.46
CA ASN C 418 -21.74 69.31 -24.45
C ASN C 418 -21.80 70.83 -24.37
N ASP C 419 -23.00 71.36 -24.11
CA ASP C 419 -23.17 72.79 -23.91
C ASP C 419 -22.44 73.26 -22.63
N ILE C 420 -22.54 72.47 -21.57
CA ILE C 420 -21.92 72.81 -20.29
C ILE C 420 -20.39 72.74 -20.39
N LEU C 421 -19.88 71.73 -21.09
CA LEU C 421 -18.43 71.59 -21.32
C LEU C 421 -17.88 72.78 -22.11
N GLN C 422 -18.70 73.33 -23.01
CA GLN C 422 -18.35 74.53 -23.75
C GLN C 422 -18.37 75.78 -22.88
N ILE C 423 -19.47 75.95 -22.13
CA ILE C 423 -19.65 77.10 -21.25
C ILE C 423 -18.54 77.19 -20.21
N SER C 424 -18.21 76.05 -19.60
CA SER C 424 -17.20 75.99 -18.55
C SER C 424 -15.81 76.43 -19.04
N SER C 425 -15.45 76.02 -20.26
CA SER C 425 -14.17 76.38 -20.85
C SER C 425 -14.08 77.88 -21.17
N GLU C 426 -15.25 78.52 -21.25
CA GLU C 426 -15.35 79.95 -21.53
C GLU C 426 -15.34 80.81 -20.27
N VAL C 427 -15.64 80.20 -19.12
CA VAL C 427 -15.68 80.92 -17.84
C VAL C 427 -14.57 80.49 -16.86
N ASP C 428 -13.47 79.99 -17.43
CA ASP C 428 -12.28 79.59 -16.67
C ASP C 428 -12.54 78.51 -15.61
N GLU C 429 -13.33 77.50 -15.96
CA GLU C 429 -13.57 76.35 -15.10
C GLU C 429 -13.35 75.05 -15.87
N MET C 430 -12.31 74.31 -15.48
CA MET C 430 -11.95 73.08 -16.16
C MET C 430 -12.84 71.90 -15.78
N VAL C 431 -13.68 71.49 -16.72
CA VAL C 431 -14.58 70.35 -16.55
C VAL C 431 -14.40 69.42 -17.74
N PHE C 432 -14.21 68.13 -17.47
CA PHE C 432 -14.03 67.15 -18.54
C PHE C 432 -14.84 65.88 -18.33
N GLU C 433 -15.22 65.24 -19.43
CA GLU C 433 -16.08 64.07 -19.40
C GLU C 433 -15.33 62.77 -19.12
N LEU C 434 -15.92 61.93 -18.28
CA LEU C 434 -15.52 60.55 -18.12
C LEU C 434 -16.73 59.67 -18.42
N PRO C 435 -16.51 58.44 -18.92
CA PRO C 435 -17.62 57.63 -19.42
C PRO C 435 -18.34 56.78 -18.37
N ILE C 436 -19.59 56.44 -18.66
CA ILE C 436 -20.30 55.37 -17.97
C ILE C 436 -20.67 54.31 -19.01
N THR C 437 -20.02 53.16 -18.93
CA THR C 437 -20.21 52.10 -19.93
C THR C 437 -21.04 50.94 -19.38
N ALA C 438 -21.25 49.93 -20.22
CA ALA C 438 -21.96 48.71 -19.83
C ALA C 438 -21.30 48.02 -18.64
N THR C 439 -19.98 48.11 -18.55
CA THR C 439 -19.20 47.57 -17.44
C THR C 439 -19.69 48.10 -16.09
N GLU C 440 -19.80 49.42 -15.99
CA GLU C 440 -20.20 50.08 -14.74
C GLU C 440 -21.68 49.87 -14.42
N ARG C 441 -22.51 49.86 -15.46
CA ARG C 441 -23.94 49.60 -15.31
C ARG C 441 -24.22 48.20 -14.77
N ALA C 442 -23.33 47.26 -15.11
CA ALA C 442 -23.45 45.88 -14.64
C ALA C 442 -22.84 45.69 -13.26
N SER C 443 -21.70 46.34 -13.00
CA SER C 443 -20.93 46.09 -11.77
C SER C 443 -21.56 46.66 -10.50
N ILE C 444 -22.44 47.65 -10.64
CA ILE C 444 -23.19 48.17 -9.49
C ILE C 444 -24.21 47.16 -8.97
N LYS C 445 -24.44 46.10 -9.76
CA LYS C 445 -25.38 45.05 -9.40
C LYS C 445 -24.67 43.78 -8.89
N HIS C 446 -23.34 43.84 -8.79
CA HIS C 446 -22.54 42.69 -8.35
C HIS C 446 -22.57 42.53 -6.82
N SER C 447 -23.73 42.17 -6.30
CA SER C 447 -23.89 41.83 -4.89
C SER C 447 -24.47 40.43 -4.79
N ASP C 448 -23.96 39.65 -3.84
CA ASP C 448 -24.44 38.28 -3.62
C ASP C 448 -25.74 38.24 -2.84
N ILE C 449 -26.14 39.38 -2.30
CA ILE C 449 -27.28 39.45 -1.38
C ILE C 449 -28.34 40.50 -1.78
N ALA C 450 -27.89 41.69 -2.15
CA ALA C 450 -28.81 42.80 -2.44
C ALA C 450 -28.95 43.08 -3.93
N ASP C 451 -29.86 43.99 -4.27
CA ASP C 451 -30.04 44.45 -5.66
C ASP C 451 -28.81 45.21 -6.14
N LEU C 452 -28.24 46.03 -5.26
CA LEU C 452 -27.09 46.87 -5.61
C LEU C 452 -25.99 46.80 -4.55
N VAL C 453 -24.78 47.12 -4.98
CA VAL C 453 -23.63 47.24 -4.09
C VAL C 453 -23.01 48.64 -4.28
N ASN C 454 -22.48 49.22 -3.20
CA ASN C 454 -22.00 50.61 -3.23
C ASN C 454 -20.51 50.77 -3.50
N HIS C 455 -19.80 49.66 -3.68
CA HIS C 455 -18.35 49.70 -3.84
C HIS C 455 -17.81 48.52 -4.63
N THR C 456 -16.80 48.81 -5.45
CA THR C 456 -16.07 47.77 -6.18
C THR C 456 -14.60 47.76 -5.74
N ASN C 457 -14.01 46.58 -5.69
CA ASN C 457 -12.58 46.46 -5.41
C ASN C 457 -11.73 46.63 -6.68
N GLY C 458 -12.40 46.64 -7.83
CA GLY C 458 -11.74 46.88 -9.10
C GLY C 458 -11.44 48.36 -9.30
N GLN C 459 -10.81 48.68 -10.43
CA GLN C 459 -10.45 50.05 -10.75
C GLN C 459 -11.59 50.76 -11.50
N GLY C 460 -11.37 52.02 -11.87
CA GLY C 460 -12.42 52.85 -12.48
C GLY C 460 -13.49 53.22 -11.47
N LYS C 461 -13.07 53.53 -10.25
CA LYS C 461 -13.99 53.78 -9.13
C LYS C 461 -14.86 55.01 -9.30
N ALA C 462 -14.32 56.04 -9.96
CA ALA C 462 -15.08 57.26 -10.25
C ALA C 462 -16.22 56.97 -11.23
N LEU C 463 -15.99 56.08 -12.17
CA LEU C 463 -17.00 55.68 -13.14
C LEU C 463 -18.08 54.85 -12.47
N PHE C 464 -17.68 53.98 -11.54
CA PHE C 464 -18.61 53.17 -10.75
C PHE C 464 -19.54 54.06 -9.93
N ALA C 465 -18.97 55.02 -9.21
CA ALA C 465 -19.74 55.95 -8.38
C ALA C 465 -20.78 56.71 -9.20
N ALA C 466 -20.38 57.15 -10.38
CA ALA C 466 -21.28 57.87 -11.29
C ALA C 466 -22.42 56.97 -11.76
N SER C 467 -22.10 55.73 -12.10
CA SER C 467 -23.08 54.74 -12.51
C SER C 467 -24.09 54.49 -11.40
N PHE C 468 -23.60 54.45 -10.15
CA PHE C 468 -24.45 54.21 -8.98
C PHE C 468 -25.44 55.35 -8.78
N VAL C 469 -24.95 56.58 -8.86
CA VAL C 469 -25.78 57.76 -8.66
C VAL C 469 -26.79 57.94 -9.79
N THR C 470 -26.34 57.82 -11.04
CA THR C 470 -27.19 58.05 -12.21
C THR C 470 -28.23 56.94 -12.44
N HIS C 471 -28.09 55.83 -11.71
CA HIS C 471 -29.05 54.72 -11.78
C HIS C 471 -30.42 55.16 -11.27
N PHE C 472 -30.43 56.04 -10.28
CA PHE C 472 -31.65 56.38 -9.55
C PHE C 472 -32.52 57.45 -10.24
N SER C 473 -32.04 57.96 -11.37
CA SER C 473 -32.80 58.94 -12.13
C SER C 473 -33.66 58.30 -13.22
N GLY C 474 -33.46 56.99 -13.44
CA GLY C 474 -34.17 56.27 -14.48
C GLY C 474 -33.69 56.72 -15.84
N GLN C 475 -34.62 57.12 -16.70
CA GLN C 475 -34.29 57.59 -18.04
C GLN C 475 -34.23 59.12 -18.15
N THR C 476 -34.48 59.80 -17.03
CA THR C 476 -34.40 61.26 -16.95
C THR C 476 -32.97 61.72 -17.21
N PRO C 477 -32.79 62.72 -18.11
CA PRO C 477 -31.48 63.30 -18.37
C PRO C 477 -30.74 63.68 -17.07
N HIS C 478 -29.56 63.13 -16.89
CA HIS C 478 -28.82 63.25 -15.64
C HIS C 478 -27.35 63.55 -15.91
N ILE C 479 -26.84 64.61 -15.31
CA ILE C 479 -25.41 64.90 -15.32
C ILE C 479 -24.85 64.88 -13.90
N HIS C 480 -23.80 64.08 -13.70
CA HIS C 480 -23.13 63.96 -12.41
C HIS C 480 -21.79 64.70 -12.44
N PHE C 481 -21.60 65.59 -11.47
CA PHE C 481 -20.37 66.37 -11.37
C PHE C 481 -19.55 65.97 -10.14
N ASP C 482 -18.44 65.28 -10.37
CA ASP C 482 -17.50 64.94 -9.31
C ASP C 482 -16.49 66.06 -9.14
N ILE C 483 -16.69 66.87 -8.11
CA ILE C 483 -15.85 68.04 -7.86
C ILE C 483 -14.94 67.85 -6.65
N ALA C 484 -14.53 66.61 -6.41
CA ALA C 484 -13.67 66.29 -5.26
C ALA C 484 -12.38 67.10 -5.28
N GLY C 485 -11.87 67.34 -6.47
CA GLY C 485 -10.63 68.09 -6.64
C GLY C 485 -10.80 69.61 -6.61
N PRO C 486 -11.51 70.18 -7.61
CA PRO C 486 -11.54 71.63 -7.80
C PRO C 486 -12.43 72.40 -6.83
N ALA C 487 -13.21 71.69 -6.00
CA ALA C 487 -14.08 72.35 -5.01
C ALA C 487 -13.28 73.12 -3.96
N THR C 488 -12.05 72.69 -3.76
CA THR C 488 -11.13 73.34 -2.82
C THR C 488 -9.77 73.53 -3.47
N THR C 489 -9.05 74.56 -3.00
CA THR C 489 -7.69 74.84 -3.45
C THR C 489 -6.78 75.04 -2.24
N ASN C 490 -5.53 74.60 -2.35
CA ASN C 490 -4.56 74.74 -1.25
C ASN C 490 -3.60 75.90 -1.49
N LYS C 491 -3.93 76.73 -2.47
CA LYS C 491 -3.08 77.82 -2.91
C LYS C 491 -3.94 79.07 -3.15
N ALA C 492 -3.49 80.21 -2.63
CA ALA C 492 -4.15 81.49 -2.87
C ALA C 492 -3.86 81.96 -4.29
N SER C 493 -4.83 82.66 -4.89
CA SER C 493 -4.72 83.14 -6.26
C SER C 493 -5.58 84.38 -6.49
N TYR C 494 -5.68 84.78 -7.76
CA TYR C 494 -6.53 85.91 -8.17
C TYR C 494 -8.02 85.64 -7.92
N ASN C 495 -8.37 84.38 -7.64
CA ASN C 495 -9.75 84.00 -7.35
C ASN C 495 -10.09 83.98 -5.86
N GLY C 496 -9.10 84.28 -5.02
CA GLY C 496 -9.31 84.31 -3.57
C GLY C 496 -8.33 83.44 -2.79
N PRO C 497 -8.53 83.34 -1.47
CA PRO C 497 -7.61 82.61 -0.59
C PRO C 497 -7.81 81.10 -0.66
N LYS C 498 -6.99 80.36 0.10
CA LYS C 498 -7.12 78.91 0.26
C LYS C 498 -8.51 78.54 0.73
N GLY C 499 -8.96 77.35 0.33
CA GLY C 499 -10.24 76.83 0.79
C GLY C 499 -11.22 76.63 -0.34
N PRO C 500 -12.53 76.71 -0.04
CA PRO C 500 -13.57 76.47 -1.02
C PRO C 500 -13.52 77.47 -2.18
N THR C 501 -13.73 76.98 -3.40
CA THR C 501 -13.62 77.78 -4.60
C THR C 501 -14.97 78.23 -5.14
N GLY C 502 -16.04 77.53 -4.73
CA GLY C 502 -17.37 77.78 -5.27
C GLY C 502 -17.47 77.23 -6.68
N PHE C 503 -16.70 76.18 -6.96
CA PHE C 503 -16.58 75.60 -8.29
C PHE C 503 -17.93 75.17 -8.86
N MET C 504 -18.11 75.42 -10.16
CA MET C 504 -19.33 75.09 -10.93
C MET C 504 -20.38 76.19 -10.93
N ILE C 505 -20.40 77.02 -9.88
CA ILE C 505 -21.37 78.12 -9.77
C ILE C 505 -21.34 79.06 -10.99
N PRO C 506 -20.15 79.53 -11.40
CA PRO C 506 -20.09 80.36 -12.61
C PRO C 506 -20.62 79.64 -13.86
N THR C 507 -20.27 78.36 -14.02
CA THR C 507 -20.68 77.56 -15.18
C THR C 507 -22.20 77.36 -15.25
N ILE C 508 -22.80 76.90 -14.16
CA ILE C 508 -24.23 76.60 -14.10
C ILE C 508 -25.09 77.87 -14.24
N VAL C 509 -24.68 78.94 -13.56
CA VAL C 509 -25.38 80.23 -13.66
C VAL C 509 -25.42 80.72 -15.11
N GLN C 510 -24.27 80.63 -15.79
CA GLN C 510 -24.17 80.99 -17.20
C GLN C 510 -25.08 80.13 -18.08
N TRP C 511 -25.15 78.84 -17.75
CA TRP C 511 -26.03 77.90 -18.45
C TRP C 511 -27.50 78.22 -18.21
N LEU C 512 -27.82 78.57 -16.95
CA LEU C 512 -29.18 78.95 -16.59
C LEU C 512 -29.65 80.23 -17.28
N LYS C 513 -28.71 81.14 -17.52
CA LYS C 513 -28.98 82.39 -18.23
C LYS C 513 -29.41 82.16 -19.68
N GLN C 514 -29.10 80.98 -20.20
CA GLN C 514 -29.35 80.67 -21.61
C GLN C 514 -30.59 79.80 -21.84
N GLN C 515 -31.43 79.66 -20.81
CA GLN C 515 -32.62 78.81 -20.90
C GLN C 515 -33.88 79.62 -21.24
N SER D 22 41.40 22.58 21.38
CA SER D 22 40.53 21.40 21.11
C SER D 22 39.21 21.48 21.90
N ASN D 23 39.07 20.62 22.90
CA ASN D 23 37.88 20.56 23.76
C ASN D 23 37.80 21.72 24.75
N ALA D 24 36.58 22.11 25.11
CA ALA D 24 36.35 23.16 26.10
C ALA D 24 36.59 22.64 27.52
N MET D 25 36.25 21.37 27.74
CA MET D 25 36.42 20.74 29.03
C MET D 25 37.36 19.54 28.94
N ASN D 26 38.13 19.32 30.00
CA ASN D 26 39.01 18.16 30.09
C ASN D 26 38.51 17.19 31.16
N PHE D 27 37.91 16.09 30.71
CA PHE D 27 37.30 15.11 31.61
C PHE D 27 38.29 14.04 32.07
N LYS D 28 38.48 13.97 33.39
CA LYS D 28 39.36 12.98 34.01
C LYS D 28 38.56 12.18 35.05
N LEU D 29 38.74 10.87 35.06
CA LEU D 29 37.99 10.02 35.97
C LEU D 29 38.83 9.47 37.13
N ASN D 30 38.37 9.73 38.35
CA ASN D 30 38.96 9.20 39.59
C ASN D 30 40.48 9.33 39.75
N ASN D 31 40.95 10.58 39.72
CA ASN D 31 42.33 10.91 40.13
C ASN D 31 42.27 11.50 41.53
N THR D 32 41.57 10.77 42.41
CA THR D 32 41.13 11.28 43.72
C THR D 32 42.16 12.09 44.51
N LEU D 33 41.70 13.25 44.98
CA LEU D 33 42.44 14.12 45.90
C LEU D 33 43.82 14.62 45.46
N SER D 34 43.82 15.81 44.87
CA SER D 34 45.04 16.58 44.62
C SER D 34 45.12 17.70 45.64
N ASN D 35 46.35 18.11 45.97
CA ASN D 35 46.60 19.08 47.03
C ASN D 35 46.13 20.51 46.73
N GLU D 36 46.21 20.90 45.46
CA GLU D 36 45.91 22.29 45.08
C GLU D 36 44.45 22.56 44.71
N ILE D 37 43.75 21.53 44.21
CA ILE D 37 42.34 21.70 43.81
C ILE D 37 41.47 21.95 45.05
N ASN D 38 40.80 23.10 45.07
CA ASN D 38 39.95 23.47 46.19
C ASN D 38 38.54 23.90 45.78
N THR D 39 38.05 23.35 44.66
CA THR D 39 36.73 23.63 44.14
C THR D 39 35.94 22.33 43.97
N LEU D 40 34.67 22.37 44.35
CA LEU D 40 33.83 21.17 44.42
C LEU D 40 32.45 21.40 43.81
N ILE D 41 32.01 20.48 42.95
CA ILE D 41 30.69 20.57 42.31
C ILE D 41 29.77 19.41 42.72
N ILE D 42 28.60 19.76 43.25
CA ILE D 42 27.59 18.78 43.66
C ILE D 42 26.21 19.18 43.12
N GLY D 43 25.47 18.19 42.62
CA GLY D 43 24.08 18.39 42.22
C GLY D 43 23.15 18.20 43.40
N ILE D 44 22.18 19.10 43.55
CA ILE D 44 21.26 19.07 44.69
C ILE D 44 19.80 18.85 44.27
N PRO D 45 19.22 17.72 44.68
CA PRO D 45 17.82 17.40 44.41
C PRO D 45 16.88 17.94 45.49
N GLU D 46 15.58 17.84 45.23
CA GLU D 46 14.55 18.30 46.16
C GLU D 46 14.58 17.52 47.49
N HIS D 47 14.83 16.21 47.39
CA HIS D 47 14.99 15.37 48.56
C HIS D 47 16.32 14.65 48.49
N LEU D 48 17.22 14.97 49.43
CA LEU D 48 18.57 14.42 49.45
C LEU D 48 18.62 12.91 49.77
N ASN D 49 17.60 12.41 50.47
CA ASN D 49 17.49 10.99 50.79
C ASN D 49 17.19 10.10 49.58
N GLN D 50 16.78 10.72 48.48
CA GLN D 50 16.50 10.01 47.22
C GLN D 50 17.78 9.58 46.50
N LEU D 51 18.89 10.22 46.85
CA LEU D 51 20.21 9.81 46.37
C LEU D 51 20.91 8.90 47.38
N GLU D 52 21.85 8.10 46.89
CA GLU D 52 22.76 7.35 47.74
C GLU D 52 23.62 8.37 48.49
N ARG D 53 23.73 8.19 49.81
CA ARG D 53 24.40 9.17 50.66
C ARG D 53 25.69 9.72 50.05
N ILE D 54 25.71 11.02 49.83
CA ILE D 54 26.82 11.71 49.17
C ILE D 54 28.05 11.76 50.07
N SER D 55 29.19 11.33 49.52
CA SER D 55 30.45 11.35 50.26
C SER D 55 31.61 11.90 49.42
N PHE D 56 32.40 12.77 50.03
CA PHE D 56 33.61 13.30 49.43
C PHE D 56 34.81 12.91 50.27
N ASN D 57 35.95 12.68 49.62
CA ASN D 57 37.14 12.17 50.29
C ASN D 57 36.80 10.81 50.89
N HIS D 58 36.41 10.79 52.16
CA HIS D 58 35.91 9.59 52.83
C HIS D 58 34.82 9.93 53.83
N ILE D 59 34.54 11.23 53.96
CA ILE D 59 33.54 11.72 54.90
C ILE D 59 32.16 11.88 54.25
N ASP D 60 31.15 11.33 54.92
CA ASP D 60 29.76 11.51 54.54
C ASP D 60 29.34 12.96 54.78
N ILE D 61 28.98 13.66 53.70
CA ILE D 61 28.66 15.09 53.77
C ILE D 61 27.17 15.39 53.57
N THR D 62 26.35 14.34 53.59
CA THR D 62 24.91 14.46 53.34
C THR D 62 24.20 15.39 54.31
N GLU D 63 24.46 15.23 55.60
CA GLU D 63 23.78 16.00 56.64
C GLU D 63 24.18 17.48 56.66
N SER D 64 25.43 17.77 56.30
CA SER D 64 25.91 19.15 56.21
C SER D 64 25.29 19.89 55.04
N LEU D 65 25.06 19.16 53.95
CA LEU D 65 24.37 19.70 52.78
C LEU D 65 22.88 19.93 53.08
N GLU D 66 22.33 19.07 53.94
CA GLU D 66 20.94 19.19 54.39
C GLU D 66 20.71 20.47 55.20
N ARG D 67 21.69 20.84 56.02
CA ARG D 67 21.62 22.05 56.83
C ARG D 67 21.73 23.33 56.00
N LEU D 68 22.60 23.29 54.98
CA LEU D 68 22.78 24.41 54.07
C LEU D 68 21.52 24.64 53.23
N LYS D 69 20.86 23.54 52.87
CA LYS D 69 19.61 23.57 52.11
C LYS D 69 18.48 24.14 52.98
N HIS D 70 18.49 23.78 54.26
CA HIS D 70 17.50 24.26 55.23
C HIS D 70 17.68 25.74 55.53
N GLN D 71 18.92 26.21 55.46
CA GLN D 71 19.25 27.62 55.69
C GLN D 71 19.12 28.46 54.42
N HIS D 72 18.73 27.81 53.32
CA HIS D 72 18.57 28.45 52.01
C HIS D 72 19.88 28.98 51.42
N ILE D 73 21.00 28.44 51.91
CA ILE D 73 22.32 28.75 51.37
C ILE D 73 22.52 28.00 50.05
N ILE D 74 22.01 26.78 49.98
CA ILE D 74 21.90 26.04 48.73
C ILE D 74 20.44 25.61 48.50
N GLY D 75 20.12 25.21 47.27
CA GLY D 75 18.76 24.82 46.93
C GLY D 75 18.67 23.82 45.79
N SER D 76 17.45 23.47 45.41
CA SER D 76 17.21 22.40 44.45
C SER D 76 16.55 22.85 43.14
N LYS D 77 16.17 24.11 43.05
CA LYS D 77 15.49 24.64 41.87
C LYS D 77 16.28 24.29 40.60
N VAL D 78 15.59 23.68 39.63
CA VAL D 78 16.22 23.13 38.42
C VAL D 78 17.13 24.14 37.71
N GLY D 79 18.42 23.82 37.66
CA GLY D 79 19.39 24.62 36.92
C GLY D 79 19.89 25.87 37.60
N LYS D 80 19.49 26.07 38.86
CA LYS D 80 19.94 27.25 39.61
C LYS D 80 21.28 26.99 40.29
N ILE D 81 22.17 27.96 40.17
CA ILE D 81 23.52 27.86 40.73
C ILE D 81 23.62 28.50 42.10
N TYR D 82 24.11 27.74 43.07
CA TYR D 82 24.40 28.25 44.41
C TYR D 82 25.87 28.00 44.71
N THR D 83 26.54 28.98 45.33
CA THR D 83 27.91 28.79 45.79
C THR D 83 28.04 29.13 47.26
N THR D 84 28.95 28.44 47.94
CA THR D 84 29.22 28.67 49.35
C THR D 84 30.61 28.15 49.77
N ALA D 85 31.14 28.71 50.84
CA ALA D 85 32.32 28.15 51.49
C ALA D 85 31.92 26.85 52.18
N PHE D 86 32.72 25.81 51.98
CA PHE D 86 32.38 24.49 52.45
C PHE D 86 33.58 23.82 53.10
N ASP D 87 33.45 23.54 54.41
CA ASP D 87 34.50 22.89 55.16
C ASP D 87 34.33 21.38 55.17
N VAL D 88 35.34 20.69 54.62
CA VAL D 88 35.46 19.25 54.79
C VAL D 88 36.87 18.95 55.29
N GLN D 89 36.94 18.39 56.49
CA GLN D 89 38.19 18.23 57.26
C GLN D 89 38.80 19.60 57.61
N ASP D 90 40.09 19.79 57.34
CA ASP D 90 40.75 21.05 57.71
C ASP D 90 40.69 22.14 56.63
N GLN D 91 40.61 21.74 55.37
CA GLN D 91 40.65 22.69 54.26
C GLN D 91 39.26 23.24 53.91
N THR D 92 39.22 24.49 53.46
CA THR D 92 38.00 25.16 53.03
C THR D 92 37.88 25.08 51.51
N TYR D 93 36.74 24.58 51.04
CA TYR D 93 36.48 24.40 49.62
C TYR D 93 35.46 25.40 49.09
N ARG D 94 35.58 25.72 47.81
CA ARG D 94 34.55 26.46 47.10
C ARG D 94 33.54 25.45 46.57
N LEU D 95 32.34 25.45 47.17
CA LEU D 95 31.29 24.53 46.75
C LEU D 95 30.39 25.18 45.70
N ILE D 96 30.21 24.48 44.59
CA ILE D 96 29.31 24.90 43.52
C ILE D 96 28.13 23.94 43.40
N THR D 97 26.94 24.47 43.60
CA THR D 97 25.71 23.69 43.63
C THR D 97 24.82 24.02 42.44
N VAL D 98 24.32 22.98 41.77
CA VAL D 98 23.30 23.15 40.74
C VAL D 98 22.07 22.33 41.09
N GLY D 99 20.90 22.98 41.08
CA GLY D 99 19.65 22.32 41.43
C GLY D 99 19.20 21.29 40.41
N LEU D 100 18.63 20.20 40.91
CA LEU D 100 18.16 19.11 40.05
C LEU D 100 16.64 18.96 40.06
N GLY D 101 15.99 19.63 41.01
CA GLY D 101 14.54 19.52 41.19
C GLY D 101 14.15 18.17 41.75
N ASN D 102 12.91 17.77 41.49
CA ASN D 102 12.44 16.44 41.84
C ASN D 102 13.01 15.41 40.88
N LEU D 103 13.73 14.42 41.42
CA LEU D 103 14.39 13.39 40.62
C LEU D 103 13.41 12.45 39.91
N LYS D 104 12.21 12.31 40.47
CA LYS D 104 11.14 11.51 39.86
C LYS D 104 10.69 12.12 38.54
N THR D 105 10.55 13.44 38.53
CA THR D 105 10.01 14.17 37.38
C THR D 105 11.09 15.00 36.66
N ARG D 106 12.24 14.40 36.44
CA ARG D 106 13.35 15.08 35.76
C ARG D 106 13.45 14.67 34.30
N SER D 107 13.09 15.60 33.42
CA SER D 107 13.08 15.38 31.97
C SER D 107 14.48 15.55 31.37
N TYR D 108 14.61 15.24 30.09
CA TYR D 108 15.86 15.43 29.35
C TYR D 108 16.17 16.92 29.19
N GLN D 109 15.11 17.72 29.03
CA GLN D 109 15.24 19.18 28.99
C GLN D 109 15.87 19.69 30.29
N ASP D 110 15.39 19.17 31.42
CA ASP D 110 15.93 19.52 32.73
C ASP D 110 17.43 19.23 32.79
N MET D 111 17.84 18.06 32.28
CA MET D 111 19.26 17.67 32.23
C MET D 111 20.10 18.68 31.43
N LEU D 112 19.55 19.13 30.29
CA LEU D 112 20.21 20.14 29.45
C LEU D 112 20.32 21.48 30.18
N LYS D 113 19.29 21.82 30.94
CA LYS D 113 19.27 23.04 31.73
C LYS D 113 20.26 22.97 32.90
N ILE D 114 20.37 21.79 33.51
CA ILE D 114 21.28 21.55 34.63
C ILE D 114 22.75 21.67 34.20
N TRP D 115 23.15 20.86 33.21
CA TRP D 115 24.52 20.89 32.71
C TRP D 115 24.84 22.20 32.03
N GLY D 116 23.86 22.75 31.31
CA GLY D 116 24.01 24.01 30.59
C GLY D 116 24.39 25.16 31.49
N HIS D 117 23.57 25.43 32.50
CA HIS D 117 23.84 26.52 33.44
C HIS D 117 25.12 26.31 34.23
N LEU D 118 25.42 25.05 34.55
CA LEU D 118 26.62 24.69 35.30
C LEU D 118 27.90 25.05 34.54
N PHE D 119 28.03 24.52 33.32
CA PHE D 119 29.22 24.73 32.51
C PHE D 119 29.39 26.20 32.10
N GLN D 120 28.27 26.91 31.95
CA GLN D 120 28.29 28.34 31.68
C GLN D 120 28.86 29.12 32.87
N TYR D 121 28.48 28.71 34.08
CA TYR D 121 29.00 29.32 35.30
C TYR D 121 30.49 29.03 35.46
N ILE D 122 30.88 27.78 35.23
CA ILE D 122 32.28 27.35 35.31
C ILE D 122 33.18 28.20 34.39
N LYS D 123 32.73 28.42 33.16
CA LYS D 123 33.50 29.17 32.18
C LYS D 123 33.59 30.67 32.47
N SER D 124 32.45 31.27 32.85
CA SER D 124 32.41 32.69 33.17
C SER D 124 33.19 33.04 34.43
N GLU D 125 33.36 32.05 35.31
CA GLU D 125 34.12 32.24 36.55
C GLU D 125 35.60 31.87 36.39
N HIS D 126 35.98 31.49 35.17
CA HIS D 126 37.37 31.17 34.82
C HIS D 126 37.98 30.10 35.74
N ILE D 127 37.18 29.06 36.03
CA ILE D 127 37.61 27.95 36.86
C ILE D 127 38.40 26.95 36.01
N GLU D 128 39.60 26.61 36.46
CA GLU D 128 40.51 25.75 35.69
C GLU D 128 40.63 24.34 36.27
N ASP D 129 40.42 24.21 37.58
CA ASP D 129 40.54 22.92 38.25
C ASP D 129 39.44 22.75 39.29
N THR D 130 38.64 21.69 39.15
CA THR D 130 37.54 21.41 40.07
C THR D 130 37.20 19.92 40.17
N TYR D 131 36.67 19.52 41.31
CA TYR D 131 36.10 18.19 41.49
C TYR D 131 34.63 18.18 41.08
N LEU D 132 34.18 17.07 40.53
CA LEU D 132 32.78 16.89 40.17
C LEU D 132 32.27 15.55 40.71
N LEU D 133 31.34 15.63 41.67
CA LEU D 133 30.76 14.44 42.29
C LEU D 133 29.63 13.90 41.43
N MET D 134 29.98 13.04 40.48
CA MET D 134 29.06 12.54 39.46
C MET D 134 27.90 11.72 40.03
N ASP D 135 28.12 11.07 41.17
CA ASP D 135 27.09 10.24 41.81
C ASP D 135 25.88 11.05 42.27
N SER D 136 26.07 12.35 42.51
CA SER D 136 24.98 13.23 42.93
C SER D 136 24.06 13.63 41.77
N PHE D 137 24.52 13.36 40.54
CA PHE D 137 23.76 13.68 39.34
C PHE D 137 22.97 12.49 38.80
N ILE D 138 23.38 11.29 39.20
CA ILE D 138 22.79 10.04 38.73
C ILE D 138 21.76 9.53 39.72
N SER D 139 20.54 9.28 39.22
CA SER D 139 19.41 8.80 40.03
C SER D 139 18.69 7.58 39.42
N LYS D 140 17.72 7.04 40.16
CA LYS D 140 17.04 5.79 39.77
C LYS D 140 15.79 5.96 38.90
N TYR D 141 15.30 7.19 38.81
CA TYR D 141 14.11 7.49 38.00
C TYR D 141 14.47 7.90 36.57
N ASP D 142 15.75 8.08 36.33
CA ASP D 142 16.26 8.54 35.03
C ASP D 142 17.27 7.53 34.47
N GLN D 143 17.70 7.76 33.23
CA GLN D 143 18.69 6.90 32.57
C GLN D 143 20.08 7.52 32.63
N LEU D 144 21.07 6.70 32.97
CA LEU D 144 22.47 7.13 33.12
C LEU D 144 23.07 7.63 31.82
N SER D 145 22.94 6.84 30.76
CA SER D 145 23.43 7.20 29.43
C SER D 145 22.95 8.58 29.04
N ASP D 146 21.70 8.86 29.42
CA ASP D 146 21.07 10.15 29.15
C ASP D 146 21.72 11.29 29.92
N VAL D 147 22.16 11.02 31.15
CA VAL D 147 22.81 12.02 32.00
C VAL D 147 24.19 12.37 31.43
N LEU D 148 24.96 11.35 31.08
CA LEU D 148 26.32 11.55 30.56
C LEU D 148 26.34 12.12 29.14
N MET D 149 25.30 11.79 28.36
CA MET D 149 25.13 12.34 27.01
C MET D 149 24.90 13.84 27.09
N ALA D 150 23.95 14.24 27.93
CA ALA D 150 23.63 15.65 28.16
C ALA D 150 24.84 16.40 28.69
N CYS D 151 25.58 15.77 29.60
CA CYS D 151 26.81 16.32 30.14
C CYS D 151 27.83 16.63 29.04
N GLY D 152 28.02 15.66 28.14
CA GLY D 152 28.95 15.79 27.02
C GLY D 152 28.57 16.89 26.03
N ILE D 153 27.30 16.91 25.63
CA ILE D 153 26.80 17.88 24.65
C ILE D 153 26.92 19.30 25.19
N GLN D 154 26.40 19.51 26.40
CA GLN D 154 26.36 20.85 27.00
C GLN D 154 27.73 21.42 27.36
N SER D 155 28.72 20.55 27.54
CA SER D 155 30.10 20.98 27.80
C SER D 155 30.67 21.77 26.63
N GLU D 156 30.12 21.55 25.45
CA GLU D 156 30.53 22.24 24.23
C GLU D 156 29.47 23.24 23.74
N ARG D 157 28.21 22.80 23.73
CA ARG D 157 27.12 23.59 23.16
C ARG D 157 26.77 24.82 24.00
N ALA D 158 26.70 24.65 25.32
CA ALA D 158 26.29 25.74 26.21
C ALA D 158 27.37 26.80 26.36
N THR D 159 28.63 26.40 26.17
CA THR D 159 29.78 27.28 26.38
C THR D 159 30.29 27.90 25.09
N TYR D 160 29.54 27.73 24.01
CA TYR D 160 29.94 28.23 22.70
C TYR D 160 30.00 29.75 22.67
N GLU D 161 31.02 30.28 21.99
CA GLU D 161 31.09 31.70 21.70
C GLU D 161 31.78 31.96 20.35
N PHE D 162 31.29 32.98 19.64
CA PHE D 162 31.86 33.40 18.37
C PHE D 162 32.47 34.79 18.51
N ASP D 163 33.71 34.84 19.00
CA ASP D 163 34.40 36.10 19.27
C ASP D 163 35.62 36.31 18.36
N HIS D 164 35.59 35.68 17.20
CA HIS D 164 36.72 35.70 16.26
C HIS D 164 36.95 37.07 15.61
N TYR D 165 35.91 37.90 15.57
CA TYR D 165 36.00 39.23 14.97
C TYR D 165 36.04 40.35 16.03
N LYS D 166 36.13 39.94 17.29
CA LYS D 166 36.29 40.89 18.40
C LYS D 166 37.77 41.16 18.64
N SER D 167 38.11 42.43 18.83
CA SER D 167 39.47 42.82 19.18
C SER D 167 39.80 42.45 20.62
N SER D 168 38.79 42.51 21.48
CA SER D 168 38.94 42.20 22.89
C SER D 168 38.50 40.76 23.20
N LYS D 169 38.99 39.81 22.41
CA LYS D 169 38.70 38.41 22.66
C LYS D 169 39.66 37.82 23.69
N LYS D 170 39.10 37.18 24.70
CA LYS D 170 39.89 36.57 25.76
C LYS D 170 40.52 35.24 25.31
N ALA D 171 41.68 34.93 25.88
CA ALA D 171 42.42 33.72 25.54
C ALA D 171 41.68 32.45 25.98
N PRO D 172 41.60 31.44 25.09
CA PRO D 172 40.93 30.18 25.42
C PRO D 172 41.68 29.38 26.50
N PHE D 173 40.93 28.83 27.44
CA PHE D 173 41.53 28.07 28.53
C PHE D 173 40.83 26.71 28.71
N LYS D 174 41.57 25.75 29.27
CA LYS D 174 41.06 24.41 29.51
C LYS D 174 40.62 24.27 30.97
N THR D 175 39.41 23.73 31.16
CA THR D 175 38.91 23.43 32.50
C THR D 175 39.05 21.93 32.79
N ASN D 176 39.87 21.61 33.78
CA ASN D 176 40.08 20.23 34.20
C ASN D 176 39.01 19.78 35.17
N LEU D 177 38.16 18.86 34.70
CA LEU D 177 37.09 18.30 35.51
C LEU D 177 37.49 16.93 36.07
N ASN D 178 37.76 16.90 37.36
CA ASN D 178 38.11 15.66 38.05
C ASN D 178 36.85 14.97 38.58
N LEU D 179 36.34 14.00 37.82
CA LEU D 179 35.12 13.29 38.18
C LEU D 179 35.36 12.29 39.30
N ILE D 180 34.50 12.34 40.32
CA ILE D 180 34.56 11.40 41.42
C ILE D 180 33.28 10.58 41.47
N SER D 181 33.45 9.27 41.27
CA SER D 181 32.33 8.33 41.32
C SER D 181 32.74 7.06 42.03
N GLU D 182 31.83 6.54 42.84
CA GLU D 182 32.09 5.36 43.66
C GLU D 182 31.96 4.08 42.84
N SER D 183 31.15 4.13 41.78
CA SER D 183 30.91 2.98 40.91
C SER D 183 30.65 3.42 39.47
N LEU D 184 31.69 3.89 38.81
CA LEU D 184 31.62 4.29 37.40
C LEU D 184 33.00 4.16 36.76
N ILE D 185 33.02 3.60 35.56
CA ILE D 185 34.26 3.29 34.85
C ILE D 185 34.20 3.79 33.40
N GLU D 186 33.04 3.58 32.78
CA GLU D 186 32.79 3.97 31.39
C GLU D 186 32.61 5.48 31.28
N LEU D 187 33.41 6.11 30.42
CA LEU D 187 33.36 7.55 30.19
C LEU D 187 33.02 7.87 28.73
N ASP D 188 32.80 6.81 27.95
CA ASP D 188 32.55 6.92 26.51
C ASP D 188 31.28 7.69 26.14
N PHE D 189 30.30 7.68 27.03
CA PHE D 189 29.03 8.38 26.81
C PHE D 189 29.19 9.91 26.84
N ILE D 190 30.19 10.39 27.58
CA ILE D 190 30.50 11.81 27.61
C ILE D 190 31.24 12.22 26.34
N HIS D 191 32.26 11.44 25.95
CA HIS D 191 33.02 11.68 24.73
C HIS D 191 32.15 11.65 23.48
N GLU D 192 31.07 10.85 23.55
CA GLU D 192 30.07 10.78 22.48
C GLU D 192 29.28 12.09 22.41
N GLY D 193 28.94 12.64 23.59
CA GLY D 193 28.22 13.90 23.67
C GLY D 193 29.06 15.07 23.21
N ILE D 194 30.35 15.05 23.55
CA ILE D 194 31.29 16.11 23.17
C ILE D 194 31.41 16.24 21.65
N SER D 195 31.53 15.10 20.96
CA SER D 195 31.67 15.10 19.50
C SER D 195 30.39 15.57 18.78
N ILE D 196 29.24 15.31 19.39
CA ILE D 196 27.96 15.83 18.90
C ILE D 196 27.89 17.34 19.12
N GLY D 197 28.25 17.79 20.32
CA GLY D 197 28.29 19.20 20.66
C GLY D 197 29.23 20.01 19.77
N GLN D 198 30.39 19.44 19.47
CA GLN D 198 31.36 20.07 18.60
C GLN D 198 30.89 20.12 17.15
N SER D 199 30.05 19.16 16.76
CA SER D 199 29.44 19.15 15.44
C SER D 199 28.40 20.27 15.32
N ILE D 200 27.67 20.50 16.39
CA ILE D 200 26.69 21.59 16.46
C ILE D 200 27.40 22.94 16.37
N ASN D 201 28.52 23.07 17.08
CA ASN D 201 29.33 24.28 17.06
C ASN D 201 30.00 24.54 15.71
N LEU D 202 30.33 23.48 14.99
CA LEU D 202 30.87 23.58 13.64
C LEU D 202 29.85 24.21 12.71
N ALA D 203 28.61 23.76 12.81
CA ALA D 203 27.49 24.32 12.05
C ALA D 203 27.26 25.79 12.43
N ARG D 204 27.32 26.07 13.73
CA ARG D 204 27.18 27.43 14.25
C ARG D 204 28.24 28.38 13.71
N ASP D 205 29.48 27.89 13.61
CA ASP D 205 30.59 28.67 13.10
C ASP D 205 30.37 29.12 11.65
N PHE D 206 29.90 28.19 10.82
CA PHE D 206 29.56 28.53 9.43
C PHE D 206 28.42 29.53 9.35
N SER D 207 27.42 29.37 10.23
CA SER D 207 26.25 30.24 10.24
C SER D 207 26.58 31.65 10.72
N ASN D 208 27.42 31.76 11.75
CA ASN D 208 27.81 33.05 12.32
C ASN D 208 28.75 33.86 11.43
N MET D 209 29.40 33.17 10.50
CA MET D 209 30.37 33.78 9.59
C MET D 209 29.73 34.91 8.78
N PRO D 210 30.40 36.07 8.68
CA PRO D 210 29.89 37.19 7.89
C PRO D 210 29.79 36.84 6.41
N PRO D 211 28.72 37.32 5.74
CA PRO D 211 28.47 36.97 4.33
C PRO D 211 29.52 37.49 3.35
N ASN D 212 30.22 38.55 3.71
CA ASN D 212 31.33 39.05 2.90
C ASN D 212 32.61 38.21 3.06
N VAL D 213 32.62 37.33 4.07
CA VAL D 213 33.71 36.39 4.29
C VAL D 213 33.34 35.00 3.77
N LEU D 214 32.17 34.50 4.19
CA LEU D 214 31.69 33.19 3.75
C LEU D 214 30.80 33.31 2.52
N THR D 215 31.43 33.18 1.35
CA THR D 215 30.75 33.15 0.06
C THR D 215 30.57 31.68 -0.34
N PRO D 216 29.75 31.38 -1.37
CA PRO D 216 29.60 30.00 -1.81
C PRO D 216 30.93 29.29 -2.08
N GLN D 217 31.88 30.01 -2.70
CA GLN D 217 33.19 29.46 -3.00
C GLN D 217 33.98 29.11 -1.74
N THR D 218 34.10 30.07 -0.82
CA THR D 218 34.87 29.86 0.42
C THR D 218 34.20 28.86 1.35
N PHE D 219 32.87 28.78 1.28
CA PHE D 219 32.10 27.79 2.03
C PHE D 219 32.45 26.39 1.53
N ALA D 220 32.48 26.21 0.22
CA ALA D 220 32.89 24.95 -0.39
C ALA D 220 34.33 24.58 -0.03
N GLU D 221 35.23 25.55 -0.14
CA GLU D 221 36.65 25.38 0.18
C GLU D 221 36.88 24.98 1.64
N ASP D 222 36.09 25.58 2.54
CA ASP D 222 36.18 25.27 3.96
C ASP D 222 35.74 23.84 4.28
N ILE D 223 34.71 23.37 3.57
CA ILE D 223 34.21 22.01 3.72
C ILE D 223 35.25 20.98 3.24
N VAL D 224 35.88 21.28 2.10
CA VAL D 224 36.96 20.44 1.55
C VAL D 224 38.11 20.31 2.56
N ASN D 225 38.58 21.45 3.07
CA ASN D 225 39.70 21.48 4.01
C ASN D 225 39.39 20.81 5.35
N HIS D 226 38.14 20.90 5.78
CA HIS D 226 37.72 20.30 7.05
C HIS D 226 37.74 18.77 7.00
N PHE D 227 37.25 18.20 5.90
CA PHE D 227 37.16 16.75 5.74
C PHE D 227 38.36 16.15 5.01
N LYS D 228 39.41 16.95 4.82
CA LYS D 228 40.56 16.57 4.00
C LYS D 228 41.23 15.28 4.44
N ASN D 229 41.48 15.14 5.74
CA ASN D 229 42.16 13.96 6.27
C ASN D 229 41.22 12.94 6.94
N THR D 230 39.95 12.95 6.54
CA THR D 230 38.95 12.07 7.14
C THR D 230 38.44 11.02 6.16
N LYS D 231 37.52 10.19 6.64
CA LYS D 231 36.86 9.17 5.84
C LYS D 231 35.85 9.78 4.87
N VAL D 232 35.52 11.06 5.11
CA VAL D 232 34.48 11.77 4.34
C VAL D 232 35.05 12.37 3.05
N LYS D 233 34.43 12.01 1.92
CA LYS D 233 34.83 12.53 0.61
C LYS D 233 34.00 13.76 0.25
N VAL D 234 34.65 14.75 -0.35
CA VAL D 234 33.98 15.98 -0.75
C VAL D 234 34.25 16.32 -2.23
N ASP D 235 33.19 16.52 -3.00
CA ASP D 235 33.29 16.94 -4.39
C ASP D 235 32.64 18.31 -4.56
N VAL D 236 33.36 19.21 -5.21
CA VAL D 236 32.86 20.57 -5.45
C VAL D 236 32.64 20.82 -6.94
N LYS D 237 31.44 21.25 -7.27
CA LYS D 237 31.04 21.53 -8.63
C LYS D 237 31.05 23.06 -8.83
N ASP D 238 32.03 23.56 -9.59
CA ASP D 238 32.17 25.00 -9.81
C ASP D 238 31.14 25.54 -10.81
N TYR D 239 31.12 26.86 -10.96
CA TYR D 239 30.08 27.55 -11.74
C TYR D 239 29.90 27.05 -13.18
N ASP D 240 30.98 26.89 -13.94
CA ASP D 240 30.82 26.43 -15.32
C ASP D 240 30.27 25.01 -15.38
N THR D 241 30.68 24.17 -14.44
CA THR D 241 30.20 22.80 -14.38
C THR D 241 28.69 22.79 -14.14
N LEU D 242 28.25 23.58 -13.16
CA LEU D 242 26.83 23.74 -12.85
C LEU D 242 25.99 24.03 -14.10
N VAL D 243 26.36 25.07 -14.85
CA VAL D 243 25.58 25.48 -16.01
C VAL D 243 25.63 24.46 -17.15
N SER D 244 26.80 23.86 -17.38
CA SER D 244 26.97 22.90 -18.47
C SER D 244 26.29 21.55 -18.18
N GLU D 245 26.21 21.19 -16.91
CA GLU D 245 25.51 19.98 -16.46
C GLU D 245 24.00 20.21 -16.29
N GLY D 246 23.57 21.46 -16.48
CA GLY D 246 22.15 21.80 -16.54
C GLY D 246 21.48 22.13 -15.22
N PHE D 247 22.25 22.64 -14.26
CA PHE D 247 21.71 23.08 -12.96
C PHE D 247 21.07 24.47 -13.11
N GLY D 248 20.03 24.54 -13.94
CA GLY D 248 19.43 25.80 -14.35
C GLY D 248 18.88 26.70 -13.25
N LEU D 249 18.25 26.09 -12.26
CA LEU D 249 17.65 26.84 -11.15
C LEU D 249 18.70 27.41 -10.20
N LEU D 250 19.72 26.61 -9.88
CA LEU D 250 20.84 27.06 -9.06
C LEU D 250 21.62 28.18 -9.76
N GLN D 251 21.77 28.05 -11.08
CA GLN D 251 22.40 29.09 -11.90
C GLN D 251 21.60 30.39 -11.84
N ALA D 252 20.28 30.28 -12.01
CA ALA D 252 19.38 31.43 -12.01
C ALA D 252 19.44 32.24 -10.71
N VAL D 253 19.49 31.54 -9.58
CA VAL D 253 19.49 32.17 -8.28
C VAL D 253 20.81 32.89 -7.99
N GLY D 254 21.93 32.27 -8.38
CA GLY D 254 23.24 32.75 -7.99
C GLY D 254 23.99 33.64 -8.98
N LYS D 255 23.44 33.79 -10.18
CA LYS D 255 24.12 34.53 -11.25
C LYS D 255 24.26 36.03 -11.00
N GLY D 256 23.41 36.57 -10.13
CA GLY D 256 23.40 37.99 -9.82
C GLY D 256 24.50 38.47 -8.89
N SER D 257 25.26 37.52 -8.34
CA SER D 257 26.34 37.84 -7.41
C SER D 257 27.69 37.76 -8.11
N LYS D 258 28.67 38.49 -7.55
CA LYS D 258 30.06 38.37 -8.00
C LYS D 258 30.59 36.98 -7.65
N HIS D 259 30.17 36.47 -6.50
CA HIS D 259 30.55 35.15 -6.03
C HIS D 259 29.53 34.12 -6.50
N LYS D 260 29.88 33.42 -7.58
CA LYS D 260 28.99 32.49 -8.26
C LYS D 260 28.67 31.24 -7.44
N PRO D 261 27.52 30.58 -7.72
CA PRO D 261 27.06 29.41 -6.96
C PRO D 261 27.99 28.19 -7.01
N ARG D 262 27.80 27.28 -6.05
CA ARG D 262 28.55 26.03 -5.99
C ARG D 262 27.62 24.91 -5.59
N LEU D 263 27.93 23.69 -6.05
CA LEU D 263 27.25 22.50 -5.54
C LEU D 263 28.27 21.60 -4.85
N VAL D 264 28.02 21.31 -3.58
CA VAL D 264 28.92 20.49 -2.77
C VAL D 264 28.31 19.12 -2.50
N THR D 265 29.01 18.08 -2.92
CA THR D 265 28.61 16.70 -2.66
C THR D 265 29.50 16.09 -1.58
N ILE D 266 28.88 15.56 -0.53
CA ILE D 266 29.58 14.98 0.60
C ILE D 266 29.15 13.53 0.77
N THR D 267 30.10 12.61 0.63
CA THR D 267 29.80 11.18 0.80
C THR D 267 30.50 10.58 2.01
N TYR D 268 29.74 9.80 2.77
CA TYR D 268 30.28 9.05 3.90
C TYR D 268 29.74 7.62 3.85
N ASN D 269 30.66 6.67 3.67
CA ASN D 269 30.30 5.25 3.61
C ASN D 269 30.65 4.52 4.89
N GLY D 270 29.73 4.55 5.85
CA GLY D 270 29.96 4.03 7.19
C GLY D 270 29.77 2.53 7.36
N LYS D 271 29.15 1.88 6.38
CA LYS D 271 28.93 0.44 6.46
C LYS D 271 29.38 -0.35 5.24
N ASP D 272 28.91 0.09 4.06
CA ASP D 272 29.14 -0.60 2.79
C ASP D 272 29.54 0.38 1.69
N LYS D 273 29.78 -0.14 0.49
CA LYS D 273 30.14 0.67 -0.67
C LYS D 273 29.06 0.63 -1.74
N ASP D 274 28.28 -0.46 -1.73
CA ASP D 274 27.16 -0.63 -2.66
C ASP D 274 25.86 -0.88 -1.91
N GLU D 275 25.42 0.11 -1.15
CA GLU D 275 24.11 0.08 -0.51
C GLU D 275 23.46 1.46 -0.50
N ALA D 276 22.13 1.47 -0.59
CA ALA D 276 21.38 2.71 -0.76
C ALA D 276 21.64 3.69 0.38
N PRO D 277 22.20 4.87 0.04
CA PRO D 277 22.55 5.87 1.04
C PRO D 277 21.34 6.67 1.53
N ILE D 278 21.55 7.43 2.59
CA ILE D 278 20.57 8.39 3.08
C ILE D 278 20.96 9.75 2.53
N ALA D 279 20.04 10.37 1.77
CA ALA D 279 20.29 11.68 1.18
C ALA D 279 19.93 12.81 2.14
N LEU D 280 20.90 13.67 2.40
CA LEU D 280 20.68 14.86 3.22
C LEU D 280 20.95 16.11 2.39
N VAL D 281 19.89 16.84 2.08
CA VAL D 281 19.97 18.03 1.22
C VAL D 281 19.88 19.31 2.06
N GLY D 282 20.77 20.26 1.80
CA GLY D 282 20.81 21.50 2.56
C GLY D 282 20.78 22.76 1.70
N LYS D 283 19.97 23.73 2.12
CA LYS D 283 19.92 25.04 1.47
C LYS D 283 21.10 25.88 1.93
N GLY D 284 21.98 26.21 0.98
CA GLY D 284 23.19 26.96 1.28
C GLY D 284 23.23 28.37 0.73
N ILE D 285 22.16 29.13 0.93
CA ILE D 285 22.14 30.52 0.50
C ILE D 285 22.94 31.34 1.50
N THR D 286 24.17 31.70 1.10
CA THR D 286 25.11 32.41 1.97
C THR D 286 24.62 33.81 2.33
N TYR D 287 23.89 34.44 1.40
CA TYR D 287 23.17 35.67 1.69
C TYR D 287 21.95 35.85 0.79
N ASP D 288 20.85 36.24 1.41
CA ASP D 288 19.58 36.45 0.70
C ASP D 288 19.12 37.90 0.84
N SER D 289 19.27 38.68 -0.25
CA SER D 289 18.73 40.04 -0.30
C SER D 289 17.28 40.02 -0.79
N GLY D 290 16.87 38.90 -1.38
CA GLY D 290 15.54 38.75 -1.93
C GLY D 290 15.53 38.91 -3.43
N GLY D 291 16.65 39.37 -3.99
CA GLY D 291 16.76 39.66 -5.41
C GLY D 291 15.94 40.89 -5.75
N TYR D 292 15.42 40.94 -6.97
CA TYR D 292 14.58 42.07 -7.38
C TYR D 292 13.29 42.17 -6.56
N SER D 293 12.85 41.06 -5.99
CA SER D 293 11.80 41.06 -4.98
C SER D 293 12.46 41.37 -3.62
N ILE D 294 12.99 42.59 -3.53
CA ILE D 294 13.86 43.01 -2.43
C ILE D 294 13.18 42.99 -1.06
N LYS D 295 13.95 42.60 -0.03
CA LYS D 295 13.48 42.60 1.35
C LYS D 295 13.46 44.03 1.92
N THR D 296 12.68 44.21 3.00
CA THR D 296 12.68 45.48 3.74
C THR D 296 13.96 45.62 4.57
N LYS D 297 14.15 46.79 5.18
CA LYS D 297 15.32 47.05 6.04
C LYS D 297 15.49 45.98 7.13
N ASN D 298 14.45 45.79 7.94
CA ASN D 298 14.45 44.78 9.00
C ASN D 298 14.45 43.35 8.46
N GLY D 299 14.01 43.19 7.21
CA GLY D 299 13.95 41.88 6.57
C GLY D 299 15.31 41.31 6.21
N MET D 300 16.26 42.18 5.87
CA MET D 300 17.62 41.75 5.48
C MET D 300 18.53 41.43 6.67
N ALA D 301 18.19 41.99 7.83
CA ALA D 301 18.91 41.70 9.07
C ALA D 301 18.97 40.19 9.31
N THR D 302 20.14 39.71 9.73
CA THR D 302 20.39 38.29 10.05
C THR D 302 20.15 37.33 8.87
N MET D 303 20.32 37.81 7.65
CA MET D 303 20.14 36.96 6.45
C MET D 303 21.39 36.15 6.06
N LYS D 304 22.45 36.27 6.84
CA LYS D 304 23.61 35.41 6.71
C LYS D 304 23.26 34.00 7.23
N PHE D 305 22.16 33.91 7.97
CA PHE D 305 21.67 32.66 8.53
C PHE D 305 20.78 31.88 7.55
N ASP D 306 20.76 32.31 6.29
CA ASP D 306 19.95 31.66 5.28
C ASP D 306 20.62 30.39 4.72
N MET D 307 21.80 30.07 5.25
CA MET D 307 22.51 28.85 4.88
C MET D 307 22.65 27.88 6.06
N CYS D 308 21.88 28.12 7.13
CA CYS D 308 21.85 27.23 8.29
C CYS D 308 21.54 25.79 7.93
N GLY D 309 20.65 25.60 6.95
CA GLY D 309 20.29 24.27 6.48
C GLY D 309 21.51 23.49 5.99
N ALA D 310 22.33 24.13 5.17
CA ALA D 310 23.55 23.52 4.66
C ALA D 310 24.55 23.26 5.78
N ALA D 311 24.70 24.24 6.67
CA ALA D 311 25.60 24.15 7.81
C ALA D 311 25.25 22.98 8.72
N ASN D 312 23.96 22.80 8.98
CA ASN D 312 23.47 21.73 9.84
C ASN D 312 23.63 20.33 9.22
N VAL D 313 23.56 20.25 7.90
CA VAL D 313 23.84 18.99 7.18
C VAL D 313 25.31 18.60 7.37
N VAL D 314 26.20 19.57 7.22
CA VAL D 314 27.63 19.38 7.47
C VAL D 314 27.87 18.90 8.90
N GLY D 315 27.17 19.50 9.85
CA GLY D 315 27.22 19.09 11.25
C GLY D 315 26.79 17.66 11.49
N ILE D 316 25.67 17.27 10.87
CA ILE D 316 25.14 15.92 10.99
C ILE D 316 26.14 14.87 10.46
N ILE D 317 26.72 15.14 9.30
CA ILE D 317 27.71 14.25 8.69
C ILE D 317 28.99 14.20 9.53
N GLU D 318 29.39 15.35 10.06
CA GLU D 318 30.54 15.45 10.97
C GLU D 318 30.35 14.56 12.20
N ALA D 319 29.15 14.59 12.78
CA ALA D 319 28.82 13.78 13.94
C ALA D 319 28.79 12.30 13.60
N ALA D 320 28.16 11.96 12.47
CA ALA D 320 28.04 10.57 12.03
C ALA D 320 29.39 9.91 11.78
N SER D 321 30.32 10.67 11.19
CA SER D 321 31.64 10.17 10.86
C SER D 321 32.54 10.00 12.09
N ARG D 322 32.45 10.96 13.02
CA ARG D 322 33.22 10.91 14.26
C ARG D 322 32.72 9.84 15.22
N LEU D 323 31.42 9.54 15.14
CA LEU D 323 30.84 8.44 15.91
C LEU D 323 30.99 7.11 15.19
N GLN D 324 31.49 7.16 13.96
CA GLN D 324 31.71 5.98 13.11
C GLN D 324 30.45 5.11 12.98
N LEU D 325 29.34 5.76 12.68
CA LEU D 325 28.05 5.10 12.57
C LEU D 325 27.98 4.24 11.31
N PRO D 326 27.41 3.02 11.42
CA PRO D 326 27.29 2.12 10.27
C PRO D 326 26.17 2.53 9.32
N VAL D 327 26.30 3.72 8.73
CA VAL D 327 25.31 4.25 7.78
C VAL D 327 26.00 4.86 6.56
N ASN D 328 25.35 4.77 5.41
CA ASN D 328 25.79 5.46 4.21
C ASN D 328 25.04 6.77 4.02
N ILE D 329 25.76 7.87 3.88
CA ILE D 329 25.16 9.18 3.73
C ILE D 329 25.72 9.88 2.50
N VAL D 330 24.82 10.47 1.70
CA VAL D 330 25.20 11.42 0.67
C VAL D 330 24.58 12.79 0.97
N GLY D 331 25.45 13.79 1.10
CA GLY D 331 25.01 15.15 1.40
C GLY D 331 25.15 16.03 0.18
N VAL D 332 24.08 16.75 -0.15
CA VAL D 332 24.08 17.67 -1.29
C VAL D 332 23.77 19.07 -0.80
N LEU D 333 24.67 20.01 -1.08
CA LEU D 333 24.51 21.40 -0.68
C LEU D 333 24.43 22.32 -1.89
N ALA D 334 23.32 23.04 -2.00
CA ALA D 334 23.13 24.04 -3.05
C ALA D 334 23.50 25.41 -2.50
N CYS D 335 24.66 25.91 -2.90
CA CYS D 335 25.19 27.17 -2.39
C CYS D 335 25.13 28.28 -3.43
N ALA D 336 24.57 29.42 -3.01
CA ALA D 336 24.43 30.59 -3.88
C ALA D 336 24.25 31.85 -3.05
N GLU D 337 24.41 33.01 -3.70
CA GLU D 337 24.18 34.30 -3.06
C GLU D 337 23.12 35.06 -3.88
N ASN D 338 21.97 35.32 -3.26
CA ASN D 338 20.84 35.97 -3.92
C ASN D 338 20.98 37.49 -3.96
N MET D 339 21.48 38.01 -5.08
CA MET D 339 21.84 39.44 -5.20
C MET D 339 21.18 40.13 -6.40
N ILE D 340 21.25 41.46 -6.42
CA ILE D 340 20.71 42.26 -7.51
C ILE D 340 21.84 42.81 -8.37
N ASN D 341 21.73 42.62 -9.69
CA ASN D 341 22.63 43.25 -10.65
C ASN D 341 21.99 43.37 -12.04
N GLU D 342 22.79 43.78 -13.03
CA GLU D 342 22.33 44.00 -14.40
C GLU D 342 21.69 42.78 -15.08
N ALA D 343 21.99 41.59 -14.57
CA ALA D 343 21.53 40.35 -15.22
C ALA D 343 20.99 39.29 -14.25
N SER D 344 20.60 39.71 -13.05
CA SER D 344 20.04 38.78 -12.06
C SER D 344 18.61 38.38 -12.40
N MET D 345 18.12 37.32 -11.76
CA MET D 345 16.77 36.81 -12.03
C MET D 345 15.67 37.79 -11.67
N LYS D 346 14.58 37.75 -12.44
CA LYS D 346 13.47 38.70 -12.31
C LYS D 346 12.16 37.92 -12.31
N PRO D 347 11.11 38.47 -11.67
CA PRO D 347 9.77 37.92 -11.85
C PRO D 347 9.38 37.89 -13.33
N ASP D 348 8.80 36.76 -13.76
CA ASP D 348 8.43 36.49 -15.17
C ASP D 348 9.46 35.64 -15.90
N ASP D 349 10.68 35.56 -15.36
CA ASP D 349 11.74 34.73 -15.94
C ASP D 349 11.35 33.26 -15.95
N VAL D 350 11.67 32.57 -17.04
CA VAL D 350 11.44 31.12 -17.15
C VAL D 350 12.78 30.40 -17.33
N PHE D 351 13.03 29.41 -16.47
CA PHE D 351 14.27 28.65 -16.51
C PHE D 351 14.00 27.15 -16.64
N THR D 352 15.02 26.42 -17.11
CA THR D 352 14.94 24.96 -17.20
C THR D 352 15.67 24.32 -16.03
N ALA D 353 14.93 23.58 -15.21
CA ALA D 353 15.49 22.87 -14.06
C ALA D 353 16.39 21.71 -14.49
N LEU D 354 17.11 21.14 -13.53
CA LEU D 354 17.92 19.95 -13.78
C LEU D 354 17.04 18.78 -14.22
N SER D 355 15.80 18.76 -13.74
CA SER D 355 14.82 17.74 -14.11
C SER D 355 14.40 17.82 -15.58
N GLY D 356 14.63 18.99 -16.19
CA GLY D 356 14.21 19.24 -17.57
C GLY D 356 12.91 20.00 -17.65
N GLU D 357 12.24 20.17 -16.52
CA GLU D 357 11.01 20.93 -16.42
C GLU D 357 11.26 22.44 -16.44
N THR D 358 10.32 23.19 -17.00
CA THR D 358 10.41 24.65 -17.02
C THR D 358 9.74 25.26 -15.79
N VAL D 359 10.40 26.26 -15.21
CA VAL D 359 9.90 26.94 -14.00
C VAL D 359 9.78 28.44 -14.24
N GLU D 360 8.59 28.97 -14.02
CA GLU D 360 8.38 30.42 -14.07
C GLU D 360 8.63 30.98 -12.68
N VAL D 361 9.52 31.97 -12.60
CA VAL D 361 9.83 32.62 -11.33
C VAL D 361 8.97 33.87 -11.19
N MET D 362 8.09 33.88 -10.20
CA MET D 362 7.21 35.03 -9.94
C MET D 362 7.63 35.83 -8.71
N ASN D 363 8.51 35.25 -7.90
CA ASN D 363 9.02 35.89 -6.70
C ASN D 363 10.47 35.42 -6.48
N THR D 364 11.40 36.36 -6.59
CA THR D 364 12.83 36.04 -6.47
C THR D 364 13.26 35.81 -5.01
N ASP D 365 12.39 36.17 -4.07
CA ASP D 365 12.63 35.92 -2.66
C ASP D 365 12.25 34.47 -2.28
N ALA D 366 11.59 33.79 -3.19
CA ALA D 366 11.34 32.36 -3.06
C ALA D 366 12.48 31.58 -3.75
N GLU D 367 13.71 31.92 -3.36
CA GLU D 367 14.91 31.37 -3.99
C GLU D 367 15.30 30.00 -3.44
N GLY D 368 14.91 29.74 -2.19
CA GLY D 368 15.30 28.51 -1.50
C GLY D 368 14.75 27.26 -2.17
N ARG D 369 13.46 27.27 -2.48
CA ARG D 369 12.80 26.13 -3.13
C ARG D 369 13.40 25.84 -4.51
N LEU D 370 13.96 26.87 -5.14
CA LEU D 370 14.57 26.72 -6.47
C LEU D 370 15.88 25.95 -6.40
N VAL D 371 16.77 26.34 -5.48
CA VAL D 371 18.05 25.67 -5.33
C VAL D 371 17.91 24.26 -4.76
N LEU D 372 16.91 24.08 -3.89
CA LEU D 372 16.61 22.76 -3.33
C LEU D 372 16.10 21.81 -4.40
N ALA D 373 15.30 22.33 -5.33
CA ALA D 373 14.75 21.54 -6.43
C ALA D 373 15.83 20.87 -7.26
N ASP D 374 16.86 21.63 -7.64
CA ASP D 374 17.99 21.11 -8.40
C ASP D 374 18.81 20.13 -7.55
N ALA D 375 18.97 20.43 -6.26
CA ALA D 375 19.73 19.60 -5.36
C ALA D 375 19.04 18.29 -5.05
N VAL D 376 17.72 18.34 -4.86
CA VAL D 376 16.91 17.14 -4.58
C VAL D 376 16.93 16.18 -5.77
N PHE D 377 16.75 16.73 -6.98
CA PHE D 377 16.77 15.93 -8.20
C PHE D 377 18.13 15.27 -8.39
N TYR D 378 19.19 16.02 -8.10
CA TYR D 378 20.56 15.48 -8.16
C TYR D 378 20.80 14.39 -7.11
N ALA D 379 20.25 14.60 -5.90
CA ALA D 379 20.40 13.63 -4.81
C ALA D 379 19.72 12.30 -5.15
N ASN D 380 18.60 12.38 -5.87
CA ASN D 380 17.80 11.20 -6.23
C ASN D 380 18.50 10.30 -7.26
N GLN D 381 19.50 10.85 -7.95
CA GLN D 381 20.30 10.08 -8.91
C GLN D 381 21.10 8.99 -8.20
N TYR D 382 21.45 9.25 -6.94
CA TYR D 382 22.17 8.28 -6.11
C TYR D 382 21.27 7.14 -5.62
N GLN D 383 19.99 7.23 -5.99
CA GLN D 383 18.96 6.25 -5.57
C GLN D 383 18.97 6.01 -4.05
N PRO D 384 18.62 7.04 -3.27
CA PRO D 384 18.63 6.91 -1.82
C PRO D 384 17.37 6.21 -1.29
N SER D 385 17.45 5.69 -0.07
CA SER D 385 16.30 5.07 0.58
C SER D 385 15.33 6.15 1.08
N VAL D 386 15.88 7.31 1.42
CA VAL D 386 15.10 8.46 1.88
C VAL D 386 15.87 9.76 1.59
N ILE D 387 15.12 10.82 1.27
CA ILE D 387 15.69 12.14 1.08
C ILE D 387 15.18 13.07 2.19
N MET D 388 16.11 13.72 2.88
CA MET D 388 15.75 14.71 3.90
C MET D 388 16.41 16.04 3.57
N ASP D 389 15.59 17.08 3.40
CA ASP D 389 16.12 18.42 3.15
C ASP D 389 15.91 19.35 4.34
N PHE D 390 16.87 20.25 4.54
CA PHE D 390 16.87 21.17 5.66
C PHE D 390 17.06 22.59 5.14
N ALA D 391 16.10 23.46 5.44
CA ALA D 391 16.10 24.80 4.88
C ALA D 391 15.34 25.81 5.73
N THR D 392 15.86 27.04 5.73
CA THR D 392 15.15 28.19 6.30
C THR D 392 14.35 28.82 5.17
N LEU D 393 13.19 28.24 4.88
CA LEU D 393 12.42 28.61 3.69
C LEU D 393 11.43 29.75 3.88
N THR D 394 10.38 29.50 4.67
CA THR D 394 9.18 30.32 4.62
C THR D 394 8.92 31.12 5.88
N GLY D 395 8.47 32.36 5.71
CA GLY D 395 7.96 33.16 6.81
C GLY D 395 6.64 32.61 7.34
N ALA D 396 5.86 32.01 6.44
CA ALA D 396 4.56 31.44 6.78
C ALA D 396 4.65 30.28 7.78
N ALA D 397 5.74 29.52 7.72
CA ALA D 397 6.01 28.45 8.69
C ALA D 397 6.18 29.02 10.11
N ILE D 398 6.82 30.17 10.22
CA ILE D 398 6.98 30.86 11.50
C ILE D 398 5.62 31.37 12.00
N VAL D 399 4.82 31.93 11.09
CA VAL D 399 3.47 32.39 11.42
C VAL D 399 2.60 31.22 11.90
N ALA D 400 2.79 30.06 11.29
CA ALA D 400 2.04 28.85 11.61
C ALA D 400 2.34 28.28 13.00
N LEU D 401 3.62 28.01 13.27
CA LEU D 401 4.00 27.26 14.47
C LEU D 401 4.75 28.07 15.51
N GLY D 402 5.06 29.32 15.20
CA GLY D 402 5.87 30.15 16.09
C GLY D 402 7.35 30.05 15.76
N ASP D 403 8.15 30.89 16.41
CA ASP D 403 9.57 30.98 16.11
C ASP D 403 10.41 29.82 16.65
N ASP D 404 9.85 29.06 17.60
CA ASP D 404 10.64 28.04 18.32
C ASP D 404 10.37 26.59 17.88
N LYS D 405 9.51 26.41 16.87
CA LYS D 405 9.15 25.08 16.39
C LYS D 405 9.45 24.94 14.91
N ALA D 406 9.82 23.72 14.50
CA ALA D 406 10.11 23.44 13.09
C ALA D 406 8.90 22.80 12.40
N ALA D 407 8.76 23.07 11.11
CA ALA D 407 7.68 22.48 10.31
C ALA D 407 8.22 21.33 9.49
N ALA D 408 7.58 20.17 9.61
CA ALA D 408 7.97 18.97 8.87
C ALA D 408 6.88 18.54 7.89
N PHE D 409 7.30 18.15 6.69
CA PHE D 409 6.39 17.71 5.64
C PHE D 409 6.85 16.37 5.10
N GLU D 410 5.93 15.42 4.95
CA GLU D 410 6.27 14.13 4.38
C GLU D 410 5.67 13.94 3.00
N SER D 411 6.42 13.22 2.17
CA SER D 411 5.98 12.83 0.84
C SER D 411 6.46 11.40 0.60
N ASN D 412 5.54 10.45 0.66
CA ASN D 412 5.86 9.01 0.56
C ASN D 412 6.77 8.51 1.68
N SER D 413 6.71 9.15 2.85
CA SER D 413 7.48 8.73 4.02
C SER D 413 6.77 9.05 5.34
N LYS D 414 5.53 8.58 5.46
CA LYS D 414 4.72 8.77 6.66
C LYS D 414 5.32 8.08 7.88
N VAL D 415 5.91 6.90 7.66
CA VAL D 415 6.46 6.08 8.74
C VAL D 415 7.75 6.69 9.31
N ILE D 416 8.71 7.00 8.43
CA ILE D 416 9.98 7.60 8.85
C ILE D 416 9.77 8.95 9.56
N LEU D 417 8.79 9.72 9.10
CA LEU D 417 8.44 10.98 9.76
C LEU D 417 7.95 10.78 11.19
N ASN D 418 7.02 9.83 11.37
CA ASN D 418 6.48 9.52 12.69
C ASN D 418 7.58 9.16 13.69
N ASP D 419 8.60 8.47 13.19
CA ASP D 419 9.76 8.08 13.96
C ASP D 419 10.57 9.30 14.38
N ILE D 420 10.70 10.26 13.46
CA ILE D 420 11.46 11.48 13.71
C ILE D 420 10.71 12.45 14.63
N LEU D 421 9.40 12.53 14.46
CA LEU D 421 8.56 13.35 15.34
C LEU D 421 8.60 12.86 16.78
N GLN D 422 8.75 11.54 16.96
CA GLN D 422 8.92 10.95 18.27
C GLN D 422 10.30 11.25 18.87
N ILE D 423 11.33 11.02 18.07
CA ILE D 423 12.73 11.22 18.50
C ILE D 423 12.97 12.67 18.91
N SER D 424 12.46 13.60 18.10
CA SER D 424 12.64 15.03 18.35
C SER D 424 12.05 15.46 19.69
N SER D 425 10.86 14.95 20.01
CA SER D 425 10.18 15.29 21.26
C SER D 425 10.93 14.76 22.47
N GLU D 426 11.78 13.76 22.24
CA GLU D 426 12.59 13.14 23.28
C GLU D 426 13.94 13.83 23.49
N VAL D 427 14.39 14.61 22.50
CA VAL D 427 15.67 15.30 22.57
C VAL D 427 15.53 16.84 22.63
N ASP D 428 14.38 17.29 23.14
CA ASP D 428 14.08 18.71 23.35
C ASP D 428 14.15 19.56 22.07
N GLU D 429 13.61 19.02 20.98
CA GLU D 429 13.49 19.77 19.73
C GLU D 429 12.07 19.70 19.18
N MET D 430 11.39 20.85 19.17
CA MET D 430 10.00 20.91 18.75
C MET D 430 9.87 20.89 17.22
N VAL D 431 9.34 19.77 16.71
CA VAL D 431 9.08 19.59 15.29
C VAL D 431 7.65 19.08 15.13
N PHE D 432 6.89 19.71 14.23
CA PHE D 432 5.49 19.32 14.01
C PHE D 432 5.14 19.25 12.53
N GLU D 433 4.20 18.38 12.19
CA GLU D 433 3.82 18.12 10.81
C GLU D 433 2.83 19.14 10.26
N LEU D 434 3.08 19.55 9.03
CA LEU D 434 2.10 20.29 8.23
C LEU D 434 1.84 19.49 6.94
N PRO D 435 0.62 19.60 6.38
CA PRO D 435 0.25 18.70 5.28
C PRO D 435 0.65 19.19 3.88
N ILE D 436 0.77 18.23 2.96
CA ILE D 436 0.82 18.53 1.52
C ILE D 436 -0.38 17.81 0.89
N THR D 437 -1.37 18.58 0.45
CA THR D 437 -2.60 18.02 -0.11
C THR D 437 -2.66 18.15 -1.62
N ALA D 438 -3.76 17.67 -2.20
CA ALA D 438 -4.01 17.78 -3.64
C ALA D 438 -3.99 19.23 -4.12
N THR D 439 -4.45 20.14 -3.26
CA THR D 439 -4.45 21.58 -3.53
C THR D 439 -3.05 22.08 -3.89
N GLU D 440 -2.07 21.76 -3.05
CA GLU D 440 -0.69 22.20 -3.23
C GLU D 440 0.00 21.51 -4.41
N ARG D 441 -0.28 20.22 -4.59
CA ARG D 441 0.24 19.45 -5.71
C ARG D 441 -0.23 20.00 -7.06
N ALA D 442 -1.43 20.58 -7.06
CA ALA D 442 -2.00 21.18 -8.27
C ALA D 442 -1.52 22.62 -8.49
N SER D 443 -1.40 23.39 -7.40
CA SER D 443 -1.14 24.82 -7.51
C SER D 443 0.30 25.17 -7.91
N ILE D 444 1.23 24.23 -7.72
CA ILE D 444 2.61 24.42 -8.17
C ILE D 444 2.70 24.38 -9.69
N LYS D 445 1.63 23.93 -10.33
CA LYS D 445 1.54 23.83 -11.78
C LYS D 445 0.73 24.98 -12.41
N HIS D 446 0.27 25.91 -11.58
CA HIS D 446 -0.53 27.03 -12.04
C HIS D 446 0.31 28.14 -12.67
N SER D 447 0.90 27.83 -13.82
CA SER D 447 1.62 28.81 -14.63
C SER D 447 1.01 28.85 -16.01
N ASP D 448 0.89 30.05 -16.57
CA ASP D 448 0.32 30.22 -17.91
C ASP D 448 1.34 29.93 -19.00
N ILE D 449 2.61 29.77 -18.61
CA ILE D 449 3.71 29.66 -19.57
C ILE D 449 4.60 28.43 -19.35
N ALA D 450 4.95 28.15 -18.10
CA ALA D 450 5.89 27.08 -17.78
C ALA D 450 5.20 25.85 -17.18
N ASP D 451 5.97 24.77 -16.99
CA ASP D 451 5.48 23.57 -16.33
C ASP D 451 5.15 23.83 -14.87
N LEU D 452 6.00 24.62 -14.21
CA LEU D 452 5.85 24.93 -12.79
C LEU D 452 5.99 26.42 -12.49
N VAL D 453 5.41 26.84 -11.36
CA VAL D 453 5.57 28.21 -10.86
C VAL D 453 6.10 28.13 -9.42
N ASN D 454 6.93 29.11 -9.04
CA ASN D 454 7.61 29.05 -7.74
C ASN D 454 6.91 29.80 -6.60
N HIS D 455 5.79 30.43 -6.91
CA HIS D 455 5.10 31.26 -5.92
C HIS D 455 3.60 31.34 -6.16
N THR D 456 2.84 31.35 -5.06
CA THR D 456 1.40 31.58 -5.11
C THR D 456 1.05 32.85 -4.36
N ASN D 457 0.04 33.57 -4.85
CA ASN D 457 -0.46 34.74 -4.14
C ASN D 457 -1.49 34.35 -3.08
N GLY D 458 -1.93 33.09 -3.12
CA GLY D 458 -2.84 32.56 -2.11
C GLY D 458 -2.13 32.28 -0.79
N GLN D 459 -2.89 31.80 0.17
CA GLN D 459 -2.34 31.47 1.49
C GLN D 459 -1.85 30.02 1.53
N GLY D 460 -1.35 29.60 2.68
CA GLY D 460 -0.75 28.26 2.83
C GLY D 460 0.57 28.16 2.08
N LYS D 461 1.37 29.23 2.16
CA LYS D 461 2.61 29.35 1.42
C LYS D 461 3.69 28.35 1.83
N ALA D 462 3.72 27.99 3.11
CA ALA D 462 4.65 26.98 3.59
C ALA D 462 4.36 25.60 2.99
N LEU D 463 3.07 25.31 2.82
CA LEU D 463 2.63 24.05 2.22
C LEU D 463 2.97 24.03 0.73
N PHE D 464 2.80 25.16 0.06
CA PHE D 464 3.16 25.32 -1.34
C PHE D 464 4.65 25.08 -1.57
N ALA D 465 5.49 25.72 -0.78
CA ALA D 465 6.94 25.55 -0.86
C ALA D 465 7.36 24.10 -0.70
N ALA D 466 6.74 23.40 0.27
CA ALA D 466 7.03 22.00 0.52
C ALA D 466 6.64 21.13 -0.67
N SER D 467 5.47 21.42 -1.25
CA SER D 467 4.99 20.73 -2.44
C SER D 467 5.94 20.92 -3.61
N PHE D 468 6.48 22.13 -3.74
CA PHE D 468 7.41 22.46 -4.82
C PHE D 468 8.71 21.66 -4.69
N VAL D 469 9.26 21.61 -3.48
CA VAL D 469 10.51 20.91 -3.20
C VAL D 469 10.36 19.40 -3.35
N THR D 470 9.31 18.84 -2.75
CA THR D 470 9.09 17.39 -2.73
C THR D 470 8.67 16.83 -4.08
N HIS D 471 8.32 17.71 -5.02
CA HIS D 471 7.96 17.31 -6.38
C HIS D 471 9.14 16.66 -7.10
N PHE D 472 10.35 17.15 -6.81
CA PHE D 472 11.55 16.76 -7.54
C PHE D 472 12.18 15.45 -7.09
N SER D 473 11.61 14.83 -6.06
CA SER D 473 12.09 13.53 -5.57
C SER D 473 11.37 12.36 -6.23
N GLY D 474 10.30 12.66 -6.99
CA GLY D 474 9.47 11.63 -7.59
C GLY D 474 8.70 10.88 -6.53
N GLN D 475 8.83 9.55 -6.53
CA GLN D 475 8.15 8.71 -5.54
C GLN D 475 9.06 8.30 -4.38
N THR D 476 10.31 8.74 -4.42
CA THR D 476 11.29 8.48 -3.35
C THR D 476 10.81 9.13 -2.06
N PRO D 477 10.82 8.37 -0.94
CA PRO D 477 10.50 8.90 0.38
C PRO D 477 11.25 10.20 0.67
N HIS D 478 10.50 11.26 0.95
CA HIS D 478 11.05 12.60 1.09
C HIS D 478 10.45 13.30 2.31
N ILE D 479 11.31 13.80 3.19
CA ILE D 479 10.88 14.66 4.28
C ILE D 479 11.52 16.04 4.15
N HIS D 480 10.67 17.08 4.17
CA HIS D 480 11.11 18.46 4.09
C HIS D 480 11.01 19.15 5.45
N PHE D 481 12.12 19.73 5.90
CA PHE D 481 12.16 20.43 7.18
C PHE D 481 12.33 21.93 7.00
N ASP D 482 11.26 22.67 7.29
CA ASP D 482 11.30 24.13 7.25
C ASP D 482 11.72 24.63 8.63
N ILE D 483 12.98 25.03 8.75
CA ILE D 483 13.55 25.47 10.03
C ILE D 483 13.80 26.99 10.05
N ALA D 484 12.97 27.74 9.34
CA ALA D 484 13.10 29.19 9.28
C ALA D 484 13.06 29.83 10.66
N GLY D 485 12.25 29.26 11.54
CA GLY D 485 12.11 29.75 12.91
C GLY D 485 13.20 29.29 13.85
N PRO D 486 13.25 27.98 14.16
CA PRO D 486 14.09 27.47 15.23
C PRO D 486 15.59 27.36 14.91
N ALA D 487 15.98 27.62 13.66
CA ALA D 487 17.39 27.58 13.27
C ALA D 487 18.21 28.67 13.96
N THR D 488 17.53 29.73 14.36
CA THR D 488 18.16 30.84 15.08
C THR D 488 17.32 31.24 16.28
N THR D 489 17.97 31.77 17.31
CA THR D 489 17.30 32.29 18.49
C THR D 489 17.80 33.71 18.80
N ASN D 490 16.90 34.55 19.30
CA ASN D 490 17.26 35.93 19.63
C ASN D 490 17.46 36.12 21.14
N LYS D 491 17.54 34.99 21.85
CA LYS D 491 17.63 34.98 23.30
C LYS D 491 18.65 33.93 23.74
N ALA D 492 19.53 34.32 24.66
CA ALA D 492 20.49 33.39 25.26
C ALA D 492 19.81 32.46 26.24
N SER D 493 20.30 31.21 26.32
CA SER D 493 19.72 30.19 27.19
C SER D 493 20.75 29.16 27.62
N TYR D 494 20.26 28.09 28.25
CA TYR D 494 21.09 26.95 28.65
C TYR D 494 21.72 26.23 27.45
N ASN D 495 21.22 26.50 26.25
CA ASN D 495 21.73 25.89 25.03
C ASN D 495 22.79 26.72 24.31
N GLY D 496 23.08 27.91 24.86
CA GLY D 496 24.10 28.78 24.30
C GLY D 496 23.61 30.19 24.03
N PRO D 497 24.45 31.02 23.40
CA PRO D 497 24.13 32.43 23.14
C PRO D 497 23.17 32.63 21.96
N LYS D 498 22.82 33.89 21.71
CA LYS D 498 22.03 34.29 20.54
C LYS D 498 22.68 33.80 19.26
N GLY D 499 21.84 33.50 18.27
CA GLY D 499 22.33 33.12 16.96
C GLY D 499 21.90 31.73 16.58
N PRO D 500 22.70 31.06 15.72
CA PRO D 500 22.38 29.72 15.22
C PRO D 500 22.28 28.70 16.34
N THR D 501 21.28 27.82 16.25
CA THR D 501 21.01 26.83 17.29
C THR D 501 21.56 25.45 16.94
N GLY D 502 21.79 25.22 15.65
CA GLY D 502 22.19 23.90 15.16
C GLY D 502 20.99 22.96 15.18
N PHE D 503 19.81 23.53 15.01
CA PHE D 503 18.55 22.81 15.11
C PHE D 503 18.48 21.61 14.16
N MET D 504 17.89 20.52 14.64
CA MET D 504 17.72 19.26 13.90
C MET D 504 18.89 18.28 14.04
N ILE D 505 20.10 18.81 14.25
CA ILE D 505 21.30 17.96 14.40
C ILE D 505 21.12 16.89 15.50
N PRO D 506 20.68 17.27 16.71
CA PRO D 506 20.44 16.24 17.73
C PRO D 506 19.42 15.18 17.29
N THR D 507 18.34 15.62 16.65
CA THR D 507 17.27 14.72 16.20
C THR D 507 17.74 13.73 15.14
N ILE D 508 18.38 14.23 14.09
CA ILE D 508 18.81 13.40 12.98
C ILE D 508 19.92 12.43 13.37
N VAL D 509 20.87 12.90 14.18
CA VAL D 509 21.94 12.04 14.70
C VAL D 509 21.37 10.87 15.49
N GLN D 510 20.41 11.16 16.36
CA GLN D 510 19.73 10.13 17.15
C GLN D 510 19.01 9.13 16.25
N TRP D 511 18.38 9.63 15.18
CA TRP D 511 17.70 8.79 14.20
C TRP D 511 18.69 7.93 13.43
N LEU D 512 19.84 8.50 13.08
CA LEU D 512 20.89 7.78 12.37
C LEU D 512 21.50 6.67 13.23
N LYS D 513 21.55 6.89 14.54
CA LYS D 513 22.04 5.89 15.49
C LYS D 513 21.16 4.64 15.53
N GLN D 514 19.92 4.77 15.05
CA GLN D 514 18.94 3.69 15.12
C GLN D 514 18.76 2.93 13.80
N GLN D 515 19.66 3.15 12.85
CA GLN D 515 19.57 2.50 11.54
C GLN D 515 20.41 1.23 11.45
N SER E 22 1.12 28.32 -39.69
CA SER E 22 -0.03 28.11 -40.63
C SER E 22 -1.36 28.44 -39.96
N ASN E 23 -2.46 28.14 -40.66
CA ASN E 23 -3.79 28.48 -40.18
C ASN E 23 -4.35 27.47 -39.18
N ALA E 24 -5.15 27.95 -38.24
CA ALA E 24 -5.80 27.10 -37.26
C ALA E 24 -7.00 26.38 -37.89
N MET E 25 -7.68 27.06 -38.81
CA MET E 25 -8.84 26.51 -39.50
C MET E 25 -8.59 26.44 -41.00
N ASN E 26 -9.16 25.42 -41.63
CA ASN E 26 -9.08 25.27 -43.08
C ASN E 26 -10.47 25.46 -43.71
N PHE E 27 -10.67 26.63 -44.32
CA PHE E 27 -11.97 27.00 -44.89
C PHE E 27 -12.14 26.52 -46.33
N LYS E 28 -13.15 25.69 -46.54
CA LYS E 28 -13.51 25.18 -47.86
C LYS E 28 -14.96 25.56 -48.16
N LEU E 29 -15.20 26.18 -49.31
CA LEU E 29 -16.54 26.63 -49.66
C LEU E 29 -17.21 25.70 -50.66
N ASN E 30 -18.44 25.29 -50.34
CA ASN E 30 -19.25 24.38 -51.17
C ASN E 30 -18.44 23.20 -51.72
N ASN E 31 -17.71 22.55 -50.81
CA ASN E 31 -16.88 21.41 -51.15
C ASN E 31 -17.72 20.17 -51.40
N THR E 32 -17.13 19.17 -52.06
CA THR E 32 -17.82 17.91 -52.34
C THR E 32 -18.44 17.28 -51.09
N LEU E 33 -19.68 16.82 -51.21
CA LEU E 33 -20.37 16.12 -50.12
C LEU E 33 -19.66 14.81 -49.79
N SER E 34 -19.04 14.77 -48.62
CA SER E 34 -18.24 13.62 -48.21
C SER E 34 -19.03 12.68 -47.31
N ASN E 35 -18.91 11.38 -47.58
CA ASN E 35 -19.66 10.35 -46.86
C ASN E 35 -19.11 10.10 -45.45
N GLU E 36 -17.89 10.57 -45.20
CA GLU E 36 -17.19 10.32 -43.92
C GLU E 36 -17.42 11.39 -42.84
N ILE E 37 -17.67 12.63 -43.27
CA ILE E 37 -17.96 13.74 -42.35
C ILE E 37 -19.35 13.55 -41.73
N ASN E 38 -19.40 13.51 -40.41
CA ASN E 38 -20.67 13.31 -39.69
C ASN E 38 -20.90 14.34 -38.58
N THR E 39 -20.37 15.55 -38.76
CA THR E 39 -20.51 16.64 -37.81
C THR E 39 -21.08 17.88 -38.52
N LEU E 40 -22.02 18.55 -37.85
CA LEU E 40 -22.80 19.63 -38.46
C LEU E 40 -22.91 20.82 -37.52
N ILE E 41 -22.65 22.03 -38.04
CA ILE E 41 -22.75 23.26 -37.25
C ILE E 41 -23.84 24.20 -37.79
N ILE E 42 -24.77 24.56 -36.92
CA ILE E 42 -25.86 25.50 -37.25
C ILE E 42 -25.99 26.58 -36.19
N GLY E 43 -26.19 27.83 -36.63
CA GLY E 43 -26.49 28.93 -35.72
C GLY E 43 -27.98 29.01 -35.46
N ILE E 44 -28.35 29.21 -34.19
CA ILE E 44 -29.75 29.23 -33.80
C ILE E 44 -30.18 30.60 -33.22
N PRO E 45 -31.11 31.28 -33.91
CA PRO E 45 -31.65 32.56 -33.45
C PRO E 45 -32.88 32.39 -32.56
N GLU E 46 -33.33 33.49 -31.97
CA GLU E 46 -34.49 33.49 -31.08
C GLU E 46 -35.77 33.08 -31.81
N HIS E 47 -35.91 33.53 -33.06
CA HIS E 47 -37.02 33.15 -33.91
C HIS E 47 -36.49 32.57 -35.22
N LEU E 48 -36.74 31.29 -35.44
CA LEU E 48 -36.24 30.58 -36.61
C LEU E 48 -36.86 31.04 -37.93
N ASN E 49 -38.07 31.59 -37.87
CA ASN E 49 -38.75 32.13 -39.05
C ASN E 49 -38.12 33.42 -39.60
N GLN E 50 -37.24 34.03 -38.81
CA GLN E 50 -36.52 35.24 -39.22
C GLN E 50 -35.40 34.93 -40.22
N LEU E 51 -34.98 33.67 -40.26
CA LEU E 51 -34.03 33.20 -41.25
C LEU E 51 -34.74 32.57 -42.45
N GLU E 52 -34.04 32.58 -43.58
CA GLU E 52 -34.43 31.79 -44.74
C GLU E 52 -34.40 30.33 -44.34
N ARG E 53 -35.44 29.60 -44.74
CA ARG E 53 -35.67 28.22 -44.29
C ARG E 53 -34.41 27.36 -44.39
N ILE E 54 -33.89 26.91 -43.24
CA ILE E 54 -32.62 26.17 -43.17
C ILE E 54 -32.75 24.78 -43.79
N SER E 55 -31.84 24.47 -44.71
CA SER E 55 -31.82 23.17 -45.37
C SER E 55 -30.41 22.58 -45.46
N PHE E 56 -30.31 21.29 -45.15
CA PHE E 56 -29.08 20.53 -45.29
C PHE E 56 -29.28 19.40 -46.28
N ASN E 57 -28.22 19.09 -47.04
CA ASN E 57 -28.27 18.10 -48.11
C ASN E 57 -29.32 18.52 -49.14
N HIS E 58 -30.50 17.91 -49.08
CA HIS E 58 -31.63 18.33 -49.91
C HIS E 58 -32.92 18.26 -49.11
N ILE E 59 -32.81 18.48 -47.80
CA ILE E 59 -33.93 18.35 -46.87
C ILE E 59 -34.11 19.62 -46.04
N ASP E 60 -35.33 20.10 -45.94
CA ASP E 60 -35.69 21.21 -45.05
C ASP E 60 -35.72 20.71 -43.61
N ILE E 61 -34.82 21.25 -42.79
CA ILE E 61 -34.68 20.80 -41.39
C ILE E 61 -35.18 21.81 -40.37
N THR E 62 -35.87 22.85 -40.84
CA THR E 62 -36.33 23.95 -39.99
C THR E 62 -37.26 23.50 -38.86
N GLU E 63 -38.25 22.66 -39.18
CA GLU E 63 -39.24 22.26 -38.18
C GLU E 63 -38.73 21.23 -37.18
N SER E 64 -37.68 20.48 -37.54
CA SER E 64 -37.04 19.56 -36.62
C SER E 64 -36.17 20.32 -35.61
N LEU E 65 -35.57 21.41 -36.06
CA LEU E 65 -34.80 22.30 -35.20
C LEU E 65 -35.72 23.08 -34.25
N GLU E 66 -36.93 23.36 -34.72
CA GLU E 66 -37.95 24.05 -33.94
C GLU E 66 -38.42 23.19 -32.76
N ARG E 67 -38.52 21.88 -32.98
CA ARG E 67 -38.92 20.93 -31.94
C ARG E 67 -37.85 20.74 -30.88
N LEU E 68 -36.59 20.71 -31.31
CA LEU E 68 -35.46 20.60 -30.40
C LEU E 68 -35.31 21.84 -29.53
N LYS E 69 -35.61 23.00 -30.12
CA LYS E 69 -35.60 24.28 -29.41
C LYS E 69 -36.74 24.33 -28.39
N HIS E 70 -37.89 23.78 -28.75
CA HIS E 70 -39.06 23.73 -27.88
C HIS E 70 -38.84 22.77 -26.71
N GLN E 71 -38.06 21.72 -26.94
CA GLN E 71 -37.72 20.74 -25.91
C GLN E 71 -36.51 21.16 -25.07
N HIS E 72 -35.97 22.33 -25.37
CA HIS E 72 -34.79 22.90 -24.70
C HIS E 72 -33.51 22.05 -24.89
N ILE E 73 -33.51 21.24 -25.94
CA ILE E 73 -32.34 20.46 -26.33
C ILE E 73 -31.33 21.37 -27.04
N ILE E 74 -31.84 22.32 -27.82
CA ILE E 74 -31.03 23.44 -28.32
C ILE E 74 -31.67 24.77 -27.94
N GLY E 75 -30.92 25.86 -28.07
CA GLY E 75 -31.40 27.19 -27.69
C GLY E 75 -30.75 28.32 -28.46
N SER E 76 -31.12 29.54 -28.11
CA SER E 76 -30.71 30.73 -28.86
C SER E 76 -29.84 31.72 -28.08
N LYS E 77 -29.64 31.47 -26.80
CA LYS E 77 -28.83 32.36 -25.95
C LYS E 77 -27.49 32.67 -26.62
N VAL E 78 -27.19 33.95 -26.75
CA VAL E 78 -26.00 34.43 -27.49
C VAL E 78 -24.71 33.73 -27.04
N GLY E 79 -24.11 33.00 -27.97
CA GLY E 79 -22.81 32.37 -27.76
C GLY E 79 -22.81 31.07 -26.96
N LYS E 80 -24.00 30.56 -26.64
CA LYS E 80 -24.12 29.31 -25.89
C LYS E 80 -24.08 28.11 -26.83
N ILE E 81 -23.29 27.11 -26.46
CA ILE E 81 -23.11 25.91 -27.27
C ILE E 81 -24.05 24.79 -26.82
N TYR E 82 -24.81 24.25 -27.77
CA TYR E 82 -25.64 23.08 -27.55
C TYR E 82 -25.24 21.98 -28.53
N THR E 83 -25.16 20.74 -28.05
CA THR E 83 -24.92 19.60 -28.93
C THR E 83 -25.99 18.54 -28.77
N THR E 84 -26.28 17.84 -29.87
CA THR E 84 -27.27 16.76 -29.88
C THR E 84 -27.06 15.81 -31.05
N ALA E 85 -27.55 14.57 -30.88
CA ALA E 85 -27.64 13.63 -31.98
C ALA E 85 -28.73 14.13 -32.92
N PHE E 86 -28.44 14.15 -34.21
CA PHE E 86 -29.35 14.71 -35.20
C PHE E 86 -29.47 13.80 -36.41
N ASP E 87 -30.69 13.30 -36.64
CA ASP E 87 -30.96 12.43 -37.77
C ASP E 87 -31.43 13.23 -38.98
N VAL E 88 -30.67 13.14 -40.06
CA VAL E 88 -31.12 13.60 -41.36
C VAL E 88 -30.91 12.48 -42.38
N GLN E 89 -32.02 12.01 -42.95
CA GLN E 89 -32.07 10.78 -43.74
C GLN E 89 -31.71 9.55 -42.90
N ASP E 90 -30.78 8.73 -43.38
CA ASP E 90 -30.33 7.55 -42.64
C ASP E 90 -29.29 7.90 -41.57
N GLN E 91 -28.29 8.66 -41.98
CA GLN E 91 -27.10 8.92 -41.16
C GLN E 91 -27.37 9.80 -39.92
N THR E 92 -26.83 9.37 -38.78
CA THR E 92 -26.88 10.15 -37.54
C THR E 92 -25.70 11.11 -37.48
N TYR E 93 -26.01 12.39 -37.28
CA TYR E 93 -24.99 13.43 -37.26
C TYR E 93 -24.81 14.00 -35.86
N ARG E 94 -23.59 14.48 -35.58
CA ARG E 94 -23.33 15.27 -34.39
C ARG E 94 -23.65 16.72 -34.72
N LEU E 95 -24.73 17.22 -34.13
CA LEU E 95 -25.14 18.61 -34.35
C LEU E 95 -24.54 19.54 -33.30
N ILE E 96 -23.88 20.60 -33.77
CA ILE E 96 -23.32 21.63 -32.88
C ILE E 96 -24.05 22.94 -33.11
N THR E 97 -24.67 23.44 -32.04
CA THR E 97 -25.51 24.63 -32.09
C THR E 97 -24.87 25.77 -31.30
N VAL E 98 -24.82 26.94 -31.90
CA VAL E 98 -24.42 28.16 -31.19
C VAL E 98 -25.54 29.21 -31.29
N GLY E 99 -25.94 29.74 -30.13
CA GLY E 99 -27.01 30.72 -30.06
C GLY E 99 -26.65 32.06 -30.66
N LEU E 100 -27.62 32.70 -31.31
CA LEU E 100 -27.41 33.97 -31.98
C LEU E 100 -28.22 35.10 -31.34
N GLY E 101 -29.17 34.72 -30.49
CA GLY E 101 -30.06 35.68 -29.83
C GLY E 101 -31.06 36.26 -30.81
N ASN E 102 -31.55 37.45 -30.51
CA ASN E 102 -32.42 38.18 -31.42
C ASN E 102 -31.61 38.78 -32.55
N LEU E 103 -31.96 38.42 -33.79
CA LEU E 103 -31.22 38.86 -34.98
C LEU E 103 -31.36 40.35 -35.26
N LYS E 104 -32.44 40.95 -34.77
CA LYS E 104 -32.66 42.40 -34.89
C LYS E 104 -31.63 43.18 -34.07
N THR E 105 -31.35 42.69 -32.87
CA THR E 105 -30.47 43.38 -31.92
C THR E 105 -29.14 42.65 -31.73
N ARG E 106 -28.53 42.24 -32.84
CA ARG E 106 -27.26 41.53 -32.79
C ARG E 106 -26.08 42.44 -33.13
N SER E 107 -25.30 42.77 -32.10
CA SER E 107 -24.15 43.67 -32.23
C SER E 107 -22.93 42.96 -32.77
N TYR E 108 -21.87 43.72 -33.07
CA TYR E 108 -20.59 43.17 -33.50
C TYR E 108 -19.94 42.37 -32.38
N GLN E 109 -20.13 42.82 -31.14
CA GLN E 109 -19.65 42.11 -29.95
C GLN E 109 -20.28 40.72 -29.89
N ASP E 110 -21.59 40.66 -30.13
CA ASP E 110 -22.32 39.40 -30.18
C ASP E 110 -21.70 38.44 -31.19
N MET E 111 -21.38 38.96 -32.38
CA MET E 111 -20.75 38.16 -33.44
C MET E 111 -19.41 37.58 -32.97
N LEU E 112 -18.63 38.38 -32.26
CA LEU E 112 -17.35 37.94 -31.71
C LEU E 112 -17.54 36.85 -30.64
N LYS E 113 -18.59 37.00 -29.85
CA LYS E 113 -18.95 36.04 -28.83
C LYS E 113 -19.45 34.72 -29.46
N ILE E 114 -20.20 34.83 -30.54
CA ILE E 114 -20.75 33.68 -31.27
C ILE E 114 -19.64 32.85 -31.90
N TRP E 115 -18.83 33.47 -32.75
CA TRP E 115 -17.73 32.77 -33.42
C TRP E 115 -16.66 32.33 -32.43
N GLY E 116 -16.40 33.17 -31.42
CA GLY E 116 -15.41 32.89 -30.39
C GLY E 116 -15.69 31.61 -29.65
N HIS E 117 -16.86 31.51 -29.04
CA HIS E 117 -17.24 30.32 -28.27
C HIS E 117 -17.32 29.07 -29.14
N LEU E 118 -17.76 29.25 -30.39
CA LEU E 118 -17.88 28.14 -31.33
C LEU E 118 -16.52 27.52 -31.65
N PHE E 119 -15.59 28.34 -32.14
CA PHE E 119 -14.26 27.85 -32.52
C PHE E 119 -13.46 27.30 -31.34
N GLN E 120 -13.71 27.86 -30.16
CA GLN E 120 -13.11 27.35 -28.91
C GLN E 120 -13.62 25.94 -28.59
N TYR E 121 -14.92 25.73 -28.80
CA TYR E 121 -15.52 24.41 -28.60
C TYR E 121 -14.99 23.40 -29.61
N ILE E 122 -14.93 23.81 -30.88
CA ILE E 122 -14.41 22.98 -31.97
C ILE E 122 -12.99 22.49 -31.68
N LYS E 123 -12.14 23.38 -31.19
CA LYS E 123 -10.74 23.05 -30.92
C LYS E 123 -10.57 22.14 -29.68
N SER E 124 -11.30 22.46 -28.61
CA SER E 124 -11.22 21.69 -27.37
C SER E 124 -11.79 20.29 -27.52
N GLU E 125 -12.69 20.12 -28.49
CA GLU E 125 -13.30 18.82 -28.78
C GLU E 125 -12.53 18.03 -29.85
N HIS E 126 -11.42 18.59 -30.32
CA HIS E 126 -10.52 17.96 -31.30
C HIS E 126 -11.25 17.53 -32.57
N ILE E 127 -12.15 18.39 -33.05
CA ILE E 127 -12.91 18.12 -34.26
C ILE E 127 -12.07 18.49 -35.48
N GLU E 128 -11.94 17.55 -36.41
CA GLU E 128 -11.08 17.72 -37.58
C GLU E 128 -11.85 17.94 -38.87
N ASP E 129 -13.08 17.41 -38.94
CA ASP E 129 -13.92 17.55 -40.12
C ASP E 129 -15.37 17.82 -39.74
N THR E 130 -15.92 18.93 -40.24
CA THR E 130 -17.30 19.31 -39.96
C THR E 130 -17.92 20.17 -41.06
N TYR E 131 -19.24 20.08 -41.18
CA TYR E 131 -19.99 20.99 -42.05
C TYR E 131 -20.38 22.24 -41.27
N LEU E 132 -20.44 23.36 -41.99
CA LEU E 132 -20.88 24.64 -41.40
C LEU E 132 -21.92 25.30 -42.30
N LEU E 133 -23.14 25.38 -41.80
CA LEU E 133 -24.26 25.97 -42.54
C LEU E 133 -24.24 27.49 -42.38
N MET E 134 -23.50 28.14 -43.27
CA MET E 134 -23.22 29.58 -43.17
C MET E 134 -24.48 30.45 -43.30
N ASP E 135 -25.47 29.97 -44.03
CA ASP E 135 -26.73 30.70 -44.23
C ASP E 135 -27.51 30.94 -42.95
N SER E 136 -27.28 30.10 -41.94
CA SER E 136 -27.95 30.22 -40.64
C SER E 136 -27.32 31.32 -39.78
N PHE E 137 -26.16 31.81 -40.20
CA PHE E 137 -25.44 32.86 -39.48
C PHE E 137 -25.69 34.24 -40.08
N ILE E 138 -26.12 34.27 -41.34
CA ILE E 138 -26.34 35.50 -42.08
C ILE E 138 -27.83 35.87 -42.07
N SER E 139 -28.12 37.10 -41.65
CA SER E 139 -29.50 37.60 -41.59
C SER E 139 -29.69 38.83 -42.46
N LYS E 140 -30.95 39.14 -42.75
CA LYS E 140 -31.32 40.34 -43.50
C LYS E 140 -31.01 41.61 -42.70
N TYR E 141 -30.74 41.44 -41.40
CA TYR E 141 -30.58 42.55 -40.46
C TYR E 141 -29.16 43.08 -40.34
N ASP E 142 -28.18 42.26 -40.70
CA ASP E 142 -26.77 42.60 -40.51
C ASP E 142 -26.01 42.62 -41.83
N GLN E 143 -24.87 43.28 -41.85
CA GLN E 143 -24.02 43.29 -43.04
C GLN E 143 -23.24 41.98 -43.15
N LEU E 144 -23.26 41.42 -44.36
CA LEU E 144 -22.55 40.19 -44.69
C LEU E 144 -21.07 40.23 -44.34
N SER E 145 -20.41 41.35 -44.69
CA SER E 145 -18.97 41.53 -44.49
C SER E 145 -18.56 41.50 -43.02
N ASP E 146 -19.46 41.95 -42.15
CA ASP E 146 -19.22 41.97 -40.71
C ASP E 146 -19.23 40.57 -40.09
N VAL E 147 -20.11 39.71 -40.60
CA VAL E 147 -20.23 38.34 -40.11
C VAL E 147 -19.00 37.52 -40.49
N LEU E 148 -18.57 37.63 -41.75
CA LEU E 148 -17.43 36.89 -42.25
C LEU E 148 -16.10 37.41 -41.72
N MET E 149 -16.04 38.70 -41.43
CA MET E 149 -14.86 39.34 -40.82
C MET E 149 -14.65 38.77 -39.41
N ALA E 150 -15.72 38.81 -38.61
CA ALA E 150 -15.71 38.27 -37.26
C ALA E 150 -15.37 36.79 -37.25
N CYS E 151 -15.92 36.04 -38.21
CA CYS E 151 -15.63 34.63 -38.40
C CYS E 151 -14.13 34.38 -38.63
N GLY E 152 -13.53 35.19 -39.50
CA GLY E 152 -12.10 35.09 -39.81
C GLY E 152 -11.19 35.42 -38.65
N ILE E 153 -11.47 36.52 -37.96
CA ILE E 153 -10.66 36.98 -36.82
C ILE E 153 -10.69 35.96 -35.68
N GLN E 154 -11.89 35.56 -35.29
CA GLN E 154 -12.08 34.66 -34.15
C GLN E 154 -11.53 33.25 -34.38
N SER E 155 -11.43 32.84 -35.64
CA SER E 155 -10.87 31.53 -35.99
C SER E 155 -9.40 31.43 -35.57
N GLU E 156 -8.75 32.57 -35.41
CA GLU E 156 -7.36 32.63 -34.98
C GLU E 156 -7.23 33.20 -33.57
N ARG E 157 -7.95 34.29 -33.30
CA ARG E 157 -7.81 35.01 -32.03
C ARG E 157 -8.37 34.25 -30.82
N ALA E 158 -9.55 33.65 -31.00
CA ALA E 158 -10.21 32.95 -29.90
C ALA E 158 -9.53 31.62 -29.55
N THR E 159 -8.85 31.04 -30.53
CA THR E 159 -8.24 29.71 -30.39
C THR E 159 -6.74 29.78 -30.06
N TYR E 160 -6.26 30.99 -29.78
CA TYR E 160 -4.85 31.22 -29.49
C TYR E 160 -4.41 30.52 -28.22
N GLU E 161 -3.22 29.93 -28.26
CA GLU E 161 -2.57 29.41 -27.05
C GLU E 161 -1.05 29.54 -27.12
N PHE E 162 -0.43 29.81 -25.97
CA PHE E 162 1.01 29.94 -25.86
C PHE E 162 1.54 28.81 -24.98
N ASP E 163 1.77 27.66 -25.60
CA ASP E 163 2.20 26.45 -24.89
C ASP E 163 3.61 26.01 -25.29
N HIS E 164 4.41 26.96 -25.76
CA HIS E 164 5.75 26.69 -26.28
C HIS E 164 6.74 26.26 -25.21
N TYR E 165 6.48 26.63 -23.97
CA TYR E 165 7.37 26.29 -22.85
C TYR E 165 6.79 25.20 -21.96
N LYS E 166 5.68 24.61 -22.40
CA LYS E 166 5.07 23.46 -21.72
C LYS E 166 5.68 22.16 -22.25
N SER E 167 5.99 21.24 -21.35
CA SER E 167 6.49 19.92 -21.72
C SER E 167 5.35 19.06 -22.27
N SER E 168 4.16 19.27 -21.74
CA SER E 168 2.97 18.52 -22.15
C SER E 168 2.14 19.30 -23.16
N LYS E 169 2.79 19.82 -24.20
CA LYS E 169 2.09 20.53 -25.26
C LYS E 169 1.56 19.55 -26.30
N LYS E 170 0.27 19.66 -26.61
CA LYS E 170 -0.38 18.79 -27.59
C LYS E 170 -0.03 19.18 -29.02
N ALA E 171 -0.01 18.20 -29.91
CA ALA E 171 0.34 18.42 -31.31
C ALA E 171 -0.71 19.26 -32.04
N PRO E 172 -0.27 20.25 -32.83
CA PRO E 172 -1.21 21.11 -33.57
C PRO E 172 -1.92 20.35 -34.68
N PHE E 173 -3.23 20.60 -34.82
CA PHE E 173 -4.04 19.92 -35.82
C PHE E 173 -4.87 20.91 -36.63
N LYS E 174 -5.21 20.51 -37.85
CA LYS E 174 -6.01 21.34 -38.75
C LYS E 174 -7.47 20.91 -38.71
N THR E 175 -8.37 21.89 -38.57
CA THR E 175 -9.80 21.65 -38.62
C THR E 175 -10.36 22.06 -39.98
N ASN E 176 -10.86 21.07 -40.72
CA ASN E 176 -11.45 21.31 -42.04
C ASN E 176 -12.91 21.74 -41.91
N LEU E 177 -13.17 23.01 -42.24
CA LEU E 177 -14.52 23.55 -42.21
C LEU E 177 -15.13 23.58 -43.61
N ASN E 178 -16.08 22.68 -43.84
CA ASN E 178 -16.80 22.62 -45.11
C ASN E 178 -18.04 23.50 -45.07
N LEU E 179 -17.90 24.72 -45.61
CA LEU E 179 -18.97 25.69 -45.60
C LEU E 179 -20.05 25.36 -46.62
N ILE E 180 -21.30 25.37 -46.19
CA ILE E 180 -22.44 25.14 -47.07
C ILE E 180 -23.31 26.39 -47.12
N SER E 181 -23.40 26.97 -48.32
CA SER E 181 -24.23 28.14 -48.55
C SER E 181 -24.95 28.04 -49.88
N GLU E 182 -26.20 28.46 -49.90
CA GLU E 182 -27.05 28.35 -51.07
C GLU E 182 -26.75 29.47 -52.07
N SER E 183 -26.27 30.61 -51.56
CA SER E 183 -25.96 31.76 -52.39
C SER E 183 -24.77 32.56 -51.83
N LEU E 184 -23.58 31.97 -51.92
CA LEU E 184 -22.36 32.61 -51.48
C LEU E 184 -21.17 32.07 -52.27
N ILE E 185 -20.30 32.97 -52.71
CA ILE E 185 -19.18 32.63 -53.58
C ILE E 185 -17.87 33.24 -53.08
N GLU E 186 -17.92 34.50 -52.66
CA GLU E 186 -16.76 35.22 -52.14
C GLU E 186 -16.36 34.72 -50.76
N LEU E 187 -15.10 34.32 -50.62
CA LEU E 187 -14.56 33.84 -49.35
C LEU E 187 -13.50 34.80 -48.80
N ASP E 188 -13.27 35.89 -49.53
CA ASP E 188 -12.17 36.82 -49.25
C ASP E 188 -12.30 37.57 -47.92
N PHE E 189 -13.53 37.77 -47.46
CA PHE E 189 -13.78 38.47 -46.19
C PHE E 189 -13.34 37.66 -44.97
N ILE E 190 -13.34 36.33 -45.11
CA ILE E 190 -12.84 35.46 -44.05
C ILE E 190 -11.31 35.46 -44.03
N HIS E 191 -10.70 35.33 -45.21
CA HIS E 191 -9.24 35.34 -45.34
C HIS E 191 -8.63 36.67 -44.87
N GLU E 192 -9.42 37.74 -44.99
CA GLU E 192 -9.05 39.05 -44.50
C GLU E 192 -9.05 39.08 -42.96
N GLY E 193 -10.05 38.41 -42.38
CA GLY E 193 -10.15 38.30 -40.93
C GLY E 193 -9.06 37.44 -40.33
N ILE E 194 -8.71 36.36 -41.03
CA ILE E 194 -7.66 35.44 -40.59
C ILE E 194 -6.30 36.14 -40.47
N SER E 195 -5.96 36.96 -41.47
CA SER E 195 -4.69 37.67 -41.49
C SER E 195 -4.60 38.74 -40.40
N ILE E 196 -5.75 39.33 -40.06
CA ILE E 196 -5.83 40.26 -38.93
C ILE E 196 -5.67 39.52 -37.61
N GLY E 197 -6.39 38.41 -37.46
CA GLY E 197 -6.28 37.55 -36.28
C GLY E 197 -4.88 37.02 -36.04
N GLN E 198 -4.20 36.62 -37.11
CA GLN E 198 -2.82 36.14 -37.04
C GLN E 198 -1.83 37.26 -36.69
N SER E 199 -2.18 38.49 -37.06
CA SER E 199 -1.39 39.66 -36.70
C SER E 199 -1.52 39.97 -35.22
N ILE E 200 -2.71 39.78 -34.67
CA ILE E 200 -2.95 39.93 -33.24
C ILE E 200 -2.18 38.87 -32.44
N ASN E 201 -2.19 37.64 -32.94
CA ASN E 201 -1.47 36.54 -32.32
C ASN E 201 0.04 36.69 -32.38
N LEU E 202 0.53 37.35 -33.43
CA LEU E 202 1.95 37.65 -33.57
C LEU E 202 2.38 38.61 -32.46
N ALA E 203 1.57 39.63 -32.22
CA ALA E 203 1.79 40.58 -31.13
C ALA E 203 1.75 39.88 -29.77
N ARG E 204 0.77 38.98 -29.61
CA ARG E 204 0.61 38.19 -28.39
C ARG E 204 1.83 37.31 -28.10
N ASP E 205 2.40 36.72 -29.16
CA ASP E 205 3.58 35.86 -29.04
C ASP E 205 4.78 36.62 -28.48
N PHE E 206 5.01 37.83 -28.98
CA PHE E 206 6.08 38.69 -28.48
C PHE E 206 5.84 39.08 -27.02
N SER E 207 4.58 39.36 -26.69
CA SER E 207 4.21 39.79 -25.34
C SER E 207 4.33 38.67 -24.32
N ASN E 208 3.91 37.47 -24.70
CA ASN E 208 3.95 36.30 -23.82
C ASN E 208 5.36 35.77 -23.57
N MET E 209 6.29 36.13 -24.46
CA MET E 209 7.67 35.67 -24.39
C MET E 209 8.32 36.08 -23.06
N PRO E 210 9.02 35.13 -22.41
CA PRO E 210 9.71 35.42 -21.15
C PRO E 210 10.80 36.47 -21.33
N PRO E 211 10.96 37.38 -20.36
CA PRO E 211 11.92 38.49 -20.47
C PRO E 211 13.39 38.06 -20.53
N ASN E 212 13.71 36.88 -19.99
CA ASN E 212 15.05 36.34 -20.10
C ASN E 212 15.34 35.73 -21.47
N VAL E 213 14.29 35.57 -22.26
CA VAL E 213 14.40 35.09 -23.65
C VAL E 213 14.28 36.27 -24.62
N LEU E 214 13.24 37.07 -24.48
CA LEU E 214 13.03 38.24 -25.33
C LEU E 214 13.65 39.50 -24.72
N THR E 215 14.91 39.75 -25.09
CA THR E 215 15.62 40.97 -24.73
C THR E 215 15.50 41.97 -25.89
N PRO E 216 15.87 43.25 -25.67
CA PRO E 216 15.82 44.23 -26.76
C PRO E 216 16.54 43.76 -28.04
N GLN E 217 17.69 43.11 -27.89
CA GLN E 217 18.45 42.60 -29.02
C GLN E 217 17.69 41.51 -29.79
N THR E 218 17.23 40.49 -29.06
CA THR E 218 16.53 39.35 -29.68
C THR E 218 15.17 39.75 -30.23
N PHE E 219 14.55 40.75 -29.61
CA PHE E 219 13.30 41.32 -30.10
C PHE E 219 13.51 41.99 -31.47
N ALA E 220 14.59 42.77 -31.58
CA ALA E 220 14.96 43.39 -32.84
C ALA E 220 15.28 42.34 -33.90
N GLU E 221 16.07 41.34 -33.53
CA GLU E 221 16.46 40.24 -34.42
C GLU E 221 15.26 39.47 -34.95
N ASP E 222 14.28 39.23 -34.07
CA ASP E 222 13.05 38.52 -34.44
C ASP E 222 12.20 39.29 -35.45
N ILE E 223 12.16 40.62 -35.29
CA ILE E 223 11.44 41.49 -36.22
C ILE E 223 12.09 41.48 -37.61
N VAL E 224 13.43 41.54 -37.63
CA VAL E 224 14.20 41.47 -38.87
C VAL E 224 13.89 40.17 -39.62
N ASN E 225 13.99 39.05 -38.89
CA ASN E 225 13.77 37.73 -39.48
C ASN E 225 12.35 37.50 -39.97
N HIS E 226 11.38 38.10 -39.27
CA HIS E 226 9.97 37.96 -39.62
C HIS E 226 9.64 38.65 -40.94
N PHE E 227 10.15 39.87 -41.12
CA PHE E 227 9.88 40.67 -42.32
C PHE E 227 10.92 40.48 -43.43
N LYS E 228 11.81 39.51 -43.25
CA LYS E 228 12.96 39.33 -44.13
C LYS E 228 12.61 39.18 -45.62
N ASN E 229 11.60 38.36 -45.91
CA ASN E 229 11.20 38.12 -47.30
C ASN E 229 9.92 38.85 -47.72
N THR E 230 9.63 39.95 -47.04
CA THR E 230 8.41 40.72 -47.31
C THR E 230 8.71 42.09 -47.91
N LYS E 231 7.64 42.85 -48.17
CA LYS E 231 7.73 44.22 -48.67
C LYS E 231 8.18 45.20 -47.57
N VAL E 232 8.15 44.73 -46.32
CA VAL E 232 8.47 45.56 -45.15
C VAL E 232 9.97 45.61 -44.86
N LYS E 233 10.52 46.82 -44.82
CA LYS E 233 11.94 47.04 -44.51
C LYS E 233 12.14 47.26 -43.02
N VAL E 234 13.21 46.69 -42.48
CA VAL E 234 13.53 46.84 -41.05
C VAL E 234 14.97 47.31 -40.86
N ASP E 235 15.13 48.40 -40.10
CA ASP E 235 16.44 48.90 -39.74
C ASP E 235 16.62 48.84 -38.22
N VAL E 236 17.75 48.28 -37.79
CA VAL E 236 18.05 48.16 -36.36
C VAL E 236 19.24 49.03 -35.98
N LYS E 237 19.04 49.87 -34.97
CA LYS E 237 20.05 50.77 -34.46
C LYS E 237 20.61 50.19 -33.16
N ASP E 238 21.85 49.70 -33.21
CA ASP E 238 22.47 49.08 -32.03
C ASP E 238 22.93 50.11 -30.99
N TYR E 239 23.40 49.62 -29.85
CA TYR E 239 23.72 50.48 -28.70
C TYR E 239 24.71 51.60 -28.97
N ASP E 240 25.82 51.27 -29.64
CA ASP E 240 26.83 52.28 -29.98
C ASP E 240 26.26 53.39 -30.85
N THR E 241 25.38 53.01 -31.78
CA THR E 241 24.76 53.97 -32.69
C THR E 241 23.83 54.94 -31.94
N LEU E 242 23.09 54.42 -30.96
CA LEU E 242 22.18 55.21 -30.13
C LEU E 242 22.87 56.37 -29.43
N VAL E 243 23.93 56.07 -28.68
CA VAL E 243 24.64 57.10 -27.92
C VAL E 243 25.32 58.12 -28.85
N SER E 244 25.90 57.62 -29.95
CA SER E 244 26.61 58.45 -30.90
C SER E 244 25.68 59.37 -31.69
N GLU E 245 24.46 58.91 -31.93
CA GLU E 245 23.44 59.69 -32.63
C GLU E 245 22.61 60.55 -31.66
N GLY E 246 22.87 60.39 -30.36
CA GLY E 246 22.31 61.26 -29.33
C GLY E 246 20.96 60.86 -28.77
N PHE E 247 20.66 59.56 -28.77
CA PHE E 247 19.45 59.03 -28.16
C PHE E 247 19.62 58.94 -26.65
N GLY E 248 19.80 60.09 -26.01
CA GLY E 248 20.18 60.18 -24.60
C GLY E 248 19.23 59.56 -23.60
N LEU E 249 17.92 59.73 -23.83
CA LEU E 249 16.90 59.19 -22.92
C LEU E 249 16.77 57.68 -23.02
N LEU E 250 16.81 57.16 -24.24
CA LEU E 250 16.79 55.71 -24.47
C LEU E 250 18.03 55.04 -23.89
N GLN E 251 19.17 55.72 -24.02
CA GLN E 251 20.43 55.27 -23.42
C GLN E 251 20.32 55.20 -21.90
N ALA E 252 19.80 56.27 -21.30
CA ALA E 252 19.63 56.40 -19.86
C ALA E 252 18.78 55.28 -19.25
N VAL E 253 17.69 54.94 -19.92
CA VAL E 253 16.75 53.92 -19.43
C VAL E 253 17.37 52.52 -19.50
N GLY E 254 18.08 52.23 -20.59
CA GLY E 254 18.54 50.88 -20.88
C GLY E 254 19.95 50.50 -20.47
N LYS E 255 20.72 51.48 -20.00
CA LYS E 255 22.14 51.26 -19.67
C LYS E 255 22.38 50.35 -18.46
N GLY E 256 21.37 50.21 -17.61
CA GLY E 256 21.50 49.41 -16.39
C GLY E 256 21.37 47.91 -16.60
N SER E 257 21.02 47.51 -17.81
CA SER E 257 20.86 46.09 -18.15
C SER E 257 22.08 45.55 -18.88
N LYS E 258 22.31 44.25 -18.77
CA LYS E 258 23.33 43.57 -19.56
C LYS E 258 22.96 43.63 -21.04
N HIS E 259 21.65 43.53 -21.31
CA HIS E 259 21.11 43.58 -22.66
C HIS E 259 20.74 45.01 -23.01
N LYS E 260 21.64 45.67 -23.74
CA LYS E 260 21.53 47.10 -24.04
C LYS E 260 20.37 47.41 -24.99
N PRO E 261 19.86 48.68 -24.95
CA PRO E 261 18.70 49.10 -25.74
C PRO E 261 18.90 49.02 -27.25
N ARG E 262 17.78 49.04 -27.98
CA ARG E 262 17.77 49.04 -29.44
C ARG E 262 16.69 49.98 -29.94
N LEU E 263 16.91 50.57 -31.12
CA LEU E 263 15.85 51.29 -31.83
C LEU E 263 15.55 50.58 -33.14
N VAL E 264 14.29 50.20 -33.32
CA VAL E 264 13.86 49.49 -34.51
C VAL E 264 12.98 50.39 -35.38
N THR E 265 13.42 50.59 -36.63
CA THR E 265 12.64 51.36 -37.60
C THR E 265 12.03 50.40 -38.64
N ILE E 266 10.72 50.49 -38.80
CA ILE E 266 9.97 49.63 -39.71
C ILE E 266 9.25 50.49 -40.74
N THR E 267 9.59 50.32 -42.02
CA THR E 267 8.95 51.07 -43.09
C THR E 267 8.14 50.19 -44.02
N TYR E 268 6.92 50.63 -44.32
CA TYR E 268 6.06 49.97 -45.28
C TYR E 268 5.48 51.01 -46.24
N ASN E 269 5.83 50.90 -47.52
CA ASN E 269 5.34 51.83 -48.54
C ASN E 269 4.26 51.18 -49.40
N GLY E 270 3.03 51.29 -48.95
CA GLY E 270 1.89 50.62 -49.58
C GLY E 270 1.28 51.33 -50.76
N LYS E 271 1.61 52.60 -50.96
CA LYS E 271 1.07 53.34 -52.09
C LYS E 271 2.12 54.06 -52.94
N ASP E 272 3.01 54.78 -52.27
CA ASP E 272 3.81 55.79 -52.94
C ASP E 272 5.26 55.81 -52.47
N LYS E 273 6.15 55.99 -53.44
CA LYS E 273 7.59 56.12 -53.22
C LYS E 273 7.89 57.22 -52.19
N ASP E 274 7.21 58.36 -52.31
CA ASP E 274 7.38 59.48 -51.37
C ASP E 274 6.10 60.28 -51.16
N GLU E 275 5.34 59.87 -50.15
CA GLU E 275 4.17 60.61 -49.66
C GLU E 275 4.17 60.49 -48.13
N ALA E 276 3.82 61.58 -47.45
CA ALA E 276 3.92 61.64 -45.98
C ALA E 276 3.37 60.39 -45.30
N PRO E 277 4.23 59.66 -44.56
CA PRO E 277 3.83 58.41 -43.93
C PRO E 277 3.03 58.62 -42.65
N ILE E 278 2.44 57.54 -42.15
CA ILE E 278 1.80 57.54 -40.84
C ILE E 278 2.80 56.97 -39.85
N ALA E 279 3.13 57.75 -38.81
CA ALA E 279 4.07 57.31 -37.80
C ALA E 279 3.39 56.53 -36.69
N LEU E 280 3.86 55.31 -36.45
CA LEU E 280 3.37 54.49 -35.35
C LEU E 280 4.53 54.20 -34.39
N VAL E 281 4.44 54.77 -33.19
CA VAL E 281 5.50 54.66 -32.19
C VAL E 281 5.08 53.69 -31.08
N GLY E 282 5.99 52.78 -30.72
CA GLY E 282 5.70 51.78 -29.70
C GLY E 282 6.71 51.71 -28.58
N LYS E 283 6.22 51.62 -27.36
CA LYS E 283 7.06 51.43 -26.18
C LYS E 283 7.47 49.97 -26.08
N GLY E 284 8.77 49.72 -26.21
CA GLY E 284 9.31 48.36 -26.20
C GLY E 284 10.16 48.03 -25.00
N ILE E 285 9.67 48.33 -23.80
CA ILE E 285 10.37 47.96 -22.58
C ILE E 285 10.14 46.47 -22.32
N THR E 286 11.15 45.67 -22.64
CA THR E 286 11.08 44.20 -22.55
C THR E 286 10.88 43.71 -21.11
N TYR E 287 11.45 44.46 -20.16
CA TYR E 287 11.18 44.25 -18.74
C TYR E 287 11.37 45.53 -17.94
N ASP E 288 10.43 45.79 -17.04
CA ASP E 288 10.45 46.97 -16.20
C ASP E 288 10.46 46.58 -14.72
N SER E 289 11.63 46.73 -14.09
CA SER E 289 11.77 46.51 -12.64
C SER E 289 11.46 47.81 -11.88
N GLY E 290 11.46 48.92 -12.61
CA GLY E 290 11.22 50.24 -12.04
C GLY E 290 12.52 51.00 -11.85
N GLY E 291 13.64 50.32 -12.01
CA GLY E 291 14.95 50.90 -11.73
C GLY E 291 15.13 51.11 -10.24
N TYR E 292 15.91 52.12 -9.87
CA TYR E 292 16.13 52.44 -8.45
C TYR E 292 14.84 52.86 -7.73
N SER E 293 13.87 53.35 -8.50
CA SER E 293 12.50 53.51 -8.00
C SER E 293 11.78 52.16 -8.15
N ILE E 294 12.26 51.19 -7.37
CA ILE E 294 11.89 49.78 -7.49
C ILE E 294 10.40 49.50 -7.22
N LYS E 295 9.84 48.56 -7.99
CA LYS E 295 8.46 48.14 -7.80
C LYS E 295 8.33 47.20 -6.61
N THR E 296 7.11 47.06 -6.10
CA THR E 296 6.82 46.08 -5.04
C THR E 296 6.78 44.67 -5.61
N LYS E 297 6.66 43.66 -4.72
CA LYS E 297 6.59 42.26 -5.13
C LYS E 297 5.50 42.02 -6.18
N ASN E 298 4.25 42.38 -5.84
CA ASN E 298 3.13 42.25 -6.77
C ASN E 298 3.22 43.19 -7.97
N GLY E 299 3.99 44.26 -7.82
CA GLY E 299 4.19 45.25 -8.87
C GLY E 299 5.00 44.75 -10.05
N MET E 300 5.96 43.88 -9.79
CA MET E 300 6.83 43.33 -10.85
C MET E 300 6.21 42.18 -11.63
N ALA E 301 5.21 41.52 -11.04
CA ALA E 301 4.47 40.47 -11.70
C ALA E 301 3.92 40.97 -13.04
N THR E 302 4.03 40.13 -14.07
CA THR E 302 3.53 40.41 -15.42
C THR E 302 4.13 41.67 -16.07
N MET E 303 5.37 42.01 -15.70
CA MET E 303 6.05 43.17 -16.29
C MET E 303 6.78 42.87 -17.59
N LYS E 304 6.69 41.64 -18.07
CA LYS E 304 7.15 41.28 -19.41
C LYS E 304 6.20 41.88 -20.46
N PHE E 305 5.01 42.27 -20.00
CA PHE E 305 3.99 42.87 -20.85
C PHE E 305 4.17 44.38 -21.03
N ASP E 306 5.32 44.90 -20.59
CA ASP E 306 5.58 46.33 -20.68
C ASP E 306 6.06 46.74 -22.08
N MET E 307 6.10 45.76 -22.98
CA MET E 307 6.46 46.02 -24.39
C MET E 307 5.30 45.71 -25.35
N CYS E 308 4.11 45.54 -24.79
CA CYS E 308 2.88 45.31 -25.58
C CYS E 308 2.66 46.37 -26.64
N GLY E 309 2.97 47.63 -26.32
CA GLY E 309 2.87 48.74 -27.26
C GLY E 309 3.68 48.52 -28.52
N ALA E 310 4.94 48.11 -28.36
CA ALA E 310 5.81 47.81 -29.49
C ALA E 310 5.30 46.59 -30.26
N ALA E 311 4.88 45.55 -29.53
CA ALA E 311 4.35 44.34 -30.12
C ALA E 311 3.12 44.61 -30.99
N ASN E 312 2.22 45.45 -30.48
CA ASN E 312 0.99 45.79 -31.19
C ASN E 312 1.23 46.66 -32.44
N VAL E 313 2.27 47.48 -32.41
CA VAL E 313 2.69 48.23 -33.61
C VAL E 313 3.16 47.27 -34.70
N VAL E 314 3.97 46.28 -34.31
CA VAL E 314 4.42 45.23 -35.24
C VAL E 314 3.21 44.50 -35.83
N GLY E 315 2.23 44.20 -34.99
CA GLY E 315 0.99 43.56 -35.42
C GLY E 315 0.22 44.37 -36.44
N ILE E 316 0.09 45.68 -36.18
CA ILE E 316 -0.62 46.60 -37.08
C ILE E 316 0.04 46.66 -38.46
N ILE E 317 1.37 46.78 -38.48
CA ILE E 317 2.13 46.81 -39.73
C ILE E 317 2.06 45.46 -40.45
N GLU E 318 2.10 44.36 -39.70
CA GLU E 318 1.94 43.01 -40.25
C GLU E 318 0.59 42.85 -40.95
N ALA E 319 -0.47 43.36 -40.34
CA ALA E 319 -1.80 43.32 -40.92
C ALA E 319 -1.92 44.19 -42.16
N ALA E 320 -1.38 45.42 -42.08
CA ALA E 320 -1.43 46.36 -43.20
C ALA E 320 -0.70 45.85 -44.45
N SER E 321 0.44 45.19 -44.24
CA SER E 321 1.23 44.67 -45.34
C SER E 321 0.60 43.43 -45.98
N ARG E 322 0.04 42.55 -45.16
CA ARG E 322 -0.63 41.35 -45.65
C ARG E 322 -1.94 41.65 -46.35
N LEU E 323 -2.59 42.73 -45.94
CA LEU E 323 -3.80 43.21 -46.60
C LEU E 323 -3.47 44.10 -47.80
N GLN E 324 -2.19 44.41 -47.96
CA GLN E 324 -1.67 45.25 -49.05
C GLN E 324 -2.41 46.58 -49.14
N LEU E 325 -2.55 47.25 -48.00
CA LEU E 325 -3.25 48.52 -47.90
C LEU E 325 -2.45 49.64 -48.56
N PRO E 326 -3.14 50.53 -49.32
CA PRO E 326 -2.47 51.65 -49.98
C PRO E 326 -2.13 52.79 -48.99
N VAL E 327 -1.27 52.48 -48.02
CA VAL E 327 -0.83 53.46 -47.03
C VAL E 327 0.68 53.38 -46.80
N ASN E 328 1.30 54.52 -46.49
CA ASN E 328 2.69 54.56 -46.09
C ASN E 328 2.79 54.61 -44.57
N ILE E 329 3.55 53.69 -44.00
CA ILE E 329 3.72 53.61 -42.55
C ILE E 329 5.20 53.57 -42.17
N VAL E 330 5.57 54.39 -41.18
CA VAL E 330 6.86 54.27 -40.53
C VAL E 330 6.65 53.91 -39.06
N GLY E 331 7.23 52.79 -38.64
CA GLY E 331 7.11 52.32 -37.27
C GLY E 331 8.41 52.50 -36.53
N VAL E 332 8.33 53.12 -35.35
CA VAL E 332 9.51 53.33 -34.51
C VAL E 332 9.31 52.65 -33.16
N LEU E 333 10.24 51.76 -32.82
CA LEU E 333 10.18 51.03 -31.56
C LEU E 333 11.38 51.35 -30.69
N ALA E 334 11.11 51.86 -29.49
CA ALA E 334 12.14 52.12 -28.50
C ALA E 334 12.23 50.96 -27.52
N CYS E 335 13.25 50.13 -27.68
CA CYS E 335 13.39 48.90 -26.89
C CYS E 335 14.51 49.03 -25.86
N ALA E 336 14.19 48.69 -24.61
CA ALA E 336 15.14 48.74 -23.50
C ALA E 336 14.69 47.84 -22.37
N GLU E 337 15.60 47.57 -21.43
CA GLU E 337 15.27 46.79 -20.23
C GLU E 337 15.63 47.63 -19.00
N ASN E 338 14.62 47.96 -18.20
CA ASN E 338 14.79 48.86 -17.05
C ASN E 338 15.27 48.09 -15.82
N MET E 339 16.58 48.13 -15.57
CA MET E 339 17.22 47.30 -14.55
C MET E 339 18.06 48.12 -13.56
N ILE E 340 18.44 47.49 -12.45
CA ILE E 340 19.30 48.11 -11.44
C ILE E 340 20.72 47.55 -11.52
N ASN E 341 21.71 48.44 -11.58
CA ASN E 341 23.11 48.06 -11.45
C ASN E 341 23.99 49.21 -10.97
N GLU E 342 25.31 49.02 -10.99
CA GLU E 342 26.28 50.00 -10.50
C GLU E 342 26.21 51.37 -11.19
N ALA E 343 25.62 51.43 -12.37
CA ALA E 343 25.63 52.66 -13.17
C ALA E 343 24.29 52.98 -13.85
N SER E 344 23.21 52.39 -13.35
CA SER E 344 21.87 52.65 -13.90
C SER E 344 21.34 54.02 -13.49
N MET E 345 20.30 54.50 -14.17
CA MET E 345 19.74 55.82 -13.90
C MET E 345 19.14 55.96 -12.50
N LYS E 346 19.24 57.16 -11.93
CA LYS E 346 18.82 57.44 -10.57
C LYS E 346 17.98 58.72 -10.55
N PRO E 347 17.07 58.85 -9.57
CA PRO E 347 16.42 60.14 -9.35
C PRO E 347 17.45 61.25 -9.12
N ASP E 348 17.23 62.40 -9.75
CA ASP E 348 18.15 63.56 -9.76
C ASP E 348 19.06 63.62 -10.98
N ASP E 349 19.19 62.51 -11.70
CA ASP E 349 19.98 62.46 -12.94
C ASP E 349 19.41 63.40 -13.99
N VAL E 350 20.31 64.07 -14.71
CA VAL E 350 19.92 64.94 -15.82
C VAL E 350 20.55 64.42 -17.11
N PHE E 351 19.70 64.22 -18.13
CA PHE E 351 20.15 63.71 -19.42
C PHE E 351 19.75 64.65 -20.57
N THR E 352 20.44 64.51 -21.70
CA THR E 352 20.12 65.27 -22.89
C THR E 352 19.34 64.40 -23.87
N ALA E 353 18.11 64.81 -24.16
CA ALA E 353 17.24 64.09 -25.09
C ALA E 353 17.74 64.22 -26.53
N LEU E 354 17.16 63.42 -27.44
CA LEU E 354 17.46 63.53 -28.87
C LEU E 354 17.10 64.93 -29.39
N SER E 355 16.08 65.54 -28.78
CA SER E 355 15.65 66.89 -29.15
C SER E 355 16.69 67.96 -28.79
N GLY E 356 17.59 67.62 -27.87
CA GLY E 356 18.60 68.56 -27.41
C GLY E 356 18.23 69.18 -26.07
N GLU E 357 16.99 68.93 -25.65
CA GLU E 357 16.49 69.41 -24.37
C GLU E 357 17.01 68.57 -23.21
N THR E 358 17.21 69.20 -22.05
CA THR E 358 17.65 68.50 -20.85
C THR E 358 16.45 68.01 -20.04
N VAL E 359 16.55 66.79 -19.53
CA VAL E 359 15.48 66.17 -18.75
C VAL E 359 16.01 65.70 -17.40
N GLU E 360 15.38 66.19 -16.33
CA GLU E 360 15.67 65.70 -14.98
C GLU E 360 14.78 64.51 -14.69
N VAL E 361 15.40 63.40 -14.31
CA VAL E 361 14.67 62.19 -13.95
C VAL E 361 14.45 62.16 -12.45
N MET E 362 13.19 62.23 -12.03
CA MET E 362 12.84 62.18 -10.60
C MET E 362 12.22 60.85 -10.18
N ASN E 363 11.85 60.04 -11.17
CA ASN E 363 11.24 58.73 -10.94
C ASN E 363 11.66 57.80 -12.08
N THR E 364 12.45 56.79 -11.76
CA THR E 364 12.97 55.86 -12.76
C THR E 364 11.91 54.87 -13.25
N ASP E 365 10.80 54.78 -12.53
CA ASP E 365 9.67 53.95 -12.93
C ASP E 365 8.80 54.64 -13.99
N ALA E 366 9.06 55.92 -14.21
CA ALA E 366 8.47 56.67 -15.31
C ALA E 366 9.40 56.59 -16.52
N GLU E 367 9.77 55.37 -16.89
CA GLU E 367 10.75 55.12 -17.95
C GLU E 367 10.13 55.16 -19.34
N GLY E 368 8.83 54.86 -19.43
CA GLY E 368 8.13 54.76 -20.70
C GLY E 368 8.11 56.07 -21.46
N ARG E 369 7.73 57.14 -20.78
CA ARG E 369 7.66 58.47 -21.40
C ARG E 369 9.02 58.95 -21.89
N LEU E 370 10.08 58.45 -21.26
CA LEU E 370 11.45 58.81 -21.64
C LEU E 370 11.84 58.20 -22.98
N VAL E 371 11.61 56.90 -23.13
CA VAL E 371 11.96 56.21 -24.39
C VAL E 371 11.04 56.63 -25.54
N LEU E 372 9.78 56.93 -25.22
CA LEU E 372 8.83 57.43 -26.22
C LEU E 372 9.23 58.81 -26.73
N ALA E 373 9.74 59.65 -25.83
CA ALA E 373 10.18 61.00 -26.18
C ALA E 373 11.24 61.00 -27.28
N ASP E 374 12.26 60.14 -27.14
CA ASP E 374 13.31 60.00 -28.14
C ASP E 374 12.76 59.40 -29.42
N ALA E 375 11.85 58.44 -29.29
CA ALA E 375 11.25 57.77 -30.45
C ALA E 375 10.32 58.68 -31.23
N VAL E 376 9.51 59.47 -30.52
CA VAL E 376 8.59 60.42 -31.15
C VAL E 376 9.34 61.50 -31.91
N PHE E 377 10.39 62.06 -31.29
CA PHE E 377 11.22 63.06 -31.95
C PHE E 377 11.88 62.50 -33.21
N TYR E 378 12.35 61.27 -33.14
CA TYR E 378 12.93 60.59 -34.28
C TYR E 378 11.91 60.32 -35.38
N ALA E 379 10.69 59.94 -34.98
CA ALA E 379 9.60 59.67 -35.93
C ALA E 379 9.21 60.93 -36.71
N ASN E 380 9.28 62.08 -36.04
CA ASN E 380 8.89 63.36 -36.62
C ASN E 380 9.85 63.85 -37.72
N GLN E 381 11.06 63.31 -37.73
CA GLN E 381 12.07 63.61 -38.75
C GLN E 381 11.59 63.14 -40.12
N TYR E 382 10.79 62.08 -40.14
CA TYR E 382 10.19 61.54 -41.36
C TYR E 382 9.05 62.41 -41.89
N GLN E 383 8.74 63.48 -41.15
CA GLN E 383 7.65 64.41 -41.48
C GLN E 383 6.33 63.69 -41.77
N PRO E 384 5.77 63.03 -40.73
CA PRO E 384 4.54 62.27 -40.91
C PRO E 384 3.30 63.17 -40.88
N SER E 385 2.19 62.68 -41.42
CA SER E 385 0.92 63.41 -41.38
C SER E 385 0.32 63.33 -39.97
N VAL E 386 0.59 62.22 -39.29
CA VAL E 386 0.12 62.00 -37.92
C VAL E 386 1.07 61.06 -37.19
N ILE E 387 1.23 61.29 -35.88
CA ILE E 387 2.01 60.39 -35.03
C ILE E 387 1.07 59.72 -34.03
N MET E 388 1.13 58.40 -33.96
CA MET E 388 0.35 57.65 -32.98
C MET E 388 1.29 56.77 -32.17
N ASP E 389 1.29 56.98 -30.85
CA ASP E 389 2.10 56.14 -29.97
C ASP E 389 1.24 55.21 -29.13
N PHE E 390 1.77 54.02 -28.85
CA PHE E 390 1.07 52.98 -28.10
C PHE E 390 1.96 52.51 -26.96
N ALA E 391 1.47 52.62 -25.74
CA ALA E 391 2.27 52.33 -24.55
C ALA E 391 1.45 51.93 -23.34
N THR E 392 2.02 51.01 -22.55
CA THR E 392 1.49 50.68 -21.24
C THR E 392 2.20 51.59 -20.24
N LEU E 393 1.72 52.83 -20.13
CA LEU E 393 2.42 53.86 -19.36
C LEU E 393 2.06 53.93 -17.89
N THR E 394 0.84 54.35 -17.59
CA THR E 394 0.50 54.86 -16.26
C THR E 394 -0.49 53.99 -15.50
N GLY E 395 -0.26 53.84 -14.20
CA GLY E 395 -1.22 53.23 -13.30
C GLY E 395 -2.44 54.10 -13.12
N ALA E 396 -2.23 55.42 -13.17
CA ALA E 396 -3.31 56.40 -13.02
C ALA E 396 -4.39 56.30 -14.10
N ALA E 397 -3.99 55.90 -15.31
CA ALA E 397 -4.93 55.66 -16.40
C ALA E 397 -5.89 54.52 -16.07
N ILE E 398 -5.37 53.48 -15.42
CA ILE E 398 -6.18 52.35 -14.96
C ILE E 398 -7.14 52.80 -13.84
N VAL E 399 -6.64 53.61 -12.92
CA VAL E 399 -7.46 54.17 -11.84
C VAL E 399 -8.59 55.05 -12.41
N ALA E 400 -8.28 55.75 -13.49
CA ALA E 400 -9.22 56.66 -14.15
C ALA E 400 -10.37 55.94 -14.84
N LEU E 401 -10.04 55.02 -15.75
CA LEU E 401 -11.04 54.42 -16.64
C LEU E 401 -11.34 52.94 -16.38
N GLY E 402 -10.61 52.34 -15.43
CA GLY E 402 -10.73 50.91 -15.19
C GLY E 402 -9.74 50.10 -16.01
N ASP E 403 -9.67 48.81 -15.74
CA ASP E 403 -8.71 47.93 -16.39
C ASP E 403 -9.05 47.56 -17.84
N ASP E 404 -10.29 47.78 -18.24
CA ASP E 404 -10.77 47.28 -19.54
C ASP E 404 -10.93 48.36 -20.63
N LYS E 405 -10.55 49.60 -20.29
CA LYS E 405 -10.66 50.72 -21.23
C LYS E 405 -9.31 51.40 -21.44
N ALA E 406 -9.10 51.92 -22.65
CA ALA E 406 -7.86 52.62 -22.99
C ALA E 406 -8.04 54.12 -22.89
N ALA E 407 -6.97 54.82 -22.51
CA ALA E 407 -6.99 56.27 -22.44
C ALA E 407 -6.33 56.87 -23.67
N ALA E 408 -7.04 57.77 -24.34
CA ALA E 408 -6.54 58.44 -25.53
C ALA E 408 -6.37 59.94 -25.31
N PHE E 409 -5.26 60.49 -25.82
CA PHE E 409 -4.95 61.90 -25.67
C PHE E 409 -4.61 62.48 -27.04
N GLU E 410 -5.18 63.62 -27.37
CA GLU E 410 -4.88 64.29 -28.63
C GLU E 410 -4.07 65.56 -28.44
N SER E 411 -3.20 65.83 -29.41
CA SER E 411 -2.41 67.04 -29.45
C SER E 411 -2.32 67.46 -30.90
N ASN E 412 -3.07 68.51 -31.26
CA ASN E 412 -3.19 68.98 -32.64
C ASN E 412 -3.83 67.96 -33.60
N SER E 413 -4.65 67.07 -33.06
CA SER E 413 -5.36 66.06 -33.87
C SER E 413 -6.72 65.68 -33.27
N LYS E 414 -7.55 66.69 -33.05
CA LYS E 414 -8.89 66.52 -32.52
C LYS E 414 -9.79 65.73 -33.47
N VAL E 415 -9.63 65.98 -34.77
CA VAL E 415 -10.45 65.35 -35.81
C VAL E 415 -10.14 63.86 -35.97
N ILE E 416 -8.86 63.54 -36.14
CA ILE E 416 -8.43 62.14 -36.31
C ILE E 416 -8.78 61.29 -35.08
N LEU E 417 -8.68 61.88 -33.89
CA LEU E 417 -9.07 61.19 -32.66
C LEU E 417 -10.56 60.84 -32.65
N ASN E 418 -11.41 61.80 -33.00
CA ASN E 418 -12.85 61.60 -33.04
C ASN E 418 -13.26 60.44 -33.95
N ASP E 419 -12.54 60.30 -35.07
CA ASP E 419 -12.77 59.20 -35.99
C ASP E 419 -12.37 57.87 -35.37
N ILE E 420 -11.26 57.85 -34.64
CA ILE E 420 -10.75 56.65 -33.97
C ILE E 420 -11.64 56.24 -32.79
N LEU E 421 -12.13 57.22 -32.04
CA LEU E 421 -13.07 56.97 -30.93
C LEU E 421 -14.38 56.36 -31.45
N GLN E 422 -14.79 56.75 -32.65
CA GLN E 422 -15.95 56.17 -33.31
C GLN E 422 -15.68 54.74 -33.79
N ILE E 423 -14.58 54.55 -34.50
CA ILE E 423 -14.18 53.25 -35.04
C ILE E 423 -14.04 52.21 -33.93
N SER E 424 -13.38 52.60 -32.84
CA SER E 424 -13.13 51.68 -31.72
C SER E 424 -14.42 51.17 -31.09
N SER E 425 -15.40 52.06 -30.93
CA SER E 425 -16.69 51.69 -30.35
C SER E 425 -17.47 50.73 -31.25
N GLU E 426 -17.11 50.70 -32.53
CA GLU E 426 -17.75 49.83 -33.51
C GLU E 426 -17.08 48.46 -33.63
N VAL E 427 -15.83 48.35 -33.16
CA VAL E 427 -15.07 47.10 -33.22
C VAL E 427 -14.81 46.48 -31.84
N ASP E 428 -15.69 46.80 -30.88
CA ASP E 428 -15.64 46.26 -29.52
C ASP E 428 -14.33 46.54 -28.77
N GLU E 429 -13.82 47.76 -28.91
CA GLU E 429 -12.64 48.20 -28.16
C GLU E 429 -12.92 49.53 -27.46
N MET E 430 -12.95 49.50 -26.14
CA MET E 430 -13.27 50.68 -25.35
C MET E 430 -12.07 51.64 -25.22
N VAL E 431 -12.19 52.78 -25.89
CA VAL E 431 -11.18 53.83 -25.87
C VAL E 431 -11.87 55.15 -25.55
N PHE E 432 -11.35 55.90 -24.58
CA PHE E 432 -11.95 57.17 -24.19
C PHE E 432 -10.90 58.27 -24.01
N GLU E 433 -11.32 59.51 -24.26
CA GLU E 433 -10.41 60.65 -24.23
C GLU E 433 -10.18 61.20 -22.82
N LEU E 434 -8.93 61.52 -22.54
CA LEU E 434 -8.57 62.33 -21.37
C LEU E 434 -7.83 63.58 -21.87
N PRO E 435 -7.92 64.70 -21.12
CA PRO E 435 -7.41 65.97 -21.65
C PRO E 435 -5.94 66.25 -21.37
N ILE E 436 -5.34 67.09 -22.22
CA ILE E 436 -4.05 67.73 -21.93
C ILE E 436 -4.30 69.23 -21.91
N THR E 437 -4.22 69.83 -20.73
CA THR E 437 -4.52 71.25 -20.55
C THR E 437 -3.25 72.09 -20.34
N ALA E 438 -3.43 73.39 -20.17
CA ALA E 438 -2.33 74.31 -19.88
C ALA E 438 -1.55 73.91 -18.63
N THR E 439 -2.26 73.35 -17.66
CA THR E 439 -1.67 72.85 -16.41
C THR E 439 -0.54 71.85 -16.68
N GLU E 440 -0.86 70.84 -17.49
CA GLU E 440 0.08 69.77 -17.82
C GLU E 440 1.23 70.25 -18.71
N ARG E 441 0.91 71.12 -19.67
CA ARG E 441 1.92 71.71 -20.55
C ARG E 441 2.95 72.54 -19.78
N ALA E 442 2.51 73.14 -18.67
CA ALA E 442 3.38 73.93 -17.82
C ALA E 442 4.15 73.07 -16.81
N SER E 443 3.50 72.06 -16.26
CA SER E 443 4.09 71.27 -15.17
C SER E 443 5.22 70.33 -15.59
N ILE E 444 5.28 69.98 -16.87
CA ILE E 444 6.40 69.17 -17.40
C ILE E 444 7.69 69.98 -17.42
N LYS E 445 7.57 71.28 -17.23
CA LYS E 445 8.72 72.20 -17.21
C LYS E 445 9.13 72.59 -15.79
N HIS E 446 8.44 72.04 -14.79
CA HIS E 446 8.73 72.35 -13.40
C HIS E 446 9.94 71.61 -12.86
N SER E 447 11.12 71.98 -13.37
CA SER E 447 12.38 71.49 -12.87
C SER E 447 13.25 72.66 -12.46
N ASP E 448 13.96 72.51 -11.34
CA ASP E 448 14.84 73.57 -10.84
C ASP E 448 16.18 73.59 -11.58
N ILE E 449 16.44 72.57 -12.39
CA ILE E 449 17.75 72.38 -13.00
C ILE E 449 17.69 72.18 -14.53
N ALA E 450 16.76 71.35 -15.00
CA ALA E 450 16.69 71.02 -16.42
C ALA E 450 15.53 71.72 -17.14
N ASP E 451 15.47 71.54 -18.45
CA ASP E 451 14.38 72.07 -19.27
C ASP E 451 13.07 71.37 -18.93
N LEU E 452 13.14 70.05 -18.71
CA LEU E 452 11.96 69.24 -18.43
C LEU E 452 12.15 68.31 -17.23
N VAL E 453 11.04 67.89 -16.64
CA VAL E 453 11.04 66.90 -15.57
C VAL E 453 10.09 65.77 -15.96
N ASN E 454 10.43 64.53 -15.57
CA ASN E 454 9.68 63.36 -16.04
C ASN E 454 8.57 62.89 -15.09
N HIS E 455 8.44 63.56 -13.94
CA HIS E 455 7.49 63.13 -12.91
C HIS E 455 6.98 64.27 -12.05
N THR E 456 5.69 64.21 -11.71
CA THR E 456 5.07 65.14 -10.78
C THR E 456 4.59 64.39 -9.54
N ASN E 457 4.67 65.05 -8.39
CA ASN E 457 4.13 64.48 -7.16
C ASN E 457 2.65 64.80 -6.99
N GLY E 458 2.15 65.69 -7.84
CA GLY E 458 0.73 66.01 -7.88
C GLY E 458 -0.08 64.92 -8.55
N GLN E 459 -1.39 65.12 -8.60
CA GLN E 459 -2.29 64.16 -9.24
C GLN E 459 -2.45 64.45 -10.73
N GLY E 460 -3.28 63.65 -11.40
CA GLY E 460 -3.44 63.74 -12.85
C GLY E 460 -2.20 63.26 -13.59
N LYS E 461 -1.59 62.19 -13.07
CA LYS E 461 -0.32 61.67 -13.57
C LYS E 461 -0.39 61.15 -15.01
N ALA E 462 -1.54 60.59 -15.39
CA ALA E 462 -1.74 60.10 -16.76
C ALA E 462 -1.73 61.26 -17.75
N LEU E 463 -2.30 62.38 -17.34
CA LEU E 463 -2.34 63.59 -18.16
C LEU E 463 -0.94 64.18 -18.30
N PHE E 464 -0.18 64.16 -17.21
CA PHE E 464 1.21 64.62 -17.20
C PHE E 464 2.07 63.81 -18.18
N ALA E 465 1.97 62.48 -18.09
CA ALA E 465 2.73 61.58 -18.96
C ALA E 465 2.44 61.85 -20.43
N ALA E 466 1.15 62.05 -20.75
CA ALA E 466 0.72 62.34 -22.11
C ALA E 466 1.30 63.67 -22.60
N SER E 467 1.27 64.68 -21.72
CA SER E 467 1.84 65.99 -22.03
C SER E 467 3.34 65.90 -22.31
N PHE E 468 4.04 65.05 -21.54
CA PHE E 468 5.47 64.85 -21.70
C PHE E 468 5.80 64.22 -23.05
N VAL E 469 5.06 63.17 -23.42
CA VAL E 469 5.28 62.46 -24.68
C VAL E 469 4.93 63.33 -25.89
N THR E 470 3.76 63.98 -25.85
CA THR E 470 3.26 64.77 -26.98
C THR E 470 4.04 66.08 -27.19
N HIS E 471 4.86 66.45 -26.22
CA HIS E 471 5.72 67.62 -26.31
C HIS E 471 6.74 67.48 -27.46
N PHE E 472 7.20 66.27 -27.68
CA PHE E 472 8.32 66.01 -28.59
C PHE E 472 7.94 65.91 -30.06
N SER E 473 6.64 66.02 -30.35
CA SER E 473 6.14 65.97 -31.71
C SER E 473 6.02 67.38 -32.32
N GLY E 474 6.17 68.39 -31.48
CA GLY E 474 6.02 69.78 -31.91
C GLY E 474 4.56 70.08 -32.20
N GLN E 475 4.29 70.58 -33.40
CA GLN E 475 2.92 70.88 -33.82
C GLN E 475 2.30 69.79 -34.68
N THR E 476 3.07 68.73 -34.95
CA THR E 476 2.60 67.57 -35.70
C THR E 476 1.44 66.89 -34.97
N PRO E 477 0.32 66.61 -35.68
CA PRO E 477 -0.80 65.88 -35.11
C PRO E 477 -0.34 64.61 -34.40
N HIS E 478 -0.66 64.51 -33.12
CA HIS E 478 -0.18 63.44 -32.26
C HIS E 478 -1.30 62.87 -31.40
N ILE E 479 -1.49 61.56 -31.46
CA ILE E 479 -2.40 60.87 -30.54
C ILE E 479 -1.61 59.87 -29.68
N HIS E 480 -1.80 59.99 -28.36
CA HIS E 480 -1.14 59.11 -27.39
C HIS E 480 -2.15 58.12 -26.82
N PHE E 481 -1.82 56.84 -26.91
CA PHE E 481 -2.70 55.78 -26.39
C PHE E 481 -2.08 55.09 -25.17
N ASP E 482 -2.65 55.36 -23.99
CA ASP E 482 -2.23 54.68 -22.77
C ASP E 482 -3.05 53.40 -22.61
N ILE E 483 -2.41 52.27 -22.92
CA ILE E 483 -3.08 50.97 -22.89
C ILE E 483 -2.61 50.09 -21.73
N ALA E 484 -2.23 50.74 -20.62
CA ALA E 484 -1.76 50.04 -19.44
C ALA E 484 -2.76 49.01 -18.93
N GLY E 485 -4.04 49.36 -19.02
CA GLY E 485 -5.12 48.47 -18.60
C GLY E 485 -5.49 47.38 -19.59
N PRO E 486 -6.05 47.77 -20.75
CA PRO E 486 -6.66 46.80 -21.68
C PRO E 486 -5.68 45.98 -22.53
N ALA E 487 -4.38 46.28 -22.46
CA ALA E 487 -3.37 45.53 -23.21
C ALA E 487 -3.27 44.09 -22.73
N THR E 488 -3.67 43.85 -21.48
CA THR E 488 -3.67 42.53 -20.88
C THR E 488 -4.98 42.28 -20.15
N THR E 489 -5.37 41.02 -20.07
CA THR E 489 -6.56 40.60 -19.33
C THR E 489 -6.20 39.45 -18.38
N ASN E 490 -6.84 39.42 -17.21
CA ASN E 490 -6.60 38.36 -16.24
C ASN E 490 -7.71 37.30 -16.25
N LYS E 491 -8.54 37.36 -17.29
CA LYS E 491 -9.72 36.51 -17.41
C LYS E 491 -9.84 36.00 -18.85
N ALA E 492 -10.07 34.70 -19.00
CA ALA E 492 -10.31 34.11 -20.33
C ALA E 492 -11.72 34.49 -20.81
N SER E 493 -11.86 34.64 -22.12
CA SER E 493 -13.13 35.03 -22.74
C SER E 493 -13.24 34.54 -24.17
N TYR E 494 -14.28 35.01 -24.87
CA TYR E 494 -14.49 34.71 -26.29
C TYR E 494 -13.38 35.26 -27.19
N ASN E 495 -12.55 36.15 -26.64
CA ASN E 495 -11.44 36.74 -27.36
C ASN E 495 -10.11 36.02 -27.17
N GLY E 496 -10.11 34.98 -26.33
CA GLY E 496 -8.91 34.19 -26.09
C GLY E 496 -8.58 34.05 -24.61
N PRO E 497 -7.43 33.43 -24.30
CA PRO E 497 -7.03 33.16 -22.91
C PRO E 497 -6.47 34.40 -22.20
N LYS E 498 -6.11 34.23 -20.93
CA LYS E 498 -5.43 35.25 -20.14
C LYS E 498 -4.17 35.73 -20.83
N GLY E 499 -3.82 36.99 -20.61
CA GLY E 499 -2.58 37.55 -21.13
C GLY E 499 -2.84 38.68 -22.09
N PRO E 500 -1.91 38.90 -23.04
CA PRO E 500 -1.99 40.01 -24.00
C PRO E 500 -3.22 39.91 -24.87
N THR E 501 -3.86 41.05 -25.11
CA THR E 501 -5.11 41.11 -25.86
C THR E 501 -4.91 41.54 -27.32
N GLY E 502 -3.77 42.18 -27.59
CA GLY E 502 -3.52 42.77 -28.90
C GLY E 502 -4.37 44.02 -29.09
N PHE E 503 -4.66 44.68 -27.98
CA PHE E 503 -5.54 45.85 -27.96
C PHE E 503 -5.08 46.95 -28.92
N MET E 504 -6.06 47.59 -29.55
CA MET E 504 -5.84 48.68 -30.52
C MET E 504 -5.62 48.23 -31.97
N ILE E 505 -5.07 47.02 -32.15
CA ILE E 505 -4.83 46.48 -33.49
C ILE E 505 -6.09 46.48 -34.36
N PRO E 506 -7.23 45.94 -33.86
CA PRO E 506 -8.46 46.01 -34.67
C PRO E 506 -8.87 47.44 -35.03
N THR E 507 -8.75 48.37 -34.07
CA THR E 507 -9.14 49.77 -34.27
C THR E 507 -8.28 50.48 -35.32
N ILE E 508 -6.96 50.37 -35.17
CA ILE E 508 -6.03 51.07 -36.07
C ILE E 508 -6.08 50.49 -37.49
N VAL E 509 -6.16 49.17 -37.61
CA VAL E 509 -6.27 48.52 -38.91
C VAL E 509 -7.52 49.00 -39.66
N GLN E 510 -8.64 49.06 -38.95
CA GLN E 510 -9.89 49.57 -39.52
C GLN E 510 -9.75 51.03 -39.96
N TRP E 511 -9.04 51.83 -39.17
CA TRP E 511 -8.78 53.22 -39.50
C TRP E 511 -7.87 53.34 -40.73
N LEU E 512 -6.86 52.48 -40.79
CA LEU E 512 -5.93 52.45 -41.93
C LEU E 512 -6.63 52.05 -43.23
N LYS E 513 -7.64 51.19 -43.12
CA LYS E 513 -8.45 50.77 -44.27
C LYS E 513 -9.24 51.92 -44.89
N GLN E 514 -9.42 52.99 -44.13
CA GLN E 514 -10.24 54.12 -44.57
C GLN E 514 -9.43 55.33 -45.06
N GLN E 515 -8.14 55.13 -45.28
CA GLN E 515 -7.25 56.21 -45.74
C GLN E 515 -7.08 56.24 -47.26
N SER F 22 33.10 87.97 -13.24
CA SER F 22 33.17 87.18 -11.98
C SER F 22 32.06 87.58 -11.00
N ASN F 23 32.18 88.78 -10.43
CA ASN F 23 31.21 89.28 -9.46
C ASN F 23 29.84 89.58 -10.07
N ALA F 24 28.79 89.41 -9.28
CA ALA F 24 27.43 89.72 -9.70
C ALA F 24 27.18 91.23 -9.70
N MET F 25 27.78 91.91 -8.73
CA MET F 25 27.65 93.36 -8.59
C MET F 25 29.00 94.04 -8.72
N ASN F 26 29.00 95.25 -9.27
CA ASN F 26 30.19 96.06 -9.39
C ASN F 26 30.09 97.30 -8.49
N PHE F 27 30.79 97.26 -7.37
CA PHE F 27 30.73 98.32 -6.37
C PHE F 27 31.72 99.44 -6.64
N LYS F 28 31.19 100.65 -6.82
CA LYS F 28 32.00 101.85 -7.04
C LYS F 28 31.65 102.90 -5.98
N LEU F 29 32.67 103.51 -5.37
CA LEU F 29 32.45 104.48 -4.31
C LEU F 29 32.67 105.92 -4.77
N ASN F 30 31.62 106.73 -4.64
CA ASN F 30 31.59 108.13 -5.07
C ASN F 30 32.23 108.36 -6.45
N ASN F 31 31.87 107.50 -7.39
CA ASN F 31 32.43 107.52 -8.75
C ASN F 31 31.94 108.73 -9.55
N THR F 32 32.65 109.04 -10.64
CA THR F 32 32.34 110.20 -11.48
C THR F 32 30.86 110.25 -11.90
N LEU F 33 30.23 111.40 -11.65
CA LEU F 33 28.78 111.57 -11.79
C LEU F 33 28.33 111.58 -13.25
N SER F 34 27.32 110.76 -13.54
CA SER F 34 26.83 110.59 -14.91
C SER F 34 25.34 110.86 -15.06
N ASN F 35 24.98 111.57 -16.12
CA ASN F 35 23.58 111.80 -16.48
C ASN F 35 22.93 110.56 -17.09
N GLU F 36 23.77 109.66 -17.61
CA GLU F 36 23.34 108.38 -18.17
C GLU F 36 22.62 107.53 -17.13
N ILE F 37 22.90 107.78 -15.84
CA ILE F 37 22.28 107.03 -14.76
C ILE F 37 21.04 107.75 -14.23
N ASN F 38 19.90 107.09 -14.29
CA ASN F 38 18.64 107.66 -13.84
C ASN F 38 17.86 106.76 -12.88
N THR F 39 18.59 105.95 -12.12
CA THR F 39 17.99 105.05 -11.13
C THR F 39 18.62 105.30 -9.76
N LEU F 40 17.78 105.29 -8.73
CA LEU F 40 18.18 105.68 -7.38
C LEU F 40 17.65 104.71 -6.33
N ILE F 41 18.53 104.30 -5.41
CA ILE F 41 18.14 103.37 -4.33
C ILE F 41 18.30 104.01 -2.95
N ILE F 42 17.20 104.02 -2.18
CA ILE F 42 17.19 104.57 -0.83
C ILE F 42 16.51 103.59 0.13
N GLY F 43 17.09 103.43 1.31
CA GLY F 43 16.47 102.65 2.38
C GLY F 43 15.55 103.51 3.21
N ILE F 44 14.37 103.00 3.53
CA ILE F 44 13.36 103.76 4.26
C ILE F 44 13.02 103.14 5.62
N PRO F 45 13.33 103.87 6.72
CA PRO F 45 13.00 103.43 8.07
C PRO F 45 11.62 103.87 8.52
N GLU F 46 11.17 103.37 9.66
CA GLU F 46 9.86 103.71 10.23
C GLU F 46 9.74 105.20 10.57
N HIS F 47 10.83 105.78 11.07
CA HIS F 47 10.90 107.20 11.35
C HIS F 47 12.10 107.80 10.62
N LEU F 48 11.83 108.68 9.67
CA LEU F 48 12.87 109.29 8.83
C LEU F 48 13.79 110.25 9.59
N ASN F 49 13.29 110.82 10.69
CA ASN F 49 14.07 111.72 11.54
C ASN F 49 15.17 111.01 12.34
N GLN F 50 15.10 109.67 12.39
CA GLN F 50 16.11 108.86 13.07
C GLN F 50 17.41 108.75 12.27
N LEU F 51 17.34 109.04 10.98
CA LEU F 51 18.51 109.15 10.12
C LEU F 51 18.95 110.60 10.01
N GLU F 52 20.24 110.81 9.73
CA GLU F 52 20.73 112.13 9.35
C GLU F 52 20.12 112.52 8.01
N ARG F 53 19.46 113.67 7.97
CA ARG F 53 18.66 114.11 6.82
C ARG F 53 19.26 113.74 5.45
N ILE F 54 18.54 112.89 4.72
CA ILE F 54 18.96 112.31 3.45
C ILE F 54 19.08 113.35 2.33
N SER F 55 20.21 113.36 1.63
CA SER F 55 20.44 114.28 0.53
C SER F 55 21.06 113.61 -0.69
N PHE F 56 20.52 113.94 -1.86
CA PHE F 56 21.05 113.49 -3.13
C PHE F 56 21.54 114.70 -3.92
N ASN F 57 22.71 114.56 -4.56
CA ASN F 57 23.50 115.69 -5.05
C ASN F 57 23.94 116.56 -3.88
N HIS F 58 23.19 117.62 -3.61
CA HIS F 58 23.29 118.37 -2.38
C HIS F 58 21.88 118.69 -1.89
N ILE F 59 20.89 118.32 -2.72
CA ILE F 59 19.48 118.57 -2.47
C ILE F 59 18.99 117.74 -1.29
N ASP F 60 18.41 118.41 -0.29
CA ASP F 60 17.78 117.72 0.82
C ASP F 60 16.42 117.17 0.35
N ILE F 61 16.31 115.84 0.33
CA ILE F 61 15.12 115.17 -0.19
C ILE F 61 14.28 114.49 0.91
N THR F 62 14.61 114.77 2.17
CA THR F 62 13.95 114.16 3.31
C THR F 62 12.44 114.40 3.35
N GLU F 63 12.03 115.65 3.14
CA GLU F 63 10.61 116.04 3.22
C GLU F 63 9.75 115.46 2.10
N SER F 64 10.35 115.31 0.92
CA SER F 64 9.65 114.75 -0.23
C SER F 64 9.43 113.25 -0.06
N LEU F 65 10.40 112.58 0.59
CA LEU F 65 10.28 111.17 0.93
C LEU F 65 9.23 110.97 2.03
N GLU F 66 9.13 111.95 2.92
CA GLU F 66 8.13 111.93 4.01
C GLU F 66 6.70 112.00 3.48
N ARG F 67 6.50 112.76 2.39
CA ARG F 67 5.19 112.89 1.76
C ARG F 67 4.78 111.63 1.01
N LEU F 68 5.75 111.00 0.36
CA LEU F 68 5.52 109.74 -0.37
C LEU F 68 5.19 108.61 0.59
N LYS F 69 5.82 108.63 1.76
CA LYS F 69 5.56 107.68 2.83
C LYS F 69 4.16 107.87 3.43
N HIS F 70 3.76 109.14 3.56
CA HIS F 70 2.45 109.50 4.08
C HIS F 70 1.33 109.14 3.10
N GLN F 71 1.64 109.18 1.80
CA GLN F 71 0.70 108.81 0.75
C GLN F 71 0.69 107.31 0.47
N HIS F 72 1.52 106.56 1.21
CA HIS F 72 1.68 105.10 1.05
C HIS F 72 2.26 104.69 -0.31
N ILE F 73 2.93 105.63 -0.97
CA ILE F 73 3.62 105.36 -2.24
C ILE F 73 4.93 104.61 -1.93
N ILE F 74 5.58 104.98 -0.83
CA ILE F 74 6.69 104.21 -0.28
C ILE F 74 6.40 103.86 1.19
N GLY F 75 7.14 102.90 1.73
CA GLY F 75 6.94 102.44 3.10
C GLY F 75 8.18 101.89 3.77
N SER F 76 8.02 101.43 5.01
CA SER F 76 9.15 101.04 5.84
C SER F 76 9.19 99.56 6.21
N LYS F 77 8.15 98.81 5.85
CA LYS F 77 8.07 97.39 6.19
C LYS F 77 9.35 96.66 5.78
N VAL F 78 9.95 95.94 6.74
CA VAL F 78 11.26 95.31 6.56
C VAL F 78 11.35 94.47 5.29
N GLY F 79 12.24 94.87 4.38
CA GLY F 79 12.55 94.13 3.17
C GLY F 79 11.55 94.27 2.04
N LYS F 80 10.56 95.15 2.19
CA LYS F 80 9.57 95.38 1.15
C LYS F 80 10.04 96.41 0.13
N ILE F 81 9.87 96.08 -1.15
CA ILE F 81 10.32 96.93 -2.24
C ILE F 81 9.21 97.85 -2.74
N TYR F 82 9.48 99.14 -2.78
CA TYR F 82 8.58 100.14 -3.36
C TYR F 82 9.33 100.87 -4.47
N THR F 83 8.64 101.12 -5.59
CA THR F 83 9.20 101.94 -6.65
C THR F 83 8.27 103.09 -7.03
N THR F 84 8.86 104.21 -7.44
CA THR F 84 8.11 105.38 -7.87
C THR F 84 8.94 106.29 -8.76
N ALA F 85 8.25 107.09 -9.56
CA ALA F 85 8.88 108.20 -10.28
C ALA F 85 9.25 109.27 -9.25
N PHE F 86 10.47 109.77 -9.35
CA PHE F 86 10.99 110.70 -8.35
C PHE F 86 11.71 111.85 -9.04
N ASP F 87 11.18 113.06 -8.84
CA ASP F 87 11.76 114.26 -9.40
C ASP F 87 12.75 114.90 -8.43
N VAL F 88 14.01 114.99 -8.86
CA VAL F 88 15.00 115.83 -8.19
C VAL F 88 15.65 116.74 -9.22
N GLN F 89 15.45 118.05 -9.03
CA GLN F 89 15.78 119.07 -10.03
C GLN F 89 14.97 118.87 -11.31
N ASP F 90 15.67 118.78 -12.44
CA ASP F 90 15.04 118.73 -13.76
C ASP F 90 14.74 117.30 -14.23
N GLN F 91 15.61 116.36 -13.85
CA GLN F 91 15.52 114.99 -14.34
C GLN F 91 14.63 114.10 -13.47
N THR F 92 13.84 113.25 -14.13
CA THR F 92 12.98 112.27 -13.47
C THR F 92 13.76 110.99 -13.24
N TYR F 93 13.79 110.52 -11.99
CA TYR F 93 14.53 109.33 -11.61
C TYR F 93 13.59 108.16 -11.28
N ARG F 94 14.08 106.95 -11.50
CA ARG F 94 13.41 105.76 -11.00
C ARG F 94 13.90 105.51 -9.58
N LEU F 95 13.02 105.72 -8.61
CA LEU F 95 13.36 105.51 -7.21
C LEU F 95 13.01 104.10 -6.76
N ILE F 96 13.99 103.43 -6.17
CA ILE F 96 13.79 102.09 -5.60
C ILE F 96 13.96 102.16 -4.08
N THR F 97 12.90 101.78 -3.38
CA THR F 97 12.84 101.86 -1.94
C THR F 97 12.78 100.47 -1.31
N VAL F 98 13.61 100.24 -0.30
CA VAL F 98 13.52 99.03 0.51
C VAL F 98 13.31 99.40 1.98
N GLY F 99 12.30 98.80 2.60
CA GLY F 99 11.96 99.10 3.99
C GLY F 99 13.00 98.58 4.97
N LEU F 100 13.23 99.35 6.03
CA LEU F 100 14.21 98.99 7.06
C LEU F 100 13.56 98.69 8.41
N GLY F 101 12.28 99.05 8.54
CA GLY F 101 11.56 98.91 9.80
C GLY F 101 12.04 99.89 10.84
N ASN F 102 11.85 99.55 12.11
CA ASN F 102 12.37 100.34 13.21
C ASN F 102 13.87 100.12 13.35
N LEU F 103 14.63 101.21 13.27
CA LEU F 103 16.10 101.15 13.31
C LEU F 103 16.65 100.74 14.68
N LYS F 104 15.86 100.97 15.74
CA LYS F 104 16.22 100.55 17.08
C LYS F 104 16.24 99.03 17.20
N THR F 105 15.25 98.39 16.60
CA THR F 105 15.08 96.93 16.70
C THR F 105 15.37 96.21 15.38
N ARG F 106 16.50 96.57 14.75
CA ARG F 106 16.90 95.97 13.49
C ARG F 106 17.99 94.92 13.69
N SER F 107 17.59 93.66 13.53
CA SER F 107 18.49 92.52 13.72
C SER F 107 19.37 92.27 12.50
N TYR F 108 20.33 91.35 12.63
CA TYR F 108 21.17 90.93 11.51
C TYR F 108 20.35 90.20 10.45
N GLN F 109 19.35 89.45 10.89
CA GLN F 109 18.41 88.78 10.00
C GLN F 109 17.69 89.80 9.12
N ASP F 110 17.24 90.89 9.75
CA ASP F 110 16.59 92.00 9.04
C ASP F 110 17.50 92.55 7.95
N MET F 111 18.78 92.72 8.26
CA MET F 111 19.77 93.22 7.29
C MET F 111 19.90 92.29 6.09
N LEU F 112 19.89 90.98 6.35
CA LEU F 112 19.94 89.97 5.29
C LEU F 112 18.68 90.01 4.43
N LYS F 113 17.54 90.24 5.07
CA LYS F 113 16.26 90.37 4.38
C LYS F 113 16.21 91.64 3.53
N ILE F 114 16.77 92.73 4.06
CA ILE F 114 16.80 94.03 3.37
C ILE F 114 17.66 93.97 2.11
N TRP F 115 18.93 93.59 2.26
CA TRP F 115 19.84 93.49 1.12
C TRP F 115 19.42 92.38 0.16
N GLY F 116 18.92 91.28 0.72
CA GLY F 116 18.48 90.13 -0.06
C GLY F 116 17.39 90.48 -1.06
N HIS F 117 16.29 91.02 -0.56
CA HIS F 117 15.17 91.38 -1.43
C HIS F 117 15.53 92.48 -2.42
N LEU F 118 16.40 93.40 -2.00
CA LEU F 118 16.85 94.50 -2.85
C LEU F 118 17.62 94.01 -4.07
N PHE F 119 18.70 93.25 -3.84
CA PHE F 119 19.53 92.73 -4.91
C PHE F 119 18.80 91.76 -5.83
N GLN F 120 17.83 91.04 -5.28
CA GLN F 120 16.96 90.16 -6.06
C GLN F 120 16.08 90.95 -7.02
N TYR F 121 15.56 92.08 -6.54
CA TYR F 121 14.76 92.98 -7.37
C TYR F 121 15.61 93.62 -8.46
N ILE F 122 16.80 94.09 -8.09
CA ILE F 122 17.75 94.70 -9.03
C ILE F 122 18.07 93.76 -10.20
N LYS F 123 18.33 92.49 -9.88
CA LYS F 123 18.68 91.50 -10.90
C LYS F 123 17.51 91.09 -11.79
N SER F 124 16.34 90.88 -11.20
CA SER F 124 15.15 90.47 -11.95
C SER F 124 14.64 91.60 -12.86
N GLU F 125 14.97 92.84 -12.50
CA GLU F 125 14.57 94.00 -13.30
C GLU F 125 15.63 94.40 -14.32
N HIS F 126 16.72 93.63 -14.38
CA HIS F 126 17.80 93.81 -15.35
C HIS F 126 18.38 95.23 -15.31
N ILE F 127 18.57 95.75 -14.10
CA ILE F 127 19.15 97.08 -13.89
C ILE F 127 20.67 96.99 -13.96
N GLU F 128 21.26 97.82 -14.80
CA GLU F 128 22.70 97.78 -15.05
C GLU F 128 23.46 98.95 -14.41
N ASP F 129 22.78 100.08 -14.24
CA ASP F 129 23.39 101.27 -13.66
C ASP F 129 22.43 101.96 -12.69
N THR F 130 22.87 102.12 -11.43
CA THR F 130 22.05 102.77 -10.41
C THR F 130 22.88 103.44 -9.32
N TYR F 131 22.32 104.47 -8.70
CA TYR F 131 22.90 105.08 -7.52
C TYR F 131 22.39 104.37 -6.27
N LEU F 132 23.24 104.31 -5.25
CA LEU F 132 22.87 103.73 -3.96
C LEU F 132 23.28 104.68 -2.84
N LEU F 133 22.27 105.23 -2.15
CA LEU F 133 22.51 106.15 -1.04
C LEU F 133 22.76 105.37 0.25
N MET F 134 24.04 105.06 0.47
CA MET F 134 24.46 104.18 1.55
C MET F 134 24.17 104.73 2.95
N ASP F 135 24.16 106.06 3.06
CA ASP F 135 23.90 106.75 4.34
C ASP F 135 22.51 106.47 4.90
N SER F 136 21.57 106.12 4.02
CA SER F 136 20.21 105.82 4.43
C SER F 136 20.07 104.42 5.02
N PHE F 137 21.11 103.60 4.86
CA PHE F 137 21.12 102.23 5.38
C PHE F 137 21.86 102.12 6.70
N ILE F 138 22.71 103.12 6.98
CA ILE F 138 23.54 103.13 8.20
C ILE F 138 22.90 103.98 9.28
N SER F 139 22.71 103.37 10.45
CA SER F 139 22.14 104.05 11.62
C SER F 139 23.12 104.06 12.78
N LYS F 140 22.78 104.82 13.83
CA LYS F 140 23.62 104.92 15.03
C LYS F 140 23.36 103.77 16.02
N TYR F 141 22.45 102.86 15.65
CA TYR F 141 22.09 101.72 16.49
C TYR F 141 22.74 100.42 16.03
N ASP F 142 23.18 100.41 14.77
CA ASP F 142 23.86 99.25 14.17
C ASP F 142 25.31 99.61 13.88
N GLN F 143 26.18 98.60 13.88
CA GLN F 143 27.58 98.83 13.51
C GLN F 143 27.71 98.80 11.99
N LEU F 144 28.46 99.77 11.47
CA LEU F 144 28.72 99.94 10.04
C LEU F 144 29.19 98.64 9.36
N SER F 145 30.09 97.92 10.04
CA SER F 145 30.65 96.67 9.53
C SER F 145 29.60 95.60 9.26
N ASP F 146 28.66 95.45 10.17
CA ASP F 146 27.56 94.47 10.04
C ASP F 146 26.66 94.76 8.83
N VAL F 147 26.45 96.05 8.56
CA VAL F 147 25.63 96.48 7.42
C VAL F 147 26.34 96.17 6.11
N LEU F 148 27.62 96.52 6.02
CA LEU F 148 28.42 96.32 4.81
C LEU F 148 28.75 94.85 4.56
N MET F 149 28.88 94.08 5.64
CA MET F 149 29.10 92.63 5.56
C MET F 149 27.89 91.95 4.91
N ALA F 150 26.70 92.26 5.45
CA ALA F 150 25.44 91.74 4.94
C ALA F 150 25.23 92.14 3.48
N CYS F 151 25.55 93.40 3.18
CA CYS F 151 25.50 93.92 1.82
C CYS F 151 26.36 93.09 0.86
N GLY F 152 27.59 92.80 1.27
CA GLY F 152 28.51 92.02 0.46
C GLY F 152 28.08 90.58 0.24
N ILE F 153 27.65 89.91 1.31
CA ILE F 153 27.22 88.51 1.24
C ILE F 153 26.00 88.36 0.33
N GLN F 154 24.97 89.17 0.58
CA GLN F 154 23.70 89.07 -0.12
C GLN F 154 23.79 89.44 -1.61
N SER F 155 24.79 90.25 -1.97
CA SER F 155 25.02 90.62 -3.36
C SER F 155 25.36 89.40 -4.22
N GLU F 156 25.85 88.35 -3.58
CA GLU F 156 26.18 87.10 -4.25
C GLU F 156 25.22 85.97 -3.88
N ARG F 157 24.92 85.84 -2.59
CA ARG F 157 24.12 84.74 -2.08
C ARG F 157 22.65 84.81 -2.50
N ALA F 158 22.05 85.99 -2.40
CA ALA F 158 20.63 86.17 -2.71
C ALA F 158 20.34 86.09 -4.21
N THR F 159 21.34 86.41 -5.02
CA THR F 159 21.17 86.48 -6.48
C THR F 159 21.66 85.22 -7.19
N TYR F 160 21.98 84.19 -6.41
CA TYR F 160 22.49 82.93 -6.95
C TYR F 160 21.46 82.23 -7.82
N GLU F 161 21.92 81.65 -8.93
CA GLU F 161 21.10 80.76 -9.75
C GLU F 161 21.93 79.68 -10.42
N PHE F 162 21.35 78.49 -10.52
CA PHE F 162 22.00 77.35 -11.18
C PHE F 162 21.24 76.99 -12.45
N ASP F 163 21.56 77.70 -13.53
CA ASP F 163 20.87 77.53 -14.82
C ASP F 163 21.78 76.95 -15.91
N HIS F 164 22.81 76.23 -15.48
CA HIS F 164 23.83 75.70 -16.38
C HIS F 164 23.32 74.59 -17.30
N TYR F 165 22.24 73.92 -16.89
CA TYR F 165 21.66 72.83 -17.66
C TYR F 165 20.35 73.23 -18.35
N LYS F 166 20.02 74.52 -18.26
CA LYS F 166 18.87 75.08 -18.96
C LYS F 166 19.28 75.52 -20.37
N SER F 167 18.44 75.20 -21.36
CA SER F 167 18.66 75.65 -22.73
C SER F 167 18.34 77.13 -22.88
N SER F 168 17.37 77.60 -22.09
CA SER F 168 16.94 78.99 -22.12
C SER F 168 17.58 79.80 -20.99
N LYS F 169 18.89 79.67 -20.84
CA LYS F 169 19.60 80.44 -19.83
C LYS F 169 19.97 81.83 -20.37
N LYS F 170 19.62 82.85 -19.60
CA LYS F 170 19.89 84.24 -19.97
C LYS F 170 21.36 84.60 -19.76
N ALA F 171 21.86 85.52 -20.58
CA ALA F 171 23.26 85.96 -20.52
C ALA F 171 23.55 86.72 -19.24
N PRO F 172 24.68 86.39 -18.57
CA PRO F 172 25.07 87.08 -17.33
C PRO F 172 25.45 88.55 -17.58
N PHE F 173 24.98 89.43 -16.70
CA PHE F 173 25.24 90.87 -16.83
C PHE F 173 25.78 91.46 -15.52
N LYS F 174 26.52 92.55 -15.65
CA LYS F 174 27.09 93.24 -14.50
C LYS F 174 26.23 94.45 -14.11
N THR F 175 25.93 94.56 -12.83
CA THR F 175 25.20 95.71 -12.30
C THR F 175 26.17 96.67 -11.61
N ASN F 176 26.29 97.87 -12.17
CA ASN F 176 27.15 98.91 -11.62
C ASN F 176 26.44 99.68 -10.50
N LEU F 177 26.92 99.49 -9.27
CA LEU F 177 26.37 100.17 -8.11
C LEU F 177 27.25 101.36 -7.73
N ASN F 178 26.74 102.56 -7.99
CA ASN F 178 27.43 103.79 -7.64
C ASN F 178 27.02 104.25 -6.25
N LEU F 179 27.84 103.91 -5.26
CA LEU F 179 27.56 104.23 -3.86
C LEU F 179 27.80 105.70 -3.57
N ILE F 180 26.83 106.34 -2.92
CA ILE F 180 26.95 107.73 -2.51
C ILE F 180 26.88 107.82 -0.99
N SER F 181 27.98 108.29 -0.41
CA SER F 181 28.07 108.48 1.03
C SER F 181 28.80 109.76 1.36
N GLU F 182 28.30 110.47 2.37
CA GLU F 182 28.85 111.77 2.75
C GLU F 182 30.11 111.61 3.61
N SER F 183 30.21 110.49 4.31
CA SER F 183 31.36 110.20 5.16
C SER F 183 31.67 108.72 5.22
N LEU F 184 32.18 108.19 4.11
CA LEU F 184 32.59 106.79 4.02
C LEU F 184 33.68 106.64 2.97
N ILE F 185 34.70 105.85 3.32
CA ILE F 185 35.90 105.71 2.48
C ILE F 185 36.28 104.23 2.30
N GLU F 186 36.27 103.47 3.40
CA GLU F 186 36.65 102.05 3.37
C GLU F 186 35.53 101.16 2.80
N LEU F 187 35.89 100.41 1.76
CA LEU F 187 34.94 99.58 1.03
C LEU F 187 35.29 98.10 1.22
N ASP F 188 36.25 97.84 2.10
CA ASP F 188 36.79 96.50 2.32
C ASP F 188 35.82 95.52 2.98
N PHE F 189 34.88 96.04 3.76
CA PHE F 189 33.88 95.22 4.45
C PHE F 189 32.88 94.59 3.49
N ILE F 190 32.65 95.25 2.35
CA ILE F 190 31.79 94.71 1.30
C ILE F 190 32.51 93.62 0.52
N HIS F 191 33.76 93.89 0.14
CA HIS F 191 34.59 92.92 -0.59
C HIS F 191 34.83 91.66 0.23
N GLU F 192 34.84 91.80 1.55
CA GLU F 192 34.94 90.68 2.48
C GLU F 192 33.67 89.83 2.43
N GLY F 193 32.51 90.50 2.36
CA GLY F 193 31.22 89.83 2.26
C GLY F 193 31.03 89.10 0.94
N ILE F 194 31.52 89.72 -0.14
CA ILE F 194 31.43 89.15 -1.48
C ILE F 194 32.17 87.81 -1.58
N SER F 195 33.39 87.77 -1.04
CA SER F 195 34.21 86.56 -1.07
C SER F 195 33.61 85.43 -0.23
N ILE F 196 32.92 85.79 0.85
CA ILE F 196 32.18 84.81 1.66
C ILE F 196 30.97 84.29 0.88
N GLY F 197 30.22 85.21 0.28
CA GLY F 197 29.06 84.87 -0.54
C GLY F 197 29.41 83.96 -1.71
N GLN F 198 30.54 84.27 -2.37
CA GLN F 198 31.02 83.46 -3.48
C GLN F 198 31.51 82.09 -3.06
N SER F 199 31.97 81.98 -1.81
CA SER F 199 32.35 80.70 -1.23
C SER F 199 31.13 79.83 -0.95
N ILE F 200 30.04 80.46 -0.52
CA ILE F 200 28.76 79.78 -0.31
C ILE F 200 28.20 79.27 -1.63
N ASN F 201 28.30 80.11 -2.67
CA ASN F 201 27.85 79.73 -4.01
C ASN F 201 28.69 78.62 -4.65
N LEU F 202 29.97 78.57 -4.30
CA LEU F 202 30.85 77.51 -4.76
C LEU F 202 30.39 76.15 -4.20
N ALA F 203 30.05 76.15 -2.91
CA ALA F 203 29.49 74.98 -2.25
C ALA F 203 28.15 74.58 -2.88
N ARG F 204 27.31 75.58 -3.15
CA ARG F 204 26.02 75.37 -3.80
C ARG F 204 26.17 74.73 -5.18
N ASP F 205 27.17 75.17 -5.93
CA ASP F 205 27.42 74.66 -7.28
C ASP F 205 27.74 73.18 -7.28
N PHE F 206 28.57 72.76 -6.33
CA PHE F 206 28.89 71.33 -6.17
C PHE F 206 27.67 70.53 -5.76
N SER F 207 26.85 71.11 -4.89
CA SER F 207 25.65 70.44 -4.38
C SER F 207 24.57 70.28 -5.45
N ASN F 208 24.38 71.32 -6.25
CA ASN F 208 23.36 71.33 -7.31
C ASN F 208 23.71 70.44 -8.49
N MET F 209 25.00 70.12 -8.63
CA MET F 209 25.50 69.30 -9.73
C MET F 209 24.81 67.93 -9.76
N PRO F 210 24.36 67.49 -10.95
CA PRO F 210 23.73 66.17 -11.11
C PRO F 210 24.69 65.05 -10.75
N PRO F 211 24.19 63.99 -10.09
CA PRO F 211 25.03 62.89 -9.62
C PRO F 211 25.69 62.07 -10.74
N ASN F 212 25.10 62.08 -11.93
CA ASN F 212 25.70 61.42 -13.08
C ASN F 212 26.83 62.25 -13.71
N VAL F 213 26.94 63.50 -13.28
CA VAL F 213 28.03 64.39 -13.70
C VAL F 213 29.09 64.48 -12.59
N LEU F 214 28.66 64.79 -11.37
CA LEU F 214 29.56 64.88 -10.23
C LEU F 214 29.68 63.55 -9.49
N THR F 215 30.69 62.77 -9.89
CA THR F 215 31.04 61.51 -9.24
C THR F 215 32.20 61.80 -8.27
N PRO F 216 32.52 60.84 -7.37
CA PRO F 216 33.66 61.05 -6.47
C PRO F 216 34.93 61.47 -7.19
N GLN F 217 35.22 60.85 -8.34
CA GLN F 217 36.41 61.17 -9.12
C GLN F 217 36.39 62.61 -9.65
N THR F 218 35.32 62.99 -10.33
CA THR F 218 35.19 64.32 -10.91
C THR F 218 35.09 65.41 -9.84
N PHE F 219 34.51 65.06 -8.69
CA PHE F 219 34.46 65.96 -7.55
C PHE F 219 35.87 66.26 -7.03
N ALA F 220 36.69 65.23 -6.89
CA ALA F 220 38.10 65.39 -6.52
C ALA F 220 38.87 66.22 -7.54
N GLU F 221 38.68 65.89 -8.82
CA GLU F 221 39.34 66.59 -9.92
C GLU F 221 38.98 68.08 -9.97
N ASP F 222 37.71 68.39 -9.69
CA ASP F 222 37.23 69.78 -9.66
C ASP F 222 37.86 70.58 -8.53
N ILE F 223 38.06 69.94 -7.37
CA ILE F 223 38.69 70.56 -6.22
C ILE F 223 40.17 70.86 -6.51
N VAL F 224 40.86 69.92 -7.13
CA VAL F 224 42.25 70.10 -7.55
C VAL F 224 42.39 71.29 -8.48
N ASN F 225 41.56 71.32 -9.53
CA ASN F 225 41.59 72.39 -10.54
C ASN F 225 41.24 73.76 -9.98
N HIS F 226 40.33 73.79 -9.01
CA HIS F 226 39.91 75.04 -8.39
C HIS F 226 41.02 75.69 -7.56
N PHE F 227 41.73 74.89 -6.77
CA PHE F 227 42.80 75.40 -5.91
C PHE F 227 44.18 75.35 -6.56
N LYS F 228 44.23 75.07 -7.85
CA LYS F 228 45.48 74.82 -8.57
C LYS F 228 46.51 75.95 -8.46
N ASN F 229 46.06 77.19 -8.64
CA ASN F 229 46.96 78.35 -8.58
C ASN F 229 46.87 79.15 -7.29
N THR F 230 46.45 78.50 -6.21
CA THR F 230 46.26 79.16 -4.92
C THR F 230 47.25 78.66 -3.87
N LYS F 231 47.13 79.22 -2.67
CA LYS F 231 47.95 78.84 -1.51
C LYS F 231 47.51 77.48 -0.96
N VAL F 232 46.34 77.02 -1.38
CA VAL F 232 45.73 75.79 -0.88
C VAL F 232 46.24 74.55 -1.62
N LYS F 233 46.78 73.59 -0.86
CA LYS F 233 47.27 72.33 -1.41
C LYS F 233 46.19 71.26 -1.37
N VAL F 234 46.12 70.46 -2.43
CA VAL F 234 45.12 69.38 -2.53
C VAL F 234 45.79 68.06 -2.87
N ASP F 235 45.52 67.04 -2.06
CA ASP F 235 45.99 65.67 -2.31
C ASP F 235 44.80 64.74 -2.50
N VAL F 236 44.84 63.96 -3.57
CA VAL F 236 43.77 63.02 -3.88
C VAL F 236 44.27 61.58 -3.75
N LYS F 237 43.54 60.80 -2.97
CA LYS F 237 43.85 59.40 -2.72
C LYS F 237 42.88 58.55 -3.56
N ASP F 238 43.40 57.92 -4.62
CA ASP F 238 42.56 57.11 -5.50
C ASP F 238 42.17 55.75 -4.90
N TYR F 239 41.32 55.01 -5.61
CA TYR F 239 40.74 53.78 -5.07
C TYR F 239 41.74 52.72 -4.61
N ASP F 240 42.76 52.44 -5.42
CA ASP F 240 43.79 51.45 -5.06
C ASP F 240 44.58 51.87 -3.82
N THR F 241 44.93 53.15 -3.75
CA THR F 241 45.67 53.70 -2.61
C THR F 241 44.81 53.65 -1.35
N LEU F 242 43.52 53.92 -1.54
CA LEU F 242 42.52 53.90 -0.48
C LEU F 242 42.40 52.53 0.19
N VAL F 243 42.41 51.46 -0.61
CA VAL F 243 42.26 50.11 -0.06
C VAL F 243 43.55 49.58 0.59
N SER F 244 44.69 49.86 -0.03
CA SER F 244 45.97 49.34 0.44
C SER F 244 46.45 50.05 1.71
N GLU F 245 45.97 51.27 1.91
CA GLU F 245 46.24 52.03 3.14
C GLU F 245 45.25 51.70 4.26
N GLY F 246 44.25 50.87 3.93
CA GLY F 246 43.35 50.31 4.93
C GLY F 246 42.12 51.13 5.25
N PHE F 247 41.64 51.92 4.28
CA PHE F 247 40.40 52.68 4.44
C PHE F 247 39.19 51.78 4.21
N GLY F 248 39.04 50.78 5.09
CA GLY F 248 38.07 49.70 4.93
C GLY F 248 36.62 50.10 4.84
N LEU F 249 36.21 51.07 5.65
CA LEU F 249 34.82 51.52 5.69
C LEU F 249 34.44 52.34 4.46
N LEU F 250 35.34 53.23 4.03
CA LEU F 250 35.15 54.01 2.81
C LEU F 250 35.11 53.10 1.58
N GLN F 251 35.95 52.06 1.59
CA GLN F 251 35.96 51.05 0.53
C GLN F 251 34.61 50.32 0.48
N ALA F 252 34.14 49.89 1.65
CA ALA F 252 32.89 49.15 1.79
C ALA F 252 31.68 49.90 1.22
N VAL F 253 31.62 51.19 1.53
CA VAL F 253 30.50 52.04 1.11
C VAL F 253 30.50 52.28 -0.41
N GLY F 254 31.68 52.50 -0.98
CA GLY F 254 31.78 52.94 -2.37
C GLY F 254 32.04 51.88 -3.43
N LYS F 255 32.27 50.64 -3.00
CA LYS F 255 32.65 49.56 -3.93
C LYS F 255 31.52 49.13 -4.88
N GLY F 256 30.28 49.44 -4.51
CA GLY F 256 29.11 49.04 -5.29
C GLY F 256 28.83 49.90 -6.50
N SER F 257 29.58 50.99 -6.65
CA SER F 257 29.42 51.91 -7.76
C SER F 257 30.48 51.69 -8.83
N LYS F 258 30.17 52.07 -10.06
CA LYS F 258 31.17 52.08 -11.14
C LYS F 258 32.23 53.14 -10.84
N HIS F 259 31.78 54.24 -10.25
CA HIS F 259 32.66 55.34 -9.87
C HIS F 259 33.14 55.15 -8.44
N LYS F 260 34.36 54.63 -8.31
CA LYS F 260 34.93 54.24 -7.02
C LYS F 260 35.23 55.45 -6.11
N PRO F 261 35.27 55.21 -4.78
CA PRO F 261 35.47 56.29 -3.80
C PRO F 261 36.80 57.02 -3.91
N ARG F 262 36.86 58.21 -3.30
CA ARG F 262 38.08 59.01 -3.23
C ARG F 262 38.22 59.63 -1.85
N LEU F 263 39.46 59.87 -1.43
CA LEU F 263 39.71 60.67 -0.24
C LEU F 263 40.49 61.92 -0.62
N VAL F 264 39.92 63.08 -0.31
CA VAL F 264 40.52 64.36 -0.65
C VAL F 264 41.05 65.06 0.60
N THR F 265 42.35 65.36 0.59
CA THR F 265 42.98 66.10 1.67
C THR F 265 43.29 67.52 1.21
N ILE F 266 42.80 68.50 1.97
CA ILE F 266 42.98 69.90 1.65
C ILE F 266 43.70 70.61 2.79
N THR F 267 44.89 71.14 2.51
CA THR F 267 45.66 71.85 3.53
C THR F 267 45.81 73.33 3.22
N TYR F 268 45.59 74.16 4.24
CA TYR F 268 45.80 75.60 4.16
C TYR F 268 46.58 76.07 5.38
N ASN F 269 47.79 76.57 5.14
CA ASN F 269 48.63 77.07 6.22
C ASN F 269 48.66 78.60 6.25
N GLY F 270 47.69 79.18 6.97
CA GLY F 270 47.50 80.62 7.00
C GLY F 270 48.37 81.40 7.95
N LYS F 271 49.02 80.71 8.89
CA LYS F 271 49.88 81.38 9.86
C LYS F 271 51.28 80.79 9.95
N ASP F 272 51.33 79.47 10.10
CA ASP F 272 52.57 78.78 10.40
C ASP F 272 52.67 77.48 9.64
N LYS F 273 53.90 77.01 9.43
CA LYS F 273 54.18 75.76 8.74
C LYS F 273 54.28 74.62 9.77
N ASP F 274 54.25 75.00 11.05
CA ASP F 274 54.54 74.07 12.14
C ASP F 274 53.70 74.36 13.39
N GLU F 275 52.38 74.14 13.29
CA GLU F 275 51.45 74.31 14.42
C GLU F 275 50.12 73.57 14.20
N ALA F 276 49.49 73.17 15.32
CA ALA F 276 48.32 72.30 15.28
C ALA F 276 47.16 72.87 14.46
N PRO F 277 46.78 72.18 13.37
CA PRO F 277 45.74 72.68 12.48
C PRO F 277 44.33 72.44 13.02
N ILE F 278 43.34 73.07 12.39
CA ILE F 278 41.95 72.79 12.66
C ILE F 278 41.46 71.80 11.60
N ALA F 279 40.94 70.66 12.08
CA ALA F 279 40.46 69.61 11.18
C ALA F 279 39.00 69.82 10.83
N LEU F 280 38.72 69.89 9.53
CA LEU F 280 37.36 70.00 9.03
C LEU F 280 37.05 68.80 8.16
N VAL F 281 36.15 67.94 8.65
CA VAL F 281 35.80 66.69 7.98
C VAL F 281 34.43 66.80 7.32
N GLY F 282 34.33 66.37 6.06
CA GLY F 282 33.08 66.46 5.31
C GLY F 282 32.63 65.16 4.68
N LYS F 283 31.35 64.87 4.81
CA LYS F 283 30.73 63.71 4.18
C LYS F 283 30.47 64.01 2.70
N GLY F 284 31.15 63.26 1.84
CA GLY F 284 31.07 63.49 0.40
C GLY F 284 30.39 62.39 -0.38
N ILE F 285 29.23 61.95 0.09
CA ILE F 285 28.45 60.93 -0.63
C ILE F 285 27.75 61.62 -1.81
N THR F 286 28.30 61.43 -2.99
CA THR F 286 27.82 62.09 -4.20
C THR F 286 26.41 61.64 -4.58
N TYR F 287 26.09 60.39 -4.27
CA TYR F 287 24.71 59.90 -4.35
C TYR F 287 24.45 58.76 -3.39
N ASP F 288 23.30 58.82 -2.71
CA ASP F 288 22.91 57.80 -1.75
C ASP F 288 21.59 57.15 -2.15
N SER F 289 21.68 55.91 -2.64
CA SER F 289 20.49 55.11 -2.94
C SER F 289 20.03 54.34 -1.71
N GLY F 290 20.91 54.26 -0.71
CA GLY F 290 20.66 53.50 0.51
C GLY F 290 21.34 52.14 0.50
N GLY F 291 21.85 51.74 -0.67
CA GLY F 291 22.42 50.41 -0.84
C GLY F 291 21.31 49.37 -0.82
N TYR F 292 21.64 48.17 -0.35
CA TYR F 292 20.65 47.09 -0.25
C TYR F 292 19.53 47.43 0.73
N SER F 293 19.82 48.31 1.69
CA SER F 293 18.77 48.93 2.52
C SER F 293 18.21 50.10 1.73
N ILE F 294 17.54 49.78 0.62
CA ILE F 294 17.10 50.73 -0.40
C ILE F 294 16.07 51.74 0.12
N LYS F 295 16.19 52.98 -0.37
CA LYS F 295 15.26 54.05 -0.04
C LYS F 295 13.96 53.91 -0.83
N THR F 296 12.90 54.55 -0.32
CA THR F 296 11.62 54.60 -1.04
C THR F 296 11.71 55.58 -2.22
N LYS F 297 10.67 55.62 -3.06
CA LYS F 297 10.62 56.51 -4.22
C LYS F 297 10.89 57.97 -3.84
N ASN F 298 10.10 58.49 -2.91
CA ASN F 298 10.27 59.86 -2.40
C ASN F 298 11.56 60.04 -1.60
N GLY F 299 12.09 58.94 -1.07
CA GLY F 299 13.32 58.95 -0.29
C GLY F 299 14.58 59.25 -1.09
N MET F 300 14.61 58.81 -2.35
CA MET F 300 15.78 59.01 -3.22
C MET F 300 15.82 60.39 -3.87
N ALA F 301 14.67 61.05 -3.93
CA ALA F 301 14.60 62.42 -4.44
C ALA F 301 15.56 63.33 -3.67
N THR F 302 16.27 64.19 -4.41
CA THR F 302 17.22 65.16 -3.86
C THR F 302 18.38 64.54 -3.07
N MET F 303 18.76 63.32 -3.43
CA MET F 303 19.88 62.63 -2.76
C MET F 303 21.25 62.97 -3.34
N LYS F 304 21.29 63.85 -4.33
CA LYS F 304 22.53 64.42 -4.82
C LYS F 304 23.09 65.41 -3.78
N PHE F 305 22.23 65.82 -2.86
CA PHE F 305 22.59 66.74 -1.79
C PHE F 305 23.22 66.04 -0.57
N ASP F 306 23.54 64.75 -0.73
CA ASP F 306 24.13 63.99 0.37
C ASP F 306 25.62 64.24 0.52
N MET F 307 26.15 65.14 -0.31
CA MET F 307 27.55 65.55 -0.23
C MET F 307 27.71 67.04 0.13
N CYS F 308 26.61 67.65 0.57
CA CYS F 308 26.61 69.03 1.04
C CYS F 308 27.68 69.31 2.10
N GLY F 309 27.87 68.35 3.01
CA GLY F 309 28.88 68.44 4.06
C GLY F 309 30.27 68.68 3.51
N ALA F 310 30.64 67.89 2.50
CA ALA F 310 31.94 68.03 1.83
C ALA F 310 32.03 69.36 1.09
N ALA F 311 30.94 69.71 0.39
CA ALA F 311 30.87 70.96 -0.37
C ALA F 311 31.06 72.18 0.51
N ASN F 312 30.42 72.15 1.68
CA ASN F 312 30.49 73.25 2.63
C ASN F 312 31.86 73.40 3.29
N VAL F 313 32.57 72.28 3.46
CA VAL F 313 33.96 72.30 3.94
C VAL F 313 34.85 73.02 2.92
N VAL F 314 34.68 72.66 1.64
CA VAL F 314 35.40 73.31 0.54
C VAL F 314 35.13 74.82 0.56
N GLY F 315 33.86 75.20 0.77
CA GLY F 315 33.46 76.60 0.86
C GLY F 315 34.12 77.34 2.00
N ILE F 316 34.18 76.70 3.17
CA ILE F 316 34.81 77.28 4.36
C ILE F 316 36.31 77.55 4.11
N ILE F 317 37.00 76.58 3.55
CA ILE F 317 38.42 76.70 3.23
C ILE F 317 38.65 77.76 2.14
N GLU F 318 37.76 77.80 1.14
CA GLU F 318 37.78 78.82 0.10
C GLU F 318 37.69 80.23 0.67
N ALA F 319 36.79 80.40 1.64
CA ALA F 319 36.60 81.70 2.29
C ALA F 319 37.80 82.08 3.15
N ALA F 320 38.31 81.11 3.92
CA ALA F 320 39.45 81.34 4.81
C ALA F 320 40.72 81.74 4.04
N SER F 321 40.94 81.12 2.88
CA SER F 321 42.12 81.39 2.06
C SER F 321 42.03 82.75 1.35
N ARG F 322 40.84 83.08 0.84
CA ARG F 322 40.62 84.36 0.17
C ARG F 322 40.63 85.54 1.14
N LEU F 323 40.25 85.28 2.39
CA LEU F 323 40.33 86.29 3.44
C LEU F 323 41.72 86.32 4.06
N GLN F 324 42.56 85.36 3.68
CA GLN F 324 43.93 85.23 4.18
C GLN F 324 43.98 85.21 5.72
N LEU F 325 43.13 84.37 6.31
CA LEU F 325 43.04 84.26 7.76
C LEU F 325 44.26 83.55 8.34
N PRO F 326 44.78 84.06 9.47
CA PRO F 326 45.95 83.45 10.12
C PRO F 326 45.58 82.17 10.88
N VAL F 327 45.12 81.17 10.16
CA VAL F 327 44.76 79.87 10.73
C VAL F 327 45.30 78.72 9.89
N ASN F 328 45.62 77.60 10.54
CA ASN F 328 45.98 76.38 9.83
C ASN F 328 44.78 75.44 9.78
N ILE F 329 44.44 75.01 8.57
CA ILE F 329 43.29 74.12 8.35
C ILE F 329 43.69 72.89 7.56
N VAL F 330 43.26 71.73 8.03
CA VAL F 330 43.31 70.50 7.24
C VAL F 330 41.88 70.01 7.00
N GLY F 331 41.54 69.86 5.72
CA GLY F 331 40.22 69.40 5.31
C GLY F 331 40.28 67.98 4.78
N VAL F 332 39.43 67.11 5.31
CA VAL F 332 39.36 65.72 4.86
C VAL F 332 37.96 65.43 4.33
N LEU F 333 37.90 64.98 3.08
CA LEU F 333 36.63 64.66 2.44
C LEU F 333 36.57 63.18 2.06
N ALA F 334 35.58 62.49 2.60
CA ALA F 334 35.33 61.10 2.26
C ALA F 334 34.25 61.02 1.18
N CYS F 335 34.68 60.75 -0.05
CA CYS F 335 33.78 60.76 -1.20
C CYS F 335 33.50 59.35 -1.71
N ALA F 336 32.22 59.03 -1.87
CA ALA F 336 31.78 57.73 -2.37
C ALA F 336 30.37 57.83 -2.95
N GLU F 337 29.96 56.78 -3.68
CA GLU F 337 28.61 56.68 -4.22
C GLU F 337 27.97 55.39 -3.73
N ASN F 338 26.92 55.51 -2.94
CA ASN F 338 26.26 54.36 -2.31
C ASN F 338 25.27 53.69 -3.27
N MET F 339 25.71 52.61 -3.93
CA MET F 339 24.95 51.96 -4.99
C MET F 339 24.76 50.46 -4.75
N ILE F 340 23.86 49.85 -5.52
CA ILE F 340 23.60 48.41 -5.47
C ILE F 340 24.20 47.70 -6.67
N ASN F 341 24.97 46.64 -6.41
CA ASN F 341 25.45 45.75 -7.47
C ASN F 341 25.77 44.35 -6.95
N GLU F 342 26.39 43.52 -7.78
CA GLU F 342 26.71 42.13 -7.46
C GLU F 342 27.60 41.94 -6.22
N ALA F 343 28.33 42.99 -5.83
CA ALA F 343 29.30 42.90 -4.75
C ALA F 343 29.28 44.06 -3.76
N SER F 344 28.18 44.80 -3.73
CA SER F 344 28.06 45.94 -2.80
C SER F 344 27.80 45.47 -1.37
N MET F 345 27.97 46.38 -0.41
CA MET F 345 27.83 46.04 1.02
C MET F 345 26.41 45.64 1.38
N LYS F 346 26.30 44.72 2.34
CA LYS F 346 25.02 44.13 2.75
C LYS F 346 24.92 44.15 4.27
N PRO F 347 23.69 44.20 4.82
CA PRO F 347 23.53 43.97 6.26
C PRO F 347 24.12 42.62 6.67
N ASP F 348 24.85 42.61 7.80
CA ASP F 348 25.59 41.44 8.33
C ASP F 348 27.06 41.44 7.95
N ASP F 349 27.44 42.25 6.96
CA ASP F 349 28.84 42.39 6.55
C ASP F 349 29.70 42.95 7.68
N VAL F 350 30.91 42.41 7.83
CA VAL F 350 31.86 42.91 8.81
C VAL F 350 33.11 43.41 8.10
N PHE F 351 33.48 44.66 8.38
CA PHE F 351 34.66 45.30 7.78
C PHE F 351 35.65 45.80 8.82
N THR F 352 36.91 45.97 8.41
CA THR F 352 37.93 46.52 9.27
C THR F 352 38.14 47.99 8.95
N ALA F 353 37.89 48.84 9.95
CA ALA F 353 38.07 50.29 9.81
C ALA F 353 39.54 50.68 9.71
N LEU F 354 39.79 51.94 9.37
CA LEU F 354 41.16 52.46 9.36
C LEU F 354 41.78 52.41 10.76
N SER F 355 40.94 52.52 11.78
CA SER F 355 41.38 52.41 13.18
C SER F 355 41.87 51.01 13.53
N GLY F 356 41.45 50.02 12.74
CA GLY F 356 41.80 48.62 13.01
C GLY F 356 40.65 47.88 13.68
N GLU F 357 39.63 48.63 14.09
CA GLU F 357 38.45 48.06 14.71
C GLU F 357 37.52 47.43 13.67
N THR F 358 36.82 46.37 14.09
CA THR F 358 35.85 45.71 13.22
C THR F 358 34.45 46.32 13.39
N VAL F 359 33.77 46.51 12.26
CA VAL F 359 32.44 47.12 12.24
C VAL F 359 31.44 46.22 11.53
N GLU F 360 30.37 45.85 12.22
CA GLU F 360 29.27 45.11 11.62
C GLU F 360 28.27 46.11 11.03
N VAL F 361 27.98 45.95 9.75
CA VAL F 361 27.02 46.83 9.07
C VAL F 361 25.65 46.18 9.09
N MET F 362 24.70 46.80 9.78
CA MET F 362 23.34 46.27 9.89
C MET F 362 22.35 47.06 9.04
N ASN F 363 22.78 48.24 8.58
CA ASN F 363 21.95 49.11 7.75
C ASN F 363 22.86 49.87 6.78
N THR F 364 22.72 49.58 5.49
CA THR F 364 23.58 50.18 4.47
C THR F 364 23.21 51.64 4.18
N ASP F 365 22.04 52.06 4.66
CA ASP F 365 21.61 53.45 4.53
C ASP F 365 22.25 54.34 5.61
N ALA F 366 22.89 53.71 6.59
CA ALA F 366 23.70 54.41 7.57
C ALA F 366 25.15 54.46 7.08
N GLU F 367 25.32 54.94 5.85
CA GLU F 367 26.62 54.93 5.17
C GLU F 367 27.49 56.12 5.57
N GLY F 368 26.85 57.22 5.96
CA GLY F 368 27.54 58.45 6.28
C GLY F 368 28.50 58.32 7.45
N ARG F 369 28.02 57.73 8.55
CA ARG F 369 28.84 57.52 9.74
C ARG F 369 30.04 56.61 9.48
N LEU F 370 29.92 55.74 8.49
CA LEU F 370 31.00 54.83 8.12
C LEU F 370 32.15 55.56 7.44
N VAL F 371 31.84 56.39 6.44
CA VAL F 371 32.87 57.14 5.71
C VAL F 371 33.49 58.24 6.58
N LEU F 372 32.69 58.82 7.47
CA LEU F 372 33.18 59.82 8.42
C LEU F 372 34.15 59.20 9.41
N ALA F 373 33.87 57.97 9.84
CA ALA F 373 34.71 57.25 10.79
C ALA F 373 36.15 57.11 10.29
N ASP F 374 36.30 56.69 9.04
CA ASP F 374 37.62 56.57 8.41
C ASP F 374 38.28 57.93 8.22
N ALA F 375 37.46 58.94 7.87
CA ALA F 375 37.96 60.29 7.64
C ALA F 375 38.39 60.98 8.92
N VAL F 376 37.61 60.80 9.99
CA VAL F 376 37.93 61.38 11.30
C VAL F 376 39.21 60.78 11.87
N PHE F 377 39.35 59.46 11.79
CA PHE F 377 40.56 58.78 12.25
C PHE F 377 41.79 59.26 11.49
N TYR F 378 41.64 59.44 10.18
CA TYR F 378 42.72 59.96 9.33
C TYR F 378 43.05 61.41 9.68
N ALA F 379 42.03 62.21 9.96
CA ALA F 379 42.22 63.62 10.32
C ALA F 379 43.00 63.77 11.63
N ASN F 380 42.77 62.83 12.55
CA ASN F 380 43.40 62.86 13.86
C ASN F 380 44.90 62.57 13.84
N GLN F 381 45.36 61.96 12.74
CA GLN F 381 46.78 61.69 12.52
C GLN F 381 47.58 63.00 12.42
N TYR F 382 46.92 64.04 11.92
CA TYR F 382 47.51 65.37 11.81
C TYR F 382 47.62 66.08 13.17
N GLN F 383 47.12 65.42 14.21
CA GLN F 383 47.09 65.96 15.58
C GLN F 383 46.49 67.36 15.65
N PRO F 384 45.19 67.49 15.34
CA PRO F 384 44.55 68.79 15.32
C PRO F 384 44.14 69.24 16.72
N SER F 385 43.94 70.55 16.90
CA SER F 385 43.47 71.09 18.16
C SER F 385 41.99 70.80 18.35
N VAL F 386 41.26 70.71 17.24
CA VAL F 386 39.84 70.39 17.23
C VAL F 386 39.44 69.73 15.91
N ILE F 387 38.49 68.80 15.97
CA ILE F 387 37.92 68.18 14.78
C ILE F 387 36.46 68.59 14.66
N MET F 388 36.09 69.10 13.49
CA MET F 388 34.70 69.43 13.20
C MET F 388 34.26 68.70 11.94
N ASP F 389 33.23 67.89 12.07
CA ASP F 389 32.67 67.20 10.90
C ASP F 389 31.31 67.76 10.52
N PHE F 390 31.04 67.76 9.21
CA PHE F 390 29.81 68.30 8.65
C PHE F 390 29.17 67.25 7.75
N ALA F 391 27.93 66.87 8.06
CA ALA F 391 27.27 65.79 7.33
C ALA F 391 25.75 65.88 7.37
N THR F 392 25.13 65.46 6.27
CA THR F 392 23.70 65.25 6.22
C THR F 392 23.44 63.80 6.59
N LEU F 393 23.44 63.51 7.90
CA LEU F 393 23.40 62.14 8.40
C LEU F 393 22.01 61.55 8.59
N THR F 394 21.28 62.07 9.56
CA THR F 394 20.13 61.35 10.13
C THR F 394 18.79 62.02 9.85
N GLY F 395 17.79 61.20 9.55
CA GLY F 395 16.41 61.65 9.49
C GLY F 395 15.87 62.02 10.86
N ALA F 396 16.37 61.33 11.89
CA ALA F 396 15.95 61.56 13.27
C ALA F 396 16.30 62.96 13.77
N ALA F 397 17.40 63.53 13.27
CA ALA F 397 17.79 64.90 13.60
C ALA F 397 16.75 65.91 13.08
N ILE F 398 16.20 65.64 11.90
CA ILE F 398 15.13 66.47 11.33
C ILE F 398 13.86 66.32 12.18
N VAL F 399 13.53 65.10 12.59
CA VAL F 399 12.37 64.84 13.43
C VAL F 399 12.53 65.55 14.79
N ALA F 400 13.76 65.61 15.28
CA ALA F 400 14.08 66.23 16.55
C ALA F 400 13.91 67.75 16.54
N LEU F 401 14.58 68.42 15.62
CA LEU F 401 14.68 69.88 15.66
C LEU F 401 13.94 70.60 14.53
N GLY F 402 13.38 69.84 13.61
CA GLY F 402 12.72 70.42 12.43
C GLY F 402 13.70 70.55 11.28
N ASP F 403 13.17 70.94 10.12
CA ASP F 403 13.94 70.99 8.89
C ASP F 403 14.89 72.19 8.79
N ASP F 404 14.68 73.20 9.64
CA ASP F 404 15.41 74.47 9.51
C ASP F 404 16.50 74.69 10.56
N LYS F 405 16.74 73.70 11.40
CA LYS F 405 17.75 73.81 12.46
C LYS F 405 18.77 72.67 12.36
N ALA F 406 20.00 72.96 12.74
CA ALA F 406 21.08 71.97 12.73
C ALA F 406 21.30 71.36 14.11
N ALA F 407 21.68 70.09 14.14
CA ALA F 407 21.98 69.40 15.39
C ALA F 407 23.49 69.36 15.62
N ALA F 408 23.92 69.84 16.78
CA ALA F 408 25.34 69.84 17.15
C ALA F 408 25.62 68.93 18.33
N PHE F 409 26.70 68.18 18.24
CA PHE F 409 27.12 67.24 19.30
C PHE F 409 28.57 67.50 19.67
N GLU F 410 28.85 67.58 20.97
CA GLU F 410 30.23 67.77 21.43
C GLU F 410 30.79 66.53 22.10
N SER F 411 32.09 66.33 21.90
CA SER F 411 32.83 65.26 22.54
C SER F 411 34.20 65.82 22.92
N ASN F 412 34.39 66.08 24.21
CA ASN F 412 35.59 66.71 24.73
C ASN F 412 35.82 68.14 24.21
N SER F 413 34.74 68.83 23.85
CA SER F 413 34.81 70.21 23.37
C SER F 413 33.56 71.02 23.72
N LYS F 414 33.21 71.02 25.01
CA LYS F 414 32.07 71.75 25.54
C LYS F 414 32.23 73.27 25.35
N VAL F 415 33.45 73.75 25.52
CA VAL F 415 33.75 75.19 25.44
C VAL F 415 33.66 75.73 24.02
N ILE F 416 34.35 75.06 23.08
CA ILE F 416 34.34 75.47 21.68
C ILE F 416 32.93 75.41 21.07
N LEU F 417 32.13 74.43 21.50
CA LEU F 417 30.74 74.34 21.05
C LEU F 417 29.92 75.54 21.51
N ASN F 418 30.05 75.90 22.79
CA ASN F 418 29.32 77.04 23.35
C ASN F 418 29.60 78.33 22.61
N ASP F 419 30.84 78.52 22.18
CA ASP F 419 31.23 79.66 21.35
C ASP F 419 30.54 79.63 19.99
N ILE F 420 30.45 78.44 19.40
CA ILE F 420 29.83 78.26 18.08
C ILE F 420 28.31 78.42 18.14
N LEU F 421 27.70 77.92 19.20
CA LEU F 421 26.25 78.08 19.41
C LEU F 421 25.89 79.56 19.57
N GLN F 422 26.79 80.33 20.16
CA GLN F 422 26.62 81.78 20.28
C GLN F 422 26.79 82.50 18.95
N ILE F 423 27.87 82.18 18.24
CA ILE F 423 28.18 82.78 16.94
C ILE F 423 27.05 82.53 15.93
N SER F 424 26.56 81.30 15.89
CA SER F 424 25.53 80.90 14.94
C SER F 424 24.24 81.70 15.14
N SER F 425 23.86 81.91 16.39
CA SER F 425 22.64 82.67 16.72
C SER F 425 22.77 84.13 16.34
N GLU F 426 24.00 84.60 16.16
CA GLU F 426 24.28 85.97 15.78
C GLU F 426 24.37 86.17 14.25
N VAL F 427 24.54 85.07 13.51
CA VAL F 427 24.64 85.14 12.05
C VAL F 427 23.47 84.46 11.33
N ASP F 428 22.32 84.42 12.02
CA ASP F 428 21.06 83.87 11.47
C ASP F 428 21.16 82.41 11.01
N GLU F 429 21.82 81.58 11.81
CA GLU F 429 21.90 80.14 11.56
C GLU F 429 21.53 79.37 12.82
N MET F 430 20.39 78.67 12.77
CA MET F 430 19.89 77.92 13.92
C MET F 430 20.63 76.60 14.11
N VAL F 431 21.41 76.54 15.18
CA VAL F 431 22.16 75.34 15.57
C VAL F 431 21.90 75.08 17.05
N PHE F 432 21.53 73.84 17.38
CA PHE F 432 21.25 73.48 18.77
C PHE F 432 21.89 72.14 19.17
N GLU F 433 22.20 72.02 20.46
CA GLU F 433 22.91 70.86 20.98
C GLU F 433 22.00 69.69 21.28
N LEU F 434 22.46 68.50 20.92
CA LEU F 434 21.87 67.25 21.37
C LEU F 434 22.96 66.45 22.09
N PRO F 435 22.59 65.61 23.07
CA PRO F 435 23.59 64.98 23.91
C PRO F 435 24.16 63.65 23.38
N ILE F 436 25.37 63.32 23.83
CA ILE F 436 25.94 61.98 23.71
C ILE F 436 26.18 61.46 25.13
N THR F 437 25.38 60.49 25.55
CA THR F 437 25.46 59.96 26.92
C THR F 437 26.11 58.58 26.97
N ALA F 438 26.21 58.03 28.18
CA ALA F 438 26.75 56.69 28.41
C ALA F 438 25.98 55.63 27.63
N THR F 439 24.68 55.84 27.47
CA THR F 439 23.81 54.96 26.68
C THR F 439 24.33 54.78 25.26
N GLU F 440 24.62 55.88 24.58
CA GLU F 440 25.06 55.87 23.18
C GLU F 440 26.48 55.34 23.04
N ARG F 441 27.34 55.70 24.00
CA ARG F 441 28.72 55.21 24.03
C ARG F 441 28.80 53.70 24.19
N ALA F 442 27.81 53.13 24.88
CA ALA F 442 27.72 51.69 25.08
C ALA F 442 27.05 50.96 23.90
N SER F 443 26.01 51.58 23.34
CA SER F 443 25.18 50.91 22.33
C SER F 443 25.85 50.77 20.95
N ILE F 444 26.86 51.59 20.68
CA ILE F 444 27.63 51.45 19.44
C ILE F 444 28.49 50.19 19.46
N LYS F 445 28.60 49.58 20.64
CA LYS F 445 29.39 48.36 20.82
C LYS F 445 28.51 47.12 20.91
N HIS F 446 27.20 47.29 20.74
CA HIS F 446 26.25 46.18 20.82
C HIS F 446 26.21 45.35 19.54
N SER F 447 27.29 44.64 19.27
CA SER F 447 27.38 43.69 18.17
C SER F 447 27.76 42.33 18.72
N ASP F 448 27.15 41.27 18.20
CA ASP F 448 27.43 39.91 18.63
C ASP F 448 28.71 39.36 18.00
N ILE F 449 29.23 40.08 17.01
CA ILE F 449 30.35 39.59 16.20
C ILE F 449 31.53 40.56 16.12
N ALA F 450 31.26 41.84 15.92
CA ALA F 450 32.31 42.83 15.71
C ALA F 450 32.54 43.73 16.94
N ASP F 451 33.57 44.57 16.86
CA ASP F 451 33.84 45.56 17.90
C ASP F 451 32.74 46.61 17.96
N LEU F 452 32.26 47.03 16.78
CA LEU F 452 31.24 48.07 16.68
C LEU F 452 30.10 47.68 15.73
N VAL F 453 28.94 48.32 15.93
CA VAL F 453 27.80 48.17 15.03
C VAL F 453 27.37 49.57 14.56
N ASN F 454 26.90 49.66 13.31
CA ASN F 454 26.61 50.97 12.71
C ASN F 454 25.16 51.43 12.83
N HIS F 455 24.31 50.60 13.45
CA HIS F 455 22.89 50.90 13.51
C HIS F 455 22.22 50.28 14.74
N THR F 456 21.29 51.03 15.32
CA THR F 456 20.44 50.52 16.40
C THR F 456 18.98 50.50 15.96
N ASN F 457 18.23 49.52 16.44
CA ASN F 457 16.79 49.47 16.18
C ASN F 457 16.01 50.30 17.21
N GLY F 458 16.71 50.72 18.26
CA GLY F 458 16.13 51.60 19.26
C GLY F 458 15.99 53.03 18.76
N GLN F 459 15.46 53.90 19.62
CA GLN F 459 15.29 55.30 19.27
C GLN F 459 16.53 56.13 19.67
N GLY F 460 16.48 57.43 19.42
CA GLY F 460 17.64 58.30 19.65
C GLY F 460 18.73 58.04 18.62
N LYS F 461 18.32 57.82 17.37
CA LYS F 461 19.24 57.43 16.29
C LYS F 461 20.27 58.49 15.94
N ALA F 462 19.88 59.76 16.04
CA ALA F 462 20.80 60.87 15.79
C ALA F 462 21.93 60.91 16.81
N LEU F 463 21.59 60.58 18.06
CA LEU F 463 22.57 60.53 19.14
C LEU F 463 23.52 59.35 18.95
N PHE F 464 22.98 58.22 18.49
CA PHE F 464 23.76 57.03 18.17
C PHE F 464 24.79 57.32 17.07
N ALA F 465 24.33 57.94 15.99
CA ALA F 465 25.19 58.28 14.86
C ALA F 465 26.34 59.17 15.28
N ALA F 466 26.04 60.15 16.14
CA ALA F 466 27.04 61.08 16.66
C ALA F 466 28.06 60.35 17.52
N SER F 467 27.58 59.44 18.37
CA SER F 467 28.45 58.62 19.20
C SER F 467 29.39 57.77 18.36
N PHE F 468 28.87 57.24 17.25
CA PHE F 468 29.65 56.40 16.33
C PHE F 468 30.79 57.20 15.68
N VAL F 469 30.46 58.39 15.18
CA VAL F 469 31.43 59.25 14.51
C VAL F 469 32.49 59.80 15.48
N THR F 470 32.06 60.29 16.63
CA THR F 470 32.96 60.90 17.61
C THR F 470 33.85 59.90 18.36
N HIS F 471 33.55 58.61 18.20
CA HIS F 471 34.35 57.54 18.77
C HIS F 471 35.76 57.50 18.18
N PHE F 472 35.85 57.84 16.89
CA PHE F 472 37.09 57.68 16.13
C PHE F 472 38.10 58.81 16.30
N SER F 473 37.73 59.83 17.06
CA SER F 473 38.62 60.95 17.35
C SER F 473 39.43 60.73 18.62
N GLY F 474 39.05 59.71 19.39
CA GLY F 474 39.69 59.44 20.68
C GLY F 474 39.30 60.51 21.69
N GLN F 475 40.31 61.14 22.29
CA GLN F 475 40.08 62.19 23.27
C GLN F 475 40.22 63.60 22.69
N THR F 476 40.54 63.67 21.39
CA THR F 476 40.63 64.94 20.67
C THR F 476 39.27 65.65 20.65
N PRO F 477 39.25 66.95 21.00
CA PRO F 477 38.03 67.76 20.93
C PRO F 477 37.34 67.60 19.58
N HIS F 478 36.07 67.18 19.62
CA HIS F 478 35.33 66.82 18.42
C HIS F 478 33.92 67.40 18.48
N ILE F 479 33.54 68.15 17.45
CA ILE F 479 32.15 68.59 17.28
C ILE F 479 31.56 68.01 16.00
N HIS F 480 30.42 67.34 16.14
CA HIS F 480 29.70 66.75 15.02
C HIS F 480 28.46 67.59 14.67
N PHE F 481 28.37 67.98 13.40
CA PHE F 481 27.24 68.78 12.90
C PHE F 481 26.35 67.98 11.96
N ASP F 482 25.16 67.63 12.44
CA ASP F 482 24.17 66.95 11.60
C ASP F 482 23.32 68.01 10.93
N ILE F 483 23.59 68.23 9.64
CA ILE F 483 22.90 69.26 8.86
C ILE F 483 21.95 68.67 7.83
N ALA F 484 21.37 67.51 8.15
CA ALA F 484 20.44 66.83 7.25
C ALA F 484 19.26 67.73 6.86
N GLY F 485 18.81 68.53 7.82
CA GLY F 485 17.69 69.44 7.60
C GLY F 485 18.06 70.73 6.89
N PRO F 486 18.86 71.60 7.55
CA PRO F 486 19.09 72.96 7.06
C PRO F 486 20.05 73.10 5.90
N ALA F 487 20.70 72.01 5.48
CA ALA F 487 21.63 72.05 4.35
C ALA F 487 20.92 72.34 3.04
N THR F 488 19.63 72.04 3.00
CA THR F 488 18.78 72.31 1.84
C THR F 488 17.47 72.96 2.27
N THR F 489 16.88 73.74 1.38
CA THR F 489 15.58 74.35 1.61
C THR F 489 14.68 74.10 0.40
N ASN F 490 13.38 73.92 0.66
CA ASN F 490 12.41 73.68 -0.42
C ASN F 490 11.61 74.93 -0.76
N LYS F 491 12.08 76.07 -0.24
CA LYS F 491 11.38 77.35 -0.36
C LYS F 491 12.39 78.45 -0.68
N ALA F 492 12.08 79.27 -1.67
CA ALA F 492 12.90 80.43 -2.00
C ALA F 492 12.72 81.53 -0.94
N SER F 493 13.78 82.28 -0.69
CA SER F 493 13.77 83.34 0.32
C SER F 493 14.79 84.43 0.01
N TYR F 494 14.98 85.33 0.96
CA TYR F 494 15.97 86.41 0.86
C TYR F 494 17.41 85.87 0.80
N ASN F 495 17.58 84.59 1.13
CA ASN F 495 18.90 83.95 1.08
C ASN F 495 19.20 83.22 -0.23
N GLY F 496 18.24 83.25 -1.15
CA GLY F 496 18.40 82.60 -2.45
C GLY F 496 17.31 81.61 -2.79
N PRO F 497 17.45 80.90 -3.93
CA PRO F 497 16.43 79.97 -4.41
C PRO F 497 16.42 78.63 -3.67
N LYS F 498 15.50 77.75 -4.05
CA LYS F 498 15.44 76.39 -3.55
C LYS F 498 16.76 75.66 -3.75
N GLY F 499 17.07 74.74 -2.85
CA GLY F 499 18.24 73.90 -2.98
C GLY F 499 19.21 74.11 -1.84
N PRO F 500 20.51 73.88 -2.11
CA PRO F 500 21.56 73.98 -1.09
C PRO F 500 21.66 75.38 -0.50
N THR F 501 21.82 75.44 0.82
CA THR F 501 21.85 76.71 1.54
C THR F 501 23.27 77.18 1.85
N GLY F 502 24.22 76.24 1.84
CA GLY F 502 25.59 76.52 2.26
C GLY F 502 25.67 76.67 3.77
N PHE F 503 24.76 75.96 4.45
CA PHE F 503 24.61 76.07 5.91
C PHE F 503 25.91 75.77 6.65
N MET F 504 26.14 76.53 7.73
CA MET F 504 27.33 76.43 8.59
C MET F 504 28.52 77.27 8.14
N ILE F 505 28.62 77.52 6.83
CA ILE F 505 29.73 78.33 6.29
C ILE F 505 29.85 79.72 6.96
N PRO F 506 28.73 80.47 7.07
CA PRO F 506 28.82 81.75 7.79
C PRO F 506 29.29 81.61 9.24
N THR F 507 28.78 80.58 9.94
CA THR F 507 29.12 80.34 11.35
C THR F 507 30.60 80.00 11.55
N ILE F 508 31.09 79.03 10.78
CA ILE F 508 32.47 78.57 10.93
C ILE F 508 33.49 79.63 10.52
N VAL F 509 33.21 80.33 9.41
CA VAL F 509 34.07 81.43 8.96
C VAL F 509 34.21 82.50 10.05
N GLN F 510 33.08 82.88 10.65
CA GLN F 510 33.07 83.84 11.74
C GLN F 510 33.87 83.35 12.95
N TRP F 511 33.77 82.06 13.24
CA TRP F 511 34.53 81.42 14.32
C TRP F 511 36.03 81.40 14.00
N LEU F 512 36.37 81.11 12.74
CA LEU F 512 37.76 81.11 12.28
C LEU F 512 38.40 82.50 12.34
N LYS F 513 37.59 83.53 12.12
CA LYS F 513 38.03 84.92 12.21
C LYS F 513 38.46 85.32 13.63
N GLN F 514 38.02 84.54 14.61
CA GLN F 514 38.27 84.86 16.01
C GLN F 514 39.39 84.02 16.65
N GLN F 515 40.17 83.33 15.81
CA GLN F 515 41.25 82.47 16.31
C GLN F 515 42.61 83.18 16.30
N SER G 22 7.15 -25.97 -47.16
CA SER G 22 6.30 -24.91 -47.78
C SER G 22 4.91 -24.86 -47.14
N ASN G 23 4.05 -24.02 -47.70
CA ASN G 23 2.72 -23.76 -47.14
C ASN G 23 1.68 -24.82 -47.49
N ALA G 24 0.73 -25.03 -46.58
CA ALA G 24 -0.38 -25.96 -46.81
C ALA G 24 -1.41 -25.37 -47.77
N MET G 25 -1.61 -24.06 -47.66
CA MET G 25 -2.56 -23.35 -48.51
C MET G 25 -1.86 -22.29 -49.35
N ASN G 26 -2.37 -22.08 -50.56
CA ASN G 26 -1.87 -21.03 -51.45
C ASN G 26 -2.91 -19.93 -51.61
N PHE G 27 -2.67 -18.80 -50.95
CA PHE G 27 -3.62 -17.68 -50.93
C PHE G 27 -3.40 -16.72 -52.10
N LYS G 28 -4.43 -16.56 -52.92
CA LYS G 28 -4.42 -15.64 -54.07
C LYS G 28 -5.60 -14.67 -53.96
N LEU G 29 -5.34 -13.39 -54.21
CA LEU G 29 -6.38 -12.37 -54.09
C LEU G 29 -6.99 -12.01 -55.43
N ASN G 30 -8.33 -11.99 -55.47
CA ASN G 30 -9.13 -11.56 -56.63
C ASN G 30 -8.62 -11.98 -58.02
N ASN G 31 -8.01 -13.16 -58.09
CA ASN G 31 -7.50 -13.68 -59.36
C ASN G 31 -8.65 -13.90 -60.34
N THR G 32 -8.43 -13.49 -61.59
CA THR G 32 -9.48 -13.53 -62.64
C THR G 32 -10.22 -14.86 -62.70
N LEU G 33 -11.54 -14.78 -62.87
CA LEU G 33 -12.43 -15.94 -62.83
C LEU G 33 -12.05 -16.99 -63.89
N SER G 34 -11.34 -18.03 -63.44
CA SER G 34 -10.90 -19.12 -64.32
C SER G 34 -12.02 -20.13 -64.55
N ASN G 35 -12.05 -20.70 -65.75
CA ASN G 35 -13.14 -21.59 -66.17
C ASN G 35 -13.04 -23.00 -65.55
N GLU G 36 -11.85 -23.38 -65.13
CA GLU G 36 -11.61 -24.72 -64.59
C GLU G 36 -12.00 -24.92 -63.12
N ILE G 37 -12.14 -23.82 -62.37
CA ILE G 37 -12.52 -23.87 -60.96
C ILE G 37 -14.04 -23.92 -60.82
N ASN G 38 -14.53 -24.98 -60.16
CA ASN G 38 -15.97 -25.16 -59.96
C ASN G 38 -16.36 -25.44 -58.50
N THR G 39 -15.56 -24.91 -57.56
CA THR G 39 -15.80 -25.07 -56.13
C THR G 39 -15.88 -23.70 -55.46
N LEU G 40 -16.84 -23.55 -54.54
CA LEU G 40 -17.16 -22.26 -53.93
C LEU G 40 -17.33 -22.37 -52.43
N ILE G 41 -16.69 -21.47 -51.68
CA ILE G 41 -16.79 -21.44 -50.22
C ILE G 41 -17.45 -20.15 -49.72
N ILE G 42 -18.52 -20.31 -48.95
CA ILE G 42 -19.25 -19.18 -48.34
C ILE G 42 -19.51 -19.45 -46.85
N GLY G 43 -19.32 -18.42 -46.03
CA GLY G 43 -19.68 -18.48 -44.61
C GLY G 43 -21.13 -18.08 -44.42
N ILE G 44 -21.85 -18.85 -43.60
CA ILE G 44 -23.28 -18.61 -43.38
C ILE G 44 -23.60 -18.24 -41.92
N PRO G 45 -24.09 -17.01 -41.70
CA PRO G 45 -24.51 -16.55 -40.37
C PRO G 45 -25.97 -16.87 -40.07
N GLU G 46 -26.37 -16.64 -38.82
CA GLU G 46 -27.74 -16.89 -38.37
C GLU G 46 -28.75 -16.04 -39.11
N HIS G 47 -28.39 -14.78 -39.37
CA HIS G 47 -29.21 -13.87 -40.15
C HIS G 47 -28.41 -13.33 -41.32
N LEU G 48 -28.82 -13.68 -42.53
CA LEU G 48 -28.10 -13.30 -43.76
C LEU G 48 -28.15 -11.80 -44.06
N ASN G 49 -29.19 -11.12 -43.56
CA ASN G 49 -29.34 -9.67 -43.73
C ASN G 49 -28.34 -8.85 -42.92
N GLN G 50 -27.66 -9.50 -41.97
CA GLN G 50 -26.63 -8.85 -41.15
C GLN G 50 -25.33 -8.63 -41.93
N LEU G 51 -25.16 -9.39 -43.03
CA LEU G 51 -24.04 -9.18 -43.94
C LEU G 51 -24.47 -8.30 -45.11
N GLU G 52 -23.49 -7.66 -45.74
CA GLU G 52 -23.72 -6.96 -47.01
C GLU G 52 -24.05 -8.01 -48.06
N ARG G 53 -25.11 -7.75 -48.83
CA ARG G 53 -25.63 -8.70 -49.81
C ARG G 53 -24.53 -9.47 -50.55
N ILE G 54 -24.50 -10.78 -50.34
CA ILE G 54 -23.48 -11.65 -50.92
C ILE G 54 -23.64 -11.80 -52.42
N SER G 55 -22.56 -11.56 -53.16
CA SER G 55 -22.58 -11.67 -54.61
C SER G 55 -21.36 -12.41 -55.16
N PHE G 56 -21.61 -13.32 -56.10
CA PHE G 56 -20.56 -14.05 -56.80
C PHE G 56 -20.64 -13.73 -58.28
N ASN G 57 -19.48 -13.60 -58.93
CA ASN G 57 -19.38 -13.18 -60.32
C ASN G 57 -19.90 -11.75 -60.46
N HIS G 58 -21.15 -11.60 -60.92
CA HIS G 58 -21.82 -10.31 -60.98
C HIS G 58 -23.30 -10.47 -60.59
N ILE G 59 -23.60 -11.56 -59.89
CA ILE G 59 -24.97 -11.92 -59.55
C ILE G 59 -25.16 -11.98 -58.03
N ASP G 60 -26.25 -11.37 -57.56
CA ASP G 60 -26.64 -11.41 -56.16
C ASP G 60 -27.23 -12.78 -55.82
N ILE G 61 -26.57 -13.51 -54.93
CA ILE G 61 -26.96 -14.88 -54.58
C ILE G 61 -27.56 -15.00 -53.18
N THR G 62 -27.85 -13.87 -52.55
CA THR G 62 -28.35 -13.82 -51.17
C THR G 62 -29.67 -14.58 -50.98
N GLU G 63 -30.63 -14.34 -51.87
CA GLU G 63 -31.95 -14.93 -51.80
C GLU G 63 -31.94 -16.46 -52.01
N SER G 64 -31.07 -16.93 -52.89
CA SER G 64 -30.94 -18.37 -53.16
C SER G 64 -30.33 -19.10 -51.98
N LEU G 65 -29.40 -18.45 -51.28
CA LEU G 65 -28.81 -18.99 -50.06
C LEU G 65 -29.83 -19.00 -48.92
N GLU G 66 -30.73 -18.03 -48.93
CA GLU G 66 -31.81 -17.94 -47.94
C GLU G 66 -32.79 -19.10 -48.06
N ARG G 67 -33.05 -19.53 -49.29
CA ARG G 67 -33.95 -20.66 -49.55
C ARG G 67 -33.34 -21.99 -49.14
N LEU G 68 -32.04 -22.14 -49.38
CA LEU G 68 -31.30 -23.35 -49.01
C LEU G 68 -31.21 -23.48 -47.50
N LYS G 69 -31.09 -22.34 -46.82
CA LYS G 69 -31.07 -22.27 -45.36
C LYS G 69 -32.44 -22.64 -44.78
N HIS G 70 -33.49 -22.18 -45.45
CA HIS G 70 -34.87 -22.45 -45.05
C HIS G 70 -35.24 -23.93 -45.26
N GLN G 71 -34.63 -24.54 -46.26
CA GLN G 71 -34.84 -25.97 -46.57
C GLN G 71 -33.92 -26.88 -45.75
N HIS G 72 -33.09 -26.28 -44.90
CA HIS G 72 -32.10 -26.98 -44.07
C HIS G 72 -31.03 -27.71 -44.87
N ILE G 73 -30.83 -27.28 -46.11
CA ILE G 73 -29.76 -27.80 -46.98
C ILE G 73 -28.43 -27.19 -46.54
N ILE G 74 -28.47 -25.92 -46.14
CA ILE G 74 -27.34 -25.27 -45.47
C ILE G 74 -27.80 -24.68 -44.13
N GLY G 75 -26.86 -24.35 -43.26
CA GLY G 75 -27.18 -23.81 -41.94
C GLY G 75 -26.11 -22.90 -41.37
N SER G 76 -26.33 -22.44 -40.14
CA SER G 76 -25.48 -21.43 -39.53
C SER G 76 -24.74 -21.88 -38.27
N LYS G 77 -25.02 -23.10 -37.80
CA LYS G 77 -24.38 -23.63 -36.59
C LYS G 77 -22.86 -23.47 -36.66
N VAL G 78 -22.28 -22.85 -35.64
CA VAL G 78 -20.86 -22.48 -35.61
C VAL G 78 -19.94 -23.65 -35.96
N GLY G 79 -19.21 -23.50 -37.07
CA GLY G 79 -18.20 -24.47 -37.49
C GLY G 79 -18.72 -25.72 -38.18
N LYS G 80 -20.02 -25.78 -38.45
CA LYS G 80 -20.60 -26.93 -39.13
C LYS G 80 -20.50 -26.79 -40.65
N ILE G 81 -20.07 -27.87 -41.30
CA ILE G 81 -19.88 -27.88 -42.74
C ILE G 81 -21.11 -28.43 -43.46
N TYR G 82 -21.60 -27.66 -44.43
CA TYR G 82 -22.68 -28.08 -45.32
C TYR G 82 -22.18 -28.01 -46.76
N THR G 83 -22.51 -29.02 -47.56
CA THR G 83 -22.22 -28.97 -48.99
C THR G 83 -23.47 -29.20 -49.83
N THR G 84 -23.51 -28.58 -51.01
CA THR G 84 -24.63 -28.71 -51.93
C THR G 84 -24.23 -28.34 -53.37
N ALA G 85 -24.98 -28.88 -54.33
CA ALA G 85 -24.89 -28.43 -55.71
C ALA G 85 -25.51 -27.04 -55.78
N PHE G 86 -24.80 -26.12 -56.45
CA PHE G 86 -25.21 -24.73 -56.48
C PHE G 86 -25.11 -24.18 -57.89
N ASP G 87 -26.26 -23.80 -58.45
CA ASP G 87 -26.31 -23.21 -59.79
C ASP G 87 -26.20 -21.69 -59.75
N VAL G 88 -25.14 -21.18 -60.38
CA VAL G 88 -25.05 -19.74 -60.67
C VAL G 88 -24.74 -19.58 -62.16
N GLN G 89 -25.68 -18.94 -62.86
CA GLN G 89 -25.70 -18.88 -64.33
C GLN G 89 -25.86 -20.29 -64.93
N ASP G 90 -24.98 -20.65 -65.86
CA ASP G 90 -25.06 -21.95 -66.55
C ASP G 90 -24.33 -23.08 -65.81
N GLN G 91 -23.18 -22.77 -65.20
CA GLN G 91 -22.35 -23.78 -64.56
C GLN G 91 -22.85 -24.20 -63.18
N THR G 92 -22.72 -25.49 -62.89
CA THR G 92 -23.05 -26.06 -61.58
C THR G 92 -21.78 -26.07 -60.72
N TYR G 93 -21.88 -25.48 -59.53
CA TYR G 93 -20.75 -25.38 -58.61
C TYR G 93 -20.91 -26.27 -57.40
N ARG G 94 -19.79 -26.71 -56.84
CA ARG G 94 -19.79 -27.37 -55.54
C ARG G 94 -19.70 -26.30 -54.47
N LEU G 95 -20.80 -26.09 -53.75
CA LEU G 95 -20.84 -25.10 -52.69
C LEU G 95 -20.46 -25.70 -51.34
N ILE G 96 -19.49 -25.06 -50.68
CA ILE G 96 -19.07 -25.46 -49.33
C ILE G 96 -19.42 -24.37 -48.34
N THR G 97 -20.25 -24.73 -47.36
CA THR G 97 -20.78 -23.80 -46.37
C THR G 97 -20.23 -24.12 -44.99
N VAL G 98 -19.76 -23.09 -44.30
CA VAL G 98 -19.39 -23.20 -42.89
C VAL G 98 -20.20 -22.21 -42.05
N GLY G 99 -20.83 -22.71 -40.99
CA GLY G 99 -21.67 -21.88 -40.13
C GLY G 99 -20.87 -20.88 -39.31
N LEU G 100 -21.44 -19.69 -39.13
CA LEU G 100 -20.79 -18.63 -38.37
C LEU G 100 -21.53 -18.29 -37.08
N GLY G 101 -22.76 -18.79 -36.95
CA GLY G 101 -23.62 -18.49 -35.82
C GLY G 101 -24.10 -17.05 -35.83
N ASN G 102 -24.43 -16.53 -34.66
CA ASN G 102 -24.80 -15.13 -34.52
C ASN G 102 -23.56 -14.25 -34.60
N LEU G 103 -23.56 -13.32 -35.55
CA LEU G 103 -22.40 -12.44 -35.80
C LEU G 103 -22.15 -11.44 -34.67
N LYS G 104 -23.20 -11.13 -33.90
CA LYS G 104 -23.09 -10.25 -32.74
C LYS G 104 -22.26 -10.90 -31.64
N THR G 105 -22.49 -12.19 -31.43
CA THR G 105 -21.85 -12.93 -30.33
C THR G 105 -20.82 -13.94 -30.85
N ARG G 106 -19.97 -13.50 -31.77
CA ARG G 106 -18.94 -14.36 -32.35
C ARG G 106 -17.58 -14.09 -31.72
N SER G 107 -17.12 -15.04 -30.90
CA SER G 107 -15.85 -14.94 -30.20
C SER G 107 -14.66 -15.32 -31.09
N TYR G 108 -13.45 -15.11 -30.58
CA TYR G 108 -12.23 -15.53 -31.27
C TYR G 108 -12.13 -17.05 -31.36
N GLN G 109 -12.62 -17.73 -30.32
CA GLN G 109 -12.71 -19.19 -30.31
C GLN G 109 -13.59 -19.68 -31.46
N ASP G 110 -14.72 -19.01 -31.65
CA ASP G 110 -15.63 -19.32 -32.76
C ASP G 110 -14.92 -19.21 -34.11
N MET G 111 -14.12 -18.16 -34.28
CA MET G 111 -13.34 -17.95 -35.52
C MET G 111 -12.36 -19.10 -35.75
N LEU G 112 -11.72 -19.58 -34.69
CA LEU G 112 -10.80 -20.71 -34.77
C LEU G 112 -11.53 -22.00 -35.14
N LYS G 113 -12.74 -22.16 -34.60
CA LYS G 113 -13.60 -23.30 -34.89
C LYS G 113 -14.09 -23.25 -36.34
N ILE G 114 -14.42 -22.06 -36.81
CA ILE G 114 -14.91 -21.85 -38.18
C ILE G 114 -13.84 -22.18 -39.23
N TRP G 115 -12.69 -21.51 -39.14
CA TRP G 115 -11.58 -21.72 -40.06
C TRP G 115 -10.99 -23.13 -39.91
N GLY G 116 -10.93 -23.60 -38.67
CA GLY G 116 -10.41 -24.93 -38.35
C GLY G 116 -11.13 -26.05 -39.05
N HIS G 117 -12.45 -26.12 -38.83
CA HIS G 117 -13.27 -27.17 -39.45
C HIS G 117 -13.31 -27.04 -40.98
N LEU G 118 -13.26 -25.82 -41.48
CA LEU G 118 -13.28 -25.56 -42.92
C LEU G 118 -12.04 -26.12 -43.62
N PHE G 119 -10.86 -25.70 -43.17
CA PHE G 119 -9.59 -26.13 -43.76
C PHE G 119 -9.35 -27.63 -43.60
N GLN G 120 -9.85 -28.21 -42.52
CA GLN G 120 -9.80 -29.66 -42.30
C GLN G 120 -10.65 -30.41 -43.33
N TYR G 121 -11.83 -29.85 -43.63
CA TYR G 121 -12.71 -30.43 -44.65
C TYR G 121 -12.08 -30.33 -46.04
N ILE G 122 -11.52 -29.15 -46.35
CA ILE G 122 -10.85 -28.89 -47.62
C ILE G 122 -9.73 -29.89 -47.89
N LYS G 123 -8.91 -30.17 -46.86
CA LYS G 123 -7.78 -31.09 -46.98
C LYS G 123 -8.19 -32.55 -47.10
N SER G 124 -9.16 -32.97 -46.28
CA SER G 124 -9.63 -34.35 -46.29
C SER G 124 -10.39 -34.69 -47.58
N GLU G 125 -10.93 -33.67 -48.23
CA GLU G 125 -11.65 -33.85 -49.50
C GLU G 125 -10.74 -33.68 -50.72
N HIS G 126 -9.44 -33.45 -50.47
CA HIS G 126 -8.42 -33.33 -51.52
C HIS G 126 -8.78 -32.27 -52.57
N ILE G 127 -9.29 -31.14 -52.09
CA ILE G 127 -9.64 -30.02 -52.96
C ILE G 127 -8.40 -29.19 -53.27
N GLU G 128 -8.16 -28.97 -54.57
CA GLU G 128 -6.95 -28.29 -55.02
C GLU G 128 -7.20 -26.86 -55.51
N ASP G 129 -8.41 -26.61 -56.00
CA ASP G 129 -8.78 -25.29 -56.53
C ASP G 129 -10.19 -24.92 -56.10
N THR G 130 -10.32 -23.77 -55.43
CA THR G 130 -11.62 -23.29 -54.95
C THR G 130 -11.67 -21.77 -54.80
N TYR G 131 -12.87 -21.22 -54.94
CA TYR G 131 -13.13 -19.82 -54.64
C TYR G 131 -13.50 -19.66 -53.17
N LEU G 132 -13.10 -18.53 -52.58
CA LEU G 132 -13.45 -18.21 -51.20
C LEU G 132 -13.99 -16.79 -51.13
N LEU G 133 -15.29 -16.68 -50.81
CA LEU G 133 -15.95 -15.39 -50.69
C LEU G 133 -15.69 -14.78 -49.31
N MET G 134 -14.59 -14.05 -49.20
CA MET G 134 -14.11 -13.52 -47.93
C MET G 134 -15.06 -12.52 -47.26
N ASP G 135 -15.85 -11.81 -48.08
CA ASP G 135 -16.81 -10.82 -47.57
C ASP G 135 -17.90 -11.42 -46.69
N SER G 136 -18.17 -12.71 -46.89
CA SER G 136 -19.18 -13.42 -46.11
C SER G 136 -18.68 -13.81 -44.70
N PHE G 137 -17.37 -13.69 -44.50
CA PHE G 137 -16.74 -14.00 -43.22
C PHE G 137 -16.51 -12.76 -42.36
N ILE G 138 -16.49 -11.60 -43.00
CA ILE G 138 -16.22 -10.32 -42.33
C ILE G 138 -17.53 -9.59 -42.02
N SER G 139 -17.71 -9.22 -40.77
CA SER G 139 -18.89 -8.44 -40.36
C SER G 139 -18.47 -7.07 -39.83
N LYS G 140 -19.45 -6.21 -39.58
CA LYS G 140 -19.20 -4.88 -39.01
C LYS G 140 -18.89 -4.95 -37.51
N TYR G 141 -19.22 -6.09 -36.89
CA TYR G 141 -18.97 -6.31 -35.47
C TYR G 141 -17.52 -6.69 -35.18
N ASP G 142 -16.78 -7.02 -36.24
CA ASP G 142 -15.40 -7.45 -36.11
C ASP G 142 -14.42 -6.47 -36.75
N GLN G 143 -13.16 -6.56 -36.33
CA GLN G 143 -12.07 -5.86 -37.00
C GLN G 143 -11.42 -6.82 -38.00
N LEU G 144 -10.82 -6.25 -39.04
CA LEU G 144 -10.23 -7.01 -40.14
C LEU G 144 -9.14 -7.99 -39.68
N SER G 145 -8.34 -7.55 -38.71
CA SER G 145 -7.16 -8.29 -38.26
C SER G 145 -7.46 -9.64 -37.61
N ASP G 146 -8.54 -9.72 -36.83
CA ASP G 146 -8.83 -10.93 -36.06
C ASP G 146 -9.32 -12.09 -36.92
N VAL G 147 -10.12 -11.79 -37.93
CA VAL G 147 -10.66 -12.80 -38.84
C VAL G 147 -9.55 -13.37 -39.73
N LEU G 148 -8.73 -12.48 -40.29
CA LEU G 148 -7.64 -12.89 -41.18
C LEU G 148 -6.47 -13.55 -40.44
N MET G 149 -6.26 -13.16 -39.19
CA MET G 149 -5.27 -13.78 -38.32
C MET G 149 -5.64 -15.24 -38.07
N ALA G 150 -6.88 -15.45 -37.63
CA ALA G 150 -7.41 -16.79 -37.38
C ALA G 150 -7.38 -17.65 -38.63
N CYS G 151 -7.71 -17.04 -39.76
CA CYS G 151 -7.65 -17.69 -41.07
C CYS G 151 -6.25 -18.20 -41.38
N GLY G 152 -5.25 -17.35 -41.15
CA GLY G 152 -3.85 -17.68 -41.39
C GLY G 152 -3.31 -18.79 -40.49
N ILE G 153 -3.58 -18.68 -39.19
CA ILE G 153 -3.12 -19.67 -38.21
C ILE G 153 -3.72 -21.05 -38.48
N GLN G 154 -5.04 -21.11 -38.63
CA GLN G 154 -5.76 -22.37 -38.80
C GLN G 154 -5.45 -23.08 -40.12
N SER G 155 -5.03 -22.32 -41.13
CA SER G 155 -4.64 -22.90 -42.40
C SER G 155 -3.44 -23.85 -42.27
N GLU G 156 -2.66 -23.65 -41.21
CA GLU G 156 -1.50 -24.49 -40.92
C GLU G 156 -1.72 -25.36 -39.69
N ARG G 157 -2.28 -24.78 -38.62
CA ARG G 157 -2.42 -25.47 -37.35
C ARG G 157 -3.47 -26.59 -37.37
N ALA G 158 -4.63 -26.30 -37.98
CA ALA G 158 -5.74 -27.26 -38.01
C ALA G 158 -5.48 -28.43 -38.95
N THR G 159 -4.63 -28.21 -39.96
CA THR G 159 -4.37 -29.19 -41.02
C THR G 159 -3.08 -29.98 -40.77
N TYR G 160 -2.49 -29.80 -39.59
CA TYR G 160 -1.24 -30.44 -39.23
C TYR G 160 -1.38 -31.96 -39.16
N GLU G 161 -0.36 -32.66 -39.65
CA GLU G 161 -0.26 -34.11 -39.47
C GLU G 161 1.20 -34.56 -39.39
N PHE G 162 1.44 -35.56 -38.54
CA PHE G 162 2.77 -36.13 -38.36
C PHE G 162 2.76 -37.58 -38.87
N ASP G 163 2.94 -37.73 -40.18
CA ASP G 163 2.88 -39.04 -40.83
C ASP G 163 4.24 -39.48 -41.40
N HIS G 164 5.31 -38.95 -40.84
CA HIS G 164 6.68 -39.17 -41.33
C HIS G 164 7.17 -40.60 -41.12
N TYR G 165 6.58 -41.30 -40.15
CA TYR G 165 6.97 -42.67 -39.85
C TYR G 165 5.94 -43.70 -40.32
N LYS G 166 4.95 -43.22 -41.07
CA LYS G 166 3.95 -44.09 -41.68
C LYS G 166 4.44 -44.53 -43.06
N SER G 167 4.27 -45.81 -43.38
CA SER G 167 4.59 -46.34 -44.70
C SER G 167 3.55 -45.90 -45.72
N SER G 168 2.30 -45.76 -45.28
CA SER G 168 1.20 -45.36 -46.14
C SER G 168 0.91 -43.86 -46.02
N LYS G 169 1.95 -43.04 -46.10
CA LYS G 169 1.77 -41.59 -46.06
C LYS G 169 1.44 -41.06 -47.46
N LYS G 170 0.37 -40.28 -47.53
CA LYS G 170 -0.09 -39.68 -48.78
C LYS G 170 0.80 -38.49 -49.19
N ALA G 171 0.92 -38.28 -50.50
CA ALA G 171 1.73 -37.20 -51.05
C ALA G 171 1.15 -35.82 -50.72
N PRO G 172 2.01 -34.88 -50.28
CA PRO G 172 1.55 -33.52 -49.93
C PRO G 172 1.10 -32.74 -51.17
N PHE G 173 -0.02 -32.04 -51.05
CA PHE G 173 -0.57 -31.26 -52.16
C PHE G 173 -0.89 -29.82 -51.75
N LYS G 174 -0.89 -28.92 -52.73
CA LYS G 174 -1.18 -27.52 -52.50
C LYS G 174 -2.63 -27.20 -52.86
N THR G 175 -3.32 -26.51 -51.95
CA THR G 175 -4.67 -26.04 -52.20
C THR G 175 -4.65 -24.56 -52.57
N ASN G 176 -5.08 -24.27 -53.80
CA ASN G 176 -5.15 -22.89 -54.29
C ASN G 176 -6.46 -22.23 -53.87
N LEU G 177 -6.35 -21.25 -52.97
CA LEU G 177 -7.51 -20.50 -52.49
C LEU G 177 -7.61 -19.17 -53.20
N ASN G 178 -8.59 -19.06 -54.10
CA ASN G 178 -8.85 -17.82 -54.82
C ASN G 178 -9.85 -16.95 -54.06
N LEU G 179 -9.31 -15.99 -53.30
CA LEU G 179 -10.13 -15.12 -52.47
C LEU G 179 -10.84 -14.06 -53.30
N ILE G 180 -12.15 -13.93 -53.07
CA ILE G 180 -12.96 -12.92 -53.74
C ILE G 180 -13.51 -11.94 -52.71
N SER G 181 -13.09 -10.68 -52.84
CA SER G 181 -13.56 -9.61 -51.97
C SER G 181 -13.81 -8.34 -52.77
N GLU G 182 -14.90 -7.65 -52.42
CA GLU G 182 -15.31 -6.46 -53.13
C GLU G 182 -14.50 -5.23 -52.70
N SER G 183 -14.01 -5.26 -51.46
CA SER G 183 -13.22 -4.17 -50.91
C SER G 183 -12.16 -4.68 -49.93
N LEU G 184 -11.13 -5.34 -50.47
CA LEU G 184 -10.02 -5.83 -49.68
C LEU G 184 -8.77 -5.92 -50.55
N ILE G 185 -7.65 -5.47 -50.00
CA ILE G 185 -6.39 -5.37 -50.74
C ILE G 185 -5.21 -5.98 -49.96
N GLU G 186 -5.14 -5.69 -48.66
CA GLU G 186 -4.09 -6.25 -47.80
C GLU G 186 -4.23 -7.76 -47.59
N LEU G 187 -3.14 -8.49 -47.84
CA LEU G 187 -3.07 -9.92 -47.60
C LEU G 187 -2.09 -10.26 -46.48
N ASP G 188 -1.60 -9.22 -45.80
CA ASP G 188 -0.50 -9.39 -44.84
C ASP G 188 -0.91 -10.02 -43.51
N PHE G 189 -2.17 -9.83 -43.11
CA PHE G 189 -2.68 -10.39 -41.86
C PHE G 189 -2.83 -11.90 -41.90
N ILE G 190 -3.02 -12.45 -43.10
CA ILE G 190 -3.09 -13.89 -43.30
C ILE G 190 -1.67 -14.49 -43.27
N HIS G 191 -0.75 -13.87 -43.99
CA HIS G 191 0.65 -14.31 -44.03
C HIS G 191 1.31 -14.25 -42.65
N GLU G 192 0.83 -13.33 -41.82
CA GLU G 192 1.26 -13.21 -40.43
C GLU G 192 0.76 -14.42 -39.63
N GLY G 193 -0.48 -14.83 -39.88
CA GLY G 193 -1.08 -15.98 -39.22
C GLY G 193 -0.41 -17.28 -39.63
N ILE G 194 -0.07 -17.39 -40.90
CA ILE G 194 0.58 -18.58 -41.45
C ILE G 194 1.93 -18.84 -40.78
N SER G 195 2.74 -17.80 -40.62
CA SER G 195 4.06 -17.91 -40.01
C SER G 195 3.97 -18.29 -38.53
N ILE G 196 2.92 -17.84 -37.86
CA ILE G 196 2.66 -18.23 -36.47
C ILE G 196 2.25 -19.70 -36.41
N GLY G 197 1.33 -20.08 -37.30
CA GLY G 197 0.86 -21.47 -37.41
C GLY G 197 1.98 -22.44 -37.70
N GLN G 198 2.89 -22.05 -38.60
CA GLN G 198 4.05 -22.87 -38.96
C GLN G 198 5.06 -22.96 -37.83
N SER G 199 5.09 -21.96 -36.97
CA SER G 199 5.94 -21.96 -35.78
C SER G 199 5.40 -22.94 -34.74
N ILE G 200 4.07 -23.00 -34.62
CA ILE G 200 3.40 -23.96 -33.74
C ILE G 200 3.65 -25.40 -34.22
N ASN G 201 3.57 -25.60 -35.54
CA ASN G 201 3.83 -26.90 -36.14
C ASN G 201 5.29 -27.35 -36.03
N LEU G 202 6.21 -26.39 -36.03
CA LEU G 202 7.63 -26.68 -35.82
C LEU G 202 7.86 -27.23 -34.42
N ALA G 203 7.21 -26.62 -33.43
CA ALA G 203 7.24 -27.10 -32.05
C ALA G 203 6.61 -28.49 -31.93
N ARG G 204 5.49 -28.69 -32.63
CA ARG G 204 4.79 -29.97 -32.67
C ARG G 204 5.66 -31.08 -33.25
N ASP G 205 6.41 -30.76 -34.31
CA ASP G 205 7.31 -31.71 -34.96
C ASP G 205 8.39 -32.24 -34.01
N PHE G 206 8.99 -31.33 -33.23
CA PHE G 206 9.97 -31.72 -32.23
C PHE G 206 9.36 -32.58 -31.14
N SER G 207 8.14 -32.24 -30.74
CA SER G 207 7.44 -32.95 -29.67
C SER G 207 7.00 -34.36 -30.10
N ASN G 208 6.51 -34.48 -31.32
CA ASN G 208 6.04 -35.75 -31.86
C ASN G 208 7.16 -36.74 -32.19
N MET G 209 8.37 -36.22 -32.34
CA MET G 209 9.55 -37.01 -32.67
C MET G 209 9.79 -38.11 -31.62
N PRO G 210 10.05 -39.35 -32.08
CA PRO G 210 10.33 -40.46 -31.17
C PRO G 210 11.61 -40.22 -30.37
N PRO G 211 11.61 -40.59 -29.07
CA PRO G 211 12.74 -40.33 -28.17
C PRO G 211 14.04 -41.05 -28.55
N ASN G 212 13.93 -42.16 -29.28
CA ASN G 212 15.12 -42.85 -29.79
C ASN G 212 15.71 -42.18 -31.02
N VAL G 213 14.96 -41.24 -31.59
CA VAL G 213 15.43 -40.42 -32.71
C VAL G 213 15.88 -39.03 -32.22
N LEU G 214 15.00 -38.36 -31.47
CA LEU G 214 15.31 -37.04 -30.92
C LEU G 214 15.93 -37.14 -29.52
N THR G 215 17.26 -37.18 -29.49
CA THR G 215 18.04 -37.16 -28.26
C THR G 215 18.50 -35.73 -28.01
N PRO G 216 19.01 -35.42 -26.80
CA PRO G 216 19.51 -34.05 -26.54
C PRO G 216 20.48 -33.54 -27.61
N GLN G 217 21.39 -34.41 -28.07
CA GLN G 217 22.36 -34.06 -29.09
C GLN G 217 21.71 -33.70 -30.42
N THR G 218 20.85 -34.60 -30.93
CA THR G 218 20.18 -34.40 -32.22
C THR G 218 19.18 -33.24 -32.18
N PHE G 219 18.59 -33.02 -31.00
CA PHE G 219 17.70 -31.89 -30.77
C PHE G 219 18.46 -30.58 -30.92
N ALA G 220 19.64 -30.51 -30.31
CA ALA G 220 20.54 -29.35 -30.43
C ALA G 220 20.97 -29.14 -31.88
N GLU G 221 21.39 -30.23 -32.54
CA GLU G 221 21.83 -30.20 -33.92
C GLU G 221 20.74 -29.72 -34.89
N ASP G 222 19.50 -30.14 -34.62
CA ASP G 222 18.34 -29.74 -35.44
C ASP G 222 18.04 -28.25 -35.31
N ILE G 223 18.21 -27.71 -34.11
CA ILE G 223 18.01 -26.29 -33.85
C ILE G 223 19.07 -25.43 -34.57
N VAL G 224 20.33 -25.89 -34.51
CA VAL G 224 21.42 -25.23 -35.23
C VAL G 224 21.14 -25.17 -36.73
N ASN G 225 20.79 -26.32 -37.31
CA ASN G 225 20.52 -26.42 -38.74
C ASN G 225 19.32 -25.62 -39.20
N HIS G 226 18.30 -25.53 -38.33
CA HIS G 226 17.09 -24.77 -38.65
C HIS G 226 17.33 -23.27 -38.75
N PHE G 227 18.10 -22.72 -37.80
CA PHE G 227 18.39 -21.30 -37.75
C PHE G 227 19.69 -20.91 -38.47
N LYS G 228 20.26 -21.85 -39.21
CA LYS G 228 21.59 -21.68 -39.82
C LYS G 228 21.71 -20.45 -40.71
N ASN G 229 20.73 -20.23 -41.58
CA ASN G 229 20.75 -19.10 -42.52
C ASN G 229 19.85 -17.93 -42.12
N THR G 230 19.57 -17.81 -40.82
CA THR G 230 18.66 -16.78 -40.32
C THR G 230 19.39 -15.75 -39.46
N LYS G 231 18.63 -14.78 -38.95
CA LYS G 231 19.13 -13.75 -38.05
C LYS G 231 19.39 -14.32 -36.65
N VAL G 232 18.87 -15.51 -36.39
CA VAL G 232 18.93 -16.14 -35.08
C VAL G 232 20.24 -16.92 -34.88
N LYS G 233 20.97 -16.56 -33.81
CA LYS G 233 22.22 -17.23 -33.45
C LYS G 233 21.97 -18.37 -32.47
N VAL G 234 22.68 -19.49 -32.66
CA VAL G 234 22.53 -20.66 -31.80
C VAL G 234 23.90 -21.12 -31.29
N ASP G 235 24.01 -21.25 -29.97
CA ASP G 235 25.20 -21.79 -29.33
C ASP G 235 24.86 -23.08 -28.58
N VAL G 236 25.66 -24.12 -28.83
CA VAL G 236 25.45 -25.42 -28.19
C VAL G 236 26.59 -25.74 -27.23
N LYS G 237 26.23 -26.04 -26.00
CA LYS G 237 27.18 -26.39 -24.95
C LYS G 237 27.16 -27.91 -24.76
N ASP G 238 28.23 -28.58 -25.19
CA ASP G 238 28.30 -30.05 -25.11
C ASP G 238 28.58 -30.54 -23.68
N TYR G 239 28.54 -31.85 -23.48
CA TYR G 239 28.62 -32.46 -22.15
C TYR G 239 29.86 -32.06 -21.35
N ASP G 240 31.02 -32.07 -22.00
CA ASP G 240 32.29 -31.71 -21.37
C ASP G 240 32.33 -30.27 -20.87
N THR G 241 31.74 -29.37 -21.66
CA THR G 241 31.72 -27.95 -21.34
C THR G 241 30.82 -27.68 -20.13
N LEU G 242 29.72 -28.42 -20.04
CA LEU G 242 28.77 -28.30 -18.92
C LEU G 242 29.41 -28.60 -17.57
N VAL G 243 30.11 -29.74 -17.48
CA VAL G 243 30.70 -30.19 -16.23
C VAL G 243 31.90 -29.35 -15.79
N SER G 244 32.57 -28.72 -16.77
CA SER G 244 33.68 -27.82 -16.49
C SER G 244 33.18 -26.43 -16.11
N GLU G 245 32.01 -26.07 -16.64
CA GLU G 245 31.41 -24.76 -16.35
C GLU G 245 30.49 -24.81 -15.12
N GLY G 246 30.29 -26.01 -14.58
CA GLY G 246 29.60 -26.18 -13.30
C GLY G 246 28.08 -26.31 -13.37
N PHE G 247 27.57 -26.83 -14.47
CA PHE G 247 26.14 -27.11 -14.62
C PHE G 247 25.79 -28.43 -13.91
N GLY G 248 25.96 -28.43 -12.59
CA GLY G 248 25.86 -29.63 -11.77
C GLY G 248 24.54 -30.37 -11.81
N LEU G 249 23.44 -29.62 -11.79
CA LEU G 249 22.10 -30.20 -11.77
C LEU G 249 21.73 -30.82 -13.11
N LEU G 250 22.05 -30.12 -14.20
CA LEU G 250 21.82 -30.63 -15.55
C LEU G 250 22.67 -31.89 -15.80
N GLN G 251 23.89 -31.89 -15.28
CA GLN G 251 24.78 -33.06 -15.34
C GLN G 251 24.17 -34.24 -14.59
N ALA G 252 23.68 -33.98 -13.38
CA ALA G 252 23.10 -35.00 -12.52
C ALA G 252 21.90 -35.71 -13.17
N VAL G 253 21.04 -34.93 -13.81
CA VAL G 253 19.83 -35.46 -14.44
C VAL G 253 20.14 -36.32 -15.67
N GLY G 254 21.10 -35.87 -16.47
CA GLY G 254 21.35 -36.48 -17.78
C GLY G 254 22.46 -37.52 -17.86
N LYS G 255 23.21 -37.70 -16.78
CA LYS G 255 24.38 -38.60 -16.79
C LYS G 255 24.04 -40.09 -16.93
N GLY G 256 22.79 -40.44 -16.61
CA GLY G 256 22.35 -41.83 -16.65
C GLY G 256 22.02 -42.36 -18.03
N SER G 257 22.02 -41.48 -19.02
CA SER G 257 21.72 -41.84 -20.40
C SER G 257 22.98 -41.99 -21.23
N LYS G 258 22.90 -42.79 -22.30
CA LYS G 258 23.98 -42.87 -23.28
C LYS G 258 24.12 -41.54 -24.01
N HIS G 259 22.99 -40.90 -24.25
CA HIS G 259 22.94 -39.60 -24.91
C HIS G 259 22.98 -38.50 -23.85
N LYS G 260 24.18 -37.93 -23.67
CA LYS G 260 24.45 -36.95 -22.62
C LYS G 260 23.74 -35.61 -22.85
N PRO G 261 23.49 -34.84 -21.76
CA PRO G 261 22.76 -33.58 -21.83
C PRO G 261 23.41 -32.48 -22.68
N ARG G 262 22.62 -31.49 -23.06
CA ARG G 262 23.09 -30.33 -23.82
C ARG G 262 22.44 -29.07 -23.29
N LEU G 263 23.13 -27.95 -23.41
CA LEU G 263 22.52 -26.64 -23.16
C LEU G 263 22.55 -25.82 -24.45
N VAL G 264 21.36 -25.40 -24.88
CA VAL G 264 21.21 -24.64 -26.12
C VAL G 264 20.86 -23.19 -25.82
N THR G 265 21.70 -22.27 -26.29
CA THR G 265 21.45 -20.84 -26.16
C THR G 265 21.04 -20.27 -27.52
N ILE G 266 19.89 -19.60 -27.55
CA ILE G 266 19.34 -19.02 -28.75
C ILE G 266 19.17 -17.51 -28.57
N THR G 267 19.87 -16.72 -29.38
CA THR G 267 19.76 -15.26 -29.30
C THR G 267 19.15 -14.66 -30.55
N TYR G 268 18.21 -13.73 -30.33
CA TYR G 268 17.59 -12.97 -31.41
C TYR G 268 17.56 -11.50 -31.01
N ASN G 269 18.29 -10.67 -31.78
CA ASN G 269 18.34 -9.24 -31.53
C ASN G 269 17.50 -8.46 -32.55
N GLY G 270 16.22 -8.30 -32.22
CA GLY G 270 15.25 -7.71 -33.12
C GLY G 270 15.20 -6.19 -33.15
N LYS G 271 15.82 -5.55 -32.16
CA LYS G 271 15.83 -4.09 -32.12
C LYS G 271 17.21 -3.44 -31.95
N ASP G 272 17.94 -3.86 -30.93
CA ASP G 272 19.26 -3.31 -30.63
C ASP G 272 20.23 -4.41 -30.21
N LYS G 273 21.31 -4.02 -29.55
CA LYS G 273 22.36 -4.97 -29.15
C LYS G 273 22.65 -4.90 -27.65
N ASP G 274 22.78 -3.68 -27.14
CA ASP G 274 23.17 -3.45 -25.74
C ASP G 274 21.98 -3.20 -24.81
N GLU G 275 20.80 -3.69 -25.19
CA GLU G 275 19.63 -3.53 -24.34
C GLU G 275 19.14 -4.86 -23.75
N ALA G 276 18.46 -4.79 -22.62
CA ALA G 276 18.07 -5.96 -21.83
C ALA G 276 17.09 -6.88 -22.56
N PRO G 277 17.51 -8.14 -22.79
CA PRO G 277 16.69 -9.09 -23.54
C PRO G 277 15.58 -9.70 -22.69
N ILE G 278 14.66 -10.40 -23.34
CA ILE G 278 13.64 -11.20 -22.67
C ILE G 278 14.12 -12.64 -22.64
N ALA G 279 14.24 -13.19 -21.43
CA ALA G 279 14.71 -14.56 -21.25
C ALA G 279 13.56 -15.55 -21.34
N LEU G 280 13.70 -16.52 -22.25
CA LEU G 280 12.74 -17.60 -22.39
C LEU G 280 13.43 -18.93 -22.13
N VAL G 281 13.08 -19.56 -21.01
CA VAL G 281 13.70 -20.80 -20.57
C VAL G 281 12.77 -21.98 -20.82
N GLY G 282 13.31 -23.05 -21.41
CA GLY G 282 12.51 -24.24 -21.74
C GLY G 282 13.08 -25.54 -21.20
N LYS G 283 12.21 -26.36 -20.64
CA LYS G 283 12.56 -27.70 -20.17
C LYS G 283 12.64 -28.66 -21.36
N GLY G 284 13.85 -29.15 -21.62
CA GLY G 284 14.09 -30.02 -22.77
C GLY G 284 14.40 -31.47 -22.43
N ILE G 285 13.61 -32.07 -21.55
CA ILE G 285 13.80 -33.48 -21.22
C ILE G 285 13.21 -34.32 -22.36
N THR G 286 14.10 -34.85 -23.20
CA THR G 286 13.72 -35.59 -24.40
C THR G 286 12.99 -36.90 -24.06
N TYR G 287 13.36 -37.50 -22.92
CA TYR G 287 12.59 -38.62 -22.37
C TYR G 287 12.74 -38.70 -20.85
N ASP G 288 11.62 -38.92 -20.17
CA ASP G 288 11.59 -39.02 -18.73
C ASP G 288 11.06 -40.39 -18.28
N SER G 289 11.96 -41.25 -17.82
CA SER G 289 11.58 -42.54 -17.24
C SER G 289 11.29 -42.39 -15.75
N GLY G 290 11.73 -41.27 -15.18
CA GLY G 290 11.58 -41.01 -13.75
C GLY G 290 12.86 -41.26 -12.98
N GLY G 291 13.83 -41.90 -13.65
CA GLY G 291 15.07 -42.31 -13.01
C GLY G 291 14.80 -43.46 -12.06
N TYR G 292 15.58 -43.55 -10.98
CA TYR G 292 15.37 -44.59 -9.97
C TYR G 292 14.02 -44.47 -9.26
N SER G 293 13.47 -43.27 -9.23
CA SER G 293 12.08 -43.07 -8.85
C SER G 293 11.20 -43.34 -10.07
N ILE G 294 11.21 -44.61 -10.49
CA ILE G 294 10.65 -45.05 -11.76
C ILE G 294 9.12 -44.83 -11.87
N LYS G 295 8.68 -44.48 -13.07
CA LYS G 295 7.26 -44.31 -13.36
C LYS G 295 6.56 -45.66 -13.53
N THR G 296 5.24 -45.67 -13.39
CA THR G 296 4.43 -46.87 -13.67
C THR G 296 4.31 -47.10 -15.18
N LYS G 297 3.71 -48.22 -15.57
CA LYS G 297 3.53 -48.56 -16.99
C LYS G 297 2.81 -47.45 -17.76
N ASN G 298 1.63 -47.07 -17.29
CA ASN G 298 0.85 -45.98 -17.89
C ASN G 298 1.50 -44.60 -17.71
N GLY G 299 2.37 -44.49 -16.71
CA GLY G 299 3.08 -43.25 -16.42
C GLY G 299 4.13 -42.88 -17.46
N MET G 300 4.77 -43.87 -18.05
CA MET G 300 5.82 -43.64 -19.06
C MET G 300 5.28 -43.35 -20.46
N ALA G 301 4.04 -43.77 -20.71
CA ALA G 301 3.37 -43.47 -21.97
C ALA G 301 3.39 -41.97 -22.25
N THR G 302 3.68 -41.61 -23.50
CA THR G 302 3.69 -40.20 -23.96
C THR G 302 4.71 -39.31 -23.24
N MET G 303 5.79 -39.90 -22.74
CA MET G 303 6.84 -39.15 -22.05
C MET G 303 7.90 -38.52 -22.97
N LYS G 304 7.72 -38.72 -24.28
CA LYS G 304 8.51 -38.01 -25.28
C LYS G 304 8.08 -36.53 -25.33
N PHE G 305 6.90 -36.26 -24.77
CA PHE G 305 6.35 -34.91 -24.70
C PHE G 305 6.86 -34.10 -23.50
N ASP G 306 7.88 -34.63 -22.82
CA ASP G 306 8.44 -33.95 -21.64
C ASP G 306 9.42 -32.84 -22.04
N MET G 307 9.57 -32.62 -23.34
CA MET G 307 10.39 -31.53 -23.86
C MET G 307 9.58 -30.49 -24.62
N CYS G 308 8.25 -30.55 -24.48
CA CYS G 308 7.34 -29.59 -25.09
C CYS G 308 7.70 -28.14 -24.75
N GLY G 309 8.12 -27.90 -23.51
CA GLY G 309 8.53 -26.58 -23.05
C GLY G 309 9.64 -25.99 -23.90
N ALA G 310 10.67 -26.81 -24.16
CA ALA G 310 11.79 -26.39 -25.00
C ALA G 310 11.35 -26.18 -26.44
N ALA G 311 10.52 -27.10 -26.95
CA ALA G 311 10.00 -27.03 -28.31
C ALA G 311 9.19 -25.75 -28.54
N ASN G 312 8.36 -25.40 -27.56
CA ASN G 312 7.51 -24.21 -27.65
C ASN G 312 8.30 -22.90 -27.56
N VAL G 313 9.42 -22.92 -26.85
CA VAL G 313 10.33 -21.78 -26.82
C VAL G 313 10.94 -21.55 -28.20
N VAL G 314 11.38 -22.64 -28.83
CA VAL G 314 11.90 -22.60 -30.20
C VAL G 314 10.84 -22.02 -31.16
N GLY G 315 9.60 -22.47 -30.98
CA GLY G 315 8.47 -21.97 -31.77
C GLY G 315 8.22 -20.47 -31.61
N ILE G 316 8.28 -20.00 -30.36
CA ILE G 316 8.09 -18.58 -30.05
C ILE G 316 9.16 -17.71 -30.72
N ILE G 317 10.41 -18.14 -30.61
CA ILE G 317 11.55 -17.43 -31.23
C ILE G 317 11.46 -17.48 -32.77
N GLU G 318 11.04 -18.63 -33.30
CA GLU G 318 10.80 -18.79 -34.73
C GLU G 318 9.76 -17.80 -35.26
N ALA G 319 8.67 -17.64 -34.50
CA ALA G 319 7.61 -16.70 -34.86
C ALA G 319 8.08 -15.25 -34.76
N ALA G 320 8.78 -14.93 -33.68
CA ALA G 320 9.28 -13.56 -33.46
C ALA G 320 10.25 -13.10 -34.53
N SER G 321 11.12 -14.01 -34.99
CA SER G 321 12.12 -13.70 -36.00
C SER G 321 11.52 -13.55 -37.40
N ARG G 322 10.56 -14.42 -37.73
CA ARG G 322 9.87 -14.37 -39.02
C ARG G 322 8.94 -13.18 -39.14
N LEU G 323 8.41 -12.73 -37.99
CA LEU G 323 7.60 -11.51 -37.94
C LEU G 323 8.46 -10.26 -37.82
N GLN G 324 9.76 -10.47 -37.63
CA GLN G 324 10.76 -9.40 -37.46
C GLN G 324 10.35 -8.39 -36.38
N LEU G 325 9.99 -8.92 -35.22
CA LEU G 325 9.54 -8.11 -34.09
C LEU G 325 10.71 -7.36 -33.45
N PRO G 326 10.48 -6.07 -33.11
CA PRO G 326 11.54 -5.26 -32.50
C PRO G 326 11.75 -5.60 -31.02
N VAL G 327 12.16 -6.84 -30.76
CA VAL G 327 12.44 -7.31 -29.40
C VAL G 327 13.75 -8.09 -29.34
N ASN G 328 14.43 -8.01 -28.20
CA ASN G 328 15.60 -8.84 -27.95
C ASN G 328 15.22 -10.05 -27.11
N ILE G 329 15.55 -11.24 -27.60
CA ILE G 329 15.22 -12.49 -26.90
C ILE G 329 16.46 -13.36 -26.72
N VAL G 330 16.62 -13.88 -25.51
CA VAL G 330 17.60 -14.94 -25.25
C VAL G 330 16.85 -16.19 -24.79
N GLY G 331 17.05 -17.29 -25.52
CA GLY G 331 16.40 -18.55 -25.20
C GLY G 331 17.40 -19.55 -24.65
N VAL G 332 17.07 -20.15 -23.51
CA VAL G 332 17.92 -21.15 -22.88
C VAL G 332 17.17 -22.46 -22.76
N LEU G 333 17.74 -23.52 -23.33
CA LEU G 333 17.13 -24.84 -23.30
C LEU G 333 18.01 -25.84 -22.56
N ALA G 334 17.47 -26.43 -21.50
CA ALA G 334 18.16 -27.46 -20.75
C ALA G 334 17.70 -28.83 -21.23
N CYS G 335 18.55 -29.49 -22.01
CA CYS G 335 18.20 -30.75 -22.64
C CYS G 335 18.91 -31.93 -21.99
N ALA G 336 18.15 -32.95 -21.63
CA ALA G 336 18.67 -34.17 -21.00
C ALA G 336 17.70 -35.33 -21.17
N GLU G 337 18.18 -36.54 -20.89
CA GLU G 337 17.36 -37.74 -20.94
C GLU G 337 17.45 -38.43 -19.58
N ASN G 338 16.33 -38.51 -18.87
CA ASN G 338 16.26 -39.06 -17.52
C ASN G 338 16.16 -40.59 -17.52
N MET G 339 17.31 -41.25 -17.37
CA MET G 339 17.41 -42.71 -17.52
C MET G 339 18.02 -43.40 -16.30
N ILE G 340 17.90 -44.73 -16.25
CA ILE G 340 18.48 -45.55 -15.18
C ILE G 340 19.71 -46.30 -15.70
N ASN G 341 20.81 -46.19 -14.96
CA ASN G 341 22.00 -47.01 -15.21
C ASN G 341 22.87 -47.15 -13.96
N GLU G 342 24.06 -47.72 -14.13
CA GLU G 342 24.99 -48.00 -13.02
C GLU G 342 25.42 -46.77 -12.21
N ALA G 343 25.27 -45.57 -12.80
CA ALA G 343 25.77 -44.35 -12.16
C ALA G 343 24.81 -43.16 -12.25
N SER G 344 23.53 -43.43 -12.50
CA SER G 344 22.52 -42.37 -12.59
C SER G 344 22.16 -41.83 -11.20
N MET G 345 21.50 -40.67 -11.17
CA MET G 345 21.15 -40.01 -9.90
C MET G 345 20.16 -40.83 -9.06
N LYS G 346 20.30 -40.73 -7.74
CA LYS G 346 19.51 -41.52 -6.79
C LYS G 346 18.98 -40.58 -5.70
N PRO G 347 17.85 -40.95 -5.08
CA PRO G 347 17.41 -40.25 -3.87
C PRO G 347 18.51 -40.27 -2.80
N ASP G 348 18.73 -39.12 -2.15
CA ASP G 348 19.80 -38.91 -1.14
C ASP G 348 21.06 -38.25 -1.72
N ASP G 349 21.19 -38.28 -3.05
CA ASP G 349 22.31 -37.64 -3.73
C ASP G 349 22.33 -36.13 -3.49
N VAL G 350 23.51 -35.58 -3.27
CA VAL G 350 23.68 -34.13 -3.12
C VAL G 350 24.59 -33.60 -4.23
N PHE G 351 24.09 -32.58 -4.95
CA PHE G 351 24.82 -31.98 -6.05
C PHE G 351 25.01 -30.48 -5.86
N THR G 352 26.00 -29.91 -6.55
CA THR G 352 26.24 -28.48 -6.53
C THR G 352 25.66 -27.84 -7.80
N ALA G 353 24.70 -26.95 -7.62
CA ALA G 353 24.06 -26.23 -8.72
C ALA G 353 25.01 -25.23 -9.36
N LEU G 354 24.62 -24.67 -10.50
CA LEU G 354 25.38 -23.61 -11.16
C LEU G 354 25.48 -22.38 -10.26
N SER G 355 24.46 -22.17 -9.43
CA SER G 355 24.43 -21.07 -8.47
C SER G 355 25.48 -21.22 -7.37
N GLY G 356 25.96 -22.44 -7.17
CA GLY G 356 26.93 -22.74 -6.11
C GLY G 356 26.26 -23.36 -4.89
N GLU G 357 24.93 -23.35 -4.88
CA GLU G 357 24.14 -23.94 -3.81
C GLU G 357 24.08 -25.45 -3.92
N THR G 358 24.00 -26.13 -2.77
CA THR G 358 23.89 -27.58 -2.74
C THR G 358 22.42 -28.01 -2.73
N VAL G 359 22.12 -29.04 -3.52
CA VAL G 359 20.76 -29.55 -3.66
C VAL G 359 20.71 -31.04 -3.34
N GLU G 360 19.88 -31.41 -2.36
CA GLU G 360 19.61 -32.82 -2.07
C GLU G 360 18.45 -33.30 -2.94
N VAL G 361 18.69 -34.37 -3.69
CA VAL G 361 17.67 -34.96 -4.54
C VAL G 361 16.96 -36.08 -3.79
N MET G 362 15.67 -35.90 -3.52
CA MET G 362 14.89 -36.91 -2.81
C MET G 362 13.94 -37.66 -3.74
N ASN G 363 13.75 -37.13 -4.94
CA ASN G 363 12.88 -37.72 -5.94
C ASN G 363 13.45 -37.44 -7.33
N THR G 364 13.89 -38.49 -8.02
CA THR G 364 14.52 -38.34 -9.33
C THR G 364 13.50 -38.05 -10.44
N ASP G 365 12.22 -38.23 -10.13
CA ASP G 365 11.14 -37.89 -11.06
C ASP G 365 10.81 -36.39 -11.04
N ALA G 366 11.37 -35.69 -10.05
CA ALA G 366 11.32 -34.24 -10.01
C ALA G 366 12.56 -33.67 -10.70
N GLU G 367 12.79 -34.12 -11.94
CA GLU G 367 14.01 -33.78 -12.69
C GLU G 367 13.89 -32.43 -13.40
N GLY G 368 12.67 -32.03 -13.70
CA GLY G 368 12.41 -30.80 -14.46
C GLY G 368 12.88 -29.55 -13.74
N ARG G 369 12.51 -29.42 -12.47
CA ARG G 369 12.91 -28.27 -11.66
C ARG G 369 14.42 -28.15 -11.49
N LEU G 370 15.11 -29.29 -11.59
CA LEU G 370 16.56 -29.34 -11.47
C LEU G 370 17.25 -28.73 -12.69
N VAL G 371 16.85 -29.15 -13.88
CA VAL G 371 17.44 -28.63 -15.12
C VAL G 371 17.05 -27.17 -15.37
N LEU G 372 15.84 -26.80 -14.94
CA LEU G 372 15.37 -25.42 -15.06
C LEU G 372 16.18 -24.49 -14.15
N ALA G 373 16.51 -24.98 -12.96
CA ALA G 373 17.29 -24.22 -11.99
C ALA G 373 18.63 -23.75 -12.55
N ASP G 374 19.35 -24.67 -13.19
CA ASP G 374 20.62 -24.34 -13.83
C ASP G 374 20.43 -23.41 -15.03
N ALA G 375 19.37 -23.64 -15.79
CA ALA G 375 19.05 -22.84 -16.97
C ALA G 375 18.61 -21.42 -16.61
N VAL G 376 17.80 -21.29 -15.56
CA VAL G 376 17.32 -19.99 -15.09
C VAL G 376 18.47 -19.14 -14.56
N PHE G 377 19.35 -19.74 -13.77
CA PHE G 377 20.52 -19.05 -13.23
C PHE G 377 21.44 -18.58 -14.36
N TYR G 378 21.61 -19.42 -15.37
CA TYR G 378 22.40 -19.07 -16.56
C TYR G 378 21.75 -17.95 -17.37
N ALA G 379 20.42 -17.99 -17.49
CA ALA G 379 19.67 -16.96 -18.21
C ALA G 379 19.80 -15.59 -17.54
N ASN G 380 19.87 -15.59 -16.21
CA ASN G 380 19.95 -14.36 -15.43
C ASN G 380 21.28 -13.62 -15.57
N GLN G 381 22.31 -14.34 -16.04
CA GLN G 381 23.62 -13.77 -16.32
C GLN G 381 23.54 -12.72 -17.43
N TYR G 382 22.60 -12.93 -18.35
CA TYR G 382 22.35 -12.00 -19.46
C TYR G 382 21.64 -10.73 -19.00
N GLN G 383 21.30 -10.68 -17.71
CA GLN G 383 20.58 -9.55 -17.10
C GLN G 383 19.30 -9.19 -17.87
N PRO G 384 18.32 -10.11 -17.89
CA PRO G 384 17.09 -9.87 -18.64
C PRO G 384 16.11 -8.98 -17.87
N SER G 385 15.17 -8.37 -18.59
CA SER G 385 14.12 -7.58 -17.96
C SER G 385 13.08 -8.49 -17.30
N VAL G 386 12.89 -9.67 -17.88
CA VAL G 386 11.98 -10.68 -17.35
C VAL G 386 12.43 -12.08 -17.77
N ILE G 387 12.21 -13.06 -16.89
CA ILE G 387 12.48 -14.46 -17.21
C ILE G 387 11.15 -15.22 -17.24
N MET G 388 10.93 -15.93 -18.34
CA MET G 388 9.75 -16.79 -18.48
C MET G 388 10.19 -18.20 -18.79
N ASP G 389 9.81 -19.15 -17.94
CA ASP G 389 10.11 -20.56 -18.17
C ASP G 389 8.87 -21.36 -18.52
N PHE G 390 9.04 -22.35 -19.40
CA PHE G 390 7.95 -23.17 -19.90
C PHE G 390 8.32 -24.64 -19.70
N ALA G 391 7.48 -25.36 -18.95
CA ALA G 391 7.78 -26.74 -18.58
C ALA G 391 6.54 -27.59 -18.30
N THR G 392 6.62 -28.86 -18.68
CA THR G 392 5.65 -29.87 -18.27
C THR G 392 6.16 -30.47 -16.96
N LEU G 393 5.92 -29.78 -15.85
CA LEU G 393 6.51 -30.15 -14.57
C LEU G 393 5.72 -31.13 -13.73
N THR G 394 4.56 -30.69 -13.24
CA THR G 394 3.91 -31.36 -12.12
C THR G 394 2.58 -32.01 -12.47
N GLY G 395 2.35 -33.20 -11.91
CA GLY G 395 1.05 -33.85 -11.98
C GLY G 395 0.02 -33.11 -11.14
N ALA G 396 0.48 -32.50 -10.05
CA ALA G 396 -0.38 -31.74 -9.13
C ALA G 396 -1.05 -30.53 -9.79
N ALA G 397 -0.36 -29.93 -10.76
CA ALA G 397 -0.93 -28.82 -11.55
C ALA G 397 -2.14 -29.28 -12.36
N ILE G 398 -2.06 -30.49 -12.91
CA ILE G 398 -3.18 -31.10 -13.63
C ILE G 398 -4.34 -31.39 -12.67
N VAL G 399 -4.03 -31.90 -11.48
CA VAL G 399 -5.03 -32.19 -10.46
C VAL G 399 -5.72 -30.89 -10.02
N ALA G 400 -4.95 -29.81 -9.97
CA ALA G 400 -5.43 -28.50 -9.56
C ALA G 400 -6.41 -27.88 -10.54
N LEU G 401 -5.98 -27.73 -11.80
CA LEU G 401 -6.73 -26.94 -12.78
C LEU G 401 -7.38 -27.75 -13.90
N GLY G 402 -7.11 -29.05 -13.93
CA GLY G 402 -7.59 -29.91 -15.02
C GLY G 402 -6.56 -30.01 -16.12
N ASP G 403 -6.84 -30.87 -17.09
CA ASP G 403 -5.89 -31.18 -18.17
C ASP G 403 -5.80 -30.09 -19.24
N ASP G 404 -6.78 -29.19 -19.29
CA ASP G 404 -6.90 -28.22 -20.38
C ASP G 404 -6.48 -26.79 -20.03
N LYS G 405 -6.01 -26.59 -18.80
CA LYS G 405 -5.59 -25.26 -18.33
C LYS G 405 -4.14 -25.28 -17.86
N ALA G 406 -3.44 -24.16 -18.06
CA ALA G 406 -2.07 -24.01 -17.62
C ALA G 406 -1.98 -23.28 -16.27
N ALA G 407 -0.97 -23.64 -15.48
CA ALA G 407 -0.72 -22.99 -14.20
C ALA G 407 0.40 -21.97 -14.33
N ALA G 408 0.13 -20.74 -13.92
CA ALA G 408 1.11 -19.66 -13.96
C ALA G 408 1.48 -19.18 -12.56
N PHE G 409 2.76 -18.93 -12.37
CA PHE G 409 3.29 -18.47 -11.08
C PHE G 409 4.15 -17.24 -11.30
N GLU G 410 3.93 -16.21 -10.50
CA GLU G 410 4.76 -15.00 -10.58
C GLU G 410 5.69 -14.85 -9.38
N SER G 411 6.86 -14.29 -9.67
CA SER G 411 7.85 -13.95 -8.65
C SER G 411 8.47 -12.63 -9.05
N ASN G 412 8.10 -11.56 -8.35
CA ASN G 412 8.52 -10.19 -8.68
C ASN G 412 8.05 -9.70 -10.05
N SER G 413 6.93 -10.24 -10.54
CA SER G 413 6.36 -9.83 -11.83
C SER G 413 4.84 -9.97 -11.85
N LYS G 414 4.19 -9.36 -10.87
CA LYS G 414 2.73 -9.34 -10.75
C LYS G 414 2.06 -8.63 -11.93
N VAL G 415 2.69 -7.55 -12.40
CA VAL G 415 2.14 -6.73 -13.48
C VAL G 415 2.20 -7.44 -14.83
N ILE G 416 3.38 -7.96 -15.19
CA ILE G 416 3.56 -8.66 -16.46
C ILE G 416 2.69 -9.91 -16.56
N LEU G 417 2.49 -10.59 -15.43
CA LEU G 417 1.60 -11.76 -15.39
C LEU G 417 0.15 -11.37 -15.69
N ASN G 418 -0.33 -10.30 -15.05
CA ASN G 418 -1.69 -9.82 -15.26
C ASN G 418 -2.01 -9.51 -16.73
N ASP G 419 -1.03 -8.97 -17.45
CA ASP G 419 -1.15 -8.73 -18.88
C ASP G 419 -1.26 -10.04 -19.65
N ILE G 420 -0.43 -11.01 -19.27
CA ILE G 420 -0.40 -12.31 -19.93
C ILE G 420 -1.68 -13.10 -19.67
N LEU G 421 -2.20 -13.03 -18.45
CA LEU G 421 -3.47 -13.67 -18.10
C LEU G 421 -4.63 -13.08 -18.90
N GLN G 422 -4.54 -11.78 -19.20
CA GLN G 422 -5.52 -11.10 -20.05
C GLN G 422 -5.39 -11.52 -21.52
N ILE G 423 -4.16 -11.48 -22.03
CA ILE G 423 -3.87 -11.83 -23.43
C ILE G 423 -4.29 -13.26 -23.75
N SER G 424 -3.97 -14.18 -22.84
CA SER G 424 -4.28 -15.59 -23.02
C SER G 424 -5.78 -15.87 -23.14
N SER G 425 -6.57 -15.18 -22.31
CA SER G 425 -8.02 -15.34 -22.33
C SER G 425 -8.64 -14.79 -23.61
N GLU G 426 -7.89 -13.94 -24.31
CA GLU G 426 -8.33 -13.35 -25.57
C GLU G 426 -7.91 -14.18 -26.79
N VAL G 427 -6.94 -15.06 -26.62
CA VAL G 427 -6.46 -15.91 -27.72
C VAL G 427 -6.78 -17.41 -27.53
N ASP G 428 -7.85 -17.68 -26.77
CA ASP G 428 -8.36 -19.03 -26.52
C ASP G 428 -7.33 -19.97 -25.87
N GLU G 429 -6.59 -19.46 -24.90
CA GLU G 429 -5.65 -20.29 -24.12
C GLU G 429 -5.88 -20.09 -22.63
N MET G 430 -6.35 -21.14 -21.96
CA MET G 430 -6.67 -21.06 -20.53
C MET G 430 -5.42 -21.14 -19.66
N VAL G 431 -5.10 -20.01 -19.03
CA VAL G 431 -3.97 -19.90 -18.11
C VAL G 431 -4.46 -19.24 -16.83
N PHE G 432 -4.15 -19.84 -15.68
CA PHE G 432 -4.58 -19.31 -14.39
C PHE G 432 -3.47 -19.32 -13.34
N GLU G 433 -3.53 -18.35 -12.43
CA GLU G 433 -2.49 -18.16 -11.43
C GLU G 433 -2.64 -19.09 -10.22
N LEU G 434 -1.51 -19.62 -9.79
CA LEU G 434 -1.40 -20.29 -8.49
C LEU G 434 -0.30 -19.58 -7.68
N PRO G 435 -0.43 -19.57 -6.34
CA PRO G 435 0.46 -18.73 -5.53
C PRO G 435 1.79 -19.36 -5.14
N ILE G 436 2.77 -18.51 -4.85
CA ILE G 436 4.00 -18.91 -4.15
C ILE G 436 4.05 -18.10 -2.85
N THR G 437 3.85 -18.79 -1.73
CA THR G 437 3.79 -18.12 -0.43
C THR G 437 5.05 -18.37 0.41
N ALA G 438 5.07 -17.80 1.61
CA ALA G 438 6.17 -17.98 2.56
C ALA G 438 6.41 -19.46 2.89
N THR G 439 5.33 -20.23 2.90
CA THR G 439 5.38 -21.68 3.12
C THR G 439 6.31 -22.37 2.13
N GLU G 440 6.11 -22.11 0.84
CA GLU G 440 6.88 -22.73 -0.23
C GLU G 440 8.32 -22.22 -0.28
N ARG G 441 8.50 -20.93 -0.02
CA ARG G 441 9.83 -20.31 0.02
C ARG G 441 10.69 -20.91 1.15
N ALA G 442 10.04 -21.34 2.23
CA ALA G 442 10.72 -21.95 3.37
C ALA G 442 10.96 -23.44 3.16
N SER G 443 9.97 -24.13 2.57
CA SER G 443 10.01 -25.60 2.49
C SER G 443 11.01 -26.15 1.47
N ILE G 444 11.43 -25.32 0.51
CA ILE G 444 12.48 -25.72 -0.45
C ILE G 444 13.84 -25.81 0.23
N LYS G 445 13.91 -25.28 1.44
CA LYS G 445 15.14 -25.28 2.23
C LYS G 445 15.13 -26.36 3.32
N HIS G 446 14.07 -27.16 3.37
CA HIS G 446 13.93 -28.23 4.37
C HIS G 446 14.75 -29.47 4.03
N SER G 447 16.07 -29.32 4.09
CA SER G 447 16.98 -30.45 3.94
C SER G 447 17.88 -30.51 5.16
N ASP G 448 18.14 -31.73 5.63
CA ASP G 448 19.00 -31.94 6.80
C ASP G 448 20.48 -31.86 6.44
N ILE G 449 20.79 -31.83 5.15
CA ILE G 449 22.16 -31.93 4.67
C ILE G 449 22.58 -30.79 3.70
N ALA G 450 21.71 -30.46 2.75
CA ALA G 450 22.03 -29.48 1.71
C ALA G 450 21.32 -28.14 1.92
N ASP G 451 21.66 -27.16 1.09
CA ASP G 451 21.01 -25.86 1.11
C ASP G 451 19.55 -25.97 0.67
N LEU G 452 19.31 -26.80 -0.34
CA LEU G 452 17.97 -26.98 -0.89
C LEU G 452 17.59 -28.45 -1.06
N VAL G 453 16.29 -28.71 -1.10
CA VAL G 453 15.75 -30.03 -1.39
C VAL G 453 14.78 -29.92 -2.58
N ASN G 454 14.73 -30.95 -3.42
CA ASN G 454 13.96 -30.87 -4.67
C ASN G 454 12.54 -31.44 -4.58
N HIS G 455 12.17 -31.95 -3.42
CA HIS G 455 10.87 -32.62 -3.26
C HIS G 455 10.34 -32.53 -1.84
N THR G 456 9.02 -32.35 -1.73
CA THR G 456 8.31 -32.41 -0.45
C THR G 456 7.33 -33.57 -0.44
N ASN G 457 7.17 -34.19 0.72
CA ASN G 457 6.16 -35.23 0.88
C ASN G 457 4.79 -34.65 1.23
N GLY G 458 4.77 -33.36 1.54
CA GLY G 458 3.53 -32.64 1.78
C GLY G 458 2.79 -32.33 0.50
N GLN G 459 1.62 -31.70 0.62
CA GLN G 459 0.81 -31.32 -0.52
C GLN G 459 1.20 -29.95 -1.06
N GLY G 460 0.50 -29.49 -2.10
CA GLY G 460 0.84 -28.25 -2.78
C GLY G 460 2.14 -28.37 -3.57
N LYS G 461 2.33 -29.52 -4.21
CA LYS G 461 3.57 -29.86 -4.91
C LYS G 461 3.88 -28.96 -6.11
N ALA G 462 2.84 -28.50 -6.80
CA ALA G 462 2.99 -27.58 -7.93
C ALA G 462 3.55 -26.23 -7.46
N LEU G 463 3.11 -25.80 -6.28
CA LEU G 463 3.57 -24.54 -5.69
C LEU G 463 5.02 -24.67 -5.24
N PHE G 464 5.36 -25.84 -4.69
CA PHE G 464 6.73 -26.15 -4.28
C PHE G 464 7.70 -26.10 -5.46
N ALA G 465 7.33 -26.77 -6.55
CA ALA G 465 8.14 -26.80 -7.77
C ALA G 465 8.40 -25.40 -8.31
N ALA G 466 7.35 -24.57 -8.31
CA ALA G 466 7.45 -23.19 -8.78
C ALA G 466 8.40 -22.38 -7.90
N SER G 467 8.29 -22.57 -6.59
CA SER G 467 9.16 -21.91 -5.62
C SER G 467 10.62 -22.30 -5.84
N PHE G 468 10.84 -23.58 -6.15
CA PHE G 468 12.19 -24.11 -6.41
C PHE G 468 12.81 -23.46 -7.65
N VAL G 469 12.04 -23.40 -8.74
CA VAL G 469 12.51 -22.83 -9.99
C VAL G 469 12.75 -21.32 -9.90
N THR G 470 11.78 -20.60 -9.33
CA THR G 470 11.85 -19.13 -9.23
C THR G 470 12.88 -18.62 -8.23
N HIS G 471 13.40 -19.53 -7.41
CA HIS G 471 14.46 -19.21 -6.45
C HIS G 471 15.75 -18.76 -7.14
N PHE G 472 16.02 -19.36 -8.30
CA PHE G 472 17.30 -19.19 -8.99
C PHE G 472 17.40 -17.92 -9.85
N SER G 473 16.31 -17.17 -9.93
CA SER G 473 16.29 -15.91 -10.68
C SER G 473 16.65 -14.72 -9.79
N GLY G 474 16.71 -14.94 -8.48
CA GLY G 474 16.97 -13.86 -7.52
C GLY G 474 15.78 -12.93 -7.44
N GLN G 475 16.02 -11.64 -7.65
CA GLN G 475 14.95 -10.64 -7.61
C GLN G 475 14.44 -10.25 -9.00
N THR G 476 15.04 -10.86 -10.04
CA THR G 476 14.62 -10.65 -11.43
C THR G 476 13.18 -11.12 -11.62
N PRO G 477 12.32 -10.28 -12.24
CA PRO G 477 10.96 -10.67 -12.58
C PRO G 477 10.91 -12.02 -13.29
N HIS G 478 10.16 -12.96 -12.71
CA HIS G 478 10.14 -14.34 -13.17
C HIS G 478 8.70 -14.86 -13.21
N ILE G 479 8.29 -15.39 -14.36
CA ILE G 479 7.03 -16.11 -14.48
C ILE G 479 7.29 -17.56 -14.87
N HIS G 480 6.72 -18.48 -14.08
CA HIS G 480 6.84 -19.91 -14.32
C HIS G 480 5.53 -20.48 -14.87
N PHE G 481 5.62 -21.15 -16.01
CA PHE G 481 4.44 -21.75 -16.65
C PHE G 481 4.48 -23.27 -16.59
N ASP G 482 3.61 -23.86 -15.77
CA ASP G 482 3.47 -25.30 -15.70
C ASP G 482 2.42 -25.75 -16.70
N ILE G 483 2.89 -26.29 -17.82
CA ILE G 483 2.01 -26.69 -18.92
C ILE G 483 1.91 -28.21 -19.05
N ALA G 484 2.01 -28.91 -17.93
CA ALA G 484 1.95 -30.37 -17.91
C ALA G 484 0.65 -30.90 -18.52
N GLY G 485 -0.44 -30.16 -18.31
CA GLY G 485 -1.74 -30.52 -18.83
C GLY G 485 -1.97 -30.13 -20.29
N PRO G 486 -2.03 -28.82 -20.57
CA PRO G 486 -2.48 -28.32 -21.87
C PRO G 486 -1.45 -28.42 -23.00
N ALA G 487 -0.22 -28.83 -22.71
CA ALA G 487 0.82 -28.99 -23.73
C ALA G 487 0.49 -30.11 -24.71
N THR G 488 -0.33 -31.06 -24.26
CA THR G 488 -0.78 -32.17 -25.07
C THR G 488 -2.29 -32.37 -24.92
N THR G 489 -2.91 -32.90 -25.96
CA THR G 489 -4.33 -33.23 -25.94
C THR G 489 -4.54 -34.68 -26.43
N ASN G 490 -5.51 -35.37 -25.85
CA ASN G 490 -5.81 -36.75 -26.24
C ASN G 490 -7.03 -36.84 -27.15
N LYS G 491 -7.46 -35.68 -27.64
CA LYS G 491 -8.66 -35.56 -28.44
C LYS G 491 -8.41 -34.61 -29.62
N ALA G 492 -8.81 -35.04 -30.82
CA ALA G 492 -8.73 -34.20 -32.01
C ALA G 492 -9.79 -33.09 -31.96
N SER G 493 -9.47 -31.93 -32.51
CA SER G 493 -10.37 -30.79 -32.51
C SER G 493 -10.11 -29.86 -33.69
N TYR G 494 -10.75 -28.69 -33.66
CA TYR G 494 -10.54 -27.63 -34.66
C TYR G 494 -9.11 -27.08 -34.65
N ASN G 495 -8.36 -27.38 -33.59
CA ASN G 495 -6.97 -26.94 -33.46
C ASN G 495 -5.94 -27.95 -33.96
N GLY G 496 -6.41 -29.11 -34.41
CA GLY G 496 -5.55 -30.14 -34.95
C GLY G 496 -5.75 -31.50 -34.29
N PRO G 497 -4.89 -32.49 -34.66
CA PRO G 497 -5.02 -33.85 -34.16
C PRO G 497 -4.50 -34.03 -32.73
N LYS G 498 -4.61 -35.25 -32.21
CA LYS G 498 -4.04 -35.63 -30.92
C LYS G 498 -2.56 -35.32 -30.85
N GLY G 499 -2.08 -35.02 -29.65
CA GLY G 499 -0.65 -34.80 -29.43
C GLY G 499 -0.35 -33.39 -28.98
N PRO G 500 0.85 -32.89 -29.29
CA PRO G 500 1.31 -31.57 -28.86
C PRO G 500 0.43 -30.45 -29.40
N THR G 501 0.12 -29.48 -28.55
CA THR G 501 -0.79 -28.38 -28.90
C THR G 501 -0.04 -27.11 -29.29
N GLY G 502 1.22 -27.01 -28.88
CA GLY G 502 2.00 -25.80 -29.06
C GLY G 502 1.53 -24.71 -28.11
N PHE G 503 1.03 -25.15 -26.96
CA PHE G 503 0.42 -24.26 -25.97
C PHE G 503 1.36 -23.15 -25.51
N MET G 504 0.80 -21.96 -25.32
CA MET G 504 1.51 -20.75 -24.88
C MET G 504 2.10 -19.91 -26.04
N ILE G 505 2.43 -20.56 -27.15
CA ILE G 505 2.99 -19.86 -28.31
C ILE G 505 2.11 -18.70 -28.79
N PRO G 506 0.79 -18.93 -28.98
CA PRO G 506 -0.07 -17.80 -29.35
C PRO G 506 -0.06 -16.66 -28.32
N THR G 507 -0.09 -17.01 -27.03
CA THR G 507 -0.13 -16.02 -25.95
C THR G 507 1.15 -15.17 -25.89
N ILE G 508 2.31 -15.84 -25.89
CA ILE G 508 3.60 -15.14 -25.76
C ILE G 508 3.91 -14.29 -26.99
N VAL G 509 3.64 -14.81 -28.18
CA VAL G 509 3.81 -14.07 -29.42
C VAL G 509 3.00 -12.77 -29.40
N GLN G 510 1.74 -12.87 -29.00
CA GLN G 510 0.86 -11.71 -28.86
C GLN G 510 1.40 -10.69 -27.86
N TRP G 511 1.95 -11.20 -26.75
CA TRP G 511 2.59 -10.37 -25.73
C TRP G 511 3.85 -9.69 -26.26
N LEU G 512 4.64 -10.44 -27.03
CA LEU G 512 5.86 -9.91 -27.64
C LEU G 512 5.57 -8.81 -28.67
N LYS G 513 4.43 -8.93 -29.35
CA LYS G 513 3.96 -7.93 -30.31
C LYS G 513 3.66 -6.58 -29.67
N GLN G 514 3.45 -6.58 -28.36
CA GLN G 514 3.05 -5.38 -27.63
C GLN G 514 4.19 -4.71 -26.85
N GLN G 515 5.42 -5.11 -27.15
CA GLN G 515 6.60 -4.56 -26.45
C GLN G 515 7.26 -3.42 -27.22
N SER H 22 22.80 -90.44 -20.85
CA SER H 22 22.33 -91.84 -21.06
C SER H 22 20.94 -92.06 -20.47
N ASN H 23 20.38 -93.25 -20.65
CA ASN H 23 19.01 -93.57 -20.25
C ASN H 23 18.85 -93.75 -18.74
N ALA H 24 17.68 -93.38 -18.24
CA ALA H 24 17.34 -93.56 -16.82
C ALA H 24 17.02 -95.02 -16.52
N MET H 25 16.39 -95.68 -17.48
CA MET H 25 16.01 -97.09 -17.34
C MET H 25 16.69 -97.94 -18.40
N ASN H 26 17.00 -99.17 -18.03
CA ASN H 26 17.57 -100.14 -18.97
C ASN H 26 16.59 -101.27 -19.24
N PHE H 27 15.96 -101.23 -20.41
CA PHE H 27 14.92 -102.19 -20.78
C PHE H 27 15.49 -103.45 -21.44
N LYS H 28 15.22 -104.59 -20.82
CA LYS H 28 15.64 -105.89 -21.32
C LYS H 28 14.42 -106.81 -21.47
N LEU H 29 14.36 -107.53 -22.59
CA LEU H 29 13.23 -108.41 -22.85
C LEU H 29 13.58 -109.89 -22.67
N ASN H 30 12.81 -110.57 -21.84
CA ASN H 30 12.94 -112.01 -21.58
C ASN H 30 14.37 -112.54 -21.40
N ASN H 31 15.21 -111.74 -20.75
CA ASN H 31 16.60 -112.10 -20.49
C ASN H 31 16.69 -113.15 -19.38
N THR H 32 17.80 -113.89 -19.35
CA THR H 32 18.03 -114.99 -18.40
C THR H 32 17.46 -114.68 -17.01
N LEU H 33 16.62 -115.58 -16.52
CA LEU H 33 15.98 -115.43 -15.21
C LEU H 33 17.00 -115.69 -14.09
N SER H 34 17.55 -114.61 -13.56
CA SER H 34 18.65 -114.66 -12.57
C SER H 34 18.15 -114.83 -11.14
N ASN H 35 18.97 -115.46 -10.31
CA ASN H 35 18.66 -115.63 -8.89
C ASN H 35 19.01 -114.41 -8.03
N GLU H 36 19.80 -113.50 -8.58
CA GLU H 36 20.19 -112.28 -7.87
C GLU H 36 19.03 -111.27 -7.77
N ILE H 37 18.07 -111.38 -8.69
CA ILE H 37 16.94 -110.48 -8.74
C ILE H 37 15.78 -111.00 -7.89
N ASN H 38 15.36 -110.20 -6.90
CA ASN H 38 14.28 -110.59 -6.00
C ASN H 38 13.20 -109.52 -5.86
N THR H 39 13.01 -108.74 -6.92
CA THR H 39 11.99 -107.70 -6.96
C THR H 39 11.07 -107.90 -8.16
N LEU H 40 9.77 -107.70 -7.95
CA LEU H 40 8.74 -108.03 -8.93
C LEU H 40 7.71 -106.92 -9.05
N ILE H 41 7.40 -106.52 -10.30
CA ILE H 41 6.40 -105.49 -10.56
C ILE H 41 5.19 -106.03 -11.33
N ILE H 42 4.00 -105.85 -10.77
CA ILE H 42 2.74 -106.27 -11.39
C ILE H 42 1.72 -105.13 -11.34
N GLY H 43 1.00 -104.94 -12.45
CA GLY H 43 -0.12 -104.00 -12.49
C GLY H 43 -1.40 -104.68 -12.04
N ILE H 44 -2.18 -103.99 -11.21
CA ILE H 44 -3.40 -104.56 -10.64
C ILE H 44 -4.66 -103.80 -11.07
N PRO H 45 -5.55 -104.46 -11.82
CA PRO H 45 -6.82 -103.88 -12.25
C PRO H 45 -7.94 -104.12 -11.23
N GLU H 46 -9.09 -103.47 -11.45
CA GLU H 46 -10.25 -103.60 -10.58
C GLU H 46 -10.80 -105.04 -10.54
N HIS H 47 -10.79 -105.70 -11.70
CA HIS H 47 -11.18 -107.09 -11.80
C HIS H 47 -10.06 -107.89 -12.45
N LEU H 48 -9.47 -108.81 -11.68
CA LEU H 48 -8.32 -109.60 -12.13
C LEU H 48 -8.66 -110.60 -13.24
N ASN H 49 -9.93 -111.01 -13.30
CA ASN H 49 -10.40 -111.93 -14.34
C ASN H 49 -10.48 -111.29 -15.75
N GLN H 50 -10.38 -109.97 -15.80
CA GLN H 50 -10.37 -109.22 -17.07
C GLN H 50 -9.03 -109.35 -17.80
N LEU H 51 -7.99 -109.72 -17.07
CA LEU H 51 -6.69 -110.04 -17.66
C LEU H 51 -6.54 -111.53 -17.89
N GLU H 52 -5.63 -111.87 -18.81
CA GLU H 52 -5.17 -113.25 -18.98
C GLU H 52 -4.49 -113.65 -17.68
N ARG H 53 -4.86 -114.82 -17.15
CA ARG H 53 -4.40 -115.25 -15.83
C ARG H 53 -2.89 -115.13 -15.65
N ILE H 54 -2.49 -114.20 -14.77
CA ILE H 54 -1.11 -113.78 -14.54
C ILE H 54 -0.24 -114.93 -14.02
N SER H 55 0.91 -115.12 -14.66
CA SER H 55 1.86 -116.16 -14.25
C SER H 55 3.30 -115.66 -14.22
N PHE H 56 4.00 -116.02 -13.15
CA PHE H 56 5.43 -115.75 -13.01
C PHE H 56 6.18 -117.08 -12.96
N ASN H 57 7.31 -117.15 -13.66
CA ASN H 57 7.99 -118.41 -13.99
C ASN H 57 7.08 -119.28 -14.86
N HIS H 58 6.34 -120.18 -14.20
CA HIS H 58 5.25 -120.92 -14.83
C HIS H 58 4.10 -121.05 -13.84
N ILE H 59 4.35 -120.54 -12.63
CA ILE H 59 3.38 -120.56 -11.54
C ILE H 59 2.25 -119.58 -11.82
N ASP H 60 1.03 -120.07 -11.80
CA ASP H 60 -0.14 -119.20 -11.86
C ASP H 60 -0.31 -118.54 -10.50
N ILE H 61 -0.17 -117.22 -10.48
CA ILE H 61 -0.22 -116.45 -9.22
C ILE H 61 -1.47 -115.60 -9.08
N THR H 62 -2.45 -115.81 -9.96
CA THR H 62 -3.68 -115.02 -10.01
C THR H 62 -4.47 -115.06 -8.69
N GLU H 63 -4.65 -116.27 -8.15
CA GLU H 63 -5.47 -116.46 -6.94
C GLU H 63 -4.83 -115.87 -5.69
N SER H 64 -3.51 -115.92 -5.63
CA SER H 64 -2.77 -115.36 -4.50
C SER H 64 -2.82 -113.83 -4.49
N LEU H 65 -2.83 -113.24 -5.69
CA LEU H 65 -3.00 -111.80 -5.84
C LEU H 65 -4.44 -111.38 -5.50
N GLU H 66 -5.38 -112.25 -5.79
CA GLU H 66 -6.79 -112.04 -5.46
C GLU H 66 -7.04 -111.96 -3.95
N ARG H 67 -6.31 -112.80 -3.19
CA ARG H 67 -6.41 -112.82 -1.74
C ARG H 67 -5.80 -111.59 -1.10
N LEU H 68 -4.67 -111.13 -1.65
CA LEU H 68 -4.00 -109.92 -1.17
C LEU H 68 -4.84 -108.68 -1.43
N LYS H 69 -5.54 -108.68 -2.56
CA LYS H 69 -6.46 -107.61 -2.94
C LYS H 69 -7.68 -107.60 -2.00
N HIS H 70 -8.16 -108.78 -1.65
CA HIS H 70 -9.29 -108.94 -0.74
C HIS H 70 -8.94 -108.52 0.70
N GLN H 71 -7.67 -108.70 1.06
CA GLN H 71 -7.16 -108.31 2.38
C GLN H 71 -6.74 -106.85 2.43
N HIS H 72 -6.87 -106.15 1.30
CA HIS H 72 -6.46 -104.75 1.15
C HIS H 72 -4.95 -104.52 1.31
N ILE H 73 -4.18 -105.58 1.11
CA ILE H 73 -2.72 -105.50 1.11
C ILE H 73 -2.25 -104.90 -0.21
N ILE H 74 -2.93 -105.25 -1.30
CA ILE H 74 -2.77 -104.58 -2.59
C ILE H 74 -4.13 -104.07 -3.09
N GLY H 75 -4.12 -103.18 -4.07
CA GLY H 75 -5.35 -102.58 -4.59
C GLY H 75 -5.24 -102.14 -6.03
N SER H 76 -6.33 -101.56 -6.54
CA SER H 76 -6.45 -101.24 -7.96
C SER H 76 -6.56 -99.75 -8.27
N LYS H 77 -6.66 -98.91 -7.24
CA LYS H 77 -6.78 -97.46 -7.43
C LYS H 77 -5.71 -96.94 -8.40
N VAL H 78 -6.15 -96.22 -9.43
CA VAL H 78 -5.29 -95.77 -10.52
C VAL H 78 -4.04 -95.05 -10.03
N GLY H 79 -2.88 -95.64 -10.32
CA GLY H 79 -1.59 -95.03 -10.02
C GLY H 79 -1.11 -95.14 -8.58
N LYS H 80 -1.84 -95.88 -7.75
CA LYS H 80 -1.44 -96.07 -6.36
C LYS H 80 -0.47 -97.24 -6.20
N ILE H 81 0.60 -97.01 -5.45
CA ILE H 81 1.65 -98.00 -5.24
C ILE H 81 1.40 -98.81 -3.96
N TYR H 82 1.42 -100.13 -4.11
CA TYR H 82 1.36 -101.05 -2.98
C TYR H 82 2.58 -101.95 -3.01
N THR H 83 3.18 -102.21 -1.86
CA THR H 83 4.26 -103.18 -1.75
C THR H 83 3.98 -104.22 -0.68
N THR H 84 4.48 -105.44 -0.92
CA THR H 84 4.32 -106.55 0.02
C THR H 84 5.37 -107.63 -0.21
N ALA H 85 5.63 -108.40 0.84
CA ALA H 85 6.41 -109.62 0.73
C ALA H 85 5.55 -110.63 -0.03
N PHE H 86 6.17 -111.29 -1.02
CA PHE H 86 5.44 -112.20 -1.91
C PHE H 86 6.22 -113.49 -2.10
N ASP H 87 5.63 -114.59 -1.67
CA ASP H 87 6.25 -115.90 -1.82
C ASP H 87 5.80 -116.57 -3.11
N VAL H 88 6.77 -116.86 -3.98
CA VAL H 88 6.55 -117.75 -5.12
C VAL H 88 7.64 -118.82 -5.11
N GLN H 89 7.21 -120.07 -4.94
CA GLN H 89 8.10 -121.21 -4.67
C GLN H 89 8.82 -121.03 -3.32
N ASP H 90 10.14 -121.17 -3.30
CA ASP H 90 10.89 -121.14 -2.04
C ASP H 90 11.57 -119.78 -1.73
N GLN H 91 11.56 -118.87 -2.69
CA GLN H 91 12.17 -117.56 -2.50
C GLN H 91 11.12 -116.47 -2.23
N THR H 92 11.46 -115.55 -1.33
CA THR H 92 10.61 -114.42 -0.98
C THR H 92 10.97 -113.23 -1.86
N TYR H 93 9.96 -112.67 -2.53
CA TYR H 93 10.16 -111.54 -3.43
C TYR H 93 9.56 -110.25 -2.87
N ARG H 94 10.15 -109.13 -3.26
CA ARG H 94 9.55 -107.83 -3.01
C ARG H 94 8.60 -107.52 -4.15
N LEU H 95 7.30 -107.54 -3.85
CA LEU H 95 6.28 -107.27 -4.85
C LEU H 95 5.91 -105.79 -4.87
N ILE H 96 5.96 -105.19 -6.05
CA ILE H 96 5.55 -103.80 -6.24
C ILE H 96 4.32 -103.75 -7.14
N THR H 97 3.25 -103.20 -6.59
CA THR H 97 1.95 -103.15 -7.25
C THR H 97 1.56 -101.71 -7.59
N VAL H 98 1.12 -101.50 -8.82
CA VAL H 98 0.54 -100.23 -9.23
C VAL H 98 -0.88 -100.45 -9.76
N GLY H 99 -1.83 -99.69 -9.23
CA GLY H 99 -3.23 -99.81 -9.62
C GLY H 99 -3.51 -99.35 -11.03
N LEU H 100 -4.42 -100.04 -11.70
CA LEU H 100 -4.78 -99.73 -13.08
C LEU H 100 -6.22 -99.25 -13.20
N GLY H 101 -7.00 -99.44 -12.15
CA GLY H 101 -8.42 -99.10 -12.14
C GLY H 101 -9.22 -100.05 -13.02
N ASN H 102 -10.36 -99.57 -13.50
CA ASN H 102 -11.17 -100.34 -14.44
C ASN H 102 -10.53 -100.29 -15.83
N LEU H 103 -10.24 -101.47 -16.38
CA LEU H 103 -9.57 -101.58 -17.67
C LEU H 103 -10.42 -101.12 -18.85
N LYS H 104 -11.74 -101.17 -18.69
CA LYS H 104 -12.68 -100.68 -19.70
C LYS H 104 -12.57 -99.16 -19.87
N THR H 105 -12.44 -98.46 -18.74
CA THR H 105 -12.43 -97.00 -18.74
C THR H 105 -11.05 -96.43 -18.39
N ARG H 106 -10.01 -96.97 -19.03
CA ARG H 106 -8.64 -96.54 -18.78
C ARG H 106 -8.15 -95.61 -19.90
N SER H 107 -8.03 -94.32 -19.56
CA SER H 107 -7.61 -93.29 -20.51
C SER H 107 -6.09 -93.26 -20.67
N TYR H 108 -5.63 -92.45 -21.64
CA TYR H 108 -4.20 -92.24 -21.84
C TYR H 108 -3.57 -91.51 -20.65
N GLN H 109 -4.34 -90.59 -20.05
CA GLN H 109 -3.93 -89.90 -18.84
C GLN H 109 -3.66 -90.89 -17.71
N ASP H 110 -4.56 -91.87 -17.56
CA ASP H 110 -4.41 -92.94 -16.58
C ASP H 110 -3.09 -93.68 -16.78
N MET H 111 -2.77 -93.99 -18.04
CA MET H 111 -1.52 -94.69 -18.39
C MET H 111 -0.30 -93.88 -17.96
N LEU H 112 -0.35 -92.57 -18.17
CA LEU H 112 0.72 -91.66 -17.75
C LEU H 112 0.85 -91.61 -16.23
N LYS H 113 -0.29 -91.65 -15.54
CA LYS H 113 -0.33 -91.67 -14.08
C LYS H 113 0.22 -93.00 -13.54
N ILE H 114 -0.11 -94.10 -14.23
CA ILE H 114 0.33 -95.44 -13.83
C ILE H 114 1.84 -95.60 -13.94
N TRP H 115 2.38 -95.35 -15.14
CA TRP H 115 3.81 -95.46 -15.38
C TRP H 115 4.59 -94.39 -14.61
N GLY H 116 4.01 -93.20 -14.53
CA GLY H 116 4.62 -92.07 -13.83
C GLY H 116 4.92 -92.37 -12.37
N HIS H 117 3.88 -92.73 -11.62
CA HIS H 117 4.02 -93.03 -10.20
C HIS H 117 4.91 -94.25 -9.95
N LEU H 118 4.86 -95.22 -10.85
CA LEU H 118 5.66 -96.43 -10.74
C LEU H 118 7.16 -96.13 -10.84
N PHE H 119 7.57 -95.50 -11.93
CA PHE H 119 8.98 -95.19 -12.17
C PHE H 119 9.55 -94.20 -11.13
N GLN H 120 8.69 -93.32 -10.62
CA GLN H 120 9.07 -92.42 -9.54
C GLN H 120 9.37 -93.18 -8.25
N TYR H 121 8.55 -94.19 -7.96
CA TYR H 121 8.75 -95.05 -6.80
C TYR H 121 10.03 -95.87 -6.96
N ILE H 122 10.22 -96.45 -8.14
CA ILE H 122 11.41 -97.25 -8.46
C ILE H 122 12.71 -96.45 -8.22
N LYS H 123 12.73 -95.20 -8.67
CA LYS H 123 13.91 -94.36 -8.54
C LYS H 123 14.17 -93.88 -7.11
N SER H 124 13.11 -93.47 -6.41
CA SER H 124 13.24 -93.00 -5.03
C SER H 124 13.61 -94.13 -4.07
N GLU H 125 13.30 -95.36 -4.44
CA GLU H 125 13.65 -96.53 -3.63
C GLU H 125 15.00 -97.14 -4.02
N HIS H 126 15.68 -96.51 -4.98
CA HIS H 126 17.03 -96.91 -5.43
C HIS H 126 17.08 -98.38 -5.87
N ILE H 127 16.05 -98.81 -6.59
CA ILE H 127 15.98 -100.17 -7.10
C ILE H 127 16.78 -100.28 -8.39
N GLU H 128 17.69 -101.25 -8.43
CA GLU H 128 18.61 -101.41 -9.56
C GLU H 128 18.27 -102.60 -10.46
N ASP H 129 17.65 -103.62 -9.89
CA ASP H 129 17.28 -104.82 -10.63
C ASP H 129 15.89 -105.31 -10.23
N THR H 130 15.00 -105.42 -11.21
CA THR H 130 13.62 -105.88 -10.98
C THR H 130 12.99 -106.54 -12.20
N TYR H 131 12.05 -107.45 -11.94
CA TYR H 131 11.22 -108.02 -13.00
C TYR H 131 9.99 -107.16 -13.21
N LEU H 132 9.53 -107.11 -14.46
CA LEU H 132 8.31 -106.39 -14.81
C LEU H 132 7.41 -107.27 -15.66
N LEU H 133 6.26 -107.65 -15.10
CA LEU H 133 5.30 -108.50 -15.79
C LEU H 133 4.41 -107.65 -16.70
N MET H 134 4.88 -107.47 -17.93
CA MET H 134 4.26 -106.56 -18.90
C MET H 134 2.84 -106.97 -19.30
N ASP H 135 2.56 -108.27 -19.26
CA ASP H 135 1.24 -108.80 -19.62
C ASP H 135 0.11 -108.32 -18.71
N SER H 136 0.46 -107.94 -17.49
CA SER H 136 -0.51 -107.44 -16.52
C SER H 136 -0.90 -105.98 -16.78
N PHE H 137 -0.14 -105.30 -17.66
CA PHE H 137 -0.40 -103.91 -18.02
C PHE H 137 -1.19 -103.79 -19.33
N ILE H 138 -1.16 -104.85 -20.14
CA ILE H 138 -1.79 -104.86 -21.46
C ILE H 138 -3.16 -105.54 -21.40
N SER H 139 -4.17 -104.83 -21.90
CA SER H 139 -5.56 -105.31 -21.91
C SER H 139 -6.15 -105.31 -23.32
N LYS H 140 -7.30 -105.98 -23.46
CA LYS H 140 -8.00 -106.09 -24.74
C LYS H 140 -8.74 -104.79 -25.12
N TYR H 141 -8.84 -103.87 -24.16
CA TYR H 141 -9.57 -102.61 -24.36
C TYR H 141 -8.66 -101.42 -24.70
N ASP H 142 -7.35 -101.65 -24.65
CA ASP H 142 -6.36 -100.61 -24.93
C ASP H 142 -5.47 -100.99 -26.09
N GLN H 143 -4.92 -99.98 -26.76
CA GLN H 143 -3.93 -100.20 -27.81
C GLN H 143 -2.59 -100.50 -27.15
N LEU H 144 -1.98 -101.62 -27.56
CA LEU H 144 -0.67 -102.05 -27.07
C LEU H 144 0.38 -100.94 -27.21
N SER H 145 0.39 -100.30 -28.39
CA SER H 145 1.36 -99.25 -28.70
C SER H 145 1.19 -97.98 -27.86
N ASP H 146 -0.02 -97.74 -27.36
CA ASP H 146 -0.29 -96.65 -26.42
C ASP H 146 0.29 -96.91 -25.04
N VAL H 147 0.24 -98.18 -24.62
CA VAL H 147 0.76 -98.59 -23.32
C VAL H 147 2.30 -98.49 -23.29
N LEU H 148 2.93 -99.00 -24.34
CA LEU H 148 4.39 -99.00 -24.44
C LEU H 148 4.98 -97.60 -24.71
N MET H 149 4.21 -96.77 -25.40
CA MET H 149 4.57 -95.37 -25.65
C MET H 149 4.63 -94.61 -24.31
N ALA H 150 3.55 -94.73 -23.54
CA ALA H 150 3.46 -94.10 -22.23
C ALA H 150 4.55 -94.59 -21.30
N CYS H 151 4.82 -95.90 -21.36
CA CYS H 151 5.89 -96.53 -20.59
C CYS H 151 7.25 -95.89 -20.91
N GLY H 152 7.52 -95.71 -22.20
CA GLY H 152 8.78 -95.11 -22.66
C GLY H 152 8.95 -93.66 -22.26
N ILE H 153 7.91 -92.85 -22.47
CA ILE H 153 7.95 -91.43 -22.15
C ILE H 153 8.15 -91.21 -20.65
N GLN H 154 7.33 -91.86 -19.84
CA GLN H 154 7.35 -91.67 -18.39
C GLN H 154 8.62 -92.16 -17.71
N SER H 155 9.31 -93.12 -18.36
CA SER H 155 10.57 -93.63 -17.83
C SER H 155 11.65 -92.54 -17.77
N GLU H 156 11.46 -91.50 -18.59
CA GLU H 156 12.37 -90.36 -18.62
C GLU H 156 11.73 -89.10 -18.04
N ARG H 157 10.49 -88.83 -18.43
CA ARG H 157 9.81 -87.60 -18.06
C ARG H 157 9.44 -87.51 -16.58
N ALA H 158 8.92 -88.60 -16.03
CA ALA H 158 8.47 -88.64 -14.63
C ALA H 158 9.64 -88.64 -13.64
N THR H 159 10.79 -89.15 -14.09
CA THR H 159 11.95 -89.33 -13.22
C THR H 159 12.98 -88.19 -13.37
N TYR H 160 12.59 -87.14 -14.08
CA TYR H 160 13.47 -86.01 -14.35
C TYR H 160 13.81 -85.26 -13.07
N GLU H 161 15.07 -84.84 -12.97
CA GLU H 161 15.51 -83.93 -11.90
C GLU H 161 16.64 -83.01 -12.37
N PHE H 162 16.61 -81.78 -11.88
CA PHE H 162 17.63 -80.78 -12.19
C PHE H 162 18.41 -80.45 -10.92
N ASP H 163 19.42 -81.26 -10.63
CA ASP H 163 20.21 -81.13 -9.40
C ASP H 163 21.66 -80.76 -9.69
N HIS H 164 21.90 -80.14 -10.84
CA HIS H 164 23.24 -79.81 -11.31
C HIS H 164 23.93 -78.72 -10.49
N TYR H 165 23.14 -77.90 -9.81
CA TYR H 165 23.68 -76.82 -8.98
C TYR H 165 23.57 -77.11 -7.48
N LYS H 166 23.18 -78.34 -7.16
CA LYS H 166 23.16 -78.82 -5.77
C LYS H 166 24.50 -79.42 -5.40
N SER H 167 24.99 -79.08 -4.21
CA SER H 167 26.22 -79.66 -3.69
C SER H 167 25.99 -81.10 -3.25
N SER H 168 24.79 -81.38 -2.77
CA SER H 168 24.42 -82.70 -2.29
C SER H 168 23.64 -83.48 -3.35
N LYS H 169 24.16 -83.50 -4.56
CA LYS H 169 23.53 -84.28 -5.64
C LYS H 169 23.99 -85.74 -5.59
N LYS H 170 23.02 -86.65 -5.60
CA LYS H 170 23.30 -88.07 -5.57
C LYS H 170 23.78 -88.59 -6.92
N ALA H 171 24.62 -89.63 -6.89
CA ALA H 171 25.19 -90.23 -8.10
C ALA H 171 24.11 -90.92 -8.95
N PRO H 172 24.13 -90.68 -10.27
CA PRO H 172 23.16 -91.30 -11.17
C PRO H 172 23.35 -92.82 -11.28
N PHE H 173 22.25 -93.56 -11.26
CA PHE H 173 22.29 -95.02 -11.34
C PHE H 173 21.34 -95.56 -12.40
N LYS H 174 21.67 -96.74 -12.91
CA LYS H 174 20.87 -97.41 -13.93
C LYS H 174 19.95 -98.46 -13.31
N THR H 175 18.67 -98.42 -13.67
CA THR H 175 17.72 -99.43 -13.23
C THR H 175 17.47 -100.44 -14.35
N ASN H 176 17.84 -101.69 -14.10
CA ASN H 176 17.65 -102.77 -15.05
C ASN H 176 16.25 -103.35 -14.94
N LEU H 177 15.44 -103.12 -15.97
CA LEU H 177 14.07 -103.63 -16.03
C LEU H 177 14.01 -104.89 -16.90
N ASN H 178 13.83 -106.03 -16.25
CA ASN H 178 13.70 -107.31 -16.93
C ASN H 178 12.24 -107.59 -17.24
N LEU H 179 11.82 -107.27 -18.46
CA LEU H 179 10.43 -107.44 -18.89
C LEU H 179 10.10 -108.90 -19.16
N ILE H 180 8.99 -109.36 -18.59
CA ILE H 180 8.51 -110.72 -18.80
C ILE H 180 7.15 -110.67 -19.50
N SER H 181 7.12 -111.21 -20.71
CA SER H 181 5.89 -111.29 -21.49
C SER H 181 5.79 -112.63 -22.20
N GLU H 182 4.59 -113.18 -22.23
CA GLU H 182 4.34 -114.50 -22.80
C GLU H 182 4.25 -114.43 -24.32
N SER H 183 3.84 -113.27 -24.83
CA SER H 183 3.69 -113.07 -26.27
C SER H 183 3.99 -111.62 -26.66
N LEU H 184 5.26 -111.26 -26.59
CA LEU H 184 5.72 -109.93 -26.98
C LEU H 184 7.18 -109.99 -27.42
N ILE H 185 7.48 -109.32 -28.53
CA ILE H 185 8.80 -109.39 -29.15
C ILE H 185 9.31 -107.98 -29.49
N GLU H 186 8.41 -107.14 -30.01
CA GLU H 186 8.71 -105.76 -30.39
C GLU H 186 8.89 -104.85 -29.18
N LEU H 187 10.05 -104.21 -29.10
CA LEU H 187 10.39 -103.32 -28.00
C LEU H 187 10.51 -101.88 -28.48
N ASP H 188 10.35 -101.69 -29.79
CA ASP H 188 10.58 -100.40 -30.46
C ASP H 188 9.68 -99.26 -30.00
N PHE H 189 8.47 -99.60 -29.54
CA PHE H 189 7.50 -98.60 -29.07
C PHE H 189 7.93 -97.94 -27.75
N ILE H 190 8.72 -98.66 -26.96
CA ILE H 190 9.27 -98.12 -25.72
C ILE H 190 10.45 -97.18 -26.04
N HIS H 191 11.35 -97.63 -26.92
CA HIS H 191 12.51 -96.84 -27.34
C HIS H 191 12.09 -95.55 -28.03
N GLU H 192 10.92 -95.59 -28.69
CA GLU H 192 10.32 -94.42 -29.31
C GLU H 192 9.86 -93.42 -28.24
N GLY H 193 9.28 -93.96 -27.16
CA GLY H 193 8.83 -93.14 -26.03
C GLY H 193 9.97 -92.50 -25.27
N ILE H 194 11.05 -93.27 -25.10
CA ILE H 194 12.26 -92.80 -24.40
C ILE H 194 12.88 -91.57 -25.08
N SER H 195 12.99 -91.64 -26.40
CA SER H 195 13.59 -90.54 -27.18
C SER H 195 12.72 -89.28 -27.16
N ILE H 196 11.41 -89.45 -27.07
CA ILE H 196 10.48 -88.33 -26.90
C ILE H 196 10.63 -87.74 -25.50
N GLY H 197 10.66 -88.61 -24.49
CA GLY H 197 10.86 -88.20 -23.10
C GLY H 197 12.16 -87.45 -22.88
N GLN H 198 13.23 -87.93 -23.51
CA GLN H 198 14.54 -87.29 -23.43
C GLN H 198 14.59 -85.95 -24.15
N SER H 199 13.73 -85.80 -25.17
CA SER H 199 13.60 -84.54 -25.87
C SER H 199 12.89 -83.49 -25.01
N ILE H 200 11.90 -83.96 -24.23
CA ILE H 200 11.18 -83.11 -23.27
C ILE H 200 12.13 -82.65 -22.17
N ASN H 201 12.96 -83.57 -21.69
CA ASN H 201 13.95 -83.26 -20.65
C ASN H 201 15.05 -82.32 -21.13
N LEU H 202 15.39 -82.40 -22.43
CA LEU H 202 16.35 -81.49 -23.03
C LEU H 202 15.82 -80.05 -23.01
N ALA H 203 14.54 -79.89 -23.34
CA ALA H 203 13.86 -78.60 -23.27
C ALA H 203 13.81 -78.10 -21.82
N ARG H 204 13.51 -79.01 -20.89
CA ARG H 204 13.47 -78.70 -19.46
C ARG H 204 14.81 -78.20 -18.94
N ASP H 205 15.89 -78.83 -19.41
CA ASP H 205 17.25 -78.46 -18.98
C ASP H 205 17.59 -77.03 -19.36
N PHE H 206 17.24 -76.64 -20.58
CA PHE H 206 17.43 -75.26 -21.04
C PHE H 206 16.59 -74.27 -20.23
N SER H 207 15.37 -74.67 -19.91
CA SER H 207 14.44 -73.82 -19.17
C SER H 207 14.86 -73.63 -17.72
N ASN H 208 15.32 -74.71 -17.09
CA ASN H 208 15.74 -74.68 -15.68
C ASN H 208 17.06 -73.94 -15.46
N MET H 209 17.84 -73.79 -16.53
CA MET H 209 19.13 -73.13 -16.47
C MET H 209 19.00 -71.70 -15.94
N PRO H 210 19.88 -71.30 -15.00
CA PRO H 210 19.88 -69.95 -14.45
C PRO H 210 20.20 -68.91 -15.53
N PRO H 211 19.53 -67.74 -15.50
CA PRO H 211 19.67 -66.72 -16.53
C PRO H 211 21.06 -66.08 -16.60
N ASN H 212 21.80 -66.12 -15.49
CA ASN H 212 23.19 -65.63 -15.50
C ASN H 212 24.16 -66.65 -16.12
N VAL H 213 23.68 -67.86 -16.33
CA VAL H 213 24.45 -68.91 -17.02
C VAL H 213 23.99 -69.04 -18.47
N LEU H 214 22.68 -69.20 -18.68
CA LEU H 214 22.12 -69.30 -20.03
C LEU H 214 21.72 -67.93 -20.58
N THR H 215 22.66 -67.32 -21.31
CA THR H 215 22.44 -66.07 -22.02
C THR H 215 22.12 -66.40 -23.48
N PRO H 216 21.62 -65.42 -24.27
CA PRO H 216 21.36 -65.69 -25.69
C PRO H 216 22.56 -66.32 -26.42
N GLN H 217 23.77 -65.85 -26.13
CA GLN H 217 24.98 -66.37 -26.75
C GLN H 217 25.24 -67.83 -26.38
N THR H 218 25.25 -68.13 -25.09
CA THR H 218 25.51 -69.49 -24.60
C THR H 218 24.40 -70.45 -24.98
N PHE H 219 23.18 -69.94 -25.07
CA PHE H 219 22.03 -70.72 -25.53
C PHE H 219 22.25 -71.17 -26.98
N ALA H 220 22.67 -70.22 -27.82
CA ALA H 220 22.99 -70.51 -29.22
C ALA H 220 24.15 -71.51 -29.33
N GLU H 221 25.20 -71.28 -28.55
CA GLU H 221 26.38 -72.15 -28.53
C GLU H 221 26.05 -73.58 -28.10
N ASP H 222 25.15 -73.72 -27.12
CA ASP H 222 24.71 -75.02 -26.63
C ASP H 222 23.92 -75.80 -27.69
N ILE H 223 23.11 -75.10 -28.47
CA ILE H 223 22.33 -75.69 -29.55
C ILE H 223 23.25 -76.20 -30.67
N VAL H 224 24.26 -75.39 -31.02
CA VAL H 224 25.28 -75.77 -32.00
C VAL H 224 25.99 -77.06 -31.58
N ASN H 225 26.49 -77.07 -30.35
CA ASN H 225 27.22 -78.21 -29.81
C ASN H 225 26.39 -79.48 -29.69
N HIS H 226 25.11 -79.32 -29.39
CA HIS H 226 24.20 -80.45 -29.25
C HIS H 226 23.94 -81.16 -30.58
N PHE H 227 23.71 -80.38 -31.63
CA PHE H 227 23.42 -80.94 -32.95
C PHE H 227 24.65 -81.11 -33.84
N LYS H 228 25.83 -80.96 -33.25
CA LYS H 228 27.09 -80.92 -33.99
C LYS H 228 27.34 -82.16 -34.86
N ASN H 229 27.11 -83.34 -34.30
CA ASN H 229 27.35 -84.59 -35.03
C ASN H 229 26.07 -85.27 -35.55
N THR H 230 25.02 -84.47 -35.74
CA THR H 230 23.73 -85.00 -36.19
C THR H 230 23.37 -84.55 -37.60
N LYS H 231 22.21 -84.99 -38.07
CA LYS H 231 21.66 -84.62 -39.36
C LYS H 231 21.14 -83.16 -39.35
N VAL H 232 21.00 -82.60 -38.14
CA VAL H 232 20.43 -81.27 -37.94
C VAL H 232 21.49 -80.17 -38.11
N LYS H 233 21.22 -79.23 -39.01
CA LYS H 233 22.11 -78.08 -39.25
C LYS H 233 21.68 -76.88 -38.40
N VAL H 234 22.66 -76.17 -37.86
CA VAL H 234 22.41 -75.00 -37.03
C VAL H 234 23.20 -73.79 -37.53
N ASP H 235 22.50 -72.69 -37.77
CA ASP H 235 23.12 -71.42 -38.13
C ASP H 235 22.84 -70.36 -37.06
N VAL H 236 23.89 -69.69 -36.61
CA VAL H 236 23.77 -68.65 -35.60
C VAL H 236 24.09 -67.28 -36.17
N LYS H 237 23.15 -66.35 -35.99
CA LYS H 237 23.29 -64.98 -36.47
C LYS H 237 23.65 -64.10 -35.27
N ASP H 238 24.90 -63.62 -35.24
CA ASP H 238 25.36 -62.79 -34.12
C ASP H 238 24.84 -61.35 -34.19
N TYR H 239 25.13 -60.57 -33.14
CA TYR H 239 24.54 -59.23 -32.98
C TYR H 239 24.77 -58.28 -34.15
N ASP H 240 25.99 -58.24 -34.65
CA ASP H 240 26.32 -57.35 -35.76
C ASP H 240 25.64 -57.77 -37.06
N THR H 241 25.47 -59.09 -37.24
CA THR H 241 24.78 -59.62 -38.42
C THR H 241 23.29 -59.30 -38.34
N LEU H 242 22.74 -59.34 -37.13
CA LEU H 242 21.34 -58.98 -36.89
C LEU H 242 21.04 -57.55 -37.36
N VAL H 243 21.83 -56.59 -36.88
CA VAL H 243 21.55 -55.18 -37.10
C VAL H 243 21.70 -54.76 -38.55
N SER H 244 22.68 -55.35 -39.24
CA SER H 244 22.95 -55.02 -40.64
C SER H 244 21.96 -55.70 -41.59
N GLU H 245 21.39 -56.81 -41.15
CA GLU H 245 20.35 -57.50 -41.93
C GLU H 245 18.95 -56.96 -41.64
N GLY H 246 18.85 -56.04 -40.68
CA GLY H 246 17.63 -55.29 -40.42
C GLY H 246 16.64 -55.92 -39.45
N PHE H 247 17.15 -56.73 -38.52
CA PHE H 247 16.31 -57.32 -37.47
C PHE H 247 16.05 -56.29 -36.37
N GLY H 248 15.35 -55.22 -36.75
CA GLY H 248 15.15 -54.05 -35.89
C GLY H 248 14.47 -54.28 -34.56
N LEU H 249 13.44 -55.12 -34.56
CA LEU H 249 12.69 -55.40 -33.33
C LEU H 249 13.46 -56.26 -32.35
N LEU H 250 14.14 -57.28 -32.87
CA LEU H 250 15.00 -58.13 -32.04
C LEU H 250 16.17 -57.33 -31.45
N GLN H 251 16.71 -56.41 -32.25
CA GLN H 251 17.76 -55.49 -31.79
C GLN H 251 17.25 -54.60 -30.65
N ALA H 252 16.06 -54.04 -30.85
CA ALA H 252 15.45 -53.13 -29.87
C ALA H 252 15.24 -53.78 -28.51
N VAL H 253 14.78 -55.03 -28.51
CA VAL H 253 14.48 -55.75 -27.28
C VAL H 253 15.76 -56.12 -26.51
N GLY H 254 16.79 -56.54 -27.24
CA GLY H 254 17.98 -57.09 -26.61
C GLY H 254 19.16 -56.17 -26.39
N LYS H 255 19.08 -54.93 -26.89
CA LYS H 255 20.20 -53.98 -26.81
C LYS H 255 20.52 -53.50 -25.39
N GLY H 256 19.56 -53.61 -24.48
CA GLY H 256 19.73 -53.15 -23.11
C GLY H 256 20.53 -54.07 -22.21
N SER H 257 20.87 -55.26 -22.72
CA SER H 257 21.63 -56.24 -21.96
C SER H 257 23.10 -56.24 -22.37
N LYS H 258 23.97 -56.68 -21.47
CA LYS H 258 25.38 -56.90 -21.79
C LYS H 258 25.51 -58.05 -22.79
N HIS H 259 24.64 -59.05 -22.62
CA HIS H 259 24.59 -60.21 -23.50
C HIS H 259 23.60 -59.95 -24.64
N LYS H 260 24.15 -59.58 -25.80
CA LYS H 260 23.36 -59.16 -26.95
C LYS H 260 22.56 -60.30 -27.58
N PRO H 261 21.46 -59.98 -28.29
CA PRO H 261 20.57 -60.97 -28.88
C PRO H 261 21.21 -61.88 -29.94
N ARG H 262 20.56 -63.00 -30.22
CA ARG H 262 20.98 -63.94 -31.25
C ARG H 262 19.77 -64.45 -32.02
N LEU H 263 19.97 -64.80 -33.29
CA LEU H 263 18.95 -65.54 -34.05
C LEU H 263 19.51 -66.90 -34.43
N VAL H 264 18.79 -67.95 -34.03
CA VAL H 264 19.22 -69.32 -34.29
C VAL H 264 18.30 -69.97 -35.31
N THR H 265 18.89 -70.42 -36.42
CA THR H 265 18.17 -71.14 -37.46
C THR H 265 18.55 -72.62 -37.41
N ILE H 266 17.52 -73.47 -37.30
CA ILE H 266 17.70 -74.91 -37.20
C ILE H 266 16.96 -75.59 -38.35
N THR H 267 17.71 -76.29 -39.20
CA THR H 267 17.10 -77.00 -40.33
C THR H 267 17.25 -78.52 -40.20
N TYR H 268 16.15 -79.23 -40.47
CA TYR H 268 16.15 -80.68 -40.52
C TYR H 268 15.39 -81.13 -41.76
N ASN H 269 16.11 -81.81 -42.67
CA ASN H 269 15.53 -82.31 -43.90
C ASN H 269 15.31 -83.82 -43.84
N GLY H 270 14.14 -84.21 -43.32
CA GLY H 270 13.83 -85.61 -43.07
C GLY H 270 13.31 -86.40 -44.26
N LYS H 271 12.92 -85.70 -45.32
CA LYS H 271 12.42 -86.39 -46.51
C LYS H 271 13.15 -86.01 -47.81
N ASP H 272 13.37 -84.72 -48.05
CA ASP H 272 14.20 -84.30 -49.20
C ASP H 272 14.75 -82.87 -49.10
N LYS H 273 15.43 -82.45 -50.17
CA LYS H 273 16.05 -81.12 -50.24
C LYS H 273 15.06 -80.09 -50.79
N ASP H 274 14.13 -80.55 -51.64
CA ASP H 274 13.22 -79.66 -52.36
C ASP H 274 11.73 -79.93 -52.04
N GLU H 275 11.30 -79.48 -50.86
CA GLU H 275 9.88 -79.51 -50.47
C GLU H 275 9.63 -78.57 -49.30
N ALA H 276 8.55 -77.81 -49.41
CA ALA H 276 8.17 -76.78 -48.42
C ALA H 276 8.24 -77.28 -46.98
N PRO H 277 9.10 -76.65 -46.15
CA PRO H 277 9.30 -77.09 -44.78
C PRO H 277 8.19 -76.63 -43.84
N ILE H 278 8.18 -77.18 -42.63
CA ILE H 278 7.29 -76.71 -41.57
C ILE H 278 8.08 -75.76 -40.69
N ALA H 279 7.60 -74.53 -40.57
CA ALA H 279 8.27 -73.52 -39.76
C ALA H 279 7.84 -73.58 -38.31
N LEU H 280 8.81 -73.73 -37.42
CA LEU H 280 8.58 -73.71 -35.98
C LEU H 280 9.34 -72.55 -35.36
N VAL H 281 8.60 -71.55 -34.89
CA VAL H 281 9.17 -70.33 -34.33
C VAL H 281 9.06 -70.33 -32.81
N GLY H 282 10.16 -69.99 -32.13
CA GLY H 282 10.18 -69.99 -30.67
C GLY H 282 10.68 -68.70 -30.06
N LYS H 283 9.98 -68.25 -29.02
CA LYS H 283 10.38 -67.08 -28.24
C LYS H 283 11.49 -67.47 -27.28
N GLY H 284 12.67 -66.89 -27.49
CA GLY H 284 13.84 -67.22 -26.68
C GLY H 284 14.33 -66.11 -25.78
N ILE H 285 13.42 -65.48 -25.05
CA ILE H 285 13.80 -64.46 -24.08
C ILE H 285 14.39 -65.14 -22.83
N THR H 286 15.72 -65.13 -22.74
CA THR H 286 16.44 -65.82 -21.68
C THR H 286 16.14 -65.24 -20.29
N TYR H 287 15.89 -63.93 -20.25
CA TYR H 287 15.36 -63.28 -19.06
C TYR H 287 14.54 -62.04 -19.39
N ASP H 288 13.40 -61.91 -18.72
CA ASP H 288 12.51 -60.77 -18.93
C ASP H 288 12.30 -60.00 -17.63
N SER H 289 12.92 -58.83 -17.54
CA SER H 289 12.72 -57.92 -16.41
C SER H 289 11.53 -56.99 -16.68
N GLY H 290 11.12 -56.94 -17.95
CA GLY H 290 10.04 -56.07 -18.39
C GLY H 290 10.55 -54.81 -19.05
N GLY H 291 11.85 -54.56 -18.93
CA GLY H 291 12.47 -53.33 -19.42
C GLY H 291 12.05 -52.16 -18.56
N TYR H 292 11.96 -50.98 -19.14
CA TYR H 292 11.52 -49.79 -18.41
C TYR H 292 10.09 -49.90 -17.90
N SER H 293 9.29 -50.73 -18.56
CA SER H 293 7.99 -51.13 -18.03
C SER H 293 8.23 -52.29 -17.06
N ILE H 294 8.91 -51.98 -15.96
CA ILE H 294 9.46 -52.96 -15.02
C ILE H 294 8.38 -53.80 -14.32
N LYS H 295 8.69 -55.07 -14.11
CA LYS H 295 7.81 -55.99 -13.39
C LYS H 295 7.88 -55.76 -11.89
N THR H 296 6.86 -56.22 -11.17
CA THR H 296 6.85 -56.18 -9.71
C THR H 296 7.79 -57.25 -9.13
N LYS H 297 7.98 -57.23 -7.81
CA LYS H 297 8.85 -58.21 -7.13
C LYS H 297 8.46 -59.65 -7.46
N ASN H 298 7.19 -60.00 -7.21
CA ASN H 298 6.67 -61.33 -7.52
C ASN H 298 6.57 -61.60 -9.02
N GLY H 299 6.52 -60.53 -9.81
CA GLY H 299 6.44 -60.62 -11.26
C GLY H 299 7.70 -61.15 -11.93
N MET H 300 8.86 -60.81 -11.37
CA MET H 300 10.16 -61.22 -11.93
C MET H 300 10.56 -62.65 -11.56
N ALA H 301 9.97 -63.18 -10.49
CA ALA H 301 10.19 -64.56 -10.08
C ALA H 301 9.87 -65.50 -11.23
N THR H 302 10.74 -66.50 -11.42
CA THR H 302 10.59 -67.54 -12.46
C THR H 302 10.56 -67.00 -13.90
N MET H 303 11.21 -65.86 -14.14
CA MET H 303 11.26 -65.27 -15.48
C MET H 303 12.38 -65.82 -16.37
N LYS H 304 13.14 -66.78 -15.84
CA LYS H 304 14.10 -67.53 -16.65
C LYS H 304 13.34 -68.49 -17.58
N PHE H 305 12.07 -68.71 -17.26
CA PHE H 305 11.20 -69.58 -18.05
C PHE H 305 10.55 -68.87 -19.24
N ASP H 306 11.01 -67.65 -19.53
CA ASP H 306 10.44 -66.86 -20.62
C ASP H 306 11.01 -67.28 -21.98
N MET H 307 11.86 -68.31 -21.96
CA MET H 307 12.42 -68.88 -23.19
C MET H 307 11.98 -70.33 -23.41
N CYS H 308 10.97 -70.77 -22.64
CA CYS H 308 10.39 -72.11 -22.78
C CYS H 308 9.96 -72.41 -24.21
N GLY H 309 9.39 -71.41 -24.89
CA GLY H 309 8.97 -71.55 -26.28
C GLY H 309 10.10 -71.99 -27.19
N ALA H 310 11.25 -71.33 -27.07
CA ALA H 310 12.43 -71.69 -27.85
C ALA H 310 12.95 -73.08 -27.47
N ALA H 311 12.97 -73.35 -26.16
CA ALA H 311 13.44 -74.63 -25.65
C ALA H 311 12.60 -75.79 -26.17
N ASN H 312 11.28 -75.59 -26.19
CA ASN H 312 10.35 -76.62 -26.66
C ASN H 312 10.42 -76.88 -28.16
N VAL H 313 10.76 -75.84 -28.93
CA VAL H 313 11.02 -75.99 -30.37
C VAL H 313 12.25 -76.89 -30.59
N VAL H 314 13.31 -76.63 -29.84
CA VAL H 314 14.52 -77.46 -29.88
C VAL H 314 14.18 -78.91 -29.53
N GLY H 315 13.34 -79.10 -28.53
CA GLY H 315 12.87 -80.42 -28.13
C GLY H 315 12.11 -81.16 -29.23
N ILE H 316 11.21 -80.44 -29.89
CA ILE H 316 10.41 -80.99 -31.00
C ILE H 316 11.30 -81.46 -32.14
N ILE H 317 12.26 -80.62 -32.53
CA ILE H 317 13.21 -80.95 -33.60
C ILE H 317 14.13 -82.11 -33.19
N GLU H 318 14.54 -82.12 -31.92
CA GLU H 318 15.33 -83.22 -31.35
C GLU H 318 14.60 -84.56 -31.47
N ALA H 319 13.31 -84.54 -31.16
CA ALA H 319 12.47 -85.74 -31.23
C ALA H 319 12.27 -86.18 -32.67
N ALA H 320 11.98 -85.23 -33.56
CA ALA H 320 11.74 -85.52 -34.97
C ALA H 320 12.96 -86.14 -35.65
N SER H 321 14.14 -85.65 -35.30
CA SER H 321 15.39 -86.13 -35.90
C SER H 321 15.79 -87.51 -35.39
N ARG H 322 15.62 -87.75 -34.09
CA ARG H 322 15.91 -89.05 -33.48
C ARG H 322 14.92 -90.13 -33.90
N LEU H 323 13.69 -89.73 -34.20
CA LEU H 323 12.69 -90.65 -34.73
C LEU H 323 12.81 -90.80 -36.25
N GLN H 324 13.69 -89.98 -36.85
CA GLN H 324 13.93 -89.97 -38.29
C GLN H 324 12.64 -89.84 -39.10
N LEU H 325 11.82 -88.85 -38.72
CA LEU H 325 10.54 -88.60 -39.35
C LEU H 325 10.72 -88.01 -40.75
N PRO H 326 9.93 -88.49 -41.73
CA PRO H 326 10.02 -87.97 -43.10
C PRO H 326 9.35 -86.59 -43.24
N VAL H 327 9.89 -85.59 -42.54
CA VAL H 327 9.39 -84.22 -42.60
C VAL H 327 10.53 -83.22 -42.70
N ASN H 328 10.28 -82.11 -43.39
CA ASN H 328 11.22 -80.99 -43.44
C ASN H 328 10.80 -79.92 -42.44
N ILE H 329 11.74 -79.56 -41.56
CA ILE H 329 11.48 -78.57 -40.53
C ILE H 329 12.53 -77.45 -40.56
N VAL H 330 12.06 -76.21 -40.49
CA VAL H 330 12.93 -75.08 -40.23
C VAL H 330 12.53 -74.42 -38.90
N GLY H 331 13.49 -74.34 -37.98
CA GLY H 331 13.25 -73.76 -36.67
C GLY H 331 13.93 -72.42 -36.55
N VAL H 332 13.17 -71.41 -36.13
CA VAL H 332 13.71 -70.06 -35.94
C VAL H 332 13.53 -69.63 -34.48
N LEU H 333 14.64 -69.29 -33.83
CA LEU H 333 14.62 -68.87 -32.43
C LEU H 333 15.12 -67.45 -32.29
N ALA H 334 14.27 -66.59 -31.74
CA ALA H 334 14.63 -65.21 -31.46
C ALA H 334 15.05 -65.09 -29.99
N CYS H 335 16.36 -64.97 -29.77
CA CYS H 335 16.92 -64.97 -28.43
C CYS H 335 17.40 -63.59 -28.02
N ALA H 336 16.96 -63.14 -26.84
CA ALA H 336 17.34 -61.84 -26.30
C ALA H 336 17.15 -61.81 -24.78
N GLU H 337 17.73 -60.79 -24.14
CA GLU H 337 17.55 -60.58 -22.70
C GLU H 337 16.99 -59.17 -22.49
N ASN H 338 15.77 -59.10 -21.94
CA ASN H 338 15.07 -57.83 -21.75
C ASN H 338 15.50 -57.12 -20.47
N MET H 339 16.43 -56.16 -20.61
CA MET H 339 17.07 -55.51 -19.47
C MET H 339 16.97 -53.98 -19.51
N ILE H 340 17.29 -53.34 -18.39
CA ILE H 340 17.30 -51.87 -18.28
C ILE H 340 18.74 -51.36 -18.26
N ASN H 341 19.02 -50.38 -19.12
CA ASN H 341 20.28 -49.64 -19.07
C ASN H 341 20.17 -48.25 -19.70
N GLU H 342 21.29 -47.57 -19.87
CA GLU H 342 21.36 -46.21 -20.41
C GLU H 342 20.75 -46.03 -21.81
N ALA H 343 20.63 -47.12 -22.55
CA ALA H 343 20.18 -47.06 -23.94
C ALA H 343 19.16 -48.13 -24.35
N SER H 344 18.50 -48.73 -23.36
CA SER H 344 17.48 -49.76 -23.63
C SER H 344 16.18 -49.13 -24.15
N MET H 345 15.31 -49.98 -24.72
CA MET H 345 14.06 -49.51 -25.31
C MET H 345 13.11 -48.90 -24.29
N LYS H 346 12.35 -47.90 -24.73
CA LYS H 346 11.45 -47.14 -23.86
C LYS H 346 10.08 -47.02 -24.53
N PRO H 347 9.00 -46.86 -23.74
CA PRO H 347 7.71 -46.50 -24.32
C PRO H 347 7.82 -45.20 -25.13
N ASP H 348 7.20 -45.19 -26.31
CA ASP H 348 7.26 -44.08 -27.30
C ASP H 348 8.29 -44.30 -28.40
N ASP H 349 9.23 -45.22 -28.17
CA ASP H 349 10.24 -45.56 -29.18
C ASP H 349 9.61 -46.12 -30.44
N VAL H 350 10.13 -45.73 -31.59
CA VAL H 350 9.69 -46.25 -32.87
C VAL H 350 10.84 -46.97 -33.57
N PHE H 351 10.60 -48.22 -33.96
CA PHE H 351 11.61 -49.04 -34.63
C PHE H 351 11.13 -49.57 -35.98
N THR H 352 12.07 -49.92 -36.83
CA THR H 352 11.76 -50.53 -38.12
C THR H 352 11.94 -52.04 -38.06
N ALA H 353 10.85 -52.76 -38.28
CA ALA H 353 10.85 -54.22 -38.26
C ALA H 353 11.60 -54.80 -39.46
N LEU H 354 11.85 -56.10 -39.44
CA LEU H 354 12.45 -56.80 -40.58
C LEU H 354 11.56 -56.69 -41.82
N SER H 355 10.25 -56.62 -41.58
CA SER H 355 9.27 -56.45 -42.66
C SER H 355 9.37 -55.10 -43.35
N GLY H 356 9.99 -54.13 -42.68
CA GLY H 356 10.11 -52.77 -43.19
C GLY H 356 9.08 -51.84 -42.58
N GLU H 357 8.14 -52.41 -41.85
CA GLU H 357 7.09 -51.65 -41.16
C GLU H 357 7.61 -51.02 -39.89
N THR H 358 7.06 -49.85 -39.54
CA THR H 358 7.44 -49.14 -38.32
C THR H 358 6.54 -49.56 -37.17
N VAL H 359 7.15 -49.76 -36.00
CA VAL H 359 6.44 -50.20 -34.80
C VAL H 359 6.70 -49.25 -33.65
N GLU H 360 5.62 -48.70 -33.09
CA GLU H 360 5.71 -47.89 -31.88
C GLU H 360 5.60 -48.80 -30.67
N VAL H 361 6.58 -48.73 -29.78
CA VAL H 361 6.60 -49.53 -28.55
C VAL H 361 5.99 -48.70 -27.43
N MET H 362 4.86 -49.15 -26.90
CA MET H 362 4.18 -48.45 -25.80
C MET H 362 4.31 -49.19 -24.47
N ASN H 363 4.77 -50.44 -24.55
CA ASN H 363 4.98 -51.28 -23.37
C ASN H 363 6.16 -52.22 -23.62
N THR H 364 7.25 -52.01 -22.89
CA THR H 364 8.47 -52.79 -23.07
C THR H 364 8.35 -54.21 -22.50
N ASP H 365 7.31 -54.46 -21.71
CA ASP H 365 7.02 -55.78 -21.18
C ASP H 365 6.28 -56.66 -22.21
N ALA H 366 5.83 -56.02 -23.30
CA ALA H 366 5.29 -56.74 -24.45
C ALA H 366 6.41 -57.00 -25.45
N GLU H 367 7.49 -57.60 -24.96
CA GLU H 367 8.70 -57.81 -25.74
C GLU H 367 8.63 -59.06 -26.61
N GLY H 368 7.82 -60.04 -26.19
CA GLY H 368 7.72 -61.32 -26.88
C GLY H 368 7.19 -61.21 -28.29
N ARG H 369 6.09 -60.47 -28.46
CA ARG H 369 5.48 -60.26 -29.77
C ARG H 369 6.41 -59.53 -30.74
N LEU H 370 7.32 -58.73 -30.19
CA LEU H 370 8.29 -58.00 -31.00
C LEU H 370 9.34 -58.93 -31.61
N VAL H 371 9.94 -59.78 -30.79
CA VAL H 371 10.96 -60.71 -31.28
C VAL H 371 10.37 -61.80 -32.18
N LEU H 372 9.13 -62.20 -31.90
CA LEU H 372 8.42 -63.16 -32.71
C LEU H 372 8.11 -62.60 -34.09
N ALA H 373 7.77 -61.31 -34.14
CA ALA H 373 7.46 -60.62 -35.40
C ALA H 373 8.61 -60.70 -36.40
N ASP H 374 9.82 -60.41 -35.94
CA ASP H 374 11.01 -60.50 -36.77
C ASP H 374 11.32 -61.94 -37.16
N ALA H 375 11.11 -62.86 -36.21
CA ALA H 375 11.36 -64.28 -36.44
C ALA H 375 10.36 -64.91 -37.43
N VAL H 376 9.09 -64.56 -37.28
CA VAL H 376 8.02 -65.06 -38.16
C VAL H 376 8.23 -64.58 -39.60
N PHE H 377 8.55 -63.29 -39.77
CA PHE H 377 8.81 -62.74 -41.09
C PHE H 377 10.01 -63.43 -41.75
N TYR H 378 11.05 -63.69 -40.95
CA TYR H 378 12.24 -64.41 -41.42
C TYR H 378 11.92 -65.86 -41.79
N ALA H 379 11.07 -66.50 -40.99
CA ALA H 379 10.66 -67.87 -41.26
C ALA H 379 9.88 -68.01 -42.56
N ASN H 380 9.10 -66.97 -42.88
CA ASN H 380 8.26 -66.97 -44.07
C ASN H 380 9.05 -66.87 -45.38
N GLN H 381 10.30 -66.42 -45.28
CA GLN H 381 11.22 -66.34 -46.41
C GLN H 381 11.52 -67.73 -46.96
N TYR H 382 11.49 -68.73 -46.09
CA TYR H 382 11.70 -70.12 -46.46
C TYR H 382 10.49 -70.73 -47.18
N GLN H 383 9.43 -69.94 -47.31
CA GLN H 383 8.16 -70.34 -47.93
C GLN H 383 7.62 -71.66 -47.35
N PRO H 384 7.24 -71.65 -46.06
CA PRO H 384 6.77 -72.86 -45.41
C PRO H 384 5.31 -73.14 -45.74
N SER H 385 4.89 -74.39 -45.55
CA SER H 385 3.49 -74.78 -45.73
C SER H 385 2.65 -74.27 -44.56
N VAL H 386 3.27 -74.20 -43.39
CA VAL H 386 2.63 -73.70 -42.17
C VAL H 386 3.67 -73.11 -41.22
N ILE H 387 3.27 -72.07 -40.49
CA ILE H 387 4.12 -71.49 -39.45
C ILE H 387 3.46 -71.71 -38.09
N MET H 388 4.22 -72.28 -37.16
CA MET H 388 3.76 -72.47 -35.79
C MET H 388 4.73 -71.81 -34.84
N ASP H 389 4.23 -70.87 -34.04
CA ASP H 389 5.06 -70.21 -33.03
C ASP H 389 4.66 -70.62 -31.61
N PHE H 390 5.65 -70.70 -30.74
CA PHE H 390 5.46 -71.13 -29.36
C PHE H 390 6.07 -70.10 -28.43
N ALA H 391 5.25 -69.54 -27.54
CA ALA H 391 5.70 -68.44 -26.69
C ALA H 391 4.92 -68.35 -25.38
N THR H 392 5.63 -67.97 -24.32
CA THR H 392 5.01 -67.57 -23.06
C THR H 392 4.75 -66.06 -23.12
N LEU H 393 3.65 -65.68 -23.78
CA LEU H 393 3.39 -64.28 -24.09
C LEU H 393 2.64 -63.51 -23.02
N THR H 394 1.37 -63.85 -22.83
CA THR H 394 0.42 -62.96 -22.17
C THR H 394 -0.08 -63.48 -20.83
N GLY H 395 -0.19 -62.57 -19.86
CA GLY H 395 -0.87 -62.88 -18.60
C GLY H 395 -2.36 -63.04 -18.80
N ALA H 396 -2.91 -62.34 -19.78
CA ALA H 396 -4.34 -62.40 -20.09
C ALA H 396 -4.80 -63.79 -20.54
N ALA H 397 -3.90 -64.53 -21.20
CA ALA H 397 -4.19 -65.90 -21.62
C ALA H 397 -4.38 -66.81 -20.41
N ILE H 398 -3.59 -66.58 -19.36
CA ILE H 398 -3.73 -67.31 -18.10
C ILE H 398 -5.05 -66.95 -17.42
N VAL H 399 -5.40 -65.66 -17.42
CA VAL H 399 -6.66 -65.19 -16.84
C VAL H 399 -7.84 -65.82 -17.60
N ALA H 400 -7.68 -65.97 -18.91
CA ALA H 400 -8.71 -66.52 -19.79
C ALA H 400 -8.99 -68.00 -19.54
N LEU H 401 -7.96 -68.83 -19.63
CA LEU H 401 -8.13 -70.28 -19.64
C LEU H 401 -7.62 -70.99 -18.39
N GLY H 402 -6.99 -70.25 -17.48
CA GLY H 402 -6.37 -70.85 -16.30
C GLY H 402 -4.91 -71.19 -16.56
N ASP H 403 -4.23 -71.60 -15.51
CA ASP H 403 -2.78 -71.85 -15.57
C ASP H 403 -2.40 -73.16 -16.28
N ASP H 404 -3.36 -74.07 -16.44
CA ASP H 404 -3.07 -75.42 -16.91
C ASP H 404 -3.46 -75.70 -18.37
N LYS H 405 -3.95 -74.66 -19.06
CA LYS H 405 -4.40 -74.79 -20.45
C LYS H 405 -3.68 -73.81 -21.35
N ALA H 406 -3.43 -74.22 -22.60
CA ALA H 406 -2.77 -73.36 -23.57
C ALA H 406 -3.79 -72.68 -24.49
N ALA H 407 -3.45 -71.47 -24.93
CA ALA H 407 -4.30 -70.72 -25.85
C ALA H 407 -3.76 -70.84 -27.28
N ALA H 408 -4.61 -71.27 -28.19
CA ALA H 408 -4.24 -71.41 -29.60
C ALA H 408 -5.02 -70.44 -30.48
N PHE H 409 -4.31 -69.83 -31.44
CA PHE H 409 -4.90 -68.87 -32.37
C PHE H 409 -4.55 -69.28 -33.81
N GLU H 410 -5.56 -69.29 -34.69
CA GLU H 410 -5.31 -69.60 -36.09
C GLU H 410 -5.45 -68.38 -36.99
N SER H 411 -4.62 -68.37 -38.03
CA SER H 411 -4.67 -67.34 -39.05
C SER H 411 -4.41 -68.02 -40.39
N ASN H 412 -5.47 -68.19 -41.18
CA ASN H 412 -5.42 -68.94 -42.45
C ASN H 412 -5.04 -70.41 -42.29
N SER H 413 -5.36 -70.98 -41.13
CA SER H 413 -5.09 -72.40 -40.87
C SER H 413 -6.11 -73.03 -39.91
N LYS H 414 -7.39 -72.88 -40.26
CA LYS H 414 -8.49 -73.43 -39.48
C LYS H 414 -8.45 -74.96 -39.41
N VAL H 415 -8.07 -75.58 -40.53
CA VAL H 415 -8.05 -77.03 -40.66
C VAL H 415 -6.94 -77.67 -39.84
N ILE H 416 -5.71 -77.18 -40.02
CA ILE H 416 -4.55 -77.70 -39.28
C ILE H 416 -4.71 -77.52 -37.77
N LEU H 417 -5.33 -76.41 -37.35
CA LEU H 417 -5.61 -76.19 -35.93
C LEU H 417 -6.56 -77.23 -35.37
N ASN H 418 -7.66 -77.49 -36.08
CA ASN H 418 -8.64 -78.50 -35.66
C ASN H 418 -8.04 -79.89 -35.44
N ASP H 419 -7.08 -80.26 -36.29
CA ASP H 419 -6.34 -81.50 -36.13
C ASP H 419 -5.49 -81.49 -34.85
N ILE H 420 -4.86 -80.35 -34.58
CA ILE H 420 -3.99 -80.20 -33.42
C ILE H 420 -4.80 -80.16 -32.11
N LEU H 421 -5.95 -79.51 -32.14
CA LEU H 421 -6.85 -79.48 -30.98
C LEU H 421 -7.37 -80.88 -30.65
N GLN H 422 -7.54 -81.71 -31.67
CA GLN H 422 -7.92 -83.12 -31.49
C GLN H 422 -6.77 -83.95 -30.93
N ILE H 423 -5.60 -83.84 -31.54
CA ILE H 423 -4.41 -84.57 -31.12
C ILE H 423 -4.05 -84.27 -29.67
N SER H 424 -4.07 -83.00 -29.30
CA SER H 424 -3.71 -82.55 -27.96
C SER H 424 -4.61 -83.17 -26.88
N SER H 425 -5.91 -83.23 -27.16
CA SER H 425 -6.88 -83.79 -26.22
C SER H 425 -6.69 -85.30 -26.04
N GLU H 426 -6.01 -85.92 -27.00
CA GLU H 426 -5.71 -87.35 -26.97
C GLU H 426 -4.39 -87.68 -26.27
N VAL H 427 -3.52 -86.68 -26.14
CA VAL H 427 -2.20 -86.87 -25.50
C VAL H 427 -2.07 -86.13 -24.16
N ASP H 428 -3.21 -85.89 -23.51
CA ASP H 428 -3.28 -85.25 -22.19
C ASP H 428 -2.64 -83.84 -22.14
N GLU H 429 -2.90 -83.04 -23.17
CA GLU H 429 -2.45 -81.65 -23.20
C GLU H 429 -3.62 -80.72 -23.55
N MET H 430 -4.02 -79.90 -22.58
CA MET H 430 -5.16 -79.01 -22.77
C MET H 430 -4.80 -77.76 -23.58
N VAL H 431 -5.33 -77.72 -24.81
CA VAL H 431 -5.15 -76.59 -25.72
C VAL H 431 -6.52 -76.17 -26.23
N PHE H 432 -6.83 -74.88 -26.16
CA PHE H 432 -8.11 -74.36 -26.62
C PHE H 432 -7.98 -73.10 -27.46
N GLU H 433 -8.92 -72.91 -28.38
CA GLU H 433 -8.87 -71.81 -29.33
C GLU H 433 -9.42 -70.51 -28.76
N LEU H 434 -8.72 -69.42 -29.05
CA LEU H 434 -9.23 -68.06 -28.85
C LEU H 434 -9.21 -67.35 -30.21
N PRO H 435 -10.13 -66.39 -30.43
CA PRO H 435 -10.30 -65.81 -31.76
C PRO H 435 -9.39 -64.63 -32.07
N ILE H 436 -9.15 -64.41 -33.37
CA ILE H 436 -8.59 -63.16 -33.88
C ILE H 436 -9.64 -62.56 -34.82
N THR H 437 -10.26 -61.46 -34.41
CA THR H 437 -11.34 -60.84 -35.18
C THR H 437 -10.88 -59.55 -35.87
N ALA H 438 -11.80 -58.92 -36.59
CA ALA H 438 -11.55 -57.64 -37.26
C ALA H 438 -11.11 -56.55 -36.27
N THR H 439 -11.63 -56.63 -35.04
CA THR H 439 -11.26 -55.72 -33.96
C THR H 439 -9.75 -55.70 -33.71
N GLU H 440 -9.18 -56.89 -33.56
CA GLU H 440 -7.76 -57.05 -33.26
C GLU H 440 -6.87 -56.71 -34.45
N ARG H 441 -7.33 -57.09 -35.64
CA ARG H 441 -6.62 -56.78 -36.89
C ARG H 441 -6.52 -55.27 -37.13
N ALA H 442 -7.51 -54.54 -36.65
CA ALA H 442 -7.54 -53.08 -36.78
C ALA H 442 -6.75 -52.39 -35.66
N SER H 443 -6.86 -52.92 -34.44
CA SER H 443 -6.30 -52.24 -33.27
C SER H 443 -4.77 -52.29 -33.17
N ILE H 444 -4.15 -53.25 -33.85
CA ILE H 444 -2.68 -53.30 -33.92
C ILE H 444 -2.12 -52.16 -34.76
N LYS H 445 -3.00 -51.48 -35.48
CA LYS H 445 -2.62 -50.35 -36.33
C LYS H 445 -2.96 -49.00 -35.69
N HIS H 446 -3.47 -49.03 -34.47
CA HIS H 446 -3.86 -47.80 -33.75
C HIS H 446 -2.66 -47.08 -33.13
N SER H 447 -1.80 -46.55 -33.99
CA SER H 447 -0.69 -45.70 -33.58
C SER H 447 -0.80 -44.36 -34.28
N ASP H 448 -0.50 -43.29 -33.56
CA ASP H 448 -0.56 -41.94 -34.11
C ASP H 448 0.68 -41.60 -34.92
N ILE H 449 1.69 -42.46 -34.84
CA ILE H 449 2.99 -42.17 -35.44
C ILE H 449 3.52 -43.28 -36.37
N ALA H 450 3.40 -44.54 -35.94
CA ALA H 450 3.96 -45.66 -36.70
C ALA H 450 2.89 -46.47 -37.43
N ASP H 451 3.33 -47.44 -38.23
CA ASP H 451 2.43 -48.37 -38.92
C ASP H 451 1.71 -49.26 -37.92
N LEU H 452 2.44 -49.71 -36.90
CA LEU H 452 1.89 -50.62 -35.90
C LEU H 452 2.21 -50.18 -34.47
N VAL H 453 1.40 -50.66 -33.53
CA VAL H 453 1.63 -50.44 -32.10
C VAL H 453 1.65 -51.81 -31.40
N ASN H 454 2.49 -51.95 -30.38
CA ASN H 454 2.69 -53.26 -29.74
C ASN H 454 1.83 -53.52 -28.50
N HIS H 455 1.00 -52.55 -28.13
CA HIS H 455 0.21 -52.67 -26.91
C HIS H 455 -1.09 -51.88 -26.98
N THR H 456 -2.14 -52.45 -26.41
CA THR H 456 -3.42 -51.77 -26.24
C THR H 456 -3.74 -51.60 -24.76
N ASN H 457 -4.39 -50.49 -24.42
CA ASN H 457 -4.87 -50.30 -23.05
C ASN H 457 -6.23 -50.93 -22.82
N GLY H 458 -6.86 -51.36 -23.91
CA GLY H 458 -8.13 -52.07 -23.85
C GLY H 458 -7.95 -53.51 -23.40
N GLN H 459 -9.06 -54.22 -23.29
CA GLN H 459 -9.04 -55.63 -22.89
C GLN H 459 -8.88 -56.55 -24.11
N GLY H 460 -8.87 -57.86 -23.87
CA GLY H 460 -8.61 -58.84 -24.92
C GLY H 460 -7.16 -58.81 -25.38
N LYS H 461 -6.25 -58.65 -24.43
CA LYS H 461 -4.83 -58.45 -24.71
C LYS H 461 -4.15 -59.67 -25.34
N ALA H 462 -4.60 -60.86 -24.98
CA ALA H 462 -4.08 -62.09 -25.57
C ALA H 462 -4.43 -62.19 -27.06
N LEU H 463 -5.62 -61.71 -27.41
CA LEU H 463 -6.08 -61.68 -28.79
C LEU H 463 -5.29 -60.66 -29.60
N PHE H 464 -5.01 -59.52 -28.97
CA PHE H 464 -4.20 -58.46 -29.58
C PHE H 464 -2.80 -58.95 -29.91
N ALA H 465 -2.16 -59.60 -28.94
CA ALA H 465 -0.82 -60.14 -29.10
C ALA H 465 -0.75 -61.14 -30.25
N ALA H 466 -1.75 -61.99 -30.35
CA ALA H 466 -1.85 -63.00 -31.41
C ALA H 466 -2.01 -62.33 -32.77
N SER H 467 -2.84 -61.29 -32.82
CA SER H 467 -3.03 -60.52 -34.04
C SER H 467 -1.74 -59.86 -34.50
N PHE H 468 -0.96 -59.36 -33.54
CA PHE H 468 0.32 -58.71 -33.81
C PHE H 468 1.32 -59.69 -34.41
N VAL H 469 1.44 -60.87 -33.81
CA VAL H 469 2.38 -61.89 -34.27
C VAL H 469 1.99 -62.47 -35.62
N THR H 470 0.72 -62.83 -35.78
CA THR H 470 0.22 -63.45 -37.02
C THR H 470 0.15 -62.50 -38.21
N HIS H 471 0.29 -61.20 -37.96
CA HIS H 471 0.33 -60.19 -39.02
C HIS H 471 1.53 -60.39 -39.94
N PHE H 472 2.65 -60.84 -39.37
CA PHE H 472 3.94 -60.88 -40.07
C PHE H 472 4.12 -62.11 -40.97
N SER H 473 3.15 -63.01 -40.95
CA SER H 473 3.19 -64.21 -41.78
C SER H 473 2.51 -63.99 -43.13
N GLY H 474 1.80 -62.87 -43.26
CA GLY H 474 1.03 -62.58 -44.47
C GLY H 474 -0.17 -63.50 -44.56
N GLN H 475 -0.29 -64.19 -45.69
CA GLN H 475 -1.40 -65.12 -45.91
C GLN H 475 -1.02 -66.59 -45.64
N THR H 476 0.25 -66.80 -45.27
CA THR H 476 0.76 -68.12 -44.92
C THR H 476 0.03 -68.67 -43.69
N PRO H 477 -0.47 -69.91 -43.76
CA PRO H 477 -1.10 -70.58 -42.62
C PRO H 477 -0.25 -70.45 -41.34
N HIS H 478 -0.83 -69.87 -40.30
CA HIS H 478 -0.11 -69.53 -39.08
C HIS H 478 -0.92 -69.92 -37.85
N ILE H 479 -0.31 -70.70 -36.97
CA ILE H 479 -0.89 -70.98 -35.66
C ILE H 479 0.00 -70.44 -34.55
N HIS H 480 -0.59 -69.63 -33.67
CA HIS H 480 0.11 -69.05 -32.53
C HIS H 480 -0.29 -69.76 -31.24
N PHE H 481 0.71 -70.24 -30.49
CA PHE H 481 0.48 -70.93 -29.22
C PHE H 481 0.97 -70.11 -28.03
N ASP H 482 0.02 -69.57 -27.26
CA ASP H 482 0.36 -68.86 -26.04
C ASP H 482 0.39 -69.86 -24.89
N ILE H 483 1.61 -70.22 -24.48
CA ILE H 483 1.81 -71.22 -23.44
C ILE H 483 2.32 -70.60 -22.12
N ALA H 484 1.92 -69.36 -21.86
CA ALA H 484 2.34 -68.65 -20.65
C ALA H 484 1.98 -69.41 -19.38
N GLY H 485 0.83 -70.09 -19.42
CA GLY H 485 0.36 -70.87 -18.27
C GLY H 485 0.98 -72.26 -18.17
N PRO H 486 0.68 -73.15 -19.13
CA PRO H 486 1.02 -74.57 -18.99
C PRO H 486 2.49 -74.92 -19.23
N ALA H 487 3.30 -73.97 -19.67
CA ALA H 487 4.73 -74.21 -19.91
C ALA H 487 5.48 -74.53 -18.61
N THR H 488 4.92 -74.07 -17.50
CA THR H 488 5.48 -74.32 -16.18
C THR H 488 4.39 -74.76 -15.21
N THR H 489 4.78 -75.54 -14.22
CA THR H 489 3.87 -75.98 -13.16
C THR H 489 4.50 -75.72 -11.79
N ASN H 490 3.68 -75.36 -10.81
CA ASN H 490 4.16 -75.09 -9.46
C ASN H 490 3.90 -76.27 -8.52
N LYS H 491 3.54 -77.40 -9.10
CA LYS H 491 3.14 -78.59 -8.35
C LYS H 491 3.74 -79.83 -9.00
N ALA H 492 4.34 -80.69 -8.18
CA ALA H 492 4.87 -81.97 -8.66
C ALA H 492 3.73 -82.94 -8.96
N SER H 493 3.92 -83.79 -9.96
CA SER H 493 2.90 -84.76 -10.38
C SER H 493 3.52 -85.98 -11.03
N TYR H 494 2.67 -86.82 -11.62
CA TYR H 494 3.10 -88.01 -12.36
C TYR H 494 3.92 -87.66 -13.61
N ASN H 495 3.89 -86.39 -14.00
CA ASN H 495 4.65 -85.92 -15.16
C ASN H 495 6.03 -85.35 -14.82
N GLY H 496 6.35 -85.30 -13.53
CA GLY H 496 7.65 -84.80 -13.09
C GLY H 496 7.54 -83.73 -12.01
N PRO H 497 8.69 -83.14 -11.62
CA PRO H 497 8.74 -82.14 -10.56
C PRO H 497 8.27 -80.76 -11.00
N LYS H 498 8.27 -79.81 -10.08
CA LYS H 498 7.98 -78.40 -10.35
C LYS H 498 8.89 -77.86 -11.45
N GLY H 499 8.38 -76.91 -12.22
CA GLY H 499 9.17 -76.25 -13.24
C GLY H 499 8.63 -76.46 -14.62
N PRO H 500 9.53 -76.41 -15.63
CA PRO H 500 9.13 -76.54 -17.04
C PRO H 500 8.49 -77.90 -17.32
N THR H 501 7.42 -77.88 -18.11
CA THR H 501 6.65 -79.08 -18.41
C THR H 501 7.00 -79.69 -19.76
N GLY H 502 7.60 -78.88 -20.63
CA GLY H 502 7.86 -79.30 -22.01
C GLY H 502 6.57 -79.31 -22.82
N PHE H 503 5.64 -78.45 -22.43
CA PHE H 503 4.30 -78.41 -23.01
C PHE H 503 4.31 -78.22 -24.52
N MET H 504 3.41 -78.91 -25.20
CA MET H 504 3.23 -78.88 -26.67
C MET H 504 4.10 -79.91 -27.41
N ILE H 505 5.24 -80.28 -26.84
CA ILE H 505 6.15 -81.24 -27.48
C ILE H 505 5.43 -82.57 -27.82
N PRO H 506 4.70 -83.18 -26.86
CA PRO H 506 3.95 -84.39 -27.20
C PRO H 506 2.95 -84.18 -28.34
N THR H 507 2.23 -83.05 -28.32
CA THR H 507 1.20 -82.74 -29.32
C THR H 507 1.78 -82.56 -30.73
N ILE H 508 2.82 -81.73 -30.84
CA ILE H 508 3.42 -81.43 -32.15
C ILE H 508 4.14 -82.63 -32.74
N VAL H 509 4.85 -83.39 -31.92
CA VAL H 509 5.52 -84.61 -32.35
C VAL H 509 4.51 -85.60 -32.95
N GLN H 510 3.40 -85.78 -32.24
CA GLN H 510 2.31 -86.65 -32.71
C GLN H 510 1.73 -86.16 -34.04
N TRP H 511 1.59 -84.84 -34.18
CA TRP H 511 1.13 -84.22 -35.42
C TRP H 511 2.13 -84.41 -36.55
N LEU H 512 3.41 -84.27 -36.24
CA LEU H 512 4.48 -84.47 -37.21
C LEU H 512 4.56 -85.91 -37.71
N LYS H 513 4.22 -86.85 -36.84
CA LYS H 513 4.17 -88.28 -37.17
C LYS H 513 3.11 -88.60 -38.22
N GLN H 514 2.14 -87.71 -38.38
CA GLN H 514 1.01 -87.92 -39.27
C GLN H 514 1.11 -87.19 -40.60
N GLN H 515 2.29 -86.66 -40.91
CA GLN H 515 2.51 -85.91 -42.15
C GLN H 515 3.08 -86.77 -43.28
N SER I 22 38.49 -31.61 16.71
CA SER I 22 38.82 -31.59 18.17
C SER I 22 37.55 -31.71 19.01
N ASN I 23 37.69 -31.51 20.32
CA ASN I 23 36.56 -31.64 21.25
C ASN I 23 35.57 -30.49 21.18
N ALA I 24 34.30 -30.80 21.43
CA ALA I 24 33.24 -29.78 21.46
C ALA I 24 33.30 -28.97 22.75
N MET I 25 33.67 -29.64 23.84
CA MET I 25 33.77 -29.01 25.15
C MET I 25 35.20 -29.09 25.67
N ASN I 26 35.61 -28.06 26.42
CA ASN I 26 36.90 -28.05 27.08
C ASN I 26 36.74 -28.11 28.59
N PHE I 27 37.01 -29.30 29.15
CA PHE I 27 36.82 -29.55 30.57
C PHE I 27 38.04 -29.17 31.41
N LYS I 28 37.84 -28.25 32.35
CA LYS I 28 38.88 -27.80 33.27
C LYS I 28 38.40 -28.00 34.70
N LEU I 29 39.27 -28.58 35.53
CA LEU I 29 38.94 -28.88 36.92
C LEU I 29 39.51 -27.84 37.89
N ASN I 30 38.61 -27.26 38.67
CA ASN I 30 38.95 -26.32 39.76
C ASN I 30 40.00 -25.25 39.41
N ASN I 31 39.83 -24.63 38.25
CA ASN I 31 40.66 -23.49 37.86
C ASN I 31 40.30 -22.26 38.69
N THR I 32 41.28 -21.38 38.88
CA THR I 32 41.10 -20.17 39.69
C THR I 32 39.85 -19.38 39.27
N LEU I 33 39.06 -18.98 40.26
CA LEU I 33 37.80 -18.27 40.04
C LEU I 33 38.05 -16.91 39.39
N SER I 34 37.93 -16.86 38.07
CA SER I 34 38.22 -15.67 37.28
C SER I 34 37.08 -14.64 37.30
N ASN I 35 37.44 -13.38 37.05
CA ASN I 35 36.46 -12.28 37.03
C ASN I 35 35.82 -12.11 35.64
N GLU I 36 36.42 -12.75 34.64
CA GLU I 36 35.98 -12.61 33.24
C GLU I 36 34.85 -13.59 32.86
N ILE I 37 34.55 -14.51 33.77
CA ILE I 37 33.47 -15.49 33.60
C ILE I 37 32.29 -15.08 34.49
N ASN I 38 31.13 -14.92 33.87
CA ASN I 38 29.91 -14.51 34.59
C ASN I 38 28.70 -15.42 34.30
N THR I 39 28.97 -16.68 34.02
CA THR I 39 27.93 -17.67 33.73
C THR I 39 28.09 -18.88 34.67
N LEU I 40 26.96 -19.36 35.19
CA LEU I 40 26.96 -20.38 36.23
C LEU I 40 25.94 -21.49 35.94
N ILE I 41 26.36 -22.75 36.06
CA ILE I 41 25.47 -23.89 35.83
C ILE I 41 25.28 -24.73 37.10
N ILE I 42 24.02 -24.91 37.50
CA ILE I 42 23.66 -25.72 38.66
C ILE I 42 22.52 -26.68 38.32
N GLY I 43 22.64 -27.93 38.79
CA GLY I 43 21.56 -28.91 38.67
C GLY I 43 20.60 -28.78 39.83
N ILE I 44 19.30 -28.83 39.54
CA ILE I 44 18.27 -28.65 40.55
C ILE I 44 17.38 -29.89 40.72
N PRO I 45 17.44 -30.52 41.91
CA PRO I 45 16.61 -31.67 42.24
C PRO I 45 15.26 -31.27 42.84
N GLU I 46 14.37 -32.25 43.00
CA GLU I 46 13.03 -32.03 43.57
C GLU I 46 13.10 -31.53 45.01
N HIS I 47 14.05 -32.08 45.77
CA HIS I 47 14.30 -31.63 47.15
C HIS I 47 15.76 -31.23 47.30
N LEU I 48 15.99 -29.94 47.55
CA LEU I 48 17.35 -29.40 47.64
C LEU I 48 18.12 -29.89 48.87
N ASN I 49 17.40 -30.29 49.91
CA ASN I 49 18.01 -30.82 51.13
C ASN I 49 18.63 -32.22 50.96
N GLN I 50 18.30 -32.88 49.84
CA GLN I 50 18.84 -34.20 49.51
C GLN I 50 20.30 -34.12 49.02
N LEU I 51 20.71 -32.92 48.59
CA LEU I 51 22.10 -32.65 48.24
C LEU I 51 22.84 -32.01 49.41
N GLU I 52 24.17 -32.13 49.42
CA GLU I 52 25.01 -31.39 50.35
C GLU I 52 24.90 -29.92 50.00
N ARG I 53 24.70 -29.08 51.02
CA ARG I 53 24.41 -27.65 50.82
C ARG I 53 25.30 -26.99 49.77
N ILE I 54 24.67 -26.58 48.66
CA ILE I 54 25.35 -26.03 47.49
C ILE I 54 26.01 -24.69 47.82
N SER I 55 27.29 -24.58 47.48
CA SER I 55 28.05 -23.35 47.71
C SER I 55 28.89 -22.94 46.51
N PHE I 56 28.85 -21.65 46.18
CA PHE I 56 29.67 -21.07 45.12
C PHE I 56 30.58 -20.01 45.73
N ASN I 57 31.79 -19.90 45.18
CA ASN I 57 32.82 -18.99 45.67
C ASN I 57 33.19 -19.37 47.11
N HIS I 58 32.55 -18.74 48.08
CA HIS I 58 32.71 -19.12 49.49
C HIS I 58 31.37 -19.06 50.24
N ILE I 59 30.31 -18.69 49.52
CA ILE I 59 29.00 -18.44 50.11
C ILE I 59 28.01 -19.58 49.83
N ASP I 60 27.24 -19.92 50.86
CA ASP I 60 26.15 -20.90 50.77
C ASP I 60 24.96 -20.28 50.04
N ILE I 61 24.61 -20.86 48.89
CA ILE I 61 23.54 -20.32 48.04
C ILE I 61 22.27 -21.18 48.03
N THR I 62 22.21 -22.16 48.92
CA THR I 62 21.11 -23.12 48.98
C THR I 62 19.73 -22.47 49.17
N GLU I 63 19.62 -21.55 50.14
CA GLU I 63 18.32 -20.96 50.45
C GLU I 63 17.84 -19.91 49.43
N SER I 64 18.78 -19.31 48.69
CA SER I 64 18.43 -18.40 47.61
C SER I 64 17.88 -19.18 46.40
N LEU I 65 18.43 -20.37 46.18
CA LEU I 65 17.94 -21.28 45.15
C LEU I 65 16.57 -21.86 45.53
N GLU I 66 16.35 -22.03 46.82
CA GLU I 66 15.08 -22.51 47.36
C GLU I 66 13.94 -21.51 47.13
N ARG I 67 14.27 -20.21 47.22
CA ARG I 67 13.29 -19.14 46.99
C ARG I 67 12.93 -19.01 45.52
N LEU I 68 13.92 -19.17 44.65
CA LEU I 68 13.70 -19.11 43.20
C LEU I 68 12.86 -20.29 42.72
N LYS I 69 13.06 -21.44 43.36
CA LYS I 69 12.29 -22.65 43.09
C LYS I 69 10.84 -22.48 43.55
N HIS I 70 10.67 -21.83 44.70
CA HIS I 70 9.35 -21.56 45.27
C HIS I 70 8.56 -20.54 44.43
N GLN I 71 9.30 -19.62 43.79
CA GLN I 71 8.71 -18.60 42.92
C GLN I 71 8.52 -19.11 41.49
N HIS I 72 8.89 -20.36 41.25
CA HIS I 72 8.81 -21.00 39.93
C HIS I 72 9.71 -20.34 38.87
N ILE I 73 10.73 -19.62 39.34
CA ILE I 73 11.74 -19.03 38.46
C ILE I 73 12.71 -20.12 38.00
N ILE I 74 13.00 -21.06 38.89
CA ILE I 74 13.70 -22.30 38.52
C ILE I 74 12.88 -23.51 38.98
N GLY I 75 13.22 -24.69 38.47
CA GLY I 75 12.47 -25.91 38.79
C GLY I 75 13.30 -27.17 38.68
N SER I 76 12.65 -28.31 38.90
CA SER I 76 13.34 -29.59 39.00
C SER I 76 12.97 -30.61 37.92
N LYS I 77 11.99 -30.29 37.09
CA LYS I 77 11.53 -31.20 36.04
C LYS I 77 12.72 -31.72 35.23
N VAL I 78 12.81 -33.05 35.12
CA VAL I 78 13.96 -33.73 34.49
C VAL I 78 14.31 -33.17 33.11
N GLY I 79 15.51 -32.59 33.01
CA GLY I 79 16.04 -32.12 31.73
C GLY I 79 15.52 -30.77 31.25
N LYS I 80 14.72 -30.10 32.08
CA LYS I 80 14.20 -28.77 31.74
C LYS I 80 15.17 -27.66 32.09
N ILE I 81 15.38 -26.74 31.15
CA ILE I 81 16.33 -25.64 31.33
C ILE I 81 15.62 -24.38 31.84
N TYR I 82 16.15 -23.84 32.93
CA TYR I 82 15.71 -22.55 33.48
C TYR I 82 16.90 -21.60 33.53
N THR I 83 16.69 -20.34 33.15
CA THR I 83 17.71 -19.32 33.31
C THR I 83 17.19 -18.12 34.08
N THR I 84 18.09 -17.48 34.82
CA THR I 84 17.76 -16.30 35.61
C THR I 84 18.99 -15.47 35.95
N ALA I 85 18.78 -14.19 36.20
CA ALA I 85 19.81 -13.34 36.78
C ALA I 85 20.02 -13.76 38.23
N PHE I 86 21.28 -13.92 38.62
CA PHE I 86 21.61 -14.45 39.94
C PHE I 86 22.72 -13.64 40.59
N ASP I 87 22.38 -13.01 41.71
CA ASP I 87 23.34 -12.21 42.47
C ASP I 87 24.05 -13.04 43.52
N VAL I 88 25.37 -13.12 43.40
CA VAL I 88 26.22 -13.64 44.47
C VAL I 88 27.34 -12.63 44.72
N GLN I 89 27.34 -12.08 45.93
CA GLN I 89 28.17 -10.93 46.30
C GLN I 89 27.78 -9.69 45.47
N ASP I 90 28.77 -9.05 44.84
CA ASP I 90 28.52 -7.81 44.09
C ASP I 90 28.23 -8.01 42.59
N GLN I 91 28.69 -9.14 42.03
CA GLN I 91 28.57 -9.39 40.61
C GLN I 91 27.31 -10.17 40.27
N THR I 92 26.63 -9.75 39.18
CA THR I 92 25.44 -10.42 38.66
C THR I 92 25.84 -11.52 37.68
N TYR I 93 25.36 -12.74 37.94
CA TYR I 93 25.68 -13.90 37.12
C TYR I 93 24.49 -14.37 36.29
N ARG I 94 24.79 -14.97 35.15
CA ARG I 94 23.79 -15.68 34.36
C ARG I 94 23.72 -17.11 34.90
N LEU I 95 22.62 -17.43 35.58
CA LEU I 95 22.42 -18.76 36.13
C LEU I 95 21.68 -19.67 35.15
N ILE I 96 22.26 -20.83 34.89
CA ILE I 96 21.64 -21.84 34.04
C ILE I 96 21.30 -23.08 34.86
N THR I 97 20.01 -23.40 34.90
CA THR I 97 19.48 -24.48 35.72
C THR I 97 18.96 -25.60 34.85
N VAL I 98 19.34 -26.83 35.18
CA VAL I 98 18.77 -28.03 34.57
C VAL I 98 18.15 -28.94 35.65
N GLY I 99 16.90 -29.32 35.45
CA GLY I 99 16.18 -30.15 36.41
C GLY I 99 16.71 -31.56 36.48
N LEU I 100 16.71 -32.12 37.69
CA LEU I 100 17.22 -33.47 37.93
C LEU I 100 16.11 -34.43 38.37
N GLY I 101 14.96 -33.86 38.74
CA GLY I 101 13.83 -34.65 39.25
C GLY I 101 14.12 -35.19 40.64
N ASN I 102 13.46 -36.28 40.99
CA ASN I 102 13.72 -36.96 42.25
C ASN I 102 15.02 -37.75 42.16
N LEU I 103 15.95 -37.46 43.05
CA LEU I 103 17.29 -38.09 43.03
C LEU I 103 17.26 -39.57 43.40
N LYS I 104 16.23 -39.99 44.13
CA LYS I 104 16.03 -41.40 44.48
C LYS I 104 15.73 -42.23 43.24
N THR I 105 14.89 -41.68 42.36
CA THR I 105 14.41 -42.38 41.17
C THR I 105 15.00 -41.81 39.87
N ARG I 106 16.31 -41.57 39.87
CA ARG I 106 16.99 -41.03 38.70
C ARG I 106 17.72 -42.11 37.91
N SER I 107 17.17 -42.44 36.75
CA SER I 107 17.73 -43.49 35.88
C SER I 107 18.90 -42.97 35.05
N TYR I 108 19.55 -43.88 34.33
CA TYR I 108 20.63 -43.53 33.41
C TYR I 108 20.09 -42.73 32.23
N GLN I 109 18.87 -43.05 31.81
CA GLN I 109 18.18 -42.31 30.76
C GLN I 109 17.99 -40.85 31.17
N ASP I 110 17.57 -40.65 32.42
CA ASP I 110 17.42 -39.32 32.99
C ASP I 110 18.73 -38.53 32.91
N MET I 111 19.85 -39.17 33.25
CA MET I 111 21.17 -38.55 33.18
C MET I 111 21.51 -38.11 31.76
N LEU I 112 21.17 -38.93 30.77
CA LEU I 112 21.37 -38.61 29.36
C LEU I 112 20.51 -37.43 28.93
N LYS I 113 19.29 -37.39 29.45
CA LYS I 113 18.36 -36.29 29.19
C LYS I 113 18.84 -34.99 29.84
N ILE I 114 19.37 -35.11 31.05
CA ILE I 114 19.89 -33.95 31.81
C ILE I 114 21.09 -33.31 31.11
N TRP I 115 22.14 -34.10 30.87
CA TRP I 115 23.35 -33.61 30.20
C TRP I 115 23.07 -33.22 28.76
N GLY I 116 22.22 -34.00 28.09
CA GLY I 116 21.86 -33.76 26.70
C GLY I 116 21.25 -32.40 26.46
N HIS I 117 20.16 -32.10 27.18
CA HIS I 117 19.48 -30.81 27.04
C HIS I 117 20.35 -29.64 27.48
N LEU I 118 21.19 -29.86 28.48
CA LEU I 118 22.10 -28.84 28.99
C LEU I 118 23.12 -28.41 27.93
N PHE I 119 23.89 -29.37 27.43
CA PHE I 119 24.93 -29.08 26.43
C PHE I 119 24.38 -28.55 25.12
N GLN I 120 23.15 -28.97 24.78
CA GLN I 120 22.45 -28.43 23.61
C GLN I 120 22.11 -26.96 23.79
N TYR I 121 21.69 -26.60 25.00
CA TYR I 121 21.38 -25.21 25.34
C TYR I 121 22.66 -24.36 25.32
N ILE I 122 23.72 -24.87 25.93
CA ILE I 122 25.03 -24.21 25.97
C ILE I 122 25.53 -23.86 24.57
N LYS I 123 25.43 -24.82 23.65
CA LYS I 123 25.90 -24.63 22.27
C LYS I 123 25.03 -23.68 21.45
N SER I 124 23.71 -23.82 21.56
CA SER I 124 22.79 -22.95 20.82
C SER I 124 22.83 -21.50 21.30
N GLU I 125 23.25 -21.30 22.55
CA GLU I 125 23.38 -19.97 23.12
C GLU I 125 24.77 -19.38 22.95
N HIS I 126 25.64 -20.12 22.26
CA HIS I 126 27.01 -19.69 21.93
C HIS I 126 27.80 -19.25 23.18
N ILE I 127 27.67 -20.03 24.25
CA ILE I 127 28.38 -19.78 25.50
C ILE I 127 29.79 -20.35 25.41
N GLU I 128 30.79 -19.51 25.69
CA GLU I 128 32.20 -19.88 25.54
C GLU I 128 32.89 -20.12 26.88
N ASP I 129 32.43 -19.44 27.94
CA ASP I 129 33.02 -19.57 29.26
C ASP I 129 31.95 -19.62 30.34
N THR I 130 31.97 -20.70 31.13
CA THR I 130 30.99 -20.89 32.20
C THR I 130 31.53 -21.76 33.35
N TYR I 131 30.99 -21.51 34.55
CA TYR I 131 31.26 -22.38 35.70
C TYR I 131 30.23 -23.51 35.73
N LEU I 132 30.66 -24.68 36.21
CA LEU I 132 29.79 -25.82 36.37
C LEU I 132 29.96 -26.42 37.77
N LEU I 133 28.92 -26.31 38.59
CA LEU I 133 28.94 -26.81 39.96
C LEU I 133 28.60 -28.30 39.96
N MET I 134 29.64 -29.12 39.80
CA MET I 134 29.50 -30.57 39.62
C MET I 134 28.87 -31.28 40.82
N ASP I 135 29.08 -30.74 42.01
CA ASP I 135 28.55 -31.31 43.25
C ASP I 135 27.02 -31.35 43.30
N SER I 136 26.38 -30.47 42.54
CA SER I 136 24.93 -30.41 42.48
C SER I 136 24.34 -31.50 41.58
N PHE I 137 25.20 -32.17 40.81
CA PHE I 137 24.79 -33.23 39.90
C PHE I 137 25.01 -34.62 40.50
N ILE I 138 25.88 -34.69 41.50
CA ILE I 138 26.24 -35.96 42.15
C ILE I 138 25.45 -36.12 43.44
N SER I 139 24.74 -37.25 43.55
CA SER I 139 23.95 -37.56 44.74
C SER I 139 24.47 -38.82 45.41
N LYS I 140 24.04 -39.04 46.64
CA LYS I 140 24.35 -40.29 47.35
C LYS I 140 23.50 -41.45 46.80
N TYR I 141 22.48 -41.10 46.03
CA TYR I 141 21.51 -42.06 45.51
C TYR I 141 21.93 -42.73 44.20
N ASP I 142 22.93 -42.16 43.53
CA ASP I 142 23.36 -42.63 42.22
C ASP I 142 24.83 -42.99 42.19
N GLN I 143 25.27 -43.57 41.07
CA GLN I 143 26.67 -43.95 40.90
C GLN I 143 27.45 -42.81 40.23
N LEU I 144 28.59 -42.47 40.81
CA LEU I 144 29.44 -41.37 40.35
C LEU I 144 29.95 -41.59 38.92
N SER I 145 30.56 -42.75 38.69
CA SER I 145 31.11 -43.13 37.38
C SER I 145 30.06 -43.01 36.27
N ASP I 146 28.81 -43.19 36.65
CA ASP I 146 27.68 -43.12 35.73
C ASP I 146 27.32 -41.68 35.35
N VAL I 147 27.45 -40.77 36.31
CA VAL I 147 27.16 -39.35 36.09
C VAL I 147 28.19 -38.72 35.14
N LEU I 148 29.47 -38.99 35.42
CA LEU I 148 30.57 -38.43 34.63
C LEU I 148 30.70 -39.07 33.25
N MET I 149 30.29 -40.35 33.15
CA MET I 149 30.25 -41.06 31.87
C MET I 149 29.21 -40.41 30.95
N ALA I 150 28.00 -40.24 31.47
CA ALA I 150 26.91 -39.60 30.75
C ALA I 150 27.28 -38.17 30.34
N CYS I 151 27.93 -37.45 31.25
CA CYS I 151 28.42 -36.11 31.00
C CYS I 151 29.37 -36.08 29.80
N GLY I 152 30.32 -37.01 29.78
CA GLY I 152 31.30 -37.11 28.70
C GLY I 152 30.70 -37.46 27.35
N ILE I 153 29.83 -38.46 27.32
CA ILE I 153 29.18 -38.91 26.08
C ILE I 153 28.31 -37.81 25.47
N GLN I 154 27.44 -37.23 26.29
CA GLN I 154 26.48 -36.22 25.81
C GLN I 154 27.14 -34.90 25.38
N SER I 155 28.33 -34.63 25.88
CA SER I 155 29.08 -33.43 25.49
C SER I 155 29.44 -33.46 24.00
N GLU I 156 29.48 -34.67 23.43
CA GLU I 156 29.77 -34.87 22.02
C GLU I 156 28.55 -35.33 21.23
N ARG I 157 27.81 -36.30 21.79
CA ARG I 157 26.70 -36.93 21.10
C ARG I 157 25.49 -36.00 20.92
N ALA I 158 25.14 -35.28 21.98
CA ALA I 158 23.96 -34.41 21.96
C ALA I 158 24.16 -33.16 21.11
N THR I 159 25.43 -32.74 20.98
CA THR I 159 25.78 -31.50 20.29
C THR I 159 26.22 -31.72 18.85
N TYR I 160 26.05 -32.95 18.37
CA TYR I 160 26.45 -33.34 17.02
C TYR I 160 25.66 -32.59 15.96
N GLU I 161 26.36 -32.17 14.90
CA GLU I 161 25.71 -31.63 13.71
C GLU I 161 26.50 -31.95 12.44
N PHE I 162 25.77 -32.21 11.36
CA PHE I 162 26.36 -32.49 10.06
C PHE I 162 26.02 -31.37 9.08
N ASP I 163 26.81 -30.30 9.12
CA ASP I 163 26.57 -29.11 8.32
C ASP I 163 27.65 -28.88 7.27
N HIS I 164 28.33 -29.96 6.87
CA HIS I 164 29.48 -29.89 5.96
C HIS I 164 29.10 -29.52 4.54
N TYR I 165 27.84 -29.73 4.17
CA TYR I 165 27.35 -29.43 2.83
C TYR I 165 26.45 -28.19 2.80
N LYS I 166 26.36 -27.51 3.95
CA LYS I 166 25.64 -26.25 4.05
C LYS I 166 26.57 -25.08 3.70
N SER I 167 26.06 -24.14 2.91
CA SER I 167 26.81 -22.93 2.59
C SER I 167 26.84 -21.98 3.79
N SER I 168 25.77 -21.99 4.57
CA SER I 168 25.64 -21.14 5.74
C SER I 168 26.01 -21.90 7.02
N LYS I 169 27.14 -22.57 7.01
CA LYS I 169 27.62 -23.27 8.21
C LYS I 169 28.40 -22.32 9.12
N LYS I 170 28.02 -22.30 10.39
CA LYS I 170 28.65 -21.44 11.39
C LYS I 170 30.01 -21.99 11.81
N ALA I 171 30.92 -21.09 12.18
CA ALA I 171 32.28 -21.47 12.59
C ALA I 171 32.27 -22.23 13.93
N PRO I 172 33.03 -23.33 14.00
CA PRO I 172 33.11 -24.13 15.23
C PRO I 172 33.81 -23.38 16.37
N PHE I 173 33.26 -23.47 17.57
CA PHE I 173 33.82 -22.79 18.74
C PHE I 173 33.99 -23.73 19.92
N LYS I 174 34.92 -23.40 20.81
CA LYS I 174 35.20 -24.18 22.00
C LYS I 174 34.50 -23.57 23.21
N THR I 175 33.81 -24.42 23.97
CA THR I 175 33.19 -24.00 25.22
C THR I 175 34.05 -24.46 26.40
N ASN I 176 34.56 -23.49 27.15
CA ASN I 176 35.37 -23.75 28.33
C ASN I 176 34.49 -23.99 29.56
N LEU I 177 34.48 -25.23 30.03
CA LEU I 177 33.72 -25.60 31.21
C LEU I 177 34.63 -25.67 32.44
N ASN I 178 34.48 -24.69 33.33
CA ASN I 178 35.23 -24.64 34.57
C ASN I 178 34.48 -25.36 35.68
N LEU I 179 34.84 -26.62 35.91
CA LEU I 179 34.18 -27.46 36.90
C LEU I 179 34.59 -27.07 38.31
N ILE I 180 33.59 -26.89 39.18
CA ILE I 180 33.82 -26.60 40.59
C ILE I 180 33.29 -27.73 41.45
N SER I 181 34.19 -28.39 42.16
CA SER I 181 33.83 -29.47 43.07
C SER I 181 34.64 -29.38 44.35
N GLU I 182 33.98 -29.64 45.48
CA GLU I 182 34.60 -29.54 46.79
C GLU I 182 35.46 -30.77 47.11
N SER I 183 35.10 -31.90 46.51
CA SER I 183 35.83 -33.15 46.73
C SER I 183 35.80 -34.03 45.48
N LEU I 184 36.55 -33.61 44.46
CA LEU I 184 36.69 -34.36 43.21
C LEU I 184 38.02 -34.03 42.56
N ILE I 185 38.70 -35.08 42.08
CA ILE I 185 40.04 -34.94 41.52
C ILE I 185 40.16 -35.66 40.17
N GLU I 186 39.58 -36.86 40.11
CA GLU I 186 39.63 -37.69 38.90
C GLU I 186 38.68 -37.15 37.81
N LEU I 187 39.26 -36.89 36.64
CA LEU I 187 38.52 -36.35 35.50
C LEU I 187 38.41 -37.40 34.38
N ASP I 188 39.01 -38.56 34.61
CA ASP I 188 39.18 -39.60 33.59
C ASP I 188 37.87 -40.22 33.09
N PHE I 189 36.84 -40.22 33.92
CA PHE I 189 35.53 -40.77 33.56
C PHE I 189 34.81 -39.93 32.51
N ILE I 190 35.10 -38.63 32.49
CA ILE I 190 34.55 -37.73 31.48
C ILE I 190 35.27 -37.92 30.15
N HIS I 191 36.61 -37.96 30.19
CA HIS I 191 37.43 -38.18 29.00
C HIS I 191 37.15 -39.52 28.33
N GLU I 192 36.72 -40.49 29.16
CA GLU I 192 36.30 -41.80 28.67
C GLU I 192 34.98 -41.69 27.91
N GLY I 193 34.07 -40.87 28.43
CA GLY I 193 32.78 -40.62 27.78
C GLY I 193 32.91 -39.87 26.48
N ILE I 194 33.83 -38.90 26.46
CA ILE I 194 34.09 -38.08 25.27
C ILE I 194 34.55 -38.93 24.09
N SER I 195 35.49 -39.85 24.34
CA SER I 195 36.02 -40.71 23.30
C SER I 195 34.99 -41.69 22.76
N ILE I 196 34.06 -42.11 23.61
CA ILE I 196 32.92 -42.94 23.19
C ILE I 196 31.96 -42.11 22.33
N GLY I 197 31.64 -40.90 22.79
CA GLY I 197 30.78 -39.97 22.07
C GLY I 197 31.32 -39.61 20.70
N GLN I 198 32.63 -39.39 20.63
CA GLN I 198 33.30 -39.07 19.37
C GLN I 198 33.34 -40.27 18.41
N SER I 199 33.33 -41.48 18.98
CA SER I 199 33.25 -42.71 18.19
C SER I 199 31.87 -42.87 17.57
N ILE I 200 30.84 -42.49 18.32
CA ILE I 200 29.46 -42.49 17.83
C ILE I 200 29.29 -41.47 16.70
N ASN I 201 29.88 -40.29 16.87
CA ASN I 201 29.84 -39.23 15.86
C ASN I 201 30.61 -39.59 14.59
N LEU I 202 31.67 -40.38 14.75
CA LEU I 202 32.44 -40.87 13.59
C LEU I 202 31.58 -41.79 12.73
N ALA I 203 30.82 -42.66 13.38
CA ALA I 203 29.87 -43.54 12.71
C ALA I 203 28.76 -42.73 12.03
N ARG I 204 28.27 -41.71 12.74
CA ARG I 204 27.25 -40.81 12.21
C ARG I 204 27.72 -40.07 10.96
N ASP I 205 28.98 -39.64 10.96
CA ASP I 205 29.57 -38.93 9.82
C ASP I 205 29.57 -39.78 8.56
N PHE I 206 29.95 -41.06 8.69
CA PHE I 206 29.93 -41.99 7.57
C PHE I 206 28.50 -42.23 7.07
N SER I 207 27.56 -42.32 8.01
CA SER I 207 26.16 -42.59 7.69
C SER I 207 25.49 -41.41 6.99
N ASN I 208 25.77 -40.20 7.47
CA ASN I 208 25.19 -38.98 6.92
C ASN I 208 25.75 -38.60 5.54
N MET I 209 26.91 -39.15 5.22
CA MET I 209 27.59 -38.88 3.95
C MET I 209 26.71 -39.23 2.75
N PRO I 210 26.62 -38.33 1.76
CA PRO I 210 25.83 -38.59 0.55
C PRO I 210 26.38 -39.78 -0.23
N PRO I 211 25.50 -40.62 -0.80
CA PRO I 211 25.91 -41.84 -1.49
C PRO I 211 26.73 -41.61 -2.76
N ASN I 212 26.59 -40.44 -3.37
CA ASN I 212 27.40 -40.08 -4.53
C ASN I 212 28.81 -39.62 -4.13
N VAL I 213 29.01 -39.39 -2.83
CA VAL I 213 30.32 -39.06 -2.27
C VAL I 213 30.94 -40.29 -1.61
N LEU I 214 30.19 -40.94 -0.72
CA LEU I 214 30.68 -42.15 -0.04
C LEU I 214 30.29 -43.42 -0.79
N THR I 215 31.20 -43.86 -1.66
CA THR I 215 31.07 -45.11 -2.39
C THR I 215 31.87 -46.18 -1.65
N PRO I 216 31.69 -47.47 -1.99
CA PRO I 216 32.48 -48.53 -1.34
C PRO I 216 33.99 -48.26 -1.34
N GLN I 217 34.50 -47.74 -2.46
CA GLN I 217 35.93 -47.43 -2.59
C GLN I 217 36.36 -46.32 -1.62
N THR I 218 35.65 -45.19 -1.66
CA THR I 218 35.99 -44.03 -0.82
C THR I 218 35.75 -44.32 0.67
N PHE I 219 34.77 -45.17 0.95
CA PHE I 219 34.51 -45.63 2.32
C PHE I 219 35.70 -46.41 2.86
N ALA I 220 36.22 -47.33 2.05
CA ALA I 220 37.41 -48.09 2.39
C ALA I 220 38.63 -47.19 2.58
N GLU I 221 38.82 -46.26 1.64
CA GLU I 221 39.93 -45.31 1.68
C GLU I 221 39.90 -44.41 2.92
N ASP I 222 38.69 -43.99 3.32
CA ASP I 222 38.50 -43.17 4.52
C ASP I 222 38.86 -43.92 5.80
N ILE I 223 38.53 -45.21 5.84
CA ILE I 223 38.86 -46.07 6.98
C ILE I 223 40.37 -46.26 7.11
N VAL I 224 41.04 -46.48 5.99
CA VAL I 224 42.50 -46.60 5.93
C VAL I 224 43.17 -45.34 6.48
N ASN I 225 42.76 -44.18 5.96
CA ASN I 225 43.32 -42.90 6.35
C ASN I 225 43.06 -42.53 7.81
N HIS I 226 41.90 -42.94 8.33
CA HIS I 226 41.55 -42.66 9.72
C HIS I 226 42.42 -43.43 10.71
N PHE I 227 42.66 -44.71 10.44
CA PHE I 227 43.45 -45.56 11.32
C PHE I 227 44.95 -45.61 10.96
N LYS I 228 45.36 -44.74 10.05
CA LYS I 228 46.70 -44.77 9.48
C LYS I 228 47.83 -44.71 10.52
N ASN I 229 47.72 -43.79 11.49
CA ASN I 229 48.75 -43.62 12.51
C ASN I 229 48.38 -44.22 13.87
N THR I 230 47.50 -45.22 13.86
CA THR I 230 47.03 -45.86 15.10
C THR I 230 47.51 -47.30 15.23
N LYS I 231 47.11 -47.94 16.34
CA LYS I 231 47.41 -49.34 16.60
C LYS I 231 46.55 -50.27 15.73
N VAL I 232 45.52 -49.70 15.10
CA VAL I 232 44.56 -50.45 14.29
C VAL I 232 45.05 -50.67 12.86
N LYS I 233 45.10 -51.93 12.44
CA LYS I 233 45.51 -52.30 11.07
C LYS I 233 44.30 -52.43 10.16
N VAL I 234 44.43 -51.94 8.93
CA VAL I 234 43.34 -52.01 7.96
C VAL I 234 43.81 -52.64 6.65
N ASP I 235 43.09 -53.67 6.20
CA ASP I 235 43.35 -54.31 4.91
C ASP I 235 42.14 -54.13 4.00
N VAL I 236 42.39 -53.69 2.78
CA VAL I 236 41.32 -53.49 1.80
C VAL I 236 41.47 -54.47 0.64
N LYS I 237 40.38 -55.18 0.37
CA LYS I 237 40.32 -56.16 -0.70
C LYS I 237 39.55 -55.54 -1.87
N ASP I 238 40.26 -55.22 -2.95
CA ASP I 238 39.62 -54.58 -4.11
C ASP I 238 38.81 -55.58 -4.96
N TYR I 239 38.11 -55.05 -5.96
CA TYR I 239 37.15 -55.85 -6.76
C TYR I 239 37.77 -57.09 -7.42
N ASP I 240 38.94 -56.92 -8.03
CA ASP I 240 39.66 -58.00 -8.71
C ASP I 240 40.05 -59.13 -7.77
N THR I 241 40.41 -58.76 -6.53
CA THR I 241 40.81 -59.73 -5.51
C THR I 241 39.61 -60.51 -4.98
N LEU I 242 38.46 -59.83 -4.87
CA LEU I 242 37.21 -60.46 -4.42
C LEU I 242 36.77 -61.61 -5.31
N VAL I 243 36.75 -61.37 -6.63
CA VAL I 243 36.27 -62.37 -7.59
C VAL I 243 37.20 -63.58 -7.67
N SER I 244 38.51 -63.32 -7.58
CA SER I 244 39.51 -64.38 -7.66
C SER I 244 39.59 -65.19 -6.37
N GLU I 245 39.22 -64.57 -5.24
CA GLU I 245 39.20 -65.27 -3.96
C GLU I 245 37.84 -65.92 -3.68
N GLY I 246 36.88 -65.69 -4.56
CA GLY I 246 35.59 -66.39 -4.53
C GLY I 246 34.50 -65.78 -3.67
N PHE I 247 34.54 -64.45 -3.50
CA PHE I 247 33.49 -63.72 -2.79
C PHE I 247 32.27 -63.53 -3.70
N GLY I 248 31.66 -64.64 -4.09
CA GLY I 248 30.61 -64.67 -5.11
C GLY I 248 29.38 -63.84 -4.83
N LEU I 249 28.91 -63.86 -3.58
CA LEU I 249 27.70 -63.14 -3.18
C LEU I 249 27.92 -61.63 -3.15
N LEU I 250 29.06 -61.22 -2.59
CA LEU I 250 29.44 -59.80 -2.55
C LEU I 250 29.64 -59.25 -3.97
N GLN I 251 30.21 -60.07 -4.84
CA GLN I 251 30.37 -59.74 -6.26
C GLN I 251 29.01 -59.53 -6.92
N ALA I 252 28.10 -60.48 -6.69
CA ALA I 252 26.76 -60.46 -7.27
C ALA I 252 25.97 -59.20 -6.92
N VAL I 253 26.04 -58.79 -5.66
CA VAL I 253 25.32 -57.63 -5.16
C VAL I 253 25.87 -56.32 -5.74
N GLY I 254 27.19 -56.21 -5.83
CA GLY I 254 27.83 -54.94 -6.17
C GLY I 254 28.23 -54.72 -7.62
N LYS I 255 28.07 -55.75 -8.46
CA LYS I 255 28.51 -55.67 -9.87
C LYS I 255 27.70 -54.70 -10.74
N GLY I 256 26.49 -54.37 -10.30
CA GLY I 256 25.60 -53.50 -11.06
C GLY I 256 25.91 -52.02 -10.95
N SER I 257 26.85 -51.66 -10.08
CA SER I 257 27.26 -50.29 -9.87
C SER I 257 28.55 -49.97 -10.60
N LYS I 258 28.76 -48.69 -10.91
CA LYS I 258 30.03 -48.22 -11.45
C LYS I 258 31.11 -48.34 -10.38
N HIS I 259 30.71 -48.10 -9.14
CA HIS I 259 31.61 -48.20 -8.00
C HIS I 259 31.53 -49.61 -7.42
N LYS I 260 32.51 -50.43 -7.78
CA LYS I 260 32.54 -51.86 -7.44
C LYS I 260 32.74 -52.10 -5.93
N PRO I 261 32.29 -53.27 -5.44
CA PRO I 261 32.35 -53.61 -4.01
C PRO I 261 33.77 -53.70 -3.42
N ARG I 262 33.85 -53.62 -2.10
CA ARG I 262 35.10 -53.75 -1.36
C ARG I 262 34.88 -54.60 -0.11
N LEU I 263 35.92 -55.29 0.33
CA LEU I 263 35.92 -55.94 1.64
C LEU I 263 37.00 -55.32 2.51
N VAL I 264 36.59 -54.80 3.66
CA VAL I 264 37.50 -54.14 4.59
C VAL I 264 37.71 -54.99 5.83
N THR I 265 38.96 -55.34 6.09
CA THR I 265 39.33 -56.08 7.30
C THR I 265 40.04 -55.14 8.28
N ILE I 266 39.52 -55.08 9.50
CA ILE I 266 40.07 -54.22 10.55
C ILE I 266 40.49 -55.06 11.74
N THR I 267 41.78 -55.04 12.06
CA THR I 267 42.28 -55.80 13.21
C THR I 267 42.81 -54.90 14.32
N TYR I 268 42.43 -55.21 15.56
CA TYR I 268 42.92 -54.53 16.74
C TYR I 268 43.32 -55.57 17.78
N ASN I 269 44.61 -55.61 18.11
CA ASN I 269 45.13 -56.54 19.11
C ASN I 269 45.43 -55.85 20.43
N GLY I 270 44.41 -55.77 21.27
CA GLY I 270 44.49 -55.01 22.52
C GLY I 270 45.12 -55.74 23.69
N LYS I 271 45.29 -57.06 23.58
CA LYS I 271 45.90 -57.84 24.66
C LYS I 271 47.05 -58.76 24.26
N ASP I 272 46.82 -59.67 23.32
CA ASP I 272 47.76 -60.76 23.05
C ASP I 272 47.59 -61.34 21.66
N LYS I 273 48.67 -61.26 20.86
CA LYS I 273 48.71 -61.74 19.48
C LYS I 273 48.01 -63.09 19.22
N ASP I 274 48.13 -64.02 20.16
CA ASP I 274 47.71 -65.41 19.96
C ASP I 274 46.22 -65.69 20.18
N GLU I 275 45.59 -64.96 21.10
CA GLU I 275 44.23 -65.26 21.56
C GLU I 275 43.13 -65.02 20.54
N ALA I 276 42.14 -65.92 20.54
CA ALA I 276 40.93 -65.86 19.69
C ALA I 276 40.23 -64.49 19.76
N PRO I 277 40.12 -63.82 18.59
CA PRO I 277 39.53 -62.48 18.54
C PRO I 277 38.01 -62.49 18.60
N ILE I 278 37.43 -61.31 18.80
CA ILE I 278 35.99 -61.13 18.70
C ILE I 278 35.70 -60.59 17.30
N ALA I 279 34.86 -61.31 16.56
CA ALA I 279 34.52 -60.93 15.21
C ALA I 279 33.31 -59.97 15.19
N LEU I 280 33.52 -58.81 14.58
CA LEU I 280 32.44 -57.84 14.38
C LEU I 280 32.21 -57.63 12.89
N VAL I 281 31.06 -58.08 12.41
CA VAL I 281 30.72 -58.01 10.99
C VAL I 281 29.69 -56.92 10.73
N GLY I 282 29.94 -56.10 9.70
CA GLY I 282 29.07 -54.98 9.38
C GLY I 282 28.61 -54.94 7.94
N LYS I 283 27.31 -54.68 7.75
CA LYS I 283 26.73 -54.51 6.42
C LYS I 283 27.04 -53.11 5.91
N GLY I 284 27.82 -53.05 4.84
CA GLY I 284 28.26 -51.77 4.28
C GLY I 284 27.68 -51.43 2.93
N ILE I 285 26.37 -51.58 2.77
CA ILE I 285 25.70 -51.18 1.54
C ILE I 285 25.57 -49.67 1.51
N THR I 286 26.45 -49.02 0.74
CA THR I 286 26.52 -47.56 0.67
C THR I 286 25.26 -46.95 0.07
N TYR I 287 24.62 -47.67 -0.85
CA TYR I 287 23.29 -47.32 -1.34
C TYR I 287 22.52 -48.54 -1.81
N ASP I 288 21.24 -48.59 -1.43
CA ASP I 288 20.37 -49.69 -1.79
C ASP I 288 19.16 -49.18 -2.58
N SER I 289 19.16 -49.43 -3.88
CA SER I 289 18.01 -49.12 -4.73
C SER I 289 17.04 -50.30 -4.75
N GLY I 290 17.51 -51.45 -4.30
CA GLY I 290 16.73 -52.68 -4.31
C GLY I 290 17.09 -53.58 -5.47
N GLY I 291 17.87 -53.05 -6.41
CA GLY I 291 18.20 -53.76 -7.65
C GLY I 291 16.98 -53.87 -8.53
N TYR I 292 16.90 -54.95 -9.32
CA TYR I 292 15.75 -55.17 -10.19
C TYR I 292 14.44 -55.35 -9.41
N SER I 293 14.56 -55.78 -8.16
CA SER I 293 13.44 -55.74 -7.22
C SER I 293 13.40 -54.33 -6.63
N ILE I 294 13.08 -53.36 -7.49
CA ILE I 294 13.20 -51.94 -7.20
C ILE I 294 12.27 -51.46 -6.07
N LYS I 295 12.78 -50.54 -5.26
CA LYS I 295 12.01 -49.92 -4.18
C LYS I 295 11.03 -48.87 -4.73
N THR I 296 10.02 -48.54 -3.94
CA THR I 296 9.08 -47.46 -4.27
C THR I 296 9.76 -46.09 -4.07
N LYS I 297 9.07 -45.02 -4.47
CA LYS I 297 9.57 -43.66 -4.30
C LYS I 297 9.98 -43.37 -2.85
N ASN I 298 9.04 -43.55 -1.92
CA ASN I 298 9.29 -43.35 -0.48
C ASN I 298 10.25 -44.39 0.10
N GLY I 299 10.36 -45.53 -0.57
CA GLY I 299 11.23 -46.62 -0.14
C GLY I 299 12.71 -46.32 -0.29
N MET I 300 13.07 -45.56 -1.33
CA MET I 300 14.47 -45.22 -1.59
C MET I 300 15.00 -44.06 -0.74
N ALA I 301 14.09 -43.24 -0.21
CA ALA I 301 14.44 -42.16 0.70
C ALA I 301 15.26 -42.70 1.87
N THR I 302 16.31 -41.97 2.24
CA THR I 302 17.20 -42.30 3.37
C THR I 302 17.89 -43.67 3.26
N MET I 303 18.13 -44.13 2.02
CA MET I 303 18.81 -45.40 1.80
C MET I 303 20.35 -45.31 1.80
N LYS I 304 20.87 -44.12 2.04
CA LYS I 304 22.29 -43.94 2.29
C LYS I 304 22.65 -44.49 3.68
N PHE I 305 21.62 -44.69 4.50
CA PHE I 305 21.77 -45.23 5.84
C PHE I 305 21.81 -46.77 5.87
N ASP I 306 21.91 -47.39 4.70
CA ASP I 306 21.95 -48.84 4.60
C ASP I 306 23.33 -49.41 4.92
N MET I 307 24.27 -48.53 5.26
CA MET I 307 25.61 -48.94 5.68
C MET I 307 25.91 -48.57 7.13
N CYS I 308 24.86 -48.23 7.88
CA CYS I 308 24.97 -47.91 9.31
C CYS I 308 25.66 -49.02 10.12
N GLY I 309 25.37 -50.27 9.75
CA GLY I 309 25.96 -51.44 10.40
C GLY I 309 27.48 -51.42 10.32
N ALA I 310 28.01 -51.16 9.13
CA ALA I 310 29.45 -51.05 8.92
C ALA I 310 30.04 -49.85 9.66
N ALA I 311 29.34 -48.73 9.59
CA ALA I 311 29.75 -47.49 10.26
C ALA I 311 29.86 -47.68 11.77
N ASN I 312 28.87 -48.35 12.35
CA ASN I 312 28.84 -48.60 13.78
C ASN I 312 29.91 -49.59 14.27
N VAL I 313 30.29 -50.54 13.41
CA VAL I 313 31.41 -51.43 13.68
C VAL I 313 32.73 -50.63 13.77
N VAL I 314 32.92 -49.72 12.81
CA VAL I 314 34.08 -48.82 12.81
C VAL I 314 34.10 -47.99 14.10
N GLY I 315 32.93 -47.51 14.52
CA GLY I 315 32.79 -46.75 15.76
C GLY I 315 33.17 -47.54 16.99
N ILE I 316 32.72 -48.79 17.06
CA ILE I 316 33.02 -49.69 18.18
C ILE I 316 34.53 -49.94 18.30
N ILE I 317 35.17 -50.22 17.17
CA ILE I 317 36.62 -50.45 17.12
C ILE I 317 37.39 -49.17 17.47
N GLU I 318 36.90 -48.03 16.98
CA GLU I 318 37.47 -46.72 17.31
C GLU I 318 37.46 -46.46 18.82
N ALA I 319 36.34 -46.79 19.46
CA ALA I 319 36.19 -46.62 20.90
C ALA I 319 37.10 -47.57 21.68
N ALA I 320 37.12 -48.83 21.26
CA ALA I 320 37.93 -49.86 21.91
C ALA I 320 39.42 -49.55 21.89
N SER I 321 39.89 -49.02 20.76
CA SER I 321 41.31 -48.69 20.57
C SER I 321 41.72 -47.45 21.36
N ARG I 322 40.85 -46.43 21.38
CA ARG I 322 41.12 -45.20 22.12
C ARG I 322 41.02 -45.39 23.63
N LEU I 323 40.20 -46.35 24.05
CA LEU I 323 40.13 -46.73 25.46
C LEU I 323 41.22 -47.75 25.83
N GLN I 324 41.94 -48.23 24.83
CA GLN I 324 43.02 -49.22 24.98
C GLN I 324 42.55 -50.45 25.76
N LEU I 325 41.41 -51.00 25.34
CA LEU I 325 40.81 -52.16 25.99
C LEU I 325 41.62 -53.43 25.70
N PRO I 326 41.81 -54.28 26.72
CA PRO I 326 42.56 -55.52 26.56
C PRO I 326 41.73 -56.61 25.86
N VAL I 327 41.35 -56.34 24.60
CA VAL I 327 40.58 -57.28 23.78
C VAL I 327 41.13 -57.37 22.36
N ASN I 328 41.01 -58.55 21.76
CA ASN I 328 41.34 -58.72 20.35
C ASN I 328 40.08 -58.66 19.51
N ILE I 329 40.08 -57.78 18.51
CA ILE I 329 38.93 -57.61 17.63
C ILE I 329 39.32 -57.72 16.16
N VAL I 330 38.54 -58.49 15.41
CA VAL I 330 38.63 -58.48 13.96
C VAL I 330 37.30 -57.97 13.38
N GLY I 331 37.38 -56.90 12.59
CA GLY I 331 36.20 -56.31 11.97
C GLY I 331 36.16 -56.60 10.49
N VAL I 332 35.03 -57.10 10.01
CA VAL I 332 34.86 -57.39 8.59
C VAL I 332 33.68 -56.58 8.04
N LEU I 333 33.97 -55.78 7.01
CA LEU I 333 32.95 -54.94 6.38
C LEU I 333 32.74 -55.33 4.93
N ALA I 334 31.51 -55.71 4.59
CA ALA I 334 31.13 -56.02 3.23
C ALA I 334 30.48 -54.80 2.59
N CYS I 335 31.23 -54.12 1.74
CA CYS I 335 30.79 -52.87 1.13
C CYS I 335 30.42 -53.03 -0.34
N ALA I 336 29.24 -52.56 -0.70
CA ALA I 336 28.73 -52.63 -2.07
C ALA I 336 27.64 -51.58 -2.31
N GLU I 337 27.32 -51.36 -3.58
CA GLU I 337 26.23 -50.46 -3.97
C GLU I 337 25.23 -51.23 -4.82
N ASN I 338 24.01 -51.37 -4.33
CA ASN I 338 22.97 -52.18 -4.99
C ASN I 338 22.25 -51.38 -6.07
N MET I 339 22.69 -51.57 -7.32
CA MET I 339 22.22 -50.74 -8.44
C MET I 339 21.67 -51.58 -9.60
N ILE I 340 20.99 -50.91 -10.53
CA ILE I 340 20.45 -51.54 -11.74
C ILE I 340 21.28 -51.16 -12.96
N ASN I 341 21.70 -52.16 -13.73
CA ASN I 341 22.32 -51.94 -15.04
C ASN I 341 22.17 -53.17 -15.96
N GLU I 342 22.87 -53.14 -17.09
CA GLU I 342 22.79 -54.20 -18.11
C GLU I 342 23.16 -55.60 -17.62
N ALA I 343 23.91 -55.68 -16.51
CA ALA I 343 24.43 -56.95 -16.04
C ALA I 343 24.31 -57.17 -14.52
N SER I 344 23.42 -56.40 -13.88
CA SER I 344 23.22 -56.54 -12.43
C SER I 344 22.42 -57.80 -12.08
N MET I 345 22.43 -58.18 -10.81
CA MET I 345 21.76 -59.41 -10.36
C MET I 345 20.23 -59.35 -10.54
N LYS I 346 19.64 -60.50 -10.84
CA LYS I 346 18.21 -60.63 -11.14
C LYS I 346 17.62 -61.78 -10.34
N PRO I 347 16.31 -61.72 -10.04
CA PRO I 347 15.63 -62.90 -9.50
C PRO I 347 15.79 -64.11 -10.42
N ASP I 348 16.08 -65.28 -9.84
CA ASP I 348 16.37 -66.54 -10.55
C ASP I 348 17.86 -66.81 -10.72
N ASP I 349 18.69 -65.78 -10.56
CA ASP I 349 20.14 -65.93 -10.62
C ASP I 349 20.67 -66.88 -9.54
N VAL I 350 21.62 -67.72 -9.91
CA VAL I 350 22.28 -68.62 -8.97
C VAL I 350 23.78 -68.30 -8.90
N PHE I 351 24.26 -68.06 -7.67
CA PHE I 351 25.67 -67.72 -7.44
C PHE I 351 26.33 -68.68 -6.46
N THR I 352 27.65 -68.75 -6.51
CA THR I 352 28.43 -69.56 -5.59
C THR I 352 29.01 -68.68 -4.48
N ALA I 353 28.61 -68.95 -3.24
CA ALA I 353 29.09 -68.21 -2.08
C ALA I 353 30.55 -68.52 -1.79
N LEU I 354 31.15 -67.74 -0.88
CA LEU I 354 32.51 -68.01 -0.42
C LEU I 354 32.61 -69.36 0.26
N SER I 355 31.51 -69.80 0.86
CA SER I 355 31.43 -71.11 1.51
C SER I 355 31.50 -72.26 0.51
N GLY I 356 31.19 -71.97 -0.75
CA GLY I 356 31.14 -72.99 -1.80
C GLY I 356 29.73 -73.44 -2.10
N GLU I 357 28.79 -73.01 -1.26
CA GLU I 357 27.38 -73.32 -1.44
C GLU I 357 26.74 -72.44 -2.52
N THR I 358 25.77 -73.00 -3.23
CA THR I 358 25.03 -72.26 -4.25
C THR I 358 23.81 -71.57 -3.66
N VAL I 359 23.59 -70.33 -4.09
CA VAL I 359 22.48 -69.52 -3.58
C VAL I 359 21.63 -69.00 -4.74
N GLU I 360 20.33 -69.32 -4.70
CA GLU I 360 19.39 -68.77 -5.66
C GLU I 360 18.85 -67.45 -5.12
N VAL I 361 18.97 -66.39 -5.92
CA VAL I 361 18.47 -65.09 -5.53
C VAL I 361 17.07 -64.90 -6.10
N MET I 362 16.08 -64.78 -5.22
CA MET I 362 14.69 -64.58 -5.63
C MET I 362 14.21 -63.14 -5.39
N ASN I 363 14.98 -62.39 -4.62
CA ASN I 363 14.67 -61.00 -4.31
C ASN I 363 15.97 -60.22 -4.16
N THR I 364 16.21 -59.29 -5.09
CA THR I 364 17.46 -58.52 -5.09
C THR I 364 17.50 -57.44 -4.00
N ASP I 365 16.34 -57.17 -3.40
CA ASP I 365 16.24 -56.23 -2.28
C ASP I 365 16.64 -56.90 -0.96
N ALA I 366 16.79 -58.23 -1.00
CA ALA I 366 17.35 -58.98 0.13
C ALA I 366 18.86 -59.12 -0.07
N GLU I 367 19.52 -57.98 -0.29
CA GLU I 367 20.94 -57.95 -0.63
C GLU I 367 21.83 -58.03 0.61
N GLY I 368 21.31 -57.56 1.74
CA GLY I 368 22.08 -57.49 2.98
C GLY I 368 22.56 -58.84 3.47
N ARG I 369 21.64 -59.80 3.52
CA ARG I 369 21.95 -61.15 3.98
C ARG I 369 22.99 -61.84 3.08
N LEU I 370 23.04 -61.43 1.81
CA LEU I 370 23.98 -61.99 0.85
C LEU I 370 25.41 -61.55 1.13
N VAL I 371 25.61 -60.24 1.33
CA VAL I 371 26.95 -59.71 1.61
C VAL I 371 27.44 -60.10 3.00
N LEU I 372 26.51 -60.22 3.95
CA LEU I 372 26.83 -60.67 5.30
C LEU I 372 27.29 -62.13 5.31
N ALA I 373 26.66 -62.94 4.47
CA ALA I 373 26.98 -64.36 4.35
C ALA I 373 28.45 -64.58 3.99
N ASP I 374 28.93 -63.85 2.99
CA ASP I 374 30.33 -63.92 2.57
C ASP I 374 31.26 -63.37 3.64
N ALA I 375 30.83 -62.30 4.31
CA ALA I 375 31.61 -61.65 5.35
C ALA I 375 31.72 -62.50 6.62
N VAL I 376 30.60 -63.13 7.01
CA VAL I 376 30.56 -64.01 8.18
C VAL I 376 31.46 -65.23 7.98
N PHE I 377 31.37 -65.85 6.80
CA PHE I 377 32.20 -67.02 6.48
C PHE I 377 33.68 -66.65 6.51
N TYR I 378 34.01 -65.48 5.98
CA TYR I 378 35.38 -64.98 6.00
C TYR I 378 35.85 -64.67 7.42
N ALA I 379 34.97 -64.11 8.25
CA ALA I 379 35.29 -63.80 9.64
C ALA I 379 35.59 -65.06 10.45
N ASN I 380 34.90 -66.15 10.11
CA ASN I 380 35.04 -67.41 10.84
C ASN I 380 36.38 -68.10 10.59
N GLN I 381 37.06 -67.71 9.51
CA GLN I 381 38.40 -68.21 9.18
C GLN I 381 39.40 -67.81 10.25
N TYR I 382 39.16 -66.67 10.88
CA TYR I 382 40.01 -66.16 11.96
C TYR I 382 39.80 -66.93 13.27
N GLN I 383 38.85 -67.87 13.25
CA GLN I 383 38.48 -68.68 14.43
C GLN I 383 38.17 -67.83 15.66
N PRO I 384 37.10 -67.03 15.58
CA PRO I 384 36.75 -66.15 16.68
C PRO I 384 36.00 -66.89 17.79
N SER I 385 36.00 -66.31 18.99
CA SER I 385 35.25 -66.87 20.11
C SER I 385 33.75 -66.60 19.93
N VAL I 386 33.44 -65.47 19.28
CA VAL I 386 32.07 -65.08 18.99
C VAL I 386 32.02 -64.20 17.74
N ILE I 387 30.94 -64.34 16.96
CA ILE I 387 30.70 -63.48 15.80
C ILE I 387 29.46 -62.62 16.06
N MET I 388 29.62 -61.32 15.90
CA MET I 388 28.49 -60.40 16.02
C MET I 388 28.36 -59.58 14.75
N ASP I 389 27.20 -59.67 14.10
CA ASP I 389 26.95 -58.87 12.91
C ASP I 389 25.92 -57.78 13.16
N PHE I 390 26.11 -56.65 12.49
CA PHE I 390 25.26 -55.47 12.65
C PHE I 390 24.77 -55.03 11.28
N ALA I 391 23.45 -54.97 11.11
CA ALA I 391 22.86 -54.69 9.80
C ALA I 391 21.47 -54.09 9.88
N THR I 392 21.19 -53.19 8.94
CA THR I 392 19.84 -52.68 8.71
C THR I 392 19.21 -53.59 7.66
N LEU I 393 18.71 -54.74 8.10
CA LEU I 393 18.26 -55.79 7.19
C LEU I 393 16.80 -55.70 6.76
N THR I 394 15.89 -55.93 7.71
CA THR I 394 14.52 -56.28 7.37
C THR I 394 13.50 -55.23 7.78
N GLY I 395 12.51 -55.01 6.92
CA GLY I 395 11.34 -54.20 7.25
C GLY I 395 10.46 -54.91 8.27
N ALA I 396 10.45 -56.24 8.22
CA ALA I 396 9.65 -57.06 9.13
C ALA I 396 10.07 -56.92 10.60
N ALA I 397 11.36 -56.66 10.83
CA ALA I 397 11.88 -56.40 12.17
C ALA I 397 11.28 -55.12 12.77
N ILE I 398 11.10 -54.10 11.92
CA ILE I 398 10.46 -52.85 12.32
C ILE I 398 8.96 -53.09 12.61
N VAL I 399 8.31 -53.89 11.78
CA VAL I 399 6.91 -54.25 11.98
C VAL I 399 6.73 -55.01 13.29
N ALA I 400 7.72 -55.84 13.61
CA ALA I 400 7.71 -56.68 14.81
C ALA I 400 7.83 -55.88 16.11
N LEU I 401 8.91 -55.09 16.22
CA LEU I 401 9.26 -54.45 17.49
C LEU I 401 9.07 -52.93 17.51
N GLY I 402 8.72 -52.34 16.38
CA GLY I 402 8.62 -50.90 16.26
C GLY I 402 9.92 -50.29 15.78
N ASP I 403 9.90 -48.99 15.51
CA ASP I 403 11.04 -48.29 14.92
C ASP I 403 12.18 -48.01 15.91
N ASP I 404 11.90 -48.11 17.20
CA ASP I 404 12.85 -47.67 18.23
C ASP I 404 13.57 -48.80 18.97
N LYS I 405 13.29 -50.04 18.56
CA LYS I 405 13.90 -51.21 19.20
C LYS I 405 14.66 -52.07 18.19
N ALA I 406 15.74 -52.70 18.64
CA ALA I 406 16.54 -53.57 17.80
C ALA I 406 16.15 -55.04 18.00
N ALA I 407 16.26 -55.82 16.93
CA ALA I 407 16.01 -57.26 17.00
C ALA I 407 17.32 -58.04 17.09
N ALA I 408 17.42 -58.90 18.11
CA ALA I 408 18.60 -59.73 18.32
C ALA I 408 18.29 -61.21 18.15
N PHE I 409 19.19 -61.92 17.50
CA PHE I 409 19.04 -63.35 17.23
C PHE I 409 20.30 -64.07 17.66
N GLU I 410 20.15 -65.16 18.40
CA GLU I 410 21.29 -65.96 18.82
C GLU I 410 21.35 -67.31 18.10
N SER I 411 22.57 -67.74 17.85
CA SER I 411 22.84 -69.04 17.26
C SER I 411 24.09 -69.60 17.94
N ASN I 412 23.88 -70.57 18.84
CA ASN I 412 24.95 -71.14 19.67
C ASN I 412 25.60 -70.12 20.62
N SER I 413 24.85 -69.09 21.01
CA SER I 413 25.34 -68.08 21.96
C SER I 413 24.23 -67.48 22.82
N LYS I 414 23.48 -68.37 23.48
CA LYS I 414 22.39 -67.99 24.37
C LYS I 414 22.88 -67.17 25.57
N VAL I 415 24.05 -67.55 26.09
CA VAL I 415 24.61 -66.91 27.28
C VAL I 415 25.12 -65.49 27.00
N ILE I 416 25.94 -65.33 25.95
CA ILE I 416 26.47 -64.03 25.58
C ILE I 416 25.36 -63.04 25.19
N LEU I 417 24.30 -63.54 24.57
CA LEU I 417 23.14 -62.70 24.24
C LEU I 417 22.45 -62.17 25.50
N ASN I 418 22.20 -63.06 26.46
CA ASN I 418 21.57 -62.67 27.73
C ASN I 418 22.32 -61.56 28.46
N ASP I 419 23.64 -61.61 28.40
CA ASP I 419 24.49 -60.56 28.95
C ASP I 419 24.30 -59.23 28.22
N ILE I 420 24.21 -59.31 26.89
CA ILE I 420 24.04 -58.13 26.04
C ILE I 420 22.66 -57.50 26.20
N LEU I 421 21.63 -58.35 26.30
CA LEU I 421 20.26 -57.88 26.55
C LEU I 421 20.14 -57.17 27.89
N GLN I 422 20.93 -57.61 28.87
CA GLN I 422 21.01 -56.94 30.18
C GLN I 422 21.74 -55.60 30.09
N ILE I 423 22.92 -55.62 29.47
CA ILE I 423 23.75 -54.42 29.31
C ILE I 423 23.00 -53.31 28.56
N SER I 424 22.33 -53.68 27.48
CA SER I 424 21.61 -52.73 26.64
C SER I 424 20.50 -52.00 27.40
N SER I 425 19.77 -52.75 28.24
CA SER I 425 18.68 -52.18 29.04
C SER I 425 19.20 -51.20 30.11
N GLU I 426 20.49 -51.32 30.42
CA GLU I 426 21.15 -50.47 31.40
C GLU I 426 21.76 -49.21 30.79
N VAL I 427 21.96 -49.22 29.47
CA VAL I 427 22.56 -48.08 28.76
C VAL I 427 21.57 -47.38 27.80
N ASP I 428 20.29 -47.51 28.10
CA ASP I 428 19.20 -46.86 27.35
C ASP I 428 19.15 -47.24 25.86
N GLU I 429 19.36 -48.53 25.57
CA GLU I 429 19.23 -49.04 24.21
C GLU I 429 18.33 -50.27 24.18
N MET I 430 17.17 -50.12 23.55
CA MET I 430 16.18 -51.19 23.50
C MET I 430 16.53 -52.26 22.48
N VAL I 431 16.90 -53.44 22.99
CA VAL I 431 17.23 -54.61 22.17
C VAL I 431 16.44 -55.80 22.70
N PHE I 432 15.76 -56.52 21.81
CA PHE I 432 14.97 -57.67 22.21
C PHE I 432 15.17 -58.88 21.30
N GLU I 433 15.02 -60.07 21.87
CA GLU I 433 15.28 -61.32 21.15
C GLU I 433 14.11 -61.77 20.29
N LEU I 434 14.44 -62.23 19.09
CA LEU I 434 13.50 -62.96 18.24
C LEU I 434 14.13 -64.32 17.94
N PRO I 435 13.28 -65.37 17.73
CA PRO I 435 13.82 -66.72 17.64
C PRO I 435 14.27 -67.16 16.23
N ILE I 436 15.17 -68.14 16.20
CA ILE I 436 15.46 -68.90 14.98
C ILE I 436 15.11 -70.37 15.28
N THR I 437 14.05 -70.86 14.65
CA THR I 437 13.58 -72.23 14.92
C THR I 437 13.90 -73.18 13.78
N ALA I 438 13.49 -74.44 13.94
CA ALA I 438 13.66 -75.47 12.92
C ALA I 438 13.01 -75.07 11.59
N THR I 439 11.90 -74.33 11.67
CA THR I 439 11.19 -73.81 10.51
C THR I 439 12.10 -72.97 9.61
N GLU I 440 12.79 -72.01 10.21
CA GLU I 440 13.67 -71.10 9.48
C GLU I 440 14.94 -71.79 8.98
N ARG I 441 15.48 -72.69 9.79
CA ARG I 441 16.66 -73.48 9.41
C ARG I 441 16.38 -74.37 8.20
N ALA I 442 15.13 -74.79 8.04
CA ALA I 442 14.71 -75.63 6.91
C ALA I 442 14.35 -74.79 5.69
N SER I 443 13.69 -73.65 5.90
CA SER I 443 13.14 -72.86 4.80
C SER I 443 14.18 -72.09 3.98
N ILE I 444 15.37 -71.88 4.55
CA ILE I 444 16.47 -71.26 3.79
C ILE I 444 17.01 -72.22 2.74
N LYS I 445 16.62 -73.48 2.83
CA LYS I 445 17.04 -74.51 1.89
C LYS I 445 15.96 -74.84 0.85
N HIS I 446 14.84 -74.12 0.91
CA HIS I 446 13.72 -74.35 -0.02
C HIS I 446 13.96 -73.72 -1.38
N SER I 447 14.93 -74.27 -2.12
CA SER I 447 15.18 -73.91 -3.50
C SER I 447 15.10 -75.14 -4.38
N ASP I 448 14.49 -74.99 -5.55
CA ASP I 448 14.36 -76.11 -6.50
C ASP I 448 15.64 -76.35 -7.28
N ILE I 449 16.60 -75.44 -7.17
CA ILE I 449 17.80 -75.46 -8.00
C ILE I 449 19.11 -75.39 -7.21
N ALA I 450 19.16 -74.51 -6.21
CA ALA I 450 20.40 -74.27 -5.47
C ALA I 450 20.36 -74.88 -4.06
N ASP I 451 21.50 -74.81 -3.36
CA ASP I 451 21.59 -75.26 -1.98
C ASP I 451 20.75 -74.37 -1.06
N LEU I 452 20.77 -73.07 -1.32
CA LEU I 452 20.07 -72.10 -0.49
C LEU I 452 19.27 -71.10 -1.32
N VAL I 453 18.26 -70.50 -0.69
CA VAL I 453 17.46 -69.43 -1.30
C VAL I 453 17.50 -68.23 -0.36
N ASN I 454 17.49 -67.02 -0.92
CA ASN I 454 17.67 -65.81 -0.10
C ASN I 454 16.38 -65.12 0.33
N HIS I 455 15.24 -65.68 -0.07
CA HIS I 455 13.95 -65.04 0.21
C HIS I 455 12.81 -66.05 0.30
N THR I 456 11.89 -65.79 1.24
CA THR I 456 10.66 -66.55 1.36
C THR I 456 9.45 -65.65 1.10
N ASN I 457 8.41 -66.22 0.48
CA ASN I 457 7.16 -65.49 0.31
C ASN I 457 6.25 -65.61 1.53
N GLY I 458 6.62 -66.50 2.44
CA GLY I 458 5.92 -66.64 3.71
C GLY I 458 6.24 -65.51 4.67
N GLN I 459 5.62 -65.56 5.86
CA GLN I 459 5.85 -64.56 6.88
C GLN I 459 7.01 -64.94 7.79
N GLY I 460 7.30 -64.10 8.79
CA GLY I 460 8.47 -64.29 9.65
C GLY I 460 9.77 -64.04 8.91
N LYS I 461 9.76 -63.01 8.07
CA LYS I 461 10.89 -62.69 7.18
C LYS I 461 12.17 -62.28 7.92
N ALA I 462 12.01 -61.61 9.07
CA ALA I 462 13.15 -61.22 9.89
C ALA I 462 13.86 -62.45 10.46
N LEU I 463 13.07 -63.46 10.82
CA LEU I 463 13.60 -64.72 11.34
C LEU I 463 14.33 -65.50 10.25
N PHE I 464 13.76 -65.47 9.03
CA PHE I 464 14.37 -66.10 7.86
C PHE I 464 15.74 -65.49 7.56
N ALA I 465 15.80 -64.15 7.51
CA ALA I 465 17.03 -63.43 7.23
C ALA I 465 18.13 -63.77 8.24
N ALA I 466 17.74 -63.85 9.51
CA ALA I 466 18.66 -64.20 10.59
C ALA I 466 19.19 -65.62 10.43
N SER I 467 18.30 -66.55 10.08
CA SER I 467 18.66 -67.93 9.81
C SER I 467 19.64 -68.04 8.66
N PHE I 468 19.43 -67.21 7.63
CA PHE I 468 20.30 -67.20 6.45
C PHE I 468 21.71 -66.74 6.79
N VAL I 469 21.80 -65.65 7.56
CA VAL I 469 23.08 -65.08 7.95
C VAL I 469 23.85 -65.99 8.92
N THR I 470 23.16 -66.48 9.96
CA THR I 470 23.78 -67.31 10.99
C THR I 470 24.17 -68.72 10.52
N HIS I 471 23.69 -69.09 9.34
CA HIS I 471 24.05 -70.37 8.72
C HIS I 471 25.54 -70.45 8.40
N PHE I 472 26.12 -69.32 8.02
CA PHE I 472 27.48 -69.28 7.50
C PHE I 472 28.58 -69.24 8.58
N SER I 473 28.17 -69.23 9.84
CA SER I 473 29.11 -69.24 10.95
C SER I 473 29.39 -70.67 11.44
N GLY I 474 28.60 -71.62 10.96
CA GLY I 474 28.71 -73.01 11.40
C GLY I 474 28.22 -73.14 12.83
N GLN I 475 29.06 -73.70 13.69
CA GLN I 475 28.71 -73.88 15.10
C GLN I 475 29.30 -72.80 16.00
N THR I 476 30.04 -71.86 15.40
CA THR I 476 30.62 -70.72 16.10
C THR I 476 29.51 -69.84 16.68
N PRO I 477 29.62 -69.49 17.99
CA PRO I 477 28.67 -68.57 18.63
C PRO I 477 28.45 -67.32 17.79
N HIS I 478 27.19 -67.07 17.43
CA HIS I 478 26.83 -66.00 16.50
C HIS I 478 25.61 -65.23 17.01
N ILE I 479 25.76 -63.91 17.11
CA ILE I 479 24.61 -63.04 17.38
C ILE I 479 24.38 -62.09 16.22
N HIS I 480 23.16 -62.07 15.72
CA HIS I 480 22.75 -61.20 14.62
C HIS I 480 21.88 -60.05 15.13
N PHE I 481 22.30 -58.82 14.81
CA PHE I 481 21.57 -57.63 15.23
C PHE I 481 20.90 -56.92 14.05
N ASP I 482 19.58 -57.02 13.98
CA ASP I 482 18.82 -56.30 12.96
C ASP I 482 18.44 -54.93 13.49
N ILE I 483 19.17 -53.91 13.03
CA ILE I 483 19.00 -52.54 13.51
C ILE I 483 18.35 -51.64 12.46
N ALA I 484 17.49 -52.22 11.63
CA ALA I 484 16.79 -51.49 10.56
C ALA I 484 16.00 -50.31 11.12
N GLY I 485 15.41 -50.50 12.29
CA GLY I 485 14.64 -49.45 12.95
C GLY I 485 15.46 -48.42 13.69
N PRO I 486 16.13 -48.82 14.79
CA PRO I 486 16.76 -47.87 15.71
C PRO I 486 18.08 -47.25 15.24
N ALA I 487 18.61 -47.70 14.10
CA ALA I 487 19.85 -47.15 13.55
C ALA I 487 19.68 -45.69 13.12
N THR I 488 18.44 -45.32 12.81
CA THR I 488 18.10 -43.95 12.44
C THR I 488 16.86 -43.48 13.20
N THR I 489 16.77 -42.18 13.40
CA THR I 489 15.61 -41.55 14.03
C THR I 489 15.13 -40.38 13.19
N ASN I 490 13.81 -40.17 13.15
CA ASN I 490 13.22 -39.07 12.38
C ASN I 490 12.84 -37.89 13.28
N LYS I 491 13.32 -37.94 14.52
CA LYS I 491 12.95 -36.97 15.54
C LYS I 491 14.21 -36.57 16.33
N ALA I 492 14.40 -35.26 16.52
CA ALA I 492 15.49 -34.76 17.35
C ALA I 492 15.18 -35.00 18.83
N SER I 493 16.23 -35.24 19.61
CA SER I 493 16.08 -35.53 21.05
C SER I 493 17.33 -35.15 21.82
N TYR I 494 17.35 -35.54 23.10
CA TYR I 494 18.52 -35.33 23.98
C TYR I 494 19.76 -36.08 23.49
N ASN I 495 19.57 -37.02 22.57
CA ASN I 495 20.67 -37.80 22.01
C ASN I 495 21.25 -37.23 20.71
N GLY I 496 20.66 -36.14 20.24
CA GLY I 496 21.14 -35.48 19.02
C GLY I 496 20.05 -35.27 17.99
N PRO I 497 20.44 -34.77 16.80
CA PRO I 497 19.47 -34.45 15.74
C PRO I 497 18.96 -35.67 14.98
N LYS I 498 18.07 -35.44 14.02
CA LYS I 498 17.58 -36.47 13.10
C LYS I 498 18.73 -37.16 12.40
N GLY I 499 18.54 -38.43 12.07
CA GLY I 499 19.52 -39.18 11.31
C GLY I 499 20.07 -40.35 12.07
N PRO I 500 21.32 -40.76 11.77
CA PRO I 500 21.96 -41.92 12.39
C PRO I 500 22.12 -41.75 13.89
N THR I 501 21.85 -42.81 14.63
CA THR I 501 21.88 -42.78 16.10
C THR I 501 23.17 -43.34 16.66
N GLY I 502 23.89 -44.13 15.87
CA GLY I 502 25.06 -44.86 16.35
C GLY I 502 24.65 -46.01 17.24
N PHE I 503 23.46 -46.55 16.98
CA PHE I 503 22.85 -47.58 17.83
C PHE I 503 23.74 -48.80 17.97
N MET I 504 23.75 -49.38 19.18
CA MET I 504 24.54 -50.56 19.55
C MET I 504 25.95 -50.25 20.06
N ILE I 505 26.53 -49.14 19.60
CA ILE I 505 27.89 -48.75 20.01
C ILE I 505 28.03 -48.67 21.55
N PRO I 506 27.10 -47.95 22.23
CA PRO I 506 27.19 -47.93 23.71
C PRO I 506 27.11 -49.34 24.33
N THR I 507 26.21 -50.18 23.82
CA THR I 507 26.02 -51.53 24.34
C THR I 507 27.24 -52.43 24.18
N ILE I 508 27.78 -52.48 22.96
CA ILE I 508 28.92 -53.36 22.64
C ILE I 508 30.20 -52.90 23.35
N VAL I 509 30.44 -51.60 23.38
CA VAL I 509 31.59 -51.04 24.09
C VAL I 509 31.56 -51.43 25.57
N GLN I 510 30.39 -51.29 26.19
CA GLN I 510 30.19 -51.69 27.59
C GLN I 510 30.45 -53.17 27.80
N TRP I 511 30.01 -53.99 26.84
CA TRP I 511 30.24 -55.43 26.86
C TRP I 511 31.72 -55.76 26.70
N LEU I 512 32.39 -55.03 25.81
CA LEU I 512 33.82 -55.21 25.57
C LEU I 512 34.66 -54.85 26.79
N LYS I 513 34.18 -53.86 27.56
CA LYS I 513 34.84 -53.44 28.80
C LYS I 513 34.84 -54.52 29.88
N GLN I 514 33.94 -55.51 29.72
CA GLN I 514 33.77 -56.56 30.72
C GLN I 514 34.43 -57.89 30.35
N GLN I 515 35.29 -57.86 29.33
CA GLN I 515 35.98 -59.08 28.87
C GLN I 515 37.36 -59.26 29.49
N SER J 22 -17.69 -18.64 30.57
CA SER J 22 -16.73 -17.79 31.33
C SER J 22 -15.41 -17.61 30.59
N ASN J 23 -14.76 -16.48 30.84
CA ASN J 23 -13.51 -16.10 30.19
C ASN J 23 -12.29 -16.82 30.74
N ALA J 24 -11.29 -17.03 29.90
CA ALA J 24 -10.03 -17.65 30.30
C ALA J 24 -9.16 -16.66 31.06
N MET J 25 -9.22 -15.39 30.65
CA MET J 25 -8.45 -14.33 31.28
C MET J 25 -9.37 -13.27 31.87
N ASN J 26 -8.94 -12.67 32.97
CA ASN J 26 -9.66 -11.57 33.60
C ASN J 26 -8.88 -10.27 33.48
N PHE J 27 -9.31 -9.41 32.56
CA PHE J 27 -8.61 -8.16 32.27
C PHE J 27 -9.04 -7.01 33.18
N LYS J 28 -8.08 -6.47 33.91
CA LYS J 28 -8.30 -5.33 34.80
C LYS J 28 -7.35 -4.19 34.46
N LEU J 29 -7.87 -2.96 34.50
CA LEU J 29 -7.08 -1.78 34.16
C LEU J 29 -6.73 -0.96 35.41
N ASN J 30 -5.43 -0.90 35.71
CA ASN J 30 -4.88 -0.02 36.76
C ASN J 30 -5.62 -0.01 38.10
N ASN J 31 -5.94 -1.19 38.61
CA ASN J 31 -6.62 -1.32 39.91
C ASN J 31 -5.68 -1.12 41.10
N THR J 32 -6.11 -1.55 42.29
CA THR J 32 -5.31 -1.46 43.51
C THR J 32 -4.01 -2.26 43.37
N LEU J 33 -2.88 -1.55 43.43
CA LEU J 33 -1.56 -2.17 43.32
C LEU J 33 -1.18 -2.92 44.61
N SER J 34 -1.61 -4.17 44.68
CA SER J 34 -1.40 -5.01 45.87
C SER J 34 -0.03 -5.69 45.86
N ASN J 35 0.56 -5.79 47.05
CA ASN J 35 1.86 -6.45 47.21
C ASN J 35 1.74 -7.99 47.17
N GLU J 36 0.51 -8.49 47.05
CA GLU J 36 0.24 -9.92 46.94
C GLU J 36 0.39 -10.43 45.51
N ILE J 37 0.76 -9.54 44.60
CA ILE J 37 1.13 -9.89 43.23
C ILE J 37 2.63 -9.66 43.05
N ASN J 38 3.35 -10.71 42.66
CA ASN J 38 4.79 -10.64 42.47
C ASN J 38 5.26 -11.17 41.11
N THR J 39 4.39 -11.05 40.11
CA THR J 39 4.70 -11.50 38.75
C THR J 39 4.51 -10.34 37.77
N LEU J 40 5.43 -10.22 36.81
CA LEU J 40 5.49 -9.07 35.91
C LEU J 40 5.73 -9.50 34.47
N ILE J 41 4.93 -8.94 33.55
CA ILE J 41 5.07 -9.25 32.12
C ILE J 41 5.45 -8.02 31.30
N ILE J 42 6.56 -8.12 30.57
CA ILE J 42 7.07 -7.06 29.69
C ILE J 42 7.40 -7.61 28.31
N GLY J 43 7.03 -6.87 27.27
CA GLY J 43 7.42 -7.19 25.90
C GLY J 43 8.76 -6.57 25.57
N ILE J 44 9.63 -7.36 24.92
CA ILE J 44 10.99 -6.90 24.62
C ILE J 44 11.27 -6.83 23.12
N PRO J 45 11.51 -5.60 22.60
CA PRO J 45 11.85 -5.40 21.20
C PRO J 45 13.35 -5.48 20.94
N GLU J 46 13.74 -5.48 19.66
CA GLU J 46 15.14 -5.56 19.24
C GLU J 46 15.95 -4.35 19.73
N HIS J 47 15.34 -3.17 19.70
CA HIS J 47 15.94 -1.96 20.22
C HIS J 47 15.01 -1.32 21.25
N LEU J 48 15.46 -1.29 22.50
CA LEU J 48 14.65 -0.78 23.61
C LEU J 48 14.39 0.72 23.55
N ASN J 49 15.28 1.46 22.87
CA ASN J 49 15.12 2.91 22.70
C ASN J 49 14.00 3.30 21.74
N GLN J 50 13.49 2.32 20.99
CA GLN J 50 12.36 2.53 20.07
C GLN J 50 11.03 2.66 20.81
N LEU J 51 10.99 2.16 22.05
CA LEU J 51 9.84 2.36 22.93
C LEU J 51 10.07 3.61 23.79
N GLU J 52 8.99 4.32 24.11
CA GLU J 52 9.08 5.62 24.81
C GLU J 52 10.09 5.61 25.97
N ARG J 53 9.86 4.68 26.91
CA ARG J 53 10.74 4.31 28.01
C ARG J 53 9.87 3.48 28.93
N ILE J 54 10.43 2.43 29.50
CA ILE J 54 9.62 1.52 30.31
C ILE J 54 9.79 1.80 31.80
N SER J 55 8.66 1.99 32.48
CA SER J 55 8.67 2.23 33.92
C SER J 55 7.60 1.40 34.65
N PHE J 56 8.03 0.81 35.77
CA PHE J 56 7.13 0.08 36.65
C PHE J 56 7.08 0.77 38.01
N ASN J 57 5.90 0.82 38.61
CA ASN J 57 5.64 1.55 39.86
C ASN J 57 5.79 3.05 39.64
N HIS J 58 7.04 3.51 39.60
CA HIS J 58 7.39 4.86 39.19
C HIS J 58 8.87 4.92 38.84
N ILE J 59 9.54 3.78 38.98
CA ILE J 59 10.96 3.65 38.71
C ILE J 59 11.21 3.24 37.26
N ASP J 60 12.13 3.95 36.62
CA ASP J 60 12.55 3.65 35.24
C ASP J 60 13.42 2.40 35.23
N ILE J 61 12.93 1.36 34.55
CA ILE J 61 13.61 0.06 34.53
C ILE J 61 14.25 -0.28 33.18
N THR J 62 14.31 0.71 32.29
CA THR J 62 14.82 0.52 30.92
C THR J 62 16.26 0.01 30.88
N GLU J 63 17.15 0.65 31.63
CA GLU J 63 18.58 0.28 31.59
C GLU J 63 18.90 -1.07 32.25
N SER J 64 18.08 -1.48 33.24
CA SER J 64 18.24 -2.79 33.86
C SER J 64 17.80 -3.90 32.92
N LEU J 65 16.78 -3.63 32.11
CA LEU J 65 16.34 -4.56 31.06
C LEU J 65 17.36 -4.64 29.93
N GLU J 66 18.05 -3.52 29.68
CA GLU J 66 19.12 -3.45 28.68
C GLU J 66 20.32 -4.35 29.04
N ARG J 67 20.63 -4.40 30.33
CA ARG J 67 21.73 -5.23 30.83
C ARG J 67 21.41 -6.71 30.77
N LEU J 68 20.16 -7.07 31.07
CA LEU J 68 19.69 -8.45 31.02
C LEU J 68 19.66 -8.95 29.57
N LYS J 69 19.32 -8.06 28.65
CA LYS J 69 19.32 -8.35 27.22
C LYS J 69 20.74 -8.55 26.71
N HIS J 70 21.67 -7.74 27.22
CA HIS J 70 23.09 -7.82 26.86
C HIS J 70 23.74 -9.09 27.40
N GLN J 71 23.25 -9.57 28.54
CA GLN J 71 23.74 -10.81 29.17
C GLN J 71 23.04 -12.05 28.61
N HIS J 72 22.12 -11.85 27.67
CA HIS J 72 21.31 -12.91 27.05
C HIS J 72 20.38 -13.63 28.03
N ILE J 73 20.07 -12.96 29.14
CA ILE J 73 19.12 -13.47 30.12
C ILE J 73 17.70 -13.25 29.60
N ILE J 74 17.48 -12.13 28.91
CA ILE J 74 16.26 -11.91 28.13
C ILE J 74 16.64 -11.59 26.68
N GLY J 75 15.66 -11.65 25.78
CA GLY J 75 15.89 -11.40 24.36
C GLY J 75 14.68 -10.87 23.63
N SER J 76 14.83 -10.69 22.32
CA SER J 76 13.81 -10.03 21.51
C SER J 76 13.20 -10.92 20.41
N LYS J 77 13.73 -12.12 20.24
CA LYS J 77 13.23 -13.04 19.21
C LYS J 77 11.72 -13.18 19.28
N VAL J 78 11.05 -12.95 18.15
CA VAL J 78 9.59 -12.90 18.07
C VAL J 78 8.91 -14.11 18.70
N GLY J 79 8.15 -13.86 19.77
CA GLY J 79 7.34 -14.87 20.43
C GLY J 79 8.08 -15.79 21.38
N LYS J 80 9.36 -15.53 21.62
CA LYS J 80 10.15 -16.35 22.55
C LYS J 80 9.99 -15.87 23.99
N ILE J 81 9.78 -16.83 24.89
CA ILE J 81 9.55 -16.54 26.31
C ILE J 81 10.85 -16.63 27.10
N TYR J 82 11.16 -15.58 27.84
CA TYR J 82 12.27 -15.56 28.77
C TYR J 82 11.75 -15.25 30.17
N THR J 83 12.25 -15.95 31.17
CA THR J 83 11.91 -15.61 32.56
C THR J 83 13.17 -15.38 33.40
N THR J 84 13.06 -14.50 34.39
CA THR J 84 14.16 -14.19 35.30
C THR J 84 13.67 -13.58 36.60
N ALA J 85 14.49 -13.72 37.65
CA ALA J 85 14.27 -12.98 38.89
C ALA J 85 14.59 -11.52 38.62
N PHE J 86 13.71 -10.64 39.05
CA PHE J 86 13.82 -9.21 38.75
C PHE J 86 13.59 -8.36 39.99
N ASP J 87 14.62 -7.64 40.40
CA ASP J 87 14.53 -6.76 41.57
C ASP J 87 14.10 -5.35 41.17
N VAL J 88 12.96 -4.92 41.70
CA VAL J 88 12.57 -3.51 41.64
C VAL J 88 12.21 -3.05 43.06
N GLN J 89 12.99 -2.10 43.57
CA GLN J 89 12.96 -1.68 44.98
C GLN J 89 13.39 -2.84 45.90
N ASP J 90 12.59 -3.11 46.93
CA ASP J 90 12.87 -4.22 47.84
C ASP J 90 12.44 -5.57 47.27
N GLN J 91 11.21 -5.64 46.74
CA GLN J 91 10.59 -6.89 46.31
C GLN J 91 11.25 -7.55 45.10
N THR J 92 11.41 -8.87 45.19
CA THR J 92 11.86 -9.69 44.06
C THR J 92 10.64 -10.16 43.28
N TYR J 93 10.64 -9.87 41.98
CA TYR J 93 9.54 -10.21 41.09
C TYR J 93 9.92 -11.33 40.13
N ARG J 94 8.92 -12.10 39.71
CA ARG J 94 9.07 -13.03 38.61
C ARG J 94 8.80 -12.28 37.32
N LEU J 95 9.84 -12.05 36.54
CA LEU J 95 9.71 -11.34 35.27
C LEU J 95 9.48 -12.31 34.12
N ILE J 96 8.42 -12.05 33.35
CA ILE J 96 8.12 -12.83 32.15
C ILE J 96 8.27 -11.96 30.90
N THR J 97 9.18 -12.37 30.03
CA THR J 97 9.53 -11.62 28.83
C THR J 97 9.09 -12.36 27.57
N VAL J 98 8.44 -11.64 26.67
CA VAL J 98 8.13 -12.15 25.34
C VAL J 98 8.73 -11.23 24.28
N GLY J 99 9.49 -11.83 23.36
CA GLY J 99 10.16 -11.09 22.29
C GLY J 99 9.20 -10.49 21.29
N LEU J 100 9.52 -9.30 20.81
CA LEU J 100 8.68 -8.59 19.84
C LEU J 100 9.37 -8.44 18.49
N GLY J 101 10.67 -8.69 18.45
CA GLY J 101 11.48 -8.50 17.25
C GLY J 101 11.67 -7.04 16.91
N ASN J 102 11.90 -6.75 15.64
CA ASN J 102 11.99 -5.38 15.16
C ASN J 102 10.59 -4.77 15.07
N LEU J 103 10.39 -3.65 15.77
CA LEU J 103 9.07 -3.01 15.82
C LEU J 103 8.65 -2.37 14.50
N LYS J 104 9.64 -2.04 13.66
CA LYS J 104 9.39 -1.50 12.33
C LYS J 104 8.72 -2.54 11.44
N THR J 105 9.21 -3.77 11.53
CA THR J 105 8.76 -4.87 10.66
C THR J 105 7.94 -5.92 11.43
N ARG J 106 6.99 -5.45 12.24
CA ARG J 106 6.15 -6.33 13.03
C ARG J 106 4.77 -6.50 12.40
N SER J 107 4.54 -7.69 11.83
CA SER J 107 3.28 -8.01 11.16
C SER J 107 2.18 -8.41 12.14
N TYR J 108 0.96 -8.57 11.63
CA TYR J 108 -0.17 -9.04 12.44
C TYR J 108 0.04 -10.49 12.88
N GLN J 109 0.68 -11.28 12.02
CA GLN J 109 1.06 -12.66 12.35
C GLN J 109 1.99 -12.68 13.55
N ASP J 110 2.97 -11.77 13.57
CA ASP J 110 3.89 -11.62 14.69
C ASP J 110 3.14 -11.34 15.99
N MET J 111 2.14 -10.46 15.93
CA MET J 111 1.31 -10.12 17.09
C MET J 111 0.58 -11.35 17.63
N LEU J 112 0.06 -12.18 16.73
CA LEU J 112 -0.61 -13.43 17.10
C LEU J 112 0.36 -14.42 17.74
N LYS J 113 1.58 -14.45 17.22
CA LYS J 113 2.65 -15.30 17.76
C LYS J 113 3.10 -14.81 19.14
N ILE J 114 3.17 -13.49 19.31
CA ILE J 114 3.57 -12.87 20.57
C ILE J 114 2.56 -13.15 21.69
N TRP J 115 1.31 -12.76 21.46
CA TRP J 115 0.24 -12.98 22.46
C TRP J 115 -0.05 -14.46 22.65
N GLY J 116 0.01 -15.22 21.56
CA GLY J 116 -0.23 -16.66 21.58
C GLY J 116 0.70 -17.40 22.52
N HIS J 117 2.00 -17.28 22.29
CA HIS J 117 3.00 -17.95 23.11
C HIS J 117 2.98 -17.48 24.55
N LEU J 118 2.68 -16.20 24.76
CA LEU J 118 2.62 -15.62 26.10
C LEU J 118 1.51 -16.24 26.94
N PHE J 119 0.27 -16.16 26.44
CA PHE J 119 -0.89 -16.69 27.16
C PHE J 119 -0.83 -18.21 27.36
N GLN J 120 -0.20 -18.91 26.42
CA GLN J 120 0.05 -20.36 26.55
C GLN J 120 1.00 -20.65 27.70
N TYR J 121 2.04 -19.81 27.84
CA TYR J 121 2.99 -19.94 28.94
C TYR J 121 2.32 -19.64 30.28
N ILE J 122 1.53 -18.57 30.31
CA ILE J 122 0.80 -18.15 31.51
C ILE J 122 -0.10 -19.26 32.04
N LYS J 123 -0.82 -19.92 31.12
CA LYS J 123 -1.75 -21.00 31.50
C LYS J 123 -1.06 -22.28 31.94
N SER J 124 -0.01 -22.68 31.23
CA SER J 124 0.73 -23.89 31.55
C SER J 124 1.51 -23.77 32.86
N GLU J 125 1.82 -22.53 33.24
CA GLU J 125 2.54 -22.25 34.50
C GLU J 125 1.59 -21.99 35.66
N HIS J 126 0.28 -22.08 35.41
CA HIS J 126 -0.77 -21.93 36.42
C HIS J 126 -0.65 -20.60 37.17
N ILE J 127 -0.39 -19.53 36.43
CA ILE J 127 -0.27 -18.19 37.00
C ILE J 127 -1.67 -17.58 37.14
N GLU J 128 -1.98 -17.12 38.35
CA GLU J 128 -3.31 -16.60 38.66
C GLU J 128 -3.36 -15.08 38.80
N ASP J 129 -2.23 -14.48 39.18
CA ASP J 129 -2.16 -13.03 39.36
C ASP J 129 -0.84 -12.48 38.82
N THR J 130 -0.92 -11.55 37.89
CA THR J 130 0.26 -10.93 37.29
C THR J 130 0.02 -9.51 36.77
N TYR J 131 1.08 -8.71 36.76
CA TYR J 131 1.05 -7.39 36.12
C TYR J 131 1.41 -7.53 34.65
N LEU J 132 0.81 -6.69 33.82
CA LEU J 132 1.12 -6.63 32.39
C LEU J 132 1.37 -5.18 31.97
N LEU J 133 2.62 -4.90 31.60
CA LEU J 133 3.01 -3.56 31.16
C LEU J 133 2.67 -3.37 29.68
N MET J 134 1.45 -2.91 29.44
CA MET J 134 0.89 -2.81 28.09
C MET J 134 1.64 -1.83 27.18
N ASP J 135 2.24 -0.80 27.78
CA ASP J 135 3.00 0.21 27.03
C ASP J 135 4.22 -0.35 26.30
N SER J 136 4.74 -1.47 26.78
CA SER J 136 5.89 -2.13 26.16
C SER J 136 5.49 -2.92 24.90
N PHE J 137 4.19 -3.12 24.71
CA PHE J 137 3.66 -3.85 23.56
C PHE J 137 3.21 -2.93 22.43
N ILE J 138 2.96 -1.67 22.78
CA ILE J 138 2.45 -0.68 21.84
C ILE J 138 3.59 0.22 21.34
N SER J 139 3.73 0.32 20.02
CA SER J 139 4.77 1.17 19.43
C SER J 139 4.15 2.25 18.54
N LYS J 140 4.99 3.18 18.09
CA LYS J 140 4.57 4.24 17.17
C LYS J 140 4.26 3.69 15.77
N TYR J 141 4.95 2.60 15.40
CA TYR J 141 4.80 1.95 14.09
C TYR J 141 3.47 1.21 13.93
N ASP J 142 2.91 0.78 15.06
CA ASP J 142 1.70 -0.03 15.07
C ASP J 142 0.46 0.77 15.46
N GLN J 143 -0.70 0.24 15.10
CA GLN J 143 -1.99 0.80 15.53
C GLN J 143 -2.41 0.14 16.84
N LEU J 144 -3.12 0.89 17.67
CA LEU J 144 -3.58 0.42 18.99
C LEU J 144 -4.66 -0.65 18.89
N SER J 145 -5.51 -0.54 17.87
CA SER J 145 -6.63 -1.46 17.65
C SER J 145 -6.17 -2.86 17.27
N ASP J 146 -5.05 -2.95 16.55
CA ASP J 146 -4.53 -4.24 16.07
C ASP J 146 -3.84 -5.04 17.17
N VAL J 147 -3.12 -4.33 18.06
CA VAL J 147 -2.42 -4.97 19.18
C VAL J 147 -3.41 -5.53 20.21
N LEU J 148 -4.41 -4.72 20.56
CA LEU J 148 -5.42 -5.11 21.55
C LEU J 148 -6.41 -6.15 21.02
N MET J 149 -6.66 -6.12 19.71
CA MET J 149 -7.50 -7.12 19.05
C MET J 149 -6.84 -8.49 19.14
N ALA J 150 -5.56 -8.54 18.73
CA ALA J 150 -4.76 -9.77 18.79
C ALA J 150 -4.66 -10.30 20.21
N CYS J 151 -4.47 -9.38 21.16
CA CYS J 151 -4.42 -9.70 22.59
C CYS J 151 -5.72 -10.39 23.04
N GLY J 152 -6.86 -9.83 22.63
CA GLY J 152 -8.17 -10.38 22.99
C GLY J 152 -8.46 -11.74 22.39
N ILE J 153 -8.18 -11.90 21.10
CA ILE J 153 -8.41 -13.17 20.39
C ILE J 153 -7.56 -14.29 20.97
N GLN J 154 -6.25 -14.04 21.08
CA GLN J 154 -5.29 -15.06 21.53
C GLN J 154 -5.48 -15.48 22.98
N SER J 155 -6.09 -14.62 23.80
CA SER J 155 -6.37 -14.93 25.20
C SER J 155 -7.36 -16.09 25.31
N GLU J 156 -8.14 -16.32 24.25
CA GLU J 156 -9.09 -17.42 24.20
C GLU J 156 -8.67 -18.51 23.21
N ARG J 157 -8.22 -18.09 22.03
CA ARG J 157 -7.90 -19.02 20.94
C ARG J 157 -6.65 -19.86 21.20
N ALA J 158 -5.59 -19.23 21.69
CA ALA J 158 -4.31 -19.91 21.93
C ALA J 158 -4.36 -20.85 23.13
N THR J 159 -5.25 -20.56 24.08
CA THR J 159 -5.33 -21.30 25.34
C THR J 159 -6.43 -22.36 25.32
N TYR J 160 -7.01 -22.59 24.14
CA TYR J 160 -8.11 -23.54 23.98
C TYR J 160 -7.67 -24.97 24.26
N GLU J 161 -8.53 -25.72 24.94
CA GLU J 161 -8.34 -27.16 25.10
C GLU J 161 -9.68 -27.90 25.16
N PHE J 162 -9.69 -29.10 24.59
CA PHE J 162 -10.88 -29.96 24.59
C PHE J 162 -10.59 -31.21 25.42
N ASP J 163 -10.77 -31.09 26.74
CA ASP J 163 -10.45 -32.17 27.68
C ASP J 163 -11.70 -32.71 28.37
N HIS J 164 -12.85 -32.55 27.73
CA HIS J 164 -14.15 -32.92 28.30
C HIS J 164 -14.35 -34.43 28.44
N TYR J 165 -13.61 -35.20 27.65
CA TYR J 165 -13.70 -36.66 27.69
C TYR J 165 -12.50 -37.32 28.36
N LYS J 166 -11.65 -36.49 28.95
CA LYS J 166 -10.50 -36.96 29.74
C LYS J 166 -10.92 -37.16 31.19
N SER J 167 -10.50 -38.27 31.79
CA SER J 167 -10.74 -38.52 33.21
C SER J 167 -9.85 -37.66 34.08
N SER J 168 -8.64 -37.37 33.58
CA SER J 168 -7.66 -36.57 34.29
C SER J 168 -7.67 -35.12 33.80
N LYS J 169 -8.85 -34.53 33.73
CA LYS J 169 -8.97 -33.13 33.34
C LYS J 169 -8.78 -32.21 34.55
N LYS J 170 -7.89 -31.23 34.41
CA LYS J 170 -7.60 -30.28 35.48
C LYS J 170 -8.70 -29.23 35.62
N ALA J 171 -8.90 -28.75 36.84
CA ALA J 171 -9.93 -27.75 37.14
C ALA J 171 -9.62 -26.40 36.47
N PRO J 172 -10.64 -25.79 35.84
CA PRO J 172 -10.46 -24.49 35.19
C PRO J 172 -10.20 -23.37 36.19
N PHE J 173 -9.25 -22.50 35.87
CA PHE J 173 -8.89 -21.39 36.74
C PHE J 173 -8.87 -20.06 36.00
N LYS J 174 -9.06 -18.96 36.73
CA LYS J 174 -9.06 -17.62 36.17
C LYS J 174 -7.72 -16.94 36.41
N THR J 175 -7.16 -16.37 35.35
CA THR J 175 -5.93 -15.59 35.45
C THR J 175 -6.24 -14.09 35.46
N ASN J 176 -5.92 -13.44 36.57
CA ASN J 176 -6.14 -12.00 36.72
C ASN J 176 -4.98 -11.22 36.11
N LEU J 177 -5.26 -10.52 35.02
CA LEU J 177 -4.26 -9.69 34.35
C LEU J 177 -4.45 -8.23 34.72
N ASN J 178 -3.53 -7.72 35.54
CA ASN J 178 -3.54 -6.32 35.93
C ASN J 178 -2.72 -5.48 34.96
N LEU J 179 -3.42 -4.85 34.01
CA LEU J 179 -2.78 -4.05 32.98
C LEU J 179 -2.31 -2.71 33.52
N ILE J 180 -1.06 -2.37 33.23
CA ILE J 180 -0.48 -1.09 33.62
C ILE J 180 -0.12 -0.29 32.37
N SER J 181 -0.79 0.85 32.22
CA SER J 181 -0.52 1.76 31.10
C SER J 181 -0.55 3.20 31.57
N GLU J 182 0.38 3.99 31.05
CA GLU J 182 0.53 5.38 31.44
C GLU J 182 -0.49 6.27 30.75
N SER J 183 -0.95 5.85 29.57
CA SER J 183 -1.93 6.61 28.80
C SER J 183 -2.84 5.68 27.99
N LEU J 184 -3.72 4.97 28.70
CA LEU J 184 -4.70 4.09 28.07
C LEU J 184 -5.93 3.96 28.97
N ILE J 185 -7.10 4.03 28.36
CA ILE J 185 -8.37 4.05 29.10
C ILE J 185 -9.39 3.08 28.51
N GLU J 186 -9.55 3.14 27.20
CA GLU J 186 -10.55 2.35 26.48
C GLU J 186 -10.02 0.95 26.20
N LEU J 187 -10.61 -0.05 26.85
CA LEU J 187 -10.19 -1.45 26.71
C LEU J 187 -11.21 -2.33 25.97
N ASP J 188 -12.15 -1.68 25.29
CA ASP J 188 -13.18 -2.34 24.48
C ASP J 188 -12.64 -3.17 23.32
N PHE J 189 -11.44 -2.83 22.84
CA PHE J 189 -10.79 -3.56 21.75
C PHE J 189 -10.35 -4.97 22.15
N ILE J 190 -10.07 -5.15 23.44
CA ILE J 190 -9.72 -6.47 23.97
C ILE J 190 -10.98 -7.33 24.12
N HIS J 191 -12.03 -6.74 24.70
CA HIS J 191 -13.31 -7.43 24.88
C HIS J 191 -13.94 -7.84 23.54
N GLU J 192 -13.64 -7.07 22.49
CA GLU J 192 -14.05 -7.38 21.13
C GLU J 192 -13.31 -8.61 20.61
N GLY J 193 -12.01 -8.70 20.93
CA GLY J 193 -11.18 -9.83 20.55
C GLY J 193 -11.57 -11.11 21.27
N ILE J 194 -11.91 -10.98 22.55
CA ILE J 194 -12.33 -12.11 23.39
C ILE J 194 -13.58 -12.79 22.83
N SER J 195 -14.57 -11.98 22.45
CA SER J 195 -15.83 -12.51 21.92
C SER J 195 -15.65 -13.19 20.56
N ILE J 196 -14.69 -12.71 19.77
CA ILE J 196 -14.31 -13.36 18.51
C ILE J 196 -13.61 -14.69 18.79
N GLY J 197 -12.66 -14.66 19.72
CA GLY J 197 -11.93 -15.86 20.14
C GLY J 197 -12.83 -16.95 20.69
N GLN J 198 -13.82 -16.55 21.48
CA GLN J 198 -14.80 -17.48 22.06
C GLN J 198 -15.75 -18.04 21.00
N SER J 199 -15.97 -17.28 19.94
CA SER J 199 -16.77 -17.74 18.81
C SER J 199 -16.03 -18.81 18.02
N ILE J 200 -14.71 -18.63 17.89
CA ILE J 200 -13.83 -19.61 17.24
C ILE J 200 -13.80 -20.90 18.05
N ASN J 201 -13.71 -20.78 19.37
CA ASN J 201 -13.72 -21.92 20.28
C ASN J 201 -15.05 -22.66 20.32
N LEU J 202 -16.15 -21.93 20.11
CA LEU J 202 -17.46 -22.54 20.01
C LEU J 202 -17.54 -23.45 18.79
N ALA J 203 -17.01 -22.98 17.67
CA ALA J 203 -16.92 -23.77 16.44
C ALA J 203 -16.03 -24.99 16.64
N ARG J 204 -14.91 -24.79 17.33
CA ARG J 204 -13.96 -25.86 17.66
C ARG J 204 -14.61 -26.95 18.51
N ASP J 205 -15.43 -26.54 19.48
CA ASP J 205 -16.13 -27.48 20.35
C ASP J 205 -17.05 -28.42 19.59
N PHE J 206 -17.81 -27.86 18.63
CA PHE J 206 -18.67 -28.66 17.79
C PHE J 206 -17.87 -29.62 16.92
N SER J 207 -16.74 -29.15 16.41
CA SER J 207 -15.88 -29.94 15.52
C SER J 207 -15.19 -31.08 16.25
N ASN J 208 -14.71 -30.81 17.47
CA ASN J 208 -14.00 -31.79 18.28
C ASN J 208 -14.91 -32.87 18.86
N MET J 209 -16.21 -32.58 18.90
CA MET J 209 -17.22 -33.50 19.43
C MET J 209 -17.20 -34.85 18.69
N PRO J 210 -17.22 -35.97 19.44
CA PRO J 210 -17.25 -37.30 18.83
C PRO J 210 -18.53 -37.50 18.02
N PRO J 211 -18.43 -38.17 16.86
CA PRO J 211 -19.57 -38.36 15.95
C PRO J 211 -20.70 -39.21 16.53
N ASN J 212 -20.39 -40.08 17.49
CA ASN J 212 -21.42 -40.86 18.18
C ASN J 212 -22.17 -40.04 19.23
N VAL J 213 -21.65 -38.86 19.53
CA VAL J 213 -22.29 -37.92 20.45
C VAL J 213 -22.98 -36.81 19.65
N LEU J 214 -22.24 -36.17 18.74
CA LEU J 214 -22.81 -35.11 17.90
C LEU J 214 -23.35 -35.66 16.58
N THR J 215 -24.65 -35.98 16.60
CA THR J 215 -25.40 -36.40 15.42
C THR J 215 -26.12 -35.18 14.85
N PRO J 216 -26.66 -35.27 13.62
CA PRO J 216 -27.41 -34.14 13.06
C PRO J 216 -28.49 -33.59 14.00
N GLN J 217 -29.21 -34.50 14.66
CA GLN J 217 -30.26 -34.11 15.60
C GLN J 217 -29.72 -33.32 16.80
N THR J 218 -28.72 -33.89 17.48
CA THR J 218 -28.13 -33.26 18.67
C THR J 218 -27.39 -31.98 18.33
N PHE J 219 -26.83 -31.93 17.12
CA PHE J 219 -26.18 -30.72 16.61
C PHE J 219 -27.20 -29.59 16.46
N ALA J 220 -28.34 -29.91 15.88
CA ALA J 220 -29.46 -28.95 15.75
C ALA J 220 -29.96 -28.51 17.13
N GLU J 221 -30.15 -29.47 18.02
CA GLU J 221 -30.64 -29.19 19.38
C GLU J 221 -29.67 -28.30 20.17
N ASP J 222 -28.37 -28.51 19.99
CA ASP J 222 -27.34 -27.71 20.65
C ASP J 222 -27.34 -26.26 20.17
N ILE J 223 -27.60 -26.06 18.87
CA ILE J 223 -27.68 -24.73 18.28
C ILE J 223 -28.90 -23.96 18.80
N VAL J 224 -30.04 -24.65 18.89
CA VAL J 224 -31.27 -24.09 19.46
C VAL J 224 -31.02 -23.62 20.90
N ASN J 225 -30.47 -24.50 21.73
CA ASN J 225 -30.22 -24.20 23.14
C ASN J 225 -29.21 -23.08 23.35
N HIS J 226 -28.22 -22.99 22.46
CA HIS J 226 -27.18 -21.96 22.56
C HIS J 226 -27.73 -20.56 22.30
N PHE J 227 -28.57 -20.43 21.27
CA PHE J 227 -29.14 -19.13 20.89
C PHE J 227 -30.50 -18.86 21.53
N LYS J 228 -30.89 -19.69 22.49
CA LYS J 228 -32.24 -19.65 23.07
C LYS J 228 -32.63 -18.29 23.67
N ASN J 229 -31.72 -17.68 24.43
CA ASN J 229 -32.00 -16.39 25.07
C ASN J 229 -31.34 -15.19 24.38
N THR J 230 -31.05 -15.34 23.09
CA THR J 230 -30.37 -14.29 22.33
C THR J 230 -31.27 -13.66 21.26
N LYS J 231 -30.72 -12.70 20.53
CA LYS J 231 -31.39 -12.04 19.42
C LYS J 231 -31.50 -12.95 18.20
N VAL J 232 -30.74 -14.05 18.21
CA VAL J 232 -30.65 -14.98 17.10
C VAL J 232 -31.78 -16.02 17.12
N LYS J 233 -32.53 -16.09 16.02
CA LYS J 233 -33.61 -17.06 15.86
C LYS J 233 -33.11 -18.33 15.17
N VAL J 234 -33.59 -19.48 15.64
CA VAL J 234 -33.20 -20.77 15.07
C VAL J 234 -34.42 -21.61 14.71
N ASP J 235 -34.48 -22.07 13.47
CA ASP J 235 -35.53 -22.97 13.00
C ASP J 235 -34.91 -24.30 12.59
N VAL J 236 -35.49 -25.39 13.08
CA VAL J 236 -35.01 -26.74 12.76
C VAL J 236 -36.04 -27.50 11.94
N LYS J 237 -35.60 -28.02 10.81
CA LYS J 237 -36.44 -28.78 9.90
C LYS J 237 -36.11 -30.26 10.07
N ASP J 238 -37.02 -31.01 10.67
CA ASP J 238 -36.80 -32.44 10.94
C ASP J 238 -36.94 -33.30 9.68
N TYR J 239 -36.64 -34.59 9.81
CA TYR J 239 -36.56 -35.50 8.66
C TYR J 239 -37.84 -35.56 7.81
N ASP J 240 -38.99 -35.68 8.47
CA ASP J 240 -40.27 -35.82 7.77
C ASP J 240 -40.68 -34.55 7.01
N THR J 241 -40.24 -33.40 7.50
CA THR J 241 -40.47 -32.12 6.81
C THR J 241 -39.56 -32.01 5.59
N LEU J 242 -38.32 -32.48 5.72
CA LEU J 242 -37.35 -32.47 4.62
C LEU J 242 -37.85 -33.19 3.38
N VAL J 243 -38.40 -34.38 3.56
CA VAL J 243 -38.86 -35.22 2.45
C VAL J 243 -40.13 -34.65 1.79
N SER J 244 -41.02 -34.10 2.60
CA SER J 244 -42.26 -33.52 2.09
C SER J 244 -42.04 -32.18 1.41
N GLU J 245 -41.05 -31.42 1.89
CA GLU J 245 -40.70 -30.14 1.28
C GLU J 245 -39.77 -30.28 0.07
N GLY J 246 -39.32 -31.50 -0.18
CA GLY J 246 -38.57 -31.82 -1.40
C GLY J 246 -37.07 -31.64 -1.34
N PHE J 247 -36.49 -31.75 -0.16
CA PHE J 247 -35.04 -31.71 0.01
C PHE J 247 -34.41 -33.05 -0.38
N GLY J 248 -34.55 -33.40 -1.66
CA GLY J 248 -34.19 -34.72 -2.17
C GLY J 248 -32.74 -35.15 -2.01
N LEU J 249 -31.82 -34.21 -2.24
CA LEU J 249 -30.39 -34.50 -2.14
C LEU J 249 -29.93 -34.70 -0.70
N LEU J 250 -30.41 -33.84 0.21
CA LEU J 250 -30.12 -33.96 1.63
C LEU J 250 -30.70 -35.27 2.19
N GLN J 251 -31.89 -35.65 1.72
CA GLN J 251 -32.52 -36.91 2.08
C GLN J 251 -31.67 -38.09 1.62
N ALA J 252 -31.23 -38.04 0.37
CA ALA J 252 -30.42 -39.09 -0.24
C ALA J 252 -29.13 -39.37 0.52
N VAL J 253 -28.46 -38.31 0.95
CA VAL J 253 -27.17 -38.42 1.65
C VAL J 253 -27.33 -38.99 3.05
N GLY J 254 -28.39 -38.58 3.75
CA GLY J 254 -28.54 -38.90 5.17
C GLY J 254 -29.42 -40.08 5.53
N LYS J 255 -30.08 -40.68 4.54
CA LYS J 255 -31.04 -41.76 4.79
C LYS J 255 -30.41 -43.07 5.26
N GLY J 256 -29.12 -43.23 5.00
CA GLY J 256 -28.40 -44.46 5.36
C GLY J 256 -28.00 -44.56 6.82
N SER J 257 -28.21 -43.49 7.58
CA SER J 257 -27.87 -43.45 9.00
C SER J 257 -29.11 -43.65 9.87
N LYS J 258 -28.89 -44.13 11.10
CA LYS J 258 -29.96 -44.20 12.10
C LYS J 258 -30.37 -42.79 12.49
N HIS J 259 -29.40 -41.89 12.53
CA HIS J 259 -29.61 -40.49 12.86
C HIS J 259 -29.87 -39.70 11.59
N LYS J 260 -31.15 -39.45 11.31
CA LYS J 260 -31.59 -38.82 10.06
C LYS J 260 -31.16 -37.34 9.95
N PRO J 261 -31.07 -36.83 8.71
CA PRO J 261 -30.60 -35.46 8.46
C PRO J 261 -31.48 -34.35 9.04
N ARG J 262 -30.91 -33.16 9.15
CA ARG J 262 -31.62 -31.97 9.63
C ARG J 262 -31.21 -30.76 8.79
N LEU J 263 -32.13 -29.80 8.66
CA LEU J 263 -31.78 -28.50 8.10
C LEU J 263 -32.00 -27.42 9.16
N VAL J 264 -30.93 -26.68 9.44
CA VAL J 264 -30.96 -25.64 10.46
C VAL J 264 -30.90 -24.26 9.81
N THR J 265 -31.92 -23.44 10.08
CA THR J 265 -31.97 -22.07 9.62
C THR J 265 -31.71 -21.12 10.78
N ILE J 266 -30.72 -20.24 10.61
CA ILE J 266 -30.32 -19.29 11.65
C ILE J 266 -30.45 -17.87 11.11
N THR J 267 -31.31 -17.07 11.72
CA THR J 267 -31.50 -15.69 11.29
C THR J 267 -31.04 -14.68 12.35
N TYR J 268 -30.31 -13.67 11.90
CA TYR J 268 -29.88 -12.56 12.74
C TYR J 268 -30.14 -11.25 12.02
N ASN J 269 -31.04 -10.43 12.58
CA ASN J 269 -31.38 -9.13 12.00
C ASN J 269 -30.73 -7.99 12.77
N GLY J 270 -29.50 -7.67 12.39
CA GLY J 270 -28.69 -6.69 13.11
C GLY J 270 -28.96 -5.24 12.78
N LYS J 271 -29.67 -4.98 11.69
CA LYS J 271 -29.98 -3.60 11.29
C LYS J 271 -31.45 -3.30 11.03
N ASP J 272 -32.12 -4.15 10.25
CA ASP J 272 -33.49 -3.87 9.83
C ASP J 272 -34.42 -5.10 9.88
N LYS J 273 -35.72 -4.82 9.75
CA LYS J 273 -36.75 -5.85 9.64
C LYS J 273 -36.77 -6.42 8.21
N ASP J 274 -36.92 -5.54 7.21
CA ASP J 274 -36.94 -5.94 5.81
C ASP J 274 -35.77 -5.35 5.03
N GLU J 275 -34.85 -6.21 4.61
CA GLU J 275 -33.63 -5.84 3.89
C GLU J 275 -32.93 -7.12 3.44
N ALA J 276 -32.19 -7.06 2.33
CA ALA J 276 -31.55 -8.27 1.79
C ALA J 276 -30.42 -8.78 2.69
N PRO J 277 -30.59 -10.00 3.23
CA PRO J 277 -29.61 -10.57 4.14
C PRO J 277 -28.37 -11.13 3.43
N ILE J 278 -27.35 -11.44 4.21
CA ILE J 278 -26.17 -12.15 3.72
C ILE J 278 -26.37 -13.63 4.05
N ALA J 279 -26.35 -14.47 3.01
CA ALA J 279 -26.51 -15.90 3.18
C ALA J 279 -25.19 -16.60 3.48
N LEU J 280 -25.15 -17.32 4.60
CA LEU J 280 -24.00 -18.13 4.95
C LEU J 280 -24.40 -19.60 5.02
N VAL J 281 -23.90 -20.39 4.07
CA VAL J 281 -24.26 -21.80 3.96
C VAL J 281 -23.10 -22.67 4.46
N GLY J 282 -23.44 -23.67 5.29
CA GLY J 282 -22.44 -24.56 5.87
C GLY J 282 -22.71 -26.04 5.67
N LYS J 283 -21.67 -26.78 5.31
CA LYS J 283 -21.75 -28.22 5.18
C LYS J 283 -21.66 -28.86 6.57
N GLY J 284 -22.74 -29.52 6.97
CA GLY J 284 -22.82 -30.12 8.31
C GLY J 284 -22.83 -31.63 8.32
N ILE J 285 -21.92 -32.25 7.58
CA ILE J 285 -21.81 -33.71 7.60
C ILE J 285 -21.11 -34.13 8.89
N THR J 286 -21.90 -34.59 9.86
CA THR J 286 -21.39 -34.95 11.19
C THR J 286 -20.41 -36.12 11.15
N TYR J 287 -20.61 -37.04 10.21
CA TYR J 287 -19.63 -38.08 9.91
C TYR J 287 -19.73 -38.54 8.46
N ASP J 288 -18.58 -38.69 7.81
CA ASP J 288 -18.49 -39.12 6.43
C ASP J 288 -17.69 -40.42 6.32
N SER J 289 -18.38 -41.53 6.09
CA SER J 289 -17.73 -42.82 5.82
C SER J 289 -17.45 -42.98 4.33
N GLY J 290 -18.09 -42.13 3.53
CA GLY J 290 -17.97 -42.18 2.08
C GLY J 290 -19.16 -42.87 1.44
N GLY J 291 -19.99 -43.51 2.25
CA GLY J 291 -21.10 -44.32 1.75
C GLY J 291 -20.58 -45.58 1.09
N TYR J 292 -21.31 -46.08 0.09
CA TYR J 292 -20.87 -47.27 -0.66
C TYR J 292 -19.56 -47.05 -1.41
N SER J 293 -19.25 -45.80 -1.73
CA SER J 293 -17.92 -45.42 -2.19
C SER J 293 -17.03 -45.21 -0.96
N ILE J 294 -16.81 -46.31 -0.25
CA ILE J 294 -16.18 -46.31 1.08
C ILE J 294 -14.75 -45.79 1.09
N LYS J 295 -14.40 -45.07 2.16
CA LYS J 295 -13.05 -44.56 2.36
C LYS J 295 -12.11 -45.66 2.83
N THR J 296 -10.80 -45.43 2.66
CA THR J 296 -9.78 -46.34 3.19
C THR J 296 -9.65 -46.18 4.71
N LYS J 297 -8.86 -47.05 5.34
CA LYS J 297 -8.63 -47.00 6.79
C LYS J 297 -8.17 -45.60 7.26
N ASN J 298 -7.07 -45.12 6.67
CA ASN J 298 -6.54 -43.79 6.98
C ASN J 298 -7.46 -42.66 6.51
N GLY J 299 -8.32 -42.97 5.54
CA GLY J 299 -9.26 -41.99 4.98
C GLY J 299 -10.38 -41.60 5.92
N MET J 300 -10.82 -42.53 6.76
CA MET J 300 -11.92 -42.28 7.70
C MET J 300 -11.48 -41.57 8.97
N ALA J 301 -10.20 -41.65 9.29
CA ALA J 301 -9.62 -40.94 10.43
C ALA J 301 -9.94 -39.45 10.34
N THR J 302 -10.30 -38.86 11.48
CA THR J 302 -10.63 -37.43 11.60
C THR J 302 -11.79 -36.95 10.70
N MET J 303 -12.72 -37.85 10.38
CA MET J 303 -13.89 -37.50 9.56
C MET J 303 -15.06 -36.90 10.34
N LYS J 304 -14.88 -36.74 11.66
CA LYS J 304 -15.83 -35.99 12.47
C LYS J 304 -15.70 -34.50 12.17
N PHE J 305 -14.60 -34.13 11.52
CA PHE J 305 -14.32 -32.75 11.13
C PHE J 305 -14.95 -32.37 9.79
N ASP J 306 -15.83 -33.23 9.28
CA ASP J 306 -16.49 -32.99 7.99
C ASP J 306 -17.67 -32.03 8.13
N MET J 307 -17.90 -31.54 9.34
CA MET J 307 -18.94 -30.55 9.61
C MET J 307 -18.37 -29.21 10.09
N CYS J 308 -17.06 -29.05 9.94
CA CYS J 308 -16.36 -27.80 10.27
C CYS J 308 -16.99 -26.57 9.61
N GLY J 309 -17.42 -26.74 8.36
CA GLY J 309 -18.08 -25.68 7.61
C GLY J 309 -19.31 -25.14 8.33
N ALA J 310 -20.17 -26.05 8.80
CA ALA J 310 -21.37 -25.67 9.54
C ALA J 310 -21.01 -25.04 10.88
N ALA J 311 -20.02 -25.63 11.56
CA ALA J 311 -19.55 -25.14 12.85
C ALA J 311 -19.02 -23.71 12.75
N ASN J 312 -18.26 -23.44 11.69
CA ASN J 312 -17.67 -22.13 11.49
C ASN J 312 -18.69 -21.05 11.11
N VAL J 313 -19.78 -21.46 10.44
CA VAL J 313 -20.91 -20.56 10.16
C VAL J 313 -21.58 -20.14 11.48
N VAL J 314 -21.80 -21.11 12.37
CA VAL J 314 -22.34 -20.86 13.70
C VAL J 314 -21.45 -19.87 14.46
N GLY J 315 -20.14 -20.08 14.36
CA GLY J 315 -19.15 -19.20 14.98
C GLY J 315 -19.21 -17.78 14.47
N ILE J 316 -19.32 -17.63 13.15
CA ILE J 316 -19.42 -16.31 12.50
C ILE J 316 -20.67 -15.54 12.97
N ILE J 317 -21.80 -16.23 13.01
CA ILE J 317 -23.07 -15.64 13.47
C ILE J 317 -23.00 -15.31 14.96
N GLU J 318 -22.38 -16.19 15.75
CA GLU J 318 -22.14 -15.95 17.17
C GLU J 318 -21.34 -14.67 17.41
N ALA J 319 -20.29 -14.48 16.61
CA ALA J 319 -19.45 -13.29 16.72
C ALA J 319 -20.20 -12.03 16.29
N ALA J 320 -20.92 -12.11 15.18
CA ALA J 320 -21.68 -10.99 14.64
C ALA J 320 -22.75 -10.48 15.62
N SER J 321 -23.42 -11.41 16.29
CA SER J 321 -24.49 -11.08 17.23
C SER J 321 -23.96 -10.48 18.54
N ARG J 322 -22.85 -11.03 19.04
CA ARG J 322 -22.22 -10.54 20.27
C ARG J 322 -21.55 -9.19 20.06
N LEU J 323 -21.09 -8.93 18.84
CA LEU J 323 -20.54 -7.62 18.49
C LEU J 323 -21.64 -6.64 18.08
N GLN J 324 -22.87 -7.15 17.98
CA GLN J 324 -24.05 -6.37 17.60
C GLN J 324 -23.83 -5.59 16.30
N LEU J 325 -23.35 -6.30 15.28
CA LEU J 325 -23.04 -5.70 13.99
C LEU J 325 -24.32 -5.36 13.22
N PRO J 326 -24.36 -4.18 12.58
CA PRO J 326 -25.53 -3.76 11.81
C PRO J 326 -25.64 -4.47 10.46
N VAL J 327 -25.79 -5.80 10.52
CA VAL J 327 -25.94 -6.63 9.31
C VAL J 327 -27.06 -7.65 9.47
N ASN J 328 -27.72 -7.98 8.36
CA ASN J 328 -28.68 -9.06 8.35
C ASN J 328 -28.04 -10.33 7.81
N ILE J 329 -28.15 -11.42 8.57
CA ILE J 329 -27.56 -12.70 8.19
C ILE J 329 -28.59 -13.82 8.25
N VAL J 330 -28.62 -14.64 7.20
CA VAL J 330 -29.36 -15.90 7.23
C VAL J 330 -28.37 -17.06 7.06
N GLY J 331 -28.35 -17.95 8.04
CA GLY J 331 -27.46 -19.11 8.01
C GLY J 331 -28.23 -20.38 7.73
N VAL J 332 -27.75 -21.15 6.75
CA VAL J 332 -28.38 -22.42 6.40
C VAL J 332 -27.36 -23.56 6.58
N LEU J 333 -27.73 -24.54 7.40
CA LEU J 333 -26.87 -25.68 7.66
C LEU J 333 -27.53 -26.97 7.21
N ALA J 334 -26.84 -27.68 6.30
CA ALA J 334 -27.30 -28.98 5.84
C ALA J 334 -26.58 -30.08 6.61
N CYS J 335 -27.29 -30.69 7.54
CA CYS J 335 -26.71 -31.67 8.45
C CYS J 335 -27.16 -33.08 8.12
N ALA J 336 -26.19 -33.98 8.00
CA ALA J 336 -26.44 -35.39 7.68
C ALA J 336 -25.27 -36.27 8.10
N GLU J 337 -25.49 -37.58 8.13
CA GLU J 337 -24.45 -38.56 8.43
C GLU J 337 -24.36 -39.56 7.27
N ASN J 338 -23.23 -39.56 6.58
CA ASN J 338 -23.03 -40.40 5.40
C ASN J 338 -22.62 -41.83 5.76
N MET J 339 -23.61 -42.72 5.79
CA MET J 339 -23.41 -44.09 6.28
C MET J 339 -23.86 -45.16 5.28
N ILE J 340 -23.46 -46.41 5.55
CA ILE J 340 -23.84 -47.56 4.73
C ILE J 340 -24.90 -48.40 5.43
N ASN J 341 -25.99 -48.68 4.72
CA ASN J 341 -27.00 -49.64 5.18
C ASN J 341 -27.79 -50.26 4.02
N GLU J 342 -28.85 -51.00 4.35
CA GLU J 342 -29.68 -51.71 3.37
C GLU J 342 -30.31 -50.81 2.30
N ALA J 343 -30.44 -49.52 2.59
CA ALA J 343 -31.15 -48.60 1.70
C ALA J 343 -30.45 -47.26 1.47
N SER J 344 -29.15 -47.20 1.75
CA SER J 344 -28.37 -45.97 1.54
C SER J 344 -28.10 -45.71 0.06
N MET J 345 -27.68 -44.49 -0.26
CA MET J 345 -27.44 -44.09 -1.65
C MET J 345 -26.29 -44.86 -2.30
N LYS J 346 -26.44 -45.11 -3.60
CA LYS J 346 -25.49 -45.92 -4.36
C LYS J 346 -25.11 -45.19 -5.65
N PRO J 347 -23.91 -45.45 -6.21
CA PRO J 347 -23.61 -44.98 -7.55
C PRO J 347 -24.65 -45.48 -8.56
N ASP J 348 -25.08 -44.59 -9.46
CA ASP J 348 -26.15 -44.83 -10.45
C ASP J 348 -27.52 -44.33 -10.01
N ASP J 349 -27.69 -44.07 -8.72
CA ASP J 349 -28.92 -43.53 -8.17
C ASP J 349 -29.23 -42.15 -8.77
N VAL J 350 -30.51 -41.92 -9.07
CA VAL J 350 -30.96 -40.61 -9.56
C VAL J 350 -31.97 -40.02 -8.58
N PHE J 351 -31.71 -38.79 -8.15
CA PHE J 351 -32.58 -38.09 -7.19
C PHE J 351 -33.06 -36.75 -7.73
N THR J 352 -34.15 -36.26 -7.17
CA THR J 352 -34.67 -34.94 -7.52
C THR J 352 -34.27 -33.93 -6.46
N ALA J 353 -33.50 -32.93 -6.87
CA ALA J 353 -33.05 -31.85 -5.98
C ALA J 353 -34.20 -30.93 -5.58
N LEU J 354 -33.93 -30.05 -4.61
CA LEU J 354 -34.91 -29.05 -4.20
C LEU J 354 -35.24 -28.11 -5.36
N SER J 355 -34.27 -27.92 -6.25
CA SER J 355 -34.44 -27.09 -7.45
C SER J 355 -35.41 -27.70 -8.45
N GLY J 356 -35.63 -29.01 -8.34
CA GLY J 356 -36.49 -29.73 -9.27
C GLY J 356 -35.69 -30.47 -10.32
N GLU J 357 -34.39 -30.19 -10.37
CA GLU J 357 -33.47 -30.85 -11.30
C GLU J 357 -33.11 -32.26 -10.83
N THR J 358 -32.87 -33.15 -11.78
CA THR J 358 -32.46 -34.52 -11.47
C THR J 358 -30.94 -34.64 -11.42
N VAL J 359 -30.45 -35.37 -10.42
CA VAL J 359 -29.02 -35.54 -10.21
C VAL J 359 -28.67 -37.03 -10.17
N GLU J 360 -27.75 -37.44 -11.04
CA GLU J 360 -27.21 -38.79 -11.00
C GLU J 360 -26.00 -38.82 -10.07
N VAL J 361 -26.04 -39.71 -9.08
CA VAL J 361 -24.94 -39.86 -8.14
C VAL J 361 -24.02 -40.97 -8.62
N MET J 362 -22.78 -40.60 -8.97
CA MET J 362 -21.79 -41.57 -9.44
C MET J 362 -20.71 -41.86 -8.39
N ASN J 363 -20.67 -41.05 -7.35
CA ASN J 363 -19.71 -41.19 -6.25
C ASN J 363 -20.35 -40.70 -4.95
N THR J 364 -20.59 -41.63 -4.03
CA THR J 364 -21.28 -41.29 -2.77
C THR J 364 -20.37 -40.56 -1.79
N ASP J 365 -19.07 -40.53 -2.08
CA ASP J 365 -18.10 -39.78 -1.27
C ASP J 365 -18.08 -38.30 -1.68
N ALA J 366 -18.75 -37.98 -2.78
CA ALA J 366 -18.99 -36.60 -3.18
C ALA J 366 -20.34 -36.14 -2.61
N GLU J 367 -20.50 -36.33 -1.29
CA GLU J 367 -21.76 -36.06 -0.60
C GLU J 367 -21.94 -34.59 -0.25
N GLY J 368 -20.82 -33.88 -0.08
CA GLY J 368 -20.83 -32.49 0.36
C GLY J 368 -21.53 -31.55 -0.61
N ARG J 369 -21.18 -31.67 -1.89
CA ARG J 369 -21.78 -30.85 -2.94
C ARG J 369 -23.28 -31.09 -3.09
N LEU J 370 -23.73 -32.29 -2.72
CA LEU J 370 -25.14 -32.64 -2.78
C LEU J 370 -25.96 -31.91 -1.72
N VAL J 371 -25.50 -31.95 -0.47
CA VAL J 371 -26.21 -31.28 0.62
C VAL J 371 -26.13 -29.76 0.52
N LEU J 372 -25.01 -29.26 -0.02
CA LEU J 372 -24.84 -27.83 -0.25
C LEU J 372 -25.79 -27.33 -1.32
N ALA J 373 -25.99 -28.14 -2.36
CA ALA J 373 -26.89 -27.81 -3.47
C ALA J 373 -28.30 -27.50 -2.99
N ASP J 374 -28.86 -28.36 -2.14
CA ASP J 374 -30.17 -28.15 -1.55
C ASP J 374 -30.20 -26.95 -0.62
N ALA J 375 -29.12 -26.77 0.14
CA ALA J 375 -29.00 -25.67 1.08
C ALA J 375 -28.86 -24.32 0.39
N VAL J 376 -28.05 -24.27 -0.67
CA VAL J 376 -27.84 -23.05 -1.45
C VAL J 376 -29.13 -22.60 -2.13
N PHE J 377 -29.85 -23.54 -2.75
CA PHE J 377 -31.12 -23.24 -3.39
C PHE J 377 -32.15 -22.71 -2.39
N TYR J 378 -32.17 -23.31 -1.19
CA TYR J 378 -33.04 -22.85 -0.12
C TYR J 378 -32.64 -21.46 0.39
N ALA J 379 -31.33 -21.21 0.48
CA ALA J 379 -30.83 -19.91 0.92
C ALA J 379 -31.21 -18.79 -0.04
N ASN J 380 -31.25 -19.12 -1.34
CA ASN J 380 -31.56 -18.15 -2.38
C ASN J 380 -33.02 -17.69 -2.39
N GLN J 381 -33.89 -18.47 -1.74
CA GLN J 381 -35.30 -18.11 -1.56
C GLN J 381 -35.45 -16.84 -0.73
N TYR J 382 -34.50 -16.62 0.18
CA TYR J 382 -34.47 -15.44 1.03
C TYR J 382 -34.01 -14.19 0.27
N GLN J 383 -33.67 -14.37 -1.00
CA GLN J 383 -33.17 -13.31 -1.89
C GLN J 383 -32.01 -12.53 -1.26
N PRO J 384 -30.87 -13.20 -1.04
CA PRO J 384 -29.73 -12.54 -0.41
C PRO J 384 -28.94 -11.69 -1.39
N SER J 385 -28.16 -10.75 -0.86
CA SER J 385 -27.28 -9.94 -1.69
C SER J 385 -26.06 -10.74 -2.14
N VAL J 386 -25.65 -11.70 -1.31
CA VAL J 386 -24.53 -12.60 -1.60
C VAL J 386 -24.71 -13.92 -0.86
N ILE J 387 -24.27 -15.01 -1.48
CA ILE J 387 -24.26 -16.33 -0.84
C ILE J 387 -22.82 -16.78 -0.65
N MET J 388 -22.47 -17.14 0.58
CA MET J 388 -21.15 -17.69 0.89
C MET J 388 -21.31 -19.05 1.53
N ASP J 389 -20.72 -20.07 0.92
CA ASP J 389 -20.74 -21.41 1.50
C ASP J 389 -19.36 -21.83 1.99
N PHE J 390 -19.35 -22.61 3.08
CA PHE J 390 -18.13 -23.06 3.72
C PHE J 390 -18.19 -24.57 3.88
N ALA J 391 -17.21 -25.27 3.32
CA ALA J 391 -17.22 -26.72 3.30
C ALA J 391 -15.84 -27.34 3.19
N THR J 392 -15.67 -28.49 3.85
CA THR J 392 -14.50 -29.34 3.66
C THR J 392 -14.86 -30.33 2.55
N LEU J 393 -14.72 -29.89 1.31
CA LEU J 393 -15.20 -30.66 0.15
C LEU J 393 -14.21 -31.64 -0.44
N THR J 394 -13.16 -31.12 -1.05
CA THR J 394 -12.36 -31.88 -2.00
C THR J 394 -10.93 -32.15 -1.53
N GLY J 395 -10.46 -33.36 -1.81
CA GLY J 395 -9.05 -33.70 -1.62
C GLY J 395 -8.18 -32.98 -2.63
N ALA J 396 -8.73 -32.76 -3.83
CA ALA J 396 -8.02 -32.08 -4.91
C ALA J 396 -7.63 -30.64 -4.59
N ALA J 397 -8.44 -29.97 -3.77
CA ALA J 397 -8.13 -28.63 -3.28
C ALA J 397 -6.86 -28.62 -2.41
N ILE J 398 -6.69 -29.67 -1.60
CA ILE J 398 -5.49 -29.84 -0.79
C ILE J 398 -4.28 -30.11 -1.68
N VAL J 399 -4.47 -30.95 -2.69
CA VAL J 399 -3.40 -31.26 -3.66
C VAL J 399 -2.97 -29.99 -4.39
N ALA J 400 -3.95 -29.14 -4.68
CA ALA J 400 -3.74 -27.88 -5.41
C ALA J 400 -2.93 -26.86 -4.63
N LEU J 401 -3.39 -26.50 -3.43
CA LEU J 401 -2.85 -25.38 -2.68
C LEU J 401 -2.07 -25.76 -1.42
N GLY J 402 -2.06 -27.04 -1.08
CA GLY J 402 -1.44 -27.50 0.17
C GLY J 402 -2.45 -27.53 1.30
N ASP J 403 -2.03 -28.07 2.45
CA ASP J 403 -2.92 -28.29 3.58
C ASP J 403 -3.27 -27.02 4.36
N ASP J 404 -2.48 -25.96 4.16
CA ASP J 404 -2.59 -24.76 5.00
C ASP J 404 -3.29 -23.57 4.34
N LYS J 405 -3.76 -23.77 3.10
CA LYS J 405 -4.42 -22.70 2.34
C LYS J 405 -5.83 -23.12 1.93
N ALA J 406 -6.73 -22.13 1.88
CA ALA J 406 -8.11 -22.38 1.45
C ALA J 406 -8.32 -22.02 -0.02
N ALA J 407 -9.20 -22.76 -0.68
CA ALA J 407 -9.55 -22.49 -2.07
C ALA J 407 -10.85 -21.72 -2.16
N ALA J 408 -10.82 -20.59 -2.86
CA ALA J 408 -12.00 -19.75 -3.05
C ALA J 408 -12.43 -19.70 -4.51
N PHE J 409 -13.74 -19.78 -4.74
CA PHE J 409 -14.31 -19.75 -6.08
C PHE J 409 -15.41 -18.70 -6.13
N GLU J 410 -15.38 -17.86 -7.16
CA GLU J 410 -16.44 -16.86 -7.34
C GLU J 410 -17.36 -17.18 -8.51
N SER J 411 -18.63 -16.81 -8.35
CA SER J 411 -19.63 -16.93 -9.38
C SER J 411 -20.53 -15.71 -9.28
N ASN J 412 -20.36 -14.79 -10.23
CA ASN J 412 -21.05 -13.49 -10.23
C ASN J 412 -20.73 -12.61 -9.02
N SER J 413 -19.53 -12.78 -8.45
CA SER J 413 -19.08 -11.98 -7.32
C SER J 413 -17.56 -11.78 -7.29
N LYS J 414 -17.03 -11.30 -8.41
CA LYS J 414 -15.60 -11.04 -8.57
C LYS J 414 -15.11 -9.95 -7.60
N VAL J 415 -15.95 -8.94 -7.38
CA VAL J 415 -15.59 -7.79 -6.54
C VAL J 415 -15.55 -8.15 -5.06
N ILE J 416 -16.60 -8.79 -4.56
CA ILE J 416 -16.68 -9.20 -3.16
C ILE J 416 -15.57 -10.20 -2.79
N LEU J 417 -15.22 -11.08 -3.73
CA LEU J 417 -14.11 -12.00 -3.53
C LEU J 417 -12.77 -11.28 -3.36
N ASN J 418 -12.50 -10.32 -4.25
CA ASN J 418 -11.27 -9.53 -4.19
C ASN J 418 -11.07 -8.83 -2.85
N ASP J 419 -12.16 -8.33 -2.26
CA ASP J 419 -12.14 -7.75 -0.92
C ASP J 419 -11.74 -8.79 0.12
N ILE J 420 -12.36 -9.96 0.02
CA ILE J 420 -12.14 -11.04 0.97
C ILE J 420 -10.72 -11.59 0.88
N LEU J 421 -10.21 -11.73 -0.35
CA LEU J 421 -8.82 -12.15 -0.56
C LEU J 421 -7.83 -11.17 0.04
N GLN J 422 -8.19 -9.88 0.02
CA GLN J 422 -7.38 -8.84 0.67
C GLN J 422 -7.45 -8.91 2.19
N ILE J 423 -8.67 -8.99 2.72
CA ILE J 423 -8.92 -9.06 4.15
C ILE J 423 -8.21 -10.26 4.79
N SER J 424 -8.33 -11.42 4.13
CA SER J 424 -7.75 -12.67 4.64
C SER J 424 -6.23 -12.59 4.78
N SER J 425 -5.58 -11.96 3.80
CA SER J 425 -4.12 -11.82 3.82
C SER J 425 -3.66 -10.88 4.92
N GLU J 426 -4.59 -10.05 5.41
CA GLU J 426 -4.31 -9.10 6.49
C GLU J 426 -4.56 -9.68 7.88
N VAL J 427 -5.33 -10.77 7.95
CA VAL J 427 -5.66 -11.42 9.23
C VAL J 427 -5.05 -12.82 9.38
N ASP J 428 -3.93 -13.04 8.68
CA ASP J 428 -3.15 -14.28 8.75
C ASP J 428 -3.95 -15.54 8.38
N GLU J 429 -4.75 -15.44 7.32
CA GLU J 429 -5.49 -16.58 6.80
C GLU J 429 -5.28 -16.70 5.28
N MET J 430 -4.60 -17.76 4.88
CA MET J 430 -4.26 -17.97 3.46
C MET J 430 -5.44 -18.49 2.66
N VAL J 431 -5.98 -17.64 1.79
CA VAL J 431 -7.08 -17.98 0.90
C VAL J 431 -6.71 -17.55 -0.52
N PHE J 432 -6.87 -18.46 -1.48
CA PHE J 432 -6.52 -18.17 -2.87
C PHE J 432 -7.58 -18.65 -3.85
N GLU J 433 -7.69 -17.94 -4.97
CA GLU J 433 -8.73 -18.20 -5.95
C GLU J 433 -8.38 -19.34 -6.91
N LEU J 434 -9.37 -20.17 -7.18
CA LEU J 434 -9.31 -21.14 -8.27
C LEU J 434 -10.50 -20.87 -9.20
N PRO J 435 -10.34 -21.16 -10.51
CA PRO J 435 -11.37 -20.74 -11.47
C PRO J 435 -12.53 -21.71 -11.68
N ILE J 436 -13.67 -21.16 -12.12
CA ILE J 436 -14.76 -21.95 -12.67
C ILE J 436 -14.95 -21.51 -14.12
N THR J 437 -14.60 -22.38 -15.07
CA THR J 437 -14.65 -22.04 -16.49
C THR J 437 -15.81 -22.72 -17.21
N ALA J 438 -15.92 -22.48 -18.51
CA ALA J 438 -16.94 -23.09 -19.35
C ALA J 438 -16.87 -24.62 -19.32
N THR J 439 -15.65 -25.14 -19.18
CA THR J 439 -15.41 -26.59 -19.05
C THR J 439 -16.20 -27.19 -17.91
N GLU J 440 -16.09 -26.59 -16.73
CA GLU J 440 -16.75 -27.09 -15.52
C GLU J 440 -18.26 -26.88 -15.55
N ARG J 441 -18.68 -25.75 -16.09
CA ARG J 441 -20.11 -25.45 -16.26
C ARG J 441 -20.81 -26.43 -17.19
N ALA J 442 -20.05 -26.98 -18.14
CA ALA J 442 -20.58 -27.97 -19.08
C ALA J 442 -20.51 -29.39 -18.52
N SER J 443 -19.42 -29.71 -17.82
CA SER J 443 -19.16 -31.08 -17.38
C SER J 443 -20.05 -31.57 -16.24
N ILE J 444 -20.65 -30.63 -15.48
CA ILE J 444 -21.61 -31.00 -14.44
C ILE J 444 -22.92 -31.52 -15.05
N LYS J 445 -23.07 -31.32 -16.36
CA LYS J 445 -24.25 -31.75 -17.09
C LYS J 445 -24.00 -33.04 -17.89
N HIS J 446 -22.80 -33.60 -17.76
CA HIS J 446 -22.43 -34.81 -18.49
C HIS J 446 -22.98 -36.08 -17.85
N SER J 447 -24.31 -36.22 -17.89
CA SER J 447 -24.99 -37.43 -17.46
C SER J 447 -25.83 -37.97 -18.61
N ASP J 448 -25.82 -39.29 -18.78
CA ASP J 448 -26.59 -39.93 -19.83
C ASP J 448 -28.07 -40.08 -19.47
N ILE J 449 -28.39 -39.80 -18.20
CA ILE J 449 -29.74 -40.05 -17.69
C ILE J 449 -30.38 -38.84 -17.01
N ALA J 450 -29.62 -38.12 -16.19
CA ALA J 450 -30.16 -37.01 -15.40
C ALA J 450 -29.74 -35.64 -15.95
N ASP J 451 -30.30 -34.58 -15.36
CA ASP J 451 -29.92 -33.20 -15.70
C ASP J 451 -28.48 -32.91 -15.30
N LEU J 452 -28.08 -33.43 -14.12
CA LEU J 452 -26.76 -33.19 -13.57
C LEU J 452 -26.09 -34.48 -13.07
N VAL J 453 -24.77 -34.44 -12.99
CA VAL J 453 -23.98 -35.53 -12.41
C VAL J 453 -23.08 -34.95 -11.32
N ASN J 454 -22.85 -35.71 -10.25
CA ASN J 454 -22.13 -35.19 -9.08
C ASN J 454 -20.63 -35.47 -9.07
N HIS J 455 -20.13 -36.16 -10.09
CA HIS J 455 -18.73 -36.57 -10.12
C HIS J 455 -18.18 -36.73 -11.54
N THR J 456 -16.92 -36.32 -11.72
CA THR J 456 -16.20 -36.53 -12.98
C THR J 456 -15.00 -37.43 -12.73
N ASN J 457 -14.69 -38.26 -13.72
CA ASN J 457 -13.48 -39.08 -13.65
C ASN J 457 -12.25 -38.33 -14.15
N GLY J 458 -12.49 -37.18 -14.77
CA GLY J 458 -11.42 -36.30 -15.21
C GLY J 458 -10.77 -35.55 -14.05
N GLN J 459 -9.76 -34.75 -14.36
CA GLN J 459 -9.07 -33.97 -13.35
C GLN J 459 -9.74 -32.60 -13.14
N GLY J 460 -9.17 -31.79 -12.25
CA GLY J 460 -9.76 -30.52 -11.87
C GLY J 460 -11.03 -30.70 -11.05
N LYS J 461 -11.00 -31.68 -10.14
CA LYS J 461 -12.16 -32.08 -9.36
C LYS J 461 -12.68 -31.00 -8.41
N ALA J 462 -11.76 -30.19 -7.87
CA ALA J 462 -12.12 -29.09 -7.00
C ALA J 462 -12.92 -28.03 -7.75
N LEU J 463 -12.55 -27.80 -9.00
CA LEU J 463 -13.24 -26.85 -9.87
C LEU J 463 -14.64 -27.37 -10.23
N PHE J 464 -14.72 -28.67 -10.49
CA PHE J 464 -15.99 -29.34 -10.77
C PHE J 464 -16.98 -29.21 -9.61
N ALA J 465 -16.51 -29.52 -8.40
CA ALA J 465 -17.32 -29.43 -7.18
C ALA J 465 -17.86 -28.01 -6.98
N ALA J 466 -17.01 -27.02 -7.21
CA ALA J 466 -17.39 -25.61 -7.09
C ALA J 466 -18.46 -25.24 -8.11
N SER J 467 -18.28 -25.71 -9.34
CA SER J 467 -19.25 -25.49 -10.40
C SER J 467 -20.61 -26.10 -10.06
N PHE J 468 -20.58 -27.28 -9.45
CA PHE J 468 -21.79 -27.99 -9.04
C PHE J 468 -22.56 -27.22 -7.98
N VAL J 469 -21.85 -26.75 -6.96
CA VAL J 469 -22.45 -26.00 -5.85
C VAL J 469 -22.99 -24.63 -6.30
N THR J 470 -22.18 -23.90 -7.06
CA THR J 470 -22.52 -22.53 -7.48
C THR J 470 -23.62 -22.48 -8.56
N HIS J 471 -23.93 -23.65 -9.12
CA HIS J 471 -25.00 -23.78 -10.11
C HIS J 471 -26.37 -23.44 -9.49
N PHE J 472 -26.55 -23.79 -8.23
CA PHE J 472 -27.84 -23.73 -7.57
C PHE J 472 -28.22 -22.34 -7.03
N SER J 473 -27.31 -21.39 -7.17
CA SER J 473 -27.55 -20.01 -6.73
C SER J 473 -28.13 -19.15 -7.87
N GLY J 474 -28.11 -19.69 -9.09
CA GLY J 474 -28.56 -18.95 -10.26
C GLY J 474 -27.58 -17.85 -10.60
N GLN J 475 -28.08 -16.62 -10.69
CA GLN J 475 -27.23 -15.46 -10.98
C GLN J 475 -26.84 -14.67 -9.74
N THR J 476 -27.32 -15.12 -8.58
CA THR J 476 -26.99 -14.50 -7.29
C THR J 476 -25.50 -14.62 -7.02
N PRO J 477 -24.84 -13.50 -6.65
CA PRO J 477 -23.42 -13.51 -6.26
C PRO J 477 -23.12 -14.62 -5.26
N HIS J 478 -22.18 -15.50 -5.62
CA HIS J 478 -21.90 -16.69 -4.85
C HIS J 478 -20.39 -16.90 -4.72
N ILE J 479 -19.92 -17.04 -3.49
CA ILE J 479 -18.54 -17.44 -3.23
C ILE J 479 -18.50 -18.78 -2.50
N HIS J 480 -17.74 -19.73 -3.07
CA HIS J 480 -17.57 -21.06 -2.50
C HIS J 480 -16.19 -21.18 -1.86
N PHE J 481 -16.16 -21.57 -0.59
CA PHE J 481 -14.91 -21.77 0.14
C PHE J 481 -14.64 -23.23 0.44
N ASP J 482 -13.66 -23.81 -0.24
CA ASP J 482 -13.23 -25.18 0.03
C ASP J 482 -12.13 -25.15 1.09
N ILE J 483 -12.50 -25.49 2.31
CA ILE J 483 -11.59 -25.43 3.45
C ILE J 483 -11.19 -26.84 3.94
N ALA J 484 -11.13 -27.80 3.02
CA ALA J 484 -10.77 -29.17 3.34
C ALA J 484 -9.41 -29.25 4.03
N GLY J 485 -8.48 -28.40 3.60
CA GLY J 485 -7.14 -28.35 4.18
C GLY J 485 -7.02 -27.59 5.49
N PRO J 486 -7.24 -26.26 5.44
CA PRO J 486 -6.93 -25.39 6.58
C PRO J 486 -7.94 -25.42 7.74
N ALA J 487 -9.06 -26.13 7.57
CA ALA J 487 -10.07 -26.24 8.64
C ALA J 487 -9.53 -27.02 9.84
N THR J 488 -8.54 -27.86 9.59
CA THR J 488 -7.89 -28.63 10.65
C THR J 488 -6.37 -28.55 10.50
N THR J 489 -5.68 -28.69 11.63
CA THR J 489 -4.22 -28.73 11.65
C THR J 489 -3.74 -29.94 12.47
N ASN J 490 -2.63 -30.53 12.04
CA ASN J 490 -2.07 -31.70 12.73
C ASN J 490 -0.88 -31.31 13.61
N LYS J 491 -0.71 -30.01 13.81
CA LYS J 491 0.43 -29.47 14.52
C LYS J 491 -0.03 -28.34 15.46
N ALA J 492 0.44 -28.38 16.70
CA ALA J 492 0.15 -27.31 17.67
C ALA J 492 0.98 -26.06 17.33
N SER J 493 0.40 -24.89 17.59
CA SER J 493 1.06 -23.63 17.30
C SER J 493 0.58 -22.52 18.23
N TYR J 494 0.98 -21.28 17.91
CA TYR J 494 0.53 -20.09 18.63
C TYR J 494 -0.98 -19.86 18.54
N ASN J 495 -1.62 -20.54 17.59
CA ASN J 495 -3.07 -20.43 17.40
C ASN J 495 -3.89 -21.48 18.16
N GLY J 496 -3.20 -22.37 18.86
CA GLY J 496 -3.86 -23.41 19.65
C GLY J 496 -3.38 -24.81 19.33
N PRO J 497 -4.03 -25.83 19.93
CA PRO J 497 -3.61 -27.23 19.77
C PRO J 497 -4.05 -27.84 18.43
N LYS J 498 -3.69 -29.10 18.21
CA LYS J 498 -4.13 -29.87 17.06
C LYS J 498 -5.65 -29.90 16.97
N GLY J 499 -6.16 -30.00 15.74
CA GLY J 499 -7.59 -30.12 15.52
C GLY J 499 -8.16 -28.95 14.75
N PRO J 500 -9.45 -28.64 14.96
CA PRO J 500 -10.14 -27.59 14.23
C PRO J 500 -9.51 -26.22 14.49
N THR J 501 -9.39 -25.43 13.42
CA THR J 501 -8.74 -24.12 13.47
C THR J 501 -9.73 -22.97 13.58
N GLY J 502 -10.97 -23.23 13.18
CA GLY J 502 -12.00 -22.19 13.10
C GLY J 502 -11.72 -21.29 11.90
N PHE J 503 -11.12 -21.87 10.87
CA PHE J 503 -10.67 -21.14 9.68
C PHE J 503 -11.81 -20.39 9.00
N MET J 504 -11.49 -19.19 8.52
CA MET J 504 -12.43 -18.28 7.83
C MET J 504 -13.18 -17.33 8.76
N ILE J 505 -13.40 -17.76 10.01
CA ILE J 505 -14.13 -16.93 10.99
C ILE J 505 -13.52 -15.53 11.15
N PRO J 506 -12.18 -15.44 11.35
CA PRO J 506 -11.57 -14.10 11.42
C PRO J 506 -11.79 -13.27 10.16
N THR J 507 -11.67 -13.89 8.99
CA THR J 507 -11.81 -13.21 7.70
C THR J 507 -13.23 -12.68 7.47
N ILE J 508 -14.22 -13.53 7.66
CA ILE J 508 -15.62 -13.16 7.41
C ILE J 508 -16.13 -12.12 8.40
N VAL J 509 -15.77 -12.28 9.67
CA VAL J 509 -16.14 -11.31 10.71
C VAL J 509 -15.61 -9.92 10.36
N GLN J 510 -14.34 -9.87 9.96
CA GLN J 510 -13.70 -8.62 9.54
C GLN J 510 -14.42 -8.01 8.34
N TRP J 511 -14.82 -8.86 7.40
CA TRP J 511 -15.59 -8.43 6.22
C TRP J 511 -16.97 -7.91 6.61
N LEU J 512 -17.62 -8.59 7.55
CA LEU J 512 -18.92 -8.19 8.06
C LEU J 512 -18.89 -6.85 8.78
N LYS J 513 -17.76 -6.57 9.43
CA LYS J 513 -17.54 -5.30 10.13
C LYS J 513 -17.49 -4.11 9.17
N GLN J 514 -17.25 -4.39 7.90
CA GLN J 514 -17.08 -3.33 6.89
C GLN J 514 -18.33 -3.10 6.01
N GLN J 515 -19.47 -3.66 6.43
CA GLN J 515 -20.70 -3.55 5.65
C GLN J 515 -21.60 -2.42 6.15
N SER K 22 -19.32 -90.93 20.29
CA SER K 22 -18.35 -91.03 21.43
C SER K 22 -16.92 -91.06 20.90
N ASN K 23 -16.11 -91.99 21.42
CA ASN K 23 -14.69 -92.09 21.06
C ASN K 23 -14.45 -92.59 19.64
N ALA K 24 -13.36 -92.13 19.04
CA ALA K 24 -12.97 -92.55 17.70
C ALA K 24 -12.34 -93.94 17.73
N MET K 25 -11.61 -94.22 18.82
CA MET K 25 -10.94 -95.51 19.01
C MET K 25 -11.46 -96.21 20.25
N ASN K 26 -11.51 -97.54 20.20
CA ASN K 26 -11.89 -98.35 21.35
C ASN K 26 -10.70 -99.15 21.85
N PHE K 27 -10.13 -98.70 22.97
CA PHE K 27 -8.92 -99.32 23.53
C PHE K 27 -9.23 -100.47 24.48
N LYS K 28 -8.71 -101.65 24.14
CA LYS K 28 -8.88 -102.86 24.96
C LYS K 28 -7.49 -103.44 25.28
N LEU K 29 -7.28 -103.83 26.53
CA LEU K 29 -5.96 -104.31 26.98
C LEU K 29 -5.88 -105.82 27.15
N ASN K 30 -4.85 -106.41 26.54
CA ASN K 30 -4.56 -107.85 26.61
C ASN K 30 -5.78 -108.76 26.49
N ASN K 31 -6.73 -108.35 25.65
CA ASN K 31 -7.96 -109.11 25.43
C ASN K 31 -7.66 -110.42 24.71
N THR K 32 -8.44 -111.45 25.03
CA THR K 32 -8.25 -112.80 24.48
C THR K 32 -8.14 -112.81 22.94
N LEU K 33 -7.16 -113.55 22.44
CA LEU K 33 -6.80 -113.57 21.02
C LEU K 33 -7.86 -114.27 20.16
N SER K 34 -8.69 -113.48 19.49
CA SER K 34 -9.71 -114.00 18.59
C SER K 34 -9.11 -114.25 17.21
N ASN K 35 -9.51 -115.35 16.58
CA ASN K 35 -9.00 -115.73 15.26
C ASN K 35 -9.55 -114.90 14.11
N GLU K 36 -10.68 -114.23 14.34
CA GLU K 36 -11.30 -113.37 13.32
C GLU K 36 -10.49 -112.10 13.03
N ILE K 37 -9.79 -111.59 14.04
CA ILE K 37 -8.89 -110.46 13.86
C ILE K 37 -7.62 -110.92 13.13
N ASN K 38 -7.35 -110.31 11.97
CA ASN K 38 -6.20 -110.67 11.16
C ASN K 38 -5.35 -109.46 10.74
N THR K 39 -5.34 -108.43 11.59
CA THR K 39 -4.56 -107.22 11.35
C THR K 39 -3.65 -106.93 12.54
N LEU K 40 -2.41 -106.54 12.25
CA LEU K 40 -1.37 -106.41 13.26
C LEU K 40 -0.59 -105.11 13.10
N ILE K 41 -0.39 -104.38 14.20
CA ILE K 41 0.36 -103.12 14.19
C ILE K 41 1.63 -103.21 15.04
N ILE K 42 2.77 -102.91 14.41
CA ILE K 42 4.07 -102.91 15.09
C ILE K 42 4.84 -101.64 14.74
N GLY K 43 5.48 -101.04 15.75
CA GLY K 43 6.38 -99.91 15.54
C GLY K 43 7.78 -100.40 15.24
N ILE K 44 8.42 -99.79 14.25
CA ILE K 44 9.75 -100.21 13.80
C ILE K 44 10.82 -99.12 14.00
N PRO K 45 11.81 -99.39 14.86
CA PRO K 45 12.92 -98.47 15.11
C PRO K 45 14.09 -98.70 14.15
N GLU K 46 15.06 -97.81 14.18
CA GLU K 46 16.26 -97.90 13.34
C GLU K 46 17.08 -99.15 13.63
N HIS K 47 17.18 -99.51 14.91
CA HIS K 47 17.86 -100.73 15.34
C HIS K 47 16.90 -101.57 16.18
N LEU K 48 16.53 -102.73 15.66
CA LEU K 48 15.57 -103.62 16.32
C LEU K 48 16.08 -104.23 17.62
N ASN K 49 17.40 -104.35 17.76
CA ASN K 49 18.02 -104.87 18.98
C ASN K 49 17.93 -103.92 20.17
N GLN K 50 17.56 -102.67 19.91
CA GLN K 50 17.36 -101.66 20.96
C GLN K 50 16.06 -101.88 21.74
N LEU K 51 15.13 -102.63 21.15
CA LEU K 51 13.91 -103.05 21.83
C LEU K 51 14.11 -104.45 22.41
N GLU K 52 13.36 -104.76 23.47
CA GLU K 52 13.33 -106.11 23.99
C GLU K 52 12.59 -106.97 22.97
N ARG K 53 13.21 -108.06 22.54
CA ARG K 53 12.75 -108.86 21.39
C ARG K 53 11.24 -108.97 21.28
N ILE K 54 10.72 -108.57 20.11
CA ILE K 54 9.29 -108.50 19.83
C ILE K 54 8.70 -109.89 19.61
N SER K 55 7.60 -110.16 20.31
CA SER K 55 6.90 -111.44 20.19
C SER K 55 5.39 -111.28 20.08
N PHE K 56 4.80 -112.01 19.13
CA PHE K 56 3.35 -112.07 18.97
C PHE K 56 2.91 -113.50 19.27
N ASN K 57 1.84 -113.63 20.06
CA ASN K 57 1.54 -114.86 20.80
C ASN K 57 2.70 -115.15 21.75
N HIS K 58 3.42 -116.24 21.51
CA HIS K 58 4.69 -116.50 22.19
C HIS K 58 5.81 -116.67 21.17
N ILE K 59 5.45 -116.48 19.90
CA ILE K 59 6.37 -116.60 18.78
C ILE K 59 7.26 -115.36 18.70
N ASP K 60 8.57 -115.57 18.74
CA ASP K 60 9.54 -114.49 18.54
C ASP K 60 9.61 -114.14 17.06
N ILE K 61 9.20 -112.92 16.73
CA ILE K 61 9.12 -112.48 15.33
C ILE K 61 10.18 -111.44 14.95
N THR K 62 11.15 -111.23 15.84
CA THR K 62 12.19 -110.21 15.67
C THR K 62 13.00 -110.41 14.39
N GLU K 63 13.44 -111.65 14.19
CA GLU K 63 14.27 -112.06 13.05
C GLU K 63 13.57 -111.82 11.70
N SER K 64 12.29 -112.16 11.64
CA SER K 64 11.50 -112.05 10.41
C SER K 64 11.24 -110.59 10.05
N LEU K 65 11.10 -109.73 11.07
CA LEU K 65 10.97 -108.30 10.88
C LEU K 65 12.29 -107.68 10.40
N GLU K 66 13.40 -108.25 10.86
CA GLU K 66 14.74 -107.84 10.46
C GLU K 66 15.00 -108.09 8.97
N ARG K 67 14.48 -109.20 8.46
CA ARG K 67 14.62 -109.55 7.04
C ARG K 67 13.78 -108.66 6.14
N LEU K 68 12.56 -108.33 6.60
CA LEU K 68 11.67 -107.43 5.87
C LEU K 68 12.24 -106.02 5.81
N LYS K 69 12.91 -105.60 6.88
CA LYS K 69 13.58 -104.31 6.96
C LYS K 69 14.77 -104.27 6.02
N HIS K 70 15.50 -105.39 5.94
CA HIS K 70 16.67 -105.51 5.07
C HIS K 70 16.27 -105.53 3.58
N GLN K 71 15.08 -106.05 3.31
CA GLN K 71 14.54 -106.10 1.94
C GLN K 71 13.81 -104.81 1.56
N HIS K 72 13.78 -103.85 2.48
CA HIS K 72 13.08 -102.56 2.32
C HIS K 72 11.57 -102.70 2.14
N ILE K 73 11.02 -103.82 2.61
CA ILE K 73 9.58 -104.04 2.62
C ILE K 73 8.95 -103.25 3.78
N ILE K 74 9.67 -103.18 4.90
CA ILE K 74 9.34 -102.26 5.99
C ILE K 74 10.56 -101.39 6.32
N GLY K 75 10.34 -100.32 7.07
CA GLY K 75 11.41 -99.38 7.41
C GLY K 75 11.17 -98.63 8.71
N SER K 76 12.09 -97.73 9.03
CA SER K 76 12.12 -97.06 10.33
C SER K 76 11.91 -95.55 10.28
N LYS K 77 11.84 -94.98 9.07
CA LYS K 77 11.68 -93.54 8.91
C LYS K 77 10.50 -93.04 9.74
N VAL K 78 10.76 -92.02 10.56
CA VAL K 78 9.79 -91.51 11.55
C VAL K 78 8.42 -91.20 10.92
N GLY K 79 7.41 -91.92 11.38
CA GLY K 79 6.03 -91.69 10.97
C GLY K 79 5.62 -92.22 9.62
N LYS K 80 6.50 -92.98 8.97
CA LYS K 80 6.20 -93.58 7.66
C LYS K 80 5.48 -94.91 7.81
N ILE K 81 4.42 -95.09 7.05
CA ILE K 81 3.60 -96.30 7.11
C ILE K 81 4.04 -97.32 6.06
N TYR K 82 4.29 -98.54 6.52
CA TYR K 82 4.57 -99.68 5.63
C TYR K 82 3.56 -100.77 5.91
N THR K 83 3.05 -101.41 4.86
CA THR K 83 2.19 -102.58 5.03
C THR K 83 2.71 -103.77 4.23
N THR K 84 2.46 -104.97 4.76
CA THR K 84 2.87 -106.21 4.11
C THR K 84 2.06 -107.40 4.61
N ALA K 85 1.99 -108.44 3.78
CA ALA K 85 1.48 -109.74 4.21
C ALA K 85 2.51 -110.34 5.17
N PHE K 86 2.02 -110.85 6.29
CA PHE K 86 2.89 -111.35 7.35
C PHE K 86 2.39 -112.69 7.88
N ASP K 87 3.20 -113.72 7.69
CA ASP K 87 2.87 -115.06 8.17
C ASP K 87 3.41 -115.30 9.58
N VAL K 88 2.51 -115.56 10.51
CA VAL K 88 2.86 -116.09 11.82
C VAL K 88 2.01 -117.33 12.09
N GLN K 89 2.70 -118.47 12.22
CA GLN K 89 2.08 -119.80 12.25
C GLN K 89 1.36 -120.10 10.93
N ASP K 90 0.10 -120.50 11.02
CA ASP K 90 -0.70 -120.90 9.85
C ASP K 90 -1.41 -119.72 9.18
N GLN K 91 -1.72 -118.68 9.96
CA GLN K 91 -2.57 -117.58 9.50
C GLN K 91 -1.81 -116.40 8.91
N THR K 92 -2.26 -115.92 7.76
CA THR K 92 -1.68 -114.74 7.10
C THR K 92 -2.30 -113.47 7.69
N TYR K 93 -1.44 -112.58 8.18
CA TYR K 93 -1.89 -111.33 8.79
C TYR K 93 -1.56 -110.13 7.94
N ARG K 94 -2.38 -109.09 8.06
CA ARG K 94 -2.07 -107.79 7.48
C ARG K 94 -1.22 -107.02 8.49
N LEU K 95 0.06 -106.85 8.17
CA LEU K 95 0.99 -106.15 9.05
C LEU K 95 1.04 -104.66 8.70
N ILE K 96 0.83 -103.82 9.72
CA ILE K 96 0.95 -102.37 9.57
C ILE K 96 2.12 -101.85 10.40
N THR K 97 3.06 -101.23 9.70
CA THR K 97 4.31 -100.77 10.29
C THR K 97 4.38 -99.25 10.27
N VAL K 98 4.75 -98.66 11.41
CA VAL K 98 5.03 -97.24 11.49
C VAL K 98 6.46 -97.02 12.02
N GLY K 99 7.24 -96.24 11.30
CA GLY K 99 8.63 -95.99 11.67
C GLY K 99 8.78 -95.15 12.92
N LEU K 100 9.79 -95.46 13.72
CA LEU K 100 10.04 -94.76 14.98
C LEU K 100 11.35 -93.97 14.95
N GLY K 101 12.18 -94.25 13.95
CA GLY K 101 13.50 -93.63 13.83
C GLY K 101 14.46 -94.15 14.88
N ASN K 102 15.46 -93.35 15.21
CA ASN K 102 16.38 -93.68 16.29
C ASN K 102 15.72 -93.44 17.64
N LEU K 103 15.66 -94.49 18.46
CA LEU K 103 14.99 -94.43 19.76
C LEU K 103 15.70 -93.54 20.78
N LYS K 104 17.01 -93.35 20.58
CA LYS K 104 17.80 -92.46 21.43
C LYS K 104 17.38 -91.01 21.24
N THR K 105 17.14 -90.63 19.99
CA THR K 105 16.82 -89.24 19.63
C THR K 105 15.36 -89.07 19.19
N ARG K 106 14.45 -89.65 19.98
CA ARG K 106 13.01 -89.57 19.66
C ARG K 106 12.32 -88.53 20.53
N SER K 107 11.94 -87.41 19.90
CA SER K 107 11.30 -86.29 20.59
C SER K 107 9.80 -86.53 20.78
N TYR K 108 9.16 -85.64 21.52
CA TYR K 108 7.70 -85.67 21.71
C TYR K 108 6.98 -85.40 20.40
N GLN K 109 7.56 -84.53 19.57
CA GLN K 109 7.04 -84.23 18.24
C GLN K 109 7.01 -85.50 17.39
N ASP K 110 8.10 -86.27 17.47
CA ASP K 110 8.20 -87.54 16.76
C ASP K 110 7.07 -88.48 17.17
N MET K 111 6.78 -88.54 18.47
CA MET K 111 5.69 -89.37 19.01
C MET K 111 4.33 -88.95 18.43
N LEU K 112 4.11 -87.65 18.31
CA LEU K 112 2.89 -87.12 17.72
C LEU K 112 2.78 -87.45 16.24
N LYS K 113 3.92 -87.42 15.54
CA LYS K 113 4.01 -87.79 14.14
C LYS K 113 3.77 -89.29 13.94
N ILE K 114 4.31 -90.10 14.85
CA ILE K 114 4.16 -91.56 14.80
C ILE K 114 2.70 -91.98 14.99
N TRP K 115 2.09 -91.60 16.12
CA TRP K 115 0.70 -91.93 16.40
C TRP K 115 -0.26 -91.26 15.43
N GLY K 116 0.07 -90.02 15.04
CA GLY K 116 -0.75 -89.25 14.12
C GLY K 116 -0.94 -89.93 12.78
N HIS K 117 0.18 -90.24 12.11
CA HIS K 117 0.13 -90.89 10.81
C HIS K 117 -0.48 -92.29 10.87
N LEU K 118 -0.25 -92.99 11.98
CA LEU K 118 -0.79 -94.32 12.19
C LEU K 118 -2.31 -94.33 12.25
N PHE K 119 -2.87 -93.56 13.17
CA PHE K 119 -4.33 -93.49 13.36
C PHE K 119 -5.05 -92.92 12.13
N GLN K 120 -4.39 -92.03 11.40
CA GLN K 120 -4.91 -91.51 10.15
C GLN K 120 -5.01 -92.60 9.08
N TYR K 121 -4.00 -93.47 9.03
CA TYR K 121 -3.99 -94.60 8.10
C TYR K 121 -5.08 -95.60 8.48
N ILE K 122 -5.19 -95.90 9.78
CA ILE K 122 -6.19 -96.83 10.30
C ILE K 122 -7.61 -96.40 9.91
N LYS K 123 -7.91 -95.11 10.07
CA LYS K 123 -9.24 -94.57 9.76
C LYS K 123 -9.54 -94.52 8.26
N SER K 124 -8.57 -94.09 7.46
CA SER K 124 -8.76 -93.99 6.01
C SER K 124 -8.88 -95.36 5.34
N GLU K 125 -8.33 -96.39 6.00
CA GLU K 125 -8.41 -97.76 5.50
C GLU K 125 -9.61 -98.53 6.05
N HIS K 126 -10.43 -97.84 6.86
CA HIS K 126 -11.67 -98.38 7.42
C HIS K 126 -11.44 -99.69 8.18
N ILE K 127 -10.36 -99.71 8.97
CA ILE K 127 -10.02 -100.87 9.80
C ILE K 127 -10.82 -100.83 11.10
N GLU K 128 -11.50 -101.93 11.39
CA GLU K 128 -12.40 -102.00 12.54
C GLU K 128 -11.85 -102.85 13.70
N ASP K 129 -11.01 -103.82 13.37
CA ASP K 129 -10.43 -104.71 14.36
C ASP K 129 -8.96 -104.98 14.06
N THR K 130 -8.09 -104.68 15.02
CA THR K 130 -6.65 -104.88 14.85
C THR K 130 -5.92 -105.09 16.18
N TYR K 131 -4.82 -105.83 16.13
CA TYR K 131 -3.91 -105.95 17.26
C TYR K 131 -2.88 -104.81 17.24
N LEU K 132 -2.48 -104.36 18.43
CA LEU K 132 -1.44 -103.36 18.58
C LEU K 132 -0.40 -103.82 19.59
N LEU K 133 0.82 -104.06 19.11
CA LEU K 133 1.91 -104.51 19.95
C LEU K 133 2.59 -103.31 20.61
N MET K 134 2.07 -102.94 21.78
CA MET K 134 2.46 -101.72 22.48
C MET K 134 3.92 -101.71 22.92
N ASP K 135 4.47 -102.89 23.20
CA ASP K 135 5.85 -103.04 23.65
C ASP K 135 6.88 -102.56 22.62
N SER K 136 6.49 -102.58 21.34
CA SER K 136 7.36 -102.13 20.27
C SER K 136 7.43 -100.60 20.16
N PHE K 137 6.54 -99.92 20.88
CA PHE K 137 6.49 -98.45 20.88
C PHE K 137 7.19 -97.86 22.11
N ILE K 138 7.37 -98.68 23.14
CA ILE K 138 7.96 -98.24 24.41
C ILE K 138 9.44 -98.62 24.49
N SER K 139 10.26 -97.62 24.83
CA SER K 139 11.70 -97.77 24.97
C SER K 139 12.18 -97.41 26.38
N LYS K 140 13.47 -97.62 26.62
CA LYS K 140 14.11 -97.32 27.91
C LYS K 140 14.68 -95.90 27.96
N TYR K 141 14.43 -95.13 26.91
CA TYR K 141 14.91 -93.74 26.81
C TYR K 141 13.76 -92.74 26.96
N ASP K 142 12.53 -93.22 26.71
CA ASP K 142 11.33 -92.40 26.81
C ASP K 142 10.50 -92.81 28.02
N GLN K 143 9.88 -91.81 28.65
CA GLN K 143 8.98 -92.06 29.77
C GLN K 143 7.66 -92.61 29.26
N LEU K 144 7.18 -93.68 29.90
CA LEU K 144 6.00 -94.42 29.46
C LEU K 144 4.76 -93.54 29.35
N SER K 145 4.63 -92.59 30.28
CA SER K 145 3.51 -91.65 30.30
C SER K 145 3.43 -90.76 29.05
N ASP K 146 4.60 -90.41 28.50
CA ASP K 146 4.68 -89.57 27.30
C ASP K 146 4.21 -90.29 26.03
N VAL K 147 4.52 -91.58 25.93
CA VAL K 147 4.12 -92.38 24.78
C VAL K 147 2.61 -92.60 24.77
N LEU K 148 2.06 -92.96 25.93
CA LEU K 148 0.63 -93.24 26.07
C LEU K 148 -0.23 -91.98 26.01
N MET K 149 0.34 -90.86 26.47
CA MET K 149 -0.32 -89.55 26.37
C MET K 149 -0.50 -89.17 24.90
N ALA K 150 0.60 -89.23 24.15
CA ALA K 150 0.60 -88.92 22.73
C ALA K 150 -0.35 -89.85 21.97
N CYS K 151 -0.35 -91.12 22.35
CA CYS K 151 -1.25 -92.12 21.77
C CYS K 151 -2.71 -91.72 21.96
N GLY K 152 -3.06 -91.31 23.18
CA GLY K 152 -4.42 -90.89 23.52
C GLY K 152 -4.89 -89.64 22.79
N ILE K 153 -4.02 -88.61 22.77
CA ILE K 153 -4.35 -87.34 22.11
C ILE K 153 -4.56 -87.53 20.62
N GLN K 154 -3.59 -88.17 19.96
CA GLN K 154 -3.61 -88.33 18.51
C GLN K 154 -4.73 -89.24 18.00
N SER K 155 -5.23 -90.11 18.87
CA SER K 155 -6.35 -91.00 18.52
C SER K 155 -7.63 -90.19 18.24
N GLU K 156 -7.68 -88.98 18.78
CA GLU K 156 -8.81 -88.07 18.55
C GLU K 156 -8.42 -86.88 17.67
N ARG K 157 -7.27 -86.28 17.96
CA ARG K 157 -6.85 -85.05 17.28
C ARG K 157 -6.49 -85.27 15.81
N ALA K 158 -5.72 -86.32 15.53
CA ALA K 158 -5.24 -86.59 14.17
C ALA K 158 -6.35 -87.07 13.24
N THR K 159 -7.38 -87.68 13.83
CA THR K 159 -8.47 -88.29 13.05
C THR K 159 -9.70 -87.39 12.94
N TYR K 160 -9.56 -86.13 13.37
CA TYR K 160 -10.66 -85.18 13.39
C TYR K 160 -11.12 -84.85 11.98
N GLU K 161 -12.44 -84.73 11.82
CA GLU K 161 -13.02 -84.22 10.58
C GLU K 161 -14.33 -83.46 10.84
N PHE K 162 -14.54 -82.41 10.06
CA PHE K 162 -15.75 -81.60 10.16
C PHE K 162 -16.55 -81.73 8.87
N ASP K 163 -17.36 -82.79 8.79
CA ASP K 163 -18.12 -83.11 7.59
C ASP K 163 -19.63 -82.99 7.81
N HIS K 164 -20.01 -82.18 8.80
CA HIS K 164 -21.41 -82.03 9.21
C HIS K 164 -22.30 -81.34 8.17
N TYR K 165 -21.67 -80.56 7.29
CA TYR K 165 -22.40 -79.84 6.25
C TYR K 165 -22.20 -80.45 4.85
N LYS K 166 -21.56 -81.62 4.82
CA LYS K 166 -21.40 -82.38 3.60
C LYS K 166 -22.58 -83.33 3.42
N SER K 167 -23.10 -83.39 2.19
CA SER K 167 -24.17 -84.32 1.85
C SER K 167 -23.65 -85.74 1.76
N SER K 168 -22.40 -85.87 1.33
CA SER K 168 -21.75 -87.18 1.17
C SER K 168 -20.86 -87.50 2.36
N LYS K 169 -21.39 -87.34 3.56
CA LYS K 169 -20.65 -87.69 4.78
C LYS K 169 -20.80 -89.17 5.09
N LYS K 170 -19.66 -89.84 5.30
CA LYS K 170 -19.63 -91.27 5.60
C LYS K 170 -20.03 -91.52 7.06
N ALA K 171 -20.63 -92.70 7.29
CA ALA K 171 -21.10 -93.09 8.62
C ALA K 171 -19.92 -93.32 9.58
N PRO K 172 -20.03 -92.78 10.81
CA PRO K 172 -18.96 -92.96 11.82
C PRO K 172 -18.85 -94.41 12.29
N PHE K 173 -17.62 -94.90 12.41
CA PHE K 173 -17.37 -96.27 12.84
C PHE K 173 -16.35 -96.33 13.98
N LYS K 174 -16.44 -97.40 14.77
CA LYS K 174 -15.54 -97.62 15.89
C LYS K 174 -14.42 -98.58 15.51
N THR K 175 -13.18 -98.20 15.82
CA THR K 175 -12.03 -99.07 15.60
C THR K 175 -11.61 -99.70 16.93
N ASN K 176 -11.72 -101.03 17.00
CA ASN K 176 -11.32 -101.79 18.17
C ASN K 176 -9.82 -102.08 18.16
N LEU K 177 -9.11 -101.44 19.09
CA LEU K 177 -7.67 -101.63 19.23
C LEU K 177 -7.37 -102.61 20.37
N ASN K 178 -6.95 -103.81 20.01
CA ASN K 178 -6.57 -104.83 20.98
C ASN K 178 -5.09 -104.73 21.32
N LEU K 179 -4.79 -104.05 22.41
CA LEU K 179 -3.40 -103.82 22.83
C LEU K 179 -2.79 -105.08 23.43
N ILE K 180 -1.59 -105.42 22.96
CA ILE K 180 -0.84 -106.56 23.48
C ILE K 180 0.46 -106.07 24.11
N SER K 181 0.56 -106.29 25.42
CA SER K 181 1.76 -105.93 26.16
C SER K 181 2.11 -107.01 27.17
N GLU K 182 3.41 -107.28 27.29
CA GLU K 182 3.90 -108.35 28.16
C GLU K 182 3.96 -107.90 29.62
N SER K 183 4.10 -106.59 29.83
CA SER K 183 4.17 -106.02 31.17
C SER K 183 3.57 -104.62 31.21
N LEU K 184 2.24 -104.55 31.09
CA LEU K 184 1.51 -103.28 31.17
C LEU K 184 0.08 -103.55 31.65
N ILE K 185 -0.37 -102.70 32.56
CA ILE K 185 -1.66 -102.88 33.22
C ILE K 185 -2.48 -101.57 33.19
N GLU K 186 -1.80 -100.45 33.38
CA GLU K 186 -2.47 -99.15 33.46
C GLU K 186 -2.79 -98.54 32.09
N LEU K 187 -4.08 -98.33 31.85
CA LEU K 187 -4.57 -97.71 30.61
C LEU K 187 -4.95 -96.24 30.80
N ASP K 188 -4.79 -95.74 32.03
CA ASP K 188 -5.29 -94.42 32.40
C ASP K 188 -4.62 -93.25 31.66
N PHE K 189 -3.36 -93.43 31.27
CA PHE K 189 -2.61 -92.41 30.55
C PHE K 189 -3.14 -92.18 29.12
N ILE K 190 -3.74 -93.21 28.54
CA ILE K 190 -4.36 -93.11 27.23
C ILE K 190 -5.70 -92.39 27.34
N HIS K 191 -6.52 -92.80 28.32
CA HIS K 191 -7.82 -92.18 28.57
C HIS K 191 -7.70 -90.70 28.93
N GLU K 192 -6.56 -90.35 29.53
CA GLU K 192 -6.24 -88.95 29.83
C GLU K 192 -5.96 -88.17 28.56
N GLY K 193 -5.26 -88.81 27.62
CA GLY K 193 -4.95 -88.21 26.32
C GLY K 193 -6.19 -88.03 25.46
N ILE K 194 -7.08 -89.01 25.51
CA ILE K 194 -8.33 -88.98 24.75
C ILE K 194 -9.20 -87.79 25.12
N SER K 195 -9.34 -87.56 26.43
CA SER K 195 -10.17 -86.46 26.94
C SER K 195 -9.58 -85.08 26.59
N ILE K 196 -8.26 -85.00 26.52
CA ILE K 196 -7.57 -83.80 26.06
C ILE K 196 -7.81 -83.58 24.57
N GLY K 197 -7.64 -84.66 23.79
CA GLY K 197 -7.87 -84.63 22.35
C GLY K 197 -9.30 -84.25 21.99
N GLN K 198 -10.26 -84.77 22.74
CA GLN K 198 -11.68 -84.46 22.54
C GLN K 198 -12.02 -83.02 22.91
N SER K 199 -11.24 -82.46 23.85
CA SER K 199 -11.38 -81.07 24.24
C SER K 199 -10.88 -80.14 23.13
N ILE K 200 -9.80 -80.55 22.47
CA ILE K 200 -9.25 -79.83 21.32
C ILE K 200 -10.25 -79.85 20.16
N ASN K 201 -10.85 -81.01 19.93
CA ASN K 201 -11.86 -81.17 18.88
C ASN K 201 -13.14 -80.39 19.15
N LEU K 202 -13.48 -80.22 20.42
CA LEU K 202 -14.64 -79.41 20.82
C LEU K 202 -14.41 -77.95 20.43
N ALA K 203 -13.20 -77.46 20.69
CA ALA K 203 -12.78 -76.12 20.30
C ALA K 203 -12.80 -75.96 18.77
N ARG K 204 -12.31 -76.98 18.08
CA ARG K 204 -12.29 -77.03 16.62
C ARG K 204 -13.69 -76.97 16.02
N ASP K 205 -14.63 -77.67 16.65
CA ASP K 205 -16.03 -77.70 16.19
C ASP K 205 -16.68 -76.31 16.23
N PHE K 206 -16.44 -75.57 17.32
CA PHE K 206 -16.92 -74.20 17.44
C PHE K 206 -16.28 -73.28 16.40
N SER K 207 -14.99 -73.49 16.16
CA SER K 207 -14.23 -72.68 15.21
C SER K 207 -14.65 -72.92 13.77
N ASN K 208 -14.87 -74.19 13.41
CA ASN K 208 -15.25 -74.58 12.06
C ASN K 208 -16.69 -74.20 11.70
N MET K 209 -17.50 -73.95 12.72
CA MET K 209 -18.90 -73.60 12.54
C MET K 209 -19.06 -72.35 11.68
N PRO K 210 -19.98 -72.39 10.67
CA PRO K 210 -20.25 -71.22 9.83
C PRO K 210 -20.79 -70.06 10.64
N PRO K 211 -20.37 -68.81 10.31
CA PRO K 211 -20.75 -67.63 11.08
C PRO K 211 -22.24 -67.30 11.03
N ASN K 212 -22.94 -67.76 9.99
CA ASN K 212 -24.39 -67.57 9.90
C ASN K 212 -25.14 -68.58 10.76
N VAL K 213 -24.43 -69.59 11.26
CA VAL K 213 -24.98 -70.58 12.19
C VAL K 213 -24.54 -70.27 13.63
N LEU K 214 -23.24 -70.09 13.84
CA LEU K 214 -22.72 -69.75 15.15
C LEU K 214 -22.61 -68.24 15.35
N THR K 215 -23.67 -67.67 15.93
CA THR K 215 -23.73 -66.27 16.32
C THR K 215 -23.40 -66.18 17.81
N PRO K 216 -23.14 -64.95 18.32
CA PRO K 216 -22.85 -64.82 19.76
C PRO K 216 -23.91 -65.49 20.65
N GLN K 217 -25.18 -65.35 20.28
CA GLN K 217 -26.28 -65.96 21.04
C GLN K 217 -26.21 -67.48 21.04
N THR K 218 -26.13 -68.08 19.86
CA THR K 218 -26.10 -69.53 19.71
C THR K 218 -24.82 -70.14 20.29
N PHE K 219 -23.73 -69.38 20.22
CA PHE K 219 -22.46 -69.78 20.83
C PHE K 219 -22.62 -69.90 22.34
N ALA K 220 -23.25 -68.89 22.95
CA ALA K 220 -23.54 -68.90 24.38
C ALA K 220 -24.46 -70.05 24.75
N GLU K 221 -25.52 -70.24 23.97
CA GLU K 221 -26.50 -71.30 24.18
C GLU K 221 -25.87 -72.69 24.11
N ASP K 222 -24.94 -72.87 23.17
CA ASP K 222 -24.23 -74.14 22.99
C ASP K 222 -23.33 -74.47 24.18
N ILE K 223 -22.70 -73.44 24.74
CA ILE K 223 -21.84 -73.60 25.93
C ILE K 223 -22.66 -73.99 27.15
N VAL K 224 -23.83 -73.36 27.32
CA VAL K 224 -24.77 -73.69 28.40
C VAL K 224 -25.19 -75.15 28.31
N ASN K 225 -25.64 -75.57 27.12
CA ASN K 225 -26.12 -76.93 26.90
C ASN K 225 -25.04 -77.99 27.06
N HIS K 226 -23.80 -77.65 26.69
CA HIS K 226 -22.68 -78.56 26.81
C HIS K 226 -22.32 -78.87 28.26
N PHE K 227 -22.27 -77.85 29.10
CA PHE K 227 -21.90 -77.99 30.50
C PHE K 227 -23.10 -78.21 31.43
N LYS K 228 -24.27 -78.44 30.84
CA LYS K 228 -25.53 -78.48 31.60
C LYS K 228 -25.53 -79.50 32.74
N ASN K 229 -25.06 -80.71 32.48
CA ASN K 229 -25.05 -81.77 33.49
C ASN K 229 -23.69 -82.03 34.12
N THR K 230 -22.82 -81.02 34.10
CA THR K 230 -21.46 -81.15 34.62
C THR K 230 -21.25 -80.31 35.88
N LYS K 231 -20.02 -80.37 36.41
CA LYS K 231 -19.59 -79.59 37.56
C LYS K 231 -19.39 -78.12 37.19
N VAL K 232 -19.32 -77.84 35.89
CA VAL K 232 -19.05 -76.49 35.35
C VAL K 232 -20.32 -75.63 35.28
N LYS K 233 -20.26 -74.47 35.92
CA LYS K 233 -21.38 -73.51 35.91
C LYS K 233 -21.19 -72.49 34.79
N VAL K 234 -22.28 -72.14 34.12
CA VAL K 234 -22.25 -71.17 33.02
C VAL K 234 -23.28 -70.07 33.24
N ASP K 235 -22.82 -68.82 33.19
CA ASP K 235 -23.71 -67.66 33.25
C ASP K 235 -23.62 -66.86 31.97
N VAL K 236 -24.78 -66.53 31.39
CA VAL K 236 -24.84 -65.77 30.15
C VAL K 236 -25.46 -64.39 30.39
N LYS K 237 -24.73 -63.36 29.97
CA LYS K 237 -25.15 -61.98 30.11
C LYS K 237 -25.66 -61.49 28.76
N ASP K 238 -26.97 -61.31 28.64
CA ASP K 238 -27.58 -60.89 27.36
C ASP K 238 -27.35 -59.40 27.07
N TYR K 239 -27.78 -58.96 25.89
CA TYR K 239 -27.48 -57.61 25.39
C TYR K 239 -27.92 -56.47 26.32
N ASP K 240 -29.14 -56.55 26.83
CA ASP K 240 -29.68 -55.53 27.74
C ASP K 240 -28.93 -55.47 29.08
N THR K 241 -28.52 -56.64 29.57
CA THR K 241 -27.76 -56.73 30.82
C THR K 241 -26.34 -56.18 30.61
N LEU K 242 -25.81 -56.34 29.41
CA LEU K 242 -24.49 -55.83 29.05
C LEU K 242 -24.43 -54.31 29.12
N VAL K 243 -25.36 -53.65 28.43
CA VAL K 243 -25.34 -52.20 28.30
C VAL K 243 -25.57 -51.52 29.65
N SER K 244 -26.55 -52.03 30.41
CA SER K 244 -26.92 -51.45 31.70
C SER K 244 -25.81 -51.61 32.73
N GLU K 245 -25.09 -52.72 32.67
CA GLU K 245 -23.96 -52.97 33.56
C GLU K 245 -22.69 -52.24 33.11
N GLY K 246 -22.76 -51.57 31.96
CA GLY K 246 -21.70 -50.67 31.51
C GLY K 246 -20.58 -51.30 30.69
N PHE K 247 -20.89 -52.39 29.99
CA PHE K 247 -19.93 -53.04 29.09
C PHE K 247 -19.86 -52.26 27.76
N GLY K 248 -19.40 -51.01 27.86
CA GLY K 248 -19.43 -50.06 26.74
C GLY K 248 -18.68 -50.46 25.49
N LEU K 249 -17.50 -51.04 25.66
CA LEU K 249 -16.66 -51.44 24.52
C LEU K 249 -17.22 -52.65 23.79
N LEU K 250 -17.70 -53.64 24.54
CA LEU K 250 -18.35 -54.82 23.98
C LEU K 250 -19.63 -54.44 23.24
N GLN K 251 -20.37 -53.49 23.80
CA GLN K 251 -21.57 -52.95 23.18
C GLN K 251 -21.23 -52.27 21.85
N ALA K 252 -20.19 -51.43 21.87
CA ALA K 252 -19.75 -50.68 20.69
C ALA K 252 -19.38 -51.57 19.52
N VAL K 253 -18.66 -52.66 19.80
CA VAL K 253 -18.20 -53.60 18.77
C VAL K 253 -19.35 -54.39 18.15
N GLY K 254 -20.29 -54.83 18.98
CA GLY K 254 -21.33 -55.76 18.54
C GLY K 254 -22.66 -55.17 18.12
N LYS K 255 -22.84 -53.85 18.30
CA LYS K 255 -24.13 -53.20 18.04
C LYS K 255 -24.53 -53.14 16.56
N GLY K 256 -23.55 -53.27 15.68
CA GLY K 256 -23.77 -53.19 14.23
C GLY K 256 -24.34 -54.45 13.60
N SER K 257 -24.44 -55.52 14.39
CA SER K 257 -24.97 -56.79 13.90
C SER K 257 -26.41 -56.99 14.34
N LYS K 258 -27.16 -57.80 13.59
CA LYS K 258 -28.50 -58.23 14.01
C LYS K 258 -28.40 -59.11 15.25
N HIS K 259 -27.33 -59.91 15.29
CA HIS K 259 -27.07 -60.80 16.42
C HIS K 259 -26.19 -60.08 17.44
N LYS K 260 -26.83 -59.56 18.47
CA LYS K 260 -26.18 -58.73 19.49
C LYS K 260 -25.17 -59.51 20.35
N PRO K 261 -24.19 -58.80 20.93
CA PRO K 261 -23.12 -59.42 21.73
C PRO K 261 -23.59 -60.16 22.98
N ARG K 262 -22.73 -61.02 23.50
CA ARG K 262 -22.98 -61.76 24.74
C ARG K 262 -21.71 -61.82 25.57
N LEU K 263 -21.86 -61.89 26.89
CA LEU K 263 -20.74 -62.20 27.78
C LEU K 263 -21.00 -63.51 28.50
N VAL K 264 -20.08 -64.46 28.33
CA VAL K 264 -20.22 -65.79 28.92
C VAL K 264 -19.22 -65.98 30.05
N THR K 265 -19.74 -66.26 31.25
CA THR K 265 -18.90 -66.54 32.41
C THR K 265 -18.96 -68.03 32.72
N ILE K 266 -17.78 -68.65 32.79
CA ILE K 266 -17.66 -70.09 33.05
C ILE K 266 -16.83 -70.31 34.31
N THR K 267 -17.43 -70.92 35.32
CA THR K 267 -16.72 -71.20 36.57
C THR K 267 -16.55 -72.70 36.81
N TYR K 268 -15.35 -73.07 37.21
CA TYR K 268 -15.03 -74.44 37.60
C TYR K 268 -14.24 -74.43 38.91
N ASN K 269 -14.83 -75.00 39.96
CA ASN K 269 -14.19 -75.06 41.26
C ASN K 269 -13.66 -76.46 41.56
N GLY K 270 -12.43 -76.71 41.12
CA GLY K 270 -11.83 -78.05 41.20
C GLY K 270 -11.20 -78.41 42.52
N LYS K 271 -10.97 -77.43 43.38
CA LYS K 271 -10.38 -77.70 44.69
C LYS K 271 -11.17 -77.13 45.86
N ASP K 272 -11.60 -75.89 45.71
CA ASP K 272 -12.11 -75.10 46.82
C ASP K 272 -13.16 -74.10 46.38
N LYS K 273 -13.97 -73.64 47.34
CA LYS K 273 -14.94 -72.58 47.12
C LYS K 273 -14.38 -71.29 47.72
N ASP K 274 -13.13 -71.34 48.16
CA ASP K 274 -12.52 -70.28 48.96
C ASP K 274 -11.05 -70.03 48.58
N GLU K 275 -10.77 -69.98 47.28
CA GLU K 275 -9.41 -69.74 46.80
C GLU K 275 -9.36 -69.02 45.46
N ALA K 276 -8.42 -68.07 45.35
CA ALA K 276 -8.25 -67.24 44.15
C ALA K 276 -8.18 -68.06 42.87
N PRO K 277 -9.12 -67.84 41.94
CA PRO K 277 -9.19 -68.62 40.71
C PRO K 277 -8.16 -68.18 39.67
N ILE K 278 -8.01 -68.98 38.63
CA ILE K 278 -7.22 -68.61 37.47
C ILE K 278 -8.17 -68.07 36.41
N ALA K 279 -7.93 -66.85 35.97
CA ALA K 279 -8.78 -66.20 34.97
C ALA K 279 -8.31 -66.53 33.56
N LEU K 280 -9.22 -67.08 32.76
CA LEU K 280 -8.95 -67.34 31.35
C LEU K 280 -9.92 -66.56 30.49
N VAL K 281 -9.38 -65.56 29.77
CA VAL K 281 -10.19 -64.65 28.96
C VAL K 281 -10.04 -65.00 27.48
N GLY K 282 -11.16 -65.06 26.77
CA GLY K 282 -11.17 -65.43 25.35
C GLY K 282 -11.89 -64.46 24.46
N LYS K 283 -11.27 -64.12 23.33
CA LYS K 283 -11.89 -63.28 22.31
C LYS K 283 -12.88 -64.10 21.49
N GLY K 284 -14.15 -63.75 21.58
CA GLY K 284 -15.21 -64.49 20.91
C GLY K 284 -15.90 -63.74 19.79
N ILE K 285 -15.11 -63.14 18.90
CA ILE K 285 -15.68 -62.48 17.72
C ILE K 285 -16.07 -63.55 16.71
N THR K 286 -17.36 -63.84 16.64
CA THR K 286 -17.91 -64.89 15.78
C THR K 286 -17.70 -64.60 14.29
N TYR K 287 -17.71 -63.31 13.93
CA TYR K 287 -17.30 -62.88 12.60
C TYR K 287 -16.77 -61.46 12.61
N ASP K 288 -15.67 -61.25 11.90
CA ASP K 288 -15.02 -59.94 11.82
C ASP K 288 -14.95 -59.48 10.36
N SER K 289 -15.80 -58.51 10.01
CA SER K 289 -15.75 -57.87 8.70
C SER K 289 -14.79 -56.69 8.71
N GLY K 290 -14.43 -56.25 9.91
CA GLY K 290 -13.56 -55.10 10.11
C GLY K 290 -14.34 -53.85 10.45
N GLY K 291 -15.66 -53.91 10.32
CA GLY K 291 -16.52 -52.75 10.52
C GLY K 291 -16.34 -51.76 9.39
N TYR K 292 -16.51 -50.47 9.68
CA TYR K 292 -16.31 -49.44 8.68
C TYR K 292 -14.86 -49.36 8.17
N SER K 293 -13.93 -49.83 8.99
CA SER K 293 -12.57 -50.08 8.53
C SER K 293 -12.54 -51.47 7.88
N ILE K 294 -13.25 -51.57 6.76
CA ILE K 294 -13.55 -52.83 6.08
C ILE K 294 -12.30 -53.57 5.58
N LYS K 295 -12.35 -54.90 5.68
CA LYS K 295 -11.27 -55.76 5.17
C LYS K 295 -11.35 -55.91 3.66
N THR K 296 -10.24 -56.32 3.05
CA THR K 296 -10.20 -56.61 1.61
C THR K 296 -10.88 -57.96 1.34
N LYS K 297 -11.06 -58.30 0.07
CA LYS K 297 -11.68 -59.56 -0.34
C LYS K 297 -11.01 -60.78 0.32
N ASN K 298 -9.69 -60.90 0.12
CA ASN K 298 -8.91 -62.00 0.72
C ASN K 298 -8.80 -61.87 2.25
N GLY K 299 -8.99 -60.65 2.76
CA GLY K 299 -8.92 -60.38 4.19
C GLY K 299 -10.07 -60.97 4.99
N MET K 300 -11.26 -61.02 4.39
CA MET K 300 -12.45 -61.55 5.06
C MET K 300 -12.54 -63.07 5.06
N ALA K 301 -11.83 -63.71 4.13
CA ALA K 301 -11.76 -65.16 4.08
C ALA K 301 -11.28 -65.72 5.42
N THR K 302 -11.93 -66.81 5.85
CA THR K 302 -11.59 -67.51 7.10
C THR K 302 -11.71 -66.65 8.38
N MET K 303 -12.58 -65.65 8.34
CA MET K 303 -12.79 -64.78 9.51
C MET K 303 -13.81 -65.32 10.52
N LYS K 304 -14.34 -66.50 10.25
CA LYS K 304 -15.13 -67.23 11.25
C LYS K 304 -14.22 -67.76 12.36
N PHE K 305 -12.92 -67.79 12.08
CA PHE K 305 -11.91 -68.25 13.02
C PHE K 305 -11.45 -67.14 13.98
N ASP K 306 -12.17 -66.02 13.99
CA ASP K 306 -11.80 -64.90 14.85
C ASP K 306 -12.31 -65.09 16.28
N MET K 307 -12.92 -66.24 16.53
CA MET K 307 -13.37 -66.61 17.88
C MET K 307 -12.65 -67.83 18.43
N CYS K 308 -11.56 -68.22 17.76
CA CYS K 308 -10.72 -69.34 18.20
C CYS K 308 -10.27 -69.21 19.65
N GLY K 309 -9.96 -67.98 20.06
CA GLY K 309 -9.54 -67.69 21.43
C GLY K 309 -10.57 -68.13 22.45
N ALA K 310 -11.83 -67.78 22.20
CA ALA K 310 -12.94 -68.16 23.07
C ALA K 310 -13.14 -69.68 23.05
N ALA K 311 -13.08 -70.26 21.85
CA ALA K 311 -13.26 -71.69 21.65
C ALA K 311 -12.21 -72.49 22.42
N ASN K 312 -10.96 -72.03 22.36
CA ASN K 312 -9.86 -72.71 23.03
C ASN K 312 -9.91 -72.61 24.56
N VAL K 313 -10.48 -71.51 25.08
CA VAL K 313 -10.72 -71.37 26.51
C VAL K 313 -11.75 -72.41 26.97
N VAL K 314 -12.83 -72.56 26.19
CA VAL K 314 -13.84 -73.58 26.46
C VAL K 314 -13.20 -74.98 26.47
N GLY K 315 -12.31 -75.23 25.51
CA GLY K 315 -11.57 -76.49 25.44
C GLY K 315 -10.71 -76.75 26.66
N ILE K 316 -9.99 -75.72 27.12
CA ILE K 316 -9.13 -75.84 28.29
C ILE K 316 -9.93 -76.18 29.55
N ILE K 317 -11.05 -75.49 29.73
CA ILE K 317 -11.94 -75.75 30.88
C ILE K 317 -12.59 -77.14 30.77
N GLU K 318 -12.96 -77.54 29.56
CA GLU K 318 -13.49 -78.88 29.29
C GLU K 318 -12.50 -79.96 29.70
N ALA K 319 -11.23 -79.76 29.36
CA ALA K 319 -10.18 -80.71 29.70
C ALA K 319 -9.93 -80.75 31.20
N ALA K 320 -9.85 -79.58 31.83
CA ALA K 320 -9.59 -79.46 33.26
C ALA K 320 -10.68 -80.13 34.10
N SER K 321 -11.93 -80.00 33.69
CA SER K 321 -13.07 -80.56 34.41
C SER K 321 -13.16 -82.09 34.25
N ARG K 322 -12.89 -82.57 33.04
CA ARG K 322 -12.92 -84.01 32.76
C ARG K 322 -11.74 -84.74 33.40
N LEU K 323 -10.62 -84.03 33.56
CA LEU K 323 -9.46 -84.58 34.27
C LEU K 323 -9.60 -84.39 35.78
N GLN K 324 -10.63 -83.65 36.19
CA GLN K 324 -10.91 -83.34 37.60
C GLN K 324 -9.69 -82.75 38.31
N LEU K 325 -9.09 -81.75 37.68
CA LEU K 325 -7.89 -81.10 38.22
C LEU K 325 -8.23 -80.23 39.43
N PRO K 326 -7.39 -80.28 40.48
CA PRO K 326 -7.60 -79.49 41.69
C PRO K 326 -7.24 -78.01 41.49
N VAL K 327 -7.96 -77.34 40.59
CA VAL K 327 -7.75 -75.92 40.31
C VAL K 327 -9.07 -75.18 40.21
N ASN K 328 -9.07 -73.91 40.60
CA ASN K 328 -10.22 -73.04 40.40
C ASN K 328 -10.02 -72.18 39.16
N ILE K 329 -10.98 -72.23 38.25
CA ILE K 329 -10.92 -71.49 36.99
C ILE K 329 -12.17 -70.64 36.78
N VAL K 330 -11.97 -69.37 36.42
CA VAL K 330 -13.04 -68.53 35.92
C VAL K 330 -12.75 -68.15 34.46
N GLY K 331 -13.67 -68.49 33.57
CA GLY K 331 -13.53 -68.20 32.15
C GLY K 331 -14.48 -67.08 31.73
N VAL K 332 -13.93 -66.08 31.05
CA VAL K 332 -14.73 -64.95 30.57
C VAL K 332 -14.60 -64.86 29.04
N LEU K 333 -15.74 -64.92 28.37
CA LEU K 333 -15.78 -64.85 26.91
C LEU K 333 -16.55 -63.63 26.44
N ALA K 334 -15.88 -62.78 25.67
CA ALA K 334 -16.50 -61.60 25.08
C ALA K 334 -16.90 -61.93 23.64
N CYS K 335 -18.20 -62.14 23.44
CA CYS K 335 -18.71 -62.58 22.14
C CYS K 335 -19.46 -61.46 21.43
N ALA K 336 -19.10 -61.22 20.18
CA ALA K 336 -19.72 -60.19 19.35
C ALA K 336 -19.50 -60.49 17.86
N GLU K 337 -20.26 -59.78 17.01
CA GLU K 337 -20.10 -59.89 15.55
C GLU K 337 -19.83 -58.50 14.98
N ASN K 338 -18.65 -58.31 14.42
CA ASN K 338 -18.21 -57.00 13.91
C ASN K 338 -18.74 -56.71 12.51
N MET K 339 -19.85 -55.97 12.44
CA MET K 339 -20.58 -55.75 11.19
C MET K 339 -20.78 -54.28 10.88
N ILE K 340 -21.21 -54.00 9.64
CA ILE K 340 -21.52 -52.64 9.18
C ILE K 340 -23.04 -52.44 9.09
N ASN K 341 -23.54 -51.37 9.69
CA ASN K 341 -24.92 -50.94 9.49
C ASN K 341 -25.11 -49.44 9.78
N GLU K 342 -26.36 -49.00 9.80
CA GLU K 342 -26.71 -47.58 10.00
C GLU K 342 -26.19 -46.95 11.29
N ALA K 343 -25.86 -47.79 12.29
CA ALA K 343 -25.47 -47.30 13.61
C ALA K 343 -24.26 -48.01 14.22
N SER K 344 -23.47 -48.69 13.39
CA SER K 344 -22.27 -49.39 13.88
C SER K 344 -21.14 -48.42 14.21
N MET K 345 -20.13 -48.89 14.93
CA MET K 345 -19.03 -48.06 15.37
C MET K 345 -18.19 -47.52 14.21
N LYS K 346 -17.67 -46.31 14.38
CA LYS K 346 -16.92 -45.60 13.33
C LYS K 346 -15.63 -45.04 13.92
N PRO K 347 -14.58 -44.87 13.09
CA PRO K 347 -13.40 -44.12 13.54
C PRO K 347 -13.80 -42.73 14.01
N ASP K 348 -13.22 -42.30 15.14
CA ASP K 348 -13.53 -41.03 15.83
C ASP K 348 -14.52 -41.19 16.98
N ASP K 349 -15.25 -42.31 17.00
CA ASP K 349 -16.19 -42.60 18.08
C ASP K 349 -15.48 -42.71 19.43
N VAL K 350 -16.12 -42.16 20.46
CA VAL K 350 -15.59 -42.26 21.82
C VAL K 350 -16.60 -43.01 22.71
N PHE K 351 -16.12 -44.06 23.37
CA PHE K 351 -16.96 -44.88 24.25
C PHE K 351 -16.40 -44.97 25.67
N THR K 352 -17.28 -45.30 26.61
CA THR K 352 -16.89 -45.50 28.00
C THR K 352 -16.75 -46.98 28.30
N ALA K 353 -15.54 -47.40 28.65
CA ALA K 353 -15.25 -48.79 28.98
C ALA K 353 -15.88 -49.19 30.30
N LEU K 354 -15.87 -50.49 30.59
CA LEU K 354 -16.33 -51.00 31.88
C LEU K 354 -15.51 -50.43 33.04
N SER K 355 -14.24 -50.14 32.78
CA SER K 355 -13.34 -49.53 33.75
C SER K 355 -13.74 -48.09 34.10
N GLY K 356 -14.52 -47.46 33.23
CA GLY K 356 -14.93 -46.07 33.41
C GLY K 356 -14.11 -45.13 32.57
N GLU K 357 -13.04 -45.66 31.96
CA GLU K 357 -12.16 -44.89 31.10
C GLU K 357 -12.78 -44.68 29.72
N THR K 358 -12.47 -43.54 29.10
CA THR K 358 -12.95 -43.25 27.75
C THR K 358 -11.95 -43.73 26.71
N VAL K 359 -12.48 -44.33 25.64
CA VAL K 359 -11.65 -44.89 24.56
C VAL K 359 -12.07 -44.31 23.21
N GLU K 360 -11.12 -43.70 22.51
CA GLU K 360 -11.35 -43.23 21.14
C GLU K 360 -11.03 -44.37 20.19
N VAL K 361 -11.99 -44.71 19.33
CA VAL K 361 -11.80 -45.75 18.33
C VAL K 361 -11.35 -45.11 17.03
N MET K 362 -10.12 -45.42 16.61
CA MET K 362 -9.59 -44.90 15.35
C MET K 362 -9.54 -45.94 14.23
N ASN K 363 -9.73 -47.20 14.61
CA ASN K 363 -9.73 -48.32 13.68
C ASN K 363 -10.70 -49.39 14.17
N THR K 364 -11.78 -49.61 13.43
CA THR K 364 -12.82 -50.56 13.84
C THR K 364 -12.40 -52.01 13.62
N ASP K 365 -11.31 -52.22 12.87
CA ASP K 365 -10.74 -53.54 12.68
C ASP K 365 -9.87 -53.96 13.87
N ALA K 366 -9.60 -53.01 14.75
CA ALA K 366 -8.94 -53.31 16.03
C ALA K 366 -10.00 -53.56 17.09
N GLU K 367 -10.92 -54.47 16.79
CA GLU K 367 -12.09 -54.72 17.63
C GLU K 367 -11.77 -55.69 18.78
N GLY K 368 -10.78 -56.53 18.57
CA GLY K 368 -10.42 -57.57 19.53
C GLY K 368 -9.97 -57.03 20.86
N ARG K 369 -9.06 -56.07 20.82
CA ARG K 369 -8.53 -55.43 22.04
C ARG K 369 -9.61 -54.71 22.84
N LEU K 370 -10.66 -54.27 22.14
CA LEU K 370 -11.78 -53.58 22.77
C LEU K 370 -12.63 -54.52 23.61
N VAL K 371 -13.02 -55.65 23.03
CA VAL K 371 -13.84 -56.63 23.76
C VAL K 371 -13.06 -57.34 24.87
N LEU K 372 -11.76 -57.52 24.66
CA LEU K 372 -10.89 -58.10 25.67
C LEU K 372 -10.75 -57.16 26.87
N ALA K 373 -10.66 -55.85 26.59
CA ALA K 373 -10.53 -54.84 27.63
C ALA K 373 -11.67 -54.92 28.66
N ASP K 374 -12.91 -54.99 28.18
CA ASP K 374 -14.07 -55.13 29.05
C ASP K 374 -14.08 -56.47 29.77
N ALA K 375 -13.66 -57.52 29.06
CA ALA K 375 -13.63 -58.87 29.63
C ALA K 375 -12.55 -59.02 30.69
N VAL K 376 -11.36 -58.45 30.45
CA VAL K 376 -10.25 -58.50 31.40
C VAL K 376 -10.59 -57.75 32.68
N PHE K 377 -11.17 -56.56 32.54
CA PHE K 377 -11.59 -55.77 33.70
C PHE K 377 -12.63 -56.51 34.53
N TYR K 378 -13.57 -57.17 33.85
CA TYR K 378 -14.59 -57.98 34.52
C TYR K 378 -13.98 -59.20 35.21
N ALA K 379 -13.00 -59.82 34.57
CA ALA K 379 -12.32 -61.00 35.13
C ALA K 379 -11.57 -60.65 36.41
N ASN K 380 -11.03 -59.43 36.46
CA ASN K 380 -10.23 -58.97 37.60
C ASN K 380 -11.06 -58.71 38.86
N GLN K 381 -12.38 -58.57 38.68
CA GLN K 381 -13.32 -58.41 39.80
C GLN K 381 -13.34 -59.67 40.67
N TYR K 382 -13.08 -60.82 40.05
CA TYR K 382 -13.01 -62.11 40.75
C TYR K 382 -11.72 -62.26 41.56
N GLN K 383 -10.85 -61.26 41.47
CA GLN K 383 -9.55 -61.23 42.15
C GLN K 383 -8.73 -62.51 41.88
N PRO K 384 -8.33 -62.72 40.62
CA PRO K 384 -7.60 -63.94 40.25
C PRO K 384 -6.12 -63.83 40.61
N SER K 385 -5.45 -64.97 40.71
CA SER K 385 -4.00 -64.99 40.94
C SER K 385 -3.25 -64.63 39.66
N VAL K 386 -3.84 -64.97 38.52
CA VAL K 386 -3.28 -64.65 37.21
C VAL K 386 -4.41 -64.53 36.17
N ILE K 387 -4.21 -63.64 35.21
CA ILE K 387 -5.13 -63.50 34.08
C ILE K 387 -4.41 -63.91 32.80
N MET K 388 -5.01 -64.83 32.05
CA MET K 388 -4.49 -65.23 30.75
C MET K 388 -5.55 -65.02 29.69
N ASP K 389 -5.23 -64.21 28.68
CA ASP K 389 -6.15 -64.01 27.57
C ASP K 389 -5.64 -64.65 26.27
N PHE K 390 -6.58 -65.14 25.47
CA PHE K 390 -6.26 -65.83 24.23
C PHE K 390 -7.05 -65.20 23.10
N ALA K 391 -6.35 -64.74 22.07
CA ALA K 391 -6.99 -63.99 20.99
C ALA K 391 -6.21 -64.05 19.68
N THR K 392 -6.96 -64.08 18.58
CA THR K 392 -6.40 -63.88 17.24
C THR K 392 -6.46 -62.38 16.94
N LEU K 393 -5.48 -61.63 17.46
CA LEU K 393 -5.52 -60.18 17.43
C LEU K 393 -4.91 -59.53 16.19
N THR K 394 -3.60 -59.64 16.07
CA THR K 394 -2.82 -58.77 15.18
C THR K 394 -2.20 -59.47 13.99
N GLY K 395 -2.24 -58.82 12.83
CA GLY K 395 -1.50 -59.25 11.66
C GLY K 395 0.00 -59.07 11.85
N ALA K 396 0.37 -58.05 12.62
CA ALA K 396 1.77 -57.74 12.91
C ALA K 396 2.48 -58.86 13.68
N ALA K 397 1.74 -59.58 14.52
CA ALA K 397 2.29 -60.74 15.23
C ALA K 397 2.69 -61.84 14.27
N ILE K 398 1.90 -62.03 13.22
CA ILE K 398 2.22 -63.01 12.16
C ILE K 398 3.46 -62.55 11.38
N VAL K 399 3.54 -61.26 11.08
CA VAL K 399 4.69 -60.69 10.37
C VAL K 399 5.97 -60.85 11.21
N ALA K 400 5.80 -60.74 12.54
CA ALA K 400 6.90 -60.84 13.49
C ALA K 400 7.49 -62.24 13.59
N LEU K 401 6.64 -63.22 13.90
CA LEU K 401 7.10 -64.56 14.26
C LEU K 401 6.78 -65.63 13.21
N GLY K 402 6.04 -65.28 12.17
CA GLY K 402 5.58 -66.26 11.19
C GLY K 402 4.22 -66.81 11.56
N ASP K 403 3.65 -67.60 10.66
CA ASP K 403 2.29 -68.11 10.81
C ASP K 403 2.18 -69.27 11.81
N ASP K 404 3.30 -69.89 12.16
CA ASP K 404 3.28 -71.12 12.95
C ASP K 404 3.67 -70.95 14.43
N LYS K 405 3.93 -69.70 14.83
CA LYS K 405 4.36 -69.41 16.20
C LYS K 405 3.41 -68.41 16.86
N ALA K 406 3.22 -68.56 18.18
CA ALA K 406 2.38 -67.64 18.94
C ALA K 406 3.22 -66.57 19.64
N ALA K 407 2.64 -65.38 19.78
CA ALA K 407 3.29 -64.28 20.49
C ALA K 407 2.74 -64.17 21.91
N ALA K 408 3.65 -64.17 22.88
CA ALA K 408 3.29 -64.05 24.28
C ALA K 408 3.81 -62.76 24.90
N PHE K 409 2.98 -62.11 25.70
CA PHE K 409 3.33 -60.86 26.37
C PHE K 409 3.04 -60.96 27.85
N GLU K 410 4.01 -60.56 28.69
CA GLU K 410 3.79 -60.57 30.13
C GLU K 410 3.65 -59.18 30.72
N SER K 411 2.82 -59.07 31.74
CA SER K 411 2.63 -57.84 32.49
C SER K 411 2.48 -58.23 33.96
N ASN K 412 3.53 -57.99 34.73
CA ASN K 412 3.61 -58.40 36.14
C ASN K 412 3.55 -59.91 36.35
N SER K 413 3.99 -60.68 35.36
CA SER K 413 4.04 -62.15 35.45
C SER K 413 5.18 -62.75 34.64
N LYS K 414 6.39 -62.27 34.90
CA LYS K 414 7.60 -62.75 34.24
C LYS K 414 7.88 -64.22 34.56
N VAL K 415 7.61 -64.62 35.80
CA VAL K 415 7.88 -65.97 36.27
C VAL K 415 6.94 -67.01 35.65
N ILE K 416 5.63 -66.75 35.74
CA ILE K 416 4.62 -67.65 35.17
C ILE K 416 4.78 -67.81 33.66
N LEU K 417 5.17 -66.73 32.97
CA LEU K 417 5.43 -66.80 31.54
C LEU K 417 6.60 -67.73 31.21
N ASN K 418 7.70 -67.59 31.94
CA ASN K 418 8.88 -68.43 31.75
C ASN K 418 8.58 -69.92 31.88
N ASP K 419 7.71 -70.26 32.82
CA ASP K 419 7.25 -71.64 32.99
C ASP K 419 6.44 -72.10 31.77
N ILE K 420 5.59 -71.23 31.25
CA ILE K 420 4.75 -71.54 30.10
C ILE K 420 5.56 -71.66 28.80
N LEU K 421 6.54 -70.77 28.63
CA LEU K 421 7.45 -70.85 27.48
C LEU K 421 8.25 -72.15 27.48
N GLN K 422 8.57 -72.65 28.67
CA GLN K 422 9.23 -73.95 28.83
C GLN K 422 8.29 -75.12 28.50
N ILE K 423 7.11 -75.10 29.09
CA ILE K 423 6.11 -76.15 28.89
C ILE K 423 5.73 -76.28 27.42
N SER K 424 5.50 -75.15 26.76
CA SER K 424 5.09 -75.13 25.36
C SER K 424 6.13 -75.78 24.44
N SER K 425 7.40 -75.51 24.70
CA SER K 425 8.49 -76.06 23.90
C SER K 425 8.62 -77.58 24.08
N GLU K 426 8.04 -78.08 25.18
CA GLU K 426 8.06 -79.51 25.49
C GLU K 426 6.85 -80.26 24.92
N VAL K 427 5.79 -79.53 24.57
CA VAL K 427 4.56 -80.13 24.03
C VAL K 427 4.31 -79.77 22.56
N ASP K 428 5.40 -79.45 21.84
CA ASP K 428 5.36 -79.14 20.41
C ASP K 428 4.45 -77.96 20.04
N GLU K 429 4.52 -76.90 20.85
CA GLU K 429 3.80 -75.66 20.56
C GLU K 429 4.74 -74.46 20.65
N MET K 430 4.99 -73.83 19.50
CA MET K 430 5.91 -72.70 19.44
C MET K 430 5.30 -71.40 19.95
N VAL K 431 5.77 -70.96 21.11
CA VAL K 431 5.33 -69.71 21.72
C VAL K 431 6.57 -68.91 22.10
N PHE K 432 6.60 -67.64 21.71
CA PHE K 432 7.74 -66.77 22.01
C PHE K 432 7.33 -65.39 22.52
N GLU K 433 8.20 -64.80 23.35
CA GLU K 433 7.89 -63.54 24.01
C GLU K 433 8.18 -62.34 23.13
N LEU K 434 7.26 -61.38 23.18
CA LEU K 434 7.49 -60.03 22.65
C LEU K 434 7.29 -59.03 23.79
N PRO K 435 7.99 -57.88 23.74
CA PRO K 435 7.99 -56.98 24.90
C PRO K 435 6.86 -55.97 24.95
N ILE K 436 6.54 -55.50 26.17
CA ILE K 436 5.73 -54.30 26.37
C ILE K 436 6.60 -53.30 27.11
N THR K 437 6.99 -52.23 26.43
CA THR K 437 7.91 -51.23 27.01
C THR K 437 7.18 -49.94 27.38
N ALA K 438 7.93 -48.98 27.92
CA ALA K 438 7.41 -47.65 28.26
C ALA K 438 6.77 -46.96 27.06
N THR K 439 7.33 -47.21 25.87
CA THR K 439 6.81 -46.67 24.62
C THR K 439 5.34 -47.02 24.41
N GLU K 440 5.02 -48.32 24.55
CA GLU K 440 3.67 -48.83 24.33
C GLU K 440 2.70 -48.41 25.44
N ARG K 441 3.20 -48.40 26.68
CA ARG K 441 2.42 -47.95 27.82
C ARG K 441 2.00 -46.48 27.71
N ALA K 442 2.83 -45.69 27.03
CA ALA K 442 2.56 -44.27 26.80
C ALA K 442 1.68 -44.04 25.58
N SER K 443 1.91 -44.80 24.52
CA SER K 443 1.26 -44.56 23.24
C SER K 443 -0.22 -44.96 23.19
N ILE K 444 -0.65 -45.82 24.10
CA ILE K 444 -2.08 -46.16 24.21
C ILE K 444 -2.90 -44.99 24.77
N LYS K 445 -2.19 -44.00 25.30
CA LYS K 445 -2.81 -42.80 25.85
C LYS K 445 -2.74 -41.59 24.89
N HIS K 446 -2.20 -41.82 23.70
CA HIS K 446 -2.06 -40.74 22.71
C HIS K 446 -3.37 -40.45 21.96
N SER K 447 -4.33 -39.91 22.70
CA SER K 447 -5.59 -39.44 22.12
C SER K 447 -5.77 -37.97 22.48
N ASP K 448 -6.25 -37.18 21.53
CA ASP K 448 -6.48 -35.77 21.75
C ASP K 448 -7.80 -35.50 22.49
N ILE K 449 -8.62 -36.54 22.64
CA ILE K 449 -9.96 -36.40 23.17
C ILE K 449 -10.27 -37.33 24.35
N ALA K 450 -9.88 -38.60 24.24
CA ALA K 450 -10.21 -39.61 25.25
C ALA K 450 -9.02 -39.98 26.13
N ASP K 451 -9.28 -40.80 27.15
CA ASP K 451 -8.22 -41.33 28.02
C ASP K 451 -7.31 -42.28 27.25
N LEU K 452 -7.90 -43.09 26.37
CA LEU K 452 -7.16 -44.08 25.60
C LEU K 452 -7.53 -44.07 24.13
N VAL K 453 -6.61 -44.60 23.30
CA VAL K 453 -6.85 -44.78 21.87
C VAL K 453 -6.57 -46.23 21.52
N ASN K 454 -7.33 -46.79 20.58
CA ASN K 454 -7.25 -48.22 20.28
C ASN K 454 -6.32 -48.59 19.13
N HIS K 455 -5.69 -47.59 18.52
CA HIS K 455 -4.86 -47.82 17.33
C HIS K 455 -3.76 -46.78 17.18
N THR K 456 -2.59 -47.25 16.74
CA THR K 456 -1.48 -46.38 16.38
C THR K 456 -1.15 -46.52 14.89
N ASN K 457 -0.75 -45.41 14.27
CA ASN K 457 -0.29 -45.45 12.89
C ASN K 457 1.19 -45.83 12.78
N GLY K 458 1.87 -45.83 13.92
CA GLY K 458 3.26 -46.26 13.99
C GLY K 458 3.39 -47.77 13.91
N GLN K 459 4.63 -48.25 13.95
CA GLN K 459 4.90 -49.68 13.90
C GLN K 459 4.90 -50.30 15.31
N GLY K 460 5.17 -51.61 15.38
CA GLY K 460 5.09 -52.36 16.63
C GLY K 460 3.66 -52.50 17.12
N LYS K 461 2.75 -52.77 16.17
CA LYS K 461 1.31 -52.81 16.44
C LYS K 461 0.88 -53.93 17.36
N ALA K 462 1.58 -55.07 17.28
CA ALA K 462 1.32 -56.20 18.16
C ALA K 462 1.64 -55.86 19.61
N LEU K 463 2.70 -55.08 19.80
CA LEU K 463 3.10 -54.63 21.14
C LEU K 463 2.09 -53.63 21.70
N PHE K 464 1.60 -52.75 20.83
CA PHE K 464 0.57 -51.77 21.18
C PHE K 464 -0.71 -52.46 21.66
N ALA K 465 -1.18 -53.43 20.87
CA ALA K 465 -2.39 -54.18 21.19
C ALA K 465 -2.28 -54.88 22.56
N ALA K 466 -1.11 -55.46 22.83
CA ALA K 466 -0.84 -56.12 24.09
C ALA K 466 -0.87 -55.14 25.26
N SER K 467 -0.26 -53.97 25.05
CA SER K 467 -0.25 -52.90 26.04
C SER K 467 -1.67 -52.44 26.35
N PHE K 468 -2.51 -52.37 25.32
CA PHE K 468 -3.89 -51.94 25.47
C PHE K 468 -4.69 -52.92 26.32
N VAL K 469 -4.56 -54.21 26.01
CA VAL K 469 -5.28 -55.27 26.72
C VAL K 469 -4.81 -55.41 28.17
N THR K 470 -3.49 -55.45 28.38
CA THR K 470 -2.91 -55.65 29.71
C THR K 470 -3.06 -54.45 30.65
N HIS K 471 -3.46 -53.31 30.09
CA HIS K 471 -3.74 -52.11 30.88
C HIS K 471 -4.91 -52.32 31.85
N PHE K 472 -5.90 -53.11 31.42
CA PHE K 472 -7.15 -53.25 32.16
C PHE K 472 -7.11 -54.24 33.31
N SER K 473 -5.97 -54.91 33.49
CA SER K 473 -5.78 -55.85 34.59
C SER K 473 -5.19 -55.18 35.82
N GLY K 474 -4.74 -53.94 35.67
CA GLY K 474 -4.07 -53.22 36.75
C GLY K 474 -2.71 -53.82 37.03
N GLN K 475 -2.48 -54.19 38.28
CA GLN K 475 -1.21 -54.79 38.69
C GLN K 475 -1.28 -56.32 38.79
N THR K 476 -2.46 -56.88 38.51
CA THR K 476 -2.68 -58.32 38.51
C THR K 476 -1.83 -58.98 37.42
N PRO K 477 -1.09 -60.05 37.78
CA PRO K 477 -0.31 -60.81 36.80
C PRO K 477 -1.13 -61.17 35.56
N HIS K 478 -0.65 -60.75 34.40
CA HIS K 478 -1.40 -60.87 33.15
C HIS K 478 -0.49 -61.36 32.03
N ILE K 479 -0.90 -62.44 31.37
CA ILE K 479 -0.24 -62.90 30.15
C ILE K 479 -1.20 -62.84 28.96
N HIS K 480 -0.77 -62.17 27.90
CA HIS K 480 -1.55 -62.02 26.67
C HIS K 480 -0.98 -62.91 25.58
N PHE K 481 -1.83 -63.75 25.00
CA PHE K 481 -1.43 -64.66 23.93
C PHE K 481 -2.05 -64.28 22.59
N ASP K 482 -1.22 -63.75 21.69
CA ASP K 482 -1.65 -63.43 20.33
C ASP K 482 -1.45 -64.66 19.46
N ILE K 483 -2.55 -65.35 19.16
CA ILE K 483 -2.52 -66.59 18.40
C ILE K 483 -3.12 -66.42 17.00
N ALA K 484 -2.99 -65.22 16.44
CA ALA K 484 -3.51 -64.92 15.10
C ALA K 484 -2.97 -65.88 14.04
N GLY K 485 -1.71 -66.28 14.20
CA GLY K 485 -1.06 -67.19 13.27
C GLY K 485 -1.37 -68.66 13.50
N PRO K 486 -0.91 -69.21 14.65
CA PRO K 486 -0.96 -70.66 14.88
C PRO K 486 -2.33 -71.24 15.24
N ALA K 487 -3.33 -70.40 15.45
CA ALA K 487 -4.69 -70.86 15.77
C ALA K 487 -5.32 -71.62 14.61
N THR K 488 -4.84 -71.35 13.40
CA THR K 488 -5.30 -72.02 12.20
C THR K 488 -4.12 -72.43 11.34
N THR K 489 -4.31 -73.49 10.56
CA THR K 489 -3.31 -73.97 9.61
C THR K 489 -3.94 -74.19 8.23
N ASN K 490 -3.18 -73.91 7.18
CA ASN K 490 -3.67 -74.07 5.81
C ASN K 490 -3.15 -75.36 5.17
N LYS K 491 -2.57 -76.22 6.00
CA LYS K 491 -1.93 -77.44 5.55
C LYS K 491 -2.29 -78.60 6.48
N ALA K 492 -2.67 -79.73 5.91
CA ALA K 492 -2.94 -80.94 6.69
C ALA K 492 -1.63 -81.55 7.18
N SER K 493 -1.67 -82.17 8.36
CA SER K 493 -0.49 -82.77 8.98
C SER K 493 -0.85 -83.90 9.91
N TYR K 494 0.14 -84.38 10.66
CA TYR K 494 -0.06 -85.42 11.68
C TYR K 494 -0.96 -84.97 12.83
N ASN K 495 -1.20 -83.66 12.91
CA ASN K 495 -2.08 -83.09 13.94
C ASN K 495 -3.53 -82.92 13.50
N GLY K 496 -3.82 -83.26 12.25
CA GLY K 496 -5.17 -83.15 11.72
C GLY K 496 -5.27 -82.35 10.44
N PRO K 497 -6.51 -82.12 9.96
CA PRO K 497 -6.73 -81.44 8.68
C PRO K 497 -6.57 -79.91 8.77
N LYS K 498 -6.74 -79.24 7.64
CA LYS K 498 -6.76 -77.78 7.56
C LYS K 498 -7.79 -77.20 8.51
N GLY K 499 -7.51 -76.00 9.02
CA GLY K 499 -8.44 -75.29 9.88
C GLY K 499 -7.90 -75.07 11.28
N PRO K 500 -8.80 -74.97 12.26
CA PRO K 500 -8.44 -74.69 13.64
C PRO K 500 -7.54 -75.76 14.23
N THR K 501 -6.51 -75.34 14.97
CA THR K 501 -5.52 -76.24 15.52
C THR K 501 -5.77 -76.57 17.00
N GLY K 502 -6.54 -75.72 17.66
CA GLY K 502 -6.75 -75.83 19.10
C GLY K 502 -5.50 -75.39 19.85
N PHE K 503 -4.76 -74.48 19.25
CA PHE K 503 -3.47 -74.03 19.77
C PHE K 503 -3.57 -73.49 21.19
N MET K 504 -2.54 -73.80 21.99
CA MET K 504 -2.44 -73.38 23.40
C MET K 504 -3.09 -74.35 24.39
N ILE K 505 -4.12 -75.07 23.96
CA ILE K 505 -4.80 -76.03 24.83
C ILE K 505 -3.85 -77.06 25.46
N PRO K 506 -2.99 -77.71 24.65
CA PRO K 506 -2.01 -78.62 25.26
C PRO K 506 -1.10 -77.95 26.28
N THR K 507 -0.63 -76.74 25.98
CA THR K 507 0.28 -76.00 26.85
C THR K 507 -0.36 -75.61 28.19
N ILE K 508 -1.54 -75.01 28.12
CA ILE K 508 -2.24 -74.53 29.33
C ILE K 508 -2.70 -75.68 30.23
N VAL K 509 -3.22 -76.75 29.61
CA VAL K 509 -3.63 -77.94 30.35
C VAL K 509 -2.45 -78.53 31.14
N GLN K 510 -1.31 -78.65 30.47
CA GLN K 510 -0.08 -79.13 31.10
C GLN K 510 0.35 -78.24 32.26
N TRP K 511 0.21 -76.92 32.08
CA TRP K 511 0.51 -75.93 33.11
C TRP K 511 -0.45 -76.05 34.30
N LEU K 512 -1.74 -76.26 33.99
CA LEU K 512 -2.77 -76.44 35.01
C LEU K 512 -2.56 -77.70 35.84
N LYS K 513 -2.00 -78.73 35.20
CA LYS K 513 -1.68 -80.00 35.87
C LYS K 513 -0.59 -79.83 36.94
N GLN K 514 0.16 -78.74 36.85
CA GLN K 514 1.30 -78.51 37.74
C GLN K 514 1.02 -77.51 38.87
N GLN K 515 -0.26 -77.19 39.08
CA GLN K 515 -0.66 -76.22 40.10
C GLN K 515 -1.08 -76.88 41.42
N ASN L 23 -44.66 -46.53 -32.64
CA ASN L 23 -43.48 -46.68 -33.55
C ASN L 23 -42.75 -45.36 -33.77
N ALA L 24 -41.43 -45.44 -33.97
CA ALA L 24 -40.61 -44.28 -34.27
C ALA L 24 -40.81 -43.82 -35.72
N MET L 25 -41.00 -44.79 -36.61
CA MET L 25 -41.21 -44.52 -38.03
C MET L 25 -42.57 -45.02 -38.48
N ASN L 26 -43.17 -44.30 -39.44
CA ASN L 26 -44.43 -44.69 -40.04
C ASN L 26 -44.22 -45.09 -41.50
N PHE L 27 -44.23 -46.40 -41.76
CA PHE L 27 -43.96 -46.93 -43.08
C PHE L 27 -45.22 -47.02 -43.96
N LYS L 28 -45.18 -46.32 -45.08
CA LYS L 28 -46.27 -46.33 -46.06
C LYS L 28 -45.74 -46.75 -47.42
N LEU L 29 -46.48 -47.64 -48.08
CA LEU L 29 -46.06 -48.17 -49.38
C LEU L 29 -46.89 -47.59 -50.53
N ASN L 30 -46.19 -47.08 -51.54
CA ASN L 30 -46.77 -46.60 -52.80
C ASN L 30 -47.95 -45.63 -52.65
N ASN L 31 -47.79 -44.65 -51.76
CA ASN L 31 -48.77 -43.58 -51.61
C ASN L 31 -48.60 -42.54 -52.71
N THR L 32 -49.72 -42.14 -53.31
CA THR L 32 -49.71 -41.14 -54.39
C THR L 32 -49.00 -39.86 -53.97
N LEU L 33 -48.26 -39.27 -54.91
CA LEU L 33 -47.40 -38.11 -54.63
C LEU L 33 -48.14 -36.88 -54.14
N SER L 34 -47.61 -36.27 -53.09
CA SER L 34 -48.15 -35.03 -52.54
C SER L 34 -47.18 -33.88 -52.76
N ASN L 35 -47.71 -32.76 -53.24
CA ASN L 35 -46.90 -31.56 -53.50
C ASN L 35 -46.31 -30.95 -52.23
N GLU L 36 -46.80 -31.43 -51.08
CA GLU L 36 -46.29 -31.04 -49.77
C GLU L 36 -44.89 -31.61 -49.52
N ILE L 37 -44.73 -32.91 -49.73
CA ILE L 37 -43.48 -33.60 -49.44
C ILE L 37 -42.38 -33.19 -50.43
N ASN L 38 -41.28 -32.65 -49.90
CA ASN L 38 -40.17 -32.20 -50.72
C ASN L 38 -38.81 -32.73 -50.26
N THR L 39 -38.82 -33.93 -49.68
CA THR L 39 -37.61 -34.59 -49.21
C THR L 39 -37.50 -35.98 -49.82
N LEU L 40 -36.29 -36.35 -50.24
CA LEU L 40 -36.05 -37.57 -51.01
C LEU L 40 -34.83 -38.33 -50.50
N ILE L 41 -34.99 -39.64 -50.30
CA ILE L 41 -33.90 -40.49 -49.83
C ILE L 41 -33.50 -41.55 -50.87
N ILE L 42 -32.22 -41.56 -51.25
CA ILE L 42 -31.68 -42.53 -52.21
C ILE L 42 -30.38 -43.14 -51.68
N GLY L 43 -30.24 -44.45 -51.84
CA GLY L 43 -28.98 -45.14 -51.52
C GLY L 43 -28.04 -45.10 -52.70
N ILE L 44 -26.76 -44.81 -52.43
CA ILE L 44 -25.76 -44.67 -53.50
C ILE L 44 -24.65 -45.71 -53.39
N PRO L 45 -24.55 -46.60 -54.39
CA PRO L 45 -23.48 -47.62 -54.46
C PRO L 45 -22.24 -47.10 -55.18
N GLU L 46 -21.16 -47.89 -55.14
CA GLU L 46 -19.89 -47.55 -55.77
C GLU L 46 -20.03 -47.43 -57.29
N HIS L 47 -20.82 -48.31 -57.88
CA HIS L 47 -21.12 -48.27 -59.31
C HIS L 47 -22.63 -48.22 -59.51
N LEU L 48 -23.11 -47.10 -60.03
CA LEU L 48 -24.56 -46.88 -60.23
C LEU L 48 -25.19 -47.79 -61.28
N ASN L 49 -24.37 -48.27 -62.22
CA ASN L 49 -24.84 -49.19 -63.26
C ASN L 49 -25.16 -50.60 -62.74
N GLN L 50 -24.72 -50.89 -61.51
CA GLN L 50 -25.00 -52.17 -60.86
C GLN L 50 -26.44 -52.28 -60.37
N LEU L 51 -27.10 -51.13 -60.23
CA LEU L 51 -28.53 -51.07 -59.92
C LEU L 51 -29.34 -50.90 -61.19
N GLU L 52 -30.60 -51.31 -61.17
CA GLU L 52 -31.53 -51.00 -62.24
C GLU L 52 -31.77 -49.48 -62.23
N ARG L 53 -31.80 -48.89 -63.42
CA ARG L 53 -31.84 -47.42 -63.57
C ARG L 53 -32.82 -46.74 -62.61
N ILE L 54 -32.28 -45.94 -61.69
CA ILE L 54 -33.07 -45.26 -60.66
C ILE L 54 -33.99 -44.19 -61.28
N SER L 55 -35.27 -44.27 -60.94
CA SER L 55 -36.25 -43.31 -61.43
C SER L 55 -37.19 -42.82 -60.33
N PHE L 56 -37.42 -41.51 -60.32
CA PHE L 56 -38.38 -40.88 -59.43
C PHE L 56 -39.46 -40.20 -60.26
N ASN L 57 -40.71 -40.33 -59.82
CA ASN L 57 -41.86 -39.68 -60.48
C ASN L 57 -41.77 -39.64 -62.02
N HIS L 58 -41.70 -40.82 -62.63
CA HIS L 58 -41.70 -41.01 -64.08
C HIS L 58 -40.41 -40.60 -64.84
N ILE L 59 -39.45 -40.01 -64.13
CA ILE L 59 -38.22 -39.52 -64.77
C ILE L 59 -36.94 -40.27 -64.32
N ASP L 60 -36.11 -40.65 -65.28
CA ASP L 60 -34.83 -41.32 -65.03
C ASP L 60 -33.80 -40.33 -64.50
N ILE L 61 -33.37 -40.53 -63.26
CA ILE L 61 -32.45 -39.60 -62.58
C ILE L 61 -31.04 -40.15 -62.40
N THR L 62 -30.76 -41.28 -63.04
CA THR L 62 -29.47 -41.99 -62.90
C THR L 62 -28.27 -41.12 -63.29
N GLU L 63 -28.37 -40.46 -64.45
CA GLU L 63 -27.26 -39.68 -65.00
C GLU L 63 -26.99 -38.36 -64.26
N SER L 64 -28.00 -37.83 -63.59
CA SER L 64 -27.85 -36.64 -62.75
C SER L 64 -27.18 -36.98 -61.42
N LEU L 65 -27.48 -38.18 -60.91
CA LEU L 65 -26.84 -38.69 -59.70
C LEU L 65 -25.37 -39.05 -59.96
N GLU L 66 -25.09 -39.47 -61.20
CA GLU L 66 -23.74 -39.79 -61.64
C GLU L 66 -22.84 -38.56 -61.68
N ARG L 67 -23.41 -37.43 -62.08
CA ARG L 67 -22.68 -36.16 -62.12
C ARG L 67 -22.38 -35.60 -60.73
N LEU L 68 -23.35 -35.75 -59.82
CA LEU L 68 -23.18 -35.31 -58.43
C LEU L 68 -22.12 -36.14 -57.72
N LYS L 69 -22.07 -37.43 -58.05
CA LYS L 69 -21.07 -38.36 -57.53
C LYS L 69 -19.68 -38.02 -58.06
N HIS L 70 -19.62 -37.62 -59.33
CA HIS L 70 -18.37 -37.23 -59.98
C HIS L 70 -17.83 -35.90 -59.44
N GLN L 71 -18.75 -35.03 -59.02
CA GLN L 71 -18.40 -33.74 -58.43
C GLN L 71 -18.13 -33.84 -56.92
N HIS L 72 -18.26 -35.05 -56.38
CA HIS L 72 -18.08 -35.33 -54.94
C HIS L 72 -19.11 -34.63 -54.05
N ILE L 73 -20.25 -34.28 -54.64
CA ILE L 73 -21.38 -33.71 -53.90
C ILE L 73 -22.12 -34.83 -53.17
N ILE L 74 -22.19 -36.00 -53.81
CA ILE L 74 -22.63 -37.23 -53.14
C ILE L 74 -21.57 -38.32 -53.32
N GLY L 75 -21.67 -39.39 -52.53
CA GLY L 75 -20.70 -40.47 -52.58
C GLY L 75 -21.25 -41.81 -52.15
N SER L 76 -20.37 -42.82 -52.11
CA SER L 76 -20.78 -44.19 -51.89
C SER L 76 -20.24 -44.85 -50.62
N LYS L 77 -19.36 -44.14 -49.91
CA LYS L 77 -18.75 -44.67 -48.68
C LYS L 77 -19.82 -45.20 -47.74
N VAL L 78 -19.66 -46.47 -47.33
CA VAL L 78 -20.66 -47.19 -46.54
C VAL L 78 -21.14 -46.40 -45.31
N GLY L 79 -22.43 -46.07 -45.31
CA GLY L 79 -23.08 -45.43 -44.17
C GLY L 79 -22.86 -43.93 -44.04
N LYS L 80 -22.20 -43.32 -45.03
CA LYS L 80 -21.96 -41.88 -45.01
C LYS L 80 -23.14 -41.11 -45.60
N ILE L 81 -23.54 -40.05 -44.89
CA ILE L 81 -24.69 -39.23 -45.29
C ILE L 81 -24.24 -38.03 -46.11
N TYR L 82 -24.85 -37.87 -47.28
CA TYR L 82 -24.65 -36.68 -48.12
C TYR L 82 -26.02 -36.03 -48.36
N THR L 83 -26.07 -34.70 -48.29
CA THR L 83 -27.28 -33.98 -48.66
C THR L 83 -27.01 -32.92 -49.72
N THR L 84 -28.00 -32.68 -50.56
CA THR L 84 -27.89 -31.66 -51.62
C THR L 84 -29.26 -31.21 -52.11
N ALA L 85 -29.31 -30.01 -52.67
CA ALA L 85 -30.48 -29.54 -53.40
C ALA L 85 -30.56 -30.33 -54.70
N PHE L 86 -31.76 -30.83 -55.01
CA PHE L 86 -31.94 -31.71 -56.15
C PHE L 86 -33.17 -31.32 -56.95
N ASP L 87 -32.95 -30.92 -58.20
CA ASP L 87 -34.04 -30.53 -59.09
C ASP L 87 -34.53 -31.72 -59.91
N VAL L 88 -35.81 -32.04 -59.73
CA VAL L 88 -36.51 -32.96 -60.62
C VAL L 88 -37.81 -32.29 -61.08
N GLN L 89 -37.88 -32.04 -62.39
CA GLN L 89 -38.93 -31.21 -63.00
C GLN L 89 -38.85 -29.75 -62.53
N ASP L 90 -40.01 -29.20 -62.18
CA ASP L 90 -40.15 -27.80 -61.78
C ASP L 90 -39.62 -27.54 -60.36
N GLN L 91 -39.79 -28.53 -59.48
CA GLN L 91 -39.61 -28.32 -58.04
C GLN L 91 -38.23 -28.73 -57.52
N THR L 92 -37.83 -28.10 -56.42
CA THR L 92 -36.53 -28.37 -55.77
C THR L 92 -36.73 -29.26 -54.54
N TYR L 93 -36.00 -30.38 -54.52
CA TYR L 93 -36.11 -31.35 -53.44
C TYR L 93 -34.86 -31.35 -52.56
N ARG L 94 -35.05 -31.72 -51.29
CA ARG L 94 -33.95 -32.01 -50.40
C ARG L 94 -33.57 -33.46 -50.58
N LEU L 95 -32.41 -33.71 -51.18
CA LEU L 95 -31.93 -35.06 -51.42
C LEU L 95 -31.05 -35.54 -50.27
N ILE L 96 -31.39 -36.71 -49.72
CA ILE L 96 -30.59 -37.34 -48.67
C ILE L 96 -29.99 -38.64 -49.20
N THR L 97 -28.66 -38.70 -49.20
CA THR L 97 -27.91 -39.81 -49.75
C THR L 97 -27.18 -40.56 -48.65
N VAL L 98 -27.31 -41.89 -48.67
CA VAL L 98 -26.51 -42.77 -47.81
C VAL L 98 -25.71 -43.75 -48.67
N GLY L 99 -24.41 -43.82 -48.42
CA GLY L 99 -23.52 -44.69 -49.18
C GLY L 99 -23.74 -46.17 -48.90
N LEU L 100 -23.60 -46.98 -49.94
CA LEU L 100 -23.81 -48.42 -49.84
C LEU L 100 -22.53 -49.22 -50.08
N GLY L 101 -21.52 -48.53 -50.60
CA GLY L 101 -20.24 -49.17 -50.94
C GLY L 101 -20.38 -50.06 -52.15
N ASN L 102 -19.49 -51.06 -52.25
CA ASN L 102 -19.59 -52.05 -53.31
C ASN L 102 -20.70 -53.04 -52.97
N LEU L 103 -21.66 -53.17 -53.90
CA LEU L 103 -22.83 -54.03 -53.70
C LEU L 103 -22.50 -55.53 -53.70
N LYS L 104 -21.39 -55.88 -54.34
CA LYS L 104 -20.90 -57.26 -54.35
C LYS L 104 -20.45 -57.69 -52.95
N THR L 105 -19.76 -56.79 -52.26
CA THR L 105 -19.17 -57.10 -50.95
C THR L 105 -19.90 -56.35 -49.81
N ARG L 106 -21.22 -56.39 -49.83
CA ARG L 106 -22.03 -55.74 -48.82
C ARG L 106 -22.55 -56.73 -47.77
N SER L 107 -21.97 -56.65 -46.57
CA SER L 107 -22.33 -57.56 -45.47
C SER L 107 -23.60 -57.11 -44.75
N TYR L 108 -24.07 -57.94 -43.83
CA TYR L 108 -25.21 -57.60 -42.98
C TYR L 108 -24.87 -56.45 -42.04
N GLN L 109 -23.62 -56.41 -41.57
CA GLN L 109 -23.11 -55.32 -40.74
C GLN L 109 -23.22 -53.99 -41.51
N ASP L 110 -22.84 -54.02 -42.79
CA ASP L 110 -22.94 -52.86 -43.66
C ASP L 110 -24.38 -52.35 -43.73
N MET L 111 -25.33 -53.27 -43.88
CA MET L 111 -26.76 -52.94 -43.91
C MET L 111 -27.22 -52.24 -42.63
N LEU L 112 -26.74 -52.73 -41.49
CA LEU L 112 -27.04 -52.12 -40.18
C LEU L 112 -26.44 -50.73 -40.07
N LYS L 113 -25.24 -50.55 -40.63
CA LYS L 113 -24.55 -49.27 -40.65
C LYS L 113 -25.27 -48.28 -41.58
N ILE L 114 -25.76 -48.78 -42.70
CA ILE L 114 -26.47 -47.96 -43.70
C ILE L 114 -27.79 -47.44 -43.15
N TRP L 115 -28.66 -48.35 -42.71
CA TRP L 115 -29.96 -47.97 -42.14
C TRP L 115 -29.79 -47.20 -40.83
N GLY L 116 -28.82 -47.61 -40.02
CA GLY L 116 -28.54 -46.99 -38.74
C GLY L 116 -28.22 -45.51 -38.85
N HIS L 117 -27.21 -45.18 -39.64
CA HIS L 117 -26.81 -43.78 -39.82
C HIS L 117 -27.89 -42.94 -40.51
N LEU L 118 -28.65 -43.57 -41.40
CA LEU L 118 -29.73 -42.89 -42.11
C LEU L 118 -30.85 -42.44 -41.16
N PHE L 119 -31.41 -43.39 -40.41
CA PHE L 119 -32.51 -43.10 -39.50
C PHE L 119 -32.11 -42.17 -38.36
N GLN L 120 -30.84 -42.23 -37.97
CA GLN L 120 -30.28 -41.31 -36.97
C GLN L 120 -30.24 -39.89 -37.50
N TYR L 121 -29.87 -39.74 -38.78
CA TYR L 121 -29.85 -38.45 -39.44
C TYR L 121 -31.27 -37.89 -39.59
N ILE L 122 -32.19 -38.74 -40.03
CA ILE L 122 -33.60 -38.38 -40.18
C ILE L 122 -34.21 -37.83 -38.89
N LYS L 123 -33.92 -38.49 -37.78
CA LYS L 123 -34.46 -38.09 -36.47
C LYS L 123 -33.83 -36.81 -35.93
N SER L 124 -32.51 -36.69 -36.03
CA SER L 124 -31.80 -35.51 -35.54
C SER L 124 -32.11 -34.25 -36.35
N GLU L 125 -32.54 -34.45 -37.61
CA GLU L 125 -32.92 -33.33 -38.47
C GLU L 125 -34.41 -33.01 -38.40
N HIS L 126 -35.14 -33.73 -37.53
CA HIS L 126 -36.57 -33.52 -37.29
C HIS L 126 -37.40 -33.57 -38.58
N ILE L 127 -37.09 -34.53 -39.44
CA ILE L 127 -37.80 -34.73 -40.69
C ILE L 127 -39.08 -35.54 -40.43
N GLU L 128 -40.21 -35.01 -40.87
CA GLU L 128 -41.51 -35.62 -40.61
C GLU L 128 -42.12 -36.31 -41.83
N ASP L 129 -41.78 -35.81 -43.02
CA ASP L 129 -42.31 -36.37 -44.27
C ASP L 129 -41.22 -36.46 -45.34
N THR L 130 -41.00 -37.66 -45.85
CA THR L 130 -39.98 -37.91 -46.88
C THR L 130 -40.31 -39.10 -47.78
N TYR L 131 -39.80 -39.05 -49.00
CA TYR L 131 -39.86 -40.20 -49.91
C TYR L 131 -38.62 -41.07 -49.70
N LEU L 132 -38.80 -42.39 -49.87
CA LEU L 132 -37.71 -43.34 -49.79
C LEU L 132 -37.73 -44.26 -51.01
N LEU L 133 -36.72 -44.14 -51.85
CA LEU L 133 -36.59 -44.96 -53.06
C LEU L 133 -35.97 -46.30 -52.71
N MET L 134 -36.82 -47.26 -52.36
CA MET L 134 -36.39 -48.56 -51.84
C MET L 134 -35.60 -49.39 -52.86
N ASP L 135 -35.90 -49.20 -54.14
CA ASP L 135 -35.23 -49.94 -55.21
C ASP L 135 -33.72 -49.67 -55.30
N SER L 136 -33.29 -48.52 -54.78
CA SER L 136 -31.88 -48.15 -54.76
C SER L 136 -31.10 -48.86 -53.65
N PHE L 137 -31.83 -49.48 -52.72
CA PHE L 137 -31.23 -50.20 -51.59
C PHE L 137 -31.14 -51.70 -51.85
N ILE L 138 -31.96 -52.19 -52.78
CA ILE L 138 -32.04 -53.61 -53.11
C ILE L 138 -31.22 -53.92 -54.35
N SER L 139 -30.33 -54.90 -54.26
CA SER L 139 -29.55 -55.34 -55.41
C SER L 139 -29.93 -56.76 -55.80
N LYS L 140 -29.57 -57.16 -57.02
CA LYS L 140 -29.78 -58.52 -57.50
C LYS L 140 -28.92 -59.52 -56.72
N TYR L 141 -27.92 -59.01 -56.01
CA TYR L 141 -26.99 -59.83 -55.23
C TYR L 141 -27.54 -60.21 -53.86
N ASP L 142 -28.34 -59.32 -53.27
CA ASP L 142 -28.79 -59.47 -51.89
C ASP L 142 -30.18 -60.07 -51.77
N GLN L 143 -30.40 -60.79 -50.67
CA GLN L 143 -31.70 -61.33 -50.34
C GLN L 143 -32.60 -60.22 -49.78
N LEU L 144 -33.75 -60.04 -50.41
CA LEU L 144 -34.70 -58.98 -50.06
C LEU L 144 -35.03 -58.93 -48.57
N SER L 145 -35.18 -60.12 -47.96
CA SER L 145 -35.56 -60.25 -46.56
C SER L 145 -34.51 -59.74 -45.58
N ASP L 146 -33.24 -59.70 -46.00
CA ASP L 146 -32.15 -59.21 -45.16
C ASP L 146 -32.09 -57.68 -45.14
N VAL L 147 -32.38 -57.05 -46.27
CA VAL L 147 -32.39 -55.59 -46.38
C VAL L 147 -33.55 -54.98 -45.60
N LEU L 148 -34.74 -55.57 -45.76
CA LEU L 148 -35.94 -55.07 -45.10
C LEU L 148 -35.97 -55.37 -43.60
N MET L 149 -35.33 -56.47 -43.21
CA MET L 149 -35.17 -56.84 -41.80
C MET L 149 -34.32 -55.79 -41.09
N ALA L 150 -33.15 -55.51 -41.68
CA ALA L 150 -32.22 -54.51 -41.15
C ALA L 150 -32.88 -53.14 -41.08
N CYS L 151 -33.64 -52.80 -42.12
CA CYS L 151 -34.41 -51.56 -42.18
C CYS L 151 -35.38 -51.44 -41.00
N GLY L 152 -36.11 -52.52 -40.73
CA GLY L 152 -37.07 -52.56 -39.63
C GLY L 152 -36.44 -52.45 -38.25
N ILE L 153 -35.37 -53.21 -38.01
CA ILE L 153 -34.67 -53.21 -36.73
C ILE L 153 -34.08 -51.84 -36.42
N GLN L 154 -33.32 -51.30 -37.37
CA GLN L 154 -32.60 -50.05 -37.17
C GLN L 154 -33.51 -48.83 -37.04
N SER L 155 -34.73 -48.93 -37.56
CA SER L 155 -35.71 -47.85 -37.44
C SER L 155 -36.09 -47.60 -35.98
N GLU L 156 -35.89 -48.63 -35.14
CA GLU L 156 -36.18 -48.54 -33.71
C GLU L 156 -34.89 -48.55 -32.87
N ARG L 157 -33.97 -49.44 -33.21
CA ARG L 157 -32.76 -49.65 -32.41
C ARG L 157 -31.77 -48.49 -32.50
N ALA L 158 -31.54 -47.98 -33.70
CA ALA L 158 -30.58 -46.91 -33.92
C ALA L 158 -31.06 -45.55 -33.40
N THR L 159 -32.38 -45.38 -33.32
CA THR L 159 -32.98 -44.11 -32.95
C THR L 159 -33.40 -44.08 -31.47
N TYR L 160 -32.99 -45.09 -30.73
CA TYR L 160 -33.34 -45.22 -29.31
C TYR L 160 -32.74 -44.10 -28.46
N GLU L 161 -33.53 -43.60 -27.52
CA GLU L 161 -33.04 -42.67 -26.51
C GLU L 161 -33.78 -42.83 -25.17
N PHE L 162 -33.04 -42.67 -24.09
CA PHE L 162 -33.59 -42.76 -22.74
C PHE L 162 -33.50 -41.39 -22.07
N ASP L 163 -34.49 -40.55 -22.35
CA ASP L 163 -34.51 -39.17 -21.84
C ASP L 163 -35.65 -38.92 -20.85
N HIS L 164 -36.11 -40.00 -20.20
CA HIS L 164 -37.26 -39.95 -19.30
C HIS L 164 -37.01 -39.17 -18.01
N TYR L 165 -35.73 -39.05 -17.64
CA TYR L 165 -35.35 -38.33 -16.43
C TYR L 165 -34.70 -36.98 -16.71
N LYS L 166 -34.73 -36.58 -17.98
CA LYS L 166 -34.28 -35.26 -18.40
C LYS L 166 -35.44 -34.25 -18.31
N SER L 167 -35.16 -33.08 -17.78
CA SER L 167 -36.14 -31.99 -17.74
C SER L 167 -36.34 -31.38 -19.12
N SER L 168 -35.27 -31.37 -19.91
CA SER L 168 -35.29 -30.81 -21.26
C SER L 168 -35.47 -31.89 -22.31
N LYS L 169 -36.45 -32.77 -22.11
CA LYS L 169 -36.74 -33.81 -23.09
C LYS L 169 -37.67 -33.28 -24.17
N LYS L 170 -37.27 -33.49 -25.42
CA LYS L 170 -38.05 -33.04 -26.58
C LYS L 170 -39.26 -33.94 -26.83
N ALA L 171 -40.33 -33.36 -27.37
CA ALA L 171 -41.57 -34.09 -27.65
C ALA L 171 -41.38 -35.12 -28.77
N PRO L 172 -41.89 -36.34 -28.56
CA PRO L 172 -41.77 -37.40 -29.56
C PRO L 172 -42.59 -37.10 -30.82
N PHE L 173 -42.00 -37.35 -31.98
CA PHE L 173 -42.67 -37.10 -33.26
C PHE L 173 -42.61 -38.31 -34.19
N LYS L 174 -43.58 -38.39 -35.09
CA LYS L 174 -43.66 -39.48 -36.06
C LYS L 174 -43.07 -39.06 -37.41
N THR L 175 -42.20 -39.90 -37.96
CA THR L 175 -41.66 -39.66 -39.29
C THR L 175 -42.38 -40.54 -40.31
N ASN L 176 -43.06 -39.91 -41.25
CA ASN L 176 -43.77 -40.60 -42.31
C ASN L 176 -42.83 -40.94 -43.47
N LEU L 177 -42.57 -42.22 -43.64
CA LEU L 177 -41.71 -42.71 -44.73
C LEU L 177 -42.56 -43.24 -45.88
N ASN L 178 -42.60 -42.49 -46.97
CA ASN L 178 -43.31 -42.89 -48.17
C ASN L 178 -42.40 -43.69 -49.09
N LEU L 179 -42.50 -45.02 -49.01
CA LEU L 179 -41.66 -45.91 -49.80
C LEU L 179 -42.10 -45.96 -51.26
N ILE L 180 -41.15 -45.79 -52.16
CA ILE L 180 -41.40 -45.89 -53.60
C ILE L 180 -40.63 -47.07 -54.18
N SER L 181 -41.37 -48.05 -54.68
CA SER L 181 -40.77 -49.21 -55.33
C SER L 181 -41.57 -49.59 -56.57
N GLU L 182 -40.84 -49.97 -57.61
CA GLU L 182 -41.43 -50.31 -58.89
C GLU L 182 -42.01 -51.72 -58.90
N SER L 183 -41.44 -52.59 -58.06
CA SER L 183 -41.89 -53.97 -57.96
C SER L 183 -41.73 -54.52 -56.54
N LEU L 184 -42.56 -54.02 -55.62
CA LEU L 184 -42.57 -54.47 -54.24
C LEU L 184 -43.95 -54.27 -53.63
N ILE L 185 -44.41 -55.28 -52.91
CA ILE L 185 -45.77 -55.31 -52.37
C ILE L 185 -45.78 -55.70 -50.88
N GLU L 186 -45.01 -56.74 -50.53
CA GLU L 186 -44.92 -57.21 -49.14
C GLU L 186 -44.19 -56.20 -48.26
N LEU L 187 -44.81 -55.84 -47.14
CA LEU L 187 -44.24 -54.90 -46.19
C LEU L 187 -43.99 -55.58 -44.84
N ASP L 188 -44.18 -56.90 -44.81
CA ASP L 188 -44.16 -57.68 -43.57
C ASP L 188 -42.76 -57.87 -42.97
N PHE L 189 -41.73 -57.87 -43.82
CA PHE L 189 -40.35 -58.05 -43.38
C PHE L 189 -39.83 -56.84 -42.57
N ILE L 190 -40.39 -55.67 -42.84
CA ILE L 190 -40.05 -54.46 -42.10
C ILE L 190 -40.76 -54.47 -40.74
N HIS L 191 -42.05 -54.80 -40.73
CA HIS L 191 -42.84 -54.88 -39.50
C HIS L 191 -42.30 -55.95 -38.55
N GLU L 192 -41.68 -56.98 -39.13
CA GLU L 192 -41.00 -58.03 -38.36
C GLU L 192 -39.75 -57.47 -37.67
N GLY L 193 -39.01 -56.62 -38.40
CA GLY L 193 -37.81 -55.98 -37.87
C GLY L 193 -38.13 -54.97 -36.78
N ILE L 194 -39.22 -54.23 -36.96
CA ILE L 194 -39.67 -53.23 -36.00
C ILE L 194 -39.98 -53.85 -34.64
N SER L 195 -40.71 -54.97 -34.65
CA SER L 195 -41.08 -55.66 -33.41
C SER L 195 -39.87 -56.25 -32.68
N ILE L 196 -38.85 -56.66 -33.44
CA ILE L 196 -37.58 -57.11 -32.87
C ILE L 196 -36.83 -55.93 -32.25
N GLY L 197 -36.75 -54.83 -33.00
CA GLY L 197 -36.11 -53.60 -32.53
C GLY L 197 -36.76 -53.04 -31.27
N GLN L 198 -38.08 -53.09 -31.21
CA GLN L 198 -38.83 -52.62 -30.04
C GLN L 198 -38.64 -53.54 -28.83
N SER L 199 -38.38 -54.82 -29.09
CA SER L 199 -38.07 -55.78 -28.04
C SER L 199 -36.69 -55.51 -27.43
N ILE L 200 -35.74 -55.11 -28.29
CA ILE L 200 -34.41 -54.72 -27.85
C ILE L 200 -34.47 -53.45 -27.00
N ASN L 201 -35.29 -52.49 -27.43
CA ASN L 201 -35.47 -51.25 -26.70
C ASN L 201 -36.19 -51.43 -25.36
N LEU L 202 -37.07 -52.44 -25.29
CA LEU L 202 -37.75 -52.79 -24.04
C LEU L 202 -36.73 -53.28 -23.01
N ALA L 203 -35.80 -54.12 -23.46
CA ALA L 203 -34.70 -54.60 -22.63
C ALA L 203 -33.80 -53.45 -22.19
N ARG L 204 -33.51 -52.54 -23.12
CA ARG L 204 -32.71 -51.34 -22.85
C ARG L 204 -33.34 -50.45 -21.79
N ASP L 205 -34.67 -50.29 -21.86
CA ASP L 205 -35.42 -49.48 -20.91
C ASP L 205 -35.28 -49.98 -19.47
N PHE L 206 -35.40 -51.30 -19.30
CA PHE L 206 -35.20 -51.92 -18.00
C PHE L 206 -33.77 -51.73 -17.49
N SER L 207 -32.81 -51.86 -18.41
CA SER L 207 -31.39 -51.74 -18.07
C SER L 207 -30.99 -50.32 -17.68
N ASN L 208 -31.49 -49.34 -18.44
CA ASN L 208 -31.19 -47.93 -18.19
C ASN L 208 -31.84 -47.37 -16.94
N MET L 209 -32.88 -48.04 -16.47
CA MET L 209 -33.63 -47.62 -15.28
C MET L 209 -32.71 -47.50 -14.05
N PRO L 210 -32.82 -46.39 -13.29
CA PRO L 210 -32.03 -46.19 -12.08
C PRO L 210 -32.36 -47.25 -11.03
N PRO L 211 -31.32 -47.74 -10.31
CA PRO L 211 -31.49 -48.83 -9.33
C PRO L 211 -32.37 -48.47 -8.13
N ASN L 212 -32.49 -47.18 -7.82
CA ASN L 212 -33.39 -46.74 -6.76
C ASN L 212 -34.85 -46.68 -7.21
N VAL L 213 -35.06 -46.80 -8.53
CA VAL L 213 -36.40 -46.89 -9.11
C VAL L 213 -36.75 -48.34 -9.45
N LEU L 214 -35.86 -49.02 -10.18
CA LEU L 214 -36.06 -50.42 -10.54
C LEU L 214 -35.45 -51.37 -9.51
N THR L 215 -36.27 -51.77 -8.55
CA THR L 215 -35.90 -52.76 -7.54
C THR L 215 -36.46 -54.10 -7.99
N PRO L 216 -36.03 -55.22 -7.35
CA PRO L 216 -36.56 -56.54 -7.72
C PRO L 216 -38.09 -56.58 -7.75
N GLN L 217 -38.73 -55.95 -6.77
CA GLN L 217 -40.19 -55.90 -6.69
C GLN L 217 -40.82 -55.16 -7.87
N THR L 218 -40.36 -53.94 -8.12
CA THR L 218 -40.91 -53.11 -9.20
C THR L 218 -40.58 -53.68 -10.57
N PHE L 219 -39.45 -54.36 -10.68
CA PHE L 219 -39.06 -55.05 -11.91
C PHE L 219 -40.05 -56.18 -12.21
N ALA L 220 -40.39 -56.96 -11.19
CA ALA L 220 -41.39 -58.02 -11.32
C ALA L 220 -42.76 -57.44 -11.68
N GLU L 221 -43.15 -56.37 -10.98
CA GLU L 221 -44.43 -55.70 -11.21
C GLU L 221 -44.56 -55.15 -12.63
N ASP L 222 -43.45 -54.61 -13.15
CA ASP L 222 -43.41 -54.06 -14.51
C ASP L 222 -43.58 -55.15 -15.57
N ILE L 223 -42.99 -56.32 -15.32
CA ILE L 223 -43.12 -57.46 -16.23
C ILE L 223 -44.56 -57.99 -16.26
N VAL L 224 -45.18 -58.07 -15.08
CA VAL L 224 -46.59 -58.47 -14.97
C VAL L 224 -47.49 -57.54 -15.78
N ASN L 225 -47.33 -56.22 -15.56
CA ASN L 225 -48.14 -55.22 -16.23
C ASN L 225 -47.93 -55.16 -17.74
N HIS L 226 -46.70 -55.43 -18.18
CA HIS L 226 -46.38 -55.43 -19.61
C HIS L 226 -47.06 -56.57 -20.37
N PHE L 227 -47.04 -57.77 -19.80
CA PHE L 227 -47.63 -58.95 -20.44
C PHE L 227 -49.09 -59.20 -20.04
N LYS L 228 -49.69 -58.24 -19.34
CA LYS L 228 -51.02 -58.42 -18.74
C LYS L 228 -52.10 -58.84 -19.74
N ASN L 229 -52.14 -58.17 -20.89
CA ASN L 229 -53.17 -58.46 -21.90
C ASN L 229 -52.66 -59.28 -23.09
N THR L 230 -51.59 -60.05 -22.86
CA THR L 230 -50.98 -60.84 -23.92
C THR L 230 -51.15 -62.34 -23.71
N LYS L 231 -50.60 -63.12 -24.63
CA LYS L 231 -50.60 -64.58 -24.56
C LYS L 231 -49.59 -65.08 -23.51
N VAL L 232 -48.72 -64.19 -23.06
CA VAL L 232 -47.64 -64.52 -22.13
C VAL L 232 -48.11 -64.49 -20.67
N LYS L 233 -47.93 -65.61 -19.97
CA LYS L 233 -48.27 -65.70 -18.54
C LYS L 233 -47.07 -65.38 -17.67
N VAL L 234 -47.32 -64.66 -16.57
CA VAL L 234 -46.27 -64.26 -15.64
C VAL L 234 -46.64 -64.65 -14.21
N ASP L 235 -45.74 -65.38 -13.56
CA ASP L 235 -45.89 -65.73 -12.14
C ASP L 235 -44.75 -65.11 -11.32
N VAL L 236 -45.11 -64.43 -10.23
CA VAL L 236 -44.13 -63.79 -9.36
C VAL L 236 -44.10 -64.47 -8.00
N LYS L 237 -42.90 -64.87 -7.60
CA LYS L 237 -42.67 -65.53 -6.33
C LYS L 237 -42.06 -64.52 -5.36
N ASP L 238 -42.84 -64.10 -4.37
CA ASP L 238 -42.38 -63.08 -3.41
C ASP L 238 -41.40 -63.66 -2.37
N TYR L 239 -40.84 -62.79 -1.54
CA TYR L 239 -39.76 -63.16 -0.62
C TYR L 239 -40.13 -64.31 0.32
N ASP L 240 -41.35 -64.24 0.84
CA ASP L 240 -41.90 -65.27 1.73
C ASP L 240 -42.06 -66.61 1.04
N THR L 241 -42.56 -66.59 -0.20
CA THR L 241 -42.72 -67.82 -0.98
C THR L 241 -41.36 -68.38 -1.40
N LEU L 242 -40.38 -67.49 -1.55
CA LEU L 242 -39.02 -67.88 -1.91
C LEU L 242 -38.33 -68.66 -0.80
N VAL L 243 -38.35 -68.12 0.41
CA VAL L 243 -37.63 -68.72 1.53
C VAL L 243 -38.19 -70.10 1.94
N SER L 244 -39.51 -70.23 1.92
CA SER L 244 -40.19 -71.45 2.33
C SER L 244 -40.07 -72.57 1.30
N GLU L 245 -39.97 -72.21 0.02
CA GLU L 245 -39.78 -73.18 -1.05
C GLU L 245 -38.32 -73.60 -1.21
N GLY L 246 -37.44 -72.97 -0.43
CA GLY L 246 -36.04 -73.39 -0.33
C GLY L 246 -35.07 -72.78 -1.33
N PHE L 247 -35.38 -71.58 -1.81
CA PHE L 247 -34.48 -70.84 -2.70
C PHE L 247 -33.35 -70.19 -1.89
N GLY L 248 -32.53 -71.03 -1.27
CA GLY L 248 -31.53 -70.59 -0.30
C GLY L 248 -30.48 -69.63 -0.80
N LEU L 249 -30.00 -69.85 -2.03
CA LEU L 249 -28.95 -69.01 -2.61
C LEU L 249 -29.48 -67.64 -3.01
N LEU L 250 -30.66 -67.61 -3.62
CA LEU L 250 -31.32 -66.35 -3.97
C LEU L 250 -31.66 -65.53 -2.72
N GLN L 251 -32.07 -66.23 -1.66
CA GLN L 251 -32.33 -65.60 -0.37
C GLN L 251 -31.05 -64.97 0.19
N ALA L 252 -29.96 -65.73 0.17
CA ALA L 252 -28.67 -65.30 0.70
C ALA L 252 -28.15 -64.03 0.05
N VAL L 253 -28.29 -63.95 -1.28
CA VAL L 253 -27.79 -62.82 -2.05
C VAL L 253 -28.61 -61.55 -1.79
N GLY L 254 -29.93 -61.70 -1.69
CA GLY L 254 -30.83 -60.55 -1.64
C GLY L 254 -31.28 -60.07 -0.28
N LYS L 255 -30.94 -60.81 0.78
CA LYS L 255 -31.42 -60.51 2.14
C LYS L 255 -30.85 -59.22 2.74
N GLY L 256 -29.71 -58.76 2.21
CA GLY L 256 -29.04 -57.56 2.71
C GLY L 256 -29.64 -56.25 2.26
N SER L 257 -30.61 -56.32 1.36
CA SER L 257 -31.28 -55.13 0.84
C SER L 257 -32.64 -54.92 1.51
N LYS L 258 -33.10 -53.67 1.52
CA LYS L 258 -34.46 -53.35 1.97
C LYS L 258 -35.46 -53.94 0.98
N HIS L 259 -35.09 -53.93 -0.30
CA HIS L 259 -35.91 -54.48 -1.36
C HIS L 259 -35.54 -55.93 -1.60
N LYS L 260 -36.35 -56.83 -1.03
CA LYS L 260 -36.08 -58.27 -1.02
C LYS L 260 -36.19 -58.90 -2.41
N PRO L 261 -35.50 -60.04 -2.63
CA PRO L 261 -35.45 -60.71 -3.93
C PRO L 261 -36.82 -61.21 -4.45
N ARG L 262 -36.88 -61.48 -5.74
CA ARG L 262 -38.07 -62.03 -6.40
C ARG L 262 -37.65 -63.08 -7.42
N LEU L 263 -38.51 -64.05 -7.66
CA LEU L 263 -38.35 -64.98 -8.77
C LEU L 263 -39.51 -64.83 -9.74
N VAL L 264 -39.19 -64.52 -10.99
CA VAL L 264 -40.20 -64.29 -12.02
C VAL L 264 -40.20 -65.43 -13.02
N THR L 265 -41.34 -66.09 -13.17
CA THR L 265 -41.53 -67.15 -14.15
C THR L 265 -42.40 -66.64 -15.30
N ILE L 266 -41.88 -66.77 -16.52
CA ILE L 266 -42.56 -66.30 -17.72
C ILE L 266 -42.77 -67.47 -18.68
N THR L 267 -44.04 -67.79 -18.96
CA THR L 267 -44.34 -68.89 -19.88
C THR L 267 -45.01 -68.40 -21.16
N TYR L 268 -44.55 -68.92 -22.29
CA TYR L 268 -45.15 -68.65 -23.59
C TYR L 268 -45.30 -69.97 -24.34
N ASN L 269 -46.55 -70.34 -24.61
CA ASN L 269 -46.85 -71.57 -25.34
C ASN L 269 -47.25 -71.28 -26.79
N GLY L 270 -46.25 -71.20 -27.67
CA GLY L 270 -46.45 -70.80 -29.06
C GLY L 270 -46.90 -71.89 -30.01
N LYS L 271 -46.80 -73.15 -29.59
CA LYS L 271 -47.21 -74.26 -30.44
C LYS L 271 -48.14 -75.27 -29.77
N ASP L 272 -47.70 -75.77 -28.61
CA ASP L 272 -48.35 -76.87 -27.89
C ASP L 272 -48.33 -76.66 -26.39
N LYS L 273 -49.13 -77.44 -25.68
CA LYS L 273 -49.14 -77.46 -24.22
C LYS L 273 -48.25 -78.59 -23.70
N ASP L 274 -48.45 -79.80 -24.24
CA ASP L 274 -47.68 -80.97 -23.82
C ASP L 274 -46.47 -81.17 -24.74
N GLU L 275 -45.50 -80.28 -24.61
CA GLU L 275 -44.24 -80.36 -25.36
C GLU L 275 -43.14 -79.61 -24.62
N ALA L 276 -41.95 -80.22 -24.60
CA ALA L 276 -40.80 -79.71 -23.85
C ALA L 276 -40.41 -78.28 -24.24
N PRO L 277 -40.46 -77.34 -23.28
CA PRO L 277 -40.17 -75.94 -23.56
C PRO L 277 -38.68 -75.65 -23.65
N ILE L 278 -38.34 -74.46 -24.14
CA ILE L 278 -36.98 -73.96 -24.12
C ILE L 278 -36.83 -73.06 -22.89
N ALA L 279 -35.88 -73.41 -22.02
CA ALA L 279 -35.65 -72.64 -20.80
C ALA L 279 -34.68 -71.50 -21.04
N LEU L 280 -35.12 -70.29 -20.72
CA LEU L 280 -34.26 -69.11 -20.80
C LEU L 280 -34.12 -68.49 -19.41
N VAL L 281 -32.92 -68.58 -18.86
CA VAL L 281 -32.63 -68.12 -17.50
C VAL L 281 -31.86 -66.80 -17.54
N GLY L 282 -32.28 -65.84 -16.73
CA GLY L 282 -31.66 -64.52 -16.71
C GLY L 282 -31.25 -64.04 -15.33
N LYS L 283 -30.04 -63.50 -15.23
CA LYS L 283 -29.53 -62.89 -14.00
C LYS L 283 -30.14 -61.50 -13.82
N GLY L 284 -30.94 -61.34 -12.77
CA GLY L 284 -31.64 -60.10 -12.53
C GLY L 284 -31.18 -59.33 -11.31
N ILE L 285 -29.87 -59.17 -11.16
CA ILE L 285 -29.32 -58.37 -10.07
C ILE L 285 -29.50 -56.90 -10.40
N THR L 286 -30.50 -56.28 -9.78
CA THR L 286 -30.88 -54.89 -10.06
C THR L 286 -29.79 -53.91 -9.66
N TYR L 287 -29.04 -54.24 -8.61
CA TYR L 287 -27.82 -53.53 -8.26
C TYR L 287 -26.82 -54.41 -7.53
N ASP L 288 -25.56 -54.31 -7.93
CA ASP L 288 -24.48 -55.09 -7.34
C ASP L 288 -23.41 -54.17 -6.74
N SER L 289 -23.40 -54.09 -5.41
CA SER L 289 -22.36 -53.36 -4.68
C SER L 289 -21.16 -54.27 -4.40
N GLY L 290 -21.38 -55.58 -4.56
CA GLY L 290 -20.37 -56.58 -4.28
C GLY L 290 -20.57 -57.24 -2.93
N GLY L 291 -21.46 -56.68 -2.11
CA GLY L 291 -21.66 -57.13 -0.74
C GLY L 291 -20.47 -56.77 0.12
N TYR L 292 -20.19 -57.59 1.12
CA TYR L 292 -19.03 -57.36 1.99
C TYR L 292 -17.69 -57.45 1.24
N SER L 293 -17.69 -58.18 0.13
CA SER L 293 -16.58 -58.13 -0.82
C SER L 293 -16.81 -56.93 -1.74
N ILE L 294 -16.73 -55.74 -1.13
CA ILE L 294 -17.13 -54.48 -1.75
C ILE L 294 -16.29 -54.10 -2.98
N LYS L 295 -16.96 -53.51 -3.97
CA LYS L 295 -16.31 -53.02 -5.18
C LYS L 295 -15.59 -51.71 -4.92
N THR L 296 -14.64 -51.37 -5.79
CA THR L 296 -13.95 -50.08 -5.75
C THR L 296 -14.87 -48.96 -6.26
N LYS L 297 -14.44 -47.71 -6.14
CA LYS L 297 -15.21 -46.55 -6.61
C LYS L 297 -15.63 -46.71 -8.08
N ASN L 298 -14.65 -46.90 -8.96
CA ASN L 298 -14.91 -47.10 -10.40
C ASN L 298 -15.61 -48.43 -10.70
N GLY L 299 -15.49 -49.37 -9.77
CA GLY L 299 -16.13 -50.69 -9.90
C GLY L 299 -17.64 -50.67 -9.79
N MET L 300 -18.17 -49.78 -8.96
CA MET L 300 -19.63 -49.68 -8.75
C MET L 300 -20.36 -48.88 -9.84
N ALA L 301 -19.62 -48.05 -10.56
CA ALA L 301 -20.17 -47.30 -11.69
C ALA L 301 -20.82 -48.25 -12.67
N THR L 302 -22.00 -47.86 -13.18
CA THR L 302 -22.76 -48.63 -14.18
C THR L 302 -23.17 -50.04 -13.72
N MET L 303 -23.34 -50.23 -12.41
CA MET L 303 -23.75 -51.54 -11.87
C MET L 303 -25.26 -51.76 -11.86
N LYS L 304 -26.02 -50.78 -12.36
CA LYS L 304 -27.44 -50.96 -12.61
C LYS L 304 -27.65 -51.90 -13.82
N PHE L 305 -26.58 -52.07 -14.59
CA PHE L 305 -26.59 -52.93 -15.77
C PHE L 305 -26.31 -54.40 -15.43
N ASP L 306 -26.32 -54.74 -14.14
CA ASP L 306 -26.05 -56.11 -13.72
C ASP L 306 -27.28 -57.01 -13.85
N MET L 307 -28.37 -56.45 -14.37
CA MET L 307 -29.60 -57.19 -14.63
C MET L 307 -29.94 -57.25 -16.12
N CYS L 308 -28.97 -56.88 -16.96
CA CYS L 308 -29.11 -56.95 -18.42
C CYS L 308 -29.54 -58.33 -18.91
N GLY L 309 -28.99 -59.37 -18.28
CA GLY L 309 -29.33 -60.75 -18.61
C GLY L 309 -30.82 -61.03 -18.50
N ALA L 310 -31.41 -60.60 -17.39
CA ALA L 310 -32.85 -60.75 -17.17
C ALA L 310 -33.65 -59.91 -18.16
N ALA L 311 -33.20 -58.66 -18.38
CA ALA L 311 -33.85 -57.74 -19.31
C ALA L 311 -33.88 -58.30 -20.73
N ASN L 312 -32.76 -58.89 -21.16
CA ASN L 312 -32.65 -59.45 -22.49
C ASN L 312 -33.49 -60.72 -22.70
N VAL L 313 -33.68 -61.49 -21.64
CA VAL L 313 -34.59 -62.64 -21.67
C VAL L 313 -36.03 -62.16 -21.90
N VAL L 314 -36.43 -61.10 -21.18
CA VAL L 314 -37.75 -60.48 -21.36
C VAL L 314 -37.91 -60.01 -22.81
N GLY L 315 -36.87 -59.40 -23.35
CA GLY L 315 -36.85 -58.95 -24.74
C GLY L 315 -37.03 -60.08 -25.74
N ILE L 316 -36.33 -61.19 -25.52
CA ILE L 316 -36.41 -62.36 -26.39
C ILE L 316 -37.84 -62.94 -26.41
N ILE L 317 -38.44 -63.08 -25.23
CA ILE L 317 -39.81 -63.58 -25.10
C ILE L 317 -40.81 -62.60 -25.71
N GLU L 318 -40.58 -61.30 -25.53
CA GLU L 318 -41.40 -60.25 -26.14
C GLU L 318 -41.40 -60.35 -27.66
N ALA L 319 -40.22 -60.60 -28.22
CA ALA L 319 -40.08 -60.74 -29.67
C ALA L 319 -40.75 -62.01 -30.18
N ALA L 320 -40.53 -63.12 -29.47
CA ALA L 320 -41.10 -64.42 -29.84
C ALA L 320 -42.63 -64.42 -29.86
N SER L 321 -43.22 -63.74 -28.88
CA SER L 321 -44.68 -63.68 -28.74
C SER L 321 -45.32 -62.76 -29.78
N ARG L 322 -44.69 -61.63 -30.07
CA ARG L 322 -45.17 -60.68 -31.07
C ARG L 322 -45.01 -61.21 -32.50
N LEU L 323 -44.00 -62.05 -32.70
CA LEU L 323 -43.82 -62.74 -33.98
C LEU L 323 -44.66 -64.00 -34.07
N GLN L 324 -45.29 -64.37 -32.96
CA GLN L 324 -46.14 -65.57 -32.84
C GLN L 324 -45.42 -66.82 -33.31
N LEU L 325 -44.20 -67.01 -32.82
CA LEU L 325 -43.36 -68.15 -33.19
C LEU L 325 -43.90 -69.45 -32.59
N PRO L 326 -43.89 -70.54 -33.38
CA PRO L 326 -44.36 -71.83 -32.90
C PRO L 326 -43.35 -72.53 -31.98
N VAL L 327 -43.07 -71.90 -30.84
CA VAL L 327 -42.14 -72.45 -29.84
C VAL L 327 -42.70 -72.30 -28.44
N ASN L 328 -42.35 -73.25 -27.57
CA ASN L 328 -42.66 -73.15 -26.15
C ASN L 328 -41.46 -72.64 -25.38
N ILE L 329 -41.66 -71.57 -24.61
CA ILE L 329 -40.59 -70.96 -23.84
C ILE L 329 -40.99 -70.81 -22.37
N VAL L 330 -40.08 -71.20 -21.48
CA VAL L 330 -40.20 -70.86 -20.06
C VAL L 330 -39.02 -69.99 -19.66
N GLY L 331 -39.32 -68.80 -19.15
CA GLY L 331 -38.31 -67.85 -18.71
C GLY L 331 -38.26 -67.75 -17.21
N VAL L 332 -37.07 -67.90 -16.64
CA VAL L 332 -36.87 -67.80 -15.20
C VAL L 332 -35.90 -66.66 -14.89
N LEU L 333 -36.35 -65.71 -14.08
CA LEU L 333 -35.54 -64.56 -13.71
C LEU L 333 -35.29 -64.55 -12.20
N ALA L 334 -34.01 -64.57 -11.83
CA ALA L 334 -33.61 -64.46 -10.43
C ALA L 334 -33.24 -63.02 -10.11
N CYS L 335 -34.13 -62.32 -9.42
CA CYS L 335 -33.97 -60.91 -9.15
C CYS L 335 -33.61 -60.64 -7.69
N ALA L 336 -32.55 -59.86 -7.48
CA ALA L 336 -32.07 -59.51 -6.15
C ALA L 336 -31.23 -58.24 -6.18
N GLU L 337 -30.99 -57.66 -5.01
CA GLU L 337 -30.11 -56.49 -4.88
C GLU L 337 -29.00 -56.82 -3.89
N ASN L 338 -27.76 -56.83 -4.38
CA ASN L 338 -26.60 -57.22 -3.57
C ASN L 338 -26.08 -56.06 -2.72
N MET L 339 -26.50 -56.01 -1.46
CA MET L 339 -26.22 -54.87 -0.58
C MET L 339 -25.55 -55.28 0.74
N ILE L 340 -25.03 -54.30 1.46
CA ILE L 340 -24.40 -54.50 2.77
C ILE L 340 -25.32 -54.02 3.89
N ASN L 341 -25.54 -54.87 4.88
CA ASN L 341 -26.23 -54.50 6.11
C ASN L 341 -25.86 -55.39 7.29
N GLU L 342 -26.58 -55.24 8.40
CA GLU L 342 -26.31 -55.99 9.64
C GLU L 342 -26.37 -57.52 9.51
N ALA L 343 -27.06 -58.00 8.47
CA ALA L 343 -27.31 -59.43 8.32
C ALA L 343 -27.11 -59.97 6.89
N SER L 344 -26.38 -59.21 6.06
CA SER L 344 -26.11 -59.65 4.68
C SER L 344 -25.06 -60.76 4.63
N MET L 345 -24.96 -61.43 3.48
CA MET L 345 -24.05 -62.57 3.32
C MET L 345 -22.58 -62.15 3.44
N LYS L 346 -21.77 -63.06 3.99
CA LYS L 346 -20.36 -62.82 4.27
C LYS L 346 -19.52 -63.99 3.75
N PRO L 347 -18.24 -63.73 3.40
CA PRO L 347 -17.33 -64.84 3.14
C PRO L 347 -17.26 -65.80 4.33
N ASP L 348 -17.29 -67.10 4.05
CA ASP L 348 -17.34 -68.19 5.05
C ASP L 348 -18.75 -68.73 5.32
N ASP L 349 -19.76 -67.96 4.93
CA ASP L 349 -21.16 -68.37 5.07
C ASP L 349 -21.45 -69.63 4.27
N VAL L 350 -22.22 -70.53 4.85
CA VAL L 350 -22.66 -71.75 4.16
C VAL L 350 -24.19 -71.76 4.05
N PHE L 351 -24.68 -71.94 2.83
CA PHE L 351 -26.12 -71.95 2.55
C PHE L 351 -26.54 -73.24 1.85
N THR L 352 -27.84 -73.56 1.94
CA THR L 352 -28.40 -74.70 1.25
C THR L 352 -29.13 -74.23 -0.01
N ALA L 353 -28.65 -74.71 -1.15
CA ALA L 353 -29.24 -74.38 -2.45
C ALA L 353 -30.61 -75.04 -2.63
N LEU L 354 -31.33 -74.64 -3.67
CA LEU L 354 -32.60 -75.27 -4.03
C LEU L 354 -32.40 -76.75 -4.36
N SER L 355 -31.22 -77.09 -4.87
CA SER L 355 -30.87 -78.47 -5.19
C SER L 355 -30.71 -79.33 -3.95
N GLY L 356 -30.50 -78.69 -2.80
CA GLY L 356 -30.29 -79.40 -1.54
C GLY L 356 -28.81 -79.46 -1.18
N GLU L 357 -27.97 -79.06 -2.12
CA GLU L 357 -26.52 -79.03 -1.91
C GLU L 357 -26.11 -77.82 -1.08
N THR L 358 -25.04 -77.98 -0.29
CA THR L 358 -24.51 -76.88 0.51
C THR L 358 -23.43 -76.12 -0.25
N VAL L 359 -23.47 -74.80 -0.15
CA VAL L 359 -22.55 -73.92 -0.85
C VAL L 359 -21.84 -73.00 0.12
N GLU L 360 -20.51 -73.03 0.12
CA GLU L 360 -19.71 -72.09 0.90
C GLU L 360 -19.44 -70.86 0.05
N VAL L 361 -19.80 -69.69 0.59
CA VAL L 361 -19.57 -68.43 -0.11
C VAL L 361 -18.25 -67.83 0.36
N MET L 362 -17.29 -67.72 -0.55
CA MET L 362 -15.98 -67.15 -0.23
C MET L 362 -15.79 -65.75 -0.81
N ASN L 363 -16.69 -65.37 -1.72
CA ASN L 363 -16.65 -64.07 -2.35
C ASN L 363 -18.08 -63.63 -2.65
N THR L 364 -18.54 -62.58 -1.97
CA THR L 364 -19.91 -62.09 -2.12
C THR L 364 -20.13 -61.33 -3.43
N ASP L 365 -19.05 -60.98 -4.11
CA ASP L 365 -19.12 -60.34 -5.43
C ASP L 365 -19.33 -61.38 -6.54
N ALA L 366 -19.22 -62.65 -6.18
CA ALA L 366 -19.59 -63.73 -7.08
C ALA L 366 -21.04 -64.13 -6.81
N GLU L 367 -21.92 -63.13 -6.84
CA GLU L 367 -23.33 -63.30 -6.49
C GLU L 367 -24.17 -63.86 -7.65
N GLY L 368 -23.73 -63.59 -8.88
CA GLY L 368 -24.46 -63.97 -10.08
C GLY L 368 -24.64 -65.46 -10.23
N ARG L 369 -23.54 -66.20 -10.07
CA ARG L 369 -23.57 -67.66 -10.19
C ARG L 369 -24.45 -68.31 -9.13
N LEU L 370 -24.62 -67.63 -8.00
CA LEU L 370 -25.45 -68.11 -6.90
C LEU L 370 -26.93 -68.05 -7.26
N VAL L 371 -27.39 -66.90 -7.74
CA VAL L 371 -28.80 -66.73 -8.09
C VAL L 371 -29.17 -67.53 -9.34
N LEU L 372 -28.21 -67.70 -10.26
CA LEU L 372 -28.41 -68.51 -11.46
C LEU L 372 -28.56 -69.98 -11.11
N ALA L 373 -27.79 -70.44 -10.12
CA ALA L 373 -27.83 -71.82 -9.67
C ALA L 373 -29.22 -72.24 -9.23
N ASP L 374 -29.86 -71.41 -8.40
CA ASP L 374 -31.23 -71.66 -7.95
C ASP L 374 -32.23 -71.58 -9.10
N ALA L 375 -32.00 -70.63 -10.00
CA ALA L 375 -32.88 -70.42 -11.14
C ALA L 375 -32.79 -71.54 -12.17
N VAL L 376 -31.56 -72.01 -12.43
CA VAL L 376 -31.32 -73.11 -13.37
C VAL L 376 -31.95 -74.41 -12.86
N PHE L 377 -31.76 -74.72 -11.58
CA PHE L 377 -32.34 -75.90 -10.97
C PHE L 377 -33.87 -75.87 -11.04
N TYR L 378 -34.44 -74.69 -10.79
CA TYR L 378 -35.88 -74.49 -10.90
C TYR L 378 -36.38 -74.65 -12.33
N ALA L 379 -35.61 -74.13 -13.29
CA ALA L 379 -35.95 -74.22 -14.71
C ALA L 379 -35.98 -75.67 -15.19
N ASN L 380 -35.08 -76.48 -14.64
CA ASN L 380 -34.95 -77.88 -15.03
C ASN L 380 -36.13 -78.76 -14.59
N GLN L 381 -36.89 -78.26 -13.62
CA GLN L 381 -38.10 -78.93 -13.14
C GLN L 381 -39.15 -79.01 -14.24
N TYR L 382 -39.13 -78.02 -15.13
CA TYR L 382 -40.04 -77.97 -16.29
C TYR L 382 -39.65 -78.97 -17.38
N GLN L 383 -38.53 -79.67 -17.16
CA GLN L 383 -37.98 -80.64 -18.11
C GLN L 383 -37.81 -80.06 -19.52
N PRO L 384 -36.93 -79.07 -19.67
CA PRO L 384 -36.75 -78.42 -20.95
C PRO L 384 -35.84 -79.22 -21.88
N SER L 385 -35.92 -78.95 -23.18
CA SER L 385 -35.05 -79.59 -24.15
C SER L 385 -33.64 -79.00 -24.09
N VAL L 386 -33.58 -77.71 -23.73
CA VAL L 386 -32.32 -76.99 -23.57
C VAL L 386 -32.49 -75.85 -22.57
N ILE L 387 -31.42 -75.58 -21.80
CA ILE L 387 -31.39 -74.44 -20.89
C ILE L 387 -30.34 -73.43 -21.38
N MET L 388 -30.75 -72.18 -21.53
CA MET L 388 -29.85 -71.11 -21.89
C MET L 388 -29.91 -70.01 -20.85
N ASP L 389 -28.78 -69.70 -20.23
CA ASP L 389 -28.72 -68.62 -19.28
C ASP L 389 -27.93 -67.43 -19.81
N PHE L 390 -28.36 -66.23 -19.42
CA PHE L 390 -27.75 -64.98 -19.87
C PHE L 390 -27.40 -64.13 -18.66
N ALA L 391 -26.13 -63.78 -18.53
CA ALA L 391 -25.65 -63.07 -17.35
C ALA L 391 -24.40 -62.23 -17.61
N THR L 392 -24.34 -61.09 -16.93
CA THR L 392 -23.12 -60.29 -16.85
C THR L 392 -22.33 -60.78 -15.63
N LEU L 393 -21.61 -61.88 -15.79
CA LEU L 393 -20.97 -62.57 -14.66
C LEU L 393 -19.57 -62.07 -14.31
N THR L 394 -18.62 -62.34 -15.20
CA THR L 394 -17.20 -62.32 -14.84
C THR L 394 -16.41 -61.20 -15.51
N GLY L 395 -15.51 -60.59 -14.74
CA GLY L 395 -14.53 -59.66 -15.30
C GLY L 395 -13.51 -60.40 -16.14
N ALA L 396 -13.23 -61.65 -15.79
CA ALA L 396 -12.25 -62.48 -16.49
C ALA L 396 -12.65 -62.78 -17.93
N ALA L 397 -13.96 -62.85 -18.18
CA ALA L 397 -14.48 -63.03 -19.55
C ALA L 397 -14.14 -61.83 -20.44
N ILE L 398 -14.20 -60.63 -19.86
CA ILE L 398 -13.82 -59.41 -20.56
C ILE L 398 -12.31 -59.40 -20.83
N VAL L 399 -11.52 -59.83 -19.84
CA VAL L 399 -10.06 -59.93 -20.00
C VAL L 399 -9.71 -60.93 -21.10
N ALA L 400 -10.50 -62.00 -21.19
CA ALA L 400 -10.29 -63.07 -22.15
C ALA L 400 -10.56 -62.65 -23.60
N LEU L 401 -11.76 -62.13 -23.86
CA LEU L 401 -12.21 -61.90 -25.24
C LEU L 401 -12.34 -60.42 -25.62
N GLY L 402 -12.14 -59.52 -24.66
CA GLY L 402 -12.35 -58.10 -24.89
C GLY L 402 -13.75 -57.68 -24.52
N ASP L 403 -14.00 -56.38 -24.57
CA ASP L 403 -15.28 -55.81 -24.14
C ASP L 403 -16.42 -56.01 -25.14
N ASP L 404 -16.09 -56.33 -26.39
CA ASP L 404 -17.09 -56.36 -27.46
C ASP L 404 -17.54 -57.75 -27.89
N LYS L 405 -17.03 -58.78 -27.21
CA LYS L 405 -17.36 -60.17 -27.54
C LYS L 405 -17.96 -60.89 -26.34
N ALA L 406 -18.87 -61.82 -26.60
CA ALA L 406 -19.49 -62.62 -25.55
C ALA L 406 -18.83 -63.99 -25.42
N ALA L 407 -18.79 -64.50 -24.19
CA ALA L 407 -18.24 -65.82 -23.92
C ALA L 407 -19.36 -66.85 -23.79
N ALA L 408 -19.27 -67.93 -24.57
CA ALA L 408 -20.26 -69.00 -24.54
C ALA L 408 -19.66 -70.31 -24.04
N PHE L 409 -20.41 -71.01 -23.20
CA PHE L 409 -19.98 -72.28 -22.62
C PHE L 409 -21.05 -73.33 -22.84
N GLU L 410 -20.64 -74.51 -23.31
CA GLU L 410 -21.60 -75.60 -23.49
C GLU L 410 -21.41 -76.72 -22.47
N SER L 411 -22.53 -77.33 -22.09
CA SER L 411 -22.53 -78.48 -21.21
C SER L 411 -23.62 -79.43 -21.71
N ASN L 412 -23.20 -80.52 -22.34
CA ASN L 412 -24.11 -81.47 -22.99
C ASN L 412 -24.94 -80.86 -24.14
N SER L 413 -24.40 -79.81 -24.79
CA SER L 413 -25.06 -79.17 -25.92
C SER L 413 -24.08 -78.59 -26.94
N LYS L 414 -23.15 -79.43 -27.38
CA LYS L 414 -22.14 -79.06 -28.37
C LYS L 414 -22.76 -78.67 -29.71
N VAL L 415 -23.82 -79.38 -30.10
CA VAL L 415 -24.48 -79.17 -31.40
C VAL L 415 -25.26 -77.86 -31.44
N ILE L 416 -26.12 -77.64 -30.45
CA ILE L 416 -26.92 -76.41 -30.37
C ILE L 416 -26.04 -75.17 -30.27
N LEU L 417 -24.90 -75.28 -29.57
CA LEU L 417 -23.96 -74.16 -29.48
C LEU L 417 -23.36 -73.81 -30.84
N ASN L 418 -22.92 -74.83 -31.57
CA ASN L 418 -22.34 -74.64 -32.92
C ASN L 418 -23.28 -73.91 -33.87
N ASP L 419 -24.57 -74.20 -33.75
CA ASP L 419 -25.60 -73.53 -34.54
C ASP L 419 -25.76 -72.07 -34.11
N ILE L 420 -25.62 -71.79 -32.82
CA ILE L 420 -25.73 -70.44 -32.28
C ILE L 420 -24.49 -69.60 -32.62
N LEU L 421 -23.32 -70.20 -32.54
CA LEU L 421 -22.06 -69.54 -32.93
C LEU L 421 -22.07 -69.16 -34.40
N GLN L 422 -22.73 -69.97 -35.23
CA GLN L 422 -22.91 -69.65 -36.65
C GLN L 422 -23.90 -68.51 -36.87
N ILE L 423 -25.07 -68.61 -36.23
CA ILE L 423 -26.13 -67.61 -36.34
C ILE L 423 -25.63 -66.23 -35.90
N SER L 424 -24.92 -66.19 -34.78
CA SER L 424 -24.44 -64.94 -34.21
C SER L 424 -23.49 -64.20 -35.15
N SER L 425 -22.60 -64.96 -35.80
CA SER L 425 -21.63 -64.38 -36.74
C SER L 425 -22.31 -63.83 -37.99
N GLU L 426 -23.54 -64.28 -38.24
CA GLU L 426 -24.34 -63.82 -39.38
C GLU L 426 -25.21 -62.61 -39.06
N VAL L 427 -25.44 -62.35 -37.78
CA VAL L 427 -26.27 -61.22 -37.34
C VAL L 427 -25.48 -60.13 -36.60
N ASP L 428 -24.18 -60.06 -36.90
CA ASP L 428 -23.27 -59.04 -36.34
C ASP L 428 -23.19 -59.04 -34.81
N GLU L 429 -23.12 -60.24 -34.22
CA GLU L 429 -22.93 -60.39 -32.77
C GLU L 429 -21.78 -61.35 -32.48
N MET L 430 -20.70 -60.83 -31.92
CA MET L 430 -19.50 -61.64 -31.66
C MET L 430 -19.66 -62.49 -30.40
N VAL L 431 -19.76 -63.80 -30.62
CA VAL L 431 -19.87 -64.77 -29.54
C VAL L 431 -18.84 -65.88 -29.79
N PHE L 432 -18.05 -66.21 -28.77
CA PHE L 432 -17.03 -67.24 -28.90
C PHE L 432 -16.99 -68.21 -27.73
N GLU L 433 -16.58 -69.45 -28.01
CA GLU L 433 -16.61 -70.51 -27.01
C GLU L 433 -15.39 -70.50 -26.10
N LEU L 434 -15.64 -70.71 -24.82
CA LEU L 434 -14.60 -71.03 -23.84
C LEU L 434 -14.95 -72.38 -23.21
N PRO L 435 -13.91 -73.14 -22.77
CA PRO L 435 -14.16 -74.51 -22.35
C PRO L 435 -14.55 -74.70 -20.89
N ILE L 436 -15.23 -75.81 -20.60
CA ILE L 436 -15.38 -76.31 -19.23
C ILE L 436 -14.75 -77.70 -19.18
N THR L 437 -13.62 -77.80 -18.49
CA THR L 437 -12.87 -79.06 -18.44
C THR L 437 -13.01 -79.75 -17.09
N ALA L 438 -12.36 -80.91 -16.95
CA ALA L 438 -12.33 -81.67 -15.71
C ALA L 438 -11.81 -80.86 -14.53
N THR L 439 -10.86 -79.96 -14.81
CA THR L 439 -10.30 -79.04 -13.82
C THR L 439 -11.39 -78.22 -13.12
N GLU L 440 -12.25 -77.58 -13.92
CA GLU L 440 -13.31 -76.72 -13.41
C GLU L 440 -14.42 -77.52 -12.73
N ARG L 441 -14.75 -78.67 -13.29
CA ARG L 441 -15.74 -79.58 -12.70
C ARG L 441 -15.33 -80.07 -11.31
N ALA L 442 -14.02 -80.20 -11.10
CA ALA L 442 -13.47 -80.63 -9.82
C ALA L 442 -13.31 -79.47 -8.84
N SER L 443 -12.89 -78.31 -9.34
CA SER L 443 -12.54 -77.18 -8.47
C SER L 443 -13.74 -76.48 -7.81
N ILE L 444 -14.93 -76.63 -8.39
CA ILE L 444 -16.15 -76.09 -7.77
C ILE L 444 -16.51 -76.87 -6.49
N LYS L 445 -15.86 -78.01 -6.31
CA LYS L 445 -16.09 -78.86 -5.13
C LYS L 445 -14.99 -78.69 -4.07
N HIS L 446 -14.04 -77.79 -4.33
CA HIS L 446 -12.92 -77.57 -3.42
C HIS L 446 -13.30 -76.70 -2.22
N SER L 447 -14.15 -77.26 -1.36
CA SER L 447 -14.52 -76.64 -0.09
C SER L 447 -14.20 -77.58 1.05
N ASP L 448 -13.66 -77.05 2.14
CA ASP L 448 -13.32 -77.85 3.31
C ASP L 448 -14.55 -78.16 4.17
N ILE L 449 -15.66 -77.50 3.87
CA ILE L 449 -16.85 -77.57 4.72
C ILE L 449 -18.13 -77.96 3.96
N ALA L 450 -18.36 -77.36 2.79
CA ALA L 450 -19.60 -77.57 2.04
C ALA L 450 -19.41 -78.47 0.82
N ASP L 451 -20.51 -78.80 0.16
CA ASP L 451 -20.48 -79.57 -1.09
C ASP L 451 -19.82 -78.78 -2.21
N LEU L 452 -20.11 -77.49 -2.26
CA LEU L 452 -19.59 -76.61 -3.31
C LEU L 452 -19.02 -75.29 -2.76
N VAL L 453 -18.15 -74.68 -3.54
CA VAL L 453 -17.61 -73.36 -3.23
C VAL L 453 -17.86 -72.44 -4.43
N ASN L 454 -18.12 -71.16 -4.18
CA ASN L 454 -18.52 -70.24 -5.23
C ASN L 454 -17.38 -69.43 -5.85
N HIS L 455 -16.16 -69.62 -5.36
CA HIS L 455 -15.02 -68.82 -5.81
C HIS L 455 -13.71 -69.58 -5.70
N THR L 456 -12.84 -69.37 -6.69
CA THR L 456 -11.47 -69.87 -6.67
C THR L 456 -10.48 -68.71 -6.66
N ASN L 457 -9.37 -68.89 -5.97
CA ASN L 457 -8.29 -67.89 -5.99
C ASN L 457 -7.35 -68.11 -7.18
N GLY L 458 -7.51 -69.25 -7.84
CA GLY L 458 -6.76 -69.54 -9.07
C GLY L 458 -7.28 -68.76 -10.25
N GLN L 459 -6.63 -68.95 -11.40
CA GLN L 459 -7.04 -68.29 -12.63
C GLN L 459 -8.08 -69.11 -13.39
N GLY L 460 -8.52 -68.61 -14.54
CA GLY L 460 -9.60 -69.24 -15.31
C GLY L 460 -10.94 -69.09 -14.62
N LYS L 461 -11.18 -67.90 -14.06
CA LYS L 461 -12.36 -67.63 -13.24
C LYS L 461 -13.67 -67.68 -14.01
N ALA L 462 -13.63 -67.28 -15.29
CA ALA L 462 -14.80 -67.33 -16.15
C ALA L 462 -15.23 -68.78 -16.39
N LEU L 463 -14.25 -69.66 -16.53
CA LEU L 463 -14.50 -71.09 -16.73
C LEU L 463 -15.08 -71.72 -15.47
N PHE L 464 -14.55 -71.28 -14.32
CA PHE L 464 -15.05 -71.72 -13.01
C PHE L 464 -16.52 -71.36 -12.81
N ALA L 465 -16.85 -70.09 -13.08
CA ALA L 465 -18.21 -69.59 -12.95
C ALA L 465 -19.19 -70.37 -13.82
N ALA L 466 -18.77 -70.67 -15.05
CA ALA L 466 -19.58 -71.45 -15.99
C ALA L 466 -19.81 -72.87 -15.47
N SER L 467 -18.75 -73.48 -14.95
CA SER L 467 -18.83 -74.81 -14.34
C SER L 467 -19.79 -74.83 -13.17
N PHE L 468 -19.79 -73.76 -12.37
CA PHE L 468 -20.65 -73.65 -11.21
C PHE L 468 -22.13 -73.58 -11.61
N VAL L 469 -22.42 -72.74 -12.60
CA VAL L 469 -23.79 -72.56 -13.10
C VAL L 469 -24.32 -73.82 -13.80
N THR L 470 -23.52 -74.39 -14.70
CA THR L 470 -23.94 -75.53 -15.50
C THR L 470 -24.05 -76.84 -14.70
N HIS L 471 -23.53 -76.82 -13.48
CA HIS L 471 -23.63 -77.97 -12.57
C HIS L 471 -25.08 -78.27 -12.20
N PHE L 472 -25.89 -77.22 -12.08
CA PHE L 472 -27.24 -77.34 -11.55
C PHE L 472 -28.30 -77.79 -12.57
N SER L 473 -27.88 -77.98 -13.81
CA SER L 473 -28.77 -78.44 -14.87
C SER L 473 -28.74 -79.97 -15.00
N GLY L 474 -27.79 -80.60 -14.32
CA GLY L 474 -27.60 -82.04 -14.41
C GLY L 474 -27.05 -82.42 -15.78
N GLN L 475 -27.75 -83.32 -16.47
CA GLN L 475 -27.33 -83.75 -17.81
C GLN L 475 -28.12 -83.05 -18.92
N THR L 476 -29.04 -82.17 -18.54
CA THR L 476 -29.82 -81.38 -19.49
C THR L 476 -28.91 -80.46 -20.29
N PRO L 477 -29.05 -80.45 -21.63
CA PRO L 477 -28.30 -79.54 -22.49
C PRO L 477 -28.36 -78.09 -21.98
N HIS L 478 -27.18 -77.51 -21.72
CA HIS L 478 -27.08 -76.20 -21.08
C HIS L 478 -26.03 -75.35 -21.78
N ILE L 479 -26.43 -74.15 -22.19
CA ILE L 479 -25.48 -73.16 -22.69
C ILE L 479 -25.48 -71.92 -21.79
N HIS L 480 -24.28 -71.54 -21.34
CA HIS L 480 -24.09 -70.38 -20.49
C HIS L 480 -23.47 -69.23 -21.28
N PHE L 481 -24.12 -68.07 -21.25
CA PHE L 481 -23.65 -66.88 -21.96
C PHE L 481 -23.17 -65.80 -21.00
N ASP L 482 -21.87 -65.60 -20.94
CA ASP L 482 -21.28 -64.52 -20.14
C ASP L 482 -21.20 -63.27 -21.00
N ILE L 483 -22.13 -62.35 -20.76
CA ILE L 483 -22.22 -61.12 -21.56
C ILE L 483 -21.78 -59.87 -20.77
N ALA L 484 -20.85 -60.06 -19.85
CA ALA L 484 -20.35 -58.97 -19.01
C ALA L 484 -19.80 -57.82 -19.84
N GLY L 485 -19.17 -58.17 -20.96
CA GLY L 485 -18.59 -57.18 -21.87
C GLY L 485 -19.58 -56.53 -22.81
N PRO L 486 -20.13 -57.32 -23.76
CA PRO L 486 -20.93 -56.77 -24.87
C PRO L 486 -22.36 -56.32 -24.51
N ALA L 487 -22.82 -56.60 -23.29
CA ALA L 487 -24.15 -56.19 -22.85
C ALA L 487 -24.29 -54.67 -22.78
N THR L 488 -23.16 -53.99 -22.61
CA THR L 488 -23.11 -52.53 -22.57
C THR L 488 -21.98 -52.01 -23.44
N THR L 489 -22.15 -50.80 -23.96
CA THR L 489 -21.13 -50.13 -24.76
C THR L 489 -20.91 -48.70 -24.23
N ASN L 490 -19.67 -48.24 -24.27
CA ASN L 490 -19.33 -46.88 -23.81
C ASN L 490 -19.18 -45.91 -24.96
N LYS L 491 -19.61 -46.33 -26.14
CA LYS L 491 -19.44 -45.57 -27.37
C LYS L 491 -20.72 -45.64 -28.20
N ALA L 492 -21.17 -44.49 -28.69
CA ALA L 492 -22.32 -44.42 -29.58
C ALA L 492 -21.94 -44.94 -30.98
N SER L 493 -22.89 -45.56 -31.66
CA SER L 493 -22.66 -46.14 -32.98
C SER L 493 -23.95 -46.23 -33.79
N TYR L 494 -23.86 -46.91 -34.94
CA TYR L 494 -25.02 -47.15 -35.81
C TYR L 494 -26.10 -48.01 -35.13
N ASN L 495 -25.74 -48.65 -34.02
CA ASN L 495 -26.67 -49.48 -33.26
C ASN L 495 -27.38 -48.74 -32.12
N GLY L 496 -27.04 -47.47 -31.92
CA GLY L 496 -27.67 -46.66 -30.89
C GLY L 496 -26.66 -45.98 -29.96
N PRO L 497 -27.16 -45.30 -28.91
CA PRO L 497 -26.32 -44.55 -27.99
C PRO L 497 -25.59 -45.43 -26.98
N LYS L 498 -24.78 -44.80 -26.12
CA LYS L 498 -24.12 -45.47 -25.01
C LYS L 498 -25.12 -46.19 -24.12
N GLY L 499 -24.68 -47.28 -23.51
CA GLY L 499 -25.50 -48.02 -22.57
C GLY L 499 -25.78 -49.43 -23.02
N PRO L 500 -26.93 -49.99 -22.60
CA PRO L 500 -27.31 -51.37 -22.91
C PRO L 500 -27.46 -51.58 -24.41
N THR L 501 -26.97 -52.72 -24.88
CA THR L 501 -26.97 -53.04 -26.30
C THR L 501 -28.11 -53.98 -26.69
N GLY L 502 -28.66 -54.70 -25.71
CA GLY L 502 -29.65 -55.73 -25.96
C GLY L 502 -28.99 -56.95 -26.57
N PHE L 503 -27.73 -57.17 -26.23
CA PHE L 503 -26.91 -58.22 -26.81
C PHE L 503 -27.52 -59.60 -26.65
N MET L 504 -27.37 -60.43 -27.69
CA MET L 504 -27.90 -61.80 -27.75
C MET L 504 -29.33 -61.92 -28.27
N ILE L 505 -30.14 -60.88 -28.07
CA ILE L 505 -31.54 -60.87 -28.54
C ILE L 505 -31.66 -61.19 -30.04
N PRO L 506 -30.88 -60.49 -30.90
CA PRO L 506 -30.93 -60.83 -32.33
C PRO L 506 -30.56 -62.29 -32.62
N THR L 507 -29.53 -62.79 -31.95
CA THR L 507 -29.04 -64.16 -32.14
C THR L 507 -30.07 -65.22 -31.73
N ILE L 508 -30.61 -65.10 -30.52
CA ILE L 508 -31.54 -66.08 -29.98
C ILE L 508 -32.87 -66.08 -30.74
N VAL L 509 -33.37 -64.89 -31.07
CA VAL L 509 -34.61 -64.76 -31.87
C VAL L 509 -34.46 -65.48 -33.21
N GLN L 510 -33.32 -65.26 -33.87
CA GLN L 510 -33.03 -65.91 -35.14
C GLN L 510 -32.97 -67.44 -34.98
N TRP L 511 -32.38 -67.89 -33.88
CA TRP L 511 -32.33 -69.31 -33.55
C TRP L 511 -33.71 -69.89 -33.28
N LEU L 512 -34.54 -69.13 -32.56
CA LEU L 512 -35.90 -69.53 -32.25
C LEU L 512 -36.77 -69.65 -33.51
N LYS L 513 -36.48 -68.80 -34.50
CA LYS L 513 -37.17 -68.80 -35.78
C LYS L 513 -36.94 -70.10 -36.56
N GLN L 514 -35.87 -70.81 -36.20
CA GLN L 514 -35.46 -72.02 -36.93
C GLN L 514 -35.85 -73.32 -36.24
N GLN L 515 -36.72 -73.25 -35.23
CA GLN L 515 -37.15 -74.42 -34.48
C GLN L 515 -38.47 -75.02 -35.01
#